data_2Q3U
#
_entry.id   2Q3U
#
_cell.length_a   58.020
_cell.length_b   115.813
_cell.length_c   66.634
_cell.angle_alpha   90.000
_cell.angle_beta   97.100
_cell.angle_gamma   90.000
#
_symmetry.space_group_name_H-M   'P 1 21 1'
#
loop_
_entity.id
_entity.type
_entity.pdbx_description
1 polymer 'Agmatine deiminase'
2 non-polymer 'MAGNESIUM ION'
3 non-polymer 1,2-ETHANEDIOL
4 non-polymer '3[N-MORPHOLINO]PROPANE SULFONIC ACID'
5 water water
#
_entity_poly.entity_id   1
_entity_poly.type   'polypeptide(L)'
_entity_poly.pdbx_seq_one_letter_code
;(MSE)EESRESPAEHGYY(MSE)PAEWDSHAQTWIGWPERQDNWRHNALPAQRVFAGVAKAISKFEPVTVCASPAQWENA
RKQLPEDIRVVE(MSE)S(MSE)NDSWFRDSGPTFIVRKRPVKLSSLNRNIAGIDWNFNAWGGANDGCYNDWSHDLLVSR
KILALERIPRFQHS(MSE)ILEGGSIHVDGEGTCLVTEECLLNKNRNPH(MSE)SKEQIEEELKKYLGVQSFIWLPRGLY
GDEDTNGHIDN(MSE)CCFARPGVVLLSWTDDETDPQYERSVEALSVLSNSIDARGRKIQVIKLYIPEPLY(MSE)TEEE
SSGITQDGEAIPRLAGTRLAASYVNFYIANGGIIAPQFGDPIRDKEAIRVLSDTFPHHSVVGIENAREIVLAGGNIHCIT
QQQPAEPTSVAENGH
;
_entity_poly.pdbx_strand_id   A,B
#
loop_
_chem_comp.id
_chem_comp.type
_chem_comp.name
_chem_comp.formula
EDO non-polymer 1,2-ETHANEDIOL 'C2 H6 O2'
MG non-polymer 'MAGNESIUM ION' 'Mg 2'
MPO non-polymer '3[N-MORPHOLINO]PROPANE SULFONIC ACID' 'C7 H15 N O4 S'
#
# COMPACT_ATOMS: atom_id res chain seq x y z
N ARG A 5 -13.41 20.67 -11.52
CA ARG A 5 -13.91 20.80 -10.11
C ARG A 5 -15.38 20.38 -9.87
N GLU A 6 -15.80 19.24 -10.41
CA GLU A 6 -17.19 18.77 -10.21
C GLU A 6 -17.42 18.38 -8.71
N SER A 7 -18.65 18.59 -8.20
CA SER A 7 -18.92 18.24 -6.80
C SER A 7 -19.56 16.86 -6.65
N PRO A 8 -19.60 16.35 -5.42
CA PRO A 8 -20.21 15.05 -5.14
C PRO A 8 -21.74 15.11 -5.35
N ALA A 9 -22.35 16.25 -5.06
CA ALA A 9 -23.80 16.44 -5.23
C ALA A 9 -24.18 16.13 -6.68
N GLU A 10 -23.30 16.52 -7.61
CA GLU A 10 -23.56 16.27 -9.05
C GLU A 10 -23.48 14.80 -9.44
N HIS A 11 -22.88 14.00 -8.57
CA HIS A 11 -22.80 12.59 -8.84
C HIS A 11 -23.66 11.74 -7.92
N GLY A 12 -24.42 12.39 -7.04
CA GLY A 12 -25.30 11.60 -6.22
C GLY A 12 -24.72 11.20 -4.84
N TYR A 13 -23.43 11.44 -4.64
CA TYR A 13 -22.83 11.02 -3.35
C TYR A 13 -23.02 11.99 -2.23
N TYR A 14 -22.96 11.44 -1.01
CA TYR A 14 -23.11 12.25 0.22
C TYR A 14 -22.35 11.42 1.30
N MSE A 15 -22.20 11.99 2.48
CA MSE A 15 -21.52 11.23 3.54
C MSE A 15 -22.57 10.60 4.50
O MSE A 15 -23.44 11.28 5.11
CB MSE A 15 -20.66 12.24 4.32
CG MSE A 15 -19.88 11.54 5.45
SE MSE A 15 -19.09 12.93 6.69
CE MSE A 15 -18.37 11.84 8.14
N PRO A 16 -22.44 9.29 4.75
CA PRO A 16 -23.31 8.55 5.62
C PRO A 16 -22.78 8.66 7.09
N ALA A 17 -23.65 8.35 8.05
CA ALA A 17 -23.33 8.44 9.48
C ALA A 17 -22.39 7.31 9.92
N GLU A 18 -21.78 7.52 11.09
CA GLU A 18 -20.82 6.55 11.60
C GLU A 18 -21.34 5.22 12.01
N TRP A 19 -22.67 5.27 12.20
CA TRP A 19 -23.41 4.08 12.58
C TRP A 19 -23.78 3.25 11.37
N ASP A 20 -23.75 3.84 10.17
CA ASP A 20 -24.07 2.98 9.00
C ASP A 20 -23.03 1.95 8.78
N SER A 21 -23.34 0.98 7.88
CA SER A 21 -22.36 -0.06 7.72
C SER A 21 -21.00 0.34 7.12
N HIS A 22 -19.95 -0.34 7.58
CA HIS A 22 -18.56 -0.14 7.13
C HIS A 22 -17.88 -1.36 6.57
N ALA A 23 -17.14 -1.16 5.46
CA ALA A 23 -16.17 -2.17 4.96
C ALA A 23 -15.10 -2.40 6.05
N GLN A 24 -14.35 -1.38 6.47
CA GLN A 24 -13.29 -1.72 7.43
C GLN A 24 -13.03 -0.33 8.01
N THR A 25 -12.10 -0.28 8.95
CA THR A 25 -11.71 0.99 9.59
C THR A 25 -10.22 1.20 9.33
N TRP A 26 -9.85 2.44 9.02
CA TRP A 26 -8.44 2.80 8.83
C TRP A 26 -7.87 3.46 10.11
N ILE A 27 -6.63 3.16 10.43
CA ILE A 27 -5.92 3.75 11.58
C ILE A 27 -4.48 3.96 11.16
N GLY A 28 -3.80 5.08 11.58
CA GLY A 28 -2.35 5.24 11.28
C GLY A 28 -1.44 4.62 12.39
N TRP A 29 -0.24 5.15 12.58
CA TRP A 29 0.75 4.52 13.55
C TRP A 29 1.65 5.65 14.01
N PRO A 30 1.73 5.83 15.34
CA PRO A 30 2.56 6.96 15.89
C PRO A 30 4.08 6.74 15.89
N GLU A 31 4.76 7.88 15.74
CA GLU A 31 6.20 7.80 15.56
C GLU A 31 6.99 8.96 16.07
N ARG A 32 6.57 10.18 15.77
CA ARG A 32 7.43 11.34 16.03
C ARG A 32 7.66 11.60 17.52
N GLN A 33 8.93 11.70 17.87
CA GLN A 33 9.36 11.86 19.29
C GLN A 33 8.99 13.15 20.07
N ASP A 34 8.78 14.21 19.30
CA ASP A 34 8.36 15.52 19.80
C ASP A 34 6.86 15.58 20.07
N ASN A 35 6.13 14.45 19.77
CA ASN A 35 4.74 14.41 20.13
C ASN A 35 4.41 13.13 20.89
N TRP A 36 5.23 12.08 20.80
CA TRP A 36 4.92 10.80 21.46
C TRP A 36 6.13 10.44 22.31
N ARG A 37 5.86 10.61 23.59
CA ARG A 37 6.90 10.44 24.64
C ARG A 37 7.49 9.02 24.49
N HIS A 38 8.75 8.88 24.92
CA HIS A 38 9.41 7.57 24.89
C HIS A 38 9.47 6.87 23.56
N ASN A 39 9.87 7.61 22.53
CA ASN A 39 9.95 7.06 21.21
C ASN A 39 8.66 6.46 20.73
N ALA A 40 7.57 7.02 21.24
CA ALA A 40 6.19 6.61 20.91
C ALA A 40 5.84 5.20 21.35
N LEU A 41 6.68 4.46 22.09
CA LEU A 41 6.30 3.05 22.45
C LEU A 41 5.00 2.97 23.24
N PRO A 42 4.78 3.88 24.21
CA PRO A 42 3.52 3.78 24.92
C PRO A 42 2.30 3.98 24.03
N ALA A 43 2.37 4.98 23.20
CA ALA A 43 1.21 5.17 22.28
C ALA A 43 1.11 4.08 21.22
N GLN A 44 2.23 3.54 20.77
CA GLN A 44 2.15 2.42 19.82
C GLN A 44 1.40 1.28 20.46
N ARG A 45 1.63 1.11 21.78
CA ARG A 45 0.92 0.00 22.40
C ARG A 45 -0.57 0.26 22.38
N VAL A 46 -0.99 1.52 22.71
CA VAL A 46 -2.42 1.87 22.72
C VAL A 46 -3.06 1.88 21.31
N PHE A 47 -2.30 2.40 20.34
CA PHE A 47 -2.83 2.31 18.96
C PHE A 47 -3.04 0.87 18.59
N ALA A 48 -2.02 0.04 18.85
CA ALA A 48 -2.18 -1.38 18.57
C ALA A 48 -3.38 -1.99 19.32
N GLY A 49 -3.62 -1.63 20.59
CA GLY A 49 -4.83 -2.15 21.24
C GLY A 49 -6.08 -1.63 20.57
N VAL A 50 -6.07 -0.35 20.13
CA VAL A 50 -7.23 0.15 19.46
C VAL A 50 -7.50 -0.62 18.25
N ALA A 51 -6.48 -0.87 17.42
CA ALA A 51 -6.72 -1.65 16.18
C ALA A 51 -7.15 -3.10 16.45
N LYS A 52 -6.66 -3.70 17.58
CA LYS A 52 -7.13 -5.08 17.86
C LYS A 52 -8.57 -5.04 18.30
N ALA A 53 -8.96 -4.08 19.14
CA ALA A 53 -10.33 -3.98 19.59
C ALA A 53 -11.31 -3.80 18.43
N ILE A 54 -10.94 -2.91 17.48
CA ILE A 54 -11.87 -2.71 16.39
C ILE A 54 -11.99 -3.95 15.48
N SER A 55 -10.88 -4.69 15.29
CA SER A 55 -10.88 -5.93 14.46
C SER A 55 -11.88 -6.93 15.15
N LYS A 56 -12.06 -6.93 16.46
CA LYS A 56 -13.10 -7.93 16.85
C LYS A 56 -14.48 -7.74 16.08
N PHE A 57 -14.82 -6.47 15.74
CA PHE A 57 -16.02 -6.08 15.08
C PHE A 57 -15.90 -6.00 13.58
N GLU A 58 -14.77 -5.53 13.06
CA GLU A 58 -14.77 -5.39 11.64
C GLU A 58 -13.29 -5.32 11.33
N PRO A 59 -12.93 -5.60 10.06
CA PRO A 59 -11.54 -5.59 9.53
C PRO A 59 -10.78 -4.29 9.80
N VAL A 60 -9.58 -4.45 10.29
CA VAL A 60 -8.79 -3.21 10.42
C VAL A 60 -7.69 -2.97 9.41
N THR A 61 -7.64 -1.76 8.72
CA THR A 61 -6.40 -1.50 8.02
C THR A 61 -5.53 -0.46 8.73
N VAL A 62 -4.40 -0.94 9.30
CA VAL A 62 -3.38 -0.07 9.87
C VAL A 62 -2.37 0.32 8.76
N CYS A 63 -1.82 1.56 8.83
CA CYS A 63 -0.84 2.03 7.90
C CYS A 63 0.31 2.59 8.73
N ALA A 64 1.55 2.23 8.39
CA ALA A 64 2.76 2.69 9.15
C ALA A 64 3.80 3.18 8.16
N SER A 65 4.62 4.12 8.63
CA SER A 65 5.65 4.65 7.73
C SER A 65 6.64 3.58 7.41
N PRO A 66 7.48 3.81 6.37
CA PRO A 66 8.53 2.84 5.98
C PRO A 66 9.41 2.46 7.14
N ALA A 67 9.85 3.45 7.94
CA ALA A 67 10.75 3.11 9.07
C ALA A 67 10.07 2.19 10.10
N GLN A 68 8.81 2.52 10.41
CA GLN A 68 8.02 1.79 11.35
C GLN A 68 7.34 0.59 10.91
N TRP A 69 7.34 0.32 9.62
CA TRP A 69 6.48 -0.80 9.15
C TRP A 69 6.77 -2.17 9.83
N GLU A 70 8.03 -2.54 9.94
CA GLU A 70 8.31 -3.85 10.52
C GLU A 70 7.86 -3.91 11.96
N ASN A 71 8.05 -2.79 12.68
CA ASN A 71 7.66 -2.71 14.16
C ASN A 71 6.17 -2.89 14.25
N ALA A 72 5.40 -2.12 13.44
CA ALA A 72 3.96 -2.30 13.50
C ALA A 72 3.57 -3.71 13.06
N ARG A 73 4.20 -4.27 11.98
CA ARG A 73 3.82 -5.64 11.60
C ARG A 73 4.09 -6.71 12.73
N LYS A 74 5.19 -6.53 13.43
CA LYS A 74 5.48 -7.47 14.56
C LYS A 74 4.47 -7.27 15.71
N GLN A 75 4.20 -6.03 16.06
CA GLN A 75 3.22 -5.78 17.21
C GLN A 75 1.84 -6.24 16.96
N LEU A 76 1.31 -6.10 15.73
CA LEU A 76 -0.09 -6.40 15.47
C LEU A 76 -0.38 -7.80 14.99
N PRO A 77 -1.49 -8.40 15.47
CA PRO A 77 -1.85 -9.72 15.02
C PRO A 77 -2.00 -9.74 13.48
N GLU A 78 -1.63 -10.85 12.81
CA GLU A 78 -1.71 -10.95 11.28
C GLU A 78 -3.02 -10.65 10.66
N ASP A 79 -4.10 -10.89 11.46
CA ASP A 79 -5.48 -10.55 11.05
C ASP A 79 -5.65 -8.98 10.78
N ILE A 80 -4.73 -8.19 11.35
CA ILE A 80 -4.77 -6.71 11.08
C ILE A 80 -3.86 -6.46 9.86
N ARG A 81 -4.43 -5.88 8.79
CA ARG A 81 -3.71 -5.63 7.57
C ARG A 81 -2.72 -4.50 7.85
N VAL A 82 -1.45 -4.62 7.49
CA VAL A 82 -0.50 -3.54 7.74
C VAL A 82 0.02 -3.17 6.39
N VAL A 83 -0.16 -1.89 6.07
CA VAL A 83 0.28 -1.37 4.76
C VAL A 83 1.31 -0.28 4.94
N GLU A 84 2.23 -0.13 4.00
CA GLU A 84 3.24 0.94 4.08
C GLU A 84 2.65 2.26 3.63
N MSE A 85 2.80 3.32 4.44
CA MSE A 85 2.34 4.66 4.00
C MSE A 85 3.12 5.69 4.85
O MSE A 85 3.09 5.61 6.08
CB MSE A 85 0.84 4.73 4.26
CG MSE A 85 0.29 5.95 3.51
SE MSE A 85 -1.76 6.09 3.95
CE MSE A 85 -2.36 4.70 2.67
N SER A 86 3.81 6.65 4.18
CA SER A 86 4.55 7.75 4.90
C SER A 86 3.54 8.84 5.29
N MSE A 87 3.63 9.35 6.54
CA MSE A 87 2.74 10.39 7.04
C MSE A 87 3.54 11.32 8.00
O MSE A 87 4.59 10.92 8.51
CB MSE A 87 1.61 9.75 7.86
CG MSE A 87 2.18 8.82 8.96
SE MSE A 87 0.90 7.64 9.76
CE MSE A 87 1.15 6.02 8.56
N ASN A 88 2.97 12.51 8.32
CA ASN A 88 3.77 13.33 9.31
C ASN A 88 3.36 13.23 10.70
N ASP A 89 2.17 12.64 10.90
CA ASP A 89 1.60 12.28 12.24
C ASP A 89 0.54 11.22 11.96
N SER A 90 -0.10 10.75 13.06
CA SER A 90 -1.01 9.60 12.98
C SER A 90 -2.46 9.83 13.37
N TRP A 91 -3.03 10.93 12.87
CA TRP A 91 -4.45 11.24 13.17
C TRP A 91 -5.25 11.13 11.89
N PHE A 92 -5.56 9.88 11.51
CA PHE A 92 -6.16 9.65 10.21
C PHE A 92 -7.59 10.15 10.12
N ARG A 93 -8.17 10.52 11.26
CA ARG A 93 -9.50 11.16 11.18
C ARG A 93 -9.41 12.48 10.35
N ASP A 94 -8.24 13.09 10.42
CA ASP A 94 -8.02 14.46 9.84
C ASP A 94 -7.25 14.66 8.53
N SER A 95 -6.59 13.60 8.10
CA SER A 95 -5.78 13.52 6.92
C SER A 95 -6.38 12.37 6.11
N GLY A 96 -7.33 11.60 6.72
CA GLY A 96 -7.94 10.42 6.04
C GLY A 96 -9.00 10.90 5.06
N PRO A 97 -9.38 10.06 4.11
CA PRO A 97 -10.40 10.56 3.18
C PRO A 97 -11.75 10.52 3.89
N THR A 98 -12.59 11.54 3.65
CA THR A 98 -13.95 11.47 4.21
C THR A 98 -14.68 10.70 3.09
N PHE A 99 -15.16 9.51 3.47
CA PHE A 99 -15.86 8.72 2.42
C PHE A 99 -17.35 9.11 2.27
N ILE A 100 -17.80 9.02 1.01
CA ILE A 100 -19.15 9.38 0.62
C ILE A 100 -19.66 8.27 -0.29
N VAL A 101 -20.97 8.05 -0.21
CA VAL A 101 -21.70 6.99 -0.99
C VAL A 101 -22.76 7.64 -1.86
N ARG A 102 -23.09 6.93 -2.97
CA ARG A 102 -24.16 7.28 -3.95
C ARG A 102 -25.16 6.15 -3.86
N LYS A 103 -26.44 6.50 -4.05
CA LYS A 103 -27.58 5.60 -3.99
C LYS A 103 -28.02 4.95 -5.31
N ARG A 104 -27.42 5.36 -6.43
CA ARG A 104 -27.76 4.83 -7.76
C ARG A 104 -27.05 5.61 -8.89
N ASN A 112 -16.79 3.95 -12.59
CA ASN A 112 -17.40 4.67 -11.48
C ASN A 112 -18.03 3.70 -10.42
N ARG A 113 -17.64 3.83 -9.14
CA ARG A 113 -18.24 3.03 -8.05
C ARG A 113 -19.40 3.63 -7.24
N ASN A 114 -19.88 2.88 -6.25
CA ASN A 114 -21.00 3.36 -5.43
C ASN A 114 -20.38 4.00 -4.14
N ILE A 115 -19.07 4.11 -4.16
CA ILE A 115 -18.37 4.78 -2.98
C ILE A 115 -17.32 5.72 -3.54
N ALA A 116 -17.20 6.88 -2.92
CA ALA A 116 -16.19 7.86 -3.29
C ALA A 116 -15.52 8.33 -2.00
N GLY A 117 -14.65 9.33 -2.07
CA GLY A 117 -14.00 9.83 -0.85
C GLY A 117 -13.49 11.15 -1.35
N ILE A 118 -13.55 12.11 -0.42
CA ILE A 118 -13.15 13.56 -0.59
C ILE A 118 -11.81 13.64 0.07
N ASP A 119 -10.90 14.43 -0.52
CA ASP A 119 -9.53 14.69 -0.05
C ASP A 119 -9.54 16.19 0.13
N TRP A 120 -9.70 16.64 1.37
CA TRP A 120 -9.74 18.06 1.71
C TRP A 120 -8.32 18.58 1.79
N ASN A 121 -8.14 19.92 1.69
CA ASN A 121 -6.79 20.42 1.90
C ASN A 121 -6.46 20.36 3.44
N PHE A 122 -5.17 20.41 3.79
CA PHE A 122 -4.76 20.24 5.15
C PHE A 122 -3.57 21.19 5.46
N ASN A 123 -3.54 21.64 6.74
CA ASN A 123 -2.40 22.49 7.12
C ASN A 123 -2.00 22.35 8.53
N ALA A 124 -2.16 21.07 9.02
CA ALA A 124 -1.79 20.78 10.40
C ALA A 124 -2.45 21.78 11.40
N TRP A 125 -3.75 21.80 11.30
CA TRP A 125 -4.62 22.50 12.23
C TRP A 125 -4.26 24.00 12.47
N GLY A 126 -4.08 24.64 11.29
CA GLY A 126 -3.87 26.08 11.16
C GLY A 126 -2.72 26.62 10.30
N GLY A 127 -1.69 25.79 9.99
CA GLY A 127 -0.66 26.29 9.09
C GLY A 127 0.65 26.68 9.72
N ALA A 128 1.39 27.47 8.93
CA ALA A 128 2.76 27.86 9.33
C ALA A 128 2.82 28.55 10.63
N ASN A 129 1.82 29.41 10.93
CA ASN A 129 1.89 30.13 12.22
C ASN A 129 0.96 29.70 13.32
N ASP A 130 0.14 28.67 13.09
CA ASP A 130 -0.73 28.31 14.19
C ASP A 130 -1.06 26.83 14.18
N GLY A 131 -0.26 26.09 13.42
CA GLY A 131 -0.47 24.63 13.29
C GLY A 131 0.34 23.86 14.33
N CYS A 132 0.22 22.54 14.34
CA CYS A 132 0.87 21.70 15.37
C CYS A 132 2.29 21.27 14.97
N TYR A 133 2.62 21.32 13.70
CA TYR A 133 3.98 21.01 13.26
C TYR A 133 4.33 21.70 11.96
N ASN A 134 5.62 21.71 11.65
CA ASN A 134 6.00 22.59 10.52
C ASN A 134 6.06 21.94 9.17
N ASP A 135 5.97 20.59 9.13
CA ASP A 135 6.04 19.93 7.83
C ASP A 135 4.93 18.88 7.76
N TRP A 136 4.05 19.09 6.81
CA TRP A 136 2.88 18.16 6.63
C TRP A 136 2.84 17.68 5.21
N SER A 137 3.99 17.63 4.54
CA SER A 137 4.01 17.16 3.12
C SER A 137 3.59 15.72 2.93
N HIS A 138 3.93 14.86 3.87
CA HIS A 138 3.52 13.46 3.63
C HIS A 138 2.03 13.39 3.94
N ASP A 139 1.58 14.16 4.95
CA ASP A 139 0.17 14.14 5.31
C ASP A 139 -0.68 14.56 4.11
N LEU A 140 -0.09 15.37 3.20
CA LEU A 140 -0.84 15.79 2.01
C LEU A 140 -1.18 14.74 1.00
N LEU A 141 -0.50 13.57 1.02
CA LEU A 141 -0.77 12.50 0.05
C LEU A 141 -1.54 11.31 0.71
N VAL A 142 -1.71 11.35 2.04
CA VAL A 142 -2.33 10.14 2.71
C VAL A 142 -3.77 10.02 2.16
N SER A 143 -4.43 11.16 1.87
CA SER A 143 -5.77 11.09 1.36
C SER A 143 -5.74 10.36 0.03
N ARG A 144 -4.98 10.93 -0.89
CA ARG A 144 -4.95 10.21 -2.14
C ARG A 144 -4.35 8.81 -2.14
N LYS A 145 -3.40 8.54 -1.26
CA LYS A 145 -2.79 7.21 -1.22
C LYS A 145 -3.81 6.20 -0.76
N ILE A 146 -4.59 6.51 0.29
CA ILE A 146 -5.62 5.55 0.68
C ILE A 146 -6.64 5.23 -0.49
N LEU A 147 -7.24 6.29 -1.07
CA LEU A 147 -8.23 6.02 -2.12
C LEU A 147 -7.47 5.41 -3.30
N ALA A 148 -6.31 5.93 -3.66
CA ALA A 148 -5.67 5.17 -4.73
C ALA A 148 -5.33 3.67 -4.42
N LEU A 149 -5.02 3.32 -3.13
CA LEU A 149 -4.79 1.92 -2.86
C LEU A 149 -6.19 1.16 -2.94
N GLU A 150 -7.34 1.77 -2.54
CA GLU A 150 -8.65 1.11 -2.61
C GLU A 150 -9.39 1.16 -3.96
N ARG A 151 -8.77 1.88 -4.91
CA ARG A 151 -9.37 2.14 -6.29
C ARG A 151 -10.73 2.82 -6.19
N ILE A 152 -10.78 3.82 -5.27
CA ILE A 152 -11.99 4.62 -5.06
C ILE A 152 -11.85 6.05 -5.61
N PRO A 153 -12.88 6.54 -6.35
CA PRO A 153 -12.70 7.88 -6.89
C PRO A 153 -12.47 9.04 -5.87
N ARG A 154 -11.59 9.92 -6.33
CA ARG A 154 -11.17 11.00 -5.46
C ARG A 154 -11.66 12.40 -5.84
N PHE A 155 -12.46 13.03 -4.94
CA PHE A 155 -12.89 14.44 -5.17
C PHE A 155 -12.00 15.24 -4.35
N GLN A 156 -11.19 16.09 -4.97
CA GLN A 156 -10.27 16.93 -4.23
C GLN A 156 -10.92 18.30 -3.87
N HIS A 157 -10.61 18.86 -2.69
CA HIS A 157 -11.10 20.19 -2.35
C HIS A 157 -9.88 21.07 -2.04
N SER A 158 -9.86 22.37 -2.37
CA SER A 158 -8.66 23.12 -2.05
C SER A 158 -8.83 23.80 -0.64
N MSE A 159 -10.07 23.75 -0.12
CA MSE A 159 -10.42 24.32 1.23
C MSE A 159 -9.82 23.44 2.35
O MSE A 159 -9.71 22.21 2.19
CB MSE A 159 -11.93 24.35 1.45
CG MSE A 159 -12.67 23.05 1.85
SE MSE A 159 -14.56 23.51 2.41
CE MSE A 159 -14.39 24.96 3.78
N ILE A 160 -9.38 24.11 3.38
CA ILE A 160 -8.89 23.34 4.50
C ILE A 160 -10.07 22.69 5.27
N LEU A 161 -9.90 21.40 5.64
CA LEU A 161 -10.92 20.80 6.45
C LEU A 161 -10.35 19.45 7.01
N GLU A 162 -10.74 19.18 8.26
CA GLU A 162 -10.40 17.91 8.90
C GLU A 162 -11.65 17.12 9.17
N GLY A 163 -11.54 15.79 8.95
CA GLY A 163 -12.74 14.94 9.31
C GLY A 163 -13.14 15.10 10.79
N GLY A 164 -12.19 15.41 11.68
CA GLY A 164 -12.59 15.57 13.10
C GLY A 164 -13.42 16.80 13.37
N SER A 165 -13.47 17.72 12.37
CA SER A 165 -14.25 18.99 12.49
C SER A 165 -15.61 18.95 11.88
N ILE A 166 -16.06 17.75 11.43
CA ILE A 166 -17.34 17.65 10.80
C ILE A 166 -18.13 16.42 11.12
N HIS A 167 -19.34 16.51 11.68
CA HIS A 167 -20.13 15.26 11.94
C HIS A 167 -21.41 15.20 11.15
N VAL A 168 -22.03 14.02 11.09
CA VAL A 168 -23.29 13.96 10.37
C VAL A 168 -24.28 12.97 10.94
N ASP A 169 -25.57 13.26 10.67
CA ASP A 169 -26.50 12.21 11.12
C ASP A 169 -26.93 11.19 10.05
N GLY A 170 -26.44 11.36 8.82
CA GLY A 170 -26.79 10.46 7.73
C GLY A 170 -28.23 10.79 7.29
N GLU A 171 -28.72 11.98 7.66
CA GLU A 171 -30.11 12.33 7.32
C GLU A 171 -30.34 13.81 7.03
N GLY A 172 -29.25 14.58 6.83
CA GLY A 172 -29.34 15.96 6.45
C GLY A 172 -28.77 16.96 7.38
N THR A 173 -28.31 16.50 8.55
CA THR A 173 -27.79 17.46 9.55
C THR A 173 -26.23 17.35 9.80
N CYS A 174 -25.47 18.22 9.13
CA CYS A 174 -24.02 18.36 9.45
C CYS A 174 -23.81 19.21 10.81
N LEU A 175 -23.09 18.65 11.83
CA LEU A 175 -22.74 19.29 13.14
C LEU A 175 -21.28 19.76 13.07
N VAL A 176 -21.04 21.05 13.32
CA VAL A 176 -19.74 21.67 13.28
C VAL A 176 -19.34 22.69 14.36
N THR A 177 -18.15 23.27 14.23
CA THR A 177 -17.71 24.30 15.27
C THR A 177 -17.18 25.55 14.59
N GLU A 178 -17.72 26.64 15.10
CA GLU A 178 -17.31 27.97 14.63
C GLU A 178 -15.79 28.13 14.88
N GLU A 179 -15.27 27.75 16.09
CA GLU A 179 -13.90 27.87 16.52
C GLU A 179 -12.97 27.32 15.44
N CYS A 180 -13.32 26.11 14.92
CA CYS A 180 -12.47 25.53 13.88
C CYS A 180 -12.83 26.04 12.44
N LEU A 181 -14.08 25.90 12.10
CA LEU A 181 -14.40 26.10 10.70
C LEU A 181 -14.29 27.60 10.43
N LEU A 182 -14.86 28.41 11.31
CA LEU A 182 -14.68 29.89 11.03
C LEU A 182 -13.42 30.53 11.65
N ASN A 183 -12.30 29.78 11.75
CA ASN A 183 -10.98 30.30 12.33
C ASN A 183 -10.03 30.92 11.27
N LYS A 184 -9.38 32.06 11.64
CA LYS A 184 -8.48 32.63 10.66
C LYS A 184 -7.33 31.78 10.26
N ASN A 185 -7.05 30.72 11.04
CA ASN A 185 -5.99 29.85 10.65
C ASN A 185 -6.64 28.81 9.68
N ARG A 186 -7.98 28.85 9.49
CA ARG A 186 -8.46 27.86 8.50
C ARG A 186 -8.68 28.35 7.11
N ASN A 187 -9.84 28.90 6.84
CA ASN A 187 -10.25 29.38 5.51
C ASN A 187 -10.64 30.88 5.74
N PRO A 188 -9.63 31.72 6.12
CA PRO A 188 -9.99 33.12 6.41
C PRO A 188 -10.74 33.93 5.35
N HIS A 189 -10.59 33.55 4.09
CA HIS A 189 -11.29 34.32 3.05
C HIS A 189 -12.65 33.73 2.67
N MSE A 190 -13.11 32.75 3.44
CA MSE A 190 -14.44 32.16 3.25
C MSE A 190 -15.44 32.57 4.33
O MSE A 190 -15.11 32.59 5.52
CB MSE A 190 -14.31 30.58 3.22
CG MSE A 190 -13.51 30.06 2.02
SE MSE A 190 -13.61 28.07 1.91
CE MSE A 190 -15.58 27.84 1.46
N SER A 191 -16.66 32.93 3.95
CA SER A 191 -17.65 33.23 4.95
C SER A 191 -18.22 31.90 5.34
N LYS A 192 -19.20 31.93 6.23
CA LYS A 192 -19.87 30.79 6.75
C LYS A 192 -20.81 30.29 5.70
N GLU A 193 -21.29 31.19 4.83
CA GLU A 193 -22.18 30.64 3.82
C GLU A 193 -21.33 29.96 2.72
N GLN A 194 -20.13 30.44 2.41
CA GLN A 194 -19.33 29.77 1.37
C GLN A 194 -18.95 28.38 1.88
N ILE A 195 -18.28 28.37 2.99
CA ILE A 195 -17.88 27.08 3.53
C ILE A 195 -19.05 26.13 3.61
N GLU A 196 -20.20 26.65 4.10
CA GLU A 196 -21.51 25.98 4.33
C GLU A 196 -22.03 25.42 3.02
N GLU A 197 -21.92 26.25 1.96
CA GLU A 197 -22.38 25.80 0.66
C GLU A 197 -21.53 24.63 0.13
N GLU A 198 -20.23 24.64 0.42
CA GLU A 198 -19.32 23.56 0.04
C GLU A 198 -19.70 22.31 0.81
N LEU A 199 -19.96 22.45 2.11
CA LEU A 199 -20.36 21.27 2.88
C LEU A 199 -21.73 20.75 2.43
N LYS A 200 -22.70 21.63 2.06
CA LYS A 200 -23.90 21.04 1.56
C LYS A 200 -23.58 20.23 0.29
N LYS A 201 -22.76 20.79 -0.63
CA LYS A 201 -22.42 20.11 -1.87
C LYS A 201 -21.60 18.83 -1.76
N TYR A 202 -20.63 18.88 -0.82
CA TYR A 202 -19.66 17.77 -0.69
C TYR A 202 -20.15 16.75 0.35
N LEU A 203 -20.81 17.16 1.44
CA LEU A 203 -21.31 16.11 2.37
C LEU A 203 -22.78 15.73 2.06
N GLY A 204 -23.40 16.40 1.04
CA GLY A 204 -24.83 16.06 0.88
C GLY A 204 -25.76 16.51 1.97
N VAL A 205 -25.38 17.51 2.75
CA VAL A 205 -26.25 17.92 3.83
C VAL A 205 -27.12 19.10 3.48
N GLN A 206 -28.18 19.25 4.25
CA GLN A 206 -29.10 20.41 4.10
C GLN A 206 -29.08 21.43 5.18
N SER A 207 -28.84 20.98 6.43
CA SER A 207 -28.84 21.92 7.53
C SER A 207 -27.60 21.77 8.44
N PHE A 208 -27.42 22.71 9.35
CA PHE A 208 -26.20 22.82 10.16
C PHE A 208 -26.56 23.23 11.55
N ILE A 209 -25.74 22.75 12.48
CA ILE A 209 -25.82 23.10 13.91
C ILE A 209 -24.42 23.60 14.29
N TRP A 210 -24.28 24.93 14.49
CA TRP A 210 -22.99 25.52 14.83
C TRP A 210 -22.90 25.69 16.34
N LEU A 211 -21.93 25.00 16.98
CA LEU A 211 -21.70 25.20 18.42
C LEU A 211 -20.57 26.26 18.47
N PRO A 212 -20.60 27.22 19.40
CA PRO A 212 -19.52 28.19 19.39
C PRO A 212 -18.08 27.75 19.35
N ARG A 213 -17.70 26.91 20.32
CA ARG A 213 -16.27 26.47 20.48
C ARG A 213 -16.10 24.97 20.65
N GLY A 214 -14.83 24.49 20.62
CA GLY A 214 -14.42 23.04 20.81
C GLY A 214 -14.27 22.86 22.30
N LEU A 215 -13.68 21.71 22.72
CA LEU A 215 -13.51 21.31 24.13
C LEU A 215 -12.40 22.16 24.77
N TYR A 216 -12.55 22.50 26.06
CA TYR A 216 -11.45 23.17 26.76
C TYR A 216 -10.16 22.30 26.70
N GLY A 217 -9.09 22.96 26.26
CA GLY A 217 -7.80 22.32 26.09
C GLY A 217 -7.46 21.86 24.68
N ASP A 218 -8.38 22.14 23.76
CA ASP A 218 -8.25 21.78 22.37
C ASP A 218 -7.95 23.00 21.58
N GLU A 219 -7.23 23.97 22.25
CA GLU A 219 -6.96 25.18 21.52
C GLU A 219 -5.89 24.94 20.48
N ASP A 220 -5.01 23.93 20.66
CA ASP A 220 -3.95 23.72 19.64
C ASP A 220 -4.53 23.30 18.27
N THR A 221 -5.61 22.47 18.23
CA THR A 221 -6.26 22.05 17.01
C THR A 221 -7.54 22.82 16.52
N ASN A 222 -7.81 23.85 17.31
CA ASN A 222 -8.88 24.81 17.17
C ASN A 222 -10.19 24.20 17.55
N GLY A 223 -10.17 23.17 18.47
CA GLY A 223 -11.48 22.73 18.89
C GLY A 223 -12.36 21.97 17.87
N HIS A 224 -11.88 20.96 17.19
CA HIS A 224 -12.77 20.17 16.33
C HIS A 224 -13.99 19.61 17.08
N ILE A 225 -15.13 19.54 16.42
CA ILE A 225 -16.30 18.94 17.12
C ILE A 225 -16.28 17.54 17.78
N ASP A 226 -15.55 16.59 17.19
CA ASP A 226 -15.66 15.22 17.85
C ASP A 226 -15.12 15.19 19.30
N ASN A 227 -14.69 16.32 19.85
CA ASN A 227 -14.34 16.20 21.31
C ASN A 227 -15.44 17.00 22.13
N MSE A 228 -16.39 17.53 21.37
CA MSE A 228 -17.46 18.45 21.86
C MSE A 228 -18.83 17.82 21.78
O MSE A 228 -19.63 17.70 22.82
CB MSE A 228 -17.39 19.73 20.92
CG MSE A 228 -18.00 21.09 21.43
SE MSE A 228 -19.79 21.06 22.11
CE MSE A 228 -19.24 21.82 23.98
N CYS A 229 -19.09 17.24 20.61
CA CYS A 229 -20.46 16.74 20.55
C CYS A 229 -20.56 15.98 19.26
N CYS A 230 -21.38 14.96 19.32
CA CYS A 230 -21.66 14.16 18.13
C CYS A 230 -23.04 13.73 18.24
N PHE A 231 -23.50 13.10 17.14
CA PHE A 231 -24.83 12.47 17.22
C PHE A 231 -24.65 11.08 17.80
N ALA A 232 -25.65 10.70 18.62
CA ALA A 232 -25.70 9.34 19.12
C ALA A 232 -26.67 8.39 18.25
N ARG A 233 -27.43 9.06 17.36
CA ARG A 233 -28.41 8.44 16.43
C ARG A 233 -29.22 9.68 15.98
N PRO A 234 -30.18 9.53 15.07
CA PRO A 234 -30.86 10.77 14.70
C PRO A 234 -31.59 11.45 15.78
N GLY A 235 -31.46 12.76 15.73
CA GLY A 235 -32.14 13.57 16.70
C GLY A 235 -31.60 13.43 18.11
N VAL A 236 -30.42 12.85 18.28
CA VAL A 236 -29.98 12.67 19.68
C VAL A 236 -28.49 12.74 19.67
N VAL A 237 -27.96 13.80 20.29
CA VAL A 237 -26.50 14.03 20.38
C VAL A 237 -26.01 13.84 21.84
N LEU A 238 -24.77 13.34 21.96
CA LEU A 238 -24.05 13.28 23.28
C LEU A 238 -23.21 14.58 23.43
N LEU A 239 -23.20 15.14 24.66
CA LEU A 239 -22.53 16.41 24.88
C LEU A 239 -21.58 16.36 26.06
N SER A 240 -20.33 16.74 25.81
CA SER A 240 -19.28 16.82 26.88
C SER A 240 -19.83 17.67 28.01
N TRP A 241 -19.79 17.15 29.24
CA TRP A 241 -20.48 17.93 30.30
C TRP A 241 -19.73 17.87 31.60
N THR A 242 -19.97 18.94 32.38
CA THR A 242 -19.53 19.00 33.78
C THR A 242 -20.49 19.84 34.54
N ASP A 243 -20.60 19.54 35.83
CA ASP A 243 -21.42 20.43 36.73
C ASP A 243 -20.41 21.28 37.60
N ASP A 244 -19.12 21.13 37.40
CA ASP A 244 -18.24 21.93 38.28
C ASP A 244 -18.19 23.30 37.62
N GLU A 245 -18.91 24.28 38.21
CA GLU A 245 -18.92 25.62 37.68
C GLU A 245 -17.63 26.35 37.76
N THR A 246 -16.62 25.80 38.45
CA THR A 246 -15.31 26.44 38.45
C THR A 246 -14.43 25.94 37.32
N ASP A 247 -14.89 24.84 36.67
CA ASP A 247 -14.06 24.33 35.55
C ASP A 247 -14.31 25.22 34.29
N PRO A 248 -13.27 25.65 33.55
CA PRO A 248 -13.44 26.46 32.33
C PRO A 248 -14.38 25.71 31.31
N GLN A 249 -14.46 24.39 31.44
CA GLN A 249 -15.39 23.71 30.53
C GLN A 249 -16.85 23.89 30.84
N TYR A 250 -17.23 24.22 32.07
CA TYR A 250 -18.64 24.29 32.34
C TYR A 250 -19.40 25.31 31.50
N GLU A 251 -18.89 26.55 31.36
CA GLU A 251 -19.59 27.57 30.58
C GLU A 251 -19.66 27.12 29.11
N ARG A 252 -18.70 26.23 28.64
CA ARG A 252 -18.78 25.83 27.19
C ARG A 252 -19.86 24.79 27.10
N SER A 253 -19.95 23.89 28.09
CA SER A 253 -21.00 22.88 28.03
C SER A 253 -22.37 23.57 28.16
N VAL A 254 -22.53 24.45 29.17
CA VAL A 254 -23.90 24.98 29.27
C VAL A 254 -24.30 25.78 28.05
N GLU A 255 -23.30 26.50 27.46
CA GLU A 255 -23.52 27.24 26.23
C GLU A 255 -24.02 26.31 25.15
N ALA A 256 -23.30 25.19 24.92
CA ALA A 256 -23.76 24.28 23.87
C ALA A 256 -25.06 23.64 24.28
N LEU A 257 -25.31 23.53 25.53
CA LEU A 257 -26.60 22.90 25.81
C LEU A 257 -27.71 23.86 25.40
N SER A 258 -27.46 25.18 25.53
CA SER A 258 -28.52 26.14 25.21
C SER A 258 -28.73 26.00 23.77
N VAL A 259 -27.67 26.11 22.96
CA VAL A 259 -27.84 25.99 21.50
C VAL A 259 -28.55 24.74 21.01
N LEU A 260 -28.11 23.64 21.53
CA LEU A 260 -28.70 22.38 21.02
C LEU A 260 -30.20 22.20 21.41
N SER A 261 -30.52 22.63 22.61
CA SER A 261 -31.89 22.46 23.02
C SER A 261 -32.89 23.34 22.27
N ASN A 262 -32.44 24.28 21.43
CA ASN A 262 -33.34 25.04 20.61
C ASN A 262 -33.07 24.69 19.17
N SER A 263 -32.33 23.57 18.95
CA SER A 263 -32.03 23.17 17.56
C SER A 263 -33.04 22.14 17.06
N ILE A 264 -33.47 22.28 15.82
CA ILE A 264 -34.39 21.37 15.10
C ILE A 264 -33.57 20.88 13.89
N ASP A 265 -33.53 19.52 13.73
CA ASP A 265 -32.68 18.99 12.64
C ASP A 265 -33.29 19.12 11.26
N ALA A 266 -32.64 18.51 10.30
CA ALA A 266 -33.13 18.68 8.88
C ALA A 266 -34.44 17.90 8.68
N ARG A 267 -34.63 16.84 9.45
CA ARG A 267 -35.91 16.09 9.24
C ARG A 267 -37.05 16.60 10.12
N GLY A 268 -36.84 17.69 10.88
CA GLY A 268 -37.91 18.30 11.70
C GLY A 268 -38.04 17.85 13.16
N ARG A 269 -36.94 17.30 13.71
CA ARG A 269 -36.96 16.83 15.07
C ARG A 269 -36.31 17.76 16.07
N LYS A 270 -36.94 17.81 17.27
CA LYS A 270 -36.28 18.59 18.38
C LYS A 270 -35.07 17.81 19.01
N ILE A 271 -33.90 18.43 18.98
CA ILE A 271 -32.66 17.78 19.47
C ILE A 271 -32.77 17.49 20.95
N GLN A 272 -32.51 16.22 21.28
CA GLN A 272 -32.41 15.65 22.66
C GLN A 272 -30.95 15.48 22.93
N VAL A 273 -30.48 16.22 23.93
CA VAL A 273 -29.06 16.15 24.33
C VAL A 273 -28.90 15.27 25.51
N ILE A 274 -27.97 14.28 25.41
CA ILE A 274 -27.64 13.41 26.57
C ILE A 274 -26.27 13.95 27.06
N LYS A 275 -26.18 14.21 28.38
CA LYS A 275 -24.82 14.71 28.85
C LYS A 275 -23.87 13.52 29.09
N LEU A 276 -22.60 13.70 28.65
CA LEU A 276 -21.57 12.64 28.80
C LEU A 276 -20.42 13.35 29.58
N TYR A 277 -20.33 13.02 30.88
CA TYR A 277 -19.45 13.79 31.78
C TYR A 277 -18.01 13.50 31.54
N ILE A 278 -17.23 14.57 31.39
CA ILE A 278 -15.82 14.40 31.24
C ILE A 278 -15.22 13.77 32.52
N PRO A 279 -14.02 13.19 32.40
CA PRO A 279 -13.39 12.63 33.60
C PRO A 279 -12.97 13.85 34.50
N GLU A 280 -12.47 13.56 35.72
CA GLU A 280 -11.86 14.60 36.58
C GLU A 280 -10.73 15.44 35.78
N PRO A 281 -10.37 16.67 36.19
CA PRO A 281 -9.37 17.31 35.34
C PRO A 281 -8.04 16.52 35.23
N LEU A 282 -7.56 16.37 34.00
CA LEU A 282 -6.31 15.64 33.78
C LEU A 282 -5.25 16.59 33.41
N TYR A 283 -4.03 16.28 33.85
CA TYR A 283 -2.91 17.17 33.69
C TYR A 283 -1.60 16.48 33.33
N MSE A 284 -0.91 17.04 32.36
CA MSE A 284 0.43 16.60 31.86
C MSE A 284 1.30 16.48 33.12
O MSE A 284 1.12 17.31 34.02
CB MSE A 284 0.97 17.76 30.96
CG MSE A 284 2.06 17.55 29.87
SE MSE A 284 1.91 15.68 29.35
CE MSE A 284 3.13 15.14 27.78
N THR A 285 2.15 15.44 33.17
CA THR A 285 3.08 15.24 34.34
C THR A 285 4.46 15.51 33.84
N GLU A 286 5.35 15.76 34.79
CA GLU A 286 6.72 15.88 34.45
C GLU A 286 7.29 14.57 33.90
N GLU A 287 6.86 13.41 34.41
CA GLU A 287 7.37 12.13 33.92
C GLU A 287 7.00 12.05 32.40
N GLU A 288 5.76 12.46 32.05
CA GLU A 288 5.37 12.34 30.59
C GLU A 288 6.01 13.45 29.71
N SER A 289 6.06 14.69 30.22
CA SER A 289 6.64 15.78 29.41
C SER A 289 8.14 15.57 29.11
N SER A 290 8.87 15.02 30.09
CA SER A 290 10.30 14.91 29.91
C SER A 290 10.63 13.81 28.91
N GLY A 291 9.61 13.05 28.46
CA GLY A 291 9.86 11.96 27.51
C GLY A 291 9.77 12.49 26.10
N ILE A 292 9.33 13.71 26.00
CA ILE A 292 9.19 14.33 24.68
C ILE A 292 10.54 14.89 24.29
N THR A 293 10.94 14.64 23.04
CA THR A 293 12.21 15.16 22.58
C THR A 293 11.95 16.52 21.95
N GLN A 294 12.53 17.58 22.48
CA GLN A 294 12.28 18.88 21.84
C GLN A 294 13.20 19.03 20.63
N ASP A 295 12.63 19.09 19.42
CA ASP A 295 13.40 19.30 18.17
C ASP A 295 13.16 20.59 17.32
N GLY A 296 12.16 21.40 17.67
CA GLY A 296 11.95 22.62 16.90
C GLY A 296 11.01 22.46 15.72
N GLU A 297 10.37 21.28 15.61
CA GLU A 297 9.41 20.99 14.51
C GLU A 297 7.95 20.83 14.96
N ALA A 298 7.72 20.62 16.26
CA ALA A 298 6.35 20.43 16.79
C ALA A 298 6.17 21.37 18.01
N ILE A 299 4.92 21.62 18.37
CA ILE A 299 4.60 22.51 19.52
C ILE A 299 4.96 21.87 20.85
N PRO A 300 5.18 22.72 21.88
CA PRO A 300 5.54 22.20 23.20
C PRO A 300 4.51 21.34 23.86
N ARG A 301 5.00 20.34 24.65
CA ARG A 301 4.16 19.48 25.46
C ARG A 301 4.72 19.61 26.89
N LEU A 302 3.98 20.41 27.73
CA LEU A 302 4.49 20.71 29.12
C LEU A 302 3.73 20.06 30.31
N ALA A 303 4.44 19.56 31.33
CA ALA A 303 3.78 19.05 32.52
C ALA A 303 2.76 20.04 33.08
N GLY A 304 1.67 19.48 33.61
CA GLY A 304 0.56 20.25 34.27
C GLY A 304 -0.57 20.65 33.42
N THR A 305 -0.34 20.32 32.13
CA THR A 305 -1.27 20.64 31.11
C THR A 305 -2.60 20.03 31.23
N ARG A 306 -3.59 20.88 30.93
CA ARG A 306 -4.99 20.40 30.81
C ARG A 306 -5.13 19.68 29.45
N LEU A 307 -5.09 18.36 29.51
CA LEU A 307 -5.20 17.48 28.36
C LEU A 307 -6.65 17.59 28.03
N ALA A 308 -6.87 17.60 26.73
CA ALA A 308 -8.27 17.69 26.20
C ALA A 308 -8.82 16.25 26.18
N ALA A 309 -9.65 15.94 27.18
CA ALA A 309 -10.04 14.56 27.39
C ALA A 309 -11.61 14.46 27.54
N SER A 310 -12.24 13.78 26.56
CA SER A 310 -13.69 13.56 26.73
C SER A 310 -14.06 12.19 26.14
N TYR A 311 -15.09 11.60 26.76
CA TYR A 311 -15.58 10.29 26.26
C TYR A 311 -16.37 10.37 24.96
N VAL A 312 -16.83 11.57 24.59
CA VAL A 312 -17.54 11.70 23.30
C VAL A 312 -16.63 11.30 22.10
N ASN A 313 -15.29 11.20 22.33
CA ASN A 313 -14.29 10.89 21.29
C ASN A 313 -13.97 9.38 21.34
N PHE A 314 -14.96 8.67 20.81
CA PHE A 314 -15.02 7.20 20.68
C PHE A 314 -15.28 6.95 19.19
N TYR A 315 -15.25 5.66 18.85
CA TYR A 315 -15.56 5.27 17.50
C TYR A 315 -16.76 4.33 17.35
N ILE A 316 -17.44 4.42 16.20
CA ILE A 316 -18.61 3.53 15.94
C ILE A 316 -18.17 2.52 14.91
N ALA A 317 -18.08 1.22 15.29
CA ALA A 317 -17.71 0.19 14.29
C ALA A 317 -18.99 -0.63 14.16
N ASN A 318 -18.98 -1.58 13.26
CA ASN A 318 -20.20 -2.39 13.01
C ASN A 318 -20.60 -3.11 14.34
N GLY A 319 -21.61 -2.54 15.04
CA GLY A 319 -22.18 -3.05 16.35
C GLY A 319 -21.12 -3.01 17.45
N GLY A 320 -20.12 -2.11 17.25
CA GLY A 320 -19.04 -1.94 18.24
C GLY A 320 -18.94 -0.46 18.68
N ILE A 321 -18.58 -0.20 19.93
CA ILE A 321 -18.25 1.17 20.41
C ILE A 321 -16.88 1.15 21.11
N ILE A 322 -15.97 1.86 20.46
CA ILE A 322 -14.59 1.87 20.96
C ILE A 322 -14.42 3.16 21.83
N ALA A 323 -14.50 3.03 23.17
CA ALA A 323 -14.54 4.23 24.02
C ALA A 323 -13.32 4.44 24.87
N PRO A 324 -12.96 5.68 25.21
CA PRO A 324 -11.78 5.85 26.07
C PRO A 324 -11.96 5.53 27.54
N GLN A 325 -10.80 5.19 28.14
CA GLN A 325 -10.71 5.07 29.59
C GLN A 325 -9.50 5.94 29.96
N PHE A 326 -9.74 6.94 30.82
CA PHE A 326 -8.70 7.90 31.10
C PHE A 326 -8.05 7.69 32.45
N GLY A 327 -8.56 6.77 33.24
CA GLY A 327 -7.89 6.59 34.56
C GLY A 327 -8.72 7.17 35.71
N ASP A 328 -9.71 8.08 35.45
CA ASP A 328 -10.60 8.57 36.56
C ASP A 328 -11.55 7.39 36.62
N PRO A 329 -11.47 6.56 37.66
CA PRO A 329 -12.31 5.40 37.73
C PRO A 329 -13.78 5.76 37.85
N ILE A 330 -14.10 6.86 38.55
CA ILE A 330 -15.55 7.19 38.69
C ILE A 330 -16.09 7.66 37.32
N ARG A 331 -15.37 8.61 36.68
CA ARG A 331 -15.88 9.05 35.37
C ARG A 331 -15.74 8.02 34.28
N ASP A 332 -14.75 7.12 34.41
CA ASP A 332 -14.64 6.10 33.35
C ASP A 332 -15.86 5.19 33.42
N LYS A 333 -16.24 4.81 34.65
CA LYS A 333 -17.39 3.89 34.77
C LYS A 333 -18.65 4.62 34.44
N GLU A 334 -18.74 5.89 34.75
CA GLU A 334 -19.99 6.49 34.40
C GLU A 334 -20.08 6.74 32.86
N ALA A 335 -18.93 6.86 32.19
CA ALA A 335 -19.15 7.07 30.69
C ALA A 335 -19.70 5.79 30.05
N ILE A 336 -19.11 4.61 30.43
CA ILE A 336 -19.55 3.30 29.92
C ILE A 336 -21.05 3.02 30.17
N ARG A 337 -21.53 3.46 31.35
CA ARG A 337 -22.94 3.25 31.65
C ARG A 337 -23.73 4.12 30.65
N VAL A 338 -23.23 5.33 30.44
CA VAL A 338 -23.95 6.23 29.56
C VAL A 338 -24.01 5.77 28.14
N LEU A 339 -22.89 5.31 27.65
CA LEU A 339 -22.80 4.81 26.29
C LEU A 339 -23.61 3.53 26.05
N SER A 340 -23.62 2.64 27.06
CA SER A 340 -24.35 1.38 26.90
C SER A 340 -25.80 1.69 26.85
N ASP A 341 -26.23 2.61 27.68
CA ASP A 341 -27.63 2.94 27.64
C ASP A 341 -27.96 3.53 26.24
N THR A 342 -26.91 3.92 25.49
CA THR A 342 -27.21 4.55 24.22
C THR A 342 -27.12 3.75 22.93
N PHE A 343 -26.23 2.76 22.84
CA PHE A 343 -26.15 1.94 21.65
C PHE A 343 -26.57 0.55 22.03
N PRO A 344 -27.89 0.39 22.22
CA PRO A 344 -28.33 -0.98 22.63
C PRO A 344 -28.07 -2.03 21.63
N HIS A 345 -27.83 -1.60 20.41
CA HIS A 345 -27.51 -2.62 19.37
C HIS A 345 -25.98 -2.79 19.08
N HIS A 346 -25.14 -2.23 19.98
CA HIS A 346 -23.66 -2.38 19.78
C HIS A 346 -23.12 -2.83 21.06
N SER A 347 -21.90 -3.36 21.03
CA SER A 347 -21.21 -3.73 22.24
C SER A 347 -20.11 -2.70 22.62
N VAL A 348 -20.21 -2.12 23.81
CA VAL A 348 -19.21 -1.14 24.24
C VAL A 348 -17.92 -1.82 24.74
N VAL A 349 -16.78 -1.31 24.25
CA VAL A 349 -15.45 -1.84 24.60
C VAL A 349 -14.61 -0.66 25.04
N GLY A 350 -13.82 -0.77 26.09
CA GLY A 350 -12.96 0.29 26.56
C GLY A 350 -11.49 0.12 26.30
N ILE A 351 -10.84 1.29 26.12
CA ILE A 351 -9.43 1.31 25.82
C ILE A 351 -8.72 1.91 27.00
N GLU A 352 -7.90 1.03 27.66
CA GLU A 352 -7.16 1.45 28.80
C GLU A 352 -5.97 2.29 28.36
N ASN A 353 -5.58 3.23 29.22
CA ASN A 353 -4.44 4.11 28.95
C ASN A 353 -4.76 5.12 27.72
N ALA A 354 -6.07 5.38 27.58
CA ALA A 354 -6.67 6.38 26.63
C ALA A 354 -5.85 7.66 26.75
N ARG A 355 -5.56 8.02 28.02
CA ARG A 355 -4.68 9.15 28.30
C ARG A 355 -3.36 9.14 27.45
N GLU A 356 -2.82 7.98 27.00
CA GLU A 356 -1.56 7.97 26.18
C GLU A 356 -1.63 8.57 24.76
N ILE A 357 -2.79 8.48 24.08
CA ILE A 357 -2.92 9.11 22.76
C ILE A 357 -3.41 10.52 23.12
N VAL A 358 -4.06 10.80 24.28
CA VAL A 358 -4.53 12.18 24.57
C VAL A 358 -3.44 13.18 24.99
N LEU A 359 -2.25 12.65 25.32
CA LEU A 359 -1.13 13.55 25.67
C LEU A 359 -0.81 14.33 24.42
N ALA A 360 -1.06 13.79 23.19
CA ALA A 360 -0.78 14.52 21.97
C ALA A 360 -2.02 15.18 21.41
N GLY A 361 -3.02 15.30 22.26
CA GLY A 361 -4.13 16.09 21.85
C GLY A 361 -5.28 15.37 21.17
N GLY A 362 -5.27 14.04 21.05
CA GLY A 362 -6.41 13.42 20.38
C GLY A 362 -6.83 12.19 21.21
N ASN A 363 -7.22 11.09 20.58
CA ASN A 363 -7.67 9.91 21.49
C ASN A 363 -7.91 8.43 20.84
N ILE A 364 -9.11 8.28 20.20
CA ILE A 364 -9.55 7.06 19.47
C ILE A 364 -10.26 7.50 18.15
N HIS A 365 -11.36 8.33 18.17
CA HIS A 365 -12.08 8.72 16.89
C HIS A 365 -11.00 9.43 16.08
N CYS A 366 -10.32 10.33 16.76
CA CYS A 366 -9.18 11.09 16.31
C CYS A 366 -8.21 10.31 15.37
N ILE A 367 -7.97 9.01 15.77
CA ILE A 367 -7.01 8.14 15.08
C ILE A 367 -7.59 7.16 14.01
N THR A 368 -8.90 7.23 13.76
CA THR A 368 -9.59 6.33 12.86
C THR A 368 -10.19 6.98 11.59
N GLN A 369 -10.33 6.13 10.54
CA GLN A 369 -11.07 6.62 9.31
C GLN A 369 -12.00 5.59 8.80
N GLN A 370 -13.29 5.66 9.14
CA GLN A 370 -14.20 4.58 8.60
C GLN A 370 -14.30 4.60 7.08
N GLN A 371 -14.31 3.39 6.51
CA GLN A 371 -14.66 3.21 5.10
C GLN A 371 -16.03 2.52 5.08
N PRO A 372 -17.09 3.22 4.69
CA PRO A 372 -18.48 2.66 4.60
C PRO A 372 -18.49 1.48 3.62
N ALA A 373 -19.34 0.50 3.95
CA ALA A 373 -19.56 -0.58 3.01
C ALA A 373 -20.17 0.05 1.72
N GLU A 374 -19.73 -0.45 0.56
CA GLU A 374 -20.20 0.13 -0.74
C GLU A 374 -21.72 -0.30 -1.04
N PRO A 375 -22.65 0.63 -1.37
CA PRO A 375 -24.02 0.13 -1.62
C PRO A 375 -24.11 -0.70 -2.92
N THR A 376 -25.28 -1.27 -3.16
CA THR A 376 -25.48 -2.05 -4.37
C THR A 376 -26.97 -1.83 -4.69
N SER B 7 5.59 -27.01 2.27
CA SER B 7 4.30 -27.46 2.88
C SER B 7 3.14 -27.20 1.91
N PRO B 8 3.36 -26.47 0.80
CA PRO B 8 2.19 -26.27 -0.05
C PRO B 8 1.76 -27.57 -0.68
N ALA B 9 2.64 -28.57 -0.61
CA ALA B 9 2.41 -29.91 -1.16
C ALA B 9 1.15 -30.43 -0.53
N GLU B 10 1.07 -30.25 0.79
CA GLU B 10 -0.02 -30.79 1.65
C GLU B 10 -1.31 -30.02 1.65
N HIS B 11 -1.64 -29.47 0.49
CA HIS B 11 -2.79 -28.68 0.35
C HIS B 11 -3.19 -28.69 -1.14
N GLY B 12 -2.37 -29.22 -2.04
CA GLY B 12 -2.77 -29.28 -3.45
C GLY B 12 -2.42 -28.03 -4.31
N TYR B 13 -1.55 -27.18 -3.78
CA TYR B 13 -1.15 -25.98 -4.52
C TYR B 13 -0.16 -26.25 -5.66
N TYR B 14 -0.19 -25.40 -6.69
CA TYR B 14 0.80 -25.53 -7.78
C TYR B 14 0.96 -24.16 -8.48
N MSE B 15 2.14 -23.97 -9.11
CA MSE B 15 2.33 -22.70 -9.93
C MSE B 15 1.77 -22.90 -11.31
O MSE B 15 2.19 -23.79 -12.04
CB MSE B 15 3.83 -22.47 -10.06
CG MSE B 15 4.10 -21.39 -11.00
SE MSE B 15 6.05 -20.84 -10.77
CE MSE B 15 5.93 -19.11 -11.76
N PRO B 16 0.83 -22.01 -11.76
CA PRO B 16 0.32 -22.25 -13.14
C PRO B 16 1.30 -21.61 -14.12
N ALA B 17 1.23 -22.11 -15.33
CA ALA B 17 2.01 -21.41 -16.33
C ALA B 17 1.52 -19.97 -16.37
N GLU B 18 2.43 -19.13 -16.85
CA GLU B 18 2.14 -17.69 -16.93
C GLU B 18 1.03 -17.31 -17.90
N TRP B 19 0.72 -18.21 -18.88
CA TRP B 19 -0.39 -17.94 -19.82
C TRP B 19 -1.75 -18.42 -19.26
N ASP B 20 -1.73 -18.94 -18.02
CA ASP B 20 -3.01 -19.28 -17.33
C ASP B 20 -3.60 -18.04 -16.69
N SER B 21 -4.90 -18.10 -16.23
CA SER B 21 -5.54 -16.94 -15.74
C SER B 21 -5.00 -15.99 -14.68
N HIS B 22 -4.79 -14.74 -15.12
CA HIS B 22 -4.36 -13.64 -14.31
C HIS B 22 -5.40 -12.75 -13.68
N ALA B 23 -5.36 -12.59 -12.36
CA ALA B 23 -6.20 -11.52 -11.82
C ALA B 23 -5.47 -10.26 -12.07
N GLN B 24 -4.12 -10.27 -12.01
CA GLN B 24 -3.46 -8.97 -12.10
C GLN B 24 -1.94 -9.07 -12.21
N THR B 25 -1.27 -7.98 -12.51
CA THR B 25 0.21 -8.02 -12.51
C THR B 25 0.74 -6.96 -11.57
N TRP B 26 1.92 -7.21 -10.97
CA TRP B 26 2.61 -6.24 -10.06
C TRP B 26 3.91 -5.85 -10.81
N ILE B 27 4.27 -4.60 -10.66
CA ILE B 27 5.50 -4.10 -11.26
C ILE B 27 6.17 -3.10 -10.31
N GLY B 28 7.52 -3.05 -10.26
CA GLY B 28 8.26 -2.06 -9.41
C GLY B 28 8.48 -0.66 -10.06
N TRP B 29 9.46 0.14 -9.66
CA TRP B 29 9.56 1.48 -10.30
C TRP B 29 11.00 1.85 -10.07
N PRO B 30 11.77 2.04 -11.16
CA PRO B 30 13.19 2.34 -11.09
C PRO B 30 13.58 3.71 -10.55
N GLU B 31 14.69 3.74 -9.82
CA GLU B 31 15.06 5.03 -9.19
C GLU B 31 16.55 5.14 -8.94
N ARG B 32 17.21 4.09 -8.46
CA ARG B 32 18.60 4.29 -8.00
C ARG B 32 19.57 4.79 -9.09
N GLN B 33 20.31 5.84 -8.72
CA GLN B 33 21.19 6.49 -9.67
C GLN B 33 22.48 5.75 -10.02
N ASP B 34 22.82 4.71 -9.29
CA ASP B 34 23.99 3.91 -9.64
C ASP B 34 23.62 2.73 -10.52
N ASN B 35 22.36 2.67 -10.95
CA ASN B 35 21.96 1.58 -11.83
C ASN B 35 21.13 2.04 -13.02
N TRP B 36 20.48 3.18 -12.91
CA TRP B 36 19.58 3.72 -13.93
C TRP B 36 20.17 5.11 -14.32
N ARG B 37 20.24 5.35 -15.65
CA ARG B 37 20.83 6.57 -16.18
C ARG B 37 19.91 7.74 -16.12
N HIS B 38 20.51 8.93 -15.96
CA HIS B 38 19.73 10.15 -15.97
C HIS B 38 18.54 10.15 -15.00
N ASN B 39 18.89 9.85 -13.75
CA ASN B 39 17.93 9.82 -12.63
C ASN B 39 16.78 8.93 -12.94
N ALA B 40 17.06 7.87 -13.70
CA ALA B 40 16.06 6.91 -14.17
C ALA B 40 14.94 7.50 -14.97
N LEU B 41 15.07 8.68 -15.56
CA LEU B 41 13.93 9.18 -16.26
C LEU B 41 13.56 8.36 -17.50
N PRO B 42 14.56 7.95 -18.29
CA PRO B 42 14.23 7.15 -19.49
C PRO B 42 13.68 5.78 -19.14
N ALA B 43 14.20 5.20 -18.07
CA ALA B 43 13.65 3.87 -17.67
C ALA B 43 12.25 4.03 -17.12
N GLN B 44 12.01 5.13 -16.42
CA GLN B 44 10.61 5.34 -15.95
C GLN B 44 9.60 5.42 -17.09
N ARG B 45 9.95 6.10 -18.20
CA ARG B 45 9.01 6.13 -19.33
C ARG B 45 8.76 4.72 -19.89
N VAL B 46 9.80 3.87 -19.99
CA VAL B 46 9.58 2.52 -20.48
C VAL B 46 8.75 1.65 -19.49
N PHE B 47 8.96 1.86 -18.19
CA PHE B 47 8.10 1.12 -17.24
C PHE B 47 6.61 1.59 -17.37
N ALA B 48 6.38 2.88 -17.58
CA ALA B 48 4.99 3.28 -17.75
C ALA B 48 4.37 2.63 -19.00
N GLY B 49 5.18 2.55 -20.05
CA GLY B 49 4.70 1.93 -21.29
C GLY B 49 4.48 0.43 -21.15
N VAL B 50 5.35 -0.26 -20.41
CA VAL B 50 5.14 -1.68 -20.17
C VAL B 50 3.84 -1.82 -19.36
N ALA B 51 3.75 -1.08 -18.26
CA ALA B 51 2.51 -1.11 -17.45
C ALA B 51 1.23 -0.84 -18.21
N LYS B 52 1.23 0.28 -18.97
CA LYS B 52 0.03 0.69 -19.76
C LYS B 52 -0.29 -0.39 -20.79
N ALA B 53 0.72 -0.93 -21.47
CA ALA B 53 0.48 -1.95 -22.49
C ALA B 53 -0.21 -3.12 -21.73
N ILE B 54 0.38 -3.56 -20.59
CA ILE B 54 -0.23 -4.64 -19.89
C ILE B 54 -1.61 -4.35 -19.45
N SER B 55 -1.87 -3.12 -19.00
CA SER B 55 -3.22 -2.78 -18.53
C SER B 55 -4.27 -2.94 -19.70
N LYS B 56 -3.84 -2.90 -20.97
CA LYS B 56 -4.82 -3.17 -21.99
C LYS B 56 -5.31 -4.60 -21.92
N PHE B 57 -4.59 -5.44 -21.14
CA PHE B 57 -5.02 -6.81 -21.09
C PHE B 57 -5.56 -7.23 -19.78
N GLU B 58 -5.14 -6.60 -18.68
CA GLU B 58 -5.62 -7.13 -17.33
C GLU B 58 -5.31 -6.17 -16.11
N PRO B 59 -6.00 -6.36 -14.93
CA PRO B 59 -5.51 -5.38 -13.90
C PRO B 59 -4.04 -5.39 -13.61
N VAL B 60 -3.57 -4.18 -13.32
CA VAL B 60 -2.18 -3.88 -12.97
C VAL B 60 -2.15 -3.07 -11.72
N THR B 61 -1.17 -3.40 -10.83
CA THR B 61 -0.82 -2.56 -9.70
C THR B 61 0.66 -2.26 -9.79
N VAL B 62 0.98 -0.95 -9.70
CA VAL B 62 2.36 -0.47 -9.70
C VAL B 62 2.76 0.01 -8.31
N CYS B 63 3.87 -0.54 -7.80
CA CYS B 63 4.44 -0.09 -6.50
C CYS B 63 5.64 0.82 -6.77
N ALA B 64 5.68 1.97 -6.05
CA ALA B 64 6.75 2.96 -6.27
C ALA B 64 7.18 3.40 -4.88
N SER B 65 8.45 3.86 -4.73
CA SER B 65 8.98 4.31 -3.41
C SER B 65 8.36 5.60 -2.94
N PRO B 66 8.50 5.84 -1.64
CA PRO B 66 7.95 7.10 -1.13
C PRO B 66 8.33 8.32 -1.96
N ALA B 67 9.61 8.50 -2.26
CA ALA B 67 9.99 9.68 -3.05
C ALA B 67 9.52 9.61 -4.51
N GLN B 68 9.35 8.42 -5.04
CA GLN B 68 8.96 8.31 -6.42
C GLN B 68 7.50 8.26 -6.58
N TRP B 69 6.75 8.09 -5.47
CA TRP B 69 5.33 7.88 -5.61
C TRP B 69 4.70 9.05 -6.40
N GLU B 70 5.06 10.32 -6.14
CA GLU B 70 4.29 11.27 -6.96
C GLU B 70 4.93 11.27 -8.33
N ASN B 71 6.24 11.15 -8.45
CA ASN B 71 6.73 11.24 -9.88
C ASN B 71 6.12 9.96 -10.52
N ALA B 72 6.08 8.85 -9.77
CA ALA B 72 5.38 7.85 -10.52
C ALA B 72 3.84 7.96 -10.91
N ARG B 73 3.01 8.42 -9.94
CA ARG B 73 1.54 8.45 -10.16
C ARG B 73 1.16 9.40 -11.35
N LYS B 74 1.93 10.43 -11.57
CA LYS B 74 1.57 11.32 -12.71
C LYS B 74 1.82 10.65 -14.08
N GLN B 75 2.72 9.64 -14.09
CA GLN B 75 3.11 8.96 -15.38
C GLN B 75 2.33 7.74 -15.86
N LEU B 76 1.35 7.33 -15.03
CA LEU B 76 0.56 6.15 -15.33
C LEU B 76 -0.96 6.38 -15.44
N PRO B 77 -1.62 5.63 -16.34
CA PRO B 77 -3.10 5.69 -16.53
C PRO B 77 -3.85 5.54 -15.16
N GLU B 78 -5.03 6.20 -15.05
CA GLU B 78 -5.82 6.21 -13.85
C GLU B 78 -6.20 4.79 -13.37
N ASP B 79 -6.45 3.87 -14.35
CA ASP B 79 -6.89 2.58 -13.97
C ASP B 79 -5.75 1.64 -13.56
N ILE B 80 -4.52 2.10 -13.55
CA ILE B 80 -3.36 1.31 -13.04
C ILE B 80 -3.26 1.82 -11.60
N ARG B 81 -3.43 0.85 -10.61
CA ARG B 81 -3.34 1.28 -9.21
C ARG B 81 -1.86 1.54 -8.84
N VAL B 82 -1.62 2.59 -8.07
CA VAL B 82 -0.24 2.93 -7.63
C VAL B 82 -0.25 2.94 -6.09
N VAL B 83 0.80 2.33 -5.50
CA VAL B 83 0.91 2.25 -4.04
C VAL B 83 2.41 2.49 -3.69
N GLU B 84 2.66 3.00 -2.50
CA GLU B 84 3.98 3.33 -2.02
C GLU B 84 4.67 2.06 -1.42
N MSE B 85 5.98 1.89 -1.79
CA MSE B 85 6.70 0.79 -1.24
C MSE B 85 8.12 1.15 -1.28
O MSE B 85 8.63 1.64 -2.29
CB MSE B 85 6.45 -0.42 -2.14
CG MSE B 85 7.21 -1.67 -1.67
SE MSE B 85 6.64 -3.19 -2.76
CE MSE B 85 4.67 -3.04 -2.42
N SER B 86 8.83 0.83 -0.22
CA SER B 86 10.26 1.08 -0.27
C SER B 86 10.94 -0.14 -0.85
N MSE B 87 11.76 0.13 -1.89
CA MSE B 87 12.51 -0.97 -2.50
C MSE B 87 13.92 -0.50 -2.75
O MSE B 87 14.15 0.76 -2.92
CB MSE B 87 11.85 -1.50 -3.80
CG MSE B 87 11.31 -0.51 -4.78
SE MSE B 87 9.82 -1.27 -6.05
CE MSE B 87 8.31 -1.00 -4.85
N ASN B 88 14.79 -1.49 -2.91
CA ASN B 88 16.21 -1.17 -3.20
C ASN B 88 16.37 -1.07 -4.67
N ASP B 89 15.71 -1.96 -5.42
CA ASP B 89 15.78 -1.85 -6.89
C ASP B 89 14.50 -2.56 -7.31
N SER B 90 14.06 -2.21 -8.54
CA SER B 90 12.77 -2.60 -9.09
C SER B 90 12.68 -3.79 -10.01
N TRP B 91 12.95 -4.98 -9.42
CA TRP B 91 12.95 -6.25 -10.19
C TRP B 91 11.97 -7.25 -9.56
N PHE B 92 10.66 -7.00 -9.70
CA PHE B 92 9.67 -7.84 -9.01
C PHE B 92 9.58 -9.27 -9.48
N ARG B 93 10.13 -9.58 -10.67
CA ARG B 93 10.17 -10.99 -11.07
C ARG B 93 11.03 -11.79 -10.14
N ASP B 94 11.90 -11.10 -9.42
CA ASP B 94 12.87 -11.82 -8.56
C ASP B 94 12.68 -11.57 -7.08
N SER B 95 12.25 -10.35 -6.69
CA SER B 95 12.03 -10.06 -5.27
C SER B 95 10.55 -10.21 -4.85
N GLY B 96 9.62 -10.19 -5.81
CA GLY B 96 8.21 -10.34 -5.45
C GLY B 96 7.90 -11.83 -5.16
N PRO B 97 6.64 -12.08 -4.87
CA PRO B 97 6.27 -13.49 -4.50
C PRO B 97 5.95 -14.39 -5.65
N THR B 98 6.24 -15.70 -5.56
CA THR B 98 5.78 -16.63 -6.61
C THR B 98 4.42 -17.15 -6.10
N PHE B 99 3.36 -16.84 -6.84
CA PHE B 99 2.03 -17.28 -6.34
C PHE B 99 1.76 -18.76 -6.80
N ILE B 100 1.01 -19.48 -5.92
CA ILE B 100 0.58 -20.87 -6.23
C ILE B 100 -0.95 -20.92 -5.92
N VAL B 101 -1.65 -21.75 -6.70
CA VAL B 101 -3.15 -21.85 -6.56
C VAL B 101 -3.52 -23.27 -6.42
N ARG B 102 -4.78 -23.49 -5.95
CA ARG B 102 -5.25 -24.84 -5.94
C ARG B 102 -6.69 -24.83 -6.48
N LYS B 103 -7.17 -25.99 -6.87
CA LYS B 103 -8.59 -26.15 -7.28
C LYS B 103 -9.47 -26.74 -6.08
N ARG B 104 -10.48 -26.00 -5.66
CA ARG B 104 -11.33 -26.47 -4.56
C ARG B 104 -12.71 -26.89 -5.10
N ASN B 112 -9.19 -20.61 4.85
CA ASN B 112 -9.88 -21.07 3.61
C ASN B 112 -9.64 -20.26 2.30
N ARG B 113 -8.53 -20.51 1.57
CA ARG B 113 -8.27 -19.73 0.32
C ARG B 113 -7.71 -20.66 -0.76
N ASN B 114 -7.84 -20.25 -2.05
CA ASN B 114 -7.38 -21.07 -3.19
C ASN B 114 -6.12 -20.46 -3.86
N ILE B 115 -5.55 -19.44 -3.18
CA ILE B 115 -4.29 -18.83 -3.69
C ILE B 115 -3.42 -18.46 -2.56
N ALA B 116 -2.11 -18.65 -2.74
CA ALA B 116 -1.12 -18.23 -1.72
C ALA B 116 0.08 -17.65 -2.50
N GLY B 117 0.98 -16.99 -1.75
CA GLY B 117 2.21 -16.54 -2.40
C GLY B 117 3.46 -17.08 -1.70
N ILE B 118 4.46 -17.54 -2.51
CA ILE B 118 5.69 -17.98 -1.88
C ILE B 118 6.67 -16.80 -1.70
N ASP B 119 7.12 -16.60 -0.47
CA ASP B 119 8.10 -15.54 -0.16
C ASP B 119 9.45 -16.27 0.12
N TRP B 120 10.27 -16.37 -0.95
CA TRP B 120 11.59 -16.99 -0.87
C TRP B 120 12.54 -16.02 -0.22
N ASN B 121 13.64 -16.53 0.37
CA ASN B 121 14.68 -15.56 0.83
C ASN B 121 15.36 -15.00 -0.45
N PHE B 122 15.84 -13.78 -0.29
CA PHE B 122 16.46 -13.04 -1.36
C PHE B 122 17.81 -12.47 -0.92
N ASN B 123 18.83 -12.54 -1.77
CA ASN B 123 20.15 -11.96 -1.33
C ASN B 123 20.86 -11.16 -2.40
N ALA B 124 20.05 -10.50 -3.25
CA ALA B 124 20.56 -9.67 -4.34
C ALA B 124 21.47 -10.44 -5.30
N TRP B 125 20.94 -11.58 -5.75
CA TRP B 125 21.60 -12.41 -6.77
C TRP B 125 23.01 -12.76 -6.34
N GLY B 126 23.07 -13.16 -5.07
CA GLY B 126 24.33 -13.69 -4.50
C GLY B 126 24.54 -13.30 -3.01
N GLY B 127 24.55 -11.99 -2.76
CA GLY B 127 24.81 -11.61 -1.37
C GLY B 127 26.07 -10.79 -1.22
N ALA B 128 26.69 -10.96 -0.05
CA ALA B 128 27.84 -10.18 0.39
C ALA B 128 28.93 -9.98 -0.61
N ASN B 129 29.41 -11.09 -1.14
CA ASN B 129 30.52 -10.95 -2.08
C ASN B 129 30.30 -11.14 -3.59
N ASP B 130 29.12 -11.67 -4.00
CA ASP B 130 28.72 -11.99 -5.40
C ASP B 130 27.45 -11.28 -5.86
N GLY B 131 26.86 -10.44 -5.01
CA GLY B 131 25.61 -9.83 -5.36
C GLY B 131 25.75 -8.49 -6.02
N CYS B 132 24.67 -8.03 -6.63
CA CYS B 132 24.66 -6.75 -7.37
C CYS B 132 24.82 -5.52 -6.48
N TYR B 133 24.05 -5.43 -5.40
CA TYR B 133 24.25 -4.27 -4.55
C TYR B 133 24.45 -4.78 -3.16
N ASN B 134 24.95 -3.91 -2.29
CA ASN B 134 25.30 -4.36 -0.96
C ASN B 134 24.16 -4.16 0.06
N ASP B 135 23.09 -3.50 -0.37
CA ASP B 135 21.93 -3.27 0.54
C ASP B 135 20.63 -3.69 -0.14
N TRP B 136 20.05 -4.76 0.37
CA TRP B 136 18.78 -5.22 -0.17
C TRP B 136 17.76 -5.20 1.03
N SER B 137 18.00 -4.38 2.05
CA SER B 137 16.99 -4.46 3.12
C SER B 137 15.50 -4.35 2.81
N HIS B 138 15.14 -3.44 1.92
CA HIS B 138 13.73 -3.31 1.52
C HIS B 138 13.34 -4.51 0.61
N ASP B 139 14.23 -4.97 -0.26
CA ASP B 139 13.84 -6.09 -1.14
C ASP B 139 13.38 -7.32 -0.32
N LEU B 140 13.97 -7.55 0.89
CA LEU B 140 13.55 -8.68 1.72
C LEU B 140 12.08 -8.58 2.18
N LEU B 141 11.46 -7.39 2.20
CA LEU B 141 10.06 -7.23 2.64
C LEU B 141 9.06 -7.11 1.52
N VAL B 142 9.56 -6.99 0.25
CA VAL B 142 8.61 -6.74 -0.87
C VAL B 142 7.52 -7.84 -0.99
N SER B 143 7.96 -9.10 -0.76
CA SER B 143 7.06 -10.24 -0.92
C SER B 143 5.91 -10.23 0.11
N ARG B 144 6.23 -10.03 1.38
CA ARG B 144 5.20 -10.03 2.39
C ARG B 144 4.43 -8.71 2.34
N LYS B 145 5.07 -7.61 1.89
CA LYS B 145 4.31 -6.37 1.78
C LYS B 145 3.28 -6.51 0.68
N ILE B 146 3.69 -7.06 -0.47
CA ILE B 146 2.69 -7.33 -1.52
C ILE B 146 1.61 -8.28 -0.96
N LEU B 147 2.05 -9.33 -0.24
CA LEU B 147 1.09 -10.32 0.28
C LEU B 147 0.21 -9.65 1.32
N ALA B 148 0.84 -8.97 2.29
CA ALA B 148 0.06 -8.25 3.31
C ALA B 148 -1.01 -7.33 2.65
N LEU B 149 -0.66 -6.57 1.59
CA LEU B 149 -1.61 -5.68 0.86
C LEU B 149 -2.85 -6.47 0.35
N GLU B 150 -2.65 -7.62 -0.37
CA GLU B 150 -3.73 -8.40 -0.89
C GLU B 150 -4.36 -9.33 0.17
N ARG B 151 -3.87 -9.41 1.41
CA ARG B 151 -4.43 -10.32 2.41
C ARG B 151 -4.31 -11.72 1.86
N ILE B 152 -3.18 -12.05 1.19
CA ILE B 152 -2.94 -13.44 0.63
C ILE B 152 -2.03 -14.17 1.67
N PRO B 153 -2.32 -15.43 1.93
CA PRO B 153 -1.48 -16.08 2.94
C PRO B 153 -0.04 -16.32 2.47
N ARG B 154 0.88 -16.19 3.41
CA ARG B 154 2.29 -16.33 3.01
C ARG B 154 2.98 -17.68 3.41
N PHE B 155 3.60 -18.32 2.42
CA PHE B 155 4.45 -19.49 2.60
C PHE B 155 5.88 -19.02 2.46
N GLN B 156 6.51 -18.74 3.61
CA GLN B 156 7.92 -18.32 3.59
C GLN B 156 8.76 -19.53 3.36
N HIS B 157 9.88 -19.34 2.63
CA HIS B 157 10.81 -20.44 2.43
C HIS B 157 12.19 -19.89 2.76
N SER B 158 12.96 -20.69 3.53
CA SER B 158 14.34 -20.30 3.82
C SER B 158 15.36 -20.27 2.68
N MSE B 159 15.14 -21.10 1.62
CA MSE B 159 16.11 -21.10 0.51
C MSE B 159 16.03 -19.78 -0.23
O MSE B 159 14.95 -19.16 -0.38
CB MSE B 159 15.82 -22.23 -0.46
CG MSE B 159 14.56 -22.04 -1.15
SE MSE B 159 14.28 -23.50 -2.47
CE MSE B 159 15.48 -22.68 -3.80
N ILE B 160 17.19 -19.30 -0.71
CA ILE B 160 17.21 -18.04 -1.48
C ILE B 160 16.82 -18.48 -2.89
N LEU B 161 15.84 -17.78 -3.49
CA LEU B 161 15.43 -18.12 -4.88
C LEU B 161 14.79 -16.83 -5.42
N GLU B 162 14.84 -16.65 -6.73
CA GLU B 162 14.16 -15.47 -7.36
C GLU B 162 13.25 -16.10 -8.40
N GLY B 163 12.08 -15.49 -8.66
CA GLY B 163 11.17 -16.07 -9.69
C GLY B 163 11.74 -16.11 -11.10
N GLY B 164 12.73 -15.23 -11.42
CA GLY B 164 13.32 -15.28 -12.76
C GLY B 164 14.15 -16.50 -13.10
N SER B 165 14.41 -17.32 -12.09
CA SER B 165 15.25 -18.49 -12.23
C SER B 165 14.47 -19.82 -12.44
N ILE B 166 13.14 -19.72 -12.41
CA ILE B 166 12.30 -20.92 -12.60
C ILE B 166 11.22 -20.63 -13.63
N HIS B 167 10.95 -21.62 -14.49
CA HIS B 167 9.84 -21.45 -15.46
C HIS B 167 9.05 -22.74 -15.37
N VAL B 168 7.73 -22.65 -15.65
CA VAL B 168 6.91 -23.91 -15.56
C VAL B 168 5.96 -24.02 -16.72
N ASP B 169 5.58 -25.25 -17.00
CA ASP B 169 4.61 -25.46 -18.09
C ASP B 169 3.15 -25.71 -17.66
N GLY B 170 2.89 -25.65 -16.35
CA GLY B 170 1.53 -25.86 -15.89
C GLY B 170 1.10 -27.29 -15.99
N GLU B 171 2.02 -28.14 -16.41
CA GLU B 171 1.74 -29.56 -16.51
C GLU B 171 2.78 -30.37 -15.76
N GLY B 172 3.29 -29.78 -14.65
CA GLY B 172 4.18 -30.52 -13.75
C GLY B 172 5.70 -30.39 -13.94
N THR B 173 6.16 -29.50 -14.82
CA THR B 173 7.60 -29.50 -15.04
C THR B 173 8.18 -28.14 -14.84
N CYS B 174 9.24 -28.12 -13.98
CA CYS B 174 10.06 -26.87 -13.79
C CYS B 174 11.40 -26.91 -14.49
N LEU B 175 11.63 -25.89 -15.34
CA LEU B 175 12.81 -25.60 -16.21
C LEU B 175 13.73 -24.58 -15.36
N VAL B 176 15.02 -24.92 -15.24
CA VAL B 176 15.92 -24.04 -14.42
C VAL B 176 17.28 -24.03 -14.98
N THR B 177 18.22 -23.35 -14.28
CA THR B 177 19.61 -23.46 -14.80
C THR B 177 20.50 -23.82 -13.63
N GLU B 178 21.56 -24.61 -13.91
CA GLU B 178 22.48 -24.91 -12.84
C GLU B 178 23.28 -23.58 -12.58
N GLU B 179 23.56 -22.73 -13.56
CA GLU B 179 24.36 -21.54 -13.33
C GLU B 179 23.79 -20.70 -12.18
N CYS B 180 22.45 -20.51 -12.16
CA CYS B 180 21.83 -19.74 -11.11
C CYS B 180 21.54 -20.71 -9.91
N LEU B 181 20.74 -21.75 -10.09
CA LEU B 181 20.33 -22.49 -8.87
C LEU B 181 21.45 -23.31 -8.22
N LEU B 182 22.45 -23.72 -9.00
CA LEU B 182 23.59 -24.47 -8.42
C LEU B 182 24.74 -23.60 -8.01
N ASN B 183 24.61 -22.31 -8.22
CA ASN B 183 25.74 -21.45 -7.88
C ASN B 183 26.11 -21.51 -6.41
N LYS B 184 27.44 -21.28 -6.24
CA LYS B 184 27.96 -21.23 -4.87
C LYS B 184 27.44 -19.99 -4.11
N ASN B 185 26.88 -19.02 -4.84
CA ASN B 185 26.41 -17.82 -4.16
C ASN B 185 24.89 -17.82 -3.79
N ARG B 186 24.20 -18.98 -3.95
CA ARG B 186 22.81 -19.09 -3.63
C ARG B 186 22.65 -20.06 -2.44
N ASN B 187 22.48 -21.36 -2.71
CA ASN B 187 22.23 -22.33 -1.62
C ASN B 187 23.23 -23.48 -1.73
N PRO B 188 24.52 -23.18 -1.50
CA PRO B 188 25.51 -24.24 -1.63
C PRO B 188 25.38 -25.46 -0.71
N HIS B 189 24.64 -25.29 0.39
CA HIS B 189 24.53 -26.45 1.27
C HIS B 189 23.53 -27.49 0.76
N MSE B 190 22.67 -27.11 -0.23
CA MSE B 190 21.65 -28.01 -0.72
C MSE B 190 22.09 -28.73 -2.00
O MSE B 190 22.59 -28.08 -2.96
CB MSE B 190 20.42 -27.23 -1.17
CG MSE B 190 19.75 -26.55 0.06
SE MSE B 190 18.28 -25.33 -0.44
CE MSE B 190 17.07 -26.74 -0.98
N SER B 191 21.91 -30.05 -2.04
CA SER B 191 22.25 -30.79 -3.27
C SER B 191 21.23 -30.49 -4.37
N LYS B 192 21.55 -30.94 -5.60
CA LYS B 192 20.59 -30.82 -6.73
C LYS B 192 19.30 -31.52 -6.34
N GLU B 193 19.32 -32.82 -6.02
CA GLU B 193 18.07 -33.53 -5.69
C GLU B 193 17.30 -32.81 -4.57
N GLN B 194 18.05 -32.28 -3.58
CA GLN B 194 17.38 -31.56 -2.50
C GLN B 194 16.63 -30.32 -3.00
N ILE B 195 17.27 -29.44 -3.79
CA ILE B 195 16.58 -28.24 -4.37
C ILE B 195 15.32 -28.59 -5.22
N GLU B 196 15.41 -29.69 -5.98
CA GLU B 196 14.32 -30.22 -6.80
C GLU B 196 13.17 -30.61 -5.81
N GLU B 197 13.52 -31.22 -4.64
CA GLU B 197 12.49 -31.66 -3.69
C GLU B 197 11.78 -30.43 -3.14
N GLU B 198 12.59 -29.36 -2.90
CA GLU B 198 11.92 -28.10 -2.46
C GLU B 198 10.95 -27.57 -3.52
N LEU B 199 11.30 -27.56 -4.82
CA LEU B 199 10.39 -26.97 -5.85
C LEU B 199 9.24 -28.04 -6.07
N LYS B 200 9.45 -29.31 -5.66
CA LYS B 200 8.31 -30.22 -5.77
C LYS B 200 7.30 -29.94 -4.74
N LYS B 201 7.77 -29.54 -3.56
CA LYS B 201 6.87 -29.28 -2.43
C LYS B 201 6.26 -27.94 -2.52
N TYR B 202 6.93 -26.98 -3.18
CA TYR B 202 6.40 -25.59 -3.22
C TYR B 202 5.70 -25.17 -4.53
N LEU B 203 6.16 -25.66 -5.68
CA LEU B 203 5.57 -25.30 -7.01
C LEU B 203 4.65 -26.39 -7.62
N GLY B 204 4.65 -27.61 -7.05
CA GLY B 204 3.76 -28.66 -7.62
C GLY B 204 4.16 -29.22 -8.94
N VAL B 205 5.43 -29.57 -9.01
CA VAL B 205 6.02 -30.15 -10.22
C VAL B 205 6.58 -31.51 -9.99
N GLN B 206 6.76 -32.26 -11.09
CA GLN B 206 7.28 -33.61 -10.93
C GLN B 206 8.65 -33.84 -11.54
N SER B 207 9.02 -33.05 -12.57
CA SER B 207 10.35 -33.33 -13.16
C SER B 207 10.95 -32.04 -13.75
N PHE B 208 12.23 -32.20 -14.01
CA PHE B 208 12.98 -31.06 -14.44
C PHE B 208 13.67 -31.27 -15.75
N ILE B 209 14.18 -30.17 -16.29
CA ILE B 209 15.00 -30.23 -17.52
C ILE B 209 15.98 -29.19 -17.16
N TRP B 210 17.10 -29.67 -16.60
CA TRP B 210 18.11 -28.73 -16.21
C TRP B 210 18.84 -28.42 -17.42
N LEU B 211 18.99 -27.09 -17.68
CA LEU B 211 19.87 -26.50 -18.75
C LEU B 211 21.18 -26.15 -18.04
N PRO B 212 22.29 -26.70 -18.51
CA PRO B 212 23.49 -26.34 -17.80
C PRO B 212 23.73 -24.83 -17.78
N ARG B 213 23.34 -24.09 -18.86
CA ARG B 213 23.78 -22.69 -18.80
C ARG B 213 22.75 -21.61 -19.36
N GLY B 214 22.72 -20.44 -18.72
CA GLY B 214 21.88 -19.34 -19.18
C GLY B 214 22.58 -18.70 -20.36
N LEU B 215 22.16 -17.47 -20.61
CA LEU B 215 22.63 -16.69 -21.82
C LEU B 215 23.96 -16.11 -21.45
N TYR B 216 24.62 -15.63 -22.52
CA TYR B 216 25.87 -14.92 -22.27
C TYR B 216 25.66 -13.41 -21.94
N GLY B 217 26.40 -12.98 -20.92
CA GLY B 217 26.33 -11.65 -20.40
C GLY B 217 25.43 -11.39 -19.20
N ASP B 218 24.88 -12.51 -18.65
CA ASP B 218 24.01 -12.46 -17.44
C ASP B 218 24.83 -12.63 -16.15
N GLU B 219 25.87 -11.85 -16.08
CA GLU B 219 26.74 -11.91 -14.89
C GLU B 219 26.06 -11.24 -13.75
N ASP B 220 24.86 -10.76 -13.94
CA ASP B 220 24.25 -10.18 -12.75
C ASP B 220 23.38 -11.21 -11.99
N THR B 221 22.68 -12.03 -12.71
CA THR B 221 21.85 -13.07 -12.09
C THR B 221 22.47 -14.45 -12.19
N ASN B 222 23.70 -14.55 -12.75
CA ASN B 222 24.38 -15.81 -13.05
C ASN B 222 23.57 -16.50 -14.25
N GLY B 223 22.87 -15.71 -15.11
CA GLY B 223 22.15 -16.37 -16.26
C GLY B 223 20.75 -17.00 -15.83
N HIS B 224 19.85 -16.20 -15.34
CA HIS B 224 18.52 -16.86 -15.11
C HIS B 224 17.90 -17.62 -16.33
N ILE B 225 16.99 -18.55 -16.01
CA ILE B 225 16.37 -19.27 -17.12
C ILE B 225 15.51 -18.34 -18.00
N ASP B 226 14.69 -17.45 -17.42
CA ASP B 226 13.80 -16.61 -18.33
C ASP B 226 14.51 -15.73 -19.32
N ASN B 227 15.86 -15.70 -19.37
CA ASN B 227 16.51 -14.85 -20.41
C ASN B 227 17.14 -15.83 -21.37
N MSE B 228 16.95 -17.12 -21.10
CA MSE B 228 17.59 -18.14 -21.90
C MSE B 228 16.55 -19.03 -22.60
O MSE B 228 16.69 -19.38 -23.84
CB MSE B 228 18.50 -19.01 -20.93
CG MSE B 228 19.26 -20.14 -21.73
SE MSE B 228 20.35 -19.35 -23.23
CE MSE B 228 21.38 -20.96 -23.68
N CYS B 229 15.51 -19.43 -21.85
CA CYS B 229 14.58 -20.35 -22.44
C CYS B 229 13.29 -20.61 -21.61
N CYS B 230 12.13 -20.51 -22.24
CA CYS B 230 10.90 -20.92 -21.42
C CYS B 230 9.92 -21.72 -22.19
N PHE B 231 8.93 -22.21 -21.45
CA PHE B 231 7.88 -22.95 -22.22
C PHE B 231 6.90 -22.02 -23.01
N ALA B 232 6.66 -22.31 -24.31
CA ALA B 232 5.71 -21.49 -25.12
C ALA B 232 4.25 -22.04 -25.08
N ARG B 233 4.08 -23.21 -24.47
CA ARG B 233 2.80 -23.91 -24.28
C ARG B 233 3.37 -25.32 -23.95
N PRO B 234 2.53 -26.29 -23.61
CA PRO B 234 3.13 -27.57 -23.30
C PRO B 234 3.91 -28.26 -24.44
N GLY B 235 5.08 -28.84 -24.11
CA GLY B 235 5.93 -29.46 -25.14
C GLY B 235 6.61 -28.52 -26.17
N VAL B 236 6.64 -27.21 -25.87
CA VAL B 236 7.16 -26.25 -26.87
C VAL B 236 7.91 -25.21 -26.00
N VAL B 237 9.11 -24.84 -26.44
CA VAL B 237 9.98 -23.86 -25.76
C VAL B 237 10.61 -22.96 -26.83
N LEU B 238 10.74 -21.70 -26.42
CA LEU B 238 11.50 -20.70 -27.19
C LEU B 238 12.94 -20.63 -26.60
N LEU B 239 13.94 -20.66 -27.47
CA LEU B 239 15.37 -20.66 -26.99
C LEU B 239 16.16 -19.52 -27.62
N SER B 240 16.86 -18.75 -26.77
CA SER B 240 17.73 -17.63 -27.32
C SER B 240 18.73 -18.29 -28.31
N TRP B 241 19.06 -17.58 -29.43
CA TRP B 241 19.89 -18.27 -30.43
C TRP B 241 20.65 -17.31 -31.27
N THR B 242 21.88 -17.68 -31.60
CA THR B 242 22.60 -16.88 -32.67
C THR B 242 23.31 -17.94 -33.52
N ASP B 243 23.46 -17.68 -34.86
CA ASP B 243 24.17 -18.68 -35.75
C ASP B 243 25.65 -18.28 -35.80
N ASP B 244 26.01 -17.15 -35.19
CA ASP B 244 27.43 -16.71 -35.24
C ASP B 244 28.29 -17.63 -34.34
N GLU B 245 29.06 -18.56 -34.95
CA GLU B 245 29.86 -19.49 -34.12
C GLU B 245 31.02 -18.90 -33.38
N THR B 246 31.36 -17.65 -33.69
CA THR B 246 32.39 -16.97 -32.96
C THR B 246 31.74 -16.23 -31.79
N ASP B 247 30.40 -16.18 -31.74
CA ASP B 247 29.74 -15.45 -30.59
C ASP B 247 29.81 -16.32 -29.30
N PRO B 248 30.21 -15.72 -28.16
CA PRO B 248 30.25 -16.53 -26.97
C PRO B 248 28.87 -17.08 -26.63
N GLN B 249 27.81 -16.46 -27.14
CA GLN B 249 26.49 -17.04 -26.89
C GLN B 249 26.30 -18.32 -27.67
N TYR B 250 26.94 -18.43 -28.87
CA TYR B 250 26.72 -19.63 -29.68
C TYR B 250 26.89 -20.92 -28.97
N GLU B 251 28.02 -21.11 -28.24
CA GLU B 251 28.20 -22.40 -27.55
C GLU B 251 27.17 -22.71 -26.46
N ARG B 252 26.67 -21.68 -25.77
CA ARG B 252 25.63 -21.86 -24.75
C ARG B 252 24.36 -22.30 -25.44
N SER B 253 24.00 -21.65 -26.55
CA SER B 253 22.78 -22.07 -27.23
C SER B 253 22.87 -23.48 -27.79
N VAL B 254 24.01 -23.83 -28.40
CA VAL B 254 24.13 -25.20 -28.93
C VAL B 254 24.05 -26.16 -27.75
N GLU B 255 24.69 -25.86 -26.63
CA GLU B 255 24.60 -26.80 -25.50
C GLU B 255 23.16 -26.92 -25.03
N ALA B 256 22.52 -25.74 -24.98
CA ALA B 256 21.10 -25.71 -24.57
C ALA B 256 20.25 -26.61 -25.41
N LEU B 257 20.39 -26.49 -26.74
CA LEU B 257 19.62 -27.36 -27.69
C LEU B 257 19.90 -28.86 -27.44
N SER B 258 21.16 -29.23 -27.14
CA SER B 258 21.52 -30.64 -26.90
C SER B 258 20.78 -31.26 -25.70
N VAL B 259 20.83 -30.54 -24.58
CA VAL B 259 20.11 -30.99 -23.39
C VAL B 259 18.62 -31.10 -23.66
N LEU B 260 18.02 -30.13 -24.38
CA LEU B 260 16.58 -30.18 -24.66
C LEU B 260 16.31 -31.45 -25.50
N SER B 261 17.22 -31.76 -26.44
CA SER B 261 17.03 -32.96 -27.33
C SER B 261 17.12 -34.28 -26.58
N ASN B 262 17.65 -34.22 -25.37
CA ASN B 262 17.75 -35.37 -24.55
C ASN B 262 16.85 -35.25 -23.35
N SER B 263 15.84 -34.39 -23.47
CA SER B 263 14.91 -34.23 -22.30
C SER B 263 13.47 -34.72 -22.55
N ILE B 264 12.83 -35.16 -21.49
CA ILE B 264 11.39 -35.56 -21.57
C ILE B 264 10.71 -34.79 -20.41
N ASP B 265 9.53 -34.24 -20.70
CA ASP B 265 8.84 -33.46 -19.67
C ASP B 265 8.04 -34.35 -18.70
N ALA B 266 7.35 -33.71 -17.77
CA ALA B 266 6.68 -34.45 -16.70
C ALA B 266 5.66 -35.40 -17.20
N ARG B 267 4.96 -35.06 -18.31
CA ARG B 267 3.94 -35.97 -18.87
C ARG B 267 4.57 -36.97 -19.90
N GLY B 268 5.83 -37.37 -19.70
CA GLY B 268 6.50 -38.32 -20.67
C GLY B 268 6.58 -37.92 -22.10
N ARG B 269 6.87 -36.63 -22.40
CA ARG B 269 7.02 -36.05 -23.72
C ARG B 269 8.37 -35.42 -24.21
N LYS B 270 8.70 -35.56 -25.47
CA LYS B 270 9.85 -34.80 -26.06
C LYS B 270 9.54 -33.29 -26.19
N ILE B 271 10.59 -32.49 -26.43
CA ILE B 271 10.42 -31.05 -26.54
C ILE B 271 10.55 -30.49 -27.98
N GLN B 272 9.58 -29.70 -28.40
CA GLN B 272 9.67 -29.00 -29.69
C GLN B 272 10.41 -27.68 -29.35
N VAL B 273 11.45 -27.29 -30.07
CA VAL B 273 12.25 -26.13 -29.79
C VAL B 273 12.17 -25.12 -30.95
N ILE B 274 11.89 -23.86 -30.57
CA ILE B 274 11.75 -22.77 -31.54
C ILE B 274 12.92 -21.74 -31.29
N LYS B 275 13.74 -21.36 -32.30
CA LYS B 275 14.88 -20.45 -32.08
C LYS B 275 14.43 -18.97 -32.10
N LEU B 276 14.88 -18.18 -31.09
CA LEU B 276 14.51 -16.73 -30.98
C LEU B 276 15.86 -16.06 -31.06
N TYR B 277 16.14 -15.48 -32.21
CA TYR B 277 17.48 -14.95 -32.38
C TYR B 277 17.81 -13.71 -31.58
N ILE B 278 18.91 -13.72 -30.81
CA ILE B 278 19.30 -12.53 -30.05
C ILE B 278 19.59 -11.34 -31.01
N PRO B 279 19.87 -10.19 -30.44
CA PRO B 279 20.16 -9.04 -31.35
C PRO B 279 21.60 -9.12 -31.61
N GLU B 280 21.97 -8.58 -32.77
CA GLU B 280 23.36 -8.53 -33.01
C GLU B 280 23.88 -7.78 -31.76
N PRO B 281 25.16 -7.90 -31.49
CA PRO B 281 25.87 -7.29 -30.38
C PRO B 281 25.47 -5.90 -29.98
N LEU B 282 25.06 -5.84 -28.74
CA LEU B 282 24.72 -4.63 -28.09
C LEU B 282 25.82 -4.43 -27.02
N TYR B 283 26.39 -3.23 -27.06
CA TYR B 283 27.45 -2.79 -26.14
C TYR B 283 27.08 -1.38 -25.60
N MSE B 284 27.18 -1.23 -24.28
CA MSE B 284 26.88 0.04 -23.64
C MSE B 284 27.79 1.10 -24.22
O MSE B 284 28.95 0.82 -24.41
CB MSE B 284 27.08 -0.05 -22.14
CG MSE B 284 26.71 1.25 -21.41
SE MSE B 284 26.81 1.21 -19.48
CE MSE B 284 25.01 0.55 -19.05
N THR B 285 27.21 2.28 -24.51
CA THR B 285 27.86 3.45 -25.09
C THR B 285 28.37 4.37 -23.99
N GLU B 286 28.98 5.47 -24.41
CA GLU B 286 29.55 6.45 -23.48
C GLU B 286 28.52 7.36 -22.83
N GLU B 287 27.63 7.89 -23.65
CA GLU B 287 26.58 8.76 -23.18
C GLU B 287 25.75 7.94 -22.17
N GLU B 288 25.60 6.64 -22.45
CA GLU B 288 24.82 5.76 -21.56
C GLU B 288 25.55 5.55 -20.25
N SER B 289 26.82 5.14 -20.31
CA SER B 289 27.57 4.91 -19.10
C SER B 289 27.83 6.20 -18.28
N SER B 290 27.95 7.32 -18.98
CA SER B 290 28.21 8.57 -18.26
C SER B 290 26.98 9.05 -17.46
N GLY B 291 25.79 8.60 -17.83
CA GLY B 291 24.59 9.04 -17.15
C GLY B 291 24.27 8.33 -15.85
N ILE B 292 25.13 7.39 -15.46
CA ILE B 292 25.00 6.56 -14.27
C ILE B 292 26.07 6.90 -13.22
N THR B 293 25.63 7.17 -11.98
CA THR B 293 26.53 7.50 -10.88
C THR B 293 27.62 6.47 -10.66
N GLN B 294 28.83 6.98 -10.49
CA GLN B 294 30.02 6.16 -10.28
C GLN B 294 30.50 6.18 -8.84
N ASP B 295 30.02 5.19 -8.08
CA ASP B 295 30.32 4.97 -6.66
C ASP B 295 30.82 3.53 -6.41
N GLY B 296 30.25 2.91 -5.38
CA GLY B 296 30.62 1.55 -5.04
C GLY B 296 29.61 0.87 -4.12
N GLU B 297 28.32 1.09 -4.33
CA GLU B 297 27.29 0.46 -3.48
C GLU B 297 26.67 -0.71 -4.25
N ALA B 298 26.86 -0.68 -5.57
CA ALA B 298 26.35 -1.71 -6.46
C ALA B 298 27.40 -2.04 -7.50
N ILE B 299 26.99 -2.87 -8.46
CA ILE B 299 27.88 -3.29 -9.54
C ILE B 299 28.18 -2.13 -10.53
N PRO B 300 29.47 -1.93 -10.89
CA PRO B 300 29.84 -0.86 -11.83
C PRO B 300 29.21 -1.05 -13.22
N ARG B 301 28.79 0.03 -13.88
CA ARG B 301 28.20 -0.04 -15.24
C ARG B 301 29.21 0.67 -16.17
N LEU B 302 30.00 -0.09 -16.91
CA LEU B 302 31.03 0.49 -17.77
C LEU B 302 30.77 0.37 -19.27
N ALA B 303 31.20 1.38 -20.04
CA ALA B 303 30.99 1.34 -21.50
C ALA B 303 31.73 0.13 -22.10
N GLY B 304 31.19 -0.40 -23.21
CA GLY B 304 31.75 -1.57 -23.89
C GLY B 304 31.27 -2.92 -23.33
N THR B 305 30.49 -2.88 -22.24
CA THR B 305 30.01 -4.16 -21.66
C THR B 305 28.98 -4.75 -22.62
N ARG B 306 29.08 -6.04 -22.92
CA ARG B 306 28.09 -6.67 -23.80
C ARG B 306 26.78 -6.68 -23.08
N LEU B 307 25.69 -6.33 -23.78
CA LEU B 307 24.39 -6.35 -23.16
C LEU B 307 23.83 -7.78 -23.19
N ALA B 308 23.20 -8.23 -22.11
CA ALA B 308 22.58 -9.58 -22.15
C ALA B 308 21.08 -9.34 -22.50
N ALA B 309 20.82 -9.01 -23.74
CA ALA B 309 19.50 -8.63 -24.11
C ALA B 309 19.03 -9.83 -24.87
N SER B 310 17.82 -10.25 -24.48
CA SER B 310 17.29 -11.34 -25.25
C SER B 310 15.79 -11.10 -25.41
N TYR B 311 15.27 -11.59 -26.53
CA TYR B 311 13.85 -11.49 -26.77
C TYR B 311 12.96 -12.52 -26.07
N VAL B 312 13.64 -13.54 -25.49
CA VAL B 312 12.89 -14.60 -24.79
C VAL B 312 12.36 -14.11 -23.43
N ASN B 313 12.82 -12.96 -22.95
CA ASN B 313 12.42 -12.39 -21.64
C ASN B 313 11.20 -11.46 -21.96
N PHE B 314 10.17 -12.09 -22.51
CA PHE B 314 8.91 -11.35 -22.77
C PHE B 314 7.92 -11.73 -21.69
N TYR B 315 6.71 -11.16 -21.73
CA TYR B 315 5.73 -11.48 -20.66
C TYR B 315 4.34 -12.01 -21.11
N ILE B 316 3.93 -13.08 -20.46
CA ILE B 316 2.56 -13.47 -20.88
C ILE B 316 1.49 -12.86 -20.01
N ALA B 317 0.50 -12.19 -20.65
CA ALA B 317 -0.65 -11.48 -19.92
C ALA B 317 -1.86 -12.15 -20.55
N ASN B 318 -3.05 -11.92 -19.98
CA ASN B 318 -4.28 -12.53 -20.49
C ASN B 318 -4.52 -12.11 -21.91
N GLY B 319 -4.22 -13.03 -22.86
CA GLY B 319 -4.36 -12.69 -24.27
C GLY B 319 -3.29 -11.78 -24.89
N GLY B 320 -2.21 -11.49 -24.16
CA GLY B 320 -1.23 -10.54 -24.71
C GLY B 320 0.22 -11.06 -24.53
N ILE B 321 1.12 -10.63 -25.42
CA ILE B 321 2.55 -10.99 -25.29
C ILE B 321 3.29 -9.67 -25.34
N ILE B 322 3.99 -9.29 -24.24
CA ILE B 322 4.67 -7.99 -24.17
C ILE B 322 6.12 -8.25 -24.42
N ALA B 323 6.61 -7.84 -25.62
CA ALA B 323 7.95 -8.24 -26.07
C ALA B 323 8.87 -7.06 -26.22
N PRO B 324 10.16 -7.21 -25.94
CA PRO B 324 11.07 -6.08 -26.06
C PRO B 324 11.47 -5.84 -27.54
N GLN B 325 11.99 -4.60 -27.68
CA GLN B 325 12.62 -4.21 -28.96
C GLN B 325 13.92 -3.50 -28.59
N PHE B 326 14.99 -3.94 -29.22
CA PHE B 326 16.28 -3.45 -28.79
C PHE B 326 16.94 -2.47 -29.76
N GLY B 327 16.29 -2.24 -30.90
CA GLY B 327 16.86 -1.31 -31.91
C GLY B 327 17.60 -2.08 -33.00
N ASP B 328 17.41 -3.41 -33.13
CA ASP B 328 18.09 -4.23 -34.21
C ASP B 328 16.92 -4.41 -35.15
N PRO B 329 16.94 -3.70 -36.32
CA PRO B 329 15.78 -3.83 -37.16
C PRO B 329 15.33 -5.17 -37.66
N ILE B 330 16.24 -5.94 -38.20
CA ILE B 330 15.85 -7.20 -38.76
C ILE B 330 15.49 -8.13 -37.60
N ARG B 331 16.32 -8.16 -36.52
CA ARG B 331 15.98 -9.13 -35.42
C ARG B 331 14.78 -8.71 -34.58
N ASP B 332 14.52 -7.42 -34.44
CA ASP B 332 13.29 -6.95 -33.73
C ASP B 332 12.05 -7.36 -34.48
N LYS B 333 12.02 -7.23 -35.83
CA LYS B 333 10.78 -7.59 -36.54
C LYS B 333 10.61 -9.09 -36.67
N GLU B 334 11.72 -9.81 -36.72
CA GLU B 334 11.67 -11.22 -36.80
C GLU B 334 11.23 -11.78 -35.48
N ALA B 335 11.67 -11.18 -34.36
CA ALA B 335 11.17 -11.74 -33.04
C ALA B 335 9.68 -11.44 -32.90
N ILE B 336 9.19 -10.27 -33.39
CA ILE B 336 7.75 -10.07 -33.31
C ILE B 336 7.02 -11.07 -34.21
N ARG B 337 7.62 -11.39 -35.39
CA ARG B 337 6.96 -12.39 -36.24
C ARG B 337 6.96 -13.78 -35.60
N VAL B 338 8.11 -14.23 -35.03
CA VAL B 338 8.12 -15.57 -34.38
C VAL B 338 7.17 -15.64 -33.21
N LEU B 339 7.19 -14.60 -32.38
CA LEU B 339 6.26 -14.65 -31.25
C LEU B 339 4.78 -14.60 -31.67
N SER B 340 4.47 -13.83 -32.72
CA SER B 340 3.04 -13.80 -33.18
C SER B 340 2.67 -15.20 -33.74
N ASP B 341 3.61 -15.88 -34.43
CA ASP B 341 3.32 -17.22 -34.92
C ASP B 341 3.23 -18.24 -33.80
N THR B 342 4.08 -18.08 -32.75
CA THR B 342 4.10 -19.02 -31.67
C THR B 342 2.95 -18.81 -30.70
N PHE B 343 2.44 -17.58 -30.64
CA PHE B 343 1.28 -17.24 -29.75
C PHE B 343 0.17 -16.70 -30.66
N PRO B 344 -0.48 -17.60 -31.46
CA PRO B 344 -1.52 -17.12 -32.39
C PRO B 344 -2.80 -16.60 -31.79
N HIS B 345 -3.07 -16.97 -30.53
CA HIS B 345 -4.28 -16.52 -29.85
C HIS B 345 -3.94 -15.36 -28.92
N HIS B 346 -2.74 -14.75 -29.09
CA HIS B 346 -2.39 -13.63 -28.25
C HIS B 346 -2.05 -12.52 -29.18
N SER B 347 -2.21 -11.31 -28.71
CA SER B 347 -1.81 -10.12 -29.44
C SER B 347 -0.45 -9.72 -29.00
N VAL B 348 0.49 -9.67 -29.93
CA VAL B 348 1.86 -9.22 -29.59
C VAL B 348 2.03 -7.70 -29.54
N VAL B 349 2.85 -7.19 -28.58
CA VAL B 349 3.08 -5.77 -28.43
C VAL B 349 4.53 -5.48 -28.16
N GLY B 350 5.16 -4.79 -29.11
CA GLY B 350 6.57 -4.48 -28.99
C GLY B 350 6.87 -3.26 -28.11
N ILE B 351 7.84 -3.38 -27.21
CA ILE B 351 8.20 -2.29 -26.30
C ILE B 351 9.45 -1.57 -26.74
N GLU B 352 9.32 -0.34 -27.27
CA GLU B 352 10.54 0.32 -27.71
C GLU B 352 11.45 0.78 -26.53
N ASN B 353 12.74 0.91 -26.80
CA ASN B 353 13.72 1.29 -25.80
C ASN B 353 13.91 0.25 -24.69
N ALA B 354 13.72 -1.03 -25.04
CA ALA B 354 14.01 -2.06 -24.02
C ALA B 354 15.49 -2.00 -23.68
N ARG B 355 16.29 -1.48 -24.58
CA ARG B 355 17.67 -1.33 -24.23
C ARG B 355 17.78 -0.57 -22.89
N GLU B 356 16.85 0.36 -22.65
CA GLU B 356 16.92 1.09 -21.38
C GLU B 356 16.88 0.12 -20.14
N ILE B 357 16.08 -0.94 -20.24
CA ILE B 357 16.08 -1.87 -19.10
C ILE B 357 17.30 -2.83 -19.28
N VAL B 358 17.56 -3.18 -20.53
CA VAL B 358 18.65 -4.04 -20.84
C VAL B 358 19.95 -3.55 -20.25
N LEU B 359 20.13 -2.21 -20.18
CA LEU B 359 21.35 -1.58 -19.60
C LEU B 359 21.51 -1.82 -18.14
N ALA B 360 20.37 -2.07 -17.44
CA ALA B 360 20.43 -2.35 -16.00
C ALA B 360 20.44 -3.86 -15.71
N GLY B 361 20.59 -4.65 -16.78
CA GLY B 361 20.80 -6.05 -16.65
C GLY B 361 19.57 -6.92 -16.74
N GLY B 362 18.42 -6.35 -17.06
CA GLY B 362 17.22 -7.18 -17.16
C GLY B 362 16.28 -6.69 -18.25
N ASN B 363 15.09 -7.26 -18.34
CA ASN B 363 14.15 -6.86 -19.41
C ASN B 363 12.73 -6.96 -18.89
N ILE B 364 11.74 -7.09 -19.76
CA ILE B 364 10.30 -7.03 -19.41
C ILE B 364 9.94 -8.21 -18.45
N HIS B 365 10.36 -9.42 -18.76
CA HIS B 365 9.89 -10.44 -17.84
C HIS B 365 10.52 -10.27 -16.44
N CYS B 366 11.57 -9.45 -16.25
CA CYS B 366 12.23 -9.25 -14.98
C CYS B 366 11.52 -8.20 -14.16
N ILE B 367 10.72 -7.37 -14.82
CA ILE B 367 10.08 -6.30 -14.03
C ILE B 367 8.63 -6.53 -13.65
N THR B 368 8.13 -7.72 -14.05
CA THR B 368 6.72 -8.11 -13.79
C THR B 368 6.65 -9.30 -12.87
N GLN B 369 5.46 -9.42 -12.27
CA GLN B 369 5.20 -10.68 -11.48
C GLN B 369 3.67 -10.89 -11.57
N GLN B 370 3.25 -12.06 -12.11
CA GLN B 370 1.77 -12.23 -12.23
C GLN B 370 1.13 -12.57 -10.91
N GLN B 371 -0.11 -12.06 -10.76
CA GLN B 371 -0.90 -12.53 -9.62
C GLN B 371 -1.96 -13.48 -10.24
N PRO B 372 -1.98 -14.77 -9.81
CA PRO B 372 -3.01 -15.61 -10.49
C PRO B 372 -4.44 -15.15 -10.09
N ALA B 373 -5.38 -15.31 -11.03
CA ALA B 373 -6.80 -15.12 -10.69
C ALA B 373 -7.05 -16.28 -9.75
N GLU B 374 -7.68 -16.10 -8.56
CA GLU B 374 -7.91 -17.25 -7.65
C GLU B 374 -9.06 -18.12 -8.22
N PRO B 375 -8.85 -19.45 -8.35
CA PRO B 375 -9.94 -20.31 -8.89
C PRO B 375 -11.05 -20.23 -7.83
N THR B 376 -12.19 -19.70 -8.29
CA THR B 376 -13.42 -19.50 -7.53
C THR B 376 -13.87 -20.84 -6.93
MG MG C . -6.11 15.59 2.01
C1 EDO D . -2.42 17.31 16.78
O1 EDO D . -2.97 17.24 18.13
C2 EDO D . -0.92 17.05 16.75
O2 EDO D . -0.62 16.11 17.77
C1 EDO E . -28.10 7.49 30.39
O1 EDO E . -28.67 6.75 31.50
C2 EDO E . -28.03 9.01 30.75
O2 EDO E . -27.21 9.28 31.91
C1 EDO F . -7.18 15.43 15.94
O1 EDO F . -5.79 15.35 15.80
C2 EDO F . -7.40 16.18 17.27
O2 EDO F . -6.16 16.11 18.02
C1 EDO G . -4.10 30.53 7.63
O1 EDO G . -3.29 29.34 7.90
C2 EDO G . -4.76 30.43 6.26
O2 EDO G . -4.96 29.05 5.92
C1 EDO H . -7.46 26.03 26.05
O1 EDO H . -6.92 25.01 25.14
C2 EDO H . -8.79 26.54 25.39
O2 EDO H . -9.70 25.45 25.23
C1 EDO I . 1.69 -0.68 -0.34
O1 EDO I . 0.76 -1.67 0.28
C2 EDO I . 1.41 0.68 0.30
O2 EDO I . 0.05 0.83 0.63
C1 EDO J . -10.22 24.27 38.15
O1 EDO J . -10.07 23.59 36.87
C2 EDO J . -11.20 23.45 39.01
O2 EDO J . -11.77 22.43 38.20
S1 MPO K . -28.07 12.98 2.98
O1 MPO K . -27.37 13.27 4.30
O2 MPO K . -28.12 13.67 1.62
O4 MPO K . -31.32 5.63 1.66
N1 MPO K . -31.11 8.55 1.85
C1 MPO K . -29.76 12.04 3.16
O3 MPO K . -28.80 14.30 3.51
C2 MPO K . -29.77 10.57 2.53
C3 MPO K . -31.17 9.84 2.64
C4 MPO K . -32.42 7.83 1.93
C5 MPO K . -32.34 6.51 1.10
C6 MPO K . -30.04 6.32 1.48
C7 MPO K . -30.05 7.61 2.37
MG MG L . 11.25 -12.79 -0.43
C1 EDO M . 17.80 -8.43 -12.96
O1 EDO M . 17.94 -8.97 -14.29
C2 EDO M . 16.51 -8.94 -12.38
O2 EDO M . 16.15 -10.11 -13.03
C1 EDO N . -0.20 -20.64 -24.79
O1 EDO N . -1.52 -20.17 -25.11
C2 EDO N . -0.37 -21.92 -24.08
O2 EDO N . -1.19 -22.78 -24.85
C1 EDO O . -8.36 -4.94 -19.14
O1 EDO O . -8.86 -3.69 -19.62
C2 EDO O . -8.09 -4.78 -17.67
O2 EDO O . -8.83 -5.74 -17.00
C1 EDO P . 25.46 -12.57 -9.39
O1 EDO P . 25.15 -11.16 -9.18
C2 EDO P . 26.77 -12.65 -10.23
O2 EDO P . 27.86 -13.08 -9.46
C1 EDO Q . 4.86 -21.18 6.82
O1 EDO Q . 4.86 -22.39 5.94
C2 EDO Q . 5.79 -20.19 6.19
O2 EDO Q . 5.22 -18.93 6.25
C1 EDO R . -4.41 -22.09 -12.61
O1 EDO R . -3.90 -22.90 -13.71
C2 EDO R . -4.39 -20.59 -12.95
O2 EDO R . -5.25 -19.94 -11.99
N ARG A 5 -14.42 20.35 -12.32
CA ARG A 5 -14.50 20.45 -10.82
C ARG A 5 -15.91 20.13 -10.31
N GLU A 6 -16.42 18.98 -10.71
CA GLU A 6 -17.74 18.55 -10.32
C GLU A 6 -17.86 18.12 -8.85
N SER A 7 -18.91 18.60 -8.18
CA SER A 7 -19.08 18.24 -6.78
C SER A 7 -19.74 16.87 -6.63
N PRO A 8 -19.61 16.30 -5.44
CA PRO A 8 -20.21 15.01 -5.16
C PRO A 8 -21.74 15.00 -5.34
N ALA A 9 -22.41 16.06 -4.93
CA ALA A 9 -23.86 16.19 -5.03
C ALA A 9 -24.25 16.02 -6.52
N GLU A 10 -23.41 16.45 -7.45
CA GLU A 10 -23.76 16.25 -8.88
C GLU A 10 -23.80 14.77 -9.23
N HIS A 11 -23.00 13.96 -8.52
CA HIS A 11 -22.97 12.53 -8.76
C HIS A 11 -23.85 11.71 -7.82
N GLY A 12 -24.61 12.37 -6.96
CA GLY A 12 -25.50 11.62 -6.09
C GLY A 12 -24.94 11.18 -4.72
N TYR A 13 -23.75 11.66 -4.42
CA TYR A 13 -23.10 11.19 -3.15
C TYR A 13 -23.47 11.95 -1.87
N TYR A 14 -23.30 11.29 -0.75
CA TYR A 14 -23.51 12.00 0.53
C TYR A 14 -22.71 11.25 1.61
N MSE A 15 -22.35 11.98 2.65
CA MSE A 15 -21.62 11.33 3.76
C MSE A 15 -22.63 10.60 4.65
O MSE A 15 -23.52 11.23 5.24
CB MSE A 15 -20.90 12.40 4.62
CG MSE A 15 -20.24 11.75 5.77
SE MSE A 15 -19.20 13.18 6.84
CE MSE A 15 -20.30 14.80 6.33
N PRO A 16 -22.47 9.27 4.82
CA PRO A 16 -23.36 8.50 5.68
C PRO A 16 -22.90 8.62 7.17
N ALA A 17 -23.81 8.24 8.06
CA ALA A 17 -23.46 8.36 9.50
C ALA A 17 -22.48 7.27 9.97
N GLU A 18 -21.75 7.64 11.01
CA GLU A 18 -20.79 6.70 11.50
C GLU A 18 -21.32 5.36 11.84
N TRP A 19 -22.59 5.32 12.24
CA TRP A 19 -23.20 4.02 12.57
C TRP A 19 -23.57 3.18 11.33
N ASP A 20 -23.39 3.67 10.09
CA ASP A 20 -23.66 2.77 8.96
C ASP A 20 -22.63 1.64 8.91
N SER A 21 -22.94 0.63 8.07
CA SER A 21 -22.10 -0.51 8.02
C SER A 21 -20.80 -0.18 7.31
N HIS A 22 -19.72 -0.59 7.92
CA HIS A 22 -18.42 -0.34 7.30
C HIS A 22 -17.88 -1.56 6.55
N ALA A 23 -16.98 -1.30 5.62
CA ALA A 23 -16.12 -2.30 4.97
C ALA A 23 -14.88 -2.47 5.81
N GLN A 24 -14.38 -1.37 6.41
CA GLN A 24 -13.18 -1.51 7.21
C GLN A 24 -12.87 -0.19 7.85
N THR A 25 -12.00 -0.23 8.83
CA THR A 25 -11.57 1.03 9.47
C THR A 25 -10.07 1.20 9.14
N TRP A 26 -9.69 2.44 8.82
CA TRP A 26 -8.27 2.81 8.56
C TRP A 26 -7.68 3.54 9.81
N ILE A 27 -6.43 3.20 10.18
CA ILE A 27 -5.75 3.78 11.35
C ILE A 27 -4.29 4.00 11.02
N GLY A 28 -3.69 5.13 11.46
CA GLY A 28 -2.23 5.33 11.22
C GLY A 28 -1.35 4.68 12.35
N TRP A 29 -0.16 5.18 12.57
CA TRP A 29 0.78 4.52 13.54
C TRP A 29 1.65 5.65 14.05
N PRO A 30 1.72 5.82 15.38
CA PRO A 30 2.53 6.96 15.91
C PRO A 30 4.06 6.74 15.93
N GLU A 31 4.76 7.87 15.78
CA GLU A 31 6.22 7.76 15.61
C GLU A 31 7.01 8.98 16.00
N ARG A 32 6.51 10.19 15.77
CA ARG A 32 7.41 11.33 15.98
C ARG A 32 7.75 11.54 17.46
N GLN A 33 9.01 11.79 17.73
CA GLN A 33 9.52 11.93 19.14
C GLN A 33 9.24 13.29 19.80
N ASP A 34 8.83 14.27 19.03
CA ASP A 34 8.46 15.56 19.60
C ASP A 34 6.97 15.65 19.92
N ASN A 35 6.21 14.54 19.68
CA ASN A 35 4.83 14.50 20.07
C ASN A 35 4.65 13.22 20.85
N TRP A 36 5.44 12.18 20.57
CA TRP A 36 5.22 10.88 21.21
C TRP A 36 6.38 10.42 22.10
N ARG A 37 6.12 10.50 23.39
CA ARG A 37 7.20 10.15 24.31
C ARG A 37 7.81 8.74 24.07
N HIS A 38 9.03 8.55 24.57
CA HIS A 38 9.58 7.18 24.55
C HIS A 38 9.45 6.40 23.24
N ASN A 39 9.69 7.15 22.17
CA ASN A 39 9.61 6.53 20.87
C ASN A 39 8.23 5.90 20.50
N ALA A 40 7.16 6.48 21.09
CA ALA A 40 5.75 6.09 20.91
C ALA A 40 5.46 4.70 21.35
N LEU A 41 6.48 4.07 21.94
CA LEU A 41 6.30 2.67 22.26
C LEU A 41 5.02 2.41 23.07
N PRO A 42 4.69 3.21 24.16
CA PRO A 42 3.45 2.93 24.92
C PRO A 42 2.13 3.21 24.09
N ALA A 43 2.24 4.25 23.26
CA ALA A 43 1.10 4.73 22.40
C ALA A 43 0.78 3.70 21.33
N GLN A 44 1.73 2.82 21.09
CA GLN A 44 1.52 1.79 19.98
C GLN A 44 0.60 0.68 20.54
N ARG A 45 0.92 0.23 21.80
CA ARG A 45 0.10 -0.76 22.41
C ARG A 45 -1.39 -0.26 22.51
N VAL A 46 -1.62 1.05 22.76
CA VAL A 46 -2.98 1.56 22.76
C VAL A 46 -3.59 1.62 21.31
N PHE A 47 -2.86 2.17 20.34
CA PHE A 47 -3.36 2.11 18.94
C PHE A 47 -3.66 0.61 18.60
N ALA A 48 -2.72 -0.30 18.92
CA ALA A 48 -2.83 -1.74 18.67
C ALA A 48 -4.14 -2.32 19.27
N GLY A 49 -4.41 -1.82 20.49
CA GLY A 49 -5.55 -2.19 21.26
C GLY A 49 -6.83 -1.70 20.64
N VAL A 50 -6.85 -0.45 20.17
CA VAL A 50 -8.03 0.05 19.48
C VAL A 50 -8.26 -0.82 18.15
N ALA A 51 -7.18 -1.03 17.35
CA ALA A 51 -7.18 -1.78 16.08
C ALA A 51 -7.75 -3.22 16.26
N LYS A 52 -7.37 -3.80 17.42
CA LYS A 52 -7.80 -5.14 17.82
C LYS A 52 -9.25 -5.04 18.37
N ALA A 53 -9.63 -4.07 19.18
CA ALA A 53 -11.01 -4.03 19.55
C ALA A 53 -11.93 -3.86 18.32
N ILE A 54 -11.62 -2.91 17.42
CA ILE A 54 -12.45 -2.76 16.20
C ILE A 54 -12.45 -4.02 15.31
N SER A 55 -11.32 -4.76 15.20
CA SER A 55 -11.19 -5.95 14.29
C SER A 55 -12.18 -7.04 14.73
N LYS A 56 -12.68 -7.00 15.97
CA LYS A 56 -13.67 -7.95 16.43
C LYS A 56 -15.06 -7.61 15.80
N PHE A 57 -15.18 -6.39 15.23
CA PHE A 57 -16.43 -5.94 14.59
C PHE A 57 -16.37 -5.82 13.06
N GLU A 58 -15.16 -5.49 12.51
CA GLU A 58 -14.98 -5.24 11.06
C GLU A 58 -13.48 -5.26 10.81
N PRO A 59 -13.07 -5.37 9.52
CA PRO A 59 -11.67 -5.38 9.12
C PRO A 59 -10.98 -4.05 9.45
N VAL A 60 -9.69 -4.15 9.76
CA VAL A 60 -8.83 -3.03 10.01
C VAL A 60 -7.57 -3.05 9.21
N THR A 61 -7.18 -1.86 8.69
CA THR A 61 -5.89 -1.70 8.06
C THR A 61 -5.11 -0.62 8.84
N VAL A 62 -3.85 -0.93 9.15
CA VAL A 62 -2.92 0.02 9.77
C VAL A 62 -1.85 0.42 8.75
N CYS A 63 -1.56 1.72 8.70
CA CYS A 63 -0.57 2.20 7.79
C CYS A 63 0.63 2.62 8.57
N ALA A 64 1.80 2.16 8.13
CA ALA A 64 2.99 2.50 8.91
C ALA A 64 4.09 2.89 7.98
N SER A 65 4.97 3.69 8.55
CA SER A 65 6.12 4.15 7.81
C SER A 65 7.00 2.98 7.38
N PRO A 66 7.83 3.22 6.35
CA PRO A 66 8.66 2.09 6.00
C PRO A 66 9.56 1.67 7.23
N ALA A 67 10.00 2.65 8.03
CA ALA A 67 10.90 2.28 9.10
C ALA A 67 10.10 1.78 10.31
N GLN A 68 8.76 1.61 10.14
CA GLN A 68 7.90 1.08 11.24
C GLN A 68 7.11 -0.19 10.78
N TRP A 69 6.96 -0.38 9.49
CA TRP A 69 6.14 -1.44 8.94
C TRP A 69 6.43 -2.82 9.58
N GLU A 70 7.69 -3.23 9.76
CA GLU A 70 7.86 -4.58 10.35
C GLU A 70 7.46 -4.60 11.82
N ASN A 71 7.76 -3.55 12.58
CA ASN A 71 7.35 -3.55 14.03
C ASN A 71 5.81 -3.61 14.11
N ALA A 72 5.13 -2.82 13.32
CA ALA A 72 3.65 -2.82 13.33
C ALA A 72 3.08 -4.17 12.94
N ARG A 73 3.64 -4.78 11.88
CA ARG A 73 3.18 -6.05 11.42
C ARG A 73 3.44 -7.16 12.48
N LYS A 74 4.52 -6.97 13.23
CA LYS A 74 4.92 -7.97 14.26
C LYS A 74 3.99 -7.82 15.43
N GLN A 75 3.58 -6.61 15.75
CA GLN A 75 2.66 -6.33 16.91
C GLN A 75 1.24 -6.75 16.67
N LEU A 76 0.73 -6.55 15.47
CA LEU A 76 -0.70 -6.77 15.24
C LEU A 76 -1.05 -8.16 14.74
N PRO A 77 -2.12 -8.73 15.27
CA PRO A 77 -2.52 -10.06 14.80
C PRO A 77 -2.67 -9.99 13.26
N GLU A 78 -2.39 -11.10 12.56
CA GLU A 78 -2.40 -11.12 11.07
C GLU A 78 -3.73 -10.85 10.42
N ASP A 79 -4.83 -10.84 11.20
CA ASP A 79 -6.12 -10.55 10.50
C ASP A 79 -6.31 -9.05 10.33
N ILE A 80 -5.41 -8.32 10.92
CA ILE A 80 -5.39 -6.84 10.71
C ILE A 80 -4.40 -6.66 9.61
N ARG A 81 -4.88 -6.09 8.50
CA ARG A 81 -3.97 -5.81 7.37
C ARG A 81 -3.08 -4.66 7.79
N VAL A 82 -1.79 -4.70 7.42
CA VAL A 82 -0.77 -3.64 7.63
C VAL A 82 -0.10 -3.25 6.29
N VAL A 83 -0.24 -1.97 5.87
CA VAL A 83 0.46 -1.49 4.61
C VAL A 83 1.45 -0.36 4.94
N GLU A 84 2.35 -0.08 4.01
CA GLU A 84 3.36 1.02 4.12
C GLU A 84 2.83 2.37 3.66
N MSE A 85 3.15 3.43 4.45
CA MSE A 85 2.72 4.79 4.07
C MSE A 85 3.51 5.87 4.80
O MSE A 85 3.55 5.91 6.04
CB MSE A 85 1.26 5.01 4.43
CG MSE A 85 0.62 6.48 3.98
SE MSE A 85 -1.35 6.39 4.23
CE MSE A 85 -1.99 4.83 2.93
N SER A 86 4.13 6.77 4.03
CA SER A 86 4.81 7.98 4.65
C SER A 86 3.77 8.85 5.41
N MSE A 87 4.14 9.50 6.54
CA MSE A 87 3.10 10.37 7.15
C MSE A 87 3.75 11.29 8.20
O MSE A 87 4.47 10.81 9.04
CB MSE A 87 1.88 9.63 7.81
CG MSE A 87 2.23 8.95 9.14
SE MSE A 87 1.03 7.52 9.66
CE MSE A 87 1.82 6.47 8.13
N ASN A 88 3.49 12.61 8.15
CA ASN A 88 4.10 13.37 9.31
C ASN A 88 3.60 12.94 10.65
N ASP A 89 2.30 12.70 10.82
CA ASP A 89 1.84 12.14 12.13
C ASP A 89 0.75 11.12 11.87
N SER A 90 0.10 10.62 12.94
CA SER A 90 -0.79 9.50 12.71
C SER A 90 -2.17 9.79 13.18
N TRP A 91 -2.74 10.79 12.46
CA TRP A 91 -4.10 11.23 12.82
C TRP A 91 -4.86 11.11 11.49
N PHE A 92 -5.43 9.92 11.29
CA PHE A 92 -6.09 9.70 10.02
C PHE A 92 -7.54 10.19 10.03
N ARG A 93 -8.12 10.48 11.21
CA ARG A 93 -9.46 11.13 11.20
C ARG A 93 -9.37 12.43 10.36
N ASP A 94 -8.25 13.10 10.53
CA ASP A 94 -8.11 14.42 9.93
C ASP A 94 -7.38 14.47 8.60
N SER A 95 -6.35 13.63 8.43
CA SER A 95 -5.63 13.62 7.17
C SER A 95 -6.14 12.60 6.17
N GLY A 96 -6.97 11.63 6.64
CA GLY A 96 -7.52 10.61 5.75
C GLY A 96 -8.71 11.20 5.00
N PRO A 97 -9.26 10.38 4.11
CA PRO A 97 -10.38 10.87 3.31
C PRO A 97 -11.72 10.82 4.02
N THR A 98 -12.62 11.70 3.56
CA THR A 98 -13.99 11.58 4.10
C THR A 98 -14.79 10.80 3.02
N PHE A 99 -14.98 9.48 3.25
CA PHE A 99 -15.73 8.74 2.19
C PHE A 99 -17.24 9.16 2.22
N ILE A 100 -17.87 8.89 1.06
CA ILE A 100 -19.27 9.24 0.82
C ILE A 100 -19.98 8.13 0.02
N VAL A 101 -21.29 8.23 -0.13
CA VAL A 101 -21.91 7.10 -0.86
C VAL A 101 -23.08 7.53 -1.62
N ARG A 102 -23.30 6.83 -2.75
CA ARG A 102 -24.52 7.13 -3.52
C ARG A 102 -25.27 5.85 -3.77
N LYS A 103 -26.53 6.03 -4.18
CA LYS A 103 -27.43 4.95 -4.55
C LYS A 103 -27.07 4.35 -5.94
N ARG A 104 -26.53 5.14 -6.88
CA ARG A 104 -26.30 4.48 -8.17
C ARG A 104 -25.66 5.24 -9.31
N ASN A 112 -19.79 3.30 -12.34
CA ASN A 112 -18.46 3.36 -11.71
C ASN A 112 -18.62 2.87 -10.29
N ARG A 113 -17.77 3.35 -9.35
CA ARG A 113 -17.89 2.98 -7.94
C ARG A 113 -19.02 3.72 -7.21
N ASN A 114 -19.79 3.05 -6.33
CA ASN A 114 -20.85 3.78 -5.58
C ASN A 114 -20.35 4.26 -4.24
N ILE A 115 -19.05 4.12 -4.09
CA ILE A 115 -18.37 4.70 -2.88
C ILE A 115 -17.24 5.46 -3.47
N ALA A 116 -17.10 6.73 -3.03
CA ALA A 116 -16.04 7.71 -3.40
C ALA A 116 -15.42 8.27 -2.09
N GLY A 117 -14.49 9.22 -2.19
CA GLY A 117 -13.90 9.84 -0.98
C GLY A 117 -13.51 11.27 -1.30
N ILE A 118 -13.61 12.11 -0.26
CA ILE A 118 -13.22 13.54 -0.46
C ILE A 118 -11.80 13.68 0.07
N ASP A 119 -10.87 14.29 -0.72
CA ASP A 119 -9.48 14.54 -0.30
C ASP A 119 -9.36 16.04 -0.09
N TRP A 120 -9.64 16.50 1.13
CA TRP A 120 -9.54 17.91 1.48
C TRP A 120 -8.05 18.38 1.61
N ASN A 121 -7.81 19.71 1.47
CA ASN A 121 -6.48 20.25 1.76
C ASN A 121 -6.33 20.17 3.30
N PHE A 122 -5.05 20.28 3.74
CA PHE A 122 -4.72 20.15 5.15
C PHE A 122 -3.50 21.07 5.50
N ASN A 123 -3.49 21.63 6.73
CA ASN A 123 -2.32 22.44 7.12
C ASN A 123 -1.80 22.22 8.50
N ALA A 124 -1.96 20.95 8.96
CA ALA A 124 -1.51 20.62 10.33
C ALA A 124 -2.17 21.53 11.38
N TRP A 125 -3.44 21.78 11.16
CA TRP A 125 -4.25 22.43 12.16
C TRP A 125 -3.67 23.77 12.50
N GLY A 126 -3.87 24.63 11.52
CA GLY A 126 -3.50 26.01 11.74
C GLY A 126 -2.44 26.60 10.79
N GLY A 127 -1.60 25.75 10.17
CA GLY A 127 -0.66 26.27 9.17
C GLY A 127 0.66 26.69 9.72
N ALA A 128 1.33 27.57 8.97
CA ALA A 128 2.70 28.01 9.36
C ALA A 128 2.83 28.52 10.76
N ASN A 129 1.86 29.35 11.16
CA ASN A 129 1.87 29.98 12.49
C ASN A 129 1.20 29.16 13.63
N ASP A 130 -0.04 28.72 13.35
CA ASP A 130 -0.83 28.05 14.39
C ASP A 130 -0.77 26.52 14.27
N GLY A 131 -0.08 26.04 13.23
CA GLY A 131 -0.03 24.59 13.01
C GLY A 131 0.64 23.74 14.09
N CYS A 132 0.33 22.47 14.18
CA CYS A 132 0.90 21.70 15.30
C CYS A 132 2.31 21.22 15.03
N TYR A 133 2.70 21.24 13.77
CA TYR A 133 4.07 20.89 13.41
C TYR A 133 4.47 21.54 12.12
N ASN A 134 5.78 21.52 11.86
CA ASN A 134 6.31 22.32 10.77
C ASN A 134 6.13 21.85 9.35
N ASP A 135 6.08 20.51 9.16
CA ASP A 135 5.94 20.02 7.79
C ASP A 135 4.73 19.05 7.74
N TRP A 136 3.97 19.14 6.68
CA TRP A 136 2.75 18.25 6.59
C TRP A 136 2.56 17.84 5.15
N SER A 137 3.71 17.69 4.45
CA SER A 137 3.72 17.32 3.00
C SER A 137 3.29 15.88 2.71
N HIS A 138 3.70 14.99 3.62
CA HIS A 138 3.39 13.56 3.49
C HIS A 138 1.87 13.39 3.84
N ASP A 139 1.34 14.17 4.82
CA ASP A 139 -0.09 14.13 5.24
C ASP A 139 -1.04 14.59 4.14
N LEU A 140 -0.54 15.55 3.37
CA LEU A 140 -1.24 16.08 2.25
C LEU A 140 -1.46 14.94 1.23
N LEU A 141 -0.71 13.82 1.28
CA LEU A 141 -0.85 12.72 0.32
C LEU A 141 -1.59 11.46 0.87
N VAL A 142 -1.97 11.49 2.15
CA VAL A 142 -2.60 10.26 2.76
C VAL A 142 -3.99 9.97 2.15
N SER A 143 -4.84 10.99 1.95
CA SER A 143 -6.17 10.73 1.46
C SER A 143 -6.08 9.98 0.10
N ARG A 144 -5.28 10.54 -0.80
CA ARG A 144 -5.09 9.96 -2.11
C ARG A 144 -4.45 8.58 -2.19
N LYS A 145 -3.68 8.20 -1.18
CA LYS A 145 -2.98 6.94 -1.26
C LYS A 145 -3.98 5.86 -0.79
N ILE A 146 -4.81 6.21 0.21
CA ILE A 146 -5.80 5.27 0.72
C ILE A 146 -6.91 4.98 -0.37
N LEU A 147 -7.42 6.02 -1.00
CA LEU A 147 -8.45 5.83 -2.01
C LEU A 147 -7.91 4.99 -3.17
N ALA A 148 -6.65 5.24 -3.61
CA ALA A 148 -5.96 4.53 -4.68
C ALA A 148 -5.81 3.05 -4.30
N LEU A 149 -5.34 2.83 -3.07
CA LEU A 149 -5.16 1.51 -2.56
C LEU A 149 -6.46 0.71 -2.76
N GLU A 150 -7.62 1.36 -2.49
CA GLU A 150 -8.89 0.68 -2.60
C GLU A 150 -9.53 0.86 -3.99
N ARG A 151 -8.85 1.59 -4.90
CA ARG A 151 -9.44 1.92 -6.25
C ARG A 151 -10.81 2.57 -6.17
N ILE A 152 -10.98 3.38 -5.13
CA ILE A 152 -12.20 4.02 -4.93
C ILE A 152 -12.06 5.44 -5.48
N PRO A 153 -13.06 5.94 -6.23
CA PRO A 153 -13.10 7.25 -6.83
C PRO A 153 -12.84 8.38 -5.87
N ARG A 154 -12.02 9.35 -6.32
CA ARG A 154 -11.59 10.50 -5.52
C ARG A 154 -12.10 11.91 -5.95
N PHE A 155 -12.63 12.70 -4.97
CA PHE A 155 -12.92 14.18 -5.16
C PHE A 155 -11.90 14.98 -4.39
N GLN A 156 -11.67 16.22 -4.82
CA GLN A 156 -10.69 17.03 -4.15
C GLN A 156 -11.31 18.39 -3.77
N HIS A 157 -10.79 18.99 -2.68
CA HIS A 157 -11.22 20.31 -2.26
C HIS A 157 -10.04 21.21 -1.88
N SER A 158 -10.02 22.51 -2.27
CA SER A 158 -8.90 23.35 -1.90
C SER A 158 -9.03 23.90 -0.48
N MSE A 159 -10.25 23.85 0.04
CA MSE A 159 -10.53 24.39 1.40
C MSE A 159 -9.83 23.53 2.46
O MSE A 159 -9.73 22.31 2.33
CB MSE A 159 -12.00 24.34 1.69
CG MSE A 159 -12.66 22.96 1.65
SE MSE A 159 -14.51 23.31 2.06
CE MSE A 159 -14.23 23.40 4.06
N ILE A 160 -9.24 24.21 3.42
CA ILE A 160 -8.67 23.40 4.52
C ILE A 160 -9.84 22.76 5.34
N LEU A 161 -9.85 21.40 5.54
CA LEU A 161 -10.91 20.80 6.37
C LEU A 161 -10.43 19.43 6.93
N GLU A 162 -10.65 19.19 8.22
CA GLU A 162 -10.33 17.89 8.83
C GLU A 162 -11.59 17.10 9.07
N GLY A 163 -11.48 15.76 8.85
CA GLY A 163 -12.68 14.92 9.18
C GLY A 163 -13.21 15.04 10.60
N GLY A 164 -12.36 15.30 11.59
CA GLY A 164 -12.85 15.39 12.99
C GLY A 164 -13.51 16.72 13.36
N SER A 165 -13.59 17.65 12.39
CA SER A 165 -14.19 19.00 12.65
C SER A 165 -15.65 19.20 12.37
N ILE A 166 -16.32 18.13 11.84
CA ILE A 166 -17.76 18.10 11.44
C ILE A 166 -18.26 16.72 11.92
N HIS A 167 -19.59 16.63 12.02
CA HIS A 167 -20.28 15.37 12.35
C HIS A 167 -21.51 15.42 11.50
N VAL A 168 -22.15 14.24 11.43
CA VAL A 168 -23.35 14.01 10.61
C VAL A 168 -24.22 12.84 11.14
N ASP A 169 -25.46 12.83 10.69
CA ASP A 169 -26.35 11.73 11.17
C ASP A 169 -26.71 10.89 9.85
N GLY A 170 -26.21 11.42 8.72
CA GLY A 170 -26.41 10.82 7.40
C GLY A 170 -27.77 10.95 6.80
N GLU A 171 -28.53 11.98 7.21
CA GLU A 171 -29.98 12.17 6.74
C GLU A 171 -30.15 13.69 6.43
N GLY A 172 -29.04 14.45 6.51
CA GLY A 172 -29.12 15.85 6.17
C GLY A 172 -28.61 16.89 7.09
N THR A 173 -28.22 16.50 8.32
CA THR A 173 -27.76 17.51 9.29
C THR A 173 -26.21 17.36 9.50
N CYS A 174 -25.64 18.51 9.85
CA CYS A 174 -24.17 18.60 10.06
C CYS A 174 -23.88 19.45 11.30
N LEU A 175 -23.06 18.87 12.19
CA LEU A 175 -22.68 19.47 13.49
C LEU A 175 -21.25 19.92 13.36
N VAL A 176 -20.98 21.16 13.81
CA VAL A 176 -19.65 21.70 13.63
C VAL A 176 -19.31 22.74 14.72
N THR A 177 -18.05 23.21 14.80
CA THR A 177 -17.78 24.33 15.81
C THR A 177 -17.32 25.63 15.10
N GLU A 178 -17.79 26.75 15.63
CA GLU A 178 -17.32 28.05 15.07
C GLU A 178 -15.88 28.17 15.45
N GLU A 179 -15.55 27.75 16.65
CA GLU A 179 -14.18 27.85 17.11
C GLU A 179 -13.13 27.31 16.11
N CYS A 180 -13.47 26.13 15.57
CA CYS A 180 -12.64 25.50 14.62
C CYS A 180 -12.95 26.01 13.18
N LEU A 181 -14.14 25.87 12.64
CA LEU A 181 -14.24 26.22 11.22
C LEU A 181 -14.12 27.71 10.84
N LEU A 182 -14.34 28.61 11.84
CA LEU A 182 -14.19 30.07 11.50
C LEU A 182 -12.91 30.64 11.93
N ASN A 183 -12.12 29.80 12.61
CA ASN A 183 -10.86 30.41 13.02
C ASN A 183 -10.18 31.05 11.78
N LYS A 184 -9.35 32.09 12.02
CA LYS A 184 -8.65 32.65 10.88
C LYS A 184 -7.57 31.80 10.30
N ASN A 185 -7.09 30.78 11.07
CA ASN A 185 -6.07 29.90 10.59
C ASN A 185 -6.62 28.81 9.63
N ARG A 186 -7.94 28.83 9.38
CA ARG A 186 -8.33 27.79 8.44
C ARG A 186 -8.75 28.31 7.09
N ASN A 187 -9.85 29.00 6.99
CA ASN A 187 -10.32 29.49 5.71
C ASN A 187 -10.67 30.98 6.01
N PRO A 188 -9.62 31.77 6.20
CA PRO A 188 -10.08 33.15 6.52
C PRO A 188 -10.85 33.97 5.46
N HIS A 189 -10.65 33.64 4.20
CA HIS A 189 -11.34 34.42 3.16
C HIS A 189 -12.75 33.89 2.88
N MSE A 190 -13.14 32.81 3.56
CA MSE A 190 -14.49 32.25 3.46
C MSE A 190 -15.38 32.67 4.65
O MSE A 190 -14.96 32.68 5.85
CB MSE A 190 -14.40 30.68 3.41
CG MSE A 190 -13.55 30.21 2.28
SE MSE A 190 -13.55 28.37 2.49
CE MSE A 190 -15.49 28.08 2.30
N SER A 191 -16.58 33.12 4.33
CA SER A 191 -17.52 33.44 5.37
C SER A 191 -18.18 32.19 5.85
N LYS A 192 -18.86 32.33 6.97
CA LYS A 192 -19.70 31.24 7.45
C LYS A 192 -20.69 30.66 6.41
N GLU A 193 -21.34 31.55 5.59
CA GLU A 193 -22.24 31.09 4.57
C GLU A 193 -21.38 30.44 3.44
N GLN A 194 -20.17 30.94 3.13
CA GLN A 194 -19.42 30.18 2.08
C GLN A 194 -19.01 28.73 2.55
N ILE A 195 -18.82 28.61 3.85
CA ILE A 195 -18.50 27.26 4.42
C ILE A 195 -19.73 26.37 4.35
N GLU A 196 -20.90 26.81 4.80
CA GLU A 196 -22.02 25.89 4.62
C GLU A 196 -22.11 25.49 3.11
N GLU A 197 -21.95 26.46 2.16
CA GLU A 197 -22.04 26.06 0.77
C GLU A 197 -21.26 24.85 0.26
N GLU A 198 -19.96 24.80 0.49
CA GLU A 198 -19.22 23.60 0.08
C GLU A 198 -19.64 22.34 0.86
N LEU A 199 -19.98 22.43 2.15
CA LEU A 199 -20.39 21.21 2.91
C LEU A 199 -21.76 20.68 2.46
N LYS A 200 -22.38 21.43 1.55
CA LYS A 200 -23.58 21.04 0.95
C LYS A 200 -23.31 20.16 -0.30
N LYS A 201 -22.48 20.64 -1.21
CA LYS A 201 -22.13 19.90 -2.42
C LYS A 201 -21.16 18.69 -2.19
N TYR A 202 -20.42 18.76 -1.06
CA TYR A 202 -19.46 17.69 -0.84
C TYR A 202 -19.96 16.59 0.11
N LEU A 203 -20.84 16.90 1.07
CA LEU A 203 -21.38 15.93 2.12
C LEU A 203 -22.92 15.66 2.08
N GLY A 204 -23.65 16.47 1.29
CA GLY A 204 -25.12 16.26 1.28
C GLY A 204 -25.86 16.75 2.50
N VAL A 205 -25.48 17.89 3.00
CA VAL A 205 -26.24 18.31 4.17
C VAL A 205 -27.07 19.54 3.95
N GLN A 206 -28.17 19.59 4.69
CA GLN A 206 -29.12 20.74 4.54
C GLN A 206 -29.17 21.71 5.69
N SER A 207 -29.04 21.13 6.88
CA SER A 207 -29.12 21.89 8.10
C SER A 207 -27.79 21.79 8.88
N PHE A 208 -27.50 22.82 9.64
CA PHE A 208 -26.24 23.00 10.40
C PHE A 208 -26.47 23.46 11.80
N ILE A 209 -25.72 22.82 12.70
CA ILE A 209 -25.75 23.18 14.11
C ILE A 209 -24.36 23.69 14.50
N TRP A 210 -24.28 25.00 14.78
CA TRP A 210 -22.97 25.58 15.13
C TRP A 210 -22.80 25.67 16.62
N LEU A 211 -21.72 25.10 17.15
CA LEU A 211 -21.48 25.30 18.57
C LEU A 211 -20.35 26.28 18.55
N PRO A 212 -20.56 27.43 19.05
CA PRO A 212 -19.44 28.37 18.99
C PRO A 212 -18.08 27.86 19.51
N ARG A 213 -18.15 26.98 20.51
CA ARG A 213 -16.93 26.52 21.16
C ARG A 213 -16.95 25.04 21.40
N GLY A 214 -15.78 24.46 21.09
CA GLY A 214 -15.54 23.04 21.34
C GLY A 214 -15.10 22.90 22.78
N LEU A 215 -14.47 21.77 23.09
CA LEU A 215 -14.02 21.33 24.40
C LEU A 215 -12.91 22.30 24.88
N TYR A 216 -12.88 22.57 26.19
CA TYR A 216 -11.72 23.34 26.69
C TYR A 216 -10.56 22.34 26.82
N GLY A 217 -9.37 22.82 26.44
CA GLY A 217 -8.19 22.03 26.46
C GLY A 217 -7.78 21.70 25.01
N ASP A 218 -8.64 21.93 23.97
CA ASP A 218 -8.29 21.60 22.54
C ASP A 218 -7.85 22.79 21.71
N GLU A 219 -6.94 23.65 22.29
CA GLU A 219 -6.48 24.84 21.56
C GLU A 219 -5.76 24.46 20.22
N ASP A 220 -5.06 23.33 20.22
CA ASP A 220 -4.34 22.92 18.94
C ASP A 220 -5.15 22.61 17.67
N THR A 221 -6.32 22.05 17.85
CA THR A 221 -7.15 21.87 16.67
C THR A 221 -8.24 22.97 16.63
N ASN A 222 -8.18 23.91 17.56
CA ASN A 222 -9.25 24.93 17.73
C ASN A 222 -10.68 24.38 17.94
N GLY A 223 -10.73 23.32 18.77
CA GLY A 223 -12.03 22.85 19.24
C GLY A 223 -12.86 22.02 18.22
N HIS A 224 -12.18 21.02 17.67
CA HIS A 224 -12.92 20.08 16.79
C HIS A 224 -14.18 19.60 17.48
N ILE A 225 -15.23 19.51 16.68
CA ILE A 225 -16.52 19.02 17.13
C ILE A 225 -16.41 17.60 17.69
N ASP A 226 -15.51 16.78 17.11
CA ASP A 226 -15.52 15.37 17.59
C ASP A 226 -15.11 15.07 19.00
N ASN A 227 -14.46 16.05 19.64
CA ASN A 227 -14.09 15.92 21.06
C ASN A 227 -15.03 16.70 21.99
N MSE A 228 -16.14 17.23 21.43
CA MSE A 228 -17.11 18.08 22.11
C MSE A 228 -18.54 17.51 22.01
O MSE A 228 -19.17 17.26 23.06
CB MSE A 228 -17.05 19.52 21.50
CG MSE A 228 -18.15 20.45 22.14
SE MSE A 228 -17.73 20.73 24.06
CE MSE A 228 -18.21 22.64 24.24
N CYS A 229 -19.02 17.19 20.80
CA CYS A 229 -20.43 16.71 20.72
C CYS A 229 -20.43 15.77 19.52
N CYS A 230 -21.34 14.79 19.60
CA CYS A 230 -21.52 13.86 18.47
C CYS A 230 -22.87 13.18 18.48
N PHE A 231 -23.25 12.77 17.27
CA PHE A 231 -24.58 12.10 17.22
C PHE A 231 -24.57 10.70 17.81
N ALA A 232 -25.55 10.46 18.71
CA ALA A 232 -25.78 9.13 19.22
C ALA A 232 -26.63 8.31 18.21
N ARG A 233 -27.45 9.02 17.42
CA ARG A 233 -28.35 8.40 16.42
C ARG A 233 -29.12 9.63 15.96
N PRO A 234 -29.70 9.54 14.78
CA PRO A 234 -30.44 10.73 14.31
C PRO A 234 -31.40 11.28 15.41
N GLY A 235 -31.43 12.60 15.54
CA GLY A 235 -32.30 13.25 16.54
C GLY A 235 -31.69 13.59 17.94
N VAL A 236 -30.55 12.96 18.25
CA VAL A 236 -30.04 13.06 19.64
C VAL A 236 -28.48 13.19 19.55
N VAL A 237 -27.96 14.03 20.46
CA VAL A 237 -26.47 14.24 20.53
C VAL A 237 -25.91 13.82 21.90
N LEU A 238 -24.60 13.55 21.86
CA LEU A 238 -23.87 13.26 23.08
C LEU A 238 -22.98 14.50 23.28
N LEU A 239 -23.14 15.21 24.42
CA LEU A 239 -22.43 16.46 24.68
C LEU A 239 -21.48 16.29 25.86
N SER A 240 -20.24 16.73 25.67
CA SER A 240 -19.25 16.71 26.82
C SER A 240 -19.80 17.64 27.95
N TRP A 241 -19.77 17.17 29.21
CA TRP A 241 -20.45 17.96 30.28
C TRP A 241 -19.71 17.91 31.58
N THR A 242 -19.93 18.96 32.37
CA THR A 242 -19.50 19.00 33.79
C THR A 242 -20.49 19.82 34.55
N ASP A 243 -20.70 19.45 35.82
CA ASP A 243 -21.57 20.33 36.69
C ASP A 243 -20.66 21.30 37.53
N ASP A 244 -19.33 21.11 37.53
CA ASP A 244 -18.42 21.93 38.32
C ASP A 244 -18.26 23.29 37.64
N GLU A 245 -18.92 24.34 38.18
CA GLU A 245 -18.77 25.68 37.61
C GLU A 245 -17.43 26.31 37.83
N THR A 246 -16.52 25.65 38.56
CA THR A 246 -15.18 26.18 38.71
C THR A 246 -14.28 25.64 37.58
N ASP A 247 -14.89 24.76 36.74
CA ASP A 247 -14.07 24.24 35.63
C ASP A 247 -14.30 25.12 34.39
N PRO A 248 -13.24 25.54 33.66
CA PRO A 248 -13.40 26.36 32.45
C PRO A 248 -14.31 25.61 31.43
N GLN A 249 -14.35 24.27 31.55
CA GLN A 249 -15.26 23.62 30.60
C GLN A 249 -16.71 23.95 30.77
N TYR A 250 -17.13 24.17 32.02
CA TYR A 250 -18.51 24.37 32.28
C TYR A 250 -19.13 25.41 31.42
N GLU A 251 -18.46 26.56 31.19
CA GLU A 251 -19.15 27.58 30.41
C GLU A 251 -19.35 27.18 28.96
N ARG A 252 -18.45 26.30 28.46
CA ARG A 252 -18.58 25.83 27.02
C ARG A 252 -19.73 24.86 26.98
N SER A 253 -19.78 23.94 27.94
CA SER A 253 -20.88 22.98 27.97
C SER A 253 -22.19 23.71 28.17
N VAL A 254 -22.14 24.88 28.83
CA VAL A 254 -23.35 25.66 28.92
C VAL A 254 -23.66 26.35 27.54
N GLU A 255 -22.66 26.93 26.90
CA GLU A 255 -22.90 27.58 25.57
C GLU A 255 -23.55 26.69 24.47
N ALA A 256 -22.86 25.57 24.26
CA ALA A 256 -23.36 24.55 23.32
C ALA A 256 -24.74 24.01 23.70
N LEU A 257 -25.03 23.74 24.97
CA LEU A 257 -26.37 23.23 25.30
C LEU A 257 -27.45 24.23 24.87
N SER A 258 -27.17 25.52 25.08
CA SER A 258 -28.17 26.57 24.65
C SER A 258 -28.44 26.49 23.14
N VAL A 259 -27.39 26.48 22.34
CA VAL A 259 -27.59 26.30 20.89
C VAL A 259 -28.38 25.03 20.53
N LEU A 260 -28.07 23.90 21.22
CA LEU A 260 -28.74 22.57 20.95
C LEU A 260 -30.25 22.61 21.35
N SER A 261 -30.57 23.39 22.37
CA SER A 261 -31.95 23.56 22.84
C SER A 261 -32.77 24.36 21.81
N ASN A 262 -32.08 25.05 20.94
CA ASN A 262 -32.77 25.84 19.95
C ASN A 262 -32.58 25.31 18.55
N SER A 263 -32.07 24.08 18.41
CA SER A 263 -31.82 23.53 17.07
C SER A 263 -32.88 22.62 16.36
N ILE A 264 -33.02 22.72 15.03
CA ILE A 264 -34.03 21.81 14.40
C ILE A 264 -33.28 20.98 13.40
N ASP A 265 -33.44 19.64 13.44
CA ASP A 265 -32.64 18.83 12.51
C ASP A 265 -33.17 18.89 11.11
N ALA A 266 -32.47 18.25 10.20
CA ALA A 266 -32.83 18.30 8.74
C ALA A 266 -34.18 17.79 8.43
N ARG A 267 -34.62 16.91 9.33
CA ARG A 267 -35.95 16.24 9.22
C ARG A 267 -37.06 16.99 9.92
N GLY A 268 -36.86 17.40 11.18
CA GLY A 268 -37.90 18.19 11.87
C GLY A 268 -37.88 17.97 13.38
N ARG A 269 -37.12 16.96 13.81
CA ARG A 269 -37.08 16.75 15.24
C ARG A 269 -36.25 17.90 15.82
N LYS A 270 -36.72 18.34 17.00
CA LYS A 270 -35.92 19.30 17.84
C LYS A 270 -34.83 18.38 18.50
N ILE A 271 -33.55 18.78 18.37
CA ILE A 271 -32.39 17.98 18.90
C ILE A 271 -32.46 17.73 20.37
N GLN A 272 -32.39 16.43 20.72
CA GLN A 272 -32.30 15.94 22.13
C GLN A 272 -30.85 15.82 22.50
N VAL A 273 -30.52 16.02 23.77
CA VAL A 273 -29.12 15.94 24.26
C VAL A 273 -28.93 14.94 25.40
N ILE A 274 -27.84 14.13 25.24
CA ILE A 274 -27.43 13.22 26.36
C ILE A 274 -26.10 13.77 26.88
N LYS A 275 -26.00 13.87 28.23
CA LYS A 275 -24.80 14.45 28.89
C LYS A 275 -23.85 13.29 29.12
N LEU A 276 -22.61 13.47 28.62
CA LEU A 276 -21.51 12.50 28.76
C LEU A 276 -20.42 13.27 29.59
N TYR A 277 -20.32 12.91 30.87
CA TYR A 277 -19.50 13.71 31.80
C TYR A 277 -18.02 13.49 31.56
N ILE A 278 -17.28 14.58 31.39
CA ILE A 278 -15.84 14.46 31.22
C ILE A 278 -15.17 13.97 32.51
N PRO A 279 -13.98 13.33 32.42
CA PRO A 279 -13.33 12.90 33.66
C PRO A 279 -12.97 14.19 34.49
N GLU A 280 -12.57 13.89 35.73
CA GLU A 280 -11.99 14.98 36.56
C GLU A 280 -10.81 15.64 35.73
N PRO A 281 -10.40 16.89 36.02
CA PRO A 281 -9.35 17.44 35.19
C PRO A 281 -8.02 16.66 35.15
N LEU A 282 -7.44 16.59 33.95
CA LEU A 282 -6.16 15.90 33.77
C LEU A 282 -5.12 16.84 33.19
N TYR A 283 -3.88 16.82 33.71
CA TYR A 283 -2.83 17.72 33.20
C TYR A 283 -1.60 16.89 32.87
N MSE A 284 -0.89 17.33 31.85
CA MSE A 284 0.40 16.56 31.61
C MSE A 284 1.41 16.57 32.86
O MSE A 284 1.45 17.54 33.65
CB MSE A 284 1.06 17.16 30.37
CG MSE A 284 2.36 16.33 30.00
SE MSE A 284 3.16 17.01 28.28
CE MSE A 284 2.82 15.50 27.02
N THR A 285 2.15 15.44 33.06
CA THR A 285 3.06 15.37 34.25
C THR A 285 4.47 15.54 33.81
N GLU A 286 5.31 15.90 34.79
CA GLU A 286 6.69 15.92 34.46
C GLU A 286 7.19 14.54 34.01
N GLU A 287 6.70 13.43 34.58
CA GLU A 287 7.17 12.12 34.12
C GLU A 287 6.77 12.00 32.60
N GLU A 288 5.54 12.43 32.27
CA GLU A 288 5.07 12.29 30.88
C GLU A 288 5.84 13.19 29.95
N SER A 289 5.93 14.49 30.35
CA SER A 289 6.63 15.44 29.51
C SER A 289 8.10 15.05 29.41
N SER A 290 8.70 14.48 30.44
CA SER A 290 10.16 14.22 30.31
C SER A 290 10.48 13.05 29.40
N GLY A 291 9.46 12.43 28.83
CA GLY A 291 9.73 11.33 27.88
C GLY A 291 9.64 11.85 26.42
N ILE A 292 9.45 13.17 26.18
CA ILE A 292 9.33 13.72 24.78
C ILE A 292 10.54 14.55 24.42
N THR A 293 10.90 14.53 23.14
CA THR A 293 12.05 15.30 22.63
C THR A 293 11.67 16.73 22.27
N GLN A 294 12.43 17.70 22.73
CA GLN A 294 12.04 19.06 22.36
C GLN A 294 12.90 19.48 21.17
N ASP A 295 12.30 19.47 19.97
CA ASP A 295 13.03 19.90 18.76
C ASP A 295 12.52 21.21 18.13
N GLY A 296 11.28 21.59 18.42
CA GLY A 296 10.73 22.78 17.83
C GLY A 296 10.05 22.55 16.47
N GLU A 297 10.15 21.34 15.89
CA GLU A 297 9.43 21.11 14.60
C GLU A 297 7.95 20.89 14.95
N ALA A 298 7.68 20.77 16.24
CA ALA A 298 6.30 20.54 16.73
C ALA A 298 6.12 21.46 17.95
N ILE A 299 4.89 21.91 18.18
CA ILE A 299 4.58 22.76 19.36
C ILE A 299 5.05 22.01 20.59
N PRO A 300 5.20 22.74 21.73
CA PRO A 300 5.65 22.24 23.05
C PRO A 300 4.75 21.34 23.79
N ARG A 301 5.33 20.34 24.51
CA ARG A 301 4.49 19.55 25.37
C ARG A 301 5.01 19.81 26.79
N LEU A 302 4.17 20.52 27.57
CA LEU A 302 4.65 21.00 28.85
C LEU A 302 3.91 20.41 30.03
N ALA A 303 4.67 20.17 31.09
CA ALA A 303 4.08 19.74 32.34
C ALA A 303 3.04 20.78 32.76
N GLY A 304 1.91 20.25 33.21
CA GLY A 304 0.79 21.06 33.66
C GLY A 304 -0.25 21.38 32.61
N THR A 305 0.04 21.07 31.37
CA THR A 305 -0.96 21.45 30.36
C THR A 305 -2.30 20.68 30.59
N ARG A 306 -3.46 21.33 30.47
CA ARG A 306 -4.74 20.58 30.58
C ARG A 306 -4.88 19.52 29.48
N LEU A 307 -5.47 18.36 29.86
CA LEU A 307 -5.72 17.30 28.87
C LEU A 307 -7.14 17.48 28.22
N ALA A 308 -7.16 17.26 26.88
CA ALA A 308 -8.41 17.41 26.06
C ALA A 308 -9.17 16.04 26.16
N ALA A 309 -9.54 15.77 27.38
CA ALA A 309 -10.12 14.48 27.61
C ALA A 309 -11.66 14.59 27.36
N SER A 310 -12.06 13.78 26.33
CA SER A 310 -13.50 13.62 26.11
C SER A 310 -13.82 12.23 25.74
N TYR A 311 -14.84 11.73 26.42
CA TYR A 311 -15.28 10.40 26.22
C TYR A 311 -16.02 10.40 24.89
N VAL A 312 -16.52 11.58 24.49
CA VAL A 312 -17.22 11.76 23.17
C VAL A 312 -16.40 11.28 21.98
N ASN A 313 -15.08 11.27 22.18
CA ASN A 313 -14.15 10.89 21.17
C ASN A 313 -14.15 9.37 21.01
N PHE A 314 -15.43 8.84 21.00
CA PHE A 314 -15.60 7.38 20.72
C PHE A 314 -15.82 7.06 19.25
N TYR A 315 -15.29 5.92 18.81
CA TYR A 315 -15.57 5.52 17.45
C TYR A 315 -16.60 4.44 17.48
N ILE A 316 -17.59 4.57 16.59
CA ILE A 316 -18.58 3.51 16.37
C ILE A 316 -18.07 2.59 15.23
N ALA A 317 -18.07 1.25 15.54
CA ALA A 317 -17.68 0.19 14.59
C ALA A 317 -18.96 -0.63 14.29
N ASN A 318 -18.82 -1.65 13.49
CA ASN A 318 -19.99 -2.48 13.09
C ASN A 318 -20.50 -3.21 14.33
N GLY A 319 -21.58 -2.66 14.91
CA GLY A 319 -22.21 -3.22 16.13
C GLY A 319 -21.35 -3.01 17.37
N GLY A 320 -20.28 -2.16 17.30
CA GLY A 320 -19.44 -1.96 18.49
C GLY A 320 -19.22 -0.45 18.78
N ILE A 321 -18.89 -0.10 20.03
CA ILE A 321 -18.54 1.30 20.36
C ILE A 321 -17.18 1.23 21.04
N ILE A 322 -16.17 1.90 20.46
CA ILE A 322 -14.80 1.82 21.02
C ILE A 322 -14.54 3.13 21.83
N ALA A 323 -14.62 3.03 23.17
CA ALA A 323 -14.58 4.23 24.00
C ALA A 323 -13.33 4.36 24.77
N PRO A 324 -12.95 5.59 25.20
CA PRO A 324 -11.74 5.75 25.99
C PRO A 324 -11.90 5.44 27.47
N GLN A 325 -10.74 5.02 28.03
CA GLN A 325 -10.61 4.92 29.50
C GLN A 325 -9.36 5.74 29.82
N PHE A 326 -9.55 6.83 30.60
CA PHE A 326 -8.53 7.88 30.92
C PHE A 326 -7.73 7.73 32.22
N GLY A 327 -8.34 7.21 33.27
CA GLY A 327 -7.60 7.16 34.55
C GLY A 327 -8.54 7.59 35.68
N ASP A 328 -9.65 8.35 35.46
CA ASP A 328 -10.58 8.63 36.61
C ASP A 328 -11.52 7.40 36.61
N PRO A 329 -11.45 6.50 37.61
CA PRO A 329 -12.24 5.30 37.66
C PRO A 329 -13.77 5.40 37.74
N ILE A 330 -14.24 6.51 38.30
CA ILE A 330 -15.73 6.67 38.48
C ILE A 330 -16.39 7.12 37.19
N ARG A 331 -15.79 8.13 36.57
CA ARG A 331 -16.33 8.65 35.30
C ARG A 331 -16.06 7.65 34.11
N ASP A 332 -15.06 6.79 34.22
CA ASP A 332 -14.74 5.85 33.16
C ASP A 332 -15.90 4.84 33.12
N LYS A 333 -16.32 4.39 34.31
CA LYS A 333 -17.39 3.38 34.46
C LYS A 333 -18.75 4.01 34.07
N GLU A 334 -18.98 5.26 34.49
CA GLU A 334 -20.24 5.95 34.16
C GLU A 334 -20.35 6.15 32.61
N ALA A 335 -19.22 6.40 31.94
CA ALA A 335 -19.28 6.68 30.47
C ALA A 335 -19.54 5.37 29.76
N ILE A 336 -18.98 4.25 30.26
CA ILE A 336 -19.30 2.99 29.57
C ILE A 336 -20.80 2.69 29.79
N ARG A 337 -21.35 2.99 30.99
CA ARG A 337 -22.77 2.76 31.30
C ARG A 337 -23.67 3.61 30.38
N VAL A 338 -23.35 4.90 30.27
CA VAL A 338 -24.15 5.81 29.47
C VAL A 338 -24.15 5.36 27.98
N LEU A 339 -22.99 5.06 27.46
CA LEU A 339 -22.83 4.64 26.08
C LEU A 339 -23.51 3.29 25.83
N SER A 340 -23.45 2.39 26.83
CA SER A 340 -24.08 1.09 26.57
C SER A 340 -25.64 1.24 26.51
N ASP A 341 -26.19 2.23 27.23
CA ASP A 341 -27.61 2.52 27.22
C ASP A 341 -28.06 3.28 25.94
N THR A 342 -27.11 4.13 25.47
CA THR A 342 -27.32 5.00 24.33
C THR A 342 -27.30 4.21 23.02
N PHE A 343 -26.54 3.12 23.04
CA PHE A 343 -26.35 2.22 21.89
C PHE A 343 -26.66 0.80 22.29
N PRO A 344 -27.93 0.55 22.56
CA PRO A 344 -28.32 -0.79 23.03
C PRO A 344 -28.09 -1.91 22.06
N HIS A 345 -27.90 -1.56 20.78
CA HIS A 345 -27.59 -2.60 19.75
C HIS A 345 -26.11 -2.74 19.41
N HIS A 346 -25.27 -2.14 20.28
CA HIS A 346 -23.83 -2.23 20.10
C HIS A 346 -23.18 -2.71 21.35
N SER A 347 -22.00 -3.31 21.20
CA SER A 347 -21.18 -3.72 22.33
C SER A 347 -20.11 -2.67 22.69
N VAL A 348 -20.19 -2.12 23.87
CA VAL A 348 -19.21 -1.11 24.28
C VAL A 348 -17.92 -1.77 24.81
N VAL A 349 -16.77 -1.25 24.32
CA VAL A 349 -15.43 -1.76 24.67
C VAL A 349 -14.55 -0.58 25.18
N GLY A 350 -14.15 -0.60 26.44
CA GLY A 350 -13.31 0.51 26.89
C GLY A 350 -11.87 0.23 26.53
N ILE A 351 -11.11 1.34 26.20
CA ILE A 351 -9.69 1.23 25.87
C ILE A 351 -8.85 1.80 27.00
N GLU A 352 -8.04 0.90 27.64
CA GLU A 352 -7.18 1.36 28.70
C GLU A 352 -5.98 2.16 28.21
N ASN A 353 -5.53 3.07 29.08
CA ASN A 353 -4.38 3.93 28.81
C ASN A 353 -4.65 4.86 27.57
N ALA A 354 -5.90 5.29 27.43
CA ALA A 354 -6.26 6.25 26.37
C ALA A 354 -5.62 7.61 26.70
N ARG A 355 -5.33 7.85 28.00
CA ARG A 355 -4.63 9.07 28.34
C ARG A 355 -3.40 9.27 27.45
N GLU A 356 -2.68 8.18 27.11
CA GLU A 356 -1.49 8.32 26.22
C GLU A 356 -1.83 8.98 24.85
N ILE A 357 -3.00 8.71 24.26
CA ILE A 357 -3.30 9.38 23.00
C ILE A 357 -3.57 10.86 23.26
N VAL A 358 -4.24 11.18 24.36
CA VAL A 358 -4.65 12.54 24.66
C VAL A 358 -3.39 13.43 24.92
N LEU A 359 -2.32 12.81 25.45
CA LEU A 359 -1.06 13.57 25.71
C LEU A 359 -0.59 14.16 24.39
N ALA A 360 -1.00 13.52 23.28
CA ALA A 360 -0.65 13.97 21.95
C ALA A 360 -1.66 14.82 21.30
N GLY A 361 -2.74 15.08 22.03
CA GLY A 361 -3.71 16.04 21.55
C GLY A 361 -4.76 15.33 20.75
N GLY A 362 -5.00 14.04 21.01
CA GLY A 362 -6.07 13.35 20.29
C GLY A 362 -6.62 12.14 21.06
N ASN A 363 -7.58 11.47 20.43
CA ASN A 363 -8.25 10.36 21.05
C ASN A 363 -8.69 9.31 20.04
N ILE A 364 -9.44 8.30 20.48
CA ILE A 364 -9.76 7.17 19.57
C ILE A 364 -10.40 7.66 18.28
N HIS A 365 -11.33 8.61 18.42
CA HIS A 365 -11.99 9.01 17.19
C HIS A 365 -10.99 9.71 16.25
N CYS A 366 -9.97 10.37 16.79
CA CYS A 366 -9.03 11.08 15.97
C CYS A 366 -8.02 10.24 15.18
N ILE A 367 -7.83 8.98 15.60
CA ILE A 367 -6.86 8.12 14.94
C ILE A 367 -7.52 7.16 13.92
N THR A 368 -8.84 7.23 13.73
CA THR A 368 -9.57 6.32 12.87
C THR A 368 -10.23 7.01 11.67
N GLN A 369 -10.45 6.17 10.62
CA GLN A 369 -11.22 6.68 9.45
C GLN A 369 -12.09 5.60 8.90
N GLN A 370 -13.41 5.67 9.17
CA GLN A 370 -14.31 4.60 8.67
C GLN A 370 -14.42 4.56 7.13
N GLN A 371 -14.54 3.36 6.56
CA GLN A 371 -14.84 3.20 5.13
C GLN A 371 -16.26 2.70 4.92
N PRO A 372 -17.17 3.56 4.48
CA PRO A 372 -18.53 3.02 4.27
C PRO A 372 -18.55 1.74 3.47
N ALA A 373 -19.73 1.13 3.55
CA ALA A 373 -19.99 -0.09 2.72
C ALA A 373 -20.56 0.63 1.53
N GLU A 374 -20.03 0.26 0.34
CA GLU A 374 -20.35 0.71 -1.03
C GLU A 374 -21.74 0.14 -1.49
N PRO A 375 -22.70 1.02 -1.67
CA PRO A 375 -24.04 0.61 -2.10
C PRO A 375 -23.96 -0.31 -3.34
N THR A 376 -24.90 -1.26 -3.40
CA THR A 376 -24.95 -2.26 -4.48
C THR A 376 -25.10 -1.70 -5.93
N SER B 7 5.62 -27.25 2.06
CA SER B 7 4.32 -27.66 2.71
C SER B 7 3.13 -27.38 1.77
N PRO B 8 3.32 -26.56 0.72
CA PRO B 8 2.16 -26.33 -0.15
C PRO B 8 1.60 -27.59 -0.80
N ALA B 9 2.41 -28.64 -0.88
CA ALA B 9 1.96 -29.94 -1.40
C ALA B 9 0.89 -30.52 -0.49
N GLU B 10 0.82 -30.05 0.75
CA GLU B 10 -0.19 -30.68 1.66
C GLU B 10 -1.67 -30.36 1.28
N HIS B 11 -1.85 -29.25 0.57
CA HIS B 11 -3.14 -28.87 0.14
C HIS B 11 -3.31 -28.85 -1.39
N GLY B 12 -2.36 -29.41 -2.15
CA GLY B 12 -2.48 -29.50 -3.60
C GLY B 12 -2.22 -28.20 -4.38
N TYR B 13 -1.32 -27.38 -3.85
CA TYR B 13 -1.02 -26.13 -4.55
C TYR B 13 -0.05 -26.37 -5.67
N TYR B 14 -0.09 -25.48 -6.65
CA TYR B 14 0.87 -25.56 -7.75
C TYR B 14 1.02 -24.18 -8.40
N MSE B 15 2.21 -23.95 -8.96
CA MSE B 15 2.36 -22.68 -9.74
C MSE B 15 1.80 -22.86 -11.11
O MSE B 15 2.28 -23.68 -11.89
CB MSE B 15 3.85 -22.38 -9.83
CG MSE B 15 4.11 -21.40 -10.87
SE MSE B 15 6.04 -20.84 -10.76
CE MSE B 15 5.99 -19.20 -11.81
N PRO B 16 0.79 -22.05 -11.51
CA PRO B 16 0.21 -22.18 -12.87
C PRO B 16 1.15 -21.61 -13.93
N ALA B 17 0.82 -21.92 -15.19
CA ALA B 17 1.66 -21.26 -16.22
C ALA B 17 1.41 -19.76 -16.35
N GLU B 18 2.43 -19.13 -16.93
CA GLU B 18 2.31 -17.71 -17.10
C GLU B 18 1.23 -17.36 -18.13
N TRP B 19 0.92 -18.31 -19.04
CA TRP B 19 -0.20 -18.09 -19.97
C TRP B 19 -1.62 -18.31 -19.42
N ASP B 20 -1.74 -18.94 -18.25
CA ASP B 20 -3.06 -19.04 -17.64
C ASP B 20 -3.55 -17.63 -17.21
N SER B 21 -4.84 -17.55 -16.81
CA SER B 21 -5.42 -16.30 -16.52
C SER B 21 -4.91 -15.67 -15.26
N HIS B 22 -4.72 -14.35 -15.31
CA HIS B 22 -4.28 -13.64 -14.12
C HIS B 22 -5.35 -12.68 -13.58
N ALA B 23 -5.22 -12.35 -12.29
CA ALA B 23 -6.05 -11.32 -11.68
C ALA B 23 -5.40 -10.02 -11.92
N GLN B 24 -4.06 -9.99 -11.91
CA GLN B 24 -3.38 -8.69 -12.10
C GLN B 24 -1.87 -8.91 -12.30
N THR B 25 -1.21 -7.87 -12.76
CA THR B 25 0.25 -7.93 -12.89
C THR B 25 0.82 -6.92 -11.88
N TRP B 26 1.88 -7.27 -11.11
CA TRP B 26 2.54 -6.36 -10.14
C TRP B 26 3.86 -5.87 -10.81
N ILE B 27 4.16 -4.58 -10.62
CA ILE B 27 5.42 -4.01 -11.17
C ILE B 27 5.98 -2.97 -10.18
N GLY B 28 7.30 -2.83 -10.03
CA GLY B 28 7.90 -1.82 -9.14
C GLY B 28 8.51 -0.73 -10.05
N TRP B 29 8.19 0.50 -9.67
CA TRP B 29 8.66 1.65 -10.42
C TRP B 29 10.23 1.73 -10.25
N PRO B 30 11.00 2.39 -11.16
CA PRO B 30 12.47 2.49 -11.06
C PRO B 30 13.00 3.88 -10.53
N GLU B 31 14.23 3.90 -9.97
CA GLU B 31 14.74 5.17 -9.37
C GLU B 31 16.23 5.31 -9.11
N ARG B 32 16.92 4.26 -8.68
CA ARG B 32 18.31 4.50 -8.21
C ARG B 32 19.21 4.99 -9.33
N GLN B 33 19.72 6.20 -9.10
CA GLN B 33 20.56 6.85 -10.11
C GLN B 33 21.91 6.22 -10.36
N ASP B 34 22.20 5.10 -9.69
CA ASP B 34 23.43 4.36 -9.84
C ASP B 34 23.25 3.13 -10.78
N ASN B 35 22.02 2.86 -11.19
CA ASN B 35 21.75 1.76 -12.13
C ASN B 35 20.87 2.31 -13.26
N TRP B 36 20.11 3.36 -13.01
CA TRP B 36 19.15 3.93 -13.99
C TRP B 36 19.61 5.37 -14.39
N ARG B 37 20.25 5.45 -15.55
CA ARG B 37 20.82 6.70 -15.96
C ARG B 37 19.84 7.80 -16.26
N HIS B 38 20.36 9.05 -16.30
CA HIS B 38 19.53 10.22 -16.60
C HIS B 38 18.41 10.36 -15.57
N ASN B 39 18.76 10.19 -14.29
CA ASN B 39 17.82 10.33 -13.18
C ASN B 39 16.69 9.29 -13.23
N ALA B 40 16.90 8.19 -13.94
CA ALA B 40 15.87 7.15 -14.17
C ALA B 40 14.72 7.60 -15.04
N LEU B 41 14.77 8.76 -15.67
CA LEU B 41 13.61 9.15 -16.43
C LEU B 41 13.38 8.30 -17.71
N PRO B 42 14.44 7.95 -18.42
CA PRO B 42 14.08 7.17 -19.62
C PRO B 42 13.53 5.80 -19.28
N ALA B 43 14.05 5.22 -18.20
CA ALA B 43 13.48 3.90 -17.83
C ALA B 43 12.06 4.04 -17.26
N GLN B 44 11.79 5.15 -16.60
CA GLN B 44 10.45 5.35 -16.07
C GLN B 44 9.41 5.44 -17.17
N ARG B 45 9.72 6.10 -18.30
CA ARG B 45 8.75 6.12 -19.38
C ARG B 45 8.59 4.72 -19.95
N VAL B 46 9.69 3.94 -20.03
CA VAL B 46 9.56 2.57 -20.50
C VAL B 46 8.72 1.70 -19.53
N PHE B 47 9.06 1.70 -18.25
CA PHE B 47 8.23 0.90 -17.32
C PHE B 47 6.73 1.34 -17.40
N ALA B 48 6.48 2.65 -17.56
CA ALA B 48 5.12 3.20 -17.68
C ALA B 48 4.43 2.64 -18.93
N GLY B 49 5.24 2.55 -20.00
CA GLY B 49 4.69 2.02 -21.23
C GLY B 49 4.32 0.55 -21.16
N VAL B 50 5.14 -0.24 -20.40
CA VAL B 50 4.91 -1.70 -20.15
C VAL B 50 3.61 -1.87 -19.33
N ALA B 51 3.49 -1.12 -18.22
CA ALA B 51 2.24 -1.17 -17.45
C ALA B 51 1.04 -0.72 -18.29
N LYS B 52 1.21 0.24 -19.21
CA LYS B 52 0.02 0.60 -20.00
C LYS B 52 -0.38 -0.58 -20.91
N ALA B 53 0.57 -1.24 -21.56
CA ALA B 53 0.20 -2.36 -22.44
C ALA B 53 -0.46 -3.58 -21.66
N ILE B 54 0.06 -4.02 -20.51
CA ILE B 54 -0.56 -5.17 -19.84
C ILE B 54 -1.99 -4.77 -19.31
N SER B 55 -2.13 -3.47 -19.02
CA SER B 55 -3.37 -2.97 -18.44
C SER B 55 -4.55 -3.08 -19.43
N LYS B 56 -4.23 -3.21 -20.71
CA LYS B 56 -5.23 -3.41 -21.72
C LYS B 56 -5.71 -4.84 -21.63
N PHE B 57 -4.91 -5.73 -21.01
CA PHE B 57 -5.29 -7.16 -20.92
C PHE B 57 -5.76 -7.59 -19.53
N GLU B 58 -5.20 -6.93 -18.52
CA GLU B 58 -5.62 -7.24 -17.15
C GLU B 58 -5.25 -6.15 -16.10
N PRO B 59 -5.84 -6.24 -14.90
CA PRO B 59 -5.44 -5.20 -13.93
C PRO B 59 -3.98 -5.17 -13.61
N VAL B 60 -3.50 -3.96 -13.35
CA VAL B 60 -2.09 -3.74 -13.00
C VAL B 60 -1.92 -2.91 -11.76
N THR B 61 -1.09 -3.36 -10.79
CA THR B 61 -0.70 -2.46 -9.70
C THR B 61 0.76 -2.13 -9.83
N VAL B 62 1.07 -0.83 -9.65
CA VAL B 62 2.45 -0.38 -9.67
C VAL B 62 2.88 0.10 -8.28
N CYS B 63 4.00 -0.44 -7.80
CA CYS B 63 4.60 -0.05 -6.51
C CYS B 63 5.75 0.92 -6.70
N ALA B 64 5.73 2.04 -5.94
CA ALA B 64 6.77 3.08 -6.08
C ALA B 64 7.38 3.54 -4.75
N SER B 65 8.70 3.76 -4.70
CA SER B 65 9.24 4.20 -3.43
C SER B 65 8.55 5.46 -2.97
N PRO B 66 8.64 5.74 -1.66
CA PRO B 66 8.04 6.98 -1.16
C PRO B 66 8.37 8.24 -1.95
N ALA B 67 9.63 8.46 -2.28
CA ALA B 67 9.92 9.69 -3.02
C ALA B 67 9.57 9.72 -4.52
N GLN B 68 8.79 8.77 -5.02
CA GLN B 68 8.33 8.67 -6.45
C GLN B 68 6.85 8.43 -6.62
N TRP B 69 6.08 8.30 -5.55
CA TRP B 69 4.66 7.95 -5.73
C TRP B 69 3.91 9.02 -6.57
N GLU B 70 4.11 10.32 -6.33
CA GLU B 70 3.36 11.27 -7.09
C GLU B 70 3.70 11.24 -8.52
N ASN B 71 4.99 11.10 -8.84
CA ASN B 71 5.43 11.02 -10.25
C ASN B 71 4.89 9.72 -10.95
N ALA B 72 4.87 8.61 -10.23
CA ALA B 72 4.35 7.38 -10.84
C ALA B 72 2.83 7.51 -11.13
N ARG B 73 2.13 8.06 -10.15
CA ARG B 73 0.69 8.28 -10.24
C ARG B 73 0.46 9.26 -11.40
N LYS B 74 1.30 10.25 -11.53
CA LYS B 74 1.13 11.25 -12.62
C LYS B 74 1.46 10.66 -13.97
N GLN B 75 2.38 9.70 -14.09
CA GLN B 75 2.72 9.14 -15.41
C GLN B 75 1.88 7.98 -15.84
N LEU B 76 1.10 7.42 -14.92
CA LEU B 76 0.35 6.19 -15.28
C LEU B 76 -1.16 6.29 -15.49
N PRO B 77 -1.69 5.50 -16.41
CA PRO B 77 -3.18 5.57 -16.57
C PRO B 77 -3.91 5.44 -15.20
N GLU B 78 -5.03 6.20 -15.04
CA GLU B 78 -5.80 6.24 -13.83
C GLU B 78 -6.20 4.80 -13.37
N ASP B 79 -6.39 3.93 -14.40
CA ASP B 79 -6.82 2.60 -14.15
C ASP B 79 -5.70 1.70 -13.57
N ILE B 80 -4.46 2.15 -13.61
CA ILE B 80 -3.33 1.37 -13.01
C ILE B 80 -3.25 1.87 -11.57
N ARG B 81 -3.37 0.89 -10.61
CA ARG B 81 -3.28 1.29 -9.19
C ARG B 81 -1.84 1.72 -8.83
N VAL B 82 -1.73 2.67 -7.93
CA VAL B 82 -0.37 3.07 -7.51
C VAL B 82 -0.32 2.83 -5.98
N VAL B 83 0.78 2.19 -5.53
CA VAL B 83 0.98 1.96 -4.09
C VAL B 83 2.46 2.29 -3.71
N GLU B 84 2.63 2.77 -2.50
CA GLU B 84 3.91 3.12 -1.95
C GLU B 84 4.70 1.85 -1.45
N MSE B 85 5.98 1.76 -1.88
CA MSE B 85 6.74 0.63 -1.37
C MSE B 85 8.23 0.84 -1.38
O MSE B 85 8.84 1.24 -2.40
CB MSE B 85 6.34 -0.63 -2.18
CG MSE B 85 6.80 -1.94 -1.42
SE MSE B 85 6.13 -3.57 -2.33
CE MSE B 85 4.20 -3.42 -1.93
N SER B 86 8.85 0.57 -0.24
CA SER B 86 10.30 0.62 -0.07
C SER B 86 10.84 -0.63 -0.91
N MSE B 87 12.04 -0.51 -1.49
CA MSE B 87 12.66 -1.62 -2.30
C MSE B 87 14.07 -1.13 -2.61
O MSE B 87 14.25 0.07 -2.78
CB MSE B 87 11.83 -1.81 -3.64
CG MSE B 87 11.80 -0.65 -4.61
SE MSE B 87 10.97 -1.38 -6.27
CE MSE B 87 9.14 -1.84 -5.54
N ASN B 88 15.06 -2.03 -2.64
CA ASN B 88 16.46 -1.59 -3.00
C ASN B 88 16.49 -1.31 -4.49
N ASP B 89 15.87 -2.17 -5.33
CA ASP B 89 15.75 -1.83 -6.80
C ASP B 89 14.41 -2.42 -7.27
N SER B 90 14.11 -2.26 -8.57
CA SER B 90 12.80 -2.60 -9.09
C SER B 90 12.66 -3.78 -10.00
N TRP B 91 12.90 -4.98 -9.44
CA TRP B 91 12.87 -6.24 -10.23
C TRP B 91 11.90 -7.24 -9.59
N PHE B 92 10.58 -6.99 -9.72
CA PHE B 92 9.59 -7.85 -9.03
C PHE B 92 9.54 -9.30 -9.48
N ARG B 93 10.01 -9.59 -10.71
CA ARG B 93 10.09 -10.99 -11.04
C ARG B 93 10.90 -11.76 -10.01
N ASP B 94 11.87 -11.08 -9.41
CA ASP B 94 12.82 -11.74 -8.46
C ASP B 94 12.58 -11.48 -6.99
N SER B 95 12.09 -10.29 -6.64
CA SER B 95 11.82 -10.00 -5.22
C SER B 95 10.35 -10.18 -4.85
N GLY B 96 9.47 -10.21 -5.86
CA GLY B 96 8.02 -10.37 -5.61
C GLY B 96 7.69 -11.84 -5.26
N PRO B 97 6.44 -12.09 -4.94
CA PRO B 97 6.11 -13.49 -4.54
C PRO B 97 5.88 -14.40 -5.71
N THR B 98 6.14 -15.72 -5.59
CA THR B 98 5.73 -16.63 -6.67
C THR B 98 4.31 -17.12 -6.24
N PHE B 99 3.30 -16.67 -6.99
CA PHE B 99 1.91 -17.09 -6.62
C PHE B 99 1.57 -18.48 -7.12
N ILE B 100 0.74 -19.18 -6.31
CA ILE B 100 0.38 -20.62 -6.63
C ILE B 100 -1.11 -20.79 -6.36
N VAL B 101 -1.72 -21.74 -7.09
CA VAL B 101 -3.21 -21.89 -6.91
C VAL B 101 -3.56 -23.30 -6.72
N ARG B 102 -4.87 -23.53 -6.41
CA ARG B 102 -5.25 -24.90 -6.39
C ARG B 102 -6.68 -24.86 -6.81
N LYS B 103 -7.16 -25.96 -7.31
CA LYS B 103 -8.59 -26.08 -7.69
C LYS B 103 -9.66 -26.30 -6.52
N ARG B 104 -10.66 -25.45 -6.43
CA ARG B 104 -11.67 -25.68 -5.40
C ARG B 104 -13.06 -25.79 -5.95
N ASN B 112 -10.01 -20.83 4.61
CA ASN B 112 -9.20 -21.60 3.65
C ASN B 112 -9.32 -20.95 2.27
N ARG B 113 -8.17 -20.64 1.66
CA ARG B 113 -8.14 -19.89 0.39
C ARG B 113 -7.73 -20.72 -0.82
N ASN B 114 -7.81 -20.10 -2.01
CA ASN B 114 -7.52 -20.77 -3.26
C ASN B 114 -6.24 -20.25 -3.99
N ILE B 115 -5.66 -19.23 -3.35
CA ILE B 115 -4.39 -18.67 -3.87
C ILE B 115 -3.56 -18.35 -2.70
N ALA B 116 -2.23 -18.55 -2.82
CA ALA B 116 -1.24 -18.19 -1.76
C ALA B 116 -0.02 -17.65 -2.55
N GLY B 117 0.94 -17.06 -1.82
CA GLY B 117 2.15 -16.65 -2.51
C GLY B 117 3.38 -17.17 -1.75
N ILE B 118 4.42 -17.59 -2.53
CA ILE B 118 5.64 -18.01 -1.87
C ILE B 118 6.60 -16.81 -1.71
N ASP B 119 7.12 -16.64 -0.49
CA ASP B 119 8.10 -15.57 -0.17
C ASP B 119 9.44 -16.31 0.13
N TRP B 120 10.26 -16.48 -0.95
CA TRP B 120 11.58 -17.09 -0.86
C TRP B 120 12.54 -16.11 -0.18
N ASN B 121 13.68 -16.63 0.31
CA ASN B 121 14.74 -15.69 0.80
C ASN B 121 15.42 -15.03 -0.42
N PHE B 122 16.30 -14.08 -0.18
CA PHE B 122 16.81 -13.33 -1.34
C PHE B 122 18.10 -12.70 -0.88
N ASN B 123 19.02 -12.50 -1.84
CA ASN B 123 20.33 -11.86 -1.49
C ASN B 123 20.86 -10.99 -2.59
N ALA B 124 19.95 -10.36 -3.35
CA ALA B 124 20.40 -9.51 -4.43
C ALA B 124 21.38 -10.32 -5.35
N TRP B 125 20.97 -11.58 -5.67
CA TRP B 125 21.68 -12.42 -6.68
C TRP B 125 23.14 -12.60 -6.36
N GLY B 126 23.45 -13.58 -5.50
CA GLY B 126 24.80 -13.84 -5.04
C GLY B 126 25.31 -13.23 -3.69
N GLY B 127 24.61 -12.28 -3.06
CA GLY B 127 25.00 -11.83 -1.68
C GLY B 127 26.17 -10.93 -1.34
N ALA B 128 26.79 -11.19 -0.20
CA ALA B 128 27.89 -10.36 0.31
C ALA B 128 28.96 -10.13 -0.71
N ASN B 129 29.38 -11.20 -1.37
CA ASN B 129 30.45 -11.07 -2.36
C ASN B 129 30.07 -10.88 -3.87
N ASP B 130 29.04 -11.57 -4.34
CA ASP B 130 28.56 -11.55 -5.76
C ASP B 130 27.35 -10.66 -6.00
N GLY B 131 26.65 -10.33 -4.94
CA GLY B 131 25.44 -9.54 -5.06
C GLY B 131 25.56 -8.34 -5.95
N CYS B 132 24.43 -7.88 -6.49
CA CYS B 132 24.43 -6.74 -7.40
C CYS B 132 24.52 -5.39 -6.72
N TYR B 133 24.19 -5.36 -5.42
CA TYR B 133 24.27 -4.08 -4.68
C TYR B 133 24.35 -4.30 -3.17
N ASN B 134 24.99 -3.36 -2.47
CA ASN B 134 25.38 -3.58 -1.04
C ASN B 134 24.39 -4.16 -0.02
N ASP B 135 23.15 -3.75 -0.12
CA ASP B 135 22.21 -4.12 0.93
C ASP B 135 20.90 -4.39 0.22
N TRP B 136 20.05 -5.19 0.83
CA TRP B 136 18.79 -5.55 0.16
C TRP B 136 17.72 -5.76 1.22
N SER B 137 17.81 -5.00 2.32
CA SER B 137 16.81 -5.16 3.38
C SER B 137 15.32 -4.84 2.94
N HIS B 138 15.14 -3.80 2.11
CA HIS B 138 13.79 -3.47 1.59
C HIS B 138 13.30 -4.61 0.67
N ASP B 139 14.18 -5.21 -0.13
CA ASP B 139 13.78 -6.31 -1.04
C ASP B 139 13.37 -7.64 -0.25
N LEU B 140 13.90 -7.88 0.97
CA LEU B 140 13.48 -9.11 1.70
C LEU B 140 12.08 -8.90 2.30
N LEU B 141 11.35 -7.78 2.04
CA LEU B 141 10.00 -7.46 2.58
C LEU B 141 8.97 -7.23 1.44
N VAL B 142 9.43 -7.20 0.15
CA VAL B 142 8.42 -6.78 -0.85
C VAL B 142 7.35 -7.85 -0.98
N SER B 143 7.76 -9.13 -0.84
CA SER B 143 6.80 -10.18 -1.12
C SER B 143 5.76 -10.32 -0.01
N ARG B 144 6.10 -10.12 1.27
CA ARG B 144 5.14 -10.27 2.33
C ARG B 144 4.17 -9.07 2.26
N LYS B 145 4.74 -7.85 2.01
CA LYS B 145 4.01 -6.60 1.87
C LYS B 145 2.98 -6.64 0.69
N ILE B 146 3.35 -7.31 -0.42
CA ILE B 146 2.42 -7.43 -1.55
C ILE B 146 1.29 -8.39 -1.12
N LEU B 147 1.68 -9.54 -0.54
CA LEU B 147 0.64 -10.54 -0.19
C LEU B 147 -0.37 -9.95 0.76
N ALA B 148 0.15 -9.23 1.78
CA ALA B 148 -0.65 -8.56 2.91
C ALA B 148 -1.50 -7.49 2.26
N LEU B 149 -0.88 -6.64 1.45
CA LEU B 149 -1.62 -5.56 0.85
C LEU B 149 -2.76 -6.23 0.05
N GLU B 150 -2.55 -7.41 -0.60
CA GLU B 150 -3.57 -7.99 -1.47
C GLU B 150 -4.42 -9.06 -0.70
N ARG B 151 -4.08 -9.24 0.56
CA ARG B 151 -4.76 -10.10 1.49
C ARG B 151 -4.73 -11.53 0.98
N ILE B 152 -3.55 -11.95 0.54
CA ILE B 152 -3.46 -13.36 0.14
C ILE B 152 -2.51 -14.11 1.08
N PRO B 153 -2.75 -15.41 1.43
CA PRO B 153 -1.87 -16.18 2.34
C PRO B 153 -0.37 -16.26 1.92
N ARG B 154 0.56 -16.37 2.89
CA ARG B 154 2.00 -16.35 2.63
C ARG B 154 2.75 -17.52 3.25
N PHE B 155 3.49 -18.26 2.40
CA PHE B 155 4.40 -19.31 2.80
C PHE B 155 5.83 -18.80 2.61
N GLN B 156 6.58 -18.79 3.72
CA GLN B 156 7.99 -18.36 3.66
C GLN B 156 8.99 -19.53 3.59
N HIS B 157 9.87 -19.49 2.56
CA HIS B 157 10.90 -20.52 2.42
C HIS B 157 12.22 -19.89 2.79
N SER B 158 13.01 -20.66 3.55
CA SER B 158 14.34 -20.21 3.88
C SER B 158 15.36 -20.23 2.73
N MSE B 159 15.12 -21.03 1.66
CA MSE B 159 16.07 -21.08 0.52
C MSE B 159 16.03 -19.77 -0.23
O MSE B 159 14.96 -19.13 -0.40
CB MSE B 159 15.77 -22.25 -0.43
CG MSE B 159 14.76 -21.96 -1.48
SE MSE B 159 14.36 -23.68 -2.42
CE MSE B 159 15.79 -23.61 -3.82
N ILE B 160 17.21 -19.31 -0.69
CA ILE B 160 17.25 -18.05 -1.49
C ILE B 160 16.80 -18.48 -2.88
N LEU B 161 15.81 -17.76 -3.43
CA LEU B 161 15.36 -18.09 -4.81
C LEU B 161 14.79 -16.79 -5.36
N GLU B 162 14.64 -16.80 -6.67
CA GLU B 162 14.15 -15.61 -7.40
C GLU B 162 13.26 -16.22 -8.44
N GLY B 163 12.04 -15.69 -8.60
CA GLY B 163 11.17 -16.25 -9.66
C GLY B 163 11.75 -16.12 -11.07
N GLY B 164 12.76 -15.24 -11.33
CA GLY B 164 13.33 -15.23 -12.70
C GLY B 164 14.14 -16.46 -13.04
N SER B 165 14.40 -17.29 -12.03
CA SER B 165 15.21 -18.51 -12.18
C SER B 165 14.40 -19.82 -12.39
N ILE B 166 13.07 -19.69 -12.36
CA ILE B 166 12.24 -20.88 -12.54
C ILE B 166 11.16 -20.63 -13.58
N HIS B 167 10.93 -21.64 -14.43
CA HIS B 167 9.83 -21.49 -15.41
C HIS B 167 9.06 -22.80 -15.33
N VAL B 168 7.72 -22.69 -15.53
CA VAL B 168 6.90 -23.95 -15.46
C VAL B 168 5.93 -23.98 -16.61
N ASP B 169 5.47 -25.19 -16.90
CA ASP B 169 4.51 -25.36 -18.01
C ASP B 169 3.05 -25.57 -17.52
N GLY B 170 2.90 -25.64 -16.20
CA GLY B 170 1.59 -25.88 -15.62
C GLY B 170 1.13 -27.33 -15.75
N GLU B 171 2.03 -28.18 -16.23
CA GLU B 171 1.80 -29.61 -16.40
C GLU B 171 2.88 -30.46 -15.77
N GLY B 172 3.42 -29.93 -14.65
CA GLY B 172 4.35 -30.67 -13.84
C GLY B 172 5.83 -30.48 -14.15
N THR B 173 6.16 -29.72 -15.20
CA THR B 173 7.63 -29.57 -15.52
C THR B 173 8.10 -28.19 -15.02
N CYS B 174 9.38 -28.19 -14.56
CA CYS B 174 10.09 -26.99 -14.11
C CYS B 174 11.39 -26.86 -14.92
N LEU B 175 11.63 -25.72 -15.53
CA LEU B 175 12.81 -25.48 -16.39
C LEU B 175 13.68 -24.47 -15.59
N VAL B 176 14.94 -24.87 -15.33
CA VAL B 176 15.84 -24.03 -14.46
C VAL B 176 17.19 -23.87 -15.07
N THR B 177 18.15 -23.24 -14.35
CA THR B 177 19.52 -23.20 -14.94
C THR B 177 20.42 -23.77 -13.86
N GLU B 178 21.38 -24.62 -14.30
CA GLU B 178 22.32 -25.17 -13.35
C GLU B 178 23.20 -24.02 -12.93
N GLU B 179 23.57 -23.21 -13.92
CA GLU B 179 24.47 -22.10 -13.72
C GLU B 179 23.98 -21.32 -12.56
N CYS B 180 22.65 -21.10 -12.50
CA CYS B 180 22.14 -20.26 -11.45
C CYS B 180 21.70 -21.07 -10.24
N LEU B 181 20.84 -22.08 -10.41
CA LEU B 181 20.33 -22.76 -9.18
C LEU B 181 21.35 -23.53 -8.41
N LEU B 182 22.45 -23.90 -9.09
CA LEU B 182 23.56 -24.55 -8.36
C LEU B 182 24.73 -23.64 -8.02
N ASN B 183 24.62 -22.35 -8.25
CA ASN B 183 25.77 -21.50 -7.99
C ASN B 183 26.15 -21.46 -6.53
N LYS B 184 27.50 -21.32 -6.35
CA LYS B 184 27.98 -21.26 -4.95
C LYS B 184 27.46 -20.06 -4.18
N ASN B 185 26.92 -19.07 -4.91
CA ASN B 185 26.40 -17.86 -4.25
C ASN B 185 24.89 -17.94 -3.86
N ARG B 186 24.24 -19.12 -4.04
CA ARG B 186 22.84 -19.21 -3.68
C ARG B 186 22.64 -20.15 -2.49
N ASN B 187 22.40 -21.45 -2.74
CA ASN B 187 22.12 -22.39 -1.64
C ASN B 187 23.08 -23.56 -1.69
N PRO B 188 24.32 -23.25 -1.37
CA PRO B 188 25.41 -24.19 -1.41
C PRO B 188 25.24 -25.45 -0.58
N HIS B 189 24.50 -25.31 0.50
CA HIS B 189 24.31 -26.49 1.35
C HIS B 189 23.29 -27.54 0.82
N MSE B 190 22.79 -27.34 -0.43
CA MSE B 190 21.77 -28.21 -1.09
C MSE B 190 22.21 -28.86 -2.46
O MSE B 190 22.62 -28.15 -3.42
CB MSE B 190 20.51 -27.38 -1.40
CG MSE B 190 19.99 -26.57 -0.14
SE MSE B 190 18.28 -25.74 -0.43
CE MSE B 190 17.22 -27.20 -1.01
N SER B 191 21.98 -30.18 -2.59
CA SER B 191 22.31 -30.95 -3.81
C SER B 191 21.21 -30.72 -4.89
N LYS B 192 21.46 -31.24 -6.07
CA LYS B 192 20.42 -31.02 -7.07
C LYS B 192 19.12 -31.64 -6.58
N GLU B 193 19.23 -32.73 -5.80
CA GLU B 193 18.04 -33.39 -5.32
C GLU B 193 17.43 -32.67 -4.07
N GLN B 194 18.28 -31.97 -3.29
CA GLN B 194 17.73 -31.22 -2.09
C GLN B 194 16.97 -29.97 -2.50
N ILE B 195 17.27 -29.47 -3.71
CA ILE B 195 16.60 -28.33 -4.40
C ILE B 195 15.43 -28.89 -5.23
N GLU B 196 15.65 -30.00 -5.94
CA GLU B 196 14.47 -30.52 -6.68
C GLU B 196 13.28 -30.86 -5.74
N GLU B 197 13.60 -31.44 -4.56
CA GLU B 197 12.49 -31.77 -3.67
C GLU B 197 11.65 -30.56 -3.20
N GLU B 198 12.32 -29.43 -2.84
CA GLU B 198 11.59 -28.20 -2.46
C GLU B 198 10.87 -27.71 -3.67
N LEU B 199 11.53 -27.79 -4.85
CA LEU B 199 10.87 -27.26 -6.01
C LEU B 199 9.54 -28.07 -6.20
N LYS B 200 9.61 -29.43 -6.06
CA LYS B 200 8.30 -30.18 -6.17
C LYS B 200 7.28 -29.79 -5.10
N LYS B 201 7.70 -29.67 -3.84
CA LYS B 201 6.73 -29.38 -2.76
C LYS B 201 6.09 -28.01 -2.88
N TYR B 202 6.78 -27.01 -3.43
CA TYR B 202 6.15 -25.69 -3.44
C TYR B 202 5.59 -25.45 -4.84
N LEU B 203 6.33 -25.83 -5.86
CA LEU B 203 5.78 -25.52 -7.19
C LEU B 203 4.78 -26.57 -7.66
N GLY B 204 4.71 -27.72 -6.96
CA GLY B 204 3.75 -28.71 -7.44
C GLY B 204 4.20 -29.36 -8.68
N VAL B 205 5.49 -29.24 -8.99
CA VAL B 205 6.01 -29.90 -10.22
C VAL B 205 6.49 -31.33 -9.95
N GLN B 206 6.68 -32.09 -11.05
CA GLN B 206 7.14 -33.46 -10.89
C GLN B 206 8.50 -33.75 -11.53
N SER B 207 8.86 -32.93 -12.55
CA SER B 207 10.15 -33.26 -13.20
C SER B 207 10.79 -31.95 -13.65
N PHE B 208 12.09 -32.07 -13.91
CA PHE B 208 12.90 -30.93 -14.19
C PHE B 208 13.64 -31.03 -15.50
N ILE B 209 13.84 -29.84 -16.11
CA ILE B 209 14.73 -29.71 -17.26
C ILE B 209 15.80 -28.68 -16.84
N TRP B 210 17.04 -29.18 -16.65
CA TRP B 210 18.20 -28.37 -16.27
C TRP B 210 19.04 -27.88 -17.41
N LEU B 211 19.01 -26.58 -17.65
CA LEU B 211 19.94 -26.07 -18.67
C LEU B 211 21.23 -25.66 -17.91
N PRO B 212 22.42 -26.29 -18.16
CA PRO B 212 23.66 -25.94 -17.47
C PRO B 212 23.98 -24.49 -17.39
N ARG B 213 23.56 -23.74 -18.42
CA ARG B 213 23.93 -22.35 -18.48
C ARG B 213 22.72 -21.61 -19.04
N GLY B 214 22.78 -20.31 -18.78
CA GLY B 214 21.87 -19.28 -19.26
C GLY B 214 22.57 -18.44 -20.32
N LEU B 215 22.06 -17.22 -20.48
CA LEU B 215 22.51 -16.28 -21.58
C LEU B 215 23.89 -15.70 -21.30
N TYR B 216 24.75 -15.75 -22.33
CA TYR B 216 26.03 -15.12 -22.18
C TYR B 216 25.77 -13.57 -21.95
N GLY B 217 26.46 -13.07 -20.93
CA GLY B 217 26.38 -11.71 -20.47
C GLY B 217 25.63 -11.50 -19.16
N ASP B 218 24.90 -12.56 -18.76
CA ASP B 218 24.13 -12.50 -17.51
C ASP B 218 24.90 -12.97 -16.34
N GLU B 219 26.07 -12.38 -16.14
CA GLU B 219 26.91 -12.77 -14.97
C GLU B 219 26.33 -12.29 -13.68
N ASP B 220 25.77 -11.10 -13.69
CA ASP B 220 25.37 -10.56 -12.39
C ASP B 220 24.25 -11.18 -11.72
N THR B 221 23.40 -11.87 -12.46
CA THR B 221 22.28 -12.50 -11.88
C THR B 221 22.50 -13.98 -11.92
N ASN B 222 23.65 -14.34 -12.55
CA ASN B 222 24.08 -15.69 -12.76
C ASN B 222 23.13 -16.49 -13.59
N GLY B 223 22.82 -15.93 -14.76
CA GLY B 223 22.15 -16.75 -15.74
C GLY B 223 20.68 -17.14 -15.45
N HIS B 224 19.83 -16.22 -15.07
CA HIS B 224 18.43 -16.81 -14.96
C HIS B 224 17.85 -17.42 -16.27
N ILE B 225 16.97 -18.41 -16.04
CA ILE B 225 16.37 -19.12 -17.17
C ILE B 225 15.55 -18.13 -17.97
N ASP B 226 14.88 -17.21 -17.28
CA ASP B 226 13.96 -16.34 -18.05
C ASP B 226 14.58 -15.41 -19.07
N ASN B 227 15.90 -15.23 -19.03
CA ASN B 227 16.52 -14.45 -20.07
C ASN B 227 17.25 -15.39 -21.00
N MSE B 228 16.89 -16.71 -21.01
CA MSE B 228 17.53 -17.72 -21.79
C MSE B 228 16.42 -18.61 -22.45
O MSE B 228 16.47 -18.83 -23.66
CB MSE B 228 18.50 -18.60 -20.90
CG MSE B 228 19.06 -19.75 -21.85
SE MSE B 228 20.37 -18.95 -23.19
CE MSE B 228 21.45 -20.65 -23.65
N CYS B 229 15.45 -19.12 -21.63
CA CYS B 229 14.45 -20.00 -22.23
C CYS B 229 13.10 -19.78 -21.58
N CYS B 230 12.07 -19.69 -22.39
CA CYS B 230 10.61 -19.42 -21.95
C CYS B 230 10.00 -20.63 -22.50
N PHE B 231 8.88 -21.05 -21.83
CA PHE B 231 7.97 -22.08 -22.33
C PHE B 231 6.95 -21.38 -23.28
N ALA B 232 6.67 -21.98 -24.43
CA ALA B 232 5.54 -21.40 -25.21
C ALA B 232 4.16 -22.03 -24.96
N ARG B 233 4.17 -23.32 -24.66
CA ARG B 233 2.99 -24.16 -24.38
C ARG B 233 3.58 -25.50 -23.93
N PRO B 234 2.82 -26.39 -23.32
CA PRO B 234 3.37 -27.65 -22.89
C PRO B 234 4.03 -28.37 -24.11
N GLY B 235 5.24 -28.86 -23.85
CA GLY B 235 6.07 -29.54 -24.88
C GLY B 235 6.83 -28.64 -25.88
N VAL B 236 6.82 -27.31 -25.70
CA VAL B 236 7.43 -26.44 -26.72
C VAL B 236 8.12 -25.30 -25.94
N VAL B 237 9.32 -24.91 -26.41
CA VAL B 237 10.04 -23.77 -25.75
C VAL B 237 10.51 -22.75 -26.80
N LEU B 238 10.88 -21.59 -26.28
CA LEU B 238 11.57 -20.56 -27.08
C LEU B 238 13.03 -20.42 -26.56
N LEU B 239 14.00 -20.80 -27.41
CA LEU B 239 15.44 -20.81 -27.01
C LEU B 239 16.24 -19.68 -27.65
N SER B 240 17.05 -19.04 -26.79
CA SER B 240 17.96 -17.97 -27.24
C SER B 240 18.88 -18.61 -28.24
N TRP B 241 19.04 -17.97 -29.42
CA TRP B 241 19.79 -18.69 -30.46
C TRP B 241 20.59 -17.79 -31.34
N THR B 242 21.74 -18.30 -31.82
CA THR B 242 22.45 -17.53 -32.92
C THR B 242 23.13 -18.68 -33.70
N ASP B 243 23.24 -18.44 -35.01
CA ASP B 243 24.00 -19.35 -35.91
C ASP B 243 25.50 -18.85 -35.93
N ASP B 244 25.82 -17.64 -35.43
CA ASP B 244 27.23 -17.12 -35.49
C ASP B 244 28.15 -17.82 -34.55
N GLU B 245 29.22 -18.39 -35.07
CA GLU B 245 30.15 -19.06 -34.17
C GLU B 245 31.18 -18.24 -33.44
N THR B 246 31.40 -16.97 -33.74
CA THR B 246 32.36 -16.22 -32.95
C THR B 246 31.78 -15.56 -31.68
N ASP B 247 30.43 -15.55 -31.52
CA ASP B 247 29.82 -14.94 -30.30
C ASP B 247 29.80 -16.12 -29.30
N PRO B 248 30.30 -15.94 -28.05
CA PRO B 248 30.34 -16.94 -26.99
C PRO B 248 28.88 -17.47 -26.75
N GLN B 249 27.86 -16.71 -27.16
CA GLN B 249 26.49 -17.25 -26.98
C GLN B 249 26.29 -18.60 -27.67
N TYR B 250 26.91 -18.80 -28.85
CA TYR B 250 26.68 -19.99 -29.61
C TYR B 250 26.87 -21.28 -28.81
N GLU B 251 28.01 -21.37 -28.14
CA GLU B 251 28.22 -22.61 -27.39
C GLU B 251 27.20 -22.78 -26.26
N ARG B 252 26.66 -21.70 -25.74
CA ARG B 252 25.64 -21.85 -24.71
C ARG B 252 24.35 -22.35 -25.35
N SER B 253 24.01 -21.75 -26.51
CA SER B 253 22.78 -22.18 -27.18
C SER B 253 22.86 -23.58 -27.75
N VAL B 254 24.01 -23.96 -28.33
CA VAL B 254 24.12 -25.33 -28.85
C VAL B 254 24.03 -26.32 -27.67
N GLU B 255 24.65 -26.02 -26.54
CA GLU B 255 24.59 -26.96 -25.38
C GLU B 255 23.15 -27.24 -24.83
N ALA B 256 22.49 -26.09 -24.66
CA ALA B 256 21.08 -26.13 -24.20
C ALA B 256 20.21 -27.04 -25.07
N LEU B 257 20.29 -26.86 -26.42
CA LEU B 257 19.53 -27.66 -27.45
C LEU B 257 19.94 -29.11 -27.20
N SER B 258 21.23 -29.34 -27.01
CA SER B 258 21.64 -30.71 -26.72
C SER B 258 20.86 -31.33 -25.52
N VAL B 259 20.85 -30.56 -24.42
CA VAL B 259 20.09 -31.00 -23.25
C VAL B 259 18.60 -31.12 -23.57
N LEU B 260 18.01 -30.14 -24.29
CA LEU B 260 16.56 -30.20 -24.59
C LEU B 260 16.26 -31.51 -25.39
N SER B 261 17.14 -31.83 -26.33
CA SER B 261 16.99 -33.03 -27.19
C SER B 261 17.02 -34.33 -26.43
N ASN B 262 17.69 -34.32 -25.28
CA ASN B 262 17.74 -35.48 -24.47
C ASN B 262 16.82 -35.32 -23.30
N SER B 263 15.83 -34.44 -23.43
CA SER B 263 14.91 -34.25 -22.28
C SER B 263 13.47 -34.78 -22.50
N ILE B 264 12.85 -35.20 -21.42
CA ILE B 264 11.40 -35.64 -21.48
C ILE B 264 10.71 -34.82 -20.36
N ASP B 265 9.54 -34.27 -20.69
CA ASP B 265 8.85 -33.46 -19.69
C ASP B 265 8.02 -34.34 -18.73
N ALA B 266 7.29 -33.69 -17.84
CA ALA B 266 6.57 -34.41 -16.81
C ALA B 266 5.34 -35.04 -17.33
N ARG B 267 5.16 -35.00 -18.66
CA ARG B 267 3.97 -35.67 -19.22
C ARG B 267 4.33 -36.60 -20.26
N GLY B 268 5.61 -36.76 -20.60
CA GLY B 268 5.95 -37.73 -21.60
C GLY B 268 6.21 -37.19 -22.97
N ARG B 269 6.60 -35.94 -23.05
CA ARG B 269 6.87 -35.41 -24.38
C ARG B 269 8.30 -35.00 -24.55
N LYS B 270 8.79 -35.25 -25.73
CA LYS B 270 10.11 -34.74 -26.10
C LYS B 270 9.91 -33.26 -26.40
N ILE B 271 10.70 -32.44 -25.76
CA ILE B 271 10.52 -31.01 -25.92
C ILE B 271 10.88 -30.76 -27.39
N GLN B 272 10.20 -29.80 -28.05
CA GLN B 272 10.39 -29.29 -29.37
C GLN B 272 10.90 -27.97 -29.01
N VAL B 273 11.85 -27.49 -29.82
CA VAL B 273 12.43 -26.18 -29.66
C VAL B 273 12.10 -25.22 -30.82
N ILE B 274 11.91 -23.94 -30.48
CA ILE B 274 11.65 -22.92 -31.49
C ILE B 274 12.76 -21.88 -31.24
N LYS B 275 13.71 -21.71 -32.18
CA LYS B 275 14.81 -20.76 -32.01
C LYS B 275 14.28 -19.31 -32.14
N LEU B 276 14.73 -18.48 -31.17
CA LEU B 276 14.30 -17.11 -31.13
C LEU B 276 15.60 -16.31 -31.04
N TYR B 277 16.22 -16.28 -32.21
CA TYR B 277 17.46 -15.57 -32.59
C TYR B 277 17.55 -14.24 -31.83
N ILE B 278 18.63 -14.09 -31.06
CA ILE B 278 18.92 -12.86 -30.36
C ILE B 278 19.29 -11.69 -31.34
N PRO B 279 19.06 -10.47 -30.89
CA PRO B 279 19.43 -9.29 -31.73
C PRO B 279 21.02 -9.41 -31.95
N GLU B 280 21.59 -8.77 -33.02
CA GLU B 280 23.11 -8.74 -33.13
C GLU B 280 23.69 -8.07 -31.88
N PRO B 281 24.98 -8.31 -31.49
CA PRO B 281 25.59 -7.73 -30.27
C PRO B 281 25.44 -6.21 -30.00
N LEU B 282 25.00 -5.92 -28.78
CA LEU B 282 24.73 -4.60 -28.27
C LEU B 282 25.80 -4.19 -27.25
N TYR B 283 26.23 -2.93 -27.33
CA TYR B 283 27.23 -2.40 -26.38
C TYR B 283 26.87 -1.03 -25.79
N MSE B 284 27.06 -0.95 -24.48
CA MSE B 284 26.78 0.24 -23.74
C MSE B 284 27.71 1.32 -24.22
O MSE B 284 28.90 1.10 -24.21
CB MSE B 284 26.99 0.01 -22.25
CG MSE B 284 26.72 1.26 -21.43
SE MSE B 284 26.88 0.95 -19.55
CE MSE B 284 25.02 0.44 -19.14
N THR B 285 27.12 2.43 -24.65
CA THR B 285 27.76 3.63 -25.20
C THR B 285 28.26 4.51 -24.09
N GLU B 286 29.11 5.46 -24.47
CA GLU B 286 29.70 6.37 -23.50
C GLU B 286 28.68 7.25 -22.81
N GLU B 287 27.77 7.81 -23.60
CA GLU B 287 26.74 8.67 -23.08
C GLU B 287 25.90 7.84 -22.10
N GLU B 288 25.75 6.53 -22.40
CA GLU B 288 24.96 5.64 -21.53
C GLU B 288 25.71 5.39 -20.22
N SER B 289 27.01 5.09 -20.28
CA SER B 289 27.79 4.83 -19.09
C SER B 289 27.96 6.09 -18.22
N SER B 290 28.06 7.24 -18.86
CA SER B 290 28.26 8.48 -18.11
C SER B 290 26.97 9.01 -17.42
N GLY B 291 25.82 8.47 -17.80
CA GLY B 291 24.57 8.93 -17.21
C GLY B 291 24.27 8.36 -15.84
N ILE B 292 25.16 7.51 -15.36
CA ILE B 292 25.07 6.81 -14.06
C ILE B 292 25.91 7.54 -13.02
N THR B 293 25.34 7.71 -11.82
CA THR B 293 26.02 8.43 -10.75
C THR B 293 27.33 7.84 -10.28
N GLN B 294 28.26 8.75 -9.98
CA GLN B 294 29.58 8.37 -9.51
C GLN B 294 29.74 8.66 -8.03
N ASP B 295 29.45 7.65 -7.22
CA ASP B 295 29.55 7.79 -5.79
C ASP B 295 29.74 6.44 -5.13
N GLY B 296 29.00 5.43 -5.61
CA GLY B 296 29.12 4.08 -5.07
C GLY B 296 27.85 3.51 -4.46
N GLU B 297 27.24 2.51 -5.11
CA GLU B 297 26.01 1.90 -4.57
C GLU B 297 25.83 0.42 -5.02
N ALA B 298 26.13 0.18 -6.28
CA ALA B 298 25.97 -1.16 -6.84
C ALA B 298 27.16 -1.55 -7.71
N ILE B 299 26.97 -2.62 -8.46
CA ILE B 299 28.01 -3.10 -9.36
C ILE B 299 28.31 -2.00 -10.41
N PRO B 300 29.60 -1.67 -10.62
CA PRO B 300 29.92 -0.63 -11.62
C PRO B 300 29.47 -1.02 -13.05
N ARG B 301 28.90 -0.08 -13.80
CA ARG B 301 28.43 -0.32 -15.19
C ARG B 301 29.47 0.33 -16.14
N LEU B 302 30.22 -0.49 -16.86
CA LEU B 302 31.30 0.01 -17.70
C LEU B 302 31.07 0.03 -19.20
N ALA B 303 31.62 1.04 -19.85
CA ALA B 303 31.48 1.18 -21.30
C ALA B 303 32.07 -0.07 -21.96
N GLY B 304 31.46 -0.47 -23.09
CA GLY B 304 31.85 -1.66 -23.87
C GLY B 304 31.35 -3.00 -23.31
N THR B 305 30.58 -2.95 -22.22
CA THR B 305 30.09 -4.21 -21.63
C THR B 305 29.03 -4.80 -22.58
N ARG B 306 29.11 -6.10 -22.88
CA ARG B 306 28.11 -6.71 -23.77
C ARG B 306 26.79 -6.66 -23.06
N LEU B 307 25.70 -6.31 -23.75
CA LEU B 307 24.44 -6.30 -23.03
C LEU B 307 23.81 -7.69 -23.10
N ALA B 308 23.15 -8.09 -22.01
CA ALA B 308 22.48 -9.41 -22.04
C ALA B 308 21.03 -9.34 -22.60
N ALA B 309 20.95 -9.35 -23.93
CA ALA B 309 19.70 -9.25 -24.60
C ALA B 309 19.14 -10.49 -25.29
N SER B 310 17.86 -10.79 -24.98
CA SER B 310 17.17 -11.86 -25.67
C SER B 310 15.66 -11.59 -25.77
N TYR B 311 15.11 -11.95 -26.93
CA TYR B 311 13.66 -11.84 -27.10
C TYR B 311 12.92 -12.79 -26.19
N VAL B 312 13.67 -13.73 -25.56
CA VAL B 312 12.98 -14.64 -24.63
C VAL B 312 12.52 -13.88 -23.39
N ASN B 313 13.16 -12.77 -22.96
CA ASN B 313 12.61 -12.10 -21.70
C ASN B 313 11.37 -11.22 -22.05
N PHE B 314 10.28 -11.91 -22.32
CA PHE B 314 8.99 -11.23 -22.62
C PHE B 314 7.99 -11.58 -21.52
N TYR B 315 6.92 -10.78 -21.38
CA TYR B 315 5.96 -11.17 -20.37
C TYR B 315 4.66 -11.56 -21.07
N ILE B 316 3.99 -12.63 -20.59
CA ILE B 316 2.68 -12.99 -21.18
C ILE B 316 1.62 -12.50 -20.18
N ALA B 317 0.54 -11.94 -20.75
CA ALA B 317 -0.63 -11.44 -19.90
C ALA B 317 -1.87 -12.13 -20.54
N ASN B 318 -3.07 -11.89 -19.98
CA ASN B 318 -4.34 -12.48 -20.44
C ASN B 318 -4.82 -12.22 -21.89
N GLY B 319 -4.16 -12.94 -22.82
CA GLY B 319 -4.40 -12.74 -24.23
C GLY B 319 -3.35 -11.89 -24.90
N GLY B 320 -2.30 -11.55 -24.16
CA GLY B 320 -1.31 -10.64 -24.74
C GLY B 320 0.07 -11.23 -24.48
N ILE B 321 0.99 -10.92 -25.39
CA ILE B 321 2.42 -11.29 -25.21
C ILE B 321 3.07 -9.90 -25.25
N ILE B 322 3.90 -9.51 -24.23
CA ILE B 322 4.53 -8.18 -24.21
C ILE B 322 5.98 -8.43 -24.43
N ALA B 323 6.40 -8.21 -25.70
CA ALA B 323 7.80 -8.49 -26.07
C ALA B 323 8.71 -7.25 -26.24
N PRO B 324 10.02 -7.42 -26.05
CA PRO B 324 10.90 -6.28 -26.19
C PRO B 324 11.25 -6.05 -27.69
N GLN B 325 11.72 -4.81 -27.88
CA GLN B 325 12.38 -4.44 -29.15
C GLN B 325 13.69 -3.73 -28.73
N PHE B 326 14.76 -4.13 -29.40
CA PHE B 326 16.12 -3.70 -29.05
C PHE B 326 16.72 -2.69 -30.00
N GLY B 327 16.04 -2.49 -31.12
CA GLY B 327 16.50 -1.59 -32.19
C GLY B 327 16.73 -2.49 -33.42
N ASP B 328 17.50 -3.58 -33.26
CA ASP B 328 17.90 -4.49 -34.41
C ASP B 328 16.71 -4.60 -35.33
N PRO B 329 16.84 -4.02 -36.56
CA PRO B 329 15.59 -4.14 -37.31
C PRO B 329 14.99 -5.45 -37.76
N ILE B 330 15.84 -6.29 -38.38
CA ILE B 330 15.38 -7.50 -38.93
C ILE B 330 14.99 -8.52 -37.79
N ARG B 331 15.78 -8.62 -36.75
CA ARG B 331 15.52 -9.56 -35.66
C ARG B 331 14.21 -9.16 -34.74
N ASP B 332 14.03 -7.83 -34.59
CA ASP B 332 12.85 -7.27 -33.80
C ASP B 332 11.53 -7.83 -34.48
N LYS B 333 11.35 -7.29 -35.74
CA LYS B 333 10.17 -7.69 -36.53
C LYS B 333 9.88 -9.26 -36.58
N GLU B 334 10.96 -10.06 -36.82
CA GLU B 334 10.97 -11.50 -36.94
C GLU B 334 10.66 -12.17 -35.58
N ALA B 335 11.20 -11.61 -34.48
CA ALA B 335 10.86 -12.13 -33.13
C ALA B 335 9.33 -12.14 -32.90
N ILE B 336 8.75 -11.01 -33.42
CA ILE B 336 7.41 -10.61 -33.37
C ILE B 336 6.66 -11.66 -34.24
N ARG B 337 7.12 -11.79 -35.49
CA ARG B 337 6.47 -12.66 -36.40
C ARG B 337 6.36 -14.03 -35.72
N VAL B 338 7.47 -14.54 -35.18
CA VAL B 338 7.60 -15.80 -34.47
C VAL B 338 6.80 -16.05 -33.16
N LEU B 339 6.68 -14.96 -32.39
CA LEU B 339 6.00 -15.07 -31.17
C LEU B 339 4.52 -15.13 -31.62
N SER B 340 4.19 -14.36 -32.67
CA SER B 340 2.79 -14.29 -33.12
C SER B 340 2.33 -15.68 -33.66
N ASP B 341 3.24 -16.42 -34.30
CA ASP B 341 2.96 -17.72 -34.80
C ASP B 341 2.91 -18.76 -33.64
N THR B 342 3.72 -18.49 -32.60
CA THR B 342 3.90 -19.44 -31.55
C THR B 342 2.73 -19.34 -30.53
N PHE B 343 2.06 -18.20 -30.51
CA PHE B 343 0.93 -17.94 -29.59
C PHE B 343 -0.18 -17.26 -30.47
N PRO B 344 -0.75 -18.06 -31.34
CA PRO B 344 -1.80 -17.60 -32.25
C PRO B 344 -3.08 -17.15 -31.52
N HIS B 345 -3.04 -17.23 -30.21
CA HIS B 345 -4.18 -16.68 -29.46
C HIS B 345 -3.89 -15.34 -28.70
N HIS B 346 -2.73 -14.63 -28.94
CA HIS B 346 -2.47 -13.31 -28.24
C HIS B 346 -2.19 -12.14 -29.25
N SER B 347 -1.76 -11.03 -28.70
CA SER B 347 -1.36 -9.77 -29.34
C SER B 347 0.06 -9.35 -28.91
N VAL B 348 0.95 -9.39 -29.89
CA VAL B 348 2.28 -9.05 -29.58
C VAL B 348 2.60 -7.60 -29.61
N VAL B 349 2.93 -7.08 -28.45
CA VAL B 349 3.21 -5.67 -28.33
C VAL B 349 4.68 -5.49 -28.12
N GLY B 350 5.32 -5.00 -29.16
CA GLY B 350 6.73 -4.76 -29.11
C GLY B 350 6.95 -3.43 -28.43
N ILE B 351 7.31 -3.48 -27.15
CA ILE B 351 7.59 -2.28 -26.37
C ILE B 351 8.84 -1.78 -26.97
N GLU B 352 8.83 -0.55 -27.52
CA GLU B 352 10.07 0.00 -28.08
C GLU B 352 10.83 0.56 -26.82
N ASN B 353 12.13 0.84 -26.97
CA ASN B 353 13.00 1.35 -25.94
C ASN B 353 13.24 0.34 -24.84
N ALA B 354 12.97 -0.93 -25.14
CA ALA B 354 13.29 -1.96 -24.14
C ALA B 354 14.80 -1.95 -23.84
N ARG B 355 15.61 -1.28 -24.69
CA ARG B 355 17.04 -1.10 -24.42
C ARG B 355 17.27 -0.40 -23.07
N GLU B 356 16.37 0.48 -22.70
CA GLU B 356 16.54 1.20 -21.43
C GLU B 356 16.48 0.30 -20.19
N ILE B 357 15.86 -0.87 -20.36
CA ILE B 357 15.79 -1.79 -19.22
C ILE B 357 17.08 -2.64 -19.23
N VAL B 358 17.51 -3.12 -20.43
CA VAL B 358 18.70 -3.96 -20.53
C VAL B 358 19.95 -3.22 -20.04
N LEU B 359 20.01 -1.90 -20.21
CA LEU B 359 21.19 -1.14 -19.74
C LEU B 359 21.28 -1.25 -18.18
N ALA B 360 20.12 -1.48 -17.52
CA ALA B 360 20.10 -1.61 -16.07
C ALA B 360 20.18 -3.00 -15.46
N GLY B 361 20.27 -4.05 -16.29
CA GLY B 361 20.51 -5.42 -15.86
C GLY B 361 19.34 -6.37 -16.13
N GLY B 362 18.25 -5.82 -16.64
CA GLY B 362 17.03 -6.62 -16.83
C GLY B 362 16.21 -6.31 -18.07
N ASN B 363 15.03 -6.89 -18.16
CA ASN B 363 14.16 -6.70 -19.33
C ASN B 363 12.75 -6.88 -18.83
N ILE B 364 11.76 -6.91 -19.72
CA ILE B 364 10.32 -6.92 -19.38
C ILE B 364 9.99 -8.12 -18.42
N HIS B 365 10.57 -9.29 -18.67
CA HIS B 365 10.13 -10.34 -17.76
C HIS B 365 10.74 -10.19 -16.35
N CYS B 366 11.83 -9.44 -16.20
CA CYS B 366 12.48 -9.29 -14.91
C CYS B 366 11.83 -8.29 -14.00
N ILE B 367 11.09 -7.35 -14.58
CA ILE B 367 10.36 -6.27 -13.87
C ILE B 367 8.84 -6.53 -13.68
N THR B 368 8.40 -7.77 -13.97
CA THR B 368 6.98 -8.16 -13.81
C THR B 368 6.80 -9.38 -12.96
N GLN B 369 5.66 -9.45 -12.28
CA GLN B 369 5.46 -10.68 -11.50
C GLN B 369 3.95 -10.74 -11.43
N GLN B 370 3.38 -11.71 -12.21
CA GLN B 370 1.91 -11.97 -12.41
C GLN B 370 1.23 -12.55 -11.15
N GLN B 371 -0.06 -12.17 -10.97
CA GLN B 371 -0.88 -12.81 -9.90
C GLN B 371 -2.03 -13.60 -10.65
N PRO B 372 -2.04 -14.95 -10.57
CA PRO B 372 -3.08 -15.81 -11.22
C PRO B 372 -4.45 -15.53 -10.65
N ALA B 373 -5.41 -16.06 -11.40
CA ALA B 373 -6.83 -16.02 -10.92
C ALA B 373 -6.92 -16.90 -9.67
N GLU B 374 -7.71 -16.56 -8.63
CA GLU B 374 -7.86 -17.48 -7.49
C GLU B 374 -9.06 -18.38 -7.85
N PRO B 375 -8.84 -19.69 -7.98
CA PRO B 375 -9.95 -20.63 -8.31
C PRO B 375 -11.10 -20.53 -7.27
N THR B 376 -12.26 -21.06 -7.64
CA THR B 376 -13.39 -21.04 -6.72
C THR B 376 -13.86 -22.51 -6.46
MG MG C . -6.46 15.33 1.59
C1 EDO D . -2.42 17.31 16.76
O1 EDO D . -2.96 17.24 18.12
C2 EDO D . -0.92 17.06 16.73
O2 EDO D . -0.59 16.12 17.75
C1 EDO E . -28.10 7.49 30.39
O1 EDO E . -28.67 6.75 31.50
C2 EDO E . -28.03 9.01 30.75
O2 EDO E . -27.21 9.28 31.91
C1 EDO F . -7.23 15.37 15.85
O1 EDO F . -5.82 15.27 15.72
C2 EDO F . -7.42 16.21 17.11
O2 EDO F . -6.19 16.14 17.85
C1 EDO G . -4.10 30.53 7.63
O1 EDO G . -3.30 29.33 7.92
C2 EDO G . -4.76 30.43 6.28
O2 EDO G . -4.95 29.05 5.93
C1 EDO H . -7.42 25.98 26.11
O1 EDO H . -6.90 24.84 25.33
C2 EDO H . -8.66 26.48 25.34
O2 EDO H . -9.44 25.35 25.04
C1 EDO I . 1.57 -0.52 -0.30
O1 EDO I . 0.92 -1.52 0.54
C2 EDO I . 1.46 0.84 0.38
O2 EDO I . 0.12 1.16 0.74
C1 EDO J . -10.23 24.27 38.16
O1 EDO J . -10.07 23.59 36.88
C2 EDO J . -11.21 23.46 39.01
O2 EDO J . -11.77 22.43 38.20
S1 MPO K . -29.16 12.76 3.03
O1 MPO K . -28.41 13.04 4.28
O2 MPO K . -29.21 13.52 1.71
O4 MPO K . -31.28 5.55 1.47
N1 MPO K . -31.19 8.42 1.64
C1 MPO K . -30.62 11.73 3.09
O3 MPO K . -30.20 13.81 3.62
C2 MPO K . -30.20 10.45 2.44
C3 MPO K . -31.44 9.64 2.39
C4 MPO K . -32.46 7.71 1.59
C5 MPO K . -32.29 6.40 0.81
C6 MPO K . -30.00 6.27 1.45
C7 MPO K . -30.17 7.55 2.33
MG MG L . 11.25 -12.79 -0.43
C1 EDO M . 17.74 -8.46 -12.97
O1 EDO M . 17.86 -9.06 -14.28
C2 EDO M . 16.46 -8.93 -12.36
O2 EDO M . 16.07 -10.12 -12.96
C1 EDO N . -0.20 -20.67 -24.75
O1 EDO N . -1.53 -20.19 -25.00
C2 EDO N . -0.34 -21.93 -23.99
O2 EDO N . -1.13 -22.86 -24.72
C1 EDO O . -8.36 -4.96 -19.15
O1 EDO O . -8.87 -3.69 -19.61
C2 EDO O . -8.08 -4.80 -17.67
O2 EDO O . -8.84 -5.75 -16.99
C1 EDO P . 25.61 -12.52 -8.97
O1 EDO P . 25.38 -11.03 -8.72
C2 EDO P . 26.93 -12.65 -9.83
O2 EDO P . 27.85 -13.52 -9.20
C1 EDO Q . 4.86 -21.18 6.83
O1 EDO Q . 4.87 -22.38 5.93
C2 EDO Q . 5.79 -20.19 6.23
O2 EDO Q . 5.21 -18.93 6.25
C1 EDO R . -4.56 -22.10 -12.62
O1 EDO R . -3.91 -22.99 -13.56
C2 EDO R . -4.39 -20.62 -12.98
O2 EDO R . -5.18 -19.87 -12.02
N ARG A 5 -14.27 19.01 -13.09
CA ARG A 5 -14.34 19.48 -11.69
C ARG A 5 -15.81 19.57 -11.25
N GLU A 6 -16.33 18.45 -10.79
CA GLU A 6 -17.71 18.36 -10.35
C GLU A 6 -17.88 18.00 -8.87
N SER A 7 -18.94 18.49 -8.25
CA SER A 7 -19.15 18.19 -6.85
C SER A 7 -19.81 16.84 -6.64
N PRO A 8 -19.66 16.29 -5.44
CA PRO A 8 -20.27 15.00 -5.11
C PRO A 8 -21.80 15.00 -5.32
N ALA A 9 -22.47 16.09 -4.95
CA ALA A 9 -23.92 16.24 -5.08
C ALA A 9 -24.30 16.01 -6.56
N GLU A 10 -23.47 16.48 -7.50
CA GLU A 10 -23.82 16.25 -8.92
C GLU A 10 -23.82 14.76 -9.26
N HIS A 11 -23.02 13.99 -8.54
CA HIS A 11 -22.94 12.57 -8.77
C HIS A 11 -23.80 11.72 -7.84
N GLY A 12 -24.57 12.36 -6.97
CA GLY A 12 -25.45 11.59 -6.12
C GLY A 12 -24.88 11.18 -4.74
N TYR A 13 -23.68 11.60 -4.46
CA TYR A 13 -23.03 11.17 -3.19
C TYR A 13 -23.36 12.00 -1.94
N TYR A 14 -23.22 11.37 -0.80
CA TYR A 14 -23.42 12.12 0.47
C TYR A 14 -22.62 11.34 1.53
N MSE A 15 -22.39 12.00 2.66
CA MSE A 15 -21.65 11.31 3.74
C MSE A 15 -22.63 10.54 4.61
O MSE A 15 -23.51 11.13 5.22
CB MSE A 15 -20.92 12.35 4.63
CG MSE A 15 -19.99 11.64 5.56
SE MSE A 15 -19.12 12.99 6.74
CE MSE A 15 -18.41 11.84 8.17
N PRO A 16 -22.44 9.21 4.74
CA PRO A 16 -23.33 8.45 5.59
C PRO A 16 -22.74 8.59 7.03
N ALA A 17 -23.60 8.38 8.02
CA ALA A 17 -23.26 8.49 9.45
C ALA A 17 -22.32 7.31 9.74
N GLU A 18 -21.45 7.53 10.71
CA GLU A 18 -20.47 6.52 11.16
C GLU A 18 -21.18 5.18 11.58
N TRP A 19 -22.45 5.24 12.04
CA TRP A 19 -23.10 3.99 12.47
C TRP A 19 -23.50 3.15 11.23
N ASP A 20 -23.33 3.67 10.01
CA ASP A 20 -23.63 2.79 8.88
C ASP A 20 -22.59 1.70 8.83
N SER A 21 -22.87 0.72 7.94
CA SER A 21 -22.01 -0.42 7.82
C SER A 21 -20.69 -0.07 7.20
N HIS A 22 -19.66 -0.50 7.89
CA HIS A 22 -18.36 -0.29 7.32
C HIS A 22 -17.92 -1.55 6.62
N ALA A 23 -16.97 -1.38 5.73
CA ALA A 23 -16.18 -2.36 5.03
C ALA A 23 -14.88 -2.48 5.79
N GLN A 24 -14.41 -1.36 6.35
CA GLN A 24 -13.19 -1.43 7.11
C GLN A 24 -12.96 -0.10 7.74
N THR A 25 -11.97 -0.08 8.59
CA THR A 25 -11.51 1.14 9.32
C THR A 25 -10.00 1.23 9.05
N TRP A 26 -9.55 2.47 8.88
CA TRP A 26 -8.14 2.84 8.63
C TRP A 26 -7.51 3.59 9.86
N ILE A 27 -6.29 3.19 10.27
CA ILE A 27 -5.56 3.92 11.37
C ILE A 27 -4.12 4.11 11.06
N GLY A 28 -3.63 5.32 11.32
CA GLY A 28 -2.17 5.57 11.18
C GLY A 28 -1.46 4.97 12.43
N TRP A 29 -0.17 4.81 12.29
CA TRP A 29 0.66 4.17 13.36
C TRP A 29 1.72 5.23 13.75
N PRO A 30 1.75 5.60 15.05
CA PRO A 30 2.61 6.61 15.66
C PRO A 30 4.04 6.22 15.78
N GLU A 31 4.83 7.28 15.76
CA GLU A 31 6.29 7.05 15.81
C GLU A 31 7.19 8.17 16.14
N ARG A 32 6.85 9.38 15.73
CA ARG A 32 7.84 10.46 15.86
C ARG A 32 8.18 10.75 17.33
N GLN A 33 9.45 10.74 17.62
CA GLN A 33 9.71 10.90 19.04
C GLN A 33 9.59 12.32 19.49
N ASP A 34 9.51 13.29 18.56
CA ASP A 34 9.34 14.64 19.04
C ASP A 34 7.91 14.91 19.37
N ASN A 35 7.07 13.82 19.43
CA ASN A 35 5.64 14.01 19.69
C ASN A 35 5.04 13.02 20.65
N TRP A 36 5.47 11.75 20.65
CA TRP A 36 4.88 10.70 21.53
C TRP A 36 5.90 10.24 22.60
N ARG A 37 5.50 10.09 23.89
CA ARG A 37 6.62 9.82 24.85
C ARG A 37 7.26 8.50 24.67
N HIS A 38 8.54 8.44 25.10
CA HIS A 38 9.30 7.24 25.07
C HIS A 38 9.39 6.61 23.71
N ASN A 39 9.78 7.44 22.73
CA ASN A 39 9.94 7.01 21.37
C ASN A 39 8.68 6.37 20.84
N ALA A 40 7.55 6.91 21.28
CA ALA A 40 6.24 6.43 20.88
C ALA A 40 5.88 5.02 21.33
N LEU A 41 6.66 4.35 22.17
CA LEU A 41 6.24 2.98 22.54
C LEU A 41 4.92 2.98 23.33
N PRO A 42 4.72 3.91 24.29
CA PRO A 42 3.44 3.87 24.96
C PRO A 42 2.33 4.06 23.94
N ALA A 43 2.51 5.05 23.10
CA ALA A 43 1.52 5.36 22.01
C ALA A 43 1.29 4.17 21.12
N GLN A 44 2.36 3.53 20.65
CA GLN A 44 2.13 2.37 19.77
C GLN A 44 1.38 1.29 20.50
N ARG A 45 1.66 1.16 21.82
CA ARG A 45 0.94 0.08 22.49
C ARG A 45 -0.58 0.28 22.41
N VAL A 46 -1.10 1.50 22.75
CA VAL A 46 -2.57 1.74 22.69
C VAL A 46 -3.13 1.75 21.24
N PHE A 47 -2.30 2.24 20.33
CA PHE A 47 -2.73 2.19 18.92
C PHE A 47 -2.99 0.76 18.52
N ALA A 48 -2.11 -0.13 18.95
CA ALA A 48 -2.33 -1.55 18.59
C ALA A 48 -3.54 -2.05 19.39
N GLY A 49 -3.74 -1.61 20.65
CA GLY A 49 -4.95 -2.06 21.34
C GLY A 49 -6.25 -1.58 20.70
N VAL A 50 -6.25 -0.31 20.21
CA VAL A 50 -7.41 0.19 19.53
C VAL A 50 -7.56 -0.61 18.29
N ALA A 51 -6.50 -0.83 17.49
CA ALA A 51 -6.67 -1.65 16.27
C ALA A 51 -7.16 -3.07 16.59
N LYS A 52 -6.57 -3.71 17.63
CA LYS A 52 -7.08 -5.07 17.89
C LYS A 52 -8.52 -5.03 18.34
N ALA A 53 -8.90 -4.04 19.18
CA ALA A 53 -10.27 -3.93 19.64
C ALA A 53 -11.27 -3.79 18.51
N ILE A 54 -10.93 -2.89 17.55
CA ILE A 54 -11.83 -2.69 16.42
C ILE A 54 -11.87 -3.97 15.56
N SER A 55 -10.72 -4.66 15.46
CA SER A 55 -10.70 -5.87 14.58
C SER A 55 -11.64 -6.99 15.11
N LYS A 56 -12.08 -6.93 16.37
CA LYS A 56 -13.04 -7.96 16.81
C LYS A 56 -14.44 -7.67 16.25
N PHE A 57 -14.60 -6.48 15.57
CA PHE A 57 -15.87 -6.08 15.08
C PHE A 57 -15.84 -5.93 13.60
N GLU A 58 -14.65 -5.64 13.01
CA GLU A 58 -14.67 -5.43 11.58
C GLU A 58 -13.25 -5.34 11.02
N PRO A 59 -13.11 -5.43 9.67
CA PRO A 59 -11.76 -5.33 9.15
C PRO A 59 -11.02 -4.02 9.42
N VAL A 60 -9.74 -4.16 9.78
CA VAL A 60 -8.86 -3.04 9.99
C VAL A 60 -7.59 -3.03 9.19
N THR A 61 -7.23 -1.85 8.63
CA THR A 61 -5.92 -1.69 8.01
C THR A 61 -5.16 -0.61 8.81
N VAL A 62 -3.91 -0.93 9.17
CA VAL A 62 -2.98 0.00 9.82
C VAL A 62 -1.90 0.40 8.81
N CYS A 63 -1.56 1.69 8.81
CA CYS A 63 -0.57 2.23 7.92
C CYS A 63 0.61 2.64 8.72
N ALA A 64 1.79 2.22 8.27
CA ALA A 64 2.99 2.54 9.07
C ALA A 64 4.03 3.13 8.14
N SER A 65 4.79 4.06 8.70
CA SER A 65 5.79 4.69 7.83
C SER A 65 6.76 3.63 7.42
N PRO A 66 7.56 3.91 6.38
CA PRO A 66 8.56 2.93 5.95
C PRO A 66 9.47 2.49 7.05
N ALA A 67 9.73 3.34 8.03
CA ALA A 67 10.61 2.88 9.13
C ALA A 67 9.93 1.95 10.19
N GLN A 68 8.59 2.01 10.32
CA GLN A 68 7.85 1.18 11.32
C GLN A 68 7.06 -0.01 10.81
N TRP A 69 7.14 -0.32 9.53
CA TRP A 69 6.24 -1.31 9.00
C TRP A 69 6.46 -2.66 9.70
N GLU A 70 7.71 -3.15 9.73
CA GLU A 70 7.96 -4.45 10.34
C GLU A 70 7.52 -4.51 11.79
N ASN A 71 7.76 -3.46 12.59
CA ASN A 71 7.34 -3.45 14.06
C ASN A 71 5.81 -3.50 14.13
N ALA A 72 5.12 -2.76 13.32
CA ALA A 72 3.65 -2.79 13.35
C ALA A 72 3.13 -4.16 12.93
N ARG A 73 3.73 -4.74 11.89
CA ARG A 73 3.29 -6.03 11.43
C ARG A 73 3.51 -7.13 12.51
N LYS A 74 4.60 -6.95 13.26
CA LYS A 74 4.96 -7.94 14.30
C LYS A 74 4.02 -7.74 15.47
N GLN A 75 3.69 -6.51 15.80
CA GLN A 75 2.78 -6.20 16.96
C GLN A 75 1.38 -6.60 16.71
N LEU A 76 0.89 -6.54 15.48
CA LEU A 76 -0.50 -6.79 15.21
C LEU A 76 -0.80 -8.18 14.63
N PRO A 77 -1.82 -8.83 15.16
CA PRO A 77 -2.24 -10.16 14.66
C PRO A 77 -2.50 -10.01 13.10
N GLU A 78 -2.17 -11.04 12.30
CA GLU A 78 -2.26 -11.00 10.81
C GLU A 78 -3.64 -10.77 10.25
N ASP A 79 -4.69 -10.81 11.10
CA ASP A 79 -6.03 -10.53 10.53
C ASP A 79 -6.12 -9.03 10.25
N ILE A 80 -5.29 -8.29 10.97
CA ILE A 80 -5.24 -6.82 10.69
C ILE A 80 -4.27 -6.63 9.53
N ARG A 81 -4.69 -5.85 8.53
CA ARG A 81 -3.87 -5.57 7.35
C ARG A 81 -2.87 -4.38 7.52
N VAL A 82 -1.60 -4.65 7.57
CA VAL A 82 -0.61 -3.60 7.69
C VAL A 82 -0.06 -3.25 6.32
N VAL A 83 -0.10 -1.95 6.02
CA VAL A 83 0.44 -1.48 4.73
C VAL A 83 1.42 -0.35 4.96
N GLU A 84 2.30 -0.12 4.01
CA GLU A 84 3.28 0.97 4.11
C GLU A 84 2.66 2.25 3.60
N MSE A 85 2.57 3.26 4.48
CA MSE A 85 2.17 4.61 4.04
C MSE A 85 2.97 5.65 4.89
O MSE A 85 2.93 5.55 6.13
CB MSE A 85 0.67 4.71 4.23
CG MSE A 85 0.18 5.72 3.23
SE MSE A 85 -1.86 5.68 3.42
CE MSE A 85 -2.17 4.28 2.40
N SER A 86 3.67 6.62 4.22
CA SER A 86 4.45 7.72 4.89
C SER A 86 3.47 8.80 5.35
N MSE A 87 3.71 9.35 6.54
CA MSE A 87 2.89 10.40 7.09
C MSE A 87 3.78 11.23 8.05
O MSE A 87 4.80 10.71 8.58
CB MSE A 87 1.72 9.81 7.91
CG MSE A 87 2.25 8.80 8.97
SE MSE A 87 0.91 7.66 9.75
CE MSE A 87 1.12 6.06 8.51
N ASN A 88 3.35 12.48 8.27
CA ASN A 88 4.11 13.27 9.31
C ASN A 88 3.65 12.98 10.70
N ASP A 89 2.41 12.51 10.91
CA ASP A 89 1.93 12.06 12.27
C ASP A 89 0.78 11.07 11.96
N SER A 90 0.16 10.54 13.04
CA SER A 90 -0.82 9.46 12.85
C SER A 90 -2.22 9.82 13.24
N TRP A 91 -2.78 10.76 12.48
CA TRP A 91 -4.13 11.26 12.85
C TRP A 91 -5.04 11.12 11.63
N PHE A 92 -5.42 9.88 11.33
CA PHE A 92 -6.15 9.62 10.10
C PHE A 92 -7.57 10.17 10.02
N ARG A 93 -8.21 10.45 11.17
CA ARG A 93 -9.50 11.14 11.12
C ARG A 93 -9.46 12.41 10.25
N ASP A 94 -8.27 12.97 10.23
CA ASP A 94 -7.95 14.29 9.64
C ASP A 94 -7.14 14.14 8.38
N SER A 95 -6.13 13.30 8.44
CA SER A 95 -5.39 13.15 7.18
C SER A 95 -6.03 12.19 6.18
N GLY A 96 -6.90 11.31 6.68
CA GLY A 96 -7.62 10.34 5.83
C GLY A 96 -8.80 11.00 5.05
N PRO A 97 -9.44 10.22 4.20
CA PRO A 97 -10.53 10.85 3.42
C PRO A 97 -11.83 10.98 4.20
N THR A 98 -12.79 11.71 3.66
CA THR A 98 -14.11 11.64 4.37
C THR A 98 -14.92 11.01 3.22
N PHE A 99 -15.11 9.67 3.32
CA PHE A 99 -15.76 8.80 2.28
C PHE A 99 -17.26 9.17 2.24
N ILE A 100 -17.83 8.94 1.05
CA ILE A 100 -19.21 9.30 0.78
C ILE A 100 -19.82 8.21 -0.10
N VAL A 101 -21.14 8.17 -0.14
CA VAL A 101 -21.80 7.09 -0.93
C VAL A 101 -22.94 7.65 -1.70
N ARG A 102 -23.25 6.92 -2.80
CA ARG A 102 -24.44 7.26 -3.60
C ARG A 102 -25.19 5.98 -3.88
N LYS A 103 -26.46 6.15 -4.29
CA LYS A 103 -27.33 5.06 -4.66
C LYS A 103 -26.99 4.51 -6.07
N ARG A 104 -26.51 5.36 -6.98
CA ARG A 104 -26.27 4.81 -8.33
C ARG A 104 -25.62 5.71 -9.37
N ASN A 112 -17.39 3.75 -12.54
CA ASN A 112 -17.82 4.67 -11.48
C ASN A 112 -18.53 3.98 -10.28
N ARG A 113 -17.77 3.66 -9.21
CA ARG A 113 -18.37 3.02 -8.04
C ARG A 113 -19.38 3.84 -7.26
N ASN A 114 -20.07 3.21 -6.30
CA ASN A 114 -21.09 3.91 -5.51
C ASN A 114 -20.48 4.41 -4.21
N ILE A 115 -19.18 4.38 -4.19
CA ILE A 115 -18.41 4.99 -3.03
C ILE A 115 -17.30 5.86 -3.62
N ALA A 116 -17.10 7.03 -3.02
CA ALA A 116 -16.04 7.92 -3.41
C ALA A 116 -15.46 8.53 -2.12
N GLY A 117 -14.31 9.20 -2.23
CA GLY A 117 -13.70 9.88 -1.06
C GLY A 117 -13.31 11.33 -1.30
N ILE A 118 -13.56 12.15 -0.26
CA ILE A 118 -13.18 13.59 -0.36
C ILE A 118 -11.81 13.80 0.26
N ASP A 119 -10.88 14.44 -0.47
CA ASP A 119 -9.52 14.73 -0.03
C ASP A 119 -9.52 16.22 0.16
N TRP A 120 -9.67 16.66 1.41
CA TRP A 120 -9.70 18.06 1.75
C TRP A 120 -8.26 18.56 1.81
N ASN A 121 -8.07 19.90 1.68
CA ASN A 121 -6.72 20.38 1.86
C ASN A 121 -6.29 20.30 3.37
N PHE A 122 -4.96 20.17 3.59
CA PHE A 122 -4.57 19.99 4.95
C PHE A 122 -3.31 20.77 5.26
N ASN A 123 -3.39 21.51 6.35
CA ASN A 123 -2.26 22.29 6.64
C ASN A 123 -1.86 22.11 8.01
N ALA A 124 -1.96 20.82 8.46
CA ALA A 124 -1.61 20.66 9.86
C ALA A 124 -2.33 21.57 10.91
N TRP A 125 -3.64 21.68 10.76
CA TRP A 125 -4.41 22.35 11.78
C TRP A 125 -3.97 23.73 12.16
N GLY A 126 -3.76 24.54 11.15
CA GLY A 126 -3.55 25.94 11.50
C GLY A 126 -2.40 26.60 10.80
N GLY A 127 -1.62 25.79 10.07
CA GLY A 127 -0.59 26.38 9.25
C GLY A 127 0.71 26.63 9.94
N ALA A 128 1.58 27.25 9.15
CA ALA A 128 2.95 27.47 9.61
C ALA A 128 2.99 28.40 10.74
N ASN A 129 1.91 29.18 10.98
CA ASN A 129 1.89 30.10 12.14
C ASN A 129 0.91 29.76 13.26
N ASP A 130 0.13 28.68 13.13
CA ASP A 130 -0.79 28.40 14.23
C ASP A 130 -1.16 26.91 14.23
N GLY A 131 -0.30 26.12 13.55
CA GLY A 131 -0.51 24.67 13.40
C GLY A 131 0.35 23.82 14.36
N CYS A 132 0.37 22.52 14.13
CA CYS A 132 1.04 21.62 15.08
C CYS A 132 2.50 21.32 14.79
N TYR A 133 2.87 20.90 13.62
CA TYR A 133 4.29 20.68 13.39
C TYR A 133 4.52 21.51 12.21
N ASN A 134 5.75 21.52 11.70
CA ASN A 134 6.05 22.49 10.64
C ASN A 134 6.11 21.90 9.26
N ASP A 135 6.00 20.56 9.15
CA ASP A 135 6.09 19.93 7.80
C ASP A 135 4.94 18.89 7.72
N TRP A 136 3.95 19.18 6.90
CA TRP A 136 2.78 18.27 6.69
C TRP A 136 2.80 17.77 5.26
N SER A 137 3.99 17.74 4.65
CA SER A 137 4.10 17.28 3.25
C SER A 137 3.44 16.00 2.93
N HIS A 138 3.84 14.96 3.70
CA HIS A 138 3.35 13.54 3.57
C HIS A 138 1.83 13.50 3.93
N ASP A 139 1.37 14.32 4.90
CA ASP A 139 -0.07 14.26 5.25
C ASP A 139 -0.94 14.70 4.08
N LEU A 140 -0.38 15.57 3.23
CA LEU A 140 -1.11 16.00 2.06
C LEU A 140 -1.09 14.85 1.09
N LEU A 141 -0.36 13.76 1.36
CA LEU A 141 -0.36 12.62 0.48
C LEU A 141 -1.14 11.39 0.97
N VAL A 142 -1.73 11.46 2.17
CA VAL A 142 -2.39 10.21 2.70
C VAL A 142 -3.77 9.92 2.07
N SER A 143 -4.64 10.94 1.91
CA SER A 143 -5.96 10.64 1.41
C SER A 143 -5.92 10.03 -0.01
N ARG A 144 -5.15 10.64 -0.88
CA ARG A 144 -5.04 10.10 -2.19
C ARG A 144 -4.39 8.73 -2.22
N LYS A 145 -3.48 8.47 -1.27
CA LYS A 145 -2.80 7.18 -1.24
C LYS A 145 -3.70 6.01 -0.85
N ILE A 146 -4.60 6.25 0.15
CA ILE A 146 -5.54 5.23 0.64
C ILE A 146 -6.67 5.04 -0.46
N LEU A 147 -6.99 6.14 -1.16
CA LEU A 147 -8.08 6.07 -2.15
C LEU A 147 -7.52 5.29 -3.33
N ALA A 148 -6.24 5.39 -3.60
CA ALA A 148 -5.61 4.63 -4.66
C ALA A 148 -5.56 3.12 -4.32
N LEU A 149 -5.14 2.83 -3.08
CA LEU A 149 -5.01 1.47 -2.65
C LEU A 149 -6.34 0.68 -2.77
N GLU A 150 -7.47 1.37 -2.52
CA GLU A 150 -8.77 0.72 -2.56
C GLU A 150 -9.49 0.93 -3.93
N ARG A 151 -8.80 1.62 -4.88
CA ARG A 151 -9.44 1.97 -6.21
C ARG A 151 -10.79 2.65 -6.12
N ILE A 152 -10.90 3.60 -5.18
CA ILE A 152 -12.13 4.32 -4.99
C ILE A 152 -11.96 5.74 -5.54
N PRO A 153 -12.99 6.25 -6.25
CA PRO A 153 -12.97 7.55 -6.84
C PRO A 153 -12.65 8.67 -5.85
N ARG A 154 -11.85 9.63 -6.32
CA ARG A 154 -11.43 10.71 -5.46
C ARG A 154 -12.02 12.06 -5.90
N PHE A 155 -12.65 12.79 -4.95
CA PHE A 155 -13.06 14.22 -5.21
C PHE A 155 -12.05 15.02 -4.46
N GLN A 156 -11.51 16.06 -5.05
CA GLN A 156 -10.51 16.84 -4.38
C GLN A 156 -11.19 18.18 -4.02
N HIS A 157 -10.76 18.76 -2.89
CA HIS A 157 -11.25 20.06 -2.51
C HIS A 157 -10.01 20.81 -2.13
N SER A 158 -9.76 22.03 -2.65
CA SER A 158 -8.58 22.81 -2.32
C SER A 158 -8.84 23.56 -0.98
N MSE A 159 -10.07 23.50 -0.45
CA MSE A 159 -10.45 24.09 0.87
C MSE A 159 -9.83 23.19 1.98
O MSE A 159 -9.71 21.97 1.78
CB MSE A 159 -11.99 24.14 1.06
CG MSE A 159 -12.75 22.77 1.53
SE MSE A 159 -14.75 22.85 2.07
CE MSE A 159 -14.83 24.44 3.21
N ILE A 160 -9.49 23.78 3.10
CA ILE A 160 -8.91 23.04 4.25
C ILE A 160 -10.03 22.61 5.17
N LEU A 161 -10.06 21.27 5.40
CA LEU A 161 -11.02 20.72 6.31
C LEU A 161 -10.48 19.44 7.04
N GLU A 162 -10.94 19.26 8.31
CA GLU A 162 -10.63 18.05 9.13
C GLU A 162 -11.85 17.19 9.31
N GLY A 163 -11.66 15.85 9.32
CA GLY A 163 -12.86 14.98 9.51
C GLY A 163 -13.33 15.13 10.96
N GLY A 164 -12.40 15.43 11.84
CA GLY A 164 -12.81 15.57 13.23
C GLY A 164 -13.61 16.85 13.57
N SER A 165 -13.76 17.72 12.56
CA SER A 165 -14.45 19.03 12.75
C SER A 165 -15.83 19.01 12.32
N ILE A 166 -16.27 17.88 11.74
CA ILE A 166 -17.59 17.77 11.18
C ILE A 166 -18.22 16.45 11.60
N HIS A 167 -19.47 16.50 12.09
CA HIS A 167 -20.20 15.24 12.37
C HIS A 167 -21.53 15.31 11.58
N VAL A 168 -21.95 14.17 11.01
CA VAL A 168 -23.21 14.11 10.26
C VAL A 168 -24.08 13.04 10.78
N ASP A 169 -25.41 13.26 10.65
CA ASP A 169 -26.33 12.18 11.11
C ASP A 169 -26.80 11.28 9.94
N GLY A 170 -26.27 11.52 8.72
CA GLY A 170 -26.66 10.70 7.55
C GLY A 170 -28.08 11.01 7.02
N GLU A 171 -28.67 12.07 7.59
CA GLU A 171 -30.06 12.46 7.24
C GLU A 171 -30.10 13.96 6.97
N GLY A 172 -28.98 14.51 6.47
CA GLY A 172 -28.94 15.91 6.05
C GLY A 172 -28.53 16.98 7.01
N THR A 173 -28.11 16.58 8.22
CA THR A 173 -27.73 17.56 9.25
C THR A 173 -26.20 17.39 9.51
N CYS A 174 -25.67 18.54 9.95
CA CYS A 174 -24.21 18.61 10.20
C CYS A 174 -23.92 19.44 11.44
N LEU A 175 -23.11 18.85 12.33
CA LEU A 175 -22.74 19.48 13.62
C LEU A 175 -21.32 19.94 13.47
N VAL A 176 -21.05 21.18 13.89
CA VAL A 176 -19.70 21.71 13.70
C VAL A 176 -19.41 22.75 14.79
N THR A 177 -18.15 23.20 14.89
CA THR A 177 -17.85 24.34 15.87
C THR A 177 -17.34 25.62 15.14
N GLU A 178 -17.66 26.77 15.74
CA GLU A 178 -17.16 28.04 15.13
C GLU A 178 -15.64 28.21 15.40
N GLU A 179 -15.20 27.77 16.56
CA GLU A 179 -13.86 27.81 17.04
C GLU A 179 -12.89 27.22 16.02
N CYS A 180 -13.33 26.12 15.42
CA CYS A 180 -12.52 25.50 14.43
C CYS A 180 -12.85 26.05 13.02
N LEU A 181 -14.08 25.91 12.57
CA LEU A 181 -14.33 26.22 11.15
C LEU A 181 -14.30 27.69 10.77
N LEU A 182 -14.53 28.57 11.76
CA LEU A 182 -14.42 30.01 11.39
C LEU A 182 -13.10 30.55 11.77
N ASN A 183 -12.16 29.68 12.11
CA ASN A 183 -10.84 30.25 12.47
C ASN A 183 -10.18 30.89 11.21
N LYS A 184 -9.79 32.15 11.36
CA LYS A 184 -9.17 32.76 10.21
C LYS A 184 -7.95 31.93 9.86
N ASN A 185 -7.57 30.94 10.73
CA ASN A 185 -6.42 30.10 10.45
C ASN A 185 -6.67 28.84 9.59
N ARG A 186 -7.89 28.69 9.02
CA ARG A 186 -8.21 27.52 8.17
C ARG A 186 -8.38 28.09 6.76
N ASN A 187 -9.57 28.67 6.46
CA ASN A 187 -9.89 29.19 5.10
C ASN A 187 -10.36 30.65 5.10
N PRO A 188 -9.42 31.53 5.40
CA PRO A 188 -9.68 32.98 5.47
C PRO A 188 -10.39 33.51 4.27
N HIS A 189 -10.15 32.90 3.13
CA HIS A 189 -10.81 33.45 1.93
C HIS A 189 -12.31 33.14 1.82
N MSE A 190 -12.82 32.15 2.53
CA MSE A 190 -14.20 31.84 2.32
C MSE A 190 -14.91 32.42 3.51
O MSE A 190 -14.25 32.69 4.47
CB MSE A 190 -14.28 30.27 2.29
CG MSE A 190 -13.60 29.62 0.97
SE MSE A 190 -13.57 27.48 0.95
CE MSE A 190 -15.52 27.20 1.26
N SER A 191 -16.23 32.68 3.40
CA SER A 191 -17.06 33.19 4.48
C SER A 191 -17.75 31.93 5.04
N LYS A 192 -18.49 32.07 6.13
CA LYS A 192 -19.30 30.97 6.70
C LYS A 192 -20.20 30.43 5.65
N GLU A 193 -20.71 31.33 4.84
CA GLU A 193 -21.68 30.97 3.86
C GLU A 193 -21.09 30.11 2.77
N GLN A 194 -19.91 30.46 2.29
CA GLN A 194 -19.30 29.67 1.24
C GLN A 194 -18.94 28.32 1.81
N ILE A 195 -18.54 28.32 3.05
CA ILE A 195 -18.22 27.02 3.70
C ILE A 195 -19.46 26.10 3.81
N GLU A 196 -20.61 26.60 4.32
CA GLU A 196 -21.88 25.86 4.46
C GLU A 196 -22.36 25.35 3.10
N GLU A 197 -22.20 26.19 2.04
CA GLU A 197 -22.56 25.74 0.70
C GLU A 197 -21.73 24.51 0.15
N GLU A 198 -20.39 24.50 0.32
CA GLU A 198 -19.57 23.36 -0.14
C GLU A 198 -19.91 22.12 0.67
N LEU A 199 -20.21 22.28 1.95
CA LEU A 199 -20.50 21.05 2.69
C LEU A 199 -21.85 20.49 2.24
N LYS A 200 -22.76 21.35 1.73
CA LYS A 200 -23.97 20.76 1.27
C LYS A 200 -23.66 19.90 -0.02
N LYS A 201 -22.88 20.47 -0.93
CA LYS A 201 -22.44 19.85 -2.16
C LYS A 201 -21.55 18.60 -2.00
N TYR A 202 -20.59 18.70 -1.02
CA TYR A 202 -19.59 17.63 -0.84
C TYR A 202 -20.07 16.56 0.17
N LEU A 203 -20.83 16.94 1.21
CA LEU A 203 -21.33 15.94 2.20
C LEU A 203 -22.83 15.58 1.97
N GLY A 204 -23.48 16.30 1.03
CA GLY A 204 -24.92 15.99 0.90
C GLY A 204 -25.85 16.32 2.06
N VAL A 205 -25.57 17.43 2.76
CA VAL A 205 -26.35 17.87 3.89
C VAL A 205 -27.17 19.11 3.55
N GLN A 206 -28.20 19.31 4.36
CA GLN A 206 -29.09 20.51 4.21
C GLN A 206 -29.13 21.51 5.33
N SER A 207 -28.86 21.05 6.56
CA SER A 207 -28.92 21.93 7.70
C SER A 207 -27.65 21.81 8.57
N PHE A 208 -27.43 22.79 9.43
CA PHE A 208 -26.20 22.92 10.22
C PHE A 208 -26.49 23.37 11.62
N ILE A 209 -25.77 22.76 12.56
CA ILE A 209 -25.83 23.11 13.98
C ILE A 209 -24.45 23.63 14.37
N TRP A 210 -24.35 24.94 14.67
CA TRP A 210 -23.05 25.55 14.99
C TRP A 210 -22.92 25.69 16.49
N LEU A 211 -22.06 24.89 17.10
CA LEU A 211 -21.84 25.10 18.54
C LEU A 211 -20.73 26.18 18.59
N PRO A 212 -20.80 27.10 19.54
CA PRO A 212 -19.79 28.09 19.62
C PRO A 212 -18.44 27.60 19.90
N ARG A 213 -18.34 26.68 20.87
CA ARG A 213 -16.97 26.35 21.19
C ARG A 213 -16.85 24.86 21.28
N GLY A 214 -15.59 24.45 21.37
CA GLY A 214 -15.27 23.02 21.59
C GLY A 214 -14.88 22.70 23.04
N LEU A 215 -14.21 21.57 23.28
CA LEU A 215 -13.87 21.18 24.64
C LEU A 215 -12.79 22.10 25.13
N TYR A 216 -12.86 22.41 26.43
CA TYR A 216 -11.73 23.12 27.02
C TYR A 216 -10.62 22.07 27.10
N GLY A 217 -9.40 22.50 26.72
CA GLY A 217 -8.24 21.69 26.62
C GLY A 217 -7.85 21.50 25.14
N ASP A 218 -8.72 21.74 24.12
CA ASP A 218 -8.31 21.38 22.73
C ASP A 218 -7.94 22.62 21.95
N GLU A 219 -6.66 23.15 22.08
CA GLU A 219 -6.25 24.46 21.47
C GLU A 219 -5.64 24.19 20.11
N ASP A 220 -5.03 23.03 20.08
CA ASP A 220 -4.34 22.69 18.84
C ASP A 220 -5.15 22.37 17.56
N THR A 221 -6.39 21.98 17.71
CA THR A 221 -7.21 21.78 16.48
C THR A 221 -8.28 22.87 16.46
N ASN A 222 -8.15 23.82 17.37
CA ASN A 222 -9.17 24.85 17.51
C ASN A 222 -10.63 24.38 17.70
N GLY A 223 -10.76 23.41 18.66
CA GLY A 223 -12.09 23.02 19.16
C GLY A 223 -12.96 22.12 18.26
N HIS A 224 -12.31 21.03 17.87
CA HIS A 224 -12.93 19.95 17.11
C HIS A 224 -14.18 19.51 17.78
N ILE A 225 -15.26 19.51 16.99
CA ILE A 225 -16.62 19.07 17.36
C ILE A 225 -16.48 17.63 17.89
N ASP A 226 -15.61 16.83 17.26
CA ASP A 226 -15.55 15.39 17.66
C ASP A 226 -15.04 15.14 19.03
N ASN A 227 -14.55 16.19 19.71
CA ASN A 227 -14.16 16.03 21.12
C ASN A 227 -15.12 16.73 22.11
N MSE A 228 -16.24 17.24 21.60
CA MSE A 228 -17.23 18.02 22.36
C MSE A 228 -18.69 17.52 22.19
O MSE A 228 -19.48 17.54 23.16
CB MSE A 228 -17.20 19.52 22.01
CG MSE A 228 -18.37 20.38 22.45
SE MSE A 228 -17.89 20.54 24.30
CE MSE A 228 -18.88 22.18 24.56
N CYS A 229 -19.07 17.06 20.99
CA CYS A 229 -20.46 16.68 20.78
C CYS A 229 -20.53 15.89 19.45
N CYS A 230 -21.29 14.79 19.50
CA CYS A 230 -21.47 13.95 18.31
C CYS A 230 -22.85 13.36 18.33
N PHE A 231 -23.25 12.80 17.19
CA PHE A 231 -24.58 12.16 17.14
C PHE A 231 -24.55 10.73 17.70
N ALA A 232 -25.52 10.39 18.55
CA ALA A 232 -25.70 9.02 18.99
C ALA A 232 -26.53 8.26 17.98
N ARG A 233 -27.50 8.97 17.41
CA ARG A 233 -28.44 8.46 16.41
C ARG A 233 -29.16 9.71 15.95
N PRO A 234 -29.76 9.63 14.77
CA PRO A 234 -30.46 10.83 14.30
C PRO A 234 -31.40 11.43 15.37
N GLY A 235 -31.34 12.75 15.52
CA GLY A 235 -32.17 13.44 16.51
C GLY A 235 -31.58 13.60 17.91
N VAL A 236 -30.46 12.92 18.15
CA VAL A 236 -29.93 12.87 19.52
C VAL A 236 -28.40 13.02 19.39
N VAL A 237 -27.87 13.85 20.28
CA VAL A 237 -26.43 14.12 20.35
C VAL A 237 -25.80 13.77 21.73
N LEU A 238 -24.48 13.53 21.65
CA LEU A 238 -23.76 13.30 22.86
C LEU A 238 -22.86 14.54 23.03
N LEU A 239 -23.14 15.39 24.02
CA LEU A 239 -22.39 16.63 24.33
C LEU A 239 -21.57 16.51 25.66
N SER A 240 -20.29 16.84 25.51
CA SER A 240 -19.44 17.02 26.72
C SER A 240 -20.07 17.77 27.85
N TRP A 241 -19.83 17.39 29.08
CA TRP A 241 -20.61 18.18 30.13
C TRP A 241 -19.92 18.06 31.40
N THR A 242 -20.02 19.10 32.24
CA THR A 242 -19.64 19.03 33.69
C THR A 242 -20.67 19.87 34.40
N ASP A 243 -20.76 19.58 35.69
CA ASP A 243 -21.63 20.43 36.58
C ASP A 243 -20.72 21.40 37.43
N ASP A 244 -19.40 21.16 37.51
CA ASP A 244 -18.46 21.95 38.31
C ASP A 244 -18.27 23.30 37.63
N GLU A 245 -18.90 24.36 38.18
CA GLU A 245 -18.73 25.69 37.62
C GLU A 245 -17.38 26.31 37.86
N THR A 246 -16.48 25.63 38.59
CA THR A 246 -15.14 26.17 38.72
C THR A 246 -14.25 25.64 37.59
N ASP A 247 -14.87 24.77 36.73
CA ASP A 247 -14.04 24.26 35.63
C ASP A 247 -14.32 25.13 34.37
N PRO A 248 -13.28 25.55 33.63
CA PRO A 248 -13.46 26.36 32.42
C PRO A 248 -14.41 25.60 31.38
N GLN A 249 -14.54 24.27 31.55
CA GLN A 249 -15.47 23.51 30.65
C GLN A 249 -16.96 23.66 30.99
N TYR A 250 -17.27 24.24 32.13
CA TYR A 250 -18.67 24.29 32.38
C TYR A 250 -19.41 25.31 31.52
N GLU A 251 -18.89 26.55 31.37
CA GLU A 251 -19.54 27.57 30.58
C GLU A 251 -19.63 27.10 29.12
N ARG A 252 -18.70 26.17 28.66
CA ARG A 252 -18.76 25.71 27.23
C ARG A 252 -19.87 24.72 27.17
N SER A 253 -19.92 23.80 28.15
CA SER A 253 -21.02 22.82 28.09
C SER A 253 -22.38 23.55 28.20
N VAL A 254 -22.51 24.51 29.13
CA VAL A 254 -23.85 25.11 29.21
C VAL A 254 -24.29 25.90 27.95
N GLU A 255 -23.34 26.63 27.31
CA GLU A 255 -23.62 27.38 26.10
C GLU A 255 -24.03 26.40 25.01
N ALA A 256 -23.29 25.27 24.96
CA ALA A 256 -23.62 24.27 23.97
C ALA A 256 -24.98 23.78 24.29
N LEU A 257 -25.24 23.40 25.49
CA LEU A 257 -26.61 22.91 25.75
C LEU A 257 -27.71 23.87 25.31
N SER A 258 -27.48 25.18 25.46
CA SER A 258 -28.53 26.15 25.11
C SER A 258 -28.73 26.06 23.62
N VAL A 259 -27.66 26.14 22.85
CA VAL A 259 -27.77 26.06 21.39
C VAL A 259 -28.47 24.81 20.89
N LEU A 260 -27.94 23.69 21.28
CA LEU A 260 -28.58 22.45 20.81
C LEU A 260 -30.09 22.42 21.15
N SER A 261 -30.45 22.78 22.37
CA SER A 261 -31.84 22.73 22.78
C SER A 261 -32.80 23.47 21.85
N ASN A 262 -32.30 24.56 21.29
CA ASN A 262 -32.98 25.40 20.32
C ASN A 262 -32.51 25.16 18.92
N SER A 263 -32.26 23.89 18.58
CA SER A 263 -31.89 23.50 17.21
C SER A 263 -32.90 22.46 16.66
N ILE A 264 -33.13 22.51 15.35
CA ILE A 264 -34.06 21.58 14.64
C ILE A 264 -33.21 20.93 13.56
N ASP A 265 -33.36 19.62 13.32
CA ASP A 265 -32.49 19.02 12.30
C ASP A 265 -33.12 19.10 10.97
N ALA A 266 -32.47 18.45 10.03
CA ALA A 266 -32.96 18.56 8.62
C ALA A 266 -34.27 17.85 8.41
N ARG A 267 -34.70 17.08 9.40
CA ARG A 267 -36.00 16.37 9.28
C ARG A 267 -37.07 16.90 10.18
N GLY A 268 -36.77 18.00 10.87
CA GLY A 268 -37.80 18.62 11.74
C GLY A 268 -37.90 18.10 13.16
N ARG A 269 -36.87 17.36 13.63
CA ARG A 269 -36.93 16.91 15.01
C ARG A 269 -36.24 17.90 15.94
N LYS A 270 -36.83 18.08 17.14
CA LYS A 270 -36.07 18.93 18.14
C LYS A 270 -34.96 18.07 18.77
N ILE A 271 -33.72 18.57 18.66
CA ILE A 271 -32.55 17.81 19.15
C ILE A 271 -32.63 17.58 20.64
N GLN A 272 -32.46 16.33 21.00
CA GLN A 272 -32.34 15.96 22.42
C GLN A 272 -30.88 15.81 22.72
N VAL A 273 -30.48 16.38 23.85
CA VAL A 273 -29.07 16.21 24.29
C VAL A 273 -28.92 15.27 25.47
N ILE A 274 -28.00 14.25 25.38
CA ILE A 274 -27.68 13.39 26.57
C ILE A 274 -26.25 13.93 26.98
N LYS A 275 -26.11 14.34 28.25
CA LYS A 275 -24.76 14.88 28.70
C LYS A 275 -23.74 13.70 28.89
N LEU A 276 -22.46 13.97 28.66
CA LEU A 276 -21.50 12.82 28.81
C LEU A 276 -20.25 13.51 29.46
N TYR A 277 -20.42 13.67 30.76
CA TYR A 277 -19.49 14.29 31.71
C TYR A 277 -18.03 13.97 31.31
N ILE A 278 -17.17 14.94 31.44
CA ILE A 278 -15.72 14.73 31.26
C ILE A 278 -14.98 14.23 32.54
N PRO A 279 -13.72 13.78 32.39
CA PRO A 279 -13.10 13.30 33.60
C PRO A 279 -12.74 14.47 34.47
N GLU A 280 -12.26 14.13 35.65
CA GLU A 280 -11.72 15.18 36.52
C GLU A 280 -10.64 15.83 35.61
N PRO A 281 -10.34 17.11 35.81
CA PRO A 281 -9.36 17.78 34.94
C PRO A 281 -8.01 17.09 35.04
N LEU A 282 -7.58 16.53 33.90
CA LEU A 282 -6.31 15.81 33.78
C LEU A 282 -5.29 16.79 33.32
N TYR A 283 -4.10 16.69 33.90
CA TYR A 283 -3.02 17.60 33.57
C TYR A 283 -1.84 16.63 33.43
N MSE A 284 -1.09 16.80 32.36
CA MSE A 284 0.12 15.97 32.02
C MSE A 284 0.99 16.03 33.30
O MSE A 284 0.97 17.06 33.99
CB MSE A 284 0.87 16.61 30.85
CG MSE A 284 2.10 15.82 30.38
SE MSE A 284 2.89 16.45 28.70
CE MSE A 284 1.20 16.61 27.93
N THR A 285 1.72 14.94 33.51
CA THR A 285 2.66 14.90 34.68
C THR A 285 4.11 15.18 34.21
N GLU A 286 5.07 15.24 35.16
CA GLU A 286 6.44 15.44 34.73
C GLU A 286 6.99 14.06 34.24
N GLU A 287 6.51 12.96 34.76
CA GLU A 287 7.01 11.64 34.30
C GLU A 287 6.65 11.43 32.78
N GLU A 288 5.47 11.90 32.38
CA GLU A 288 5.05 11.76 31.00
C GLU A 288 5.77 12.74 30.11
N SER A 289 5.81 14.00 30.56
CA SER A 289 6.43 15.00 29.78
C SER A 289 7.91 14.75 29.66
N SER A 290 8.55 14.19 30.67
CA SER A 290 10.01 13.96 30.52
C SER A 290 10.42 12.90 29.53
N GLY A 291 9.45 12.32 28.83
CA GLY A 291 9.78 11.34 27.78
C GLY A 291 9.65 11.91 26.34
N ILE A 292 9.48 13.22 26.13
CA ILE A 292 9.33 13.81 24.74
C ILE A 292 10.50 14.72 24.33
N THR A 293 10.78 14.77 23.02
CA THR A 293 11.85 15.61 22.46
C THR A 293 11.38 17.09 22.33
N GLN A 294 12.24 18.04 22.69
CA GLN A 294 11.84 19.47 22.54
C GLN A 294 12.98 20.19 21.84
N ASP A 295 12.82 20.36 20.52
CA ASP A 295 13.86 20.91 19.66
C ASP A 295 13.45 22.04 18.67
N GLY A 296 12.26 21.94 18.05
CA GLY A 296 11.85 22.97 17.11
C GLY A 296 10.99 22.57 15.90
N GLU A 297 10.39 21.37 15.88
CA GLU A 297 9.53 20.92 14.72
C GLU A 297 8.03 20.83 15.08
N ALA A 298 7.75 20.37 16.30
CA ALA A 298 6.35 20.21 16.82
C ALA A 298 6.20 21.17 18.04
N ILE A 299 4.97 21.57 18.34
CA ILE A 299 4.68 22.49 19.48
C ILE A 299 5.14 21.89 20.79
N PRO A 300 5.73 22.75 21.64
CA PRO A 300 6.21 22.27 22.96
C PRO A 300 5.26 21.38 23.70
N ARG A 301 5.79 20.37 24.44
CA ARG A 301 4.93 19.56 25.27
C ARG A 301 5.33 19.88 26.77
N LEU A 302 4.45 20.64 27.47
CA LEU A 302 4.75 21.11 28.81
C LEU A 302 3.99 20.46 29.98
N ALA A 303 4.72 20.18 31.06
CA ALA A 303 4.08 19.66 32.26
C ALA A 303 3.04 20.67 32.81
N GLY A 304 1.92 20.14 33.31
CA GLY A 304 0.83 20.94 33.86
C GLY A 304 -0.35 21.27 32.92
N THR A 305 -0.14 20.95 31.63
CA THR A 305 -1.13 21.29 30.61
C THR A 305 -2.44 20.55 30.81
N ARG A 306 -3.58 21.23 30.72
CA ARG A 306 -4.85 20.51 30.78
C ARG A 306 -4.95 19.66 29.50
N LEU A 307 -5.29 18.38 29.69
CA LEU A 307 -5.41 17.44 28.57
C LEU A 307 -6.87 17.58 28.15
N ALA A 308 -7.07 17.44 26.84
CA ALA A 308 -8.46 17.59 26.35
C ALA A 308 -9.14 16.19 26.30
N ALA A 309 -9.61 15.78 27.45
CA ALA A 309 -10.17 14.41 27.57
C ALA A 309 -11.72 14.49 27.60
N SER A 310 -12.31 13.73 26.65
CA SER A 310 -13.78 13.63 26.64
C SER A 310 -14.16 12.23 26.13
N TYR A 311 -15.10 11.60 26.83
CA TYR A 311 -15.53 10.27 26.30
C TYR A 311 -16.29 10.44 24.99
N VAL A 312 -16.59 11.70 24.62
CA VAL A 312 -17.25 11.89 23.30
C VAL A 312 -16.32 11.42 22.22
N ASN A 313 -14.99 11.45 22.47
CA ASN A 313 -14.08 10.94 21.45
C ASN A 313 -14.16 9.42 21.22
N PHE A 314 -15.41 8.85 21.18
CA PHE A 314 -15.55 7.39 20.89
C PHE A 314 -15.74 7.18 19.41
N TYR A 315 -15.39 5.97 18.91
CA TYR A 315 -15.57 5.57 17.51
C TYR A 315 -16.54 4.40 17.41
N ILE A 316 -17.28 4.41 16.29
CA ILE A 316 -18.24 3.40 15.95
C ILE A 316 -17.66 2.49 14.95
N ALA A 317 -17.74 1.20 15.27
CA ALA A 317 -17.31 0.15 14.32
C ALA A 317 -18.46 -0.93 14.24
N ASN A 318 -18.56 -1.67 13.19
CA ASN A 318 -19.69 -2.66 13.12
C ASN A 318 -20.07 -3.47 14.39
N GLY A 319 -20.96 -2.93 15.24
CA GLY A 319 -21.41 -3.69 16.42
C GLY A 319 -20.52 -3.51 17.64
N GLY A 320 -19.77 -2.39 17.58
CA GLY A 320 -18.80 -1.98 18.56
C GLY A 320 -18.84 -0.47 18.79
N ILE A 321 -18.47 -0.11 20.00
CA ILE A 321 -18.29 1.28 20.41
C ILE A 321 -17.02 1.33 21.22
N ILE A 322 -15.97 1.80 20.54
CA ILE A 322 -14.62 1.85 21.06
C ILE A 322 -14.54 3.15 21.89
N ALA A 323 -14.43 3.00 23.20
CA ALA A 323 -14.57 4.16 24.06
C ALA A 323 -13.37 4.41 24.89
N PRO A 324 -13.06 5.65 25.20
CA PRO A 324 -11.88 5.82 26.04
C PRO A 324 -12.20 5.44 27.46
N GLN A 325 -11.13 5.11 28.16
CA GLN A 325 -11.13 5.04 29.63
C GLN A 325 -9.94 5.95 30.00
N PHE A 326 -10.10 6.98 30.87
CA PHE A 326 -8.99 7.89 31.21
C PHE A 326 -8.51 7.69 32.66
N GLY A 327 -8.69 6.46 33.16
CA GLY A 327 -8.15 6.13 34.52
C GLY A 327 -8.92 6.82 35.64
N ASP A 328 -9.92 7.70 35.33
CA ASP A 328 -10.80 8.35 36.41
C ASP A 328 -11.67 7.15 36.62
N PRO A 329 -11.66 6.58 37.81
CA PRO A 329 -12.48 5.40 37.89
C PRO A 329 -13.96 5.59 37.87
N ILE A 330 -14.41 6.68 38.46
CA ILE A 330 -15.89 6.90 38.54
C ILE A 330 -16.49 7.53 37.25
N ARG A 331 -15.64 8.33 36.59
CA ARG A 331 -16.11 8.93 35.35
C ARG A 331 -16.05 7.90 34.24
N ASP A 332 -15.03 7.04 34.26
CA ASP A 332 -14.85 5.99 33.26
C ASP A 332 -16.05 5.06 33.34
N LYS A 333 -16.34 4.66 34.57
CA LYS A 333 -17.45 3.71 34.73
C LYS A 333 -18.71 4.39 34.30
N GLU A 334 -18.90 5.63 34.71
CA GLU A 334 -20.15 6.25 34.35
C GLU A 334 -20.22 6.56 32.83
N ALA A 335 -19.04 6.81 32.23
CA ALA A 335 -19.03 7.06 30.75
C ALA A 335 -19.36 5.71 30.08
N ILE A 336 -18.78 4.56 30.59
CA ILE A 336 -19.22 3.28 30.00
C ILE A 336 -20.66 3.01 30.28
N ARG A 337 -21.17 3.38 31.48
CA ARG A 337 -22.62 3.20 31.71
C ARG A 337 -23.49 4.02 30.74
N VAL A 338 -23.11 5.28 30.51
CA VAL A 338 -23.92 6.12 29.61
C VAL A 338 -23.86 5.59 28.18
N LEU A 339 -22.68 5.32 27.71
CA LEU A 339 -22.62 4.77 26.34
C LEU A 339 -23.39 3.46 26.17
N SER A 340 -23.36 2.63 27.21
CA SER A 340 -24.04 1.36 27.15
C SER A 340 -25.51 1.60 27.01
N ASP A 341 -26.06 2.57 27.76
CA ASP A 341 -27.49 2.86 27.67
C ASP A 341 -27.94 3.44 26.33
N THR A 342 -27.11 4.40 25.85
CA THR A 342 -27.34 5.12 24.63
C THR A 342 -27.20 4.22 23.42
N PHE A 343 -26.30 3.21 23.48
CA PHE A 343 -26.10 2.27 22.30
C PHE A 343 -26.37 0.81 22.80
N PRO A 344 -27.63 0.51 23.07
CA PRO A 344 -28.03 -0.81 23.59
C PRO A 344 -27.90 -1.94 22.60
N HIS A 345 -27.87 -1.63 21.30
CA HIS A 345 -27.66 -2.70 20.32
C HIS A 345 -26.21 -2.81 19.92
N HIS A 346 -25.36 -2.06 20.65
CA HIS A 346 -23.92 -2.15 20.39
C HIS A 346 -23.11 -2.70 21.54
N SER A 347 -21.97 -3.33 21.26
CA SER A 347 -21.06 -3.77 22.33
C SER A 347 -20.04 -2.67 22.71
N VAL A 348 -20.17 -2.12 23.90
CA VAL A 348 -19.23 -1.08 24.30
C VAL A 348 -17.95 -1.68 24.88
N VAL A 349 -16.79 -1.24 24.34
CA VAL A 349 -15.44 -1.70 24.72
C VAL A 349 -14.59 -0.50 25.23
N GLY A 350 -14.29 -0.42 26.51
CA GLY A 350 -13.48 0.70 26.98
C GLY A 350 -12.01 0.44 26.80
N ILE A 351 -11.27 1.46 26.21
CA ILE A 351 -9.84 1.25 25.94
C ILE A 351 -8.95 1.78 27.04
N GLU A 352 -8.19 0.86 27.72
CA GLU A 352 -7.29 1.31 28.75
C GLU A 352 -6.08 2.12 28.24
N ASN A 353 -5.61 3.02 29.11
CA ASN A 353 -4.46 3.86 28.82
C ASN A 353 -4.79 4.78 27.61
N ALA A 354 -6.09 5.06 27.43
CA ALA A 354 -6.44 6.01 26.37
C ALA A 354 -5.88 7.39 26.73
N ARG A 355 -5.51 7.63 28.02
CA ARG A 355 -4.86 8.88 28.37
C ARG A 355 -3.56 9.02 27.53
N GLU A 356 -2.88 7.93 27.08
CA GLU A 356 -1.64 8.08 26.23
C GLU A 356 -1.94 8.78 24.87
N ILE A 357 -3.18 8.69 24.34
CA ILE A 357 -3.47 9.41 23.11
C ILE A 357 -3.70 10.86 23.44
N VAL A 358 -4.43 11.09 24.53
CA VAL A 358 -4.79 12.44 24.91
C VAL A 358 -3.61 13.35 25.17
N LEU A 359 -2.45 12.76 25.53
CA LEU A 359 -1.22 13.59 25.73
C LEU A 359 -0.84 14.35 24.46
N ALA A 360 -1.11 13.82 23.22
CA ALA A 360 -0.80 14.47 21.96
C ALA A 360 -2.01 15.19 21.39
N GLY A 361 -3.08 15.14 22.15
CA GLY A 361 -4.15 15.99 21.71
C GLY A 361 -5.44 15.39 21.22
N GLY A 362 -5.72 14.10 21.27
CA GLY A 362 -7.08 13.70 20.82
C GLY A 362 -7.33 12.32 21.44
N ASN A 363 -8.29 11.59 20.90
CA ASN A 363 -8.48 10.25 21.42
C ASN A 363 -8.91 9.27 20.35
N ILE A 364 -9.58 8.15 20.69
CA ILE A 364 -9.80 7.11 19.65
C ILE A 364 -10.41 7.66 18.37
N HIS A 365 -11.34 8.61 18.53
CA HIS A 365 -11.99 9.10 17.33
C HIS A 365 -11.05 9.90 16.45
N CYS A 366 -10.13 10.59 17.11
CA CYS A 366 -9.23 11.42 16.39
C CYS A 366 -8.21 10.44 15.69
N ILE A 367 -8.16 9.11 16.06
CA ILE A 367 -7.18 8.20 15.36
C ILE A 367 -7.74 7.10 14.41
N THR A 368 -9.01 7.31 14.03
CA THR A 368 -9.68 6.36 13.15
C THR A 368 -10.35 7.09 11.97
N GLN A 369 -10.71 6.33 10.93
CA GLN A 369 -11.47 6.87 9.74
C GLN A 369 -12.21 5.69 9.11
N GLN A 370 -13.54 5.80 9.04
CA GLN A 370 -14.31 4.68 8.48
C GLN A 370 -14.40 4.77 6.97
N GLN A 371 -14.56 3.59 6.36
CA GLN A 371 -14.84 3.51 4.90
C GLN A 371 -16.14 2.68 4.88
N PRO A 372 -17.27 3.36 4.76
CA PRO A 372 -18.62 2.69 4.73
C PRO A 372 -18.54 1.69 3.54
N ALA A 373 -19.34 0.63 3.69
CA ALA A 373 -19.49 -0.29 2.54
C ALA A 373 -20.04 0.46 1.29
N GLU A 374 -19.78 -0.14 0.13
CA GLU A 374 -20.27 0.44 -1.08
C GLU A 374 -21.76 0.02 -1.42
N PRO A 375 -22.62 1.00 -1.72
CA PRO A 375 -23.99 0.55 -2.01
C PRO A 375 -24.00 -0.45 -3.22
N THR A 376 -25.03 -1.29 -3.23
CA THR A 376 -25.23 -2.32 -4.26
C THR A 376 -25.31 -1.68 -5.67
N SER B 7 4.89 -29.32 0.95
CA SER B 7 3.86 -29.22 1.86
C SER B 7 2.67 -28.68 1.05
N PRO B 8 2.88 -27.52 0.37
CA PRO B 8 1.78 -26.97 -0.42
C PRO B 8 1.24 -27.95 -1.46
N ALA B 9 2.13 -28.73 -2.03
CA ALA B 9 1.71 -29.78 -2.96
C ALA B 9 0.66 -30.72 -2.37
N GLU B 10 0.86 -31.17 -1.15
CA GLU B 10 -0.12 -32.09 -0.57
C GLU B 10 -1.43 -31.43 -0.41
N HIS B 11 -1.38 -30.12 -0.28
CA HIS B 11 -2.56 -29.36 -0.06
C HIS B 11 -3.13 -29.01 -1.43
N GLY B 12 -2.52 -29.53 -2.49
CA GLY B 12 -3.06 -29.32 -3.85
C GLY B 12 -2.61 -28.05 -4.60
N TYR B 13 -1.69 -27.31 -3.98
CA TYR B 13 -1.20 -26.08 -4.65
C TYR B 13 -0.23 -26.31 -5.79
N TYR B 14 -0.25 -25.42 -6.76
CA TYR B 14 0.78 -25.55 -7.82
C TYR B 14 0.99 -24.17 -8.47
N MSE B 15 2.21 -23.98 -9.01
CA MSE B 15 2.41 -22.70 -9.78
C MSE B 15 1.80 -22.84 -11.13
O MSE B 15 2.32 -23.56 -11.97
CB MSE B 15 3.90 -22.48 -9.97
CG MSE B 15 4.16 -21.09 -10.28
SE MSE B 15 6.06 -20.85 -10.74
CE MSE B 15 5.97 -19.22 -11.83
N PRO B 16 0.72 -22.10 -11.44
CA PRO B 16 0.16 -22.24 -12.79
C PRO B 16 1.07 -21.66 -13.92
N ALA B 17 0.76 -22.05 -15.17
CA ALA B 17 1.59 -21.43 -16.25
C ALA B 17 1.35 -19.94 -16.38
N GLU B 18 2.37 -19.21 -16.83
CA GLU B 18 2.22 -17.77 -16.96
C GLU B 18 1.13 -17.42 -18.01
N TRP B 19 0.72 -18.43 -18.85
CA TRP B 19 -0.35 -18.19 -19.83
C TRP B 19 -1.75 -18.42 -19.38
N ASP B 20 -1.83 -18.70 -18.10
CA ASP B 20 -3.12 -18.86 -17.46
C ASP B 20 -3.61 -17.49 -16.93
N SER B 21 -4.94 -17.33 -16.87
CA SER B 21 -5.55 -16.12 -16.45
C SER B 21 -4.92 -15.43 -15.23
N HIS B 22 -4.74 -14.11 -15.36
CA HIS B 22 -4.21 -13.26 -14.25
C HIS B 22 -5.15 -12.27 -13.56
N ALA B 23 -5.25 -12.35 -12.22
CA ALA B 23 -6.03 -11.30 -11.55
C ALA B 23 -5.38 -9.98 -11.83
N GLN B 24 -4.05 -9.94 -11.87
CA GLN B 24 -3.38 -8.65 -12.10
C GLN B 24 -1.87 -8.89 -12.30
N THR B 25 -1.19 -7.84 -12.71
CA THR B 25 0.28 -7.91 -12.83
C THR B 25 0.86 -6.91 -11.84
N TRP B 26 1.92 -7.25 -11.07
CA TRP B 26 2.58 -6.31 -10.12
C TRP B 26 3.90 -5.83 -10.81
N ILE B 27 4.20 -4.56 -10.62
CA ILE B 27 5.45 -4.00 -11.18
C ILE B 27 6.05 -3.00 -10.21
N GLY B 28 7.39 -2.89 -10.13
CA GLY B 28 8.07 -1.90 -9.28
C GLY B 28 8.32 -0.55 -10.03
N TRP B 29 9.28 0.25 -9.63
CA TRP B 29 9.39 1.55 -10.32
C TRP B 29 10.82 1.93 -10.03
N PRO B 30 11.64 2.05 -11.11
CA PRO B 30 13.05 2.37 -11.07
C PRO B 30 13.43 3.76 -10.57
N GLU B 31 14.52 3.82 -9.81
CA GLU B 31 14.93 5.10 -9.19
C GLU B 31 16.44 5.23 -8.98
N ARG B 32 17.11 4.18 -8.49
CA ARG B 32 18.50 4.38 -8.03
C ARG B 32 19.43 4.86 -9.14
N GLN B 33 20.02 6.04 -8.87
CA GLN B 33 20.83 6.70 -9.89
C GLN B 33 22.11 5.98 -10.24
N ASP B 34 22.50 4.97 -9.44
CA ASP B 34 23.67 4.20 -9.76
C ASP B 34 23.38 2.96 -10.62
N ASN B 35 22.16 2.85 -11.11
CA ASN B 35 21.79 1.76 -12.01
C ASN B 35 20.93 2.27 -13.18
N TRP B 36 20.19 3.35 -13.02
CA TRP B 36 19.25 3.88 -14.04
C TRP B 36 19.70 5.29 -14.52
N ARG B 37 20.18 5.36 -15.78
CA ARG B 37 20.71 6.63 -16.29
C ARG B 37 19.77 7.79 -16.32
N HIS B 38 20.34 9.02 -16.27
CA HIS B 38 19.51 10.23 -16.38
C HIS B 38 18.40 10.31 -15.33
N ASN B 39 18.80 10.10 -14.06
CA ASN B 39 17.87 10.17 -12.92
C ASN B 39 16.73 9.16 -13.06
N ALA B 40 16.99 8.09 -13.81
CA ALA B 40 15.98 7.07 -14.16
C ALA B 40 14.82 7.56 -14.99
N LEU B 41 14.88 8.74 -15.60
CA LEU B 41 13.73 9.16 -16.35
C LEU B 41 13.46 8.32 -17.61
N PRO B 42 14.52 7.95 -18.33
CA PRO B 42 14.21 7.15 -19.52
C PRO B 42 13.65 5.78 -19.17
N ALA B 43 14.17 5.20 -18.10
CA ALA B 43 13.61 3.87 -17.72
C ALA B 43 12.22 4.06 -17.13
N GLN B 44 12.02 5.14 -16.39
CA GLN B 44 10.64 5.34 -15.91
C GLN B 44 9.62 5.42 -17.06
N ARG B 45 9.96 6.10 -18.17
CA ARG B 45 9.01 6.13 -19.29
C ARG B 45 8.79 4.74 -19.87
N VAL B 46 9.84 3.90 -19.95
CA VAL B 46 9.62 2.55 -20.44
C VAL B 46 8.75 1.70 -19.47
N PHE B 47 8.94 1.87 -18.17
CA PHE B 47 8.03 1.13 -17.23
C PHE B 47 6.53 1.61 -17.38
N ALA B 48 6.31 2.89 -17.61
CA ALA B 48 4.90 3.27 -17.78
C ALA B 48 4.30 2.58 -19.05
N GLY B 49 5.12 2.55 -20.09
CA GLY B 49 4.70 1.89 -21.33
C GLY B 49 4.42 0.40 -21.17
N VAL B 50 5.28 -0.32 -20.42
CA VAL B 50 5.02 -1.75 -20.15
C VAL B 50 3.72 -1.88 -19.34
N ALA B 51 3.60 -1.13 -18.25
CA ALA B 51 2.36 -1.15 -17.46
C ALA B 51 1.11 -0.79 -18.25
N LYS B 52 1.19 0.27 -19.07
CA LYS B 52 0.01 0.67 -19.85
C LYS B 52 -0.33 -0.45 -20.83
N ALA B 53 0.67 -1.01 -21.50
CA ALA B 53 0.40 -2.05 -22.48
C ALA B 53 -0.29 -3.22 -21.72
N ILE B 54 0.29 -3.71 -20.59
CA ILE B 54 -0.32 -4.80 -19.87
C ILE B 54 -1.71 -4.44 -19.38
N SER B 55 -1.94 -3.18 -19.01
CA SER B 55 -3.27 -2.83 -18.50
C SER B 55 -4.35 -2.98 -19.63
N LYS B 56 -3.95 -2.98 -20.89
CA LYS B 56 -4.94 -3.21 -21.91
C LYS B 56 -5.45 -4.62 -21.82
N PHE B 57 -4.69 -5.51 -21.13
CA PHE B 57 -5.09 -6.90 -21.08
C PHE B 57 -5.62 -7.31 -19.78
N GLU B 58 -5.12 -6.74 -18.70
CA GLU B 58 -5.59 -7.18 -17.36
C GLU B 58 -5.10 -6.07 -16.39
N PRO B 59 -5.63 -6.07 -15.14
CA PRO B 59 -5.22 -5.06 -14.14
C PRO B 59 -3.75 -5.06 -13.76
N VAL B 60 -3.27 -3.86 -13.45
CA VAL B 60 -1.89 -3.67 -13.04
C VAL B 60 -1.78 -2.87 -11.77
N THR B 61 -0.80 -3.22 -10.89
CA THR B 61 -0.43 -2.35 -9.73
C THR B 61 1.06 -2.08 -9.90
N VAL B 62 1.42 -0.79 -9.82
CA VAL B 62 2.82 -0.41 -9.81
C VAL B 62 3.11 0.05 -8.36
N CYS B 63 4.28 -0.37 -7.87
CA CYS B 63 4.78 0.01 -6.54
C CYS B 63 5.83 1.01 -6.66
N ALA B 64 5.66 2.13 -5.91
CA ALA B 64 6.64 3.18 -6.00
C ALA B 64 7.01 3.60 -4.62
N SER B 65 8.20 4.20 -4.50
CA SER B 65 8.74 4.69 -3.15
C SER B 65 8.06 5.98 -2.77
N PRO B 66 8.09 6.37 -1.49
CA PRO B 66 7.41 7.63 -1.19
C PRO B 66 7.93 8.77 -2.04
N ALA B 67 9.24 8.82 -2.31
CA ALA B 67 9.67 9.96 -3.10
C ALA B 67 9.10 10.01 -4.53
N GLN B 68 8.87 8.83 -5.11
CA GLN B 68 8.32 8.67 -6.50
C GLN B 68 6.86 8.45 -6.63
N TRP B 69 6.10 8.35 -5.53
CA TRP B 69 4.69 8.02 -5.69
C TRP B 69 3.93 9.03 -6.56
N GLU B 70 4.09 10.34 -6.36
CA GLU B 70 3.36 11.28 -7.14
C GLU B 70 3.77 11.24 -8.58
N ASN B 71 5.07 11.10 -8.85
CA ASN B 71 5.55 11.00 -10.26
C ASN B 71 4.94 9.75 -10.94
N ALA B 72 5.01 8.60 -10.28
CA ALA B 72 4.41 7.40 -10.87
C ALA B 72 2.90 7.57 -11.11
N ARG B 73 2.18 8.09 -10.10
CA ARG B 73 0.75 8.29 -10.19
C ARG B 73 0.40 9.26 -11.32
N LYS B 74 1.22 10.27 -11.51
CA LYS B 74 0.92 11.24 -12.57
C LYS B 74 1.16 10.65 -13.95
N GLN B 75 2.14 9.76 -14.12
CA GLN B 75 2.43 9.18 -15.44
C GLN B 75 1.49 8.11 -15.88
N LEU B 76 1.19 7.18 -14.99
CA LEU B 76 0.33 6.04 -15.36
C LEU B 76 -1.15 6.31 -15.49
N PRO B 77 -1.81 5.50 -16.33
CA PRO B 77 -3.27 5.59 -16.55
C PRO B 77 -4.06 5.38 -15.23
N GLU B 78 -5.27 6.01 -15.21
CA GLU B 78 -6.15 6.06 -14.09
C GLU B 78 -6.35 4.68 -13.44
N ASP B 79 -6.58 3.72 -14.35
CA ASP B 79 -6.89 2.42 -13.91
C ASP B 79 -5.64 1.64 -13.46
N ILE B 80 -4.44 2.20 -13.55
CA ILE B 80 -3.25 1.47 -12.98
C ILE B 80 -3.10 2.05 -11.55
N ARG B 81 -3.04 1.12 -10.57
CA ARG B 81 -2.92 1.47 -9.17
C ARG B 81 -1.41 1.72 -8.91
N VAL B 82 -1.08 2.74 -8.14
CA VAL B 82 0.30 3.01 -7.79
C VAL B 82 0.32 2.92 -6.28
N VAL B 83 1.22 2.06 -5.76
CA VAL B 83 1.28 1.93 -4.28
C VAL B 83 2.71 2.22 -3.77
N GLU B 84 2.68 2.78 -2.58
CA GLU B 84 3.82 3.13 -1.82
C GLU B 84 4.46 1.90 -1.20
N MSE B 85 5.63 1.54 -1.77
CA MSE B 85 6.44 0.44 -1.25
C MSE B 85 7.90 0.87 -1.19
O MSE B 85 8.41 1.60 -2.09
CB MSE B 85 6.27 -0.76 -2.16
CG MSE B 85 6.90 -2.00 -1.46
SE MSE B 85 6.16 -3.60 -2.31
CE MSE B 85 4.24 -3.37 -1.88
N SER B 86 8.65 0.25 -0.24
CA SER B 86 10.07 0.43 0.06
C SER B 86 10.79 -0.57 -0.91
N MSE B 87 11.85 -0.10 -1.62
CA MSE B 87 12.64 -0.98 -2.51
C MSE B 87 14.16 -0.69 -2.52
O MSE B 87 14.70 0.43 -2.12
CB MSE B 87 12.10 -0.95 -3.96
CG MSE B 87 11.65 0.35 -4.45
SE MSE B 87 10.86 0.28 -6.30
CE MSE B 87 9.11 -0.08 -5.62
N ASN B 88 14.90 -1.72 -2.94
CA ASN B 88 16.35 -1.44 -3.09
C ASN B 88 16.56 -1.34 -4.54
N ASP B 89 15.70 -1.98 -5.34
CA ASP B 89 15.74 -1.80 -6.82
C ASP B 89 14.41 -2.37 -7.34
N SER B 90 14.27 -2.35 -8.68
CA SER B 90 12.99 -2.65 -9.28
C SER B 90 12.90 -3.88 -10.15
N TRP B 91 13.19 -5.02 -9.48
CA TRP B 91 13.19 -6.33 -10.14
C TRP B 91 12.18 -7.26 -9.49
N PHE B 92 10.89 -6.95 -9.61
CA PHE B 92 9.86 -7.66 -8.88
C PHE B 92 9.81 -9.11 -9.09
N ARG B 93 9.99 -9.59 -10.38
CA ARG B 93 10.03 -10.98 -10.88
C ARG B 93 10.92 -11.81 -9.99
N ASP B 94 11.83 -11.13 -9.33
CA ASP B 94 12.84 -11.83 -8.47
C ASP B 94 12.61 -11.56 -7.00
N SER B 95 12.16 -10.35 -6.64
CA SER B 95 11.90 -10.03 -5.22
C SER B 95 10.43 -10.16 -4.91
N GLY B 96 9.66 -10.57 -5.91
CA GLY B 96 8.23 -10.71 -5.78
C GLY B 96 7.99 -12.06 -5.17
N PRO B 97 6.71 -12.26 -4.94
CA PRO B 97 6.53 -13.59 -4.29
C PRO B 97 6.40 -14.78 -5.26
N THR B 98 6.25 -15.98 -4.79
CA THR B 98 5.98 -16.81 -5.88
C THR B 98 4.58 -17.24 -5.49
N PHE B 99 3.55 -16.75 -6.21
CA PHE B 99 2.11 -17.14 -5.95
C PHE B 99 1.86 -18.68 -6.39
N ILE B 100 1.11 -19.42 -5.53
CA ILE B 100 0.73 -20.84 -5.87
C ILE B 100 -0.73 -20.86 -5.51
N VAL B 101 -1.49 -21.77 -6.11
CA VAL B 101 -3.01 -21.83 -5.97
C VAL B 101 -3.39 -23.28 -6.01
N ARG B 102 -4.62 -23.53 -5.52
CA ARG B 102 -5.14 -24.90 -5.57
C ARG B 102 -6.62 -24.87 -5.95
N LYS B 103 -7.07 -25.90 -6.67
CA LYS B 103 -8.52 -26.08 -7.00
C LYS B 103 -9.31 -26.74 -5.78
N ARG B 104 -10.16 -25.96 -5.15
CA ARG B 104 -10.89 -26.48 -3.99
C ARG B 104 -12.10 -27.28 -4.42
N ASN B 112 -10.83 -20.35 4.34
CA ASN B 112 -9.66 -20.82 3.66
C ASN B 112 -9.60 -20.15 2.30
N ARG B 113 -8.47 -20.34 1.60
CA ARG B 113 -8.29 -19.67 0.31
C ARG B 113 -7.61 -20.65 -0.59
N ASN B 114 -7.76 -20.37 -1.90
CA ASN B 114 -7.18 -21.22 -2.90
C ASN B 114 -5.99 -20.54 -3.56
N ILE B 115 -5.41 -19.55 -2.85
CA ILE B 115 -4.17 -18.86 -3.35
C ILE B 115 -3.30 -18.66 -2.20
N ALA B 116 -2.00 -18.56 -2.50
CA ALA B 116 -0.99 -18.21 -1.50
C ALA B 116 0.29 -17.78 -2.24
N GLY B 117 0.95 -16.71 -1.74
CA GLY B 117 2.25 -16.35 -2.36
C GLY B 117 3.48 -16.96 -1.64
N ILE B 118 4.51 -17.40 -2.43
CA ILE B 118 5.72 -17.90 -1.83
C ILE B 118 6.77 -16.77 -1.64
N ASP B 119 7.12 -16.55 -0.39
CA ASP B 119 8.12 -15.53 -0.07
C ASP B 119 9.46 -16.27 0.19
N TRP B 120 10.28 -16.32 -0.87
CA TRP B 120 11.59 -16.94 -0.76
C TRP B 120 12.57 -16.06 0.02
N ASN B 121 13.76 -16.63 0.25
CA ASN B 121 14.82 -15.78 0.79
C ASN B 121 15.49 -15.07 -0.40
N PHE B 122 16.44 -14.19 -0.17
CA PHE B 122 16.90 -13.40 -1.35
C PHE B 122 18.15 -12.76 -0.89
N ASN B 123 19.08 -12.57 -1.83
CA ASN B 123 20.38 -11.92 -1.44
C ASN B 123 21.00 -11.10 -2.53
N ALA B 124 20.12 -10.36 -3.22
CA ALA B 124 20.52 -9.50 -4.32
C ALA B 124 21.40 -10.28 -5.31
N TRP B 125 20.92 -11.49 -5.66
CA TRP B 125 21.56 -12.26 -6.73
C TRP B 125 22.98 -12.58 -6.45
N GLY B 126 23.24 -12.96 -5.22
CA GLY B 126 24.57 -13.47 -4.90
C GLY B 126 25.20 -13.02 -3.58
N GLY B 127 24.52 -12.13 -2.86
CA GLY B 127 25.02 -11.78 -1.51
C GLY B 127 26.13 -10.75 -1.42
N ALA B 128 26.70 -10.72 -0.23
CA ALA B 128 27.69 -9.73 0.13
C ALA B 128 28.95 -9.87 -0.68
N ASN B 129 29.19 -11.02 -1.28
CA ASN B 129 30.39 -11.15 -2.13
C ASN B 129 30.18 -10.94 -3.63
N ASP B 130 29.08 -11.47 -4.17
CA ASP B 130 28.79 -11.41 -5.60
C ASP B 130 27.45 -10.81 -5.99
N GLY B 131 26.73 -10.29 -5.01
CA GLY B 131 25.45 -9.69 -5.33
C GLY B 131 25.52 -8.43 -6.19
N CYS B 132 24.37 -7.92 -6.60
CA CYS B 132 24.32 -6.73 -7.48
C CYS B 132 24.48 -5.42 -6.74
N TYR B 133 24.15 -5.42 -5.46
CA TYR B 133 24.28 -4.21 -4.63
C TYR B 133 24.43 -4.60 -3.19
N ASN B 134 24.85 -3.63 -2.36
CA ASN B 134 25.20 -3.91 -0.96
C ASN B 134 24.07 -3.95 0.07
N ASP B 135 22.94 -3.31 -0.21
CA ASP B 135 21.84 -3.33 0.83
C ASP B 135 20.58 -3.87 0.13
N TRP B 136 20.05 -4.98 0.65
CA TRP B 136 18.83 -5.59 0.05
C TRP B 136 17.80 -5.80 1.17
N SER B 137 17.91 -4.95 2.23
CA SER B 137 16.96 -5.10 3.33
C SER B 137 15.49 -4.70 2.94
N HIS B 138 15.31 -3.68 2.05
CA HIS B 138 13.94 -3.33 1.60
C HIS B 138 13.39 -4.44 0.70
N ASP B 139 14.19 -4.97 -0.24
CA ASP B 139 13.67 -6.04 -1.18
C ASP B 139 13.32 -7.28 -0.33
N LEU B 140 13.98 -7.53 0.84
CA LEU B 140 13.62 -8.69 1.65
C LEU B 140 12.18 -8.54 2.13
N LEU B 141 11.65 -7.31 2.16
CA LEU B 141 10.29 -7.13 2.64
C LEU B 141 9.27 -7.04 1.57
N VAL B 142 9.71 -6.82 0.31
CA VAL B 142 8.71 -6.68 -0.81
C VAL B 142 7.62 -7.78 -0.87
N SER B 143 8.07 -9.07 -0.77
CA SER B 143 7.10 -10.17 -0.90
C SER B 143 6.11 -10.10 0.26
N ARG B 144 6.63 -9.93 1.48
CA ARG B 144 5.62 -9.91 2.54
C ARG B 144 4.81 -8.63 2.55
N LYS B 145 5.30 -7.59 1.86
CA LYS B 145 4.46 -6.39 1.79
C LYS B 145 3.31 -6.46 0.78
N ILE B 146 3.52 -7.11 -0.40
CA ILE B 146 2.45 -7.31 -1.44
C ILE B 146 1.35 -8.29 -0.95
N LEU B 147 1.79 -9.44 -0.39
CA LEU B 147 0.77 -10.45 0.00
C LEU B 147 -0.11 -9.84 1.08
N ALA B 148 0.45 -9.01 1.96
CA ALA B 148 -0.40 -8.39 3.06
C ALA B 148 -1.35 -7.41 2.39
N LEU B 149 -0.82 -6.59 1.48
CA LEU B 149 -1.63 -5.59 0.83
C LEU B 149 -2.81 -6.29 0.09
N GLU B 150 -2.62 -7.51 -0.49
CA GLU B 150 -3.66 -8.15 -1.30
C GLU B 150 -4.46 -9.23 -0.46
N ARG B 151 -4.11 -9.34 0.81
CA ARG B 151 -4.74 -10.25 1.73
C ARG B 151 -4.75 -11.66 1.15
N ILE B 152 -3.59 -12.05 0.61
CA ILE B 152 -3.48 -13.40 0.14
C ILE B 152 -2.54 -14.15 1.07
N PRO B 153 -2.79 -15.45 1.42
CA PRO B 153 -1.93 -16.22 2.32
C PRO B 153 -0.46 -16.31 1.84
N ARG B 154 0.51 -16.47 2.75
CA ARG B 154 1.93 -16.47 2.41
C ARG B 154 2.55 -17.75 2.94
N PHE B 155 3.39 -18.38 2.11
CA PHE B 155 4.27 -19.45 2.59
C PHE B 155 5.71 -18.88 2.55
N GLN B 156 6.54 -19.14 3.58
CA GLN B 156 7.96 -18.65 3.63
C GLN B 156 8.97 -19.73 3.37
N HIS B 157 10.05 -19.38 2.61
CA HIS B 157 11.16 -20.32 2.43
C HIS B 157 12.48 -19.63 2.88
N SER B 158 13.34 -20.39 3.57
CA SER B 158 14.63 -19.86 3.94
C SER B 158 15.59 -20.04 2.78
N MSE B 159 15.25 -20.83 1.75
CA MSE B 159 16.26 -20.97 0.65
C MSE B 159 16.21 -19.76 -0.20
O MSE B 159 15.13 -19.12 -0.35
CB MSE B 159 16.06 -22.24 -0.21
CG MSE B 159 14.79 -22.41 -1.00
SE MSE B 159 14.76 -24.14 -2.14
CE MSE B 159 16.18 -23.67 -3.45
N ILE B 160 17.38 -19.39 -0.74
CA ILE B 160 17.38 -18.21 -1.65
C ILE B 160 16.81 -18.64 -2.99
N LEU B 161 15.88 -17.83 -3.54
CA LEU B 161 15.38 -18.18 -4.88
C LEU B 161 14.70 -16.94 -5.47
N GLU B 162 14.87 -16.75 -6.75
CA GLU B 162 14.23 -15.62 -7.49
C GLU B 162 13.28 -16.21 -8.51
N GLY B 163 12.11 -15.57 -8.69
CA GLY B 163 11.17 -16.09 -9.73
C GLY B 163 11.74 -16.18 -11.14
N GLY B 164 12.73 -15.33 -11.50
CA GLY B 164 13.32 -15.41 -12.83
C GLY B 164 14.17 -16.60 -13.20
N SER B 165 14.43 -17.44 -12.21
CA SER B 165 15.28 -18.60 -12.36
C SER B 165 14.44 -19.91 -12.49
N ILE B 166 13.11 -19.74 -12.41
CA ILE B 166 12.26 -20.91 -12.57
C ILE B 166 11.18 -20.65 -13.61
N HIS B 167 10.98 -21.64 -14.50
CA HIS B 167 9.88 -21.53 -15.49
C HIS B 167 9.11 -22.82 -15.39
N VAL B 168 7.77 -22.69 -15.52
CA VAL B 168 6.97 -23.96 -15.40
C VAL B 168 5.98 -24.09 -16.53
N ASP B 169 5.52 -25.34 -16.72
CA ASP B 169 4.51 -25.57 -17.78
C ASP B 169 3.08 -25.75 -17.27
N GLY B 170 2.97 -25.70 -15.93
CA GLY B 170 1.66 -25.92 -15.24
C GLY B 170 1.17 -27.35 -15.40
N GLU B 171 2.01 -28.22 -15.93
CA GLU B 171 1.73 -29.65 -16.14
C GLU B 171 2.80 -30.54 -15.47
N GLY B 172 3.47 -29.97 -14.43
CA GLY B 172 4.42 -30.73 -13.66
C GLY B 172 5.89 -30.54 -14.03
N THR B 173 6.21 -29.76 -15.06
CA THR B 173 7.68 -29.64 -15.42
C THR B 173 8.11 -28.23 -15.00
N CYS B 174 9.38 -28.17 -14.54
CA CYS B 174 10.04 -26.89 -14.21
C CYS B 174 11.36 -26.86 -14.94
N LEU B 175 11.61 -25.74 -15.62
CA LEU B 175 12.80 -25.51 -16.44
C LEU B 175 13.66 -24.50 -15.64
N VAL B 176 14.95 -24.88 -15.49
CA VAL B 176 15.87 -24.07 -14.61
C VAL B 176 17.27 -24.06 -15.15
N THR B 177 18.17 -23.30 -14.47
CA THR B 177 19.59 -23.37 -14.92
C THR B 177 20.45 -23.74 -13.70
N GLU B 178 21.52 -24.50 -13.94
CA GLU B 178 22.44 -24.83 -12.86
C GLU B 178 23.21 -23.48 -12.52
N GLU B 179 23.58 -22.66 -13.51
CA GLU B 179 24.35 -21.45 -13.31
C GLU B 179 23.80 -20.58 -12.12
N CYS B 180 22.47 -20.32 -12.09
CA CYS B 180 21.86 -19.56 -11.00
C CYS B 180 21.62 -20.54 -9.79
N LEU B 181 20.84 -21.60 -10.00
CA LEU B 181 20.37 -22.43 -8.88
C LEU B 181 21.48 -23.10 -8.06
N LEU B 182 22.46 -23.70 -8.71
CA LEU B 182 23.54 -24.36 -7.96
C LEU B 182 24.68 -23.38 -7.67
N ASN B 183 24.47 -22.11 -7.98
CA ASN B 183 25.62 -21.17 -7.74
C ASN B 183 26.05 -21.17 -6.32
N LYS B 184 27.39 -21.07 -6.17
CA LYS B 184 27.92 -21.01 -4.80
C LYS B 184 27.38 -19.81 -4.00
N ASN B 185 26.81 -18.85 -4.70
CA ASN B 185 26.32 -17.67 -3.98
C ASN B 185 24.78 -17.79 -3.68
N ARG B 186 24.16 -18.96 -3.93
CA ARG B 186 22.75 -19.19 -3.71
C ARG B 186 22.57 -20.34 -2.72
N ASN B 187 22.48 -21.61 -3.13
CA ASN B 187 22.29 -22.55 -1.95
C ASN B 187 23.40 -23.59 -2.04
N PRO B 188 24.62 -23.20 -1.68
CA PRO B 188 25.68 -24.23 -1.81
C PRO B 188 25.62 -25.46 -0.96
N HIS B 189 24.82 -25.41 0.13
CA HIS B 189 24.74 -26.59 1.02
C HIS B 189 23.66 -27.60 0.56
N MSE B 190 22.82 -27.20 -0.42
CA MSE B 190 21.74 -28.07 -0.88
C MSE B 190 22.13 -28.78 -2.19
O MSE B 190 22.58 -28.14 -3.18
CB MSE B 190 20.51 -27.25 -1.28
CG MSE B 190 19.98 -26.47 -0.04
SE MSE B 190 18.29 -25.48 -0.34
CE MSE B 190 17.17 -26.96 -0.86
N SER B 191 21.96 -30.11 -2.19
CA SER B 191 22.25 -30.90 -3.41
C SER B 191 21.22 -30.58 -4.51
N LYS B 192 21.53 -31.04 -5.71
CA LYS B 192 20.57 -30.88 -6.82
C LYS B 192 19.28 -31.58 -6.40
N GLU B 193 19.31 -32.91 -6.17
CA GLU B 193 18.08 -33.66 -5.80
C GLU B 193 17.21 -33.00 -4.72
N GLN B 194 17.88 -32.40 -3.71
CA GLN B 194 17.27 -31.64 -2.58
C GLN B 194 16.69 -30.29 -3.12
N ILE B 195 17.36 -29.61 -4.06
CA ILE B 195 16.73 -28.42 -4.68
C ILE B 195 15.48 -28.90 -5.46
N GLU B 196 15.65 -30.03 -6.14
CA GLU B 196 14.44 -30.52 -6.87
C GLU B 196 13.26 -30.91 -5.93
N GLU B 197 13.58 -31.62 -4.81
CA GLU B 197 12.49 -32.02 -3.94
C GLU B 197 11.66 -30.79 -3.48
N GLU B 198 12.31 -29.63 -3.11
CA GLU B 198 11.63 -28.39 -2.67
C GLU B 198 10.80 -27.73 -3.74
N LEU B 199 11.30 -27.65 -4.97
CA LEU B 199 10.48 -26.95 -5.96
C LEU B 199 9.25 -27.88 -6.23
N LYS B 200 9.46 -29.23 -6.33
CA LYS B 200 8.28 -30.17 -6.52
C LYS B 200 7.22 -29.85 -5.48
N LYS B 201 7.56 -29.72 -4.16
CA LYS B 201 6.53 -29.46 -3.10
C LYS B 201 5.96 -28.02 -3.19
N TYR B 202 6.80 -27.03 -3.48
CA TYR B 202 6.24 -25.68 -3.44
C TYR B 202 5.67 -25.23 -4.75
N LEU B 203 6.12 -25.80 -5.88
CA LEU B 203 5.59 -25.36 -7.19
C LEU B 203 4.63 -26.39 -7.73
N GLY B 204 4.63 -27.58 -7.08
CA GLY B 204 3.71 -28.62 -7.54
C GLY B 204 4.15 -29.26 -8.81
N VAL B 205 5.46 -29.36 -8.99
CA VAL B 205 6.04 -29.98 -10.21
C VAL B 205 6.53 -31.39 -9.97
N GLN B 206 6.69 -32.14 -11.07
CA GLN B 206 7.16 -33.52 -10.91
C GLN B 206 8.50 -33.82 -11.55
N SER B 207 8.92 -32.96 -12.51
CA SER B 207 10.21 -33.29 -13.15
C SER B 207 10.83 -31.98 -13.62
N PHE B 208 12.14 -32.09 -13.84
CA PHE B 208 12.95 -30.92 -14.13
C PHE B 208 13.81 -31.00 -15.39
N ILE B 209 13.78 -29.86 -16.13
CA ILE B 209 14.71 -29.72 -17.26
C ILE B 209 15.81 -28.72 -16.81
N TRP B 210 17.02 -29.26 -16.66
CA TRP B 210 18.19 -28.49 -16.27
C TRP B 210 19.04 -28.04 -17.42
N LEU B 211 18.94 -26.75 -17.79
CA LEU B 211 19.93 -26.28 -18.79
C LEU B 211 21.22 -25.95 -17.99
N PRO B 212 22.40 -26.29 -18.51
CA PRO B 212 23.59 -25.96 -17.72
C PRO B 212 23.85 -24.49 -17.51
N ARG B 213 23.60 -23.71 -18.58
CA ARG B 213 23.92 -22.30 -18.48
C ARG B 213 22.76 -21.46 -18.99
N GLY B 214 22.83 -20.19 -18.62
CA GLY B 214 21.88 -19.19 -19.13
C GLY B 214 22.57 -18.41 -20.26
N LEU B 215 22.08 -17.20 -20.45
CA LEU B 215 22.53 -16.32 -21.59
C LEU B 215 23.91 -15.75 -21.31
N TYR B 216 24.78 -15.82 -22.34
CA TYR B 216 26.07 -15.22 -22.19
C TYR B 216 25.87 -13.70 -21.89
N GLY B 217 26.62 -13.25 -20.89
CA GLY B 217 26.59 -11.92 -20.37
C GLY B 217 25.80 -11.69 -19.13
N ASP B 218 25.03 -12.72 -18.72
CA ASP B 218 24.19 -12.55 -17.52
C ASP B 218 24.91 -12.94 -16.27
N GLU B 219 26.14 -12.45 -16.14
CA GLU B 219 26.91 -12.73 -14.88
C GLU B 219 26.18 -12.12 -13.68
N ASP B 220 25.40 -11.05 -13.83
CA ASP B 220 24.79 -10.56 -12.57
C ASP B 220 23.66 -11.42 -11.98
N THR B 221 22.87 -12.05 -12.78
CA THR B 221 21.87 -12.96 -12.20
C THR B 221 22.41 -14.37 -12.14
N ASN B 222 23.63 -14.65 -12.70
CA ASN B 222 24.14 -16.01 -12.82
C ASN B 222 23.24 -16.95 -13.79
N GLY B 223 22.82 -16.36 -14.91
CA GLY B 223 22.24 -17.17 -15.94
C GLY B 223 20.78 -17.64 -15.70
N HIS B 224 19.96 -16.70 -15.21
CA HIS B 224 18.51 -16.97 -15.04
C HIS B 224 17.91 -17.55 -16.34
N ILE B 225 17.17 -18.64 -16.13
CA ILE B 225 16.50 -19.33 -17.22
C ILE B 225 15.64 -18.24 -17.93
N ASP B 226 15.12 -17.24 -17.22
CA ASP B 226 14.20 -16.32 -17.89
C ASP B 226 14.82 -15.34 -18.88
N ASN B 227 16.08 -15.62 -19.23
CA ASN B 227 16.66 -14.86 -20.36
C ASN B 227 17.19 -15.83 -21.42
N MSE B 228 17.00 -17.15 -21.24
CA MSE B 228 17.55 -18.09 -22.23
C MSE B 228 16.56 -19.13 -22.70
O MSE B 228 16.85 -19.80 -23.72
CB MSE B 228 18.73 -18.88 -21.69
CG MSE B 228 20.05 -18.67 -22.44
SE MSE B 228 20.06 -20.16 -23.94
CE MSE B 228 21.51 -21.03 -23.09
N CYS B 229 15.50 -19.40 -21.96
CA CYS B 229 14.62 -20.39 -22.50
C CYS B 229 13.34 -20.46 -21.70
N CYS B 230 12.20 -20.42 -22.38
CA CYS B 230 10.88 -20.48 -21.65
C CYS B 230 9.91 -21.32 -22.38
N PHE B 231 8.84 -21.66 -21.66
CA PHE B 231 7.77 -22.36 -22.40
C PHE B 231 6.86 -21.44 -23.14
N ALA B 232 6.46 -21.94 -24.30
CA ALA B 232 5.38 -21.29 -25.06
C ALA B 232 4.04 -22.00 -24.90
N ARG B 233 4.11 -23.31 -24.62
CA ARG B 233 2.96 -24.20 -24.38
C ARG B 233 3.57 -25.53 -23.94
N PRO B 234 2.82 -26.40 -23.32
CA PRO B 234 3.36 -27.66 -22.88
C PRO B 234 4.02 -28.38 -24.08
N GLY B 235 5.23 -28.89 -23.80
CA GLY B 235 6.06 -29.58 -24.81
C GLY B 235 6.81 -28.66 -25.80
N VAL B 236 6.77 -27.33 -25.62
CA VAL B 236 7.42 -26.48 -26.65
C VAL B 236 8.21 -25.36 -25.91
N VAL B 237 9.37 -25.00 -26.46
CA VAL B 237 10.13 -23.90 -25.82
C VAL B 237 10.68 -22.96 -26.85
N LEU B 238 10.79 -21.70 -26.43
CA LEU B 238 11.52 -20.66 -27.18
C LEU B 238 12.95 -20.59 -26.57
N LEU B 239 13.97 -20.57 -27.43
CA LEU B 239 15.39 -20.56 -26.94
C LEU B 239 16.16 -19.40 -27.57
N SER B 240 16.79 -18.57 -26.72
CA SER B 240 17.61 -17.43 -27.30
C SER B 240 18.72 -18.11 -28.24
N TRP B 241 19.01 -17.49 -29.44
CA TRP B 241 19.90 -18.21 -30.39
C TRP B 241 20.65 -17.27 -31.25
N THR B 242 21.88 -17.65 -31.60
CA THR B 242 22.60 -16.87 -32.67
C THR B 242 23.32 -17.93 -33.51
N ASP B 243 23.46 -17.69 -34.86
CA ASP B 243 24.17 -18.69 -35.75
C ASP B 243 25.65 -18.29 -35.80
N ASP B 244 26.00 -17.15 -35.19
CA ASP B 244 27.43 -16.72 -35.25
C ASP B 244 28.28 -17.65 -34.36
N GLU B 245 29.04 -18.58 -34.99
CA GLU B 245 29.84 -19.52 -34.15
C GLU B 245 30.99 -18.93 -33.40
N THR B 246 31.34 -17.67 -33.72
CA THR B 246 32.37 -16.99 -32.99
C THR B 246 31.72 -16.26 -31.80
N ASP B 247 30.39 -16.18 -31.76
CA ASP B 247 29.74 -15.46 -30.60
C ASP B 247 29.79 -16.35 -29.33
N PRO B 248 30.24 -15.80 -28.18
CA PRO B 248 30.26 -16.65 -27.02
C PRO B 248 28.85 -17.19 -26.70
N GLN B 249 27.80 -16.53 -27.20
CA GLN B 249 26.48 -17.12 -26.96
C GLN B 249 26.31 -18.44 -27.68
N TYR B 250 26.91 -18.55 -28.90
CA TYR B 250 26.70 -19.75 -29.70
C TYR B 250 26.90 -21.01 -28.93
N GLU B 251 28.02 -21.15 -28.21
CA GLU B 251 28.23 -22.42 -27.50
C GLU B 251 27.18 -22.71 -26.40
N ARG B 252 26.68 -21.67 -25.73
CA ARG B 252 25.65 -21.84 -24.73
C ARG B 252 24.37 -22.28 -25.42
N SER B 253 24.03 -21.61 -26.52
CA SER B 253 22.81 -22.02 -27.21
C SER B 253 22.89 -23.44 -27.76
N VAL B 254 24.05 -23.83 -28.34
CA VAL B 254 24.18 -25.22 -28.82
C VAL B 254 24.09 -26.17 -27.62
N GLU B 255 24.72 -25.86 -26.49
CA GLU B 255 24.64 -26.78 -25.33
C GLU B 255 23.22 -27.04 -24.81
N ALA B 256 22.56 -25.90 -24.60
CA ALA B 256 21.15 -25.98 -24.18
C ALA B 256 20.30 -26.68 -25.24
N LEU B 257 20.47 -26.41 -26.56
CA LEU B 257 19.68 -27.22 -27.58
C LEU B 257 19.92 -28.76 -27.39
N SER B 258 21.18 -29.11 -27.05
CA SER B 258 21.60 -30.52 -26.82
C SER B 258 20.79 -31.22 -25.69
N VAL B 259 20.76 -30.60 -24.50
CA VAL B 259 19.94 -31.08 -23.37
C VAL B 259 18.43 -31.09 -23.79
N LEU B 260 17.98 -30.03 -24.45
CA LEU B 260 16.57 -29.95 -24.87
C LEU B 260 16.26 -31.13 -25.78
N SER B 261 17.18 -31.42 -26.74
CA SER B 261 16.89 -32.58 -27.65
C SER B 261 16.93 -33.93 -26.97
N ASN B 262 17.42 -33.91 -25.74
CA ASN B 262 17.56 -35.10 -24.94
C ASN B 262 16.72 -35.07 -23.68
N SER B 263 15.75 -34.16 -23.71
CA SER B 263 14.86 -34.01 -22.52
C SER B 263 13.39 -34.54 -22.73
N ILE B 264 12.76 -34.99 -21.67
CA ILE B 264 11.32 -35.40 -21.68
C ILE B 264 10.72 -34.62 -20.49
N ASP B 265 9.58 -33.99 -20.82
CA ASP B 265 8.82 -33.19 -19.83
C ASP B 265 8.02 -34.13 -18.89
N ALA B 266 7.26 -33.55 -17.96
CA ALA B 266 6.57 -34.34 -16.92
C ALA B 266 5.41 -35.09 -17.46
N ARG B 267 5.17 -34.97 -18.77
CA ARG B 267 4.02 -35.74 -19.35
C ARG B 267 4.58 -36.73 -20.35
N GLY B 268 5.89 -36.91 -20.31
CA GLY B 268 6.50 -37.90 -21.21
C GLY B 268 6.59 -37.41 -22.64
N ARG B 269 6.59 -36.09 -22.84
CA ARG B 269 6.73 -35.56 -24.20
C ARG B 269 8.13 -35.13 -24.46
N LYS B 270 8.56 -35.31 -25.69
CA LYS B 270 9.85 -34.69 -26.12
C LYS B 270 9.57 -33.19 -26.28
N ILE B 271 10.66 -32.44 -26.33
CA ILE B 271 10.55 -30.99 -26.42
C ILE B 271 10.83 -30.42 -27.82
N GLN B 272 9.94 -29.57 -28.31
CA GLN B 272 10.09 -28.86 -29.55
C GLN B 272 10.82 -27.51 -29.23
N VAL B 273 11.85 -27.18 -30.00
CA VAL B 273 12.57 -25.96 -29.72
C VAL B 273 12.46 -24.94 -30.87
N ILE B 274 11.96 -23.75 -30.51
CA ILE B 274 11.82 -22.70 -31.49
C ILE B 274 12.98 -21.65 -31.23
N LYS B 275 13.90 -21.39 -32.19
CA LYS B 275 15.04 -20.48 -32.00
C LYS B 275 14.56 -19.02 -32.10
N LEU B 276 14.91 -18.21 -31.06
CA LEU B 276 14.49 -16.77 -30.99
C LEU B 276 15.81 -16.11 -31.07
N TYR B 277 16.07 -15.58 -32.24
CA TYR B 277 17.39 -15.05 -32.47
C TYR B 277 17.71 -13.78 -31.70
N ILE B 278 18.76 -13.82 -30.88
CA ILE B 278 19.14 -12.63 -30.17
C ILE B 278 19.53 -11.44 -31.13
N PRO B 279 19.39 -10.21 -30.64
CA PRO B 279 19.81 -9.07 -31.51
C PRO B 279 21.32 -9.26 -31.77
N GLU B 280 21.80 -8.56 -32.83
CA GLU B 280 23.25 -8.53 -33.03
C GLU B 280 23.79 -7.82 -31.76
N PRO B 281 25.09 -7.96 -31.50
CA PRO B 281 25.79 -7.36 -30.36
C PRO B 281 25.45 -5.95 -29.97
N LEU B 282 25.05 -5.85 -28.73
CA LEU B 282 24.73 -4.63 -28.09
C LEU B 282 25.83 -4.40 -27.02
N TYR B 283 26.40 -3.22 -27.05
CA TYR B 283 27.45 -2.77 -26.13
C TYR B 283 27.07 -1.36 -25.59
N MSE B 284 27.18 -1.22 -24.27
CA MSE B 284 26.87 0.04 -23.62
C MSE B 284 27.79 1.10 -24.19
O MSE B 284 28.97 0.83 -24.35
CB MSE B 284 27.08 -0.06 -22.12
CG MSE B 284 26.73 1.25 -21.40
SE MSE B 284 26.82 1.18 -19.46
CE MSE B 284 25.00 0.53 -19.06
N THR B 285 27.21 2.27 -24.51
CA THR B 285 27.87 3.44 -25.09
C THR B 285 28.38 4.36 -23.98
N GLU B 286 28.98 5.46 -24.41
CA GLU B 286 29.56 6.44 -23.48
C GLU B 286 28.54 7.35 -22.82
N GLU B 287 27.64 7.89 -23.64
CA GLU B 287 26.60 8.75 -23.17
C GLU B 287 25.76 7.94 -22.17
N GLU B 288 25.60 6.63 -22.46
CA GLU B 288 24.81 5.75 -21.57
C GLU B 288 25.52 5.56 -20.25
N SER B 289 26.79 5.15 -20.30
CA SER B 289 27.53 4.94 -19.07
C SER B 289 27.80 6.23 -18.29
N SER B 290 27.94 7.35 -18.99
CA SER B 290 28.20 8.59 -18.29
C SER B 290 26.98 9.10 -17.48
N GLY B 291 25.78 8.60 -17.82
CA GLY B 291 24.59 9.05 -17.13
C GLY B 291 24.28 8.32 -15.84
N ILE B 292 25.14 7.38 -15.46
CA ILE B 292 25.01 6.54 -14.27
C ILE B 292 26.04 6.90 -13.19
N THR B 293 25.57 7.23 -11.99
CA THR B 293 26.40 7.60 -10.85
C THR B 293 27.19 6.44 -10.28
N GLN B 294 28.43 6.31 -10.73
CA GLN B 294 29.30 5.23 -10.30
C GLN B 294 29.75 5.39 -8.83
N ASP B 295 29.50 4.33 -8.05
CA ASP B 295 29.84 4.29 -6.61
C ASP B 295 30.43 2.93 -6.16
N GLY B 296 30.07 2.55 -4.95
CA GLY B 296 30.55 1.30 -4.43
C GLY B 296 29.44 0.54 -3.72
N GLU B 297 28.17 0.91 -3.96
CA GLU B 297 27.08 0.20 -3.31
C GLU B 297 26.41 -0.78 -4.26
N ALA B 298 26.79 -0.72 -5.53
CA ALA B 298 26.25 -1.59 -6.56
C ALA B 298 27.35 -1.95 -7.57
N ILE B 299 26.97 -2.80 -8.53
CA ILE B 299 27.90 -3.22 -9.57
C ILE B 299 28.22 -2.08 -10.57
N PRO B 300 29.51 -1.88 -10.89
CA PRO B 300 29.88 -0.81 -11.84
C PRO B 300 29.28 -1.03 -13.25
N ARG B 301 28.78 0.04 -13.88
CA ARG B 301 28.20 -0.06 -15.24
C ARG B 301 29.22 0.64 -16.18
N LEU B 302 30.01 -0.14 -16.92
CA LEU B 302 31.05 0.43 -17.77
C LEU B 302 30.82 0.29 -19.28
N ALA B 303 31.11 1.36 -20.04
CA ALA B 303 30.91 1.33 -21.50
C ALA B 303 31.67 0.14 -22.11
N GLY B 304 31.14 -0.41 -23.21
CA GLY B 304 31.71 -1.57 -23.89
C GLY B 304 31.28 -2.92 -23.33
N THR B 305 30.51 -2.91 -22.22
CA THR B 305 30.09 -4.22 -21.65
C THR B 305 29.04 -4.82 -22.59
N ARG B 306 29.13 -6.12 -22.88
CA ARG B 306 28.13 -6.74 -23.76
C ARG B 306 26.81 -6.72 -23.05
N LEU B 307 25.74 -6.32 -23.74
CA LEU B 307 24.44 -6.30 -23.09
C LEU B 307 23.82 -7.70 -23.09
N ALA B 308 23.12 -8.01 -21.99
CA ALA B 308 22.40 -9.31 -21.89
C ALA B 308 20.99 -9.22 -22.54
N ALA B 309 20.96 -9.17 -23.85
CA ALA B 309 19.75 -8.99 -24.56
C ALA B 309 19.42 -10.25 -25.21
N SER B 310 18.18 -10.70 -25.02
CA SER B 310 17.76 -11.87 -25.74
C SER B 310 16.27 -11.64 -25.79
N TYR B 311 15.62 -11.93 -26.94
CA TYR B 311 14.13 -11.83 -27.00
C TYR B 311 13.23 -12.74 -26.15
N VAL B 312 13.87 -13.76 -25.53
CA VAL B 312 13.09 -14.66 -24.64
C VAL B 312 12.61 -13.92 -23.39
N ASN B 313 13.24 -12.82 -22.93
CA ASN B 313 12.66 -12.18 -21.66
C ASN B 313 11.41 -11.33 -22.06
N PHE B 314 10.29 -12.02 -22.21
CA PHE B 314 9.00 -11.30 -22.56
C PHE B 314 7.91 -11.72 -21.57
N TYR B 315 6.75 -11.05 -21.55
CA TYR B 315 5.71 -11.56 -20.61
C TYR B 315 4.52 -12.04 -21.44
N ILE B 316 3.72 -12.81 -20.74
CA ILE B 316 2.44 -13.36 -21.20
C ILE B 316 1.38 -12.85 -20.22
N ALA B 317 0.68 -11.73 -20.53
CA ALA B 317 -0.49 -11.32 -19.63
C ALA B 317 -1.74 -11.85 -20.30
N ASN B 318 -2.96 -11.60 -19.78
CA ASN B 318 -4.18 -12.19 -20.49
C ASN B 318 -4.49 -11.61 -21.95
N GLY B 319 -4.03 -12.26 -23.03
CA GLY B 319 -4.30 -11.65 -24.32
C GLY B 319 -3.09 -10.91 -25.02
N GLY B 320 -2.03 -10.48 -24.33
CA GLY B 320 -0.89 -9.85 -25.00
C GLY B 320 0.50 -10.54 -24.72
N ILE B 321 1.53 -10.29 -25.58
CA ILE B 321 2.85 -10.88 -25.33
C ILE B 321 3.86 -9.71 -25.18
N ILE B 322 3.59 -8.89 -24.23
CA ILE B 322 4.50 -7.75 -24.15
C ILE B 322 5.94 -8.13 -24.45
N ALA B 323 6.42 -7.72 -25.66
CA ALA B 323 7.72 -8.24 -26.11
C ALA B 323 8.81 -7.25 -26.30
N PRO B 324 10.07 -7.67 -26.04
CA PRO B 324 11.04 -6.64 -26.24
C PRO B 324 11.25 -6.35 -27.75
N GLN B 325 11.82 -5.15 -27.94
CA GLN B 325 12.42 -4.59 -29.21
C GLN B 325 13.58 -3.69 -28.69
N PHE B 326 14.77 -3.99 -29.23
CA PHE B 326 16.05 -3.41 -28.81
C PHE B 326 16.69 -2.34 -29.71
N GLY B 327 16.01 -1.91 -30.78
CA GLY B 327 16.66 -0.94 -31.67
C GLY B 327 17.23 -1.67 -32.87
N ASP B 328 17.54 -2.98 -32.76
CA ASP B 328 18.11 -3.80 -33.85
C ASP B 328 17.03 -4.03 -34.90
N PRO B 329 17.00 -3.15 -35.93
CA PRO B 329 15.97 -3.33 -36.91
C PRO B 329 15.62 -4.70 -37.35
N ILE B 330 16.58 -5.48 -37.79
CA ILE B 330 16.19 -6.77 -38.35
C ILE B 330 15.77 -7.64 -37.19
N ARG B 331 16.67 -7.83 -36.20
CA ARG B 331 16.26 -8.69 -35.06
C ARG B 331 15.04 -8.13 -34.38
N ASP B 332 14.85 -6.77 -34.27
CA ASP B 332 13.59 -6.47 -33.58
C ASP B 332 12.44 -7.00 -34.36
N LYS B 333 12.45 -6.78 -35.67
CA LYS B 333 11.29 -7.24 -36.39
C LYS B 333 11.21 -8.74 -36.47
N GLU B 334 12.32 -9.43 -36.66
CA GLU B 334 12.24 -10.90 -36.61
C GLU B 334 11.69 -11.37 -35.27
N ALA B 335 11.99 -10.68 -34.15
CA ALA B 335 11.43 -11.15 -32.72
C ALA B 335 9.95 -11.08 -32.77
N ILE B 336 9.38 -9.94 -33.29
CA ILE B 336 7.92 -9.90 -33.26
C ILE B 336 7.40 -10.93 -34.23
N ARG B 337 8.01 -11.07 -35.43
CA ARG B 337 7.40 -12.12 -36.20
C ARG B 337 7.31 -13.50 -35.52
N VAL B 338 8.44 -13.93 -34.89
CA VAL B 338 8.50 -15.20 -34.20
C VAL B 338 7.48 -15.28 -33.08
N LEU B 339 7.52 -14.27 -32.19
CA LEU B 339 6.53 -14.34 -31.12
C LEU B 339 5.09 -14.29 -31.70
N SER B 340 4.92 -13.51 -32.82
CA SER B 340 3.54 -13.46 -33.38
C SER B 340 3.12 -14.86 -33.82
N ASP B 341 3.98 -15.65 -34.46
CA ASP B 341 3.46 -16.95 -34.81
C ASP B 341 3.32 -17.94 -33.72
N THR B 342 4.07 -17.75 -32.63
CA THR B 342 4.05 -18.61 -31.48
C THR B 342 2.79 -18.45 -30.62
N PHE B 343 2.32 -17.25 -30.48
CA PHE B 343 1.05 -17.24 -29.73
C PHE B 343 0.01 -16.65 -30.61
N PRO B 344 -0.47 -17.48 -31.56
CA PRO B 344 -1.46 -17.01 -32.51
C PRO B 344 -2.75 -16.54 -32.02
N HIS B 345 -3.01 -16.63 -30.70
CA HIS B 345 -4.25 -16.16 -30.13
C HIS B 345 -3.94 -14.96 -29.20
N HIS B 346 -2.65 -14.52 -29.14
CA HIS B 346 -2.35 -13.37 -28.30
C HIS B 346 -1.94 -12.22 -29.21
N SER B 347 -2.00 -11.01 -28.70
CA SER B 347 -1.52 -9.81 -29.37
C SER B 347 -0.11 -9.47 -28.95
N VAL B 348 0.80 -9.46 -29.91
CA VAL B 348 2.16 -9.15 -29.58
C VAL B 348 2.52 -7.68 -29.62
N VAL B 349 2.99 -7.13 -28.49
CA VAL B 349 3.27 -5.71 -28.39
C VAL B 349 4.76 -5.45 -28.12
N GLY B 350 5.38 -4.78 -29.07
CA GLY B 350 6.78 -4.46 -28.98
C GLY B 350 7.11 -3.22 -28.15
N ILE B 351 8.02 -3.36 -27.18
CA ILE B 351 8.38 -2.25 -26.30
C ILE B 351 9.67 -1.59 -26.73
N GLU B 352 9.62 -0.34 -27.26
CA GLU B 352 10.89 0.26 -27.66
C GLU B 352 11.73 0.78 -26.46
N ASN B 353 13.01 0.92 -26.71
CA ASN B 353 13.98 1.35 -25.71
C ASN B 353 14.19 0.25 -24.64
N ALA B 354 13.78 -0.98 -24.95
CA ALA B 354 14.04 -2.04 -23.98
C ALA B 354 15.54 -2.08 -23.69
N ARG B 355 16.33 -1.56 -24.60
CA ARG B 355 17.73 -1.53 -24.29
C ARG B 355 17.98 -0.76 -22.96
N GLU B 356 17.13 0.22 -22.65
CA GLU B 356 17.33 0.96 -21.37
C GLU B 356 17.22 0.01 -20.13
N ILE B 357 16.21 -0.86 -20.16
CA ILE B 357 16.06 -1.80 -19.06
C ILE B 357 17.26 -2.77 -19.16
N VAL B 358 17.62 -3.19 -20.39
CA VAL B 358 18.73 -4.13 -20.47
C VAL B 358 20.06 -3.56 -20.01
N LEU B 359 20.20 -2.22 -20.04
CA LEU B 359 21.44 -1.58 -19.55
C LEU B 359 21.59 -1.82 -18.08
N ALA B 360 20.43 -2.08 -17.40
CA ALA B 360 20.51 -2.37 -15.95
C ALA B 360 20.47 -3.89 -15.68
N GLY B 361 20.63 -4.65 -16.76
CA GLY B 361 20.77 -6.08 -16.71
C GLY B 361 19.46 -6.79 -16.56
N GLY B 362 18.36 -6.06 -16.79
CA GLY B 362 16.98 -6.58 -16.62
C GLY B 362 16.09 -6.12 -17.76
N ASN B 363 15.21 -7.00 -18.18
CA ASN B 363 14.35 -6.75 -19.31
C ASN B 363 12.94 -6.98 -18.89
N ILE B 364 12.01 -6.89 -19.81
CA ILE B 364 10.57 -6.97 -19.47
C ILE B 364 10.14 -8.04 -18.45
N HIS B 365 10.54 -9.30 -18.70
CA HIS B 365 10.05 -10.34 -17.81
C HIS B 365 10.59 -10.18 -16.39
N CYS B 366 11.66 -9.40 -16.19
CA CYS B 366 12.27 -9.21 -14.90
C CYS B 366 11.54 -8.16 -14.11
N ILE B 367 10.73 -7.34 -14.79
CA ILE B 367 10.07 -6.28 -14.01
C ILE B 367 8.63 -6.54 -13.63
N THR B 368 8.14 -7.71 -14.04
CA THR B 368 6.73 -8.10 -13.78
C THR B 368 6.66 -9.28 -12.87
N GLN B 369 5.47 -9.36 -12.24
CA GLN B 369 5.20 -10.60 -11.44
C GLN B 369 3.68 -10.71 -11.55
N GLN B 370 3.25 -11.71 -12.32
CA GLN B 370 1.80 -11.98 -12.60
C GLN B 370 1.13 -12.52 -11.29
N GLN B 371 -0.22 -12.43 -11.21
CA GLN B 371 -1.03 -12.97 -10.08
C GLN B 371 -2.13 -13.95 -10.49
N PRO B 372 -1.94 -15.26 -10.29
CA PRO B 372 -2.96 -16.29 -10.61
C PRO B 372 -4.37 -15.89 -10.21
N ALA B 373 -5.34 -16.30 -11.02
CA ALA B 373 -6.76 -16.11 -10.63
C ALA B 373 -6.89 -17.12 -9.47
N GLU B 374 -7.58 -16.75 -8.35
CA GLU B 374 -7.78 -17.62 -7.17
C GLU B 374 -9.03 -18.46 -7.40
N PRO B 375 -8.87 -19.76 -7.69
CA PRO B 375 -9.97 -20.75 -7.95
C PRO B 375 -11.14 -20.51 -6.97
N THR B 376 -12.38 -20.75 -7.41
CA THR B 376 -13.52 -20.50 -6.50
C THR B 376 -14.33 -21.78 -6.15
MG MG C . -6.11 15.60 2.02
C1 EDO D . -2.41 17.24 16.76
O1 EDO D . -2.95 17.23 18.12
C2 EDO D . -0.91 17.05 16.76
O2 EDO D . -0.58 16.10 17.77
C1 EDO E . -28.10 7.49 30.39
O1 EDO E . -28.67 6.75 31.50
C2 EDO E . -28.03 9.01 30.75
O2 EDO E . -27.21 9.28 31.91
C1 EDO F . -7.20 15.48 15.93
O1 EDO F . -5.80 15.39 15.78
C2 EDO F . -7.41 16.10 17.31
O2 EDO F . -6.15 16.07 18.01
C1 EDO G . -4.11 30.51 7.66
O1 EDO G . -3.29 29.33 7.94
C2 EDO G . -4.73 30.43 6.29
O2 EDO G . -4.92 29.05 5.92
C1 EDO H . -7.51 25.92 26.06
O1 EDO H . -6.90 24.84 25.28
C2 EDO H . -8.75 26.41 25.25
O2 EDO H . -9.84 25.46 25.33
C1 EDO I . 1.83 -0.69 -0.31
O1 EDO I . 1.05 -1.72 0.37
C2 EDO I . 1.37 0.66 0.25
O2 EDO I . 0.00 0.64 0.56
C1 EDO J . -10.23 24.27 38.16
O1 EDO J . -10.07 23.59 36.88
C2 EDO J . -11.21 23.46 39.01
O2 EDO J . -11.77 22.43 38.20
S1 MPO K . -28.57 12.47 3.20
O1 MPO K . -27.72 12.77 4.39
O2 MPO K . -28.58 13.13 1.80
O4 MPO K . -31.26 5.56 1.58
N1 MPO K . -31.25 8.44 1.91
C1 MPO K . -30.23 11.77 3.45
O3 MPO K . -29.22 13.80 3.75
C2 MPO K . -30.13 10.42 2.73
C3 MPO K . -31.43 9.65 2.76
C4 MPO K . -32.49 7.67 1.94
C5 MPO K . -32.36 6.39 1.07
C6 MPO K . -30.03 6.34 1.41
C7 MPO K . -30.11 7.56 2.39
MG MG L . 11.25 -12.79 -0.43
C1 EDO M . 17.77 -8.45 -12.95
O1 EDO M . 17.93 -9.00 -14.28
C2 EDO M . 16.47 -8.95 -12.41
O2 EDO M . 16.14 -10.15 -13.03
C1 EDO N . -0.20 -20.68 -24.75
O1 EDO N . -1.53 -20.20 -25.00
C2 EDO N . -0.34 -21.93 -23.97
O2 EDO N . -1.12 -22.87 -24.69
C1 EDO O . -8.36 -4.95 -19.14
O1 EDO O . -8.86 -3.69 -19.62
C2 EDO O . -8.08 -4.79 -17.67
O2 EDO O . -8.83 -5.75 -16.99
C1 EDO P . 25.69 -12.56 -9.15
O1 EDO P . 25.32 -11.10 -8.99
C2 EDO P . 27.16 -12.62 -9.81
O2 EDO P . 27.92 -13.80 -9.45
C1 EDO Q . 4.83 -21.21 6.86
O1 EDO Q . 4.87 -22.38 5.93
C2 EDO Q . 5.83 -20.22 6.38
O2 EDO Q . 5.19 -19.03 6.13
C1 EDO R . -4.55 -22.08 -12.59
O1 EDO R . -3.93 -22.96 -13.56
C2 EDO R . -4.42 -20.60 -12.95
O2 EDO R . -5.26 -19.86 -12.02
N ARG A 5 -13.53 19.52 -11.88
CA ARG A 5 -13.70 19.89 -10.45
C ARG A 5 -15.21 19.89 -10.15
N GLU A 6 -15.87 18.77 -10.47
CA GLU A 6 -17.30 18.56 -10.23
C GLU A 6 -17.56 18.19 -8.75
N SER A 7 -18.72 18.57 -8.20
CA SER A 7 -18.98 18.24 -6.79
C SER A 7 -19.61 16.86 -6.64
N PRO A 8 -19.62 16.35 -5.42
CA PRO A 8 -20.21 15.05 -5.11
C PRO A 8 -21.73 15.05 -5.35
N ALA A 9 -22.41 16.14 -5.00
CA ALA A 9 -23.86 16.29 -5.18
C ALA A 9 -24.21 16.05 -6.66
N GLU A 10 -23.34 16.48 -7.56
CA GLU A 10 -23.62 16.26 -9.01
C GLU A 10 -23.62 14.77 -9.36
N HIS A 11 -22.95 13.97 -8.54
CA HIS A 11 -22.89 12.55 -8.78
C HIS A 11 -23.77 11.72 -7.85
N GLY A 12 -24.52 12.38 -6.98
CA GLY A 12 -25.43 11.62 -6.12
C GLY A 12 -24.87 11.20 -4.75
N TYR A 13 -23.63 11.56 -4.50
CA TYR A 13 -22.99 11.12 -3.21
C TYR A 13 -23.32 11.97 -1.98
N TYR A 14 -23.28 11.34 -0.81
CA TYR A 14 -23.48 12.06 0.47
C TYR A 14 -22.68 11.29 1.56
N MSE A 15 -22.37 11.99 2.65
CA MSE A 15 -21.65 11.31 3.73
C MSE A 15 -22.67 10.64 4.65
O MSE A 15 -23.54 11.32 5.23
CB MSE A 15 -20.85 12.34 4.57
CG MSE A 15 -19.98 11.62 5.55
SE MSE A 15 -19.11 12.96 6.72
CE MSE A 15 -18.35 11.86 8.14
N PRO A 16 -22.55 9.31 4.84
CA PRO A 16 -23.42 8.54 5.70
C PRO A 16 -22.99 8.66 7.21
N ALA A 17 -23.92 8.29 8.08
CA ALA A 17 -23.53 8.41 9.51
C ALA A 17 -22.47 7.32 9.81
N GLU A 18 -21.65 7.63 10.83
CA GLU A 18 -20.58 6.69 11.23
C GLU A 18 -21.16 5.37 11.77
N TRP A 19 -22.47 5.32 12.14
CA TRP A 19 -23.07 4.05 12.65
C TRP A 19 -23.71 3.23 11.50
N ASP A 20 -23.40 3.55 10.23
CA ASP A 20 -23.86 2.75 9.08
C ASP A 20 -22.72 1.67 8.91
N SER A 21 -22.94 0.65 8.02
CA SER A 21 -22.00 -0.45 7.88
C SER A 21 -20.67 -0.13 7.29
N HIS A 22 -19.64 -0.62 7.97
CA HIS A 22 -18.30 -0.42 7.46
C HIS A 22 -17.69 -1.61 6.74
N ALA A 23 -16.93 -1.36 5.67
CA ALA A 23 -16.04 -2.34 5.01
C ALA A 23 -14.77 -2.53 5.85
N GLN A 24 -14.19 -1.43 6.37
CA GLN A 24 -13.03 -1.57 7.23
C GLN A 24 -12.72 -0.26 7.89
N THR A 25 -11.74 -0.30 8.75
CA THR A 25 -11.28 0.95 9.42
C THR A 25 -9.82 1.29 9.05
N TRP A 26 -9.60 2.46 8.45
CA TRP A 26 -8.15 2.86 8.33
C TRP A 26 -7.54 3.55 9.62
N ILE A 27 -6.28 3.22 9.98
CA ILE A 27 -5.57 3.77 11.17
C ILE A 27 -4.14 4.09 10.80
N GLY A 28 -3.56 5.12 11.45
CA GLY A 28 -2.14 5.47 11.25
C GLY A 28 -1.28 4.80 12.38
N TRP A 29 -0.04 5.23 12.52
CA TRP A 29 0.86 4.56 13.50
C TRP A 29 1.72 5.70 14.00
N PRO A 30 1.75 5.86 15.34
CA PRO A 30 2.54 6.99 15.90
C PRO A 30 4.03 6.68 15.97
N GLU A 31 4.78 7.77 15.83
CA GLU A 31 6.24 7.59 15.78
C GLU A 31 7.04 8.85 16.03
N ARG A 32 6.51 10.06 15.87
CA ARG A 32 7.44 11.21 15.99
C ARG A 32 7.79 11.41 17.47
N GLN A 33 9.03 11.78 17.74
CA GLN A 33 9.53 11.91 19.15
C GLN A 33 9.26 13.28 19.78
N ASP A 34 8.86 14.24 18.99
CA ASP A 34 8.54 15.55 19.53
C ASP A 34 7.07 15.72 19.84
N ASN A 35 6.24 14.64 19.63
CA ASN A 35 4.85 14.72 20.00
C ASN A 35 4.47 13.54 20.83
N TRP A 36 5.22 12.45 20.76
CA TRP A 36 4.87 11.23 21.49
C TRP A 36 6.05 10.97 22.44
N ARG A 37 5.73 10.47 23.65
CA ARG A 37 6.80 10.23 24.68
C ARG A 37 7.44 8.84 24.48
N HIS A 38 8.70 8.75 24.91
CA HIS A 38 9.41 7.49 24.87
C HIS A 38 9.47 6.78 23.54
N ASN A 39 9.86 7.54 22.52
CA ASN A 39 9.94 7.02 21.19
C ASN A 39 8.64 6.42 20.72
N ALA A 40 7.55 6.98 21.23
CA ALA A 40 6.17 6.55 20.92
C ALA A 40 5.85 5.13 21.34
N LEU A 41 6.68 4.43 22.13
CA LEU A 41 6.31 3.02 22.47
C LEU A 41 5.01 2.96 23.24
N PRO A 42 4.80 3.87 24.21
CA PRO A 42 3.51 3.77 24.89
C PRO A 42 2.36 3.99 23.92
N ALA A 43 2.52 5.00 23.08
CA ALA A 43 1.48 5.29 22.05
C ALA A 43 1.31 4.11 21.10
N GLN A 44 2.38 3.49 20.66
CA GLN A 44 2.15 2.34 19.76
C GLN A 44 1.39 1.22 20.43
N ARG A 45 1.63 1.05 21.74
CA ARG A 45 0.88 -0.04 22.38
C ARG A 45 -0.54 0.40 22.57
N VAL A 46 -0.75 1.72 22.54
CA VAL A 46 -2.13 2.17 22.76
C VAL A 46 -2.79 2.10 21.38
N PHE A 47 -2.08 2.61 20.39
CA PHE A 47 -2.64 2.44 19.02
C PHE A 47 -2.97 1.01 18.74
N ALA A 48 -1.96 0.12 18.88
CA ALA A 48 -2.22 -1.31 18.69
C ALA A 48 -3.40 -1.89 19.49
N GLY A 49 -3.61 -1.42 20.75
CA GLY A 49 -4.80 -1.94 21.44
C GLY A 49 -6.08 -1.54 20.72
N VAL A 50 -6.13 -0.26 20.27
CA VAL A 50 -7.27 0.21 19.54
C VAL A 50 -7.46 -0.59 18.33
N ALA A 51 -6.44 -0.80 17.50
CA ALA A 51 -6.63 -1.62 16.28
C ALA A 51 -7.06 -3.07 16.55
N LYS A 52 -6.53 -3.69 17.65
CA LYS A 52 -7.02 -5.06 17.89
C LYS A 52 -8.46 -5.00 18.36
N ALA A 53 -8.82 -4.01 19.21
CA ALA A 53 -10.19 -3.89 19.70
C ALA A 53 -11.24 -3.83 18.62
N ILE A 54 -10.96 -2.90 17.65
CA ILE A 54 -11.85 -2.69 16.53
C ILE A 54 -11.82 -3.95 15.63
N SER A 55 -10.69 -4.64 15.58
CA SER A 55 -10.65 -5.82 14.65
C SER A 55 -11.58 -6.99 15.10
N LYS A 56 -12.09 -6.94 16.33
CA LYS A 56 -13.06 -7.99 16.69
C LYS A 56 -14.41 -7.73 15.94
N PHE A 57 -14.68 -6.44 15.52
CA PHE A 57 -15.91 -6.05 14.90
C PHE A 57 -15.79 -6.02 13.40
N GLU A 58 -14.68 -5.47 12.86
CA GLU A 58 -14.52 -5.38 11.39
C GLU A 58 -13.01 -5.37 11.13
N PRO A 59 -12.57 -5.54 9.84
CA PRO A 59 -11.13 -5.55 9.50
C PRO A 59 -10.61 -4.14 9.65
N VAL A 60 -9.34 -4.09 9.44
CA VAL A 60 -8.57 -2.95 9.64
C VAL A 60 -7.44 -2.88 8.67
N THR A 61 -7.01 -1.66 8.46
CA THR A 61 -5.80 -1.36 7.69
C THR A 61 -4.98 -0.36 8.57
N VAL A 62 -4.14 -0.88 9.48
CA VAL A 62 -3.32 0.06 10.22
C VAL A 62 -2.23 0.48 9.22
N CYS A 63 -2.01 1.84 9.14
CA CYS A 63 -0.95 2.33 8.23
C CYS A 63 0.28 2.81 8.99
N ALA A 64 1.49 2.38 8.65
CA ALA A 64 2.73 2.85 9.40
C ALA A 64 3.69 3.30 8.38
N SER A 65 4.66 4.13 8.81
CA SER A 65 5.65 4.61 7.83
C SER A 65 6.64 3.55 7.44
N PRO A 66 7.49 3.83 6.42
CA PRO A 66 8.53 2.86 6.00
C PRO A 66 9.41 2.45 7.14
N ALA A 67 9.85 3.41 7.95
CA ALA A 67 10.75 3.07 9.09
C ALA A 67 10.11 2.27 10.23
N GLN A 68 8.76 2.34 10.30
CA GLN A 68 7.99 1.65 11.31
C GLN A 68 7.30 0.44 10.84
N TRP A 69 7.31 0.19 9.55
CA TRP A 69 6.44 -0.93 9.10
C TRP A 69 6.83 -2.30 9.76
N GLU A 70 8.10 -2.54 9.94
CA GLU A 70 8.38 -3.85 10.50
C GLU A 70 7.87 -3.95 11.94
N ASN A 71 8.03 -2.83 12.68
CA ASN A 71 7.61 -2.77 14.15
C ASN A 71 6.12 -2.95 14.24
N ALA A 72 5.36 -2.17 13.43
CA ALA A 72 3.91 -2.35 13.48
C ALA A 72 3.52 -3.75 13.04
N ARG A 73 4.16 -4.31 11.97
CA ARG A 73 3.76 -5.67 11.58
C ARG A 73 4.02 -6.76 12.70
N LYS A 74 5.09 -6.57 13.44
CA LYS A 74 5.32 -7.53 14.56
C LYS A 74 4.42 -7.26 15.75
N GLN A 75 4.11 -6.01 16.00
CA GLN A 75 3.19 -5.77 17.18
C GLN A 75 1.79 -6.23 16.93
N LEU A 76 1.27 -6.10 15.71
CA LEU A 76 -0.13 -6.40 15.45
C LEU A 76 -0.42 -7.82 15.00
N PRO A 77 -1.50 -8.41 15.52
CA PRO A 77 -1.88 -9.73 15.11
C PRO A 77 -2.05 -9.74 13.62
N GLU A 78 -1.96 -10.93 13.00
CA GLU A 78 -2.09 -11.09 11.52
C GLU A 78 -3.48 -10.90 10.96
N ASP A 79 -4.54 -10.84 11.78
CA ASP A 79 -5.84 -10.56 11.12
C ASP A 79 -6.11 -9.05 10.79
N ILE A 80 -5.05 -8.27 11.04
CA ILE A 80 -4.99 -6.78 10.71
C ILE A 80 -3.94 -6.51 9.58
N ARG A 81 -4.37 -5.85 8.48
CA ARG A 81 -3.52 -5.61 7.35
C ARG A 81 -2.54 -4.49 7.72
N VAL A 82 -1.30 -4.51 7.21
CA VAL A 82 -0.38 -3.45 7.62
C VAL A 82 0.28 -2.93 6.39
N VAL A 83 -0.04 -1.67 6.11
CA VAL A 83 0.46 -1.09 4.84
C VAL A 83 1.56 0.02 4.96
N GLU A 84 2.53 0.06 4.09
CA GLU A 84 3.53 1.14 4.20
C GLU A 84 3.16 2.57 3.74
N MSE A 85 3.15 3.47 4.72
CA MSE A 85 2.74 4.77 4.24
C MSE A 85 3.41 5.86 4.95
O MSE A 85 3.43 5.95 6.19
CB MSE A 85 1.24 4.90 4.37
CG MSE A 85 0.70 6.15 3.56
SE MSE A 85 -1.20 6.37 3.52
CE MSE A 85 -1.64 4.59 2.61
N SER A 86 3.98 6.76 4.17
CA SER A 86 4.58 7.95 4.82
C SER A 86 3.45 8.86 5.34
N MSE A 87 3.69 9.47 6.50
CA MSE A 87 2.72 10.42 7.06
C MSE A 87 3.52 11.32 8.07
O MSE A 87 4.61 10.93 8.49
CB MSE A 87 1.62 9.68 7.83
CG MSE A 87 2.18 8.86 9.00
SE MSE A 87 1.02 7.52 9.71
CE MSE A 87 1.67 6.00 8.63
N ASN A 88 2.93 12.47 8.46
CA ASN A 88 3.70 13.27 9.52
C ASN A 88 3.18 13.15 10.92
N ASP A 89 1.87 13.01 11.00
CA ASP A 89 1.20 12.75 12.33
C ASP A 89 0.30 11.57 12.01
N SER A 90 -0.17 10.91 13.08
CA SER A 90 -0.99 9.68 12.99
C SER A 90 -2.45 9.85 13.38
N TRP A 91 -3.05 10.98 12.95
CA TRP A 91 -4.49 11.27 13.21
C TRP A 91 -5.23 11.13 11.89
N PHE A 92 -5.48 9.87 11.48
CA PHE A 92 -6.02 9.65 10.13
C PHE A 92 -7.41 10.04 9.90
N ARG A 93 -8.14 10.36 11.01
CA ARG A 93 -9.47 10.95 10.91
C ARG A 93 -9.24 12.35 10.25
N ASP A 94 -8.11 13.00 10.54
CA ASP A 94 -7.94 14.39 10.04
C ASP A 94 -7.19 14.59 8.75
N SER A 95 -6.33 13.60 8.42
CA SER A 95 -5.59 13.65 7.18
C SER A 95 -6.04 12.64 6.14
N GLY A 96 -6.85 11.65 6.57
CA GLY A 96 -7.41 10.63 5.66
C GLY A 96 -8.61 11.20 4.93
N PRO A 97 -9.09 10.36 3.99
CA PRO A 97 -10.23 10.82 3.19
C PRO A 97 -11.62 10.80 3.84
N THR A 98 -12.51 11.65 3.28
CA THR A 98 -13.88 11.56 3.77
C THR A 98 -14.74 10.71 2.85
N PHE A 99 -15.02 9.47 3.28
CA PHE A 99 -15.82 8.64 2.37
C PHE A 99 -17.33 9.00 2.27
N ILE A 100 -17.83 8.97 1.02
CA ILE A 100 -19.22 9.32 0.74
C ILE A 100 -19.71 8.20 -0.18
N VAL A 101 -21.00 7.94 -0.08
CA VAL A 101 -21.67 6.83 -0.83
C VAL A 101 -22.85 7.32 -1.60
N ARG A 102 -23.39 6.41 -2.45
CA ARG A 102 -24.66 6.75 -3.16
C ARG A 102 -25.39 5.48 -3.36
N LYS A 103 -26.69 5.63 -3.63
CA LYS A 103 -27.61 4.49 -3.87
C LYS A 103 -27.27 3.56 -5.08
N ARG A 104 -26.97 4.19 -6.22
CA ARG A 104 -26.65 3.49 -7.47
C ARG A 104 -26.20 4.56 -8.49
N ASN A 112 -17.53 2.31 -12.68
CA ASN A 112 -17.31 3.20 -11.55
C ASN A 112 -17.84 2.62 -10.23
N ARG A 113 -17.67 3.33 -9.11
CA ARG A 113 -18.27 2.81 -7.88
C ARG A 113 -19.26 3.69 -7.15
N ASN A 114 -20.03 3.07 -6.24
CA ASN A 114 -21.03 3.81 -5.46
C ASN A 114 -20.43 4.25 -4.13
N ILE A 115 -19.13 4.36 -4.18
CA ILE A 115 -18.37 4.95 -3.02
C ILE A 115 -17.29 5.87 -3.59
N ALA A 116 -17.14 7.02 -2.95
CA ALA A 116 -16.10 7.97 -3.32
C ALA A 116 -15.40 8.59 -2.09
N GLY A 117 -14.12 8.98 -2.28
CA GLY A 117 -13.40 9.64 -1.16
C GLY A 117 -13.23 11.04 -1.59
N ILE A 118 -13.42 11.95 -0.67
CA ILE A 118 -13.20 13.40 -0.91
C ILE A 118 -11.87 13.46 -0.26
N ASP A 119 -10.87 14.11 -0.96
CA ASP A 119 -9.55 14.36 -0.43
C ASP A 119 -9.56 15.87 -0.24
N TRP A 120 -9.54 16.32 0.99
CA TRP A 120 -9.58 17.73 1.36
C TRP A 120 -8.19 18.35 1.62
N ASN A 121 -8.01 19.64 1.30
CA ASN A 121 -6.76 20.28 1.75
C ASN A 121 -6.68 20.22 3.34
N PHE A 122 -5.54 20.64 3.93
CA PHE A 122 -5.14 20.51 5.36
C PHE A 122 -3.92 21.43 5.66
N ASN A 123 -3.89 21.87 6.92
CA ASN A 123 -2.71 22.65 7.38
C ASN A 123 -2.33 22.54 8.78
N ALA A 124 -2.27 21.28 9.26
CA ALA A 124 -1.81 21.17 10.60
C ALA A 124 -2.68 22.03 11.53
N TRP A 125 -3.98 21.91 11.38
CA TRP A 125 -4.88 22.60 12.28
C TRP A 125 -4.52 24.12 12.57
N GLY A 126 -4.25 24.74 11.43
CA GLY A 126 -3.94 26.15 11.39
C GLY A 126 -2.82 26.77 10.55
N GLY A 127 -1.84 25.95 10.10
CA GLY A 127 -0.77 26.45 9.25
C GLY A 127 0.58 26.79 9.84
N ALA A 128 1.29 27.62 9.08
CA ALA A 128 2.68 28.03 9.43
C ALA A 128 2.89 28.48 10.83
N ASN A 129 1.94 29.30 11.29
CA ASN A 129 1.97 29.91 12.63
C ASN A 129 1.20 29.15 13.71
N ASP A 130 -0.01 28.72 13.36
CA ASP A 130 -0.85 28.08 14.37
C ASP A 130 -0.82 26.55 14.26
N GLY A 131 -0.14 26.06 13.22
CA GLY A 131 -0.15 24.60 13.02
C GLY A 131 0.53 23.83 14.15
N CYS A 132 0.28 22.55 14.27
CA CYS A 132 0.85 21.86 15.43
C CYS A 132 2.24 21.27 15.12
N TYR A 133 2.63 21.35 13.86
CA TYR A 133 3.99 20.94 13.43
C TYR A 133 4.34 21.66 12.14
N ASN A 134 5.62 21.64 11.73
CA ASN A 134 6.01 22.53 10.61
C ASN A 134 6.06 21.92 9.23
N ASP A 135 5.94 20.58 9.14
CA ASP A 135 6.03 19.95 7.82
C ASP A 135 4.90 18.92 7.72
N TRP A 136 4.06 19.08 6.72
CA TRP A 136 2.90 18.12 6.55
C TRP A 136 2.90 17.61 5.14
N SER A 137 4.05 17.65 4.47
CA SER A 137 4.04 17.14 3.07
C SER A 137 3.66 15.71 2.93
N HIS A 138 3.98 14.89 3.90
CA HIS A 138 3.60 13.48 3.66
C HIS A 138 2.14 13.36 3.98
N ASP A 139 1.71 14.07 5.02
CA ASP A 139 0.30 14.01 5.42
C ASP A 139 -0.59 14.46 4.29
N LEU A 140 -0.14 15.48 3.54
CA LEU A 140 -0.93 16.01 2.43
C LEU A 140 -1.41 14.91 1.46
N LEU A 141 -0.58 13.87 1.26
CA LEU A 141 -0.89 12.78 0.34
C LEU A 141 -1.65 11.57 0.95
N VAL A 142 -1.82 11.54 2.28
CA VAL A 142 -2.45 10.32 2.91
C VAL A 142 -3.75 10.00 2.18
N SER A 143 -4.60 11.01 1.94
CA SER A 143 -5.85 10.70 1.32
C SER A 143 -5.69 10.19 -0.14
N ARG A 144 -4.83 10.85 -0.93
CA ARG A 144 -4.62 10.28 -2.24
C ARG A 144 -4.31 8.75 -2.18
N LYS A 145 -3.16 8.39 -1.59
CA LYS A 145 -2.75 6.96 -1.46
C LYS A 145 -3.83 6.04 -0.91
N ILE A 146 -4.51 6.40 0.20
CA ILE A 146 -5.55 5.48 0.67
C ILE A 146 -6.61 5.33 -0.47
N LEU A 147 -6.93 6.48 -1.10
CA LEU A 147 -7.90 6.42 -2.23
C LEU A 147 -7.48 5.54 -3.37
N ALA A 148 -6.19 5.37 -3.59
CA ALA A 148 -5.62 4.56 -4.63
C ALA A 148 -5.61 3.05 -4.27
N LEU A 149 -5.17 2.75 -3.03
CA LEU A 149 -5.13 1.37 -2.62
C LEU A 149 -6.52 0.78 -2.90
N GLU A 150 -7.56 1.57 -2.54
CA GLU A 150 -8.90 1.11 -2.73
C GLU A 150 -9.44 1.35 -4.15
N ARG A 151 -8.64 2.08 -4.97
CA ARG A 151 -8.97 2.52 -6.44
C ARG A 151 -10.32 3.26 -6.39
N ILE A 152 -10.61 3.85 -5.21
CA ILE A 152 -11.86 4.57 -5.03
C ILE A 152 -11.73 5.97 -5.62
N PRO A 153 -12.75 6.45 -6.35
CA PRO A 153 -12.61 7.77 -6.95
C PRO A 153 -12.41 8.87 -5.91
N ARG A 154 -11.66 9.89 -6.34
CA ARG A 154 -11.26 10.98 -5.46
C ARG A 154 -11.75 12.41 -5.84
N PHE A 155 -12.33 13.14 -4.87
CA PHE A 155 -12.76 14.57 -5.03
C PHE A 155 -11.94 15.49 -4.17
N GLN A 156 -11.01 16.18 -4.82
CA GLN A 156 -10.18 17.12 -4.10
C GLN A 156 -10.95 18.42 -3.77
N HIS A 157 -10.75 18.96 -2.57
CA HIS A 157 -11.35 20.23 -2.20
C HIS A 157 -10.24 21.17 -1.85
N SER A 158 -10.28 22.41 -2.36
CA SER A 158 -9.22 23.27 -2.01
C SER A 158 -9.38 23.85 -0.59
N MSE A 159 -10.55 23.80 0.05
CA MSE A 159 -10.59 24.42 1.40
C MSE A 159 -9.92 23.49 2.43
O MSE A 159 -9.79 22.28 2.20
CB MSE A 159 -11.99 24.66 1.89
CG MSE A 159 -12.77 23.49 2.29
SE MSE A 159 -14.34 24.29 2.93
CE MSE A 159 -13.51 25.21 4.42
N ILE A 160 -9.40 24.11 3.45
CA ILE A 160 -8.83 23.27 4.47
C ILE A 160 -10.02 22.68 5.26
N LEU A 161 -9.82 21.42 5.73
CA LEU A 161 -10.86 20.87 6.55
C LEU A 161 -10.30 19.52 7.13
N GLU A 162 -10.68 19.26 8.39
CA GLU A 162 -10.37 17.98 9.07
C GLU A 162 -11.65 17.27 9.33
N GLY A 163 -11.61 15.93 9.10
CA GLY A 163 -12.84 15.11 9.37
C GLY A 163 -13.27 15.16 10.84
N GLY A 164 -12.33 15.43 11.74
CA GLY A 164 -12.74 15.53 13.15
C GLY A 164 -13.53 16.80 13.48
N SER A 165 -13.63 17.71 12.49
CA SER A 165 -14.36 19.01 12.69
C SER A 165 -15.76 18.98 12.24
N ILE A 166 -16.18 17.84 11.64
CA ILE A 166 -17.51 17.71 11.12
C ILE A 166 -18.16 16.43 11.58
N HIS A 167 -19.45 16.52 11.93
CA HIS A 167 -20.20 15.29 12.26
C HIS A 167 -21.51 15.33 11.48
N VAL A 168 -21.97 14.15 11.03
CA VAL A 168 -23.24 14.07 10.29
C VAL A 168 -24.12 13.00 10.79
N ASP A 169 -25.44 13.23 10.59
CA ASP A 169 -26.37 12.16 11.00
C ASP A 169 -26.74 11.27 9.80
N GLY A 170 -26.18 11.59 8.63
CA GLY A 170 -26.53 10.81 7.42
C GLY A 170 -27.95 11.03 6.91
N GLU A 171 -28.59 12.12 7.40
CA GLU A 171 -30.01 12.47 7.04
C GLU A 171 -30.00 13.97 6.68
N GLY A 172 -28.82 14.48 6.30
CA GLY A 172 -28.75 15.86 5.79
C GLY A 172 -28.40 17.00 6.76
N THR A 173 -27.99 16.62 7.99
CA THR A 173 -27.65 17.60 9.02
C THR A 173 -26.14 17.41 9.35
N CYS A 174 -25.64 18.54 9.86
CA CYS A 174 -24.22 18.57 10.26
C CYS A 174 -23.97 19.42 11.46
N LEU A 175 -23.13 18.85 12.32
CA LEU A 175 -22.79 19.47 13.61
C LEU A 175 -21.36 19.93 13.48
N VAL A 176 -21.10 21.19 13.90
CA VAL A 176 -19.75 21.70 13.70
C VAL A 176 -19.46 22.74 14.80
N THR A 177 -18.21 23.20 14.88
CA THR A 177 -17.92 24.34 15.86
C THR A 177 -17.44 25.61 15.11
N GLU A 178 -17.86 26.75 15.62
CA GLU A 178 -17.37 28.02 15.03
C GLU A 178 -15.88 28.16 15.33
N GLU A 179 -15.47 27.72 16.51
CA GLU A 179 -14.09 27.80 16.95
C GLU A 179 -13.05 27.25 15.97
N CYS A 180 -13.45 26.12 15.32
CA CYS A 180 -12.59 25.52 14.38
C CYS A 180 -12.79 26.09 12.95
N LEU A 181 -13.99 25.92 12.43
CA LEU A 181 -14.25 26.20 11.02
C LEU A 181 -14.18 27.69 10.68
N LEU A 182 -14.34 28.57 11.69
CA LEU A 182 -14.27 30.03 11.39
C LEU A 182 -12.97 30.58 11.86
N ASN A 183 -12.12 29.72 12.40
CA ASN A 183 -10.86 30.32 12.85
C ASN A 183 -10.15 30.99 11.65
N LYS A 184 -9.46 32.12 11.95
CA LYS A 184 -8.74 32.72 10.87
C LYS A 184 -7.60 31.88 10.47
N ASN A 185 -7.27 30.87 11.30
CA ASN A 185 -6.16 30.03 10.97
C ASN A 185 -6.57 28.91 10.01
N ARG A 186 -7.88 28.90 9.60
CA ARG A 186 -8.32 27.89 8.57
C ARG A 186 -8.59 28.38 7.17
N ASN A 187 -9.76 28.91 6.87
CA ASN A 187 -10.13 29.37 5.52
C ASN A 187 -10.57 30.86 5.71
N PRO A 188 -9.60 31.71 6.10
CA PRO A 188 -9.92 33.14 6.37
C PRO A 188 -10.71 33.93 5.32
N HIS A 189 -10.58 33.52 4.07
CA HIS A 189 -11.31 34.29 3.02
C HIS A 189 -12.71 33.75 2.71
N MSE A 190 -13.16 32.75 3.48
CA MSE A 190 -14.50 32.20 3.37
C MSE A 190 -15.36 32.64 4.58
O MSE A 190 -14.92 32.67 5.77
CB MSE A 190 -14.44 30.61 3.31
CG MSE A 190 -13.62 30.07 2.12
SE MSE A 190 -13.79 28.07 1.95
CE MSE A 190 -15.80 27.93 1.81
N SER A 191 -16.58 33.10 4.28
CA SER A 191 -17.48 33.45 5.34
C SER A 191 -18.14 32.19 5.84
N LYS A 192 -18.82 32.34 6.96
CA LYS A 192 -19.64 31.25 7.45
C LYS A 192 -20.61 30.68 6.39
N GLU A 193 -21.18 31.58 5.51
CA GLU A 193 -22.07 31.11 4.47
C GLU A 193 -21.16 30.50 3.36
N GLN A 194 -19.96 31.02 3.09
CA GLN A 194 -19.21 30.25 2.06
C GLN A 194 -18.81 28.78 2.56
N ILE A 195 -18.39 28.67 3.81
CA ILE A 195 -18.09 27.32 4.36
C ILE A 195 -19.42 26.51 4.37
N GLU A 196 -20.55 27.00 4.89
CA GLU A 196 -21.72 26.12 4.73
C GLU A 196 -21.85 25.70 3.23
N GLU A 197 -21.84 26.66 2.28
CA GLU A 197 -22.03 26.26 0.92
C GLU A 197 -21.32 25.05 0.44
N GLU A 198 -20.03 24.99 0.68
CA GLU A 198 -19.27 23.79 0.32
C GLU A 198 -19.79 22.67 1.27
N LEU A 199 -19.76 22.74 2.59
CA LEU A 199 -20.21 21.58 3.34
C LEU A 199 -21.38 20.97 2.57
N LYS A 200 -22.43 21.80 2.20
CA LYS A 200 -23.51 21.26 1.38
C LYS A 200 -23.19 20.48 0.11
N LYS A 201 -22.33 21.02 -0.75
CA LYS A 201 -22.09 20.30 -2.00
C LYS A 201 -21.28 19.04 -1.85
N TYR A 202 -20.53 18.98 -0.74
CA TYR A 202 -19.60 17.86 -0.60
C TYR A 202 -20.13 16.88 0.44
N LEU A 203 -20.73 17.33 1.54
CA LEU A 203 -21.23 16.26 2.43
C LEU A 203 -22.68 15.87 2.04
N GLY A 204 -23.29 16.51 1.00
CA GLY A 204 -24.70 16.14 0.80
C GLY A 204 -25.72 16.54 1.86
N VAL A 205 -25.37 17.47 2.74
CA VAL A 205 -26.25 17.85 3.80
C VAL A 205 -27.14 19.02 3.43
N GLN A 206 -28.24 19.14 4.15
CA GLN A 206 -29.14 20.31 3.97
C GLN A 206 -29.04 21.36 5.00
N SER A 207 -28.72 20.98 6.25
CA SER A 207 -28.64 21.97 7.26
C SER A 207 -27.48 21.77 8.28
N PHE A 208 -27.31 22.74 9.17
CA PHE A 208 -26.17 22.80 10.10
C PHE A 208 -26.64 23.11 11.48
N ILE A 209 -25.73 22.82 12.43
CA ILE A 209 -25.83 23.11 13.87
C ILE A 209 -24.42 23.63 14.29
N TRP A 210 -24.25 24.96 14.48
CA TRP A 210 -22.98 25.54 14.87
C TRP A 210 -22.91 25.69 16.38
N LEU A 211 -22.03 24.91 17.04
CA LEU A 211 -21.84 25.12 18.48
C LEU A 211 -20.73 26.19 18.54
N PRO A 212 -20.79 27.10 19.50
CA PRO A 212 -19.77 28.09 19.57
C PRO A 212 -18.39 27.65 19.80
N ARG A 213 -18.23 26.74 20.77
CA ARG A 213 -16.85 26.38 21.08
C ARG A 213 -16.72 24.88 21.15
N GLY A 214 -15.50 24.40 20.96
CA GLY A 214 -15.25 22.97 21.19
C GLY A 214 -14.72 22.77 22.63
N LEU A 215 -14.06 21.61 22.87
CA LEU A 215 -13.55 21.32 24.20
C LEU A 215 -12.46 22.40 24.60
N TYR A 216 -12.36 22.53 25.94
CA TYR A 216 -11.36 23.28 26.64
C TYR A 216 -10.13 22.30 26.67
N GLY A 217 -9.03 22.87 26.27
CA GLY A 217 -7.80 22.14 26.14
C GLY A 217 -7.46 21.75 24.69
N ASP A 218 -8.39 22.05 23.76
CA ASP A 218 -8.25 21.76 22.31
C ASP A 218 -7.84 22.98 21.60
N GLU A 219 -7.15 23.92 22.30
CA GLU A 219 -6.81 25.14 21.61
C GLU A 219 -5.85 24.86 20.47
N ASP A 220 -4.94 23.90 20.67
CA ASP A 220 -3.92 23.67 19.62
C ASP A 220 -4.52 23.28 18.27
N THR A 221 -5.58 22.45 18.27
CA THR A 221 -6.27 22.06 17.07
C THR A 221 -7.54 22.89 16.77
N ASN A 222 -7.77 23.87 17.64
CA ASN A 222 -8.84 24.80 17.49
C ASN A 222 -10.23 24.25 17.50
N GLY A 223 -10.44 23.34 18.47
CA GLY A 223 -11.81 23.02 18.63
C GLY A 223 -12.47 22.01 17.75
N HIS A 224 -12.08 20.77 17.84
CA HIS A 224 -13.04 19.95 17.04
C HIS A 224 -14.46 19.59 17.62
N ILE A 225 -15.38 19.47 16.68
CA ILE A 225 -16.74 19.04 17.04
C ILE A 225 -16.64 17.61 17.58
N ASP A 226 -15.77 16.79 16.95
CA ASP A 226 -15.61 15.39 17.40
C ASP A 226 -14.95 15.15 18.77
N ASN A 227 -14.37 16.20 19.41
CA ASN A 227 -13.95 15.92 20.79
C ASN A 227 -14.86 16.74 21.74
N MSE A 228 -16.01 17.24 21.21
CA MSE A 228 -16.94 18.06 21.97
C MSE A 228 -18.39 17.50 21.89
O MSE A 228 -18.99 17.22 22.95
CB MSE A 228 -16.87 19.50 21.42
CG MSE A 228 -17.99 20.29 22.15
SE MSE A 228 -17.72 20.73 24.05
CE MSE A 228 -18.84 22.30 24.14
N CYS A 229 -18.91 17.17 20.68
CA CYS A 229 -20.32 16.72 20.64
C CYS A 229 -20.48 15.96 19.34
N CYS A 230 -21.31 14.92 19.36
CA CYS A 230 -21.53 14.14 18.10
C CYS A 230 -22.90 13.54 18.15
N PHE A 231 -23.40 13.07 17.00
CA PHE A 231 -24.69 12.36 17.07
C PHE A 231 -24.45 10.96 17.56
N ALA A 232 -25.51 10.40 18.17
CA ALA A 232 -25.57 9.04 18.65
C ALA A 232 -26.59 8.33 17.87
N ARG A 233 -27.41 9.11 17.17
CA ARG A 233 -28.49 8.51 16.38
C ARG A 233 -29.21 9.76 15.95
N PRO A 234 -29.88 9.65 14.83
CA PRO A 234 -30.58 10.85 14.36
C PRO A 234 -31.44 11.53 15.42
N GLY A 235 -31.29 12.85 15.50
CA GLY A 235 -32.05 13.63 16.46
C GLY A 235 -31.48 13.62 17.87
N VAL A 236 -30.39 12.85 18.06
CA VAL A 236 -29.89 12.74 19.44
C VAL A 236 -28.40 12.88 19.29
N VAL A 237 -27.85 13.59 20.26
CA VAL A 237 -26.43 13.88 20.33
C VAL A 237 -25.94 13.71 21.83
N LEU A 238 -24.65 13.30 21.94
CA LEU A 238 -23.98 13.27 23.29
C LEU A 238 -23.13 14.56 23.34
N LEU A 239 -23.12 15.23 24.50
CA LEU A 239 -22.42 16.51 24.65
C LEU A 239 -21.41 16.42 25.82
N SER A 240 -20.15 16.75 25.55
CA SER A 240 -19.15 16.77 26.70
C SER A 240 -19.62 17.85 27.70
N TRP A 241 -19.51 17.48 28.99
CA TRP A 241 -20.15 18.24 30.18
C TRP A 241 -19.50 18.07 31.53
N THR A 242 -19.47 19.20 32.27
CA THR A 242 -19.13 19.19 33.75
C THR A 242 -20.16 20.11 34.37
N ASP A 243 -20.23 20.00 35.69
CA ASP A 243 -21.14 20.85 36.51
C ASP A 243 -20.23 21.69 37.33
N ASP A 244 -18.94 21.48 37.17
CA ASP A 244 -18.02 22.31 37.98
C ASP A 244 -18.01 23.69 37.36
N GLU A 245 -18.67 24.65 38.02
CA GLU A 245 -18.73 25.99 37.47
C GLU A 245 -17.42 26.74 37.47
N THR A 246 -16.37 26.22 38.15
CA THR A 246 -15.07 26.87 38.05
C THR A 246 -14.19 26.30 36.92
N ASP A 247 -14.72 25.27 36.21
CA ASP A 247 -13.97 24.69 35.09
C ASP A 247 -14.13 25.53 33.79
N PRO A 248 -13.01 25.92 33.15
CA PRO A 248 -13.12 26.73 31.92
C PRO A 248 -13.94 25.96 30.86
N GLN A 249 -13.99 24.61 30.98
CA GLN A 249 -14.84 23.93 29.99
C GLN A 249 -16.35 24.18 30.35
N TYR A 250 -16.72 24.68 31.53
CA TYR A 250 -18.19 24.82 31.90
C TYR A 250 -18.95 25.79 31.00
N GLU A 251 -18.34 26.91 30.72
CA GLU A 251 -19.13 27.86 29.89
C GLU A 251 -19.20 27.47 28.44
N ARG A 252 -18.29 26.61 27.99
CA ARG A 252 -18.42 26.17 26.57
C ARG A 252 -19.54 25.18 26.39
N SER A 253 -19.84 24.36 27.38
CA SER A 253 -20.93 23.44 27.20
C SER A 253 -22.32 23.92 27.42
N VAL A 254 -22.43 24.98 28.21
CA VAL A 254 -23.72 25.58 28.60
C VAL A 254 -24.37 26.30 27.37
N GLU A 255 -23.46 26.94 26.65
CA GLU A 255 -23.65 27.71 25.49
C GLU A 255 -23.78 26.72 24.33
N ALA A 256 -23.45 25.43 24.65
CA ALA A 256 -23.62 24.32 23.74
C ALA A 256 -25.01 23.78 23.94
N LEU A 257 -25.35 23.46 25.17
CA LEU A 257 -26.66 22.90 25.50
C LEU A 257 -27.76 23.90 25.11
N SER A 258 -27.51 25.19 25.32
CA SER A 258 -28.53 26.18 24.98
C SER A 258 -28.72 26.17 23.45
N VAL A 259 -27.63 26.19 22.70
CA VAL A 259 -27.72 26.13 21.24
C VAL A 259 -28.43 24.88 20.76
N LEU A 260 -27.88 23.74 21.14
CA LEU A 260 -28.53 22.47 20.73
C LEU A 260 -30.04 22.45 21.11
N SER A 261 -30.41 22.76 22.36
CA SER A 261 -31.80 22.69 22.76
C SER A 261 -32.78 23.42 21.87
N ASN A 262 -32.33 24.53 21.31
CA ASN A 262 -33.07 25.33 20.36
C ASN A 262 -32.81 24.96 18.94
N SER A 263 -32.18 23.81 18.68
CA SER A 263 -31.92 23.42 17.28
C SER A 263 -32.95 22.38 16.76
N ILE A 264 -33.21 22.44 15.47
CA ILE A 264 -34.15 21.55 14.72
C ILE A 264 -33.37 21.08 13.50
N ASP A 265 -33.22 19.74 13.38
CA ASP A 265 -32.46 19.12 12.31
C ASP A 265 -33.14 19.20 10.98
N ALA A 266 -32.46 18.60 10.02
CA ALA A 266 -32.92 18.67 8.60
C ALA A 266 -34.19 17.98 8.31
N ARG A 267 -34.63 17.11 9.20
CA ARG A 267 -35.93 16.42 8.97
C ARG A 267 -36.99 17.05 9.86
N GLY A 268 -36.65 18.12 10.61
CA GLY A 268 -37.67 18.72 11.48
C GLY A 268 -37.77 18.26 12.94
N ARG A 269 -36.79 17.51 13.46
CA ARG A 269 -36.87 17.08 14.85
C ARG A 269 -36.23 18.02 15.87
N LYS A 270 -36.83 18.10 17.08
CA LYS A 270 -36.10 18.86 18.16
C LYS A 270 -34.98 17.95 18.68
N ILE A 271 -33.79 18.55 18.83
CA ILE A 271 -32.61 17.78 19.25
C ILE A 271 -32.71 17.49 20.72
N GLN A 272 -32.43 16.25 21.04
CA GLN A 272 -32.32 15.78 22.43
C GLN A 272 -30.86 15.64 22.80
N VAL A 273 -30.54 16.15 24.00
CA VAL A 273 -29.17 16.07 24.54
C VAL A 273 -28.99 15.18 25.77
N ILE A 274 -28.02 14.23 25.62
CA ILE A 274 -27.63 13.30 26.69
C ILE A 274 -26.17 13.70 27.06
N LYS A 275 -26.03 14.54 28.09
CA LYS A 275 -24.69 15.04 28.59
C LYS A 275 -23.77 13.85 29.02
N LEU A 276 -22.50 13.92 28.59
CA LEU A 276 -21.55 12.77 28.82
C LEU A 276 -20.40 13.49 29.56
N TYR A 277 -20.30 13.18 30.86
CA TYR A 277 -19.41 13.94 31.73
C TYR A 277 -17.97 13.58 31.49
N ILE A 278 -17.17 14.63 31.37
CA ILE A 278 -15.76 14.42 31.22
C ILE A 278 -15.21 13.78 32.51
N PRO A 279 -14.05 13.12 32.43
CA PRO A 279 -13.45 12.51 33.62
C PRO A 279 -13.02 13.72 34.52
N GLU A 280 -12.56 13.45 35.76
CA GLU A 280 -11.94 14.52 36.61
C GLU A 280 -10.78 15.33 35.83
N PRO A 281 -10.42 16.54 36.28
CA PRO A 281 -9.38 17.21 35.51
C PRO A 281 -8.04 16.46 35.36
N LEU A 282 -7.54 16.42 34.13
CA LEU A 282 -6.26 15.74 33.88
C LEU A 282 -5.31 16.77 33.35
N TYR A 283 -4.03 16.69 33.76
CA TYR A 283 -3.00 17.65 33.38
C TYR A 283 -1.75 16.81 33.12
N MSE A 284 -1.00 17.21 32.10
CA MSE A 284 0.28 16.51 31.83
C MSE A 284 1.25 16.72 33.04
O MSE A 284 1.37 17.78 33.66
CB MSE A 284 0.94 17.07 30.55
CG MSE A 284 2.22 16.29 30.22
SE MSE A 284 2.85 16.94 28.49
CE MSE A 284 3.10 15.19 27.47
N THR A 285 1.91 15.63 33.38
CA THR A 285 2.85 15.73 34.50
C THR A 285 4.32 15.82 33.94
N GLU A 286 5.30 16.07 34.82
CA GLU A 286 6.70 15.98 34.34
C GLU A 286 7.20 14.57 33.95
N GLU A 287 6.70 13.47 34.56
CA GLU A 287 7.15 12.12 34.17
C GLU A 287 6.67 11.85 32.70
N GLU A 288 5.60 12.55 32.28
CA GLU A 288 5.04 12.38 30.92
C GLU A 288 5.83 13.22 29.95
N SER A 289 5.95 14.52 30.31
CA SER A 289 6.67 15.42 29.42
C SER A 289 8.14 15.13 29.28
N SER A 290 8.79 14.62 30.31
CA SER A 290 10.22 14.49 30.09
C SER A 290 10.60 13.58 28.95
N GLY A 291 9.64 12.73 28.55
CA GLY A 291 9.91 11.72 27.52
C GLY A 291 9.73 12.24 26.09
N ILE A 292 9.41 13.51 25.98
CA ILE A 292 9.18 14.14 24.68
C ILE A 292 10.42 14.92 24.29
N THR A 293 10.87 14.69 23.06
CA THR A 293 12.05 15.38 22.57
C THR A 293 11.68 16.79 22.10
N GLN A 294 12.58 17.74 22.28
CA GLN A 294 12.23 19.06 21.76
C GLN A 294 13.13 19.36 20.57
N ASP A 295 12.65 19.07 19.36
CA ASP A 295 13.43 19.35 18.13
C ASP A 295 13.12 20.64 17.33
N GLY A 296 12.11 21.40 17.74
CA GLY A 296 11.80 22.63 17.03
C GLY A 296 10.93 22.44 15.80
N GLU A 297 10.32 21.25 15.66
CA GLU A 297 9.42 20.94 14.52
C GLU A 297 7.95 20.83 14.94
N ALA A 298 7.71 20.60 16.22
CA ALA A 298 6.33 20.44 16.73
C ALA A 298 6.17 21.40 17.93
N ILE A 299 4.95 21.85 18.16
CA ILE A 299 4.63 22.74 19.29
C ILE A 299 5.03 22.04 20.58
N PRO A 300 5.35 22.83 21.62
CA PRO A 300 5.76 22.34 22.96
C PRO A 300 4.73 21.56 23.66
N ARG A 301 5.17 20.51 24.43
CA ARG A 301 4.24 19.82 25.26
C ARG A 301 4.84 20.11 26.60
N LEU A 302 3.98 20.53 27.57
CA LEU A 302 4.59 20.92 28.84
C LEU A 302 3.84 20.35 30.03
N ALA A 303 4.57 20.18 31.12
CA ALA A 303 4.00 19.74 32.38
C ALA A 303 2.93 20.72 32.90
N GLY A 304 1.83 20.15 33.36
CA GLY A 304 0.73 20.93 33.90
C GLY A 304 -0.42 21.29 32.92
N THR A 305 -0.19 20.96 31.64
CA THR A 305 -1.14 21.31 30.59
C THR A 305 -2.44 20.55 30.80
N ARG A 306 -3.58 21.22 30.74
CA ARG A 306 -4.86 20.49 30.84
C ARG A 306 -5.06 19.55 29.65
N LEU A 307 -5.44 18.29 29.98
CA LEU A 307 -5.68 17.32 28.89
C LEU A 307 -7.10 17.55 28.31
N ALA A 308 -7.18 17.47 26.98
CA ALA A 308 -8.49 17.67 26.33
C ALA A 308 -9.11 16.27 26.20
N ALA A 309 -9.52 15.74 27.34
CA ALA A 309 -10.07 14.37 27.48
C ALA A 309 -11.62 14.50 27.64
N SER A 310 -12.31 13.75 26.74
CA SER A 310 -13.77 13.67 26.79
C SER A 310 -14.19 12.30 26.22
N TYR A 311 -15.22 11.72 26.85
CA TYR A 311 -15.69 10.40 26.35
C TYR A 311 -16.54 10.37 25.08
N VAL A 312 -17.09 11.50 24.65
CA VAL A 312 -17.85 11.53 23.34
C VAL A 312 -16.91 11.24 22.15
N ASN A 313 -15.58 11.13 22.36
CA ASN A 313 -14.51 10.98 21.34
C ASN A 313 -14.19 9.45 21.43
N PHE A 314 -15.20 8.76 20.88
CA PHE A 314 -15.23 7.30 20.66
C PHE A 314 -15.34 6.96 19.17
N TYR A 315 -15.10 5.67 18.88
CA TYR A 315 -15.28 5.23 17.55
C TYR A 315 -16.32 4.14 17.33
N ILE A 316 -17.48 4.50 16.76
CA ILE A 316 -18.46 3.44 16.44
C ILE A 316 -17.88 2.48 15.36
N ALA A 317 -18.14 1.17 15.63
CA ALA A 317 -17.72 0.11 14.71
C ALA A 317 -18.95 -0.74 14.30
N ASN A 318 -18.70 -1.83 13.63
CA ASN A 318 -19.78 -2.70 13.15
C ASN A 318 -20.25 -3.46 14.36
N GLY A 319 -21.34 -3.04 14.96
CA GLY A 319 -21.80 -3.76 16.16
C GLY A 319 -21.07 -3.33 17.46
N GLY A 320 -20.18 -2.32 17.42
CA GLY A 320 -19.48 -1.97 18.65
C GLY A 320 -19.27 -0.45 18.84
N ILE A 321 -18.92 -0.07 20.05
CA ILE A 321 -18.56 1.33 20.35
C ILE A 321 -17.21 1.24 21.03
N ILE A 322 -16.19 1.90 20.46
CA ILE A 322 -14.83 1.79 21.02
C ILE A 322 -14.58 3.11 21.81
N ALA A 323 -14.75 3.05 23.13
CA ALA A 323 -14.72 4.28 23.93
C ALA A 323 -13.52 4.35 24.77
N PRO A 324 -13.07 5.58 25.11
CA PRO A 324 -11.89 5.76 25.96
C PRO A 324 -12.05 5.48 27.47
N GLN A 325 -10.95 5.05 28.10
CA GLN A 325 -10.86 5.07 29.59
C GLN A 325 -9.63 5.93 29.93
N PHE A 326 -9.81 6.94 30.81
CA PHE A 326 -8.74 7.88 31.09
C PHE A 326 -8.08 7.65 32.43
N GLY A 327 -8.55 6.67 33.19
CA GLY A 327 -7.88 6.48 34.51
C GLY A 327 -8.54 7.39 35.56
N ASP A 328 -9.89 7.49 35.47
CA ASP A 328 -10.82 8.19 36.51
C ASP A 328 -11.84 7.05 36.61
N PRO A 329 -11.54 6.00 37.42
CA PRO A 329 -12.40 4.85 37.53
C PRO A 329 -13.93 5.00 37.71
N ILE A 330 -14.33 6.21 38.19
CA ILE A 330 -15.73 6.61 38.50
C ILE A 330 -16.41 7.03 37.17
N ARG A 331 -15.81 8.02 36.53
CA ARG A 331 -16.34 8.53 35.24
C ARG A 331 -16.07 7.51 34.04
N ASP A 332 -15.09 6.62 34.17
CA ASP A 332 -14.76 5.69 33.10
C ASP A 332 -15.95 4.72 33.05
N LYS A 333 -16.27 4.13 34.21
CA LYS A 333 -17.34 3.17 34.34
C LYS A 333 -18.72 3.81 33.97
N GLU A 334 -18.94 5.05 34.41
CA GLU A 334 -20.22 5.73 34.10
C GLU A 334 -20.31 5.93 32.53
N ALA A 335 -19.18 6.21 31.86
CA ALA A 335 -19.32 6.56 30.41
C ALA A 335 -19.62 5.29 29.70
N ILE A 336 -19.01 4.16 30.16
CA ILE A 336 -19.32 2.92 29.45
C ILE A 336 -20.83 2.54 29.60
N ARG A 337 -21.44 2.86 30.78
CA ARG A 337 -22.84 2.57 31.10
C ARG A 337 -23.72 3.45 30.21
N VAL A 338 -23.36 4.74 30.13
CA VAL A 338 -24.10 5.69 29.35
C VAL A 338 -24.10 5.24 27.84
N LEU A 339 -22.95 4.83 27.33
CA LEU A 339 -22.78 4.46 25.94
C LEU A 339 -23.39 3.07 25.70
N SER A 340 -23.62 2.33 26.78
CA SER A 340 -24.24 1.03 26.50
C SER A 340 -25.79 1.22 26.35
N ASP A 341 -26.33 2.14 27.13
CA ASP A 341 -27.71 2.48 27.08
C ASP A 341 -28.14 3.20 25.77
N THR A 342 -27.22 4.12 25.35
CA THR A 342 -27.39 4.98 24.19
C THR A 342 -27.35 4.21 22.86
N PHE A 343 -26.64 3.09 22.90
CA PHE A 343 -26.40 2.19 21.77
C PHE A 343 -26.68 0.80 22.25
N PRO A 344 -27.93 0.59 22.65
CA PRO A 344 -28.27 -0.73 23.18
C PRO A 344 -28.08 -1.90 22.25
N HIS A 345 -27.71 -1.64 20.99
CA HIS A 345 -27.44 -2.69 19.96
C HIS A 345 -25.91 -3.04 19.81
N HIS A 346 -25.02 -2.14 20.26
CA HIS A 346 -23.52 -2.43 20.18
C HIS A 346 -23.07 -2.88 21.55
N SER A 347 -21.86 -3.43 21.60
CA SER A 347 -21.27 -3.88 22.82
C SER A 347 -20.25 -2.87 23.31
N VAL A 348 -20.68 -1.90 24.07
CA VAL A 348 -19.63 -0.95 24.44
C VAL A 348 -18.36 -1.55 24.99
N VAL A 349 -17.20 -1.03 24.59
CA VAL A 349 -15.91 -1.51 25.11
C VAL A 349 -14.97 -0.35 25.42
N GLY A 350 -14.09 -0.58 26.38
CA GLY A 350 -13.14 0.46 26.76
C GLY A 350 -11.68 0.20 26.45
N ILE A 351 -10.98 1.35 26.18
CA ILE A 351 -9.55 1.26 25.88
C ILE A 351 -8.80 1.87 27.06
N GLU A 352 -8.20 0.98 27.91
CA GLU A 352 -7.43 1.47 29.04
C GLU A 352 -6.15 2.29 28.56
N ASN A 353 -5.67 3.26 29.32
CA ASN A 353 -4.43 4.02 28.93
C ASN A 353 -4.67 5.06 27.72
N ALA A 354 -5.93 5.33 27.43
CA ALA A 354 -6.25 6.33 26.40
C ALA A 354 -5.57 7.68 26.71
N ARG A 355 -5.27 7.92 28.00
CA ARG A 355 -4.54 9.13 28.31
C ARG A 355 -3.33 9.24 27.41
N GLU A 356 -2.66 8.10 27.10
CA GLU A 356 -1.49 8.18 26.21
C GLU A 356 -1.79 8.81 24.83
N ILE A 357 -3.04 8.69 24.30
CA ILE A 357 -3.33 9.33 23.03
C ILE A 357 -3.52 10.82 23.27
N VAL A 358 -4.30 11.21 24.29
CA VAL A 358 -4.65 12.62 24.49
C VAL A 358 -3.32 13.38 24.78
N LEU A 359 -2.38 12.73 25.48
CA LEU A 359 -1.07 13.36 25.80
C LEU A 359 -0.48 13.94 24.54
N ALA A 360 -0.70 13.28 23.38
CA ALA A 360 -0.26 13.84 22.09
C ALA A 360 -1.28 14.62 21.26
N GLY A 361 -2.45 14.84 21.85
CA GLY A 361 -3.47 15.69 21.27
C GLY A 361 -4.45 14.89 20.48
N GLY A 362 -5.50 14.37 21.15
CA GLY A 362 -6.58 13.57 20.53
C GLY A 362 -7.02 12.24 21.24
N ASN A 363 -7.89 11.48 20.57
CA ASN A 363 -8.40 10.23 21.15
C ASN A 363 -8.80 9.19 20.08
N ILE A 364 -9.58 8.18 20.46
CA ILE A 364 -9.89 7.04 19.53
C ILE A 364 -10.80 7.49 18.33
N HIS A 365 -11.69 8.46 18.59
CA HIS A 365 -12.47 8.79 17.45
C HIS A 365 -11.50 9.47 16.35
N CYS A 366 -10.57 10.39 16.69
CA CYS A 366 -9.67 10.95 15.62
C CYS A 366 -8.47 10.05 15.16
N ILE A 367 -8.22 8.85 15.78
CA ILE A 367 -7.06 8.07 15.24
C ILE A 367 -7.33 7.18 13.95
N THR A 368 -8.63 6.99 13.69
CA THR A 368 -9.14 6.11 12.68
C THR A 368 -10.08 6.83 11.70
N GLN A 369 -10.36 6.09 10.60
CA GLN A 369 -11.35 6.63 9.60
C GLN A 369 -12.30 5.57 9.06
N GLN A 370 -13.62 5.82 9.05
CA GLN A 370 -14.50 4.69 8.64
C GLN A 370 -14.70 4.54 7.14
N GLN A 371 -14.47 3.34 6.58
CA GLN A 371 -14.84 3.19 5.17
C GLN A 371 -16.20 2.53 5.17
N PRO A 372 -17.24 3.27 4.78
CA PRO A 372 -18.61 2.66 4.75
C PRO A 372 -18.60 1.55 3.68
N ALA A 373 -19.42 0.54 3.95
CA ALA A 373 -19.62 -0.48 2.93
C ALA A 373 -20.18 0.16 1.62
N GLU A 374 -19.77 -0.38 0.48
CA GLU A 374 -20.24 0.20 -0.79
C GLU A 374 -21.78 -0.16 -1.10
N PRO A 375 -22.63 0.82 -1.47
CA PRO A 375 -23.99 0.27 -1.71
C PRO A 375 -23.98 -0.64 -2.95
N THR A 376 -24.85 -1.65 -2.92
CA THR A 376 -24.85 -2.57 -4.03
C THR A 376 -25.85 -2.11 -5.06
N SER B 7 5.04 -27.38 2.36
CA SER B 7 3.75 -27.21 3.06
C SER B 7 2.77 -27.02 1.88
N PRO B 8 3.17 -26.35 0.77
CA PRO B 8 2.14 -26.24 -0.27
C PRO B 8 1.59 -27.56 -0.83
N ALA B 9 2.39 -28.61 -0.84
CA ALA B 9 1.92 -29.94 -1.28
C ALA B 9 0.79 -30.44 -0.32
N GLU B 10 0.77 -29.92 0.92
CA GLU B 10 -0.28 -30.39 1.92
C GLU B 10 -1.73 -30.24 1.37
N HIS B 11 -2.03 -29.10 0.74
CA HIS B 11 -3.33 -28.91 0.17
C HIS B 11 -3.31 -28.94 -1.35
N GLY B 12 -2.23 -29.40 -1.94
CA GLY B 12 -2.16 -29.57 -3.37
C GLY B 12 -1.89 -28.29 -4.14
N TYR B 13 -1.07 -27.38 -3.62
CA TYR B 13 -0.84 -26.19 -4.41
C TYR B 13 0.14 -26.53 -5.50
N TYR B 14 0.13 -25.67 -6.49
CA TYR B 14 1.04 -25.74 -7.63
C TYR B 14 1.15 -24.31 -8.17
N MSE B 15 2.31 -24.04 -8.78
CA MSE B 15 2.39 -22.74 -9.44
C MSE B 15 1.79 -22.94 -10.81
O MSE B 15 2.21 -23.83 -11.62
CB MSE B 15 3.87 -22.39 -9.47
CG MSE B 15 4.11 -21.09 -10.19
SE MSE B 15 6.04 -20.84 -10.76
CE MSE B 15 6.47 -21.80 -9.25
N PRO B 16 0.83 -22.09 -11.23
CA PRO B 16 0.21 -22.24 -12.55
C PRO B 16 1.07 -21.54 -13.71
N ALA B 17 0.80 -21.86 -15.00
CA ALA B 17 1.55 -21.18 -16.10
C ALA B 17 1.35 -19.67 -16.31
N GLU B 18 2.39 -19.10 -16.90
CA GLU B 18 2.31 -17.69 -17.09
C GLU B 18 1.23 -17.33 -18.12
N TRP B 19 0.91 -18.27 -19.04
CA TRP B 19 -0.21 -18.03 -19.95
C TRP B 19 -1.63 -18.26 -19.40
N ASP B 20 -1.74 -18.91 -18.24
CA ASP B 20 -3.06 -19.02 -17.62
C ASP B 20 -3.54 -17.61 -17.15
N SER B 21 -4.85 -17.53 -16.82
CA SER B 21 -5.47 -16.31 -16.50
C SER B 21 -4.92 -15.63 -15.26
N HIS B 22 -4.72 -14.31 -15.34
CA HIS B 22 -4.27 -13.55 -14.17
C HIS B 22 -5.34 -12.62 -13.59
N ALA B 23 -5.23 -12.36 -12.29
CA ALA B 23 -6.06 -11.34 -11.66
C ALA B 23 -5.42 -10.04 -11.92
N GLN B 24 -4.08 -10.01 -11.93
CA GLN B 24 -3.40 -8.71 -12.11
C GLN B 24 -1.88 -8.93 -12.30
N THR B 25 -1.23 -7.90 -12.82
CA THR B 25 0.23 -7.94 -12.92
C THR B 25 0.77 -6.94 -11.92
N TRP B 26 1.83 -7.30 -11.14
CA TRP B 26 2.50 -6.41 -10.15
C TRP B 26 3.82 -5.89 -10.81
N ILE B 27 4.12 -4.61 -10.61
CA ILE B 27 5.37 -4.01 -11.17
C ILE B 27 5.94 -2.96 -10.19
N GLY B 28 7.27 -2.83 -10.02
CA GLY B 28 7.85 -1.81 -9.11
C GLY B 28 8.15 -0.58 -10.00
N TRP B 29 8.66 0.49 -9.44
CA TRP B 29 8.96 1.64 -10.23
C TRP B 29 10.47 1.93 -10.02
N PRO B 30 11.23 2.21 -11.10
CA PRO B 30 12.68 2.49 -11.07
C PRO B 30 13.11 3.86 -10.50
N GLU B 31 14.32 3.89 -9.92
CA GLU B 31 14.78 5.13 -9.28
C GLU B 31 16.27 5.28 -9.02
N ARG B 32 16.97 4.23 -8.61
CA ARG B 32 18.36 4.45 -8.14
C ARG B 32 19.30 4.91 -9.24
N GLN B 33 19.72 6.17 -9.08
CA GLN B 33 20.56 6.82 -10.08
C GLN B 33 21.87 6.10 -10.35
N ASP B 34 22.27 5.15 -9.48
CA ASP B 34 23.47 4.38 -9.71
C ASP B 34 23.28 3.08 -10.53
N ASN B 35 22.10 2.93 -11.12
CA ASN B 35 21.79 1.80 -12.01
C ASN B 35 20.92 2.29 -13.19
N TRP B 36 20.16 3.36 -13.02
CA TRP B 36 19.22 3.89 -14.05
C TRP B 36 19.67 5.31 -14.56
N ARG B 37 20.20 5.36 -15.79
CA ARG B 37 20.71 6.62 -16.31
C ARG B 37 19.76 7.78 -16.35
N HIS B 38 20.34 9.01 -16.35
CA HIS B 38 19.51 10.22 -16.46
C HIS B 38 18.43 10.31 -15.39
N ASN B 39 18.83 10.08 -14.14
CA ASN B 39 17.92 10.16 -12.99
C ASN B 39 16.77 9.15 -13.09
N ALA B 40 16.98 8.08 -13.86
CA ALA B 40 15.96 7.06 -14.17
C ALA B 40 14.80 7.56 -15.00
N LEU B 41 14.89 8.74 -15.61
CA LEU B 41 13.72 9.17 -16.35
C LEU B 41 13.42 8.35 -17.63
N PRO B 42 14.44 7.97 -18.38
CA PRO B 42 14.08 7.20 -19.58
C PRO B 42 13.51 5.82 -19.26
N ALA B 43 14.03 5.23 -18.18
CA ALA B 43 13.46 3.91 -17.83
C ALA B 43 12.02 4.02 -17.28
N GLN B 44 11.71 5.15 -16.68
CA GLN B 44 10.36 5.35 -16.14
C GLN B 44 9.33 5.44 -17.25
N ARG B 45 9.64 6.08 -18.39
CA ARG B 45 8.66 6.10 -19.46
C ARG B 45 8.51 4.67 -20.01
N VAL B 46 9.61 3.90 -20.09
CA VAL B 46 9.50 2.51 -20.54
C VAL B 46 8.70 1.63 -19.52
N PHE B 47 8.95 1.80 -18.23
CA PHE B 47 8.12 1.04 -17.26
C PHE B 47 6.61 1.50 -17.38
N ALA B 48 6.37 2.80 -17.58
CA ALA B 48 4.98 3.25 -17.74
C ALA B 48 4.36 2.61 -18.99
N GLY B 49 5.18 2.55 -20.04
CA GLY B 49 4.69 1.94 -21.29
C GLY B 49 4.37 0.46 -21.17
N VAL B 50 5.20 -0.29 -20.41
CA VAL B 50 4.95 -1.74 -20.15
C VAL B 50 3.64 -1.89 -19.32
N ALA B 51 3.53 -1.14 -18.24
CA ALA B 51 2.29 -1.17 -17.45
C ALA B 51 1.06 -0.76 -18.27
N LYS B 52 1.19 0.27 -19.13
CA LYS B 52 0.00 0.66 -19.91
C LYS B 52 -0.36 -0.49 -20.86
N ALA B 53 0.63 -1.10 -21.52
CA ALA B 53 0.31 -2.17 -22.44
C ALA B 53 -0.37 -3.38 -21.69
N ILE B 54 0.19 -3.88 -20.56
CA ILE B 54 -0.44 -4.99 -19.87
C ILE B 54 -1.85 -4.60 -19.35
N SER B 55 -2.05 -3.34 -19.02
CA SER B 55 -3.33 -2.91 -18.47
C SER B 55 -4.48 -3.03 -19.50
N LYS B 56 -4.13 -3.12 -20.78
CA LYS B 56 -5.13 -3.32 -21.79
C LYS B 56 -5.62 -4.74 -21.70
N PHE B 57 -4.83 -5.63 -21.07
CA PHE B 57 -5.21 -7.03 -21.00
C PHE B 57 -5.70 -7.46 -19.66
N GLU B 58 -5.15 -6.86 -18.62
CA GLU B 58 -5.60 -7.21 -17.25
C GLU B 58 -5.15 -6.09 -16.27
N PRO B 59 -5.69 -6.12 -15.05
CA PRO B 59 -5.28 -5.07 -14.08
C PRO B 59 -3.83 -5.09 -13.71
N VAL B 60 -3.32 -3.89 -13.43
CA VAL B 60 -1.94 -3.69 -13.02
C VAL B 60 -1.82 -2.88 -11.76
N THR B 61 -0.86 -3.23 -10.86
CA THR B 61 -0.48 -2.34 -9.72
C THR B 61 1.00 -2.06 -9.89
N VAL B 62 1.35 -0.78 -9.75
CA VAL B 62 2.75 -0.35 -9.76
C VAL B 62 3.07 0.10 -8.31
N CYS B 63 4.27 -0.26 -7.86
CA CYS B 63 4.82 0.09 -6.56
C CYS B 63 5.99 0.97 -6.71
N ALA B 64 5.94 2.11 -5.98
CA ALA B 64 7.05 3.07 -6.08
C ALA B 64 7.25 3.55 -4.68
N SER B 65 8.41 4.18 -4.51
CA SER B 65 8.83 4.73 -3.16
C SER B 65 8.08 6.01 -2.83
N PRO B 66 8.08 6.40 -1.53
CA PRO B 66 7.36 7.65 -1.21
C PRO B 66 7.88 8.80 -2.04
N ALA B 67 9.19 8.85 -2.30
CA ALA B 67 9.63 10.00 -3.09
C ALA B 67 9.09 10.05 -4.52
N GLN B 68 8.85 8.88 -5.10
CA GLN B 68 8.33 8.69 -6.49
C GLN B 68 6.87 8.46 -6.63
N TRP B 69 6.10 8.31 -5.54
CA TRP B 69 4.69 7.96 -5.71
C TRP B 69 3.94 9.00 -6.57
N GLU B 70 4.11 10.31 -6.34
CA GLU B 70 3.37 11.26 -7.11
C GLU B 70 3.76 11.23 -8.55
N ASN B 71 5.07 11.12 -8.82
CA ASN B 71 5.54 11.06 -10.23
C ASN B 71 4.94 9.79 -10.91
N ALA B 72 5.03 8.63 -10.28
CA ALA B 72 4.45 7.44 -10.89
C ALA B 72 2.93 7.57 -11.11
N ARG B 73 2.20 8.07 -10.11
CA ARG B 73 0.76 8.23 -10.19
C ARG B 73 0.37 9.27 -11.26
N LYS B 74 1.24 10.20 -11.54
CA LYS B 74 0.93 11.24 -12.53
C LYS B 74 1.24 10.74 -13.92
N GLN B 75 2.20 9.83 -14.09
CA GLN B 75 2.59 9.29 -15.40
C GLN B 75 1.82 8.12 -15.81
N LEU B 76 1.06 7.58 -14.87
CA LEU B 76 0.36 6.32 -15.20
C LEU B 76 -1.15 6.36 -15.38
N PRO B 77 -1.64 5.70 -16.41
CA PRO B 77 -3.12 5.70 -16.55
C PRO B 77 -3.86 5.48 -15.19
N GLU B 78 -5.00 6.20 -14.99
CA GLU B 78 -5.75 6.14 -13.77
C GLU B 78 -6.22 4.72 -13.32
N ASP B 79 -6.42 3.82 -14.33
CA ASP B 79 -6.88 2.54 -13.96
C ASP B 79 -5.72 1.65 -13.53
N ILE B 80 -4.49 2.14 -13.56
CA ILE B 80 -3.31 1.36 -13.02
C ILE B 80 -3.14 1.81 -11.57
N ARG B 81 -3.42 0.86 -10.60
CA ARG B 81 -3.27 1.24 -9.17
C ARG B 81 -1.77 1.49 -8.88
N VAL B 82 -1.46 2.55 -8.13
CA VAL B 82 -0.05 2.88 -7.76
C VAL B 82 -0.02 2.90 -6.22
N VAL B 83 0.95 2.13 -5.65
CA VAL B 83 1.10 2.04 -4.18
C VAL B 83 2.59 2.29 -3.73
N GLU B 84 2.69 2.82 -2.55
CA GLU B 84 3.94 3.10 -1.90
C GLU B 84 4.68 1.80 -1.43
N MSE B 85 5.94 1.69 -1.87
CA MSE B 85 6.66 0.53 -1.35
C MSE B 85 8.11 0.83 -1.44
O MSE B 85 8.63 1.17 -2.51
CB MSE B 85 6.29 -0.70 -2.17
CG MSE B 85 6.79 -1.98 -1.42
SE MSE B 85 6.13 -3.58 -2.33
CE MSE B 85 4.20 -3.43 -1.94
N SER B 86 8.83 0.74 -0.31
CA SER B 86 10.26 0.93 -0.39
C SER B 86 10.86 -0.35 -1.02
N MSE B 87 11.92 -0.13 -1.79
CA MSE B 87 12.61 -1.27 -2.42
C MSE B 87 14.03 -0.86 -2.67
O MSE B 87 14.30 0.35 -2.91
CB MSE B 87 11.91 -1.61 -3.75
CG MSE B 87 11.91 -0.52 -4.73
SE MSE B 87 10.58 -0.90 -6.10
CE MSE B 87 9.19 0.18 -5.01
N ASN B 88 14.95 -1.81 -2.61
CA ASN B 88 16.36 -1.46 -2.96
C ASN B 88 16.54 -1.34 -4.46
N ASP B 89 15.69 -1.96 -5.30
CA ASP B 89 15.74 -1.79 -6.80
C ASP B 89 14.36 -2.34 -7.30
N SER B 90 14.16 -2.30 -8.64
CA SER B 90 12.84 -2.63 -9.18
C SER B 90 12.74 -3.85 -10.07
N TRP B 91 13.07 -5.00 -9.43
CA TRP B 91 13.06 -6.30 -10.13
C TRP B 91 12.06 -7.25 -9.50
N PHE B 92 10.76 -6.98 -9.68
CA PHE B 92 9.71 -7.75 -8.99
C PHE B 92 9.56 -9.17 -9.48
N ARG B 93 10.07 -9.51 -10.69
CA ARG B 93 10.01 -10.91 -11.02
C ARG B 93 10.85 -11.73 -10.05
N ASP B 94 11.86 -11.08 -9.48
CA ASP B 94 12.83 -11.82 -8.64
C ASP B 94 12.65 -11.68 -7.16
N SER B 95 12.28 -10.47 -6.71
CA SER B 95 12.09 -10.15 -5.28
C SER B 95 10.59 -10.21 -4.81
N GLY B 96 9.60 -10.19 -5.73
CA GLY B 96 8.17 -10.27 -5.29
C GLY B 96 7.72 -11.75 -5.06
N PRO B 97 6.47 -11.97 -4.58
CA PRO B 97 6.15 -13.40 -4.33
C PRO B 97 5.90 -14.27 -5.54
N THR B 98 6.17 -15.59 -5.47
CA THR B 98 5.69 -16.44 -6.58
C THR B 98 4.31 -16.97 -6.12
N PHE B 99 3.26 -16.56 -6.84
CA PHE B 99 1.91 -17.08 -6.46
C PHE B 99 1.63 -18.52 -6.95
N ILE B 100 0.83 -19.22 -6.10
CA ILE B 100 0.48 -20.66 -6.37
C ILE B 100 -1.02 -20.80 -6.05
N VAL B 101 -1.63 -21.83 -6.63
CA VAL B 101 -3.11 -22.01 -6.42
C VAL B 101 -3.40 -23.45 -6.14
N ARG B 102 -4.63 -23.67 -5.59
CA ARG B 102 -5.16 -25.03 -5.31
C ARG B 102 -6.70 -25.03 -5.52
N LYS B 103 -7.39 -26.17 -5.26
CA LYS B 103 -8.89 -26.31 -5.50
C LYS B 103 -9.58 -26.80 -4.28
N ARG B 104 -10.72 -26.21 -3.94
CA ARG B 104 -11.36 -26.64 -2.73
C ARG B 104 -11.59 -28.15 -2.84
N ASN B 112 -8.85 -21.65 3.46
CA ASN B 112 -9.94 -20.76 3.08
C ASN B 112 -9.86 -20.19 1.65
N ARG B 113 -8.75 -19.48 1.27
CA ARG B 113 -8.48 -18.93 -0.10
C ARG B 113 -7.90 -20.06 -0.96
N ASN B 114 -7.98 -19.89 -2.31
CA ASN B 114 -7.58 -20.84 -3.39
C ASN B 114 -6.25 -20.37 -4.11
N ILE B 115 -5.76 -19.23 -3.64
CA ILE B 115 -4.46 -18.64 -4.09
C ILE B 115 -3.58 -18.42 -2.86
N ALA B 116 -2.24 -18.66 -3.00
CA ALA B 116 -1.21 -18.40 -1.92
C ALA B 116 -0.01 -17.80 -2.67
N GLY B 117 0.98 -17.37 -1.88
CA GLY B 117 2.14 -16.87 -2.60
C GLY B 117 3.29 -17.31 -1.74
N ILE B 118 4.40 -17.69 -2.44
CA ILE B 118 5.57 -18.09 -1.74
C ILE B 118 6.46 -16.87 -1.73
N ASP B 119 7.10 -16.67 -0.57
CA ASP B 119 8.06 -15.60 -0.25
C ASP B 119 9.40 -16.34 0.09
N TRP B 120 10.18 -16.70 -0.98
CA TRP B 120 11.51 -17.31 -0.85
C TRP B 120 12.38 -16.21 -0.21
N ASN B 121 13.51 -16.64 0.39
CA ASN B 121 14.51 -15.60 0.79
C ASN B 121 15.16 -15.03 -0.52
N PHE B 122 15.56 -13.78 -0.40
CA PHE B 122 16.19 -13.07 -1.47
C PHE B 122 17.47 -12.45 -0.94
N ASN B 123 18.57 -12.51 -1.68
CA ASN B 123 19.82 -11.90 -1.14
C ASN B 123 20.67 -11.18 -2.16
N ALA B 124 19.94 -10.61 -3.16
CA ALA B 124 20.50 -9.79 -4.24
C ALA B 124 21.45 -10.55 -5.17
N TRP B 125 20.92 -11.65 -5.74
CA TRP B 125 21.62 -12.46 -6.77
C TRP B 125 23.04 -12.83 -6.38
N GLY B 126 23.19 -13.14 -5.11
CA GLY B 126 24.49 -13.64 -4.66
C GLY B 126 25.06 -12.63 -3.66
N GLY B 127 26.37 -12.70 -3.40
CA GLY B 127 26.98 -11.75 -2.45
C GLY B 127 28.39 -12.23 -2.27
N ALA B 128 29.14 -11.62 -1.33
CA ALA B 128 30.57 -11.89 -1.07
C ALA B 128 31.44 -11.12 -2.09
N ASN B 129 31.60 -11.76 -3.25
CA ASN B 129 32.41 -11.19 -4.32
C ASN B 129 31.72 -9.99 -4.99
N ASP B 130 32.42 -9.33 -5.92
CA ASP B 130 31.82 -8.19 -6.58
C ASP B 130 30.77 -8.57 -7.65
N GLY B 131 29.50 -8.43 -7.27
CA GLY B 131 28.36 -8.76 -8.13
C GLY B 131 27.17 -7.79 -8.11
N CYS B 132 26.37 -7.84 -7.03
CA CYS B 132 25.14 -7.03 -6.77
C CYS B 132 25.33 -6.13 -5.58
N TYR B 133 24.30 -5.32 -5.32
CA TYR B 133 24.36 -4.34 -4.23
C TYR B 133 24.51 -5.00 -2.86
N ASN B 134 25.09 -4.25 -1.92
CA ASN B 134 25.39 -4.73 -0.60
C ASN B 134 24.24 -4.57 0.42
N ASP B 135 23.14 -3.93 0.01
CA ASP B 135 21.99 -3.75 0.95
C ASP B 135 20.70 -4.19 0.24
N TRP B 136 20.11 -5.30 0.69
CA TRP B 136 18.85 -5.74 0.10
C TRP B 136 17.81 -5.67 1.18
N SER B 137 17.97 -4.68 2.09
CA SER B 137 17.01 -4.57 3.19
C SER B 137 15.56 -4.23 2.87
N HIS B 138 15.31 -3.31 1.94
CA HIS B 138 13.90 -3.07 1.58
C HIS B 138 13.42 -4.24 0.72
N ASP B 139 14.25 -4.69 -0.24
CA ASP B 139 13.74 -5.72 -1.18
C ASP B 139 13.49 -6.96 -0.39
N LEU B 140 14.16 -7.24 0.79
CA LEU B 140 13.82 -8.46 1.51
C LEU B 140 12.36 -8.47 1.87
N LEU B 141 11.83 -7.26 2.11
CA LEU B 141 10.47 -7.19 2.57
C LEU B 141 9.44 -7.14 1.52
N VAL B 142 9.84 -7.14 0.21
CA VAL B 142 8.84 -7.00 -0.85
C VAL B 142 7.65 -7.95 -0.91
N SER B 143 7.95 -9.27 -0.91
CA SER B 143 6.85 -10.21 -1.06
C SER B 143 5.92 -10.09 0.18
N ARG B 144 6.47 -9.90 1.39
CA ARG B 144 5.49 -9.81 2.48
C ARG B 144 4.58 -8.65 2.33
N LYS B 145 5.14 -7.47 1.99
CA LYS B 145 4.25 -6.33 1.79
C LYS B 145 3.31 -6.62 0.65
N ILE B 146 3.88 -7.02 -0.50
CA ILE B 146 2.91 -7.46 -1.50
C ILE B 146 1.83 -8.37 -0.84
N LEU B 147 2.24 -9.37 -0.06
CA LEU B 147 1.29 -10.30 0.60
C LEU B 147 0.43 -9.69 1.65
N ALA B 148 0.99 -8.66 2.23
CA ALA B 148 0.38 -7.83 3.25
C ALA B 148 -0.75 -6.99 2.65
N LEU B 149 -0.59 -6.42 1.43
CA LEU B 149 -1.65 -5.61 0.78
C LEU B 149 -2.90 -6.42 0.35
N GLU B 150 -2.68 -7.53 -0.39
CA GLU B 150 -3.70 -8.36 -0.94
C GLU B 150 -4.40 -9.32 0.06
N ARG B 151 -3.95 -9.44 1.29
CA ARG B 151 -4.53 -10.38 2.24
C ARG B 151 -4.48 -11.78 1.65
N ILE B 152 -3.30 -12.13 1.06
CA ILE B 152 -3.08 -13.48 0.46
C ILE B 152 -2.08 -14.24 1.37
N PRO B 153 -2.47 -15.41 1.83
CA PRO B 153 -1.65 -16.21 2.74
C PRO B 153 -0.25 -16.36 2.16
N ARG B 154 0.71 -16.30 3.07
CA ARG B 154 2.13 -16.33 2.74
C ARG B 154 2.81 -17.67 3.15
N PHE B 155 3.40 -18.36 2.16
CA PHE B 155 4.29 -19.49 2.50
C PHE B 155 5.76 -18.94 2.48
N GLN B 156 6.51 -19.04 3.60
CA GLN B 156 7.94 -18.58 3.66
C GLN B 156 8.89 -19.71 3.36
N HIS B 157 10.03 -19.35 2.71
CA HIS B 157 11.09 -20.32 2.47
C HIS B 157 12.43 -19.63 2.84
N SER B 158 13.29 -20.36 3.58
CA SER B 158 14.61 -19.87 3.90
C SER B 158 15.55 -20.07 2.72
N MSE B 159 15.16 -20.87 1.71
CA MSE B 159 16.09 -21.05 0.57
C MSE B 159 16.11 -19.79 -0.25
O MSE B 159 15.07 -19.08 -0.35
CB MSE B 159 15.70 -22.24 -0.32
CG MSE B 159 14.67 -21.99 -1.37
SE MSE B 159 14.46 -23.69 -2.41
CE MSE B 159 16.49 -23.68 -2.92
N ILE B 160 17.29 -19.45 -0.81
CA ILE B 160 17.38 -18.27 -1.69
C ILE B 160 16.87 -18.65 -3.05
N LEU B 161 15.87 -17.91 -3.54
CA LEU B 161 15.41 -18.20 -4.90
C LEU B 161 14.79 -16.92 -5.45
N GLU B 162 14.76 -16.85 -6.76
CA GLU B 162 14.22 -15.68 -7.49
C GLU B 162 13.30 -16.31 -8.50
N GLY B 163 12.06 -15.82 -8.56
CA GLY B 163 11.17 -16.36 -9.62
C GLY B 163 11.71 -16.14 -11.06
N GLY B 164 12.68 -15.23 -11.34
CA GLY B 164 13.17 -15.19 -12.72
C GLY B 164 14.08 -16.35 -13.00
N SER B 165 14.31 -17.16 -11.95
CA SER B 165 15.17 -18.33 -12.01
C SER B 165 14.40 -19.66 -12.00
N ILE B 166 13.07 -19.57 -12.26
CA ILE B 166 12.21 -20.77 -12.32
C ILE B 166 11.10 -20.56 -13.38
N HIS B 167 10.93 -21.45 -14.35
CA HIS B 167 9.77 -21.25 -15.33
C HIS B 167 9.02 -22.58 -15.17
N VAL B 168 7.72 -22.59 -15.54
CA VAL B 168 6.97 -23.90 -15.39
C VAL B 168 5.93 -23.98 -16.48
N ASP B 169 5.50 -25.22 -16.77
CA ASP B 169 4.49 -25.42 -17.80
C ASP B 169 3.08 -25.73 -17.24
N GLY B 170 2.99 -25.69 -15.90
CA GLY B 170 1.72 -26.00 -15.19
C GLY B 170 1.24 -27.46 -15.40
N GLU B 171 2.09 -28.25 -16.01
CA GLU B 171 1.83 -29.67 -16.27
C GLU B 171 2.76 -30.56 -15.41
N GLY B 172 3.49 -29.90 -14.50
CA GLY B 172 4.33 -30.66 -13.56
C GLY B 172 5.83 -30.56 -13.82
N THR B 173 6.26 -29.85 -14.87
CA THR B 173 7.75 -29.80 -15.23
C THR B 173 8.15 -28.36 -14.76
N CYS B 174 9.44 -28.28 -14.41
CA CYS B 174 10.15 -27.05 -13.97
C CYS B 174 11.41 -26.94 -14.84
N LEU B 175 11.63 -25.83 -15.53
CA LEU B 175 12.77 -25.63 -16.46
C LEU B 175 13.66 -24.57 -15.75
N VAL B 176 14.95 -24.96 -15.54
CA VAL B 176 15.89 -24.13 -14.74
C VAL B 176 17.29 -24.22 -15.29
N THR B 177 18.11 -23.22 -15.00
CA THR B 177 19.53 -23.44 -15.42
C THR B 177 20.36 -24.05 -14.25
N GLU B 178 21.40 -24.85 -14.54
CA GLU B 178 22.21 -25.25 -13.38
C GLU B 178 23.09 -24.06 -12.96
N GLU B 179 23.48 -23.25 -13.94
CA GLU B 179 24.36 -22.10 -13.70
C GLU B 179 23.82 -21.26 -12.58
N CYS B 180 22.48 -21.10 -12.48
CA CYS B 180 21.89 -20.27 -11.43
C CYS B 180 21.67 -21.10 -10.18
N LEU B 181 20.82 -22.09 -10.32
CA LEU B 181 20.38 -22.80 -9.10
C LEU B 181 21.39 -23.58 -8.35
N LEU B 182 22.40 -24.14 -9.06
CA LEU B 182 23.45 -24.73 -8.21
C LEU B 182 24.68 -23.86 -7.96
N ASN B 183 24.73 -22.62 -8.43
CA ASN B 183 25.89 -21.73 -8.28
C ASN B 183 26.23 -21.60 -6.81
N LYS B 184 27.59 -21.60 -6.54
CA LYS B 184 27.99 -21.63 -5.13
C LYS B 184 27.58 -20.41 -4.39
N ASN B 185 27.12 -19.40 -5.15
CA ASN B 185 26.70 -18.18 -4.47
C ASN B 185 25.17 -18.15 -4.19
N ARG B 186 24.44 -19.31 -4.45
CA ARG B 186 22.99 -19.44 -4.11
C ARG B 186 22.77 -20.18 -2.73
N ASN B 187 22.52 -21.50 -2.84
CA ASN B 187 22.22 -22.38 -1.66
C ASN B 187 23.09 -23.70 -1.64
N PRO B 188 24.43 -23.53 -1.50
CA PRO B 188 25.40 -24.65 -1.49
C PRO B 188 25.14 -25.62 -0.34
N HIS B 189 24.33 -25.18 0.62
CA HIS B 189 24.03 -26.15 1.71
C HIS B 189 23.02 -27.21 1.19
N MSE B 190 22.45 -27.00 -0.01
CA MSE B 190 21.58 -28.01 -0.55
C MSE B 190 22.19 -28.62 -1.83
O MSE B 190 23.00 -27.94 -2.56
CB MSE B 190 20.24 -27.41 -1.01
CG MSE B 190 19.55 -26.70 0.18
SE MSE B 190 18.28 -25.36 -0.41
CE MSE B 190 16.98 -26.64 -1.04
N SER B 191 21.89 -29.91 -2.02
CA SER B 191 22.26 -30.61 -3.25
C SER B 191 21.18 -30.41 -4.31
N LYS B 192 21.52 -30.77 -5.56
CA LYS B 192 20.56 -30.75 -6.69
C LYS B 192 19.30 -31.52 -6.22
N GLU B 193 19.47 -32.63 -5.45
CA GLU B 193 18.28 -33.37 -5.02
C GLU B 193 17.41 -32.63 -3.99
N GLN B 194 18.10 -31.91 -3.08
CA GLN B 194 17.38 -31.13 -2.03
C GLN B 194 16.61 -29.94 -2.55
N ILE B 195 17.25 -29.08 -3.35
CA ILE B 195 16.51 -27.96 -3.95
C ILE B 195 15.34 -28.57 -4.71
N GLU B 196 15.58 -29.58 -5.59
CA GLU B 196 14.51 -30.25 -6.31
C GLU B 196 13.45 -30.59 -5.21
N GLU B 197 13.85 -31.20 -4.11
CA GLU B 197 12.90 -31.57 -2.98
C GLU B 197 12.03 -30.32 -2.53
N GLU B 198 12.62 -29.14 -2.44
CA GLU B 198 11.70 -27.96 -2.17
C GLU B 198 10.79 -27.60 -3.31
N LEU B 199 11.31 -27.39 -4.52
CA LEU B 199 10.50 -26.95 -5.70
C LEU B 199 9.35 -27.98 -5.92
N LYS B 200 9.54 -29.28 -5.54
CA LYS B 200 8.42 -30.21 -5.62
C LYS B 200 7.43 -29.77 -4.61
N LYS B 201 7.88 -29.61 -3.36
CA LYS B 201 6.95 -29.24 -2.26
C LYS B 201 6.28 -27.91 -2.33
N TYR B 202 7.04 -26.85 -2.71
CA TYR B 202 6.52 -25.48 -2.78
C TYR B 202 5.81 -25.15 -4.06
N LEU B 203 6.43 -25.52 -5.18
CA LEU B 203 5.73 -25.28 -6.39
C LEU B 203 4.91 -26.47 -6.92
N GLY B 204 4.85 -27.69 -6.24
CA GLY B 204 3.97 -28.80 -6.72
C GLY B 204 4.30 -29.47 -8.08
N VAL B 205 5.49 -29.07 -8.63
CA VAL B 205 5.94 -29.62 -9.93
C VAL B 205 6.38 -31.10 -9.70
N GLN B 206 6.66 -31.81 -10.83
CA GLN B 206 7.01 -33.21 -10.83
C GLN B 206 8.32 -33.61 -11.55
N SER B 207 8.74 -32.77 -12.52
CA SER B 207 9.98 -33.15 -13.24
C SER B 207 10.74 -31.87 -13.71
N PHE B 208 12.02 -32.05 -13.96
CA PHE B 208 12.89 -30.95 -14.21
C PHE B 208 13.66 -31.05 -15.53
N ILE B 209 13.82 -29.87 -16.16
CA ILE B 209 14.71 -29.74 -17.32
C ILE B 209 15.68 -28.64 -16.97
N TRP B 210 16.91 -29.07 -16.60
CA TRP B 210 18.11 -28.30 -16.22
C TRP B 210 18.99 -27.94 -17.40
N LEU B 211 18.93 -26.68 -17.84
CA LEU B 211 19.93 -26.30 -18.85
C LEU B 211 21.22 -26.00 -18.05
N PRO B 212 22.38 -26.43 -18.55
CA PRO B 212 23.56 -26.13 -17.77
C PRO B 212 23.92 -24.67 -17.59
N ARG B 213 23.51 -23.82 -18.59
CA ARG B 213 23.91 -22.41 -18.54
C ARG B 213 22.77 -21.53 -19.08
N GLY B 214 22.82 -20.25 -18.67
CA GLY B 214 21.91 -19.22 -19.19
C GLY B 214 22.59 -18.40 -20.27
N LEU B 215 22.12 -17.16 -20.41
CA LEU B 215 22.58 -16.24 -21.51
C LEU B 215 23.94 -15.63 -21.17
N TYR B 216 24.81 -15.58 -22.21
CA TYR B 216 26.06 -14.91 -22.05
C TYR B 216 25.82 -13.40 -21.77
N GLY B 217 26.52 -12.95 -20.75
CA GLY B 217 26.45 -11.61 -20.27
C GLY B 217 25.60 -11.41 -19.04
N ASP B 218 24.91 -12.52 -18.67
CA ASP B 218 24.06 -12.47 -17.48
C ASP B 218 24.84 -12.81 -16.28
N GLU B 219 25.78 -11.91 -16.04
CA GLU B 219 26.66 -12.07 -14.88
C GLU B 219 25.97 -11.68 -13.62
N ASP B 220 25.12 -10.67 -13.69
CA ASP B 220 24.57 -10.25 -12.39
C ASP B 220 23.52 -11.24 -11.83
N THR B 221 22.85 -11.99 -12.66
CA THR B 221 21.91 -12.99 -12.12
C THR B 221 22.44 -14.40 -12.12
N ASN B 222 23.67 -14.64 -12.64
CA ASN B 222 24.18 -16.00 -12.82
C ASN B 222 23.22 -16.84 -13.79
N GLY B 223 22.82 -16.15 -14.86
CA GLY B 223 22.19 -16.89 -15.93
C GLY B 223 20.76 -17.38 -15.61
N HIS B 224 19.90 -16.46 -15.20
CA HIS B 224 18.51 -16.97 -15.03
C HIS B 224 17.90 -17.66 -16.29
N ILE B 225 17.06 -18.65 -15.98
CA ILE B 225 16.42 -19.35 -17.10
C ILE B 225 15.54 -18.37 -17.92
N ASP B 226 14.87 -17.40 -17.32
CA ASP B 226 13.95 -16.54 -18.13
C ASP B 226 14.58 -15.62 -19.18
N ASN B 227 15.92 -15.52 -19.21
CA ASN B 227 16.53 -14.73 -20.30
C ASN B 227 17.16 -15.70 -21.26
N MSE B 228 16.92 -17.01 -21.07
CA MSE B 228 17.57 -17.99 -21.89
C MSE B 228 16.54 -18.82 -22.67
O MSE B 228 16.61 -18.96 -23.91
CB MSE B 228 18.44 -18.94 -20.97
CG MSE B 228 19.14 -20.07 -21.83
SE MSE B 228 20.35 -19.34 -23.23
CE MSE B 228 21.92 -20.33 -22.84
N CYS B 229 15.62 -19.46 -21.93
CA CYS B 229 14.73 -20.36 -22.61
C CYS B 229 13.41 -20.40 -21.88
N CYS B 230 12.33 -20.61 -22.67
CA CYS B 230 11.03 -20.66 -22.04
C CYS B 230 9.83 -21.27 -22.69
N PHE B 231 9.02 -21.86 -21.83
CA PHE B 231 7.83 -22.45 -22.49
C PHE B 231 6.92 -21.44 -23.12
N ALA B 232 6.43 -21.92 -24.26
CA ALA B 232 5.35 -21.26 -24.99
C ALA B 232 4.01 -22.01 -24.86
N ARG B 233 4.10 -23.31 -24.61
CA ARG B 233 2.97 -24.23 -24.39
C ARG B 233 3.58 -25.54 -23.93
N PRO B 234 2.83 -26.43 -23.31
CA PRO B 234 3.38 -27.67 -22.85
C PRO B 234 4.09 -28.41 -24.02
N GLY B 235 5.30 -28.87 -23.71
CA GLY B 235 6.17 -29.55 -24.69
C GLY B 235 6.84 -28.57 -25.69
N VAL B 236 6.71 -27.25 -25.49
CA VAL B 236 7.27 -26.32 -26.52
C VAL B 236 8.07 -25.08 -25.93
N VAL B 237 9.38 -25.21 -26.02
CA VAL B 237 10.18 -24.01 -25.54
C VAL B 237 10.68 -23.17 -26.68
N LEU B 238 10.87 -21.90 -26.32
CA LEU B 238 11.49 -20.91 -27.20
C LEU B 238 12.94 -20.85 -26.56
N LEU B 239 13.98 -21.15 -27.36
CA LEU B 239 15.37 -21.13 -26.92
C LEU B 239 16.07 -19.98 -27.66
N SER B 240 16.77 -19.05 -26.92
CA SER B 240 17.51 -17.94 -27.53
C SER B 240 18.65 -18.52 -28.30
N TRP B 241 18.57 -18.25 -29.63
CA TRP B 241 19.50 -18.66 -30.72
C TRP B 241 20.58 -17.70 -31.24
N THR B 242 21.64 -18.28 -31.83
CA THR B 242 22.71 -17.46 -32.47
C THR B 242 23.43 -18.49 -33.38
N ASP B 243 23.64 -18.10 -34.65
CA ASP B 243 24.38 -18.88 -35.64
C ASP B 243 25.76 -18.22 -35.64
N ASP B 244 25.95 -16.99 -35.13
CA ASP B 244 27.35 -16.46 -35.25
C ASP B 244 28.26 -17.22 -34.29
N GLU B 245 29.09 -18.16 -34.82
CA GLU B 245 29.99 -19.02 -34.03
C GLU B 245 31.14 -18.37 -33.36
N THR B 246 31.42 -17.12 -33.68
CA THR B 246 32.43 -16.39 -32.98
C THR B 246 31.79 -15.64 -31.77
N ASP B 247 30.49 -15.81 -31.53
CA ASP B 247 29.83 -15.11 -30.38
C ASP B 247 29.88 -16.00 -29.12
N PRO B 248 30.23 -15.42 -27.94
CA PRO B 248 30.28 -16.22 -26.74
C PRO B 248 28.96 -16.85 -26.40
N GLN B 249 27.87 -16.31 -26.98
CA GLN B 249 26.56 -16.94 -26.72
C GLN B 249 26.36 -18.24 -27.44
N TYR B 250 27.12 -18.53 -28.55
CA TYR B 250 26.91 -19.73 -29.32
C TYR B 250 27.03 -21.05 -28.58
N GLU B 251 28.13 -21.21 -27.85
CA GLU B 251 28.25 -22.54 -27.20
C GLU B 251 27.26 -22.75 -26.06
N ARG B 252 26.63 -21.69 -25.61
CA ARG B 252 25.64 -21.88 -24.57
C ARG B 252 24.36 -22.47 -25.17
N SER B 253 24.01 -21.98 -26.36
CA SER B 253 22.78 -22.43 -27.05
C SER B 253 22.82 -23.82 -27.64
N VAL B 254 24.03 -24.35 -27.89
CA VAL B 254 24.23 -25.67 -28.49
C VAL B 254 24.06 -26.72 -27.32
N GLU B 255 24.67 -26.38 -26.20
CA GLU B 255 24.66 -27.22 -25.02
C GLU B 255 23.24 -27.24 -24.52
N ALA B 256 22.54 -26.10 -24.77
CA ALA B 256 21.09 -25.96 -24.48
C ALA B 256 20.24 -26.72 -25.47
N LEU B 257 20.43 -26.45 -26.78
CA LEU B 257 19.64 -27.24 -27.80
C LEU B 257 19.87 -28.77 -27.66
N SER B 258 21.13 -29.18 -27.42
CA SER B 258 21.45 -30.60 -27.28
C SER B 258 20.77 -31.12 -26.04
N VAL B 259 20.84 -30.39 -24.92
CA VAL B 259 20.15 -30.90 -23.73
C VAL B 259 18.63 -30.94 -23.90
N LEU B 260 18.04 -29.86 -24.42
CA LEU B 260 16.54 -29.87 -24.60
C LEU B 260 16.13 -31.00 -25.48
N SER B 261 16.85 -31.26 -26.62
CA SER B 261 16.37 -32.34 -27.49
C SER B 261 16.77 -33.78 -27.01
N ASN B 262 17.33 -33.80 -25.77
CA ASN B 262 17.70 -35.02 -25.02
C ASN B 262 16.80 -35.07 -23.76
N SER B 263 15.83 -34.17 -23.67
CA SER B 263 14.95 -34.16 -22.44
C SER B 263 13.49 -34.45 -22.83
N ILE B 264 12.71 -34.93 -21.86
CA ILE B 264 11.25 -35.20 -21.95
C ILE B 264 10.65 -34.26 -20.85
N ASP B 265 9.33 -34.04 -20.91
CA ASP B 265 8.67 -33.20 -19.86
C ASP B 265 8.01 -34.18 -18.86
N ALA B 266 7.29 -33.63 -17.90
CA ALA B 266 6.69 -34.40 -16.80
C ALA B 266 5.55 -35.23 -17.29
N ARG B 267 5.24 -35.16 -18.58
CA ARG B 267 4.11 -36.04 -18.94
C ARG B 267 4.58 -36.87 -20.12
N GLY B 268 5.91 -37.02 -20.21
CA GLY B 268 6.49 -37.89 -21.24
C GLY B 268 6.51 -37.41 -22.68
N ARG B 269 6.64 -36.09 -22.87
CA ARG B 269 6.68 -35.43 -24.18
C ARG B 269 8.02 -34.88 -24.61
N LYS B 270 8.52 -35.23 -25.78
CA LYS B 270 9.77 -34.49 -26.20
C LYS B 270 9.46 -33.02 -26.20
N ILE B 271 10.53 -32.27 -26.30
CA ILE B 271 10.48 -30.83 -26.22
C ILE B 271 10.88 -30.24 -27.60
N GLN B 272 9.97 -29.58 -28.33
CA GLN B 272 10.10 -28.90 -29.65
C GLN B 272 10.62 -27.39 -29.67
N VAL B 273 11.90 -27.24 -30.00
CA VAL B 273 12.40 -25.91 -29.94
C VAL B 273 11.95 -25.00 -31.12
N ILE B 274 11.77 -23.72 -30.75
CA ILE B 274 11.36 -22.70 -31.73
C ILE B 274 12.56 -21.79 -31.41
N LYS B 275 13.39 -21.46 -32.43
CA LYS B 275 14.55 -20.63 -32.17
C LYS B 275 14.19 -19.12 -32.19
N LEU B 276 14.66 -18.33 -31.18
CA LEU B 276 14.35 -16.88 -31.10
C LEU B 276 15.73 -16.26 -31.17
N TYR B 277 16.00 -15.50 -32.23
CA TYR B 277 17.35 -14.98 -32.37
C TYR B 277 17.64 -13.70 -31.58
N ILE B 278 18.76 -13.71 -30.83
CA ILE B 278 19.19 -12.53 -30.08
C ILE B 278 19.55 -11.34 -31.06
N PRO B 279 19.74 -10.16 -30.49
CA PRO B 279 20.10 -8.97 -31.32
C PRO B 279 21.57 -9.05 -31.54
N GLU B 280 22.01 -8.18 -32.48
CA GLU B 280 23.40 -8.20 -32.83
C GLU B 280 24.05 -7.91 -31.52
N PRO B 281 25.22 -8.45 -31.32
CA PRO B 281 25.91 -8.24 -30.03
C PRO B 281 26.06 -6.75 -29.60
N LEU B 282 25.10 -6.26 -28.80
CA LEU B 282 25.03 -4.93 -28.22
C LEU B 282 26.06 -4.80 -27.03
N TYR B 283 26.74 -3.66 -26.98
CA TYR B 283 27.75 -3.38 -25.95
C TYR B 283 27.48 -2.02 -25.32
N MSE B 284 27.74 -1.94 -24.02
CA MSE B 284 27.47 -0.68 -23.28
C MSE B 284 28.39 0.42 -23.85
O MSE B 284 29.54 0.14 -24.15
CB MSE B 284 27.75 -0.88 -21.78
CG MSE B 284 27.72 0.41 -20.94
SE MSE B 284 27.63 0.06 -19.01
CE MSE B 284 26.02 -1.16 -19.00
N THR B 285 27.90 1.65 -23.98
CA THR B 285 28.77 2.69 -24.53
C THR B 285 29.29 3.59 -23.42
N GLU B 286 30.21 4.52 -23.74
CA GLU B 286 30.70 5.44 -22.71
C GLU B 286 29.66 6.44 -22.24
N GLU B 287 28.83 6.88 -23.18
CA GLU B 287 27.76 7.84 -22.91
C GLU B 287 26.72 7.24 -21.95
N GLU B 288 26.64 5.91 -21.95
CA GLU B 288 25.71 5.18 -21.08
C GLU B 288 26.42 4.91 -19.73
N SER B 289 27.68 4.48 -19.80
CA SER B 289 28.44 4.17 -18.60
C SER B 289 28.40 5.37 -17.67
N SER B 290 28.29 6.54 -18.28
CA SER B 290 28.23 7.77 -17.52
C SER B 290 27.29 7.59 -16.32
N GLY B 291 25.98 7.49 -16.57
CA GLY B 291 25.03 7.34 -15.48
C GLY B 291 25.49 6.34 -14.40
N ILE B 292 25.63 5.07 -14.76
CA ILE B 292 26.10 4.07 -13.80
C ILE B 292 27.32 4.55 -12.97
N THR B 293 27.07 4.97 -11.73
CA THR B 293 28.12 5.50 -10.84
C THR B 293 29.27 4.47 -10.65
N GLN B 294 30.51 4.95 -10.51
CA GLN B 294 31.65 4.05 -10.34
C GLN B 294 32.42 4.43 -9.08
N ASP B 295 32.42 3.53 -8.10
CA ASP B 295 33.11 3.74 -6.83
C ASP B 295 33.41 2.39 -6.22
N GLY B 296 33.96 2.41 -5.00
CA GLY B 296 34.27 1.16 -4.32
C GLY B 296 33.01 0.36 -4.03
N GLU B 297 31.89 1.08 -3.88
CA GLU B 297 30.60 0.46 -3.62
C GLU B 297 29.81 0.32 -4.91
N ALA B 298 30.53 -0.08 -5.96
CA ALA B 298 29.97 -0.30 -7.28
C ALA B 298 30.86 -1.24 -8.08
N ILE B 299 30.24 -2.25 -8.68
CA ILE B 299 30.94 -3.25 -9.50
C ILE B 299 31.40 -2.60 -10.80
N PRO B 300 32.58 -2.98 -11.30
CA PRO B 300 33.14 -2.41 -12.54
C PRO B 300 32.18 -2.56 -13.71
N ARG B 301 31.85 -1.42 -14.33
CA ARG B 301 30.92 -1.34 -15.46
C ARG B 301 31.65 -0.86 -16.71
N LEU B 302 32.92 -1.23 -16.77
CA LEU B 302 33.80 -0.85 -17.86
C LEU B 302 33.10 -0.95 -19.20
N ALA B 303 32.89 0.23 -19.79
CA ALA B 303 32.24 0.39 -21.08
C ALA B 303 32.73 -0.74 -21.96
N GLY B 304 31.94 -1.09 -22.97
CA GLY B 304 32.24 -2.19 -23.87
C GLY B 304 31.79 -3.57 -23.35
N THR B 305 31.26 -3.63 -22.13
CA THR B 305 30.74 -4.89 -21.60
C THR B 305 29.69 -5.39 -22.65
N ARG B 306 29.31 -6.66 -22.64
CA ARG B 306 28.32 -7.14 -23.61
C ARG B 306 26.96 -6.94 -22.94
N LEU B 307 26.06 -6.11 -23.54
CA LEU B 307 24.75 -5.87 -22.92
C LEU B 307 23.99 -7.06 -23.30
N ALA B 308 23.70 -7.95 -22.32
CA ALA B 308 22.97 -9.19 -22.60
C ALA B 308 21.56 -8.84 -23.03
N ALA B 309 21.11 -9.57 -24.04
CA ALA B 309 19.79 -9.35 -24.53
C ALA B 309 19.13 -10.48 -25.32
N SER B 310 17.88 -10.83 -24.93
CA SER B 310 17.09 -11.80 -25.68
C SER B 310 15.62 -11.37 -25.69
N TYR B 311 14.88 -11.80 -26.73
CA TYR B 311 13.44 -11.53 -26.87
C TYR B 311 12.56 -12.50 -26.07
N VAL B 312 13.02 -13.72 -25.74
CA VAL B 312 12.29 -14.74 -24.89
C VAL B 312 11.97 -14.19 -23.43
N ASN B 313 12.52 -13.05 -23.01
CA ASN B 313 12.34 -12.49 -21.66
C ASN B 313 11.08 -11.63 -21.88
N PHE B 314 10.16 -12.06 -22.72
CA PHE B 314 8.90 -11.29 -22.83
C PHE B 314 7.98 -11.68 -21.69
N TYR B 315 6.82 -11.00 -21.59
CA TYR B 315 5.86 -11.37 -20.53
C TYR B 315 4.52 -11.80 -21.10
N ILE B 316 3.96 -12.88 -20.56
CA ILE B 316 2.62 -13.29 -21.02
C ILE B 316 1.55 -12.72 -20.11
N ALA B 317 0.56 -12.05 -20.75
CA ALA B 317 -0.61 -11.37 -20.02
C ALA B 317 -1.84 -12.11 -20.57
N ASN B 318 -3.01 -11.88 -19.99
CA ASN B 318 -4.24 -12.53 -20.43
C ASN B 318 -4.50 -12.17 -21.87
N GLY B 319 -4.21 -13.10 -22.80
CA GLY B 319 -4.38 -12.78 -24.22
C GLY B 319 -3.32 -11.91 -24.89
N GLY B 320 -2.27 -11.55 -24.15
CA GLY B 320 -1.29 -10.63 -24.72
C GLY B 320 0.10 -11.20 -24.50
N ILE B 321 1.01 -10.88 -25.41
CA ILE B 321 2.44 -11.24 -25.23
C ILE B 321 3.10 -9.87 -25.25
N ILE B 322 3.92 -9.50 -24.22
CA ILE B 322 4.56 -8.19 -24.16
C ILE B 322 6.00 -8.42 -24.51
N ALA B 323 6.35 -8.08 -25.78
CA ALA B 323 7.72 -8.38 -26.23
C ALA B 323 8.70 -7.21 -26.28
N PRO B 324 10.02 -7.46 -26.12
CA PRO B 324 10.93 -6.33 -26.19
C PRO B 324 11.36 -5.99 -27.64
N GLN B 325 11.81 -4.73 -27.77
CA GLN B 325 12.50 -4.31 -29.04
C GLN B 325 13.73 -3.52 -28.60
N PHE B 326 14.86 -3.91 -29.19
CA PHE B 326 16.14 -3.36 -28.76
C PHE B 326 16.79 -2.38 -29.74
N GLY B 327 16.13 -2.08 -30.86
CA GLY B 327 16.76 -1.16 -31.84
C GLY B 327 17.49 -1.92 -32.92
N ASP B 328 17.22 -3.24 -33.10
CA ASP B 328 17.85 -4.10 -34.14
C ASP B 328 16.74 -4.26 -35.16
N PRO B 329 16.89 -3.60 -36.33
CA PRO B 329 15.76 -3.77 -37.21
C PRO B 329 15.33 -5.12 -37.66
N ILE B 330 16.25 -5.90 -38.19
CA ILE B 330 15.88 -7.17 -38.72
C ILE B 330 15.53 -8.09 -37.54
N ARG B 331 16.36 -8.12 -36.47
CA ARG B 331 16.02 -9.09 -35.37
C ARG B 331 14.80 -8.69 -34.57
N ASP B 332 14.51 -7.40 -34.44
CA ASP B 332 13.26 -6.97 -33.76
C ASP B 332 12.05 -7.44 -34.53
N LYS B 333 11.98 -7.24 -35.87
CA LYS B 333 10.76 -7.65 -36.59
C LYS B 333 10.60 -9.16 -36.70
N GLU B 334 11.71 -9.86 -36.78
CA GLU B 334 11.71 -11.28 -36.88
C GLU B 334 11.38 -11.85 -35.56
N ALA B 335 11.94 -11.26 -34.50
CA ALA B 335 11.61 -11.89 -33.21
C ALA B 335 10.11 -11.56 -32.96
N ILE B 336 9.55 -10.38 -33.44
CA ILE B 336 8.09 -10.10 -33.28
C ILE B 336 7.27 -11.02 -34.16
N ARG B 337 7.79 -11.33 -35.38
CA ARG B 337 7.05 -12.27 -36.22
C ARG B 337 6.88 -13.67 -35.58
N VAL B 338 7.98 -14.25 -35.03
CA VAL B 338 7.87 -15.59 -34.36
C VAL B 338 6.96 -15.57 -33.12
N LEU B 339 7.10 -14.55 -32.29
CA LEU B 339 6.19 -14.51 -31.15
C LEU B 339 4.70 -14.36 -31.55
N SER B 340 4.49 -13.75 -32.73
CA SER B 340 3.10 -13.63 -33.25
C SER B 340 2.57 -15.04 -33.68
N ASP B 341 3.41 -15.85 -34.36
CA ASP B 341 2.96 -17.19 -34.74
C ASP B 341 2.88 -18.28 -33.66
N THR B 342 3.79 -18.13 -32.68
CA THR B 342 3.98 -19.02 -31.57
C THR B 342 2.81 -18.93 -30.61
N PHE B 343 2.16 -17.77 -30.59
CA PHE B 343 0.99 -17.53 -29.72
C PHE B 343 -0.24 -17.01 -30.49
N PRO B 344 -0.76 -17.93 -31.31
CA PRO B 344 -1.92 -17.57 -32.10
C PRO B 344 -3.10 -17.13 -31.26
N HIS B 345 -3.22 -17.65 -30.05
CA HIS B 345 -4.36 -17.15 -29.29
C HIS B 345 -4.08 -15.83 -28.54
N HIS B 346 -2.91 -15.17 -28.80
CA HIS B 346 -2.55 -13.92 -28.14
C HIS B 346 -2.22 -12.82 -29.09
N SER B 347 -2.32 -11.61 -28.59
CA SER B 347 -1.96 -10.43 -29.34
C SER B 347 -0.56 -9.99 -28.95
N VAL B 348 0.42 -10.05 -29.88
CA VAL B 348 1.81 -9.61 -29.49
C VAL B 348 1.99 -8.12 -29.64
N VAL B 349 2.37 -7.44 -28.50
CA VAL B 349 2.62 -5.99 -28.47
C VAL B 349 4.11 -5.75 -28.35
N GLY B 350 4.71 -4.93 -29.22
CA GLY B 350 6.14 -4.71 -29.04
C GLY B 350 6.40 -3.45 -28.23
N ILE B 351 7.36 -3.52 -27.30
CA ILE B 351 7.74 -2.40 -26.46
C ILE B 351 9.01 -1.77 -26.97
N GLU B 352 8.89 -0.56 -27.56
CA GLU B 352 10.12 0.08 -28.03
C GLU B 352 10.88 0.59 -26.78
N ASN B 353 12.18 0.86 -26.94
CA ASN B 353 13.06 1.36 -25.91
C ASN B 353 13.28 0.34 -24.81
N ALA B 354 13.02 -0.92 -25.11
CA ALA B 354 13.36 -1.94 -24.09
C ALA B 354 14.86 -1.88 -23.80
N ARG B 355 15.66 -1.26 -24.69
CA ARG B 355 17.08 -1.06 -24.39
C ARG B 355 17.26 -0.35 -23.03
N GLU B 356 16.35 0.53 -22.67
CA GLU B 356 16.54 1.23 -21.39
C GLU B 356 16.49 0.29 -20.18
N ILE B 357 15.78 -0.83 -20.33
CA ILE B 357 15.73 -1.77 -19.19
C ILE B 357 17.04 -2.61 -19.21
N VAL B 358 17.47 -3.07 -20.43
CA VAL B 358 18.67 -3.88 -20.65
C VAL B 358 19.90 -3.13 -20.08
N LEU B 359 19.98 -1.81 -20.21
CA LEU B 359 21.14 -1.06 -19.64
C LEU B 359 21.25 -1.24 -18.11
N ALA B 360 20.13 -1.60 -17.46
CA ALA B 360 20.13 -1.81 -16.02
C ALA B 360 20.23 -3.26 -15.54
N GLY B 361 20.36 -4.21 -16.47
CA GLY B 361 20.64 -5.60 -16.18
C GLY B 361 19.40 -6.48 -16.27
N GLY B 362 18.28 -5.85 -16.68
CA GLY B 362 16.99 -6.55 -16.73
C GLY B 362 16.22 -6.28 -18.01
N ASN B 363 15.06 -6.88 -18.14
CA ASN B 363 14.26 -6.71 -19.33
C ASN B 363 12.85 -6.93 -18.91
N ILE B 364 11.92 -6.97 -19.85
CA ILE B 364 10.49 -7.02 -19.54
C ILE B 364 10.03 -8.02 -18.48
N HIS B 365 10.26 -9.32 -18.75
CA HIS B 365 9.85 -10.39 -17.84
C HIS B 365 10.41 -10.12 -16.46
N CYS B 366 11.70 -9.80 -16.38
CA CYS B 366 12.34 -9.48 -15.12
C CYS B 366 11.68 -8.35 -14.32
N ILE B 367 10.86 -7.50 -14.98
CA ILE B 367 10.27 -6.41 -14.19
C ILE B 367 8.77 -6.59 -13.94
N THR B 368 8.31 -7.85 -14.06
CA THR B 368 6.88 -8.22 -13.91
C THR B 368 6.63 -9.48 -13.13
N GLN B 369 5.57 -9.46 -12.31
CA GLN B 369 5.33 -10.73 -11.57
C GLN B 369 3.82 -10.90 -11.71
N GLN B 370 3.40 -12.11 -12.12
CA GLN B 370 1.94 -12.36 -12.28
C GLN B 370 1.23 -12.88 -11.05
N GLN B 371 -0.06 -12.48 -10.96
CA GLN B 371 -0.95 -12.95 -9.93
C GLN B 371 -2.07 -13.70 -10.69
N PRO B 372 -2.09 -15.03 -10.60
CA PRO B 372 -3.10 -15.88 -11.27
C PRO B 372 -4.48 -15.56 -10.73
N ALA B 373 -5.43 -15.87 -11.58
CA ALA B 373 -6.85 -15.75 -11.12
C ALA B 373 -7.00 -16.67 -9.93
N GLU B 374 -7.82 -16.32 -8.91
CA GLU B 374 -7.95 -17.30 -7.79
C GLU B 374 -9.07 -18.37 -8.18
N PRO B 375 -8.73 -19.66 -8.19
CA PRO B 375 -9.77 -20.68 -8.56
C PRO B 375 -11.01 -20.58 -7.71
N THR B 376 -12.10 -21.04 -8.34
CA THR B 376 -13.41 -21.09 -7.72
C THR B 376 -13.66 -22.53 -7.29
MG MG C . -6.09 15.56 1.95
C1 EDO D . -2.44 17.33 16.81
O1 EDO D . -2.96 17.21 18.16
C2 EDO D . -0.94 17.09 16.76
O2 EDO D . -0.60 16.12 17.74
C1 EDO E . -28.10 7.49 30.39
O1 EDO E . -28.67 6.75 31.50
C2 EDO E . -28.03 9.01 30.75
O2 EDO E . -27.21 9.28 31.91
C1 EDO F . -7.14 15.46 15.99
O1 EDO F . -5.73 15.44 15.87
C2 EDO F . -7.43 16.18 17.31
O2 EDO F . -6.22 16.15 18.12
C1 EDO G . -4.13 30.50 7.66
O1 EDO G . -3.30 29.33 7.94
C2 EDO G . -4.74 30.42 6.28
O2 EDO G . -4.95 29.04 5.92
C1 EDO H . -7.40 26.02 26.12
O1 EDO H . -6.89 24.90 25.31
C2 EDO H . -8.67 26.50 25.40
O2 EDO H . -9.33 25.34 24.95
C1 EDO I . 1.14 -0.23 -0.27
O1 EDO I . 0.62 -1.37 0.54
C2 EDO I . 1.41 0.97 0.62
O2 EDO I . 0.20 1.74 1.02
C1 EDO J . -10.24 24.26 38.16
O1 EDO J . -10.08 23.58 36.88
C2 EDO J . -11.22 23.45 39.01
O2 EDO J . -11.78 22.42 38.21
S1 MPO K . -28.40 13.28 2.64
O1 MPO K . -27.63 13.63 3.96
O2 MPO K . -28.51 14.02 1.32
O4 MPO K . -31.29 5.62 1.75
N1 MPO K . -31.10 8.55 1.79
C1 MPO K . -29.95 12.15 2.84
O3 MPO K . -29.38 14.39 3.20
C2 MPO K . -29.82 10.67 2.28
C3 MPO K . -31.17 9.88 2.49
C4 MPO K . -32.40 7.84 1.96
C5 MPO K . -32.34 6.47 1.20
C6 MPO K . -30.02 6.32 1.52
C7 MPO K . -30.01 7.66 2.34
MG MG L . 11.25 -12.79 -0.43
C1 EDO M . 17.75 -8.46 -12.98
O1 EDO M . 17.88 -9.05 -14.28
C2 EDO M . 16.46 -8.92 -12.38
O2 EDO M . 16.08 -10.11 -12.99
C1 EDO N . -0.20 -20.67 -24.74
O1 EDO N . -1.53 -20.20 -24.99
C2 EDO N . -0.33 -21.94 -23.98
O2 EDO N . -1.12 -22.87 -24.70
C1 EDO O . -8.36 -4.95 -19.14
O1 EDO O . -8.86 -3.69 -19.62
C2 EDO O . -8.08 -4.79 -17.67
O2 EDO O . -8.84 -5.75 -16.99
C1 EDO P . 25.65 -12.51 -9.14
O1 EDO P . 25.38 -11.03 -8.88
C2 EDO P . 27.08 -12.62 -9.84
O2 EDO P . 27.86 -13.71 -9.32
C1 EDO Q . 4.82 -21.23 6.87
O1 EDO Q . 4.85 -22.39 5.93
C2 EDO Q . 5.82 -20.24 6.40
O2 EDO Q . 5.18 -19.08 6.09
C1 EDO R . -4.55 -22.10 -12.58
O1 EDO R . -3.92 -23.00 -13.53
C2 EDO R . -4.39 -20.63 -12.97
O2 EDO R . -5.20 -19.86 -12.02
N ARG A 5 -13.50 21.40 -10.10
CA ARG A 5 -13.95 20.79 -8.80
C ARG A 5 -15.41 20.32 -8.96
N GLU A 6 -15.59 18.99 -9.03
CA GLU A 6 -16.92 18.36 -9.19
C GLU A 6 -17.89 18.40 -8.05
N SER A 7 -19.19 18.29 -8.32
CA SER A 7 -20.15 18.31 -7.20
C SER A 7 -20.96 17.08 -6.84
N PRO A 8 -20.61 16.41 -5.73
CA PRO A 8 -21.20 15.21 -5.17
C PRO A 8 -22.73 15.13 -4.95
N ALA A 9 -23.26 16.18 -4.39
CA ALA A 9 -24.67 16.19 -4.09
C ALA A 9 -25.57 16.00 -5.31
N GLU A 10 -25.15 16.60 -6.43
CA GLU A 10 -25.86 16.56 -7.76
C GLU A 10 -25.71 15.21 -8.48
N HIS A 11 -24.99 14.32 -7.84
CA HIS A 11 -24.80 13.00 -8.37
C HIS A 11 -25.44 12.12 -7.26
N GLY A 12 -26.06 12.75 -6.25
CA GLY A 12 -26.71 11.96 -5.21
C GLY A 12 -25.86 11.44 -4.05
N TYR A 13 -24.64 11.90 -4.00
CA TYR A 13 -23.77 11.41 -2.85
C TYR A 13 -24.07 12.09 -1.55
N TYR A 14 -23.84 11.36 -0.47
CA TYR A 14 -23.95 12.01 0.83
C TYR A 14 -23.09 11.22 1.81
N MSE A 15 -22.95 11.83 2.96
CA MSE A 15 -22.24 11.15 4.04
C MSE A 15 -23.02 10.32 5.00
O MSE A 15 -23.81 10.83 5.81
CB MSE A 15 -21.50 12.25 4.78
CG MSE A 15 -20.32 12.67 3.95
SE MSE A 15 -18.64 13.12 4.80
CE MSE A 15 -19.05 12.85 6.63
N PRO A 16 -22.76 9.03 5.02
CA PRO A 16 -23.55 8.38 6.03
C PRO A 16 -23.09 8.75 7.42
N ALA A 17 -23.99 8.34 8.29
CA ALA A 17 -23.53 8.56 9.65
C ALA A 17 -22.49 7.40 9.96
N GLU A 18 -21.61 7.74 10.89
CA GLU A 18 -20.57 6.74 11.26
C GLU A 18 -21.16 5.41 11.79
N TRP A 19 -22.45 5.34 12.22
CA TRP A 19 -23.05 4.05 12.71
C TRP A 19 -23.75 3.26 11.57
N ASP A 20 -23.58 3.66 10.30
CA ASP A 20 -24.10 2.87 9.14
C ASP A 20 -22.95 1.97 8.64
N SER A 21 -23.35 0.93 7.87
CA SER A 21 -22.34 -0.05 7.49
C SER A 21 -20.92 0.28 7.02
N HIS A 22 -19.96 -0.39 7.63
CA HIS A 22 -18.57 -0.22 7.28
C HIS A 22 -17.95 -1.35 6.47
N ALA A 23 -17.21 -1.03 5.41
CA ALA A 23 -16.40 -2.10 4.85
C ALA A 23 -15.20 -2.38 5.74
N GLN A 24 -14.56 -1.29 6.24
CA GLN A 24 -13.34 -1.41 7.05
C GLN A 24 -13.03 -0.11 7.76
N THR A 25 -12.11 -0.16 8.69
CA THR A 25 -11.65 1.05 9.43
C THR A 25 -10.17 1.22 9.09
N TRP A 26 -9.78 2.47 8.85
CA TRP A 26 -8.36 2.81 8.60
C TRP A 26 -7.78 3.53 9.85
N ILE A 27 -6.55 3.19 10.27
CA ILE A 27 -5.84 3.77 11.42
C ILE A 27 -4.39 3.89 10.97
N GLY A 28 -3.62 4.93 11.34
CA GLY A 28 -2.18 5.03 11.00
C GLY A 28 -1.35 4.46 12.18
N TRP A 29 -0.25 5.08 12.55
CA TRP A 29 0.58 4.41 13.60
C TRP A 29 1.50 5.53 14.11
N PRO A 30 1.61 5.70 15.44
CA PRO A 30 2.46 6.83 15.95
C PRO A 30 3.96 6.56 16.01
N GLU A 31 4.73 7.65 15.89
CA GLU A 31 6.20 7.48 15.81
C GLU A 31 7.02 8.73 16.11
N ARG A 32 6.53 9.97 15.91
CA ARG A 32 7.43 11.16 16.02
C ARG A 32 7.72 11.50 17.49
N GLN A 33 9.00 11.57 17.80
CA GLN A 33 9.47 11.78 19.21
C GLN A 33 9.22 13.15 19.85
N ASP A 34 8.93 14.13 19.03
CA ASP A 34 8.61 15.45 19.53
C ASP A 34 7.11 15.58 19.84
N ASN A 35 6.31 14.46 19.66
CA ASN A 35 4.89 14.49 20.04
C ASN A 35 4.47 13.33 20.91
N TRP A 36 5.18 12.19 20.88
CA TRP A 36 4.80 10.97 21.61
C TRP A 36 5.96 10.62 22.58
N ARG A 37 5.61 10.09 23.80
CA ARG A 37 6.72 9.76 24.79
C ARG A 37 7.33 8.39 24.65
N HIS A 38 8.54 8.26 25.23
CA HIS A 38 9.20 7.03 25.31
C HIS A 38 9.26 6.25 24.06
N ASN A 39 9.74 6.93 23.03
CA ASN A 39 9.96 6.39 21.70
C ASN A 39 8.64 5.91 21.05
N ALA A 40 7.49 6.50 21.44
CA ALA A 40 6.19 6.08 20.89
C ALA A 40 5.70 4.72 21.39
N LEU A 41 6.46 4.02 22.23
CA LEU A 41 5.98 2.71 22.66
C LEU A 41 4.63 2.73 23.49
N PRO A 42 4.43 3.75 24.40
CA PRO A 42 3.19 3.82 25.15
C PRO A 42 2.02 3.93 24.21
N ALA A 43 2.05 5.00 23.44
CA ALA A 43 0.96 5.14 22.40
C ALA A 43 0.80 4.00 21.34
N GLN A 44 1.88 3.37 20.94
CA GLN A 44 1.91 2.32 19.89
C GLN A 44 1.10 1.11 20.41
N ARG A 45 1.22 0.86 21.77
CA ARG A 45 0.49 -0.28 22.34
C ARG A 45 -0.98 0.12 22.48
N VAL A 46 -1.31 1.43 22.66
CA VAL A 46 -2.74 1.78 22.74
C VAL A 46 -3.40 1.77 21.36
N PHE A 47 -2.64 2.21 20.35
CA PHE A 47 -3.12 2.13 18.95
C PHE A 47 -3.36 0.66 18.58
N ALA A 48 -2.50 -0.28 19.02
CA ALA A 48 -2.67 -1.70 18.69
C ALA A 48 -3.94 -2.17 19.44
N GLY A 49 -4.12 -1.64 20.66
CA GLY A 49 -5.30 -1.99 21.41
C GLY A 49 -6.61 -1.57 20.73
N VAL A 50 -6.57 -0.42 20.03
CA VAL A 50 -7.70 0.04 19.28
C VAL A 50 -7.96 -0.76 18.00
N ALA A 51 -6.92 -1.10 17.25
CA ALA A 51 -7.10 -1.84 16.01
C ALA A 51 -7.69 -3.21 16.38
N LYS A 52 -7.14 -3.82 17.46
CA LYS A 52 -7.66 -5.14 17.84
C LYS A 52 -9.09 -5.03 18.37
N ALA A 53 -9.46 -4.07 19.21
CA ALA A 53 -10.83 -4.03 19.56
C ALA A 53 -11.71 -3.86 18.29
N ILE A 54 -11.36 -2.95 17.37
CA ILE A 54 -12.20 -2.80 16.15
C ILE A 54 -12.25 -4.06 15.27
N SER A 55 -11.10 -4.75 15.13
CA SER A 55 -11.01 -5.96 14.27
C SER A 55 -12.00 -7.03 14.80
N LYS A 56 -12.46 -6.98 16.05
CA LYS A 56 -13.45 -7.96 16.48
C LYS A 56 -14.87 -7.64 15.90
N PHE A 57 -14.99 -6.45 15.25
CA PHE A 57 -16.23 -5.98 14.65
C PHE A 57 -16.14 -5.90 13.13
N GLU A 58 -14.96 -5.48 12.60
CA GLU A 58 -14.87 -5.27 11.13
C GLU A 58 -13.39 -5.27 10.74
N PRO A 59 -13.09 -5.38 9.43
CA PRO A 59 -11.72 -5.35 9.00
C PRO A 59 -11.04 -4.04 9.36
N VAL A 60 -9.75 -4.14 9.65
CA VAL A 60 -8.91 -3.02 9.92
C VAL A 60 -7.65 -3.02 9.12
N THR A 61 -7.33 -1.84 8.53
CA THR A 61 -5.99 -1.71 7.97
C THR A 61 -5.28 -0.64 8.78
N VAL A 62 -4.07 -0.98 9.24
CA VAL A 62 -3.17 -0.04 9.89
C VAL A 62 -2.12 0.39 8.87
N CYS A 63 -1.95 1.72 8.70
CA CYS A 63 -0.97 2.23 7.81
C CYS A 63 0.15 2.52 8.78
N ALA A 64 1.42 2.42 8.37
CA ALA A 64 2.59 2.63 9.26
C ALA A 64 3.75 3.05 8.31
N SER A 65 4.64 3.96 8.77
CA SER A 65 5.70 4.44 7.86
C SER A 65 6.71 3.43 7.43
N PRO A 66 7.50 3.77 6.38
CA PRO A 66 8.54 2.80 5.97
C PRO A 66 9.39 2.33 7.12
N ALA A 67 9.81 3.24 8.01
CA ALA A 67 10.64 2.80 9.14
C ALA A 67 9.94 1.90 10.20
N GLN A 68 8.60 2.03 10.33
CA GLN A 68 7.86 1.21 11.32
C GLN A 68 7.07 0.03 10.80
N TRP A 69 7.22 -0.33 9.55
CA TRP A 69 6.32 -1.31 9.02
C TRP A 69 6.54 -2.68 9.70
N GLU A 70 7.77 -3.21 9.70
CA GLU A 70 7.91 -4.55 10.30
C GLU A 70 7.52 -4.58 11.75
N ASN A 71 7.77 -3.53 12.54
CA ASN A 71 7.35 -3.57 14.00
C ASN A 71 5.81 -3.59 14.11
N ALA A 72 5.13 -2.81 13.32
CA ALA A 72 3.66 -2.81 13.36
C ALA A 72 3.10 -4.16 12.94
N ARG A 73 3.68 -4.74 11.88
CA ARG A 73 3.21 -6.01 11.43
C ARG A 73 3.47 -7.14 12.48
N LYS A 74 4.54 -6.94 13.25
CA LYS A 74 4.94 -7.95 14.28
C LYS A 74 4.02 -7.77 15.44
N GLN A 75 3.65 -6.55 15.77
CA GLN A 75 2.75 -6.23 16.94
C GLN A 75 1.32 -6.62 16.69
N LEU A 76 0.83 -6.55 15.47
CA LEU A 76 -0.60 -6.76 15.24
C LEU A 76 -0.95 -8.16 14.72
N PRO A 77 -1.99 -8.73 15.27
CA PRO A 77 -2.47 -10.06 14.79
C PRO A 77 -2.62 -9.98 13.22
N GLU A 78 -2.34 -11.09 12.49
CA GLU A 78 -2.36 -11.05 10.98
C GLU A 78 -3.68 -10.77 10.29
N ASP A 79 -4.82 -10.84 11.01
CA ASP A 79 -6.10 -10.56 10.31
C ASP A 79 -6.21 -9.07 10.05
N ILE A 80 -5.53 -8.32 10.86
CA ILE A 80 -5.48 -6.85 10.63
C ILE A 80 -4.47 -6.71 9.52
N ARG A 81 -4.89 -6.07 8.45
CA ARG A 81 -3.97 -5.81 7.34
C ARG A 81 -3.07 -4.66 7.79
N VAL A 82 -1.77 -4.70 7.48
CA VAL A 82 -0.75 -3.65 7.75
C VAL A 82 -0.19 -3.26 6.37
N VAL A 83 -0.25 -1.94 6.10
CA VAL A 83 0.21 -1.35 4.81
C VAL A 83 1.25 -0.25 5.07
N GLU A 84 2.21 -0.06 4.18
CA GLU A 84 3.28 0.96 4.29
C GLU A 84 2.82 2.27 3.69
N MSE A 85 3.01 3.36 4.47
CA MSE A 85 2.61 4.67 3.96
C MSE A 85 3.36 5.72 4.76
O MSE A 85 3.38 5.68 5.97
CB MSE A 85 1.14 4.86 4.24
CG MSE A 85 0.64 6.23 3.64
SE MSE A 85 -1.25 6.34 3.53
CE MSE A 85 -1.54 4.56 2.54
N SER A 86 3.97 6.67 4.06
CA SER A 86 4.62 7.81 4.79
C SER A 86 3.58 8.77 5.40
N MSE A 87 3.94 9.38 6.55
CA MSE A 87 3.06 10.33 7.17
C MSE A 87 3.92 11.14 8.15
O MSE A 87 4.90 10.58 8.74
CB MSE A 87 1.86 9.68 7.91
CG MSE A 87 2.28 8.63 8.99
SE MSE A 87 0.77 7.43 9.52
CE MSE A 87 0.37 6.61 7.56
N ASN A 88 3.59 12.45 8.22
CA ASN A 88 4.26 13.26 9.28
C ASN A 88 3.73 12.93 10.64
N ASP A 89 2.45 12.54 10.79
CA ASP A 89 1.95 11.99 12.07
C ASP A 89 0.72 11.19 11.63
N SER A 90 0.04 10.52 12.57
CA SER A 90 -0.94 9.48 12.20
C SER A 90 -2.30 9.75 12.82
N TRP A 91 -2.86 10.91 12.47
CA TRP A 91 -4.23 11.27 13.07
C TRP A 91 -5.22 11.21 11.90
N PHE A 92 -5.75 10.00 11.69
CA PHE A 92 -6.49 9.67 10.51
C PHE A 92 -7.91 10.28 10.44
N ARG A 93 -8.39 10.81 11.54
CA ARG A 93 -9.77 11.40 11.52
C ARG A 93 -9.75 12.74 10.82
N ASP A 94 -8.53 13.27 10.80
CA ASP A 94 -8.34 14.57 10.22
C ASP A 94 -7.54 14.66 8.93
N SER A 95 -6.46 13.88 8.77
CA SER A 95 -5.70 14.01 7.58
C SER A 95 -6.21 13.07 6.54
N GLY A 96 -7.01 12.01 6.88
CA GLY A 96 -7.46 11.05 5.87
C GLY A 96 -8.60 11.42 4.98
N PRO A 97 -8.99 10.46 4.07
CA PRO A 97 -10.08 10.90 3.24
C PRO A 97 -11.47 10.61 3.98
N THR A 98 -12.42 11.56 3.84
CA THR A 98 -13.81 11.33 4.37
C THR A 98 -14.47 10.57 3.14
N PHE A 99 -14.75 9.25 3.32
CA PHE A 99 -15.42 8.56 2.17
C PHE A 99 -16.93 8.91 2.12
N ILE A 100 -17.53 8.80 0.92
CA ILE A 100 -18.94 9.14 0.69
C ILE A 100 -19.56 8.05 -0.20
N VAL A 101 -20.89 7.90 -0.13
CA VAL A 101 -21.63 6.84 -0.91
C VAL A 101 -22.76 7.39 -1.72
N ARG A 102 -23.25 6.54 -2.64
CA ARG A 102 -24.47 6.90 -3.41
C ARG A 102 -25.20 5.64 -3.72
N LYS A 103 -26.45 5.82 -4.18
CA LYS A 103 -27.28 4.72 -4.60
C LYS A 103 -26.99 4.32 -6.06
N ARG A 104 -26.55 5.27 -6.92
CA ARG A 104 -26.36 4.83 -8.32
C ARG A 104 -25.78 5.80 -9.33
N ASN A 112 -17.65 2.76 -12.88
CA ASN A 112 -17.84 3.61 -11.70
C ASN A 112 -18.09 2.86 -10.35
N ARG A 113 -18.03 3.60 -9.24
CA ARG A 113 -18.44 3.06 -7.96
C ARG A 113 -19.50 3.92 -7.22
N ASN A 114 -20.23 3.34 -6.26
CA ASN A 114 -21.28 4.11 -5.53
C ASN A 114 -20.58 4.62 -4.22
N ILE A 115 -19.33 5.04 -4.41
CA ILE A 115 -18.49 5.55 -3.29
C ILE A 115 -17.28 6.35 -3.82
N ALA A 116 -16.98 7.43 -3.10
CA ALA A 116 -15.87 8.24 -3.41
C ALA A 116 -15.15 8.85 -2.15
N GLY A 117 -13.88 9.18 -2.37
CA GLY A 117 -13.14 9.81 -1.24
C GLY A 117 -12.90 11.31 -1.41
N ILE A 118 -13.22 12.07 -0.37
CA ILE A 118 -12.85 13.48 -0.43
C ILE A 118 -11.43 13.79 0.13
N ASP A 119 -10.77 14.67 -0.58
CA ASP A 119 -9.42 15.04 -0.13
C ASP A 119 -9.49 16.51 0.29
N TRP A 120 -9.65 16.77 1.57
CA TRP A 120 -9.71 18.16 1.96
C TRP A 120 -8.32 18.80 2.05
N ASN A 121 -8.22 20.17 1.98
CA ASN A 121 -6.92 20.76 2.22
C ASN A 121 -6.57 20.55 3.72
N PHE A 122 -5.31 20.71 4.04
CA PHE A 122 -4.83 20.44 5.35
C PHE A 122 -3.61 21.34 5.70
N ASN A 123 -3.65 21.80 6.96
CA ASN A 123 -2.43 22.59 7.39
C ASN A 123 -1.89 22.32 8.76
N ALA A 124 -2.06 21.04 9.20
CA ALA A 124 -1.59 20.66 10.55
C ALA A 124 -2.23 21.61 11.60
N TRP A 125 -3.53 21.76 11.44
CA TRP A 125 -4.42 22.44 12.41
C TRP A 125 -4.04 23.87 12.72
N GLY A 126 -3.78 24.56 11.63
CA GLY A 126 -3.53 25.97 11.87
C GLY A 126 -2.41 26.57 11.03
N GLY A 127 -1.60 25.77 10.30
CA GLY A 127 -0.65 26.42 9.41
C GLY A 127 0.68 26.70 9.97
N ALA A 128 1.47 27.41 9.15
CA ALA A 128 2.87 27.69 9.51
C ALA A 128 2.86 28.50 10.74
N ASN A 129 1.80 29.33 10.94
CA ASN A 129 1.75 30.15 12.18
C ASN A 129 0.89 29.68 13.37
N ASP A 130 -0.03 28.73 13.20
CA ASP A 130 -0.86 28.39 14.39
C ASP A 130 -1.20 26.90 14.33
N GLY A 131 -0.34 26.15 13.64
CA GLY A 131 -0.53 24.68 13.45
C GLY A 131 0.30 23.89 14.47
N CYS A 132 0.26 22.56 14.36
CA CYS A 132 0.93 21.70 15.33
C CYS A 132 2.34 21.29 14.87
N TYR A 133 2.64 21.38 13.57
CA TYR A 133 4.01 21.12 13.08
C TYR A 133 4.18 21.82 11.74
N ASN A 134 5.44 22.11 11.39
CA ASN A 134 5.64 22.90 10.22
C ASN A 134 5.96 22.09 8.97
N ASP A 135 5.62 20.79 8.92
CA ASP A 135 5.92 20.03 7.71
C ASP A 135 4.81 18.97 7.65
N TRP A 136 3.86 19.25 6.78
CA TRP A 136 2.70 18.31 6.59
C TRP A 136 2.80 17.73 5.19
N SER A 137 4.03 17.68 4.64
CA SER A 137 4.28 17.13 3.28
C SER A 137 3.60 15.81 2.99
N HIS A 138 3.96 14.81 3.79
CA HIS A 138 3.41 13.44 3.59
C HIS A 138 1.91 13.42 3.98
N ASP A 139 1.51 14.20 5.00
CA ASP A 139 0.09 14.14 5.38
C ASP A 139 -0.78 14.57 4.22
N LEU A 140 -0.26 15.50 3.40
CA LEU A 140 -1.02 15.97 2.25
C LEU A 140 -1.40 14.86 1.27
N LEU A 141 -0.60 13.77 1.17
CA LEU A 141 -0.84 12.67 0.22
C LEU A 141 -1.63 11.44 0.83
N VAL A 142 -1.92 11.48 2.14
CA VAL A 142 -2.56 10.27 2.80
C VAL A 142 -3.96 9.98 2.20
N SER A 143 -4.82 11.00 2.06
CA SER A 143 -6.16 10.71 1.57
C SER A 143 -6.08 10.07 0.17
N ARG A 144 -5.32 10.73 -0.71
CA ARG A 144 -5.12 10.21 -2.05
C ARG A 144 -4.40 8.90 -2.09
N LYS A 145 -3.46 8.71 -1.18
CA LYS A 145 -2.76 7.44 -1.11
C LYS A 145 -3.73 6.34 -0.73
N ILE A 146 -4.58 6.58 0.30
CA ILE A 146 -5.62 5.57 0.65
C ILE A 146 -6.63 5.13 -0.52
N LEU A 147 -7.30 6.14 -1.09
CA LEU A 147 -8.30 5.86 -2.15
C LEU A 147 -7.55 5.11 -3.31
N ALA A 148 -6.30 5.44 -3.59
CA ALA A 148 -5.58 4.71 -4.62
C ALA A 148 -5.56 3.19 -4.31
N LEU A 149 -5.21 2.91 -3.06
CA LEU A 149 -5.15 1.57 -2.58
C LEU A 149 -6.49 0.86 -2.84
N GLU A 150 -7.60 1.56 -2.53
CA GLU A 150 -8.89 0.97 -2.69
C GLU A 150 -9.49 1.16 -4.08
N ARG A 151 -8.74 1.91 -4.94
CA ARG A 151 -9.18 2.30 -6.40
C ARG A 151 -10.55 2.95 -6.29
N ILE A 152 -10.66 3.83 -5.26
CA ILE A 152 -11.89 4.58 -5.03
C ILE A 152 -11.74 5.97 -5.62
N PRO A 153 -12.75 6.42 -6.37
CA PRO A 153 -12.59 7.73 -6.99
C PRO A 153 -12.42 8.80 -5.93
N ARG A 154 -11.67 9.83 -6.34
CA ARG A 154 -11.31 10.90 -5.42
C ARG A 154 -11.92 12.25 -5.86
N PHE A 155 -12.51 12.99 -4.90
CA PHE A 155 -12.94 14.40 -5.18
C PHE A 155 -12.05 15.24 -4.37
N GLN A 156 -11.16 16.01 -5.01
CA GLN A 156 -10.25 16.87 -4.28
C GLN A 156 -10.93 18.21 -3.95
N HIS A 157 -10.63 18.80 -2.77
CA HIS A 157 -11.17 20.10 -2.44
C HIS A 157 -10.06 21.07 -2.02
N SER A 158 -10.16 22.39 -2.35
CA SER A 158 -9.12 23.26 -1.91
C SER A 158 -9.43 23.86 -0.52
N MSE A 159 -10.63 23.76 0.07
CA MSE A 159 -10.83 24.36 1.46
C MSE A 159 -10.03 23.47 2.47
O MSE A 159 -9.85 22.28 2.21
CB MSE A 159 -12.31 24.41 1.92
CG MSE A 159 -12.98 23.13 2.48
SE MSE A 159 -14.99 23.37 2.92
CE MSE A 159 -14.76 24.74 4.25
N ILE A 160 -9.43 24.11 3.44
CA ILE A 160 -8.70 23.32 4.45
C ILE A 160 -9.72 22.78 5.39
N LEU A 161 -9.59 21.46 5.69
CA LEU A 161 -10.55 20.94 6.60
C LEU A 161 -9.91 19.55 7.01
N GLU A 162 -10.34 19.11 8.16
CA GLU A 162 -10.02 17.77 8.69
C GLU A 162 -11.36 17.08 8.93
N GLY A 163 -11.43 15.74 8.68
CA GLY A 163 -12.74 15.04 8.97
C GLY A 163 -13.33 15.10 10.38
N GLY A 164 -12.49 15.34 11.39
CA GLY A 164 -12.94 15.43 12.80
C GLY A 164 -13.66 16.76 13.02
N SER A 165 -13.64 17.64 12.01
CA SER A 165 -14.39 18.94 12.17
C SER A 165 -15.85 18.94 11.95
N ILE A 166 -16.33 17.84 11.33
CA ILE A 166 -17.76 17.74 11.03
C ILE A 166 -18.29 16.44 11.61
N HIS A 167 -19.53 16.49 12.06
CA HIS A 167 -20.23 15.24 12.47
C HIS A 167 -21.61 15.26 11.73
N VAL A 168 -21.89 14.23 10.93
CA VAL A 168 -23.18 14.16 10.21
C VAL A 168 -24.01 13.13 10.80
N ASP A 169 -25.37 13.32 10.76
CA ASP A 169 -26.29 12.26 11.31
C ASP A 169 -26.93 11.37 10.17
N GLY A 170 -26.38 11.39 8.94
CA GLY A 170 -26.84 10.58 7.79
C GLY A 170 -28.22 10.99 7.17
N GLU A 171 -28.92 11.85 7.95
CA GLU A 171 -30.24 12.31 7.66
C GLU A 171 -30.27 13.81 7.31
N GLY A 172 -29.26 14.32 6.61
CA GLY A 172 -29.26 15.71 6.18
C GLY A 172 -28.61 16.75 7.00
N THR A 173 -28.27 16.46 8.27
CA THR A 173 -27.70 17.55 9.11
C THR A 173 -26.15 17.35 9.36
N CYS A 174 -25.60 18.50 9.76
CA CYS A 174 -24.16 18.60 10.07
C CYS A 174 -24.03 19.30 11.40
N LEU A 175 -23.03 18.91 12.18
CA LEU A 175 -22.85 19.43 13.53
C LEU A 175 -21.37 19.79 13.62
N VAL A 176 -21.03 21.11 13.62
CA VAL A 176 -19.67 21.67 13.66
C VAL A 176 -19.45 22.70 14.79
N THR A 177 -18.21 23.19 14.92
CA THR A 177 -17.93 24.34 15.90
C THR A 177 -17.43 25.59 15.12
N GLU A 178 -17.77 26.75 15.66
CA GLU A 178 -17.26 28.00 15.04
C GLU A 178 -15.78 28.18 15.37
N GLU A 179 -15.40 27.76 16.57
CA GLU A 179 -14.04 27.88 17.01
C GLU A 179 -13.00 27.26 16.08
N CYS A 180 -13.40 26.17 15.40
CA CYS A 180 -12.47 25.59 14.53
C CYS A 180 -12.75 26.07 13.03
N LEU A 181 -13.96 25.94 12.47
CA LEU A 181 -14.04 26.20 11.01
C LEU A 181 -13.98 27.69 10.67
N LEU A 182 -14.44 28.52 11.61
CA LEU A 182 -14.42 29.99 11.30
C LEU A 182 -13.19 30.56 11.79
N ASN A 183 -12.16 29.74 11.99
CA ASN A 183 -10.86 30.30 12.48
C ASN A 183 -9.98 30.90 11.33
N LYS A 184 -9.31 32.04 11.64
CA LYS A 184 -8.48 32.60 10.58
C LYS A 184 -7.33 31.76 10.11
N ASN A 185 -7.01 30.67 10.88
CA ASN A 185 -5.91 29.79 10.51
C ASN A 185 -6.33 28.62 9.56
N ARG A 186 -7.59 28.59 9.08
CA ARG A 186 -8.13 27.48 8.21
C ARG A 186 -8.32 28.10 6.81
N ASN A 187 -9.51 28.66 6.52
CA ASN A 187 -9.84 29.22 5.17
C ASN A 187 -10.27 30.75 5.37
N PRO A 188 -9.29 31.59 5.66
CA PRO A 188 -9.60 33.01 5.90
C PRO A 188 -10.30 33.68 4.75
N HIS A 189 -10.20 33.12 3.56
CA HIS A 189 -10.90 33.84 2.47
C HIS A 189 -12.26 33.28 2.13
N MSE A 190 -12.84 32.50 3.06
CA MSE A 190 -14.18 32.02 2.80
C MSE A 190 -15.21 32.46 3.81
O MSE A 190 -14.88 32.56 4.95
CB MSE A 190 -14.16 30.44 2.82
CG MSE A 190 -13.46 29.87 1.59
SE MSE A 190 -13.94 27.90 1.65
CE MSE A 190 -15.73 27.91 0.87
N SER A 191 -16.47 32.69 3.42
CA SER A 191 -17.48 33.05 4.37
C SER A 191 -18.20 31.85 5.11
N LYS A 192 -18.74 32.12 6.29
CA LYS A 192 -19.52 31.08 6.93
C LYS A 192 -20.54 30.51 5.96
N GLU A 193 -21.33 31.39 5.30
CA GLU A 193 -22.37 30.98 4.41
C GLU A 193 -21.77 30.13 3.29
N GLN A 194 -20.56 30.49 2.82
CA GLN A 194 -19.88 29.74 1.72
C GLN A 194 -19.43 28.37 2.15
N ILE A 195 -18.86 28.34 3.33
CA ILE A 195 -18.44 27.04 3.95
C ILE A 195 -19.64 26.08 3.92
N GLU A 196 -20.84 26.52 4.34
CA GLU A 196 -22.07 25.70 4.31
C GLU A 196 -22.34 25.22 2.88
N GLU A 197 -22.24 26.15 1.90
CA GLU A 197 -22.44 25.72 0.51
C GLU A 197 -21.39 24.63 0.04
N GLU A 198 -20.17 24.72 0.51
CA GLU A 198 -19.22 23.67 0.16
C GLU A 198 -19.56 22.38 0.87
N LEU A 199 -19.98 22.45 2.14
CA LEU A 199 -20.35 21.22 2.84
C LEU A 199 -21.68 20.66 2.33
N LYS A 200 -22.65 21.55 1.94
CA LYS A 200 -23.83 20.99 1.38
C LYS A 200 -23.48 20.20 0.10
N LYS A 201 -22.66 20.79 -0.77
CA LYS A 201 -22.32 20.10 -2.02
C LYS A 201 -21.57 18.78 -1.87
N TYR A 202 -20.64 18.77 -0.89
CA TYR A 202 -19.77 17.59 -0.79
C TYR A 202 -20.25 16.52 0.25
N LEU A 203 -21.01 16.89 1.26
CA LEU A 203 -21.46 15.88 2.26
C LEU A 203 -22.96 15.57 2.09
N GLY A 204 -23.58 16.29 1.13
CA GLY A 204 -25.04 16.03 1.03
C GLY A 204 -25.88 16.53 2.18
N VAL A 205 -25.48 17.59 2.87
CA VAL A 205 -26.31 18.05 3.97
C VAL A 205 -27.12 19.29 3.65
N GLN A 206 -28.09 19.55 4.50
CA GLN A 206 -29.02 20.75 4.33
C GLN A 206 -28.90 21.83 5.41
N SER A 207 -28.87 21.42 6.70
CA SER A 207 -28.73 22.45 7.70
C SER A 207 -27.54 22.13 8.60
N PHE A 208 -27.21 23.16 9.33
CA PHE A 208 -26.01 23.12 10.12
C PHE A 208 -26.28 23.53 11.52
N ILE A 209 -25.86 22.66 12.46
CA ILE A 209 -25.94 23.10 13.87
C ILE A 209 -24.53 23.58 14.25
N TRP A 210 -24.40 24.87 14.69
CA TRP A 210 -23.09 25.52 15.01
C TRP A 210 -22.88 25.72 16.50
N LEU A 211 -21.96 24.95 17.13
CA LEU A 211 -21.67 25.28 18.54
C LEU A 211 -20.56 26.32 18.33
N PRO A 212 -20.46 27.34 19.21
CA PRO A 212 -19.41 28.34 18.99
C PRO A 212 -17.99 27.79 19.19
N ARG A 213 -17.88 26.97 20.24
CA ARG A 213 -16.58 26.45 20.69
C ARG A 213 -16.53 24.94 20.89
N GLY A 214 -15.35 24.36 20.64
CA GLY A 214 -15.12 22.95 20.96
C GLY A 214 -14.80 22.80 22.47
N LEU A 215 -14.13 21.66 22.85
CA LEU A 215 -13.82 21.34 24.25
C LEU A 215 -12.72 22.27 24.82
N TYR A 216 -12.91 22.68 26.08
CA TYR A 216 -11.78 23.40 26.71
C TYR A 216 -10.57 22.45 26.79
N GLY A 217 -9.41 22.99 26.38
CA GLY A 217 -8.20 22.21 26.41
C GLY A 217 -7.74 21.89 24.98
N ASP A 218 -8.64 22.08 23.99
CA ASP A 218 -8.37 21.81 22.57
C ASP A 218 -8.00 23.02 21.76
N GLU A 219 -7.25 23.98 22.41
CA GLU A 219 -6.88 25.18 21.66
C GLU A 219 -5.87 24.92 20.54
N ASP A 220 -4.98 23.91 20.68
CA ASP A 220 -3.94 23.69 19.63
C ASP A 220 -4.56 23.30 18.27
N THR A 221 -5.62 22.48 18.26
CA THR A 221 -6.35 22.12 17.07
C THR A 221 -7.66 22.93 16.84
N ASN A 222 -7.93 23.87 17.77
CA ASN A 222 -9.07 24.78 17.72
C ASN A 222 -10.48 24.22 17.92
N GLY A 223 -10.57 23.26 18.86
CA GLY A 223 -11.87 22.79 19.41
C GLY A 223 -12.88 22.01 18.54
N HIS A 224 -12.32 21.01 17.85
CA HIS A 224 -13.14 20.10 17.02
C HIS A 224 -14.41 19.69 17.72
N ILE A 225 -15.47 19.73 16.98
CA ILE A 225 -16.78 19.27 17.49
C ILE A 225 -16.76 17.86 18.15
N ASP A 226 -15.80 17.02 17.70
CA ASP A 226 -15.64 15.52 18.01
C ASP A 226 -15.17 15.28 19.36
N ASN A 227 -14.60 16.33 19.91
CA ASN A 227 -14.19 16.16 21.32
C ASN A 227 -15.26 16.83 22.22
N MSE A 228 -16.30 17.35 21.59
CA MSE A 228 -17.30 18.11 22.32
C MSE A 228 -18.71 17.51 22.29
O MSE A 228 -19.41 17.53 23.34
CB MSE A 228 -17.30 19.59 21.86
CG MSE A 228 -18.44 20.55 22.35
SE MSE A 228 -18.20 20.65 24.33
CE MSE A 228 -18.74 22.44 24.43
N CYS A 229 -19.14 17.03 21.13
CA CYS A 229 -20.46 16.48 20.97
C CYS A 229 -20.50 15.75 19.60
N CYS A 230 -21.31 14.71 19.60
CA CYS A 230 -21.49 13.95 18.35
C CYS A 230 -22.85 13.37 18.44
N PHE A 231 -23.19 12.61 17.39
CA PHE A 231 -24.58 12.02 17.37
C PHE A 231 -24.57 10.65 18.08
N ALA A 232 -25.66 10.42 18.83
CA ALA A 232 -25.99 9.11 19.41
C ALA A 232 -26.88 8.30 18.36
N ARG A 233 -27.63 9.08 17.56
CA ARG A 233 -28.57 8.63 16.48
C ARG A 233 -29.13 9.88 15.79
N PRO A 234 -29.97 9.71 14.77
CA PRO A 234 -30.44 10.98 14.16
C PRO A 234 -31.36 11.80 15.12
N GLY A 235 -31.12 13.10 15.19
CA GLY A 235 -31.90 13.89 16.14
C GLY A 235 -31.38 13.78 17.58
N VAL A 236 -30.28 13.03 17.85
CA VAL A 236 -29.85 12.87 19.27
C VAL A 236 -28.33 13.01 19.35
N VAL A 237 -27.89 13.89 20.26
CA VAL A 237 -26.45 14.12 20.49
C VAL A 237 -26.03 13.75 21.95
N LEU A 238 -24.72 13.49 22.02
CA LEU A 238 -24.03 13.27 23.30
C LEU A 238 -23.12 14.50 23.46
N LEU A 239 -23.21 15.13 24.64
CA LEU A 239 -22.52 16.37 24.89
C LEU A 239 -21.56 16.28 26.06
N SER A 240 -20.34 16.74 25.83
CA SER A 240 -19.30 16.80 26.90
C SER A 240 -19.84 17.65 28.04
N TRP A 241 -19.80 17.12 29.27
CA TRP A 241 -20.49 17.91 30.32
C TRP A 241 -19.72 17.85 31.60
N THR A 242 -20.07 18.83 32.45
CA THR A 242 -19.60 18.90 33.85
C THR A 242 -20.57 19.68 34.68
N ASP A 243 -20.75 19.20 35.95
CA ASP A 243 -21.58 20.02 36.94
C ASP A 243 -20.67 20.97 37.77
N ASP A 244 -19.34 20.88 37.68
CA ASP A 244 -18.47 21.70 38.49
C ASP A 244 -18.33 23.12 37.77
N GLU A 245 -18.99 24.18 38.31
CA GLU A 245 -18.81 25.52 37.72
C GLU A 245 -17.46 26.18 37.94
N THR A 246 -16.53 25.52 38.63
CA THR A 246 -15.21 26.11 38.76
C THR A 246 -14.32 25.57 37.63
N ASP A 247 -14.94 24.67 36.83
CA ASP A 247 -14.12 24.10 35.74
C ASP A 247 -14.39 24.97 34.51
N PRO A 248 -13.33 25.42 33.81
CA PRO A 248 -13.50 26.23 32.61
C PRO A 248 -14.34 25.47 31.58
N GLN A 249 -14.41 24.14 31.74
CA GLN A 249 -15.29 23.50 30.75
C GLN A 249 -16.75 23.85 30.86
N TYR A 250 -17.22 24.10 32.09
CA TYR A 250 -18.62 24.29 32.33
C TYR A 250 -19.32 25.32 31.48
N GLU A 251 -18.74 26.54 31.31
CA GLU A 251 -19.42 27.57 30.54
C GLU A 251 -19.49 27.13 29.06
N ARG A 252 -18.58 26.20 28.61
CA ARG A 252 -18.64 25.78 27.16
C ARG A 252 -19.78 24.83 27.01
N SER A 253 -19.92 23.93 27.97
CA SER A 253 -20.99 22.96 27.91
C SER A 253 -22.35 23.67 28.01
N VAL A 254 -22.46 24.60 28.98
CA VAL A 254 -23.75 25.30 29.12
C VAL A 254 -24.21 26.05 27.81
N GLU A 255 -23.28 26.75 27.14
CA GLU A 255 -23.60 27.46 25.92
C GLU A 255 -24.00 26.47 24.80
N ALA A 256 -23.31 25.30 24.78
CA ALA A 256 -23.67 24.34 23.76
C ALA A 256 -25.05 23.78 23.93
N LEU A 257 -25.41 23.47 25.15
CA LEU A 257 -26.71 22.91 25.47
C LEU A 257 -27.77 23.93 25.05
N SER A 258 -27.47 25.23 25.23
CA SER A 258 -28.47 26.24 24.82
C SER A 258 -28.63 26.29 23.26
N VAL A 259 -27.54 26.30 22.50
CA VAL A 259 -27.63 26.25 21.03
C VAL A 259 -28.37 25.01 20.55
N LEU A 260 -27.90 23.84 21.01
CA LEU A 260 -28.56 22.54 20.68
C LEU A 260 -30.09 22.58 21.07
N SER A 261 -30.46 23.13 22.25
CA SER A 261 -31.85 23.20 22.72
C SER A 261 -32.79 24.00 21.85
N ASN A 262 -32.20 24.83 21.06
CA ASN A 262 -32.92 25.65 20.13
C ASN A 262 -32.70 25.16 18.75
N SER A 263 -32.15 23.95 18.61
CA SER A 263 -31.92 23.40 17.27
C SER A 263 -32.96 22.32 16.87
N ILE A 264 -33.35 22.37 15.62
CA ILE A 264 -34.27 21.47 14.92
C ILE A 264 -33.43 20.96 13.74
N ASP A 265 -33.33 19.60 13.69
CA ASP A 265 -32.49 18.93 12.69
C ASP A 265 -33.16 18.97 11.33
N ALA A 266 -32.49 18.52 10.29
CA ALA A 266 -33.03 18.67 8.88
C ALA A 266 -34.34 17.94 8.61
N ARG A 267 -34.60 16.87 9.33
CA ARG A 267 -35.90 16.20 9.07
C ARG A 267 -36.98 16.95 9.86
N GLY A 268 -36.62 17.99 10.63
CA GLY A 268 -37.67 18.67 11.39
C GLY A 268 -37.75 18.28 12.87
N ARG A 269 -36.79 17.47 13.39
CA ARG A 269 -36.87 17.13 14.79
C ARG A 269 -36.14 18.14 15.66
N LYS A 270 -36.68 18.45 16.84
CA LYS A 270 -35.90 19.27 17.83
C LYS A 270 -34.83 18.29 18.44
N ILE A 271 -33.58 18.74 18.48
CA ILE A 271 -32.47 17.86 18.99
C ILE A 271 -32.65 17.50 20.45
N GLN A 272 -32.34 16.24 20.74
CA GLN A 272 -32.30 15.76 22.15
C GLN A 272 -30.83 15.67 22.55
N VAL A 273 -30.53 15.91 23.83
CA VAL A 273 -29.15 15.88 24.34
C VAL A 273 -28.96 14.90 25.48
N ILE A 274 -27.87 14.12 25.31
CA ILE A 274 -27.45 13.18 26.41
C ILE A 274 -26.11 13.74 26.94
N LYS A 275 -26.03 13.85 28.28
CA LYS A 275 -24.83 14.41 28.92
C LYS A 275 -23.89 13.25 29.14
N LEU A 276 -22.66 13.41 28.60
CA LEU A 276 -21.59 12.43 28.75
C LEU A 276 -20.59 13.21 29.67
N TYR A 277 -20.42 12.75 30.92
CA TYR A 277 -19.65 13.59 31.86
C TYR A 277 -18.18 13.36 31.64
N ILE A 278 -17.39 14.45 31.44
CA ILE A 278 -15.93 14.35 31.28
C ILE A 278 -15.17 13.79 32.52
N PRO A 279 -13.86 13.46 32.39
CA PRO A 279 -13.26 12.99 33.63
C PRO A 279 -12.97 14.25 34.50
N GLU A 280 -12.82 13.99 35.78
CA GLU A 280 -12.30 15.10 36.60
C GLU A 280 -10.96 15.54 35.88
N PRO A 281 -10.65 16.86 35.88
CA PRO A 281 -9.51 17.51 35.25
C PRO A 281 -8.29 16.69 35.53
N LEU A 282 -7.64 16.38 34.41
CA LEU A 282 -6.36 15.62 34.20
C LEU A 282 -5.38 16.61 33.62
N TYR A 283 -4.11 16.47 34.06
CA TYR A 283 -3.02 17.35 33.66
C TYR A 283 -1.79 16.52 33.39
N MSE A 284 -1.02 16.90 32.38
CA MSE A 284 0.24 16.23 31.95
C MSE A 284 1.19 16.35 33.18
O MSE A 284 1.39 17.42 33.77
CB MSE A 284 0.88 16.96 30.72
CG MSE A 284 2.22 16.32 30.26
SE MSE A 284 2.68 17.09 28.49
CE MSE A 284 1.81 15.64 27.34
N THR A 285 1.74 15.17 33.51
CA THR A 285 2.73 15.14 34.62
C THR A 285 4.12 15.65 34.12
N GLU A 286 4.89 16.30 35.03
CA GLU A 286 6.21 16.64 34.63
C GLU A 286 6.86 15.30 34.17
N GLU A 287 6.56 14.10 34.69
CA GLU A 287 7.22 12.93 34.05
C GLU A 287 6.82 12.61 32.55
N GLU A 288 5.58 12.90 32.21
CA GLU A 288 5.15 12.64 30.79
C GLU A 288 5.92 13.50 29.77
N SER A 289 6.05 14.78 30.15
CA SER A 289 6.73 15.76 29.28
C SER A 289 8.23 15.50 29.04
N SER A 290 8.90 14.93 30.05
CA SER A 290 10.35 14.74 29.94
C SER A 290 10.70 13.75 28.86
N GLY A 291 9.70 12.89 28.50
CA GLY A 291 9.97 11.81 27.53
C GLY A 291 9.72 12.25 26.10
N ILE A 292 9.42 13.53 25.95
CA ILE A 292 9.10 14.13 24.63
C ILE A 292 10.18 15.10 24.22
N THR A 293 10.85 14.74 23.11
CA THR A 293 11.91 15.55 22.53
C THR A 293 11.48 16.98 22.28
N GLN A 294 12.34 17.95 22.54
CA GLN A 294 11.92 19.31 22.23
C GLN A 294 12.76 19.81 21.06
N ASP A 295 12.15 19.81 19.87
CA ASP A 295 12.82 20.28 18.65
C ASP A 295 12.24 21.56 18.01
N GLY A 296 11.04 21.93 18.39
CA GLY A 296 10.41 23.08 17.79
C GLY A 296 9.68 22.73 16.47
N GLU A 297 10.07 21.65 15.77
CA GLU A 297 9.30 21.35 14.55
C GLU A 297 7.88 20.99 14.96
N ALA A 298 7.66 20.85 16.26
CA ALA A 298 6.31 20.52 16.81
C ALA A 298 6.08 21.45 18.04
N ILE A 299 4.84 21.52 18.46
CA ILE A 299 4.49 22.40 19.62
C ILE A 299 4.84 21.79 20.96
N PRO A 300 4.87 22.65 21.99
CA PRO A 300 5.21 22.18 23.33
C PRO A 300 4.24 21.17 23.96
N ARG A 301 4.81 20.21 24.74
CA ARG A 301 3.98 19.25 25.48
C ARG A 301 4.55 19.49 26.86
N LEU A 302 3.85 20.39 27.62
CA LEU A 302 4.47 20.82 28.89
C LEU A 302 3.75 20.27 30.11
N ALA A 303 4.52 20.09 31.18
CA ALA A 303 3.95 19.70 32.45
C ALA A 303 2.87 20.67 33.00
N GLY A 304 1.78 20.08 33.44
CA GLY A 304 0.66 20.85 34.02
C GLY A 304 -0.50 21.20 33.07
N THR A 305 -0.30 20.79 31.80
CA THR A 305 -1.26 21.13 30.75
C THR A 305 -2.55 20.41 31.00
N ARG A 306 -3.66 21.12 30.89
CA ARG A 306 -4.95 20.43 30.99
C ARG A 306 -5.17 19.53 29.75
N LEU A 307 -5.43 18.23 30.02
CA LEU A 307 -5.63 17.35 28.84
C LEU A 307 -7.08 17.54 28.30
N ALA A 308 -7.20 17.40 26.98
CA ALA A 308 -8.54 17.58 26.40
C ALA A 308 -9.21 16.19 26.35
N ALA A 309 -9.67 15.79 27.50
CA ALA A 309 -10.21 14.40 27.61
C ALA A 309 -11.75 14.45 27.61
N SER A 310 -12.33 13.71 26.65
CA SER A 310 -13.79 13.62 26.67
C SER A 310 -14.16 12.23 26.16
N TYR A 311 -15.11 11.60 26.87
CA TYR A 311 -15.53 10.28 26.34
C TYR A 311 -16.28 10.45 25.02
N VAL A 312 -16.54 11.70 24.61
CA VAL A 312 -17.17 11.88 23.27
C VAL A 312 -16.27 11.41 22.18
N ASN A 313 -14.93 11.45 22.43
CA ASN A 313 -14.04 10.93 21.38
C ASN A 313 -13.84 9.42 21.25
N PHE A 314 -14.92 8.66 21.02
CA PHE A 314 -14.90 7.15 20.82
C PHE A 314 -15.20 6.97 19.28
N TYR A 315 -15.16 5.69 18.87
CA TYR A 315 -15.53 5.28 17.52
C TYR A 315 -16.77 4.37 17.43
N ILE A 316 -17.45 4.39 16.27
CA ILE A 316 -18.64 3.52 16.01
C ILE A 316 -18.19 2.55 14.93
N ALA A 317 -18.18 1.22 15.26
CA ALA A 317 -17.81 0.20 14.25
C ALA A 317 -19.07 -0.64 14.21
N ASN A 318 -19.17 -1.45 13.20
CA ASN A 318 -20.30 -2.36 12.95
C ASN A 318 -20.53 -3.25 14.14
N GLY A 319 -21.41 -2.85 15.05
CA GLY A 319 -21.69 -3.72 16.22
C GLY A 319 -20.96 -3.36 17.53
N GLY A 320 -20.13 -2.30 17.50
CA GLY A 320 -19.41 -1.95 18.71
C GLY A 320 -19.28 -0.43 18.85
N ILE A 321 -19.00 -0.01 20.07
CA ILE A 321 -18.70 1.42 20.36
C ILE A 321 -17.29 1.27 21.01
N ILE A 322 -16.26 1.94 20.46
CA ILE A 322 -14.88 1.78 21.01
C ILE A 322 -14.63 3.11 21.78
N ALA A 323 -14.74 3.05 23.12
CA ALA A 323 -14.77 4.29 23.90
C ALA A 323 -13.64 4.40 24.87
N PRO A 324 -13.09 5.60 25.10
CA PRO A 324 -11.97 5.76 26.04
C PRO A 324 -12.14 5.46 27.51
N GLN A 325 -11.05 4.99 28.11
CA GLN A 325 -10.93 5.05 29.62
C GLN A 325 -9.60 5.83 29.84
N PHE A 326 -9.72 6.95 30.60
CA PHE A 326 -8.65 7.94 30.89
C PHE A 326 -8.00 7.74 32.31
N GLY A 327 -8.45 6.80 33.13
CA GLY A 327 -7.80 6.70 34.47
C GLY A 327 -8.58 7.38 35.60
N ASP A 328 -9.79 7.98 35.36
CA ASP A 328 -10.64 8.53 36.48
C ASP A 328 -11.59 7.34 36.61
N PRO A 329 -11.44 6.51 37.64
CA PRO A 329 -12.28 5.36 37.74
C PRO A 329 -13.75 5.64 37.82
N ILE A 330 -14.12 6.75 38.45
CA ILE A 330 -15.59 7.04 38.62
C ILE A 330 -16.16 7.53 37.28
N ARG A 331 -15.47 8.49 36.64
CA ARG A 331 -16.01 8.94 35.35
C ARG A 331 -15.75 7.95 34.24
N ASP A 332 -14.70 7.14 34.39
CA ASP A 332 -14.44 6.15 33.30
C ASP A 332 -15.61 5.16 33.36
N LYS A 333 -16.08 4.79 34.61
CA LYS A 333 -17.19 3.80 34.71
C LYS A 333 -18.48 4.32 34.19
N GLU A 334 -18.87 5.51 34.63
CA GLU A 334 -20.14 6.13 34.20
C GLU A 334 -20.18 6.26 32.65
N ALA A 335 -19.02 6.60 32.07
CA ALA A 335 -19.01 6.78 30.59
C ALA A 335 -19.42 5.50 29.89
N ILE A 336 -18.86 4.34 30.35
CA ILE A 336 -19.30 3.08 29.73
C ILE A 336 -20.79 2.86 30.03
N ARG A 337 -21.25 3.20 31.24
CA ARG A 337 -22.69 3.03 31.53
C ARG A 337 -23.59 3.89 30.60
N VAL A 338 -23.25 5.17 30.41
CA VAL A 338 -24.12 5.98 29.56
C VAL A 338 -24.06 5.51 28.07
N LEU A 339 -22.87 5.24 27.61
CA LEU A 339 -22.68 4.73 26.25
C LEU A 339 -23.41 3.39 26.01
N SER A 340 -23.26 2.45 26.95
CA SER A 340 -23.96 1.18 26.74
C SER A 340 -25.48 1.46 26.77
N ASP A 341 -26.00 2.42 27.58
CA ASP A 341 -27.44 2.71 27.56
C ASP A 341 -27.92 3.42 26.31
N THR A 342 -27.02 4.29 25.78
CA THR A 342 -27.35 5.10 24.65
C THR A 342 -27.27 4.30 23.37
N PHE A 343 -26.44 3.23 23.37
CA PHE A 343 -26.25 2.32 22.15
C PHE A 343 -26.58 0.89 22.61
N PRO A 344 -27.85 0.67 22.94
CA PRO A 344 -28.20 -0.66 23.44
C PRO A 344 -28.09 -1.82 22.51
N HIS A 345 -27.84 -1.60 21.22
CA HIS A 345 -27.63 -2.67 20.24
C HIS A 345 -26.18 -2.80 19.83
N HIS A 346 -25.32 -2.11 20.58
CA HIS A 346 -23.86 -2.20 20.34
C HIS A 346 -23.09 -2.72 21.54
N SER A 347 -21.93 -3.36 21.32
CA SER A 347 -21.05 -3.77 22.42
C SER A 347 -20.09 -2.64 22.75
N VAL A 348 -20.13 -2.12 23.96
CA VAL A 348 -19.24 -1.03 24.32
C VAL A 348 -17.95 -1.57 24.92
N VAL A 349 -16.81 -1.36 24.21
CA VAL A 349 -15.50 -1.86 24.64
C VAL A 349 -14.79 -0.61 25.11
N GLY A 350 -14.20 -0.58 26.32
CA GLY A 350 -13.48 0.61 26.78
C GLY A 350 -12.01 0.31 26.58
N ILE A 351 -11.26 1.38 26.08
CA ILE A 351 -9.82 1.20 25.82
C ILE A 351 -9.04 1.73 27.01
N GLU A 352 -8.54 0.79 27.84
CA GLU A 352 -7.75 1.16 28.96
C GLU A 352 -6.57 2.00 28.45
N ASN A 353 -6.07 2.90 29.29
CA ASN A 353 -4.92 3.72 28.98
C ASN A 353 -5.13 4.55 27.77
N ALA A 354 -6.41 4.90 27.57
CA ALA A 354 -6.58 5.81 26.42
C ALA A 354 -5.91 7.18 26.72
N ARG A 355 -5.42 7.35 28.00
CA ARG A 355 -4.66 8.51 28.30
C ARG A 355 -3.46 8.71 27.41
N GLU A 356 -2.86 7.62 26.92
CA GLU A 356 -1.66 7.82 26.05
C GLU A 356 -1.88 8.51 24.69
N ILE A 357 -3.15 8.52 24.21
CA ILE A 357 -3.44 9.26 23.00
C ILE A 357 -3.68 10.72 23.34
N VAL A 358 -4.40 11.03 24.44
CA VAL A 358 -4.69 12.45 24.72
C VAL A 358 -3.45 13.22 25.20
N LEU A 359 -2.40 12.49 25.61
CA LEU A 359 -1.17 13.27 25.92
C LEU A 359 -0.60 13.94 24.63
N ALA A 360 -1.02 13.54 23.39
CA ALA A 360 -0.58 14.11 22.09
C ALA A 360 -1.66 14.71 21.22
N GLY A 361 -2.88 14.77 21.76
CA GLY A 361 -4.04 15.33 21.03
C GLY A 361 -5.48 14.92 21.52
N GLY A 362 -6.06 14.11 20.65
CA GLY A 362 -7.42 13.78 20.91
C GLY A 362 -7.50 12.37 21.49
N ASN A 363 -8.52 11.67 21.04
CA ASN A 363 -8.55 10.23 21.44
C ASN A 363 -9.01 9.28 20.36
N ILE A 364 -9.75 8.22 20.72
CA ILE A 364 -10.16 7.19 19.74
C ILE A 364 -10.71 7.67 18.39
N HIS A 365 -11.67 8.60 18.52
CA HIS A 365 -12.24 9.06 17.30
C HIS A 365 -11.18 9.84 16.40
N CYS A 366 -10.14 10.43 16.97
CA CYS A 366 -9.22 11.14 16.11
C CYS A 366 -8.25 10.25 15.36
N ILE A 367 -8.07 8.98 15.85
CA ILE A 367 -7.11 8.09 15.19
C ILE A 367 -7.77 7.10 14.22
N THR A 368 -9.09 7.26 14.03
CA THR A 368 -9.82 6.35 13.16
C THR A 368 -10.45 7.04 11.94
N GLN A 369 -10.58 6.31 10.83
CA GLN A 369 -11.31 6.88 9.64
C GLN A 369 -11.96 5.70 9.01
N GLN A 370 -13.29 5.62 9.12
CA GLN A 370 -14.06 4.47 8.51
C GLN A 370 -14.11 4.59 7.03
N GLN A 371 -14.20 3.39 6.45
CA GLN A 371 -14.56 3.26 5.05
C GLN A 371 -15.92 2.55 5.01
N PRO A 372 -17.02 3.23 4.66
CA PRO A 372 -18.40 2.68 4.54
C PRO A 372 -18.43 1.61 3.47
N ALA A 373 -19.29 0.64 3.71
CA ALA A 373 -19.57 -0.34 2.67
C ALA A 373 -20.29 0.40 1.51
N GLU A 374 -19.83 0.07 0.28
CA GLU A 374 -20.32 0.57 -0.99
C GLU A 374 -21.71 -0.10 -1.31
N PRO A 375 -22.79 0.69 -1.31
CA PRO A 375 -24.17 0.21 -1.57
C PRO A 375 -24.28 -0.39 -2.97
N THR A 376 -25.00 -1.51 -3.01
CA THR A 376 -25.14 -2.21 -4.27
C THR A 376 -25.98 -3.44 -4.10
N SER B 7 4.90 -28.44 1.74
CA SER B 7 4.03 -27.66 2.70
C SER B 7 2.93 -27.34 1.71
N PRO B 8 3.22 -26.55 0.65
CA PRO B 8 2.10 -26.30 -0.27
C PRO B 8 1.53 -27.59 -0.88
N ALA B 9 2.34 -28.63 -0.96
CA ALA B 9 1.89 -29.97 -1.41
C ALA B 9 0.79 -30.52 -0.45
N GLU B 10 0.65 -29.91 0.72
CA GLU B 10 -0.39 -30.44 1.71
C GLU B 10 -1.87 -30.25 1.25
N HIS B 11 -2.17 -29.05 0.73
CA HIS B 11 -3.49 -28.78 0.25
C HIS B 11 -3.46 -28.73 -1.26
N GLY B 12 -2.41 -29.27 -1.83
CA GLY B 12 -2.29 -29.38 -3.23
C GLY B 12 -2.12 -28.00 -3.86
N TYR B 13 -0.99 -27.37 -3.64
CA TYR B 13 -0.81 -26.09 -4.32
C TYR B 13 0.06 -26.29 -5.55
N TYR B 14 -0.06 -25.36 -6.49
CA TYR B 14 0.80 -25.40 -7.67
C TYR B 14 0.88 -24.06 -8.40
N MSE B 15 2.09 -23.75 -8.79
CA MSE B 15 2.27 -22.58 -9.64
C MSE B 15 1.76 -22.98 -11.00
O MSE B 15 2.19 -24.05 -11.59
CB MSE B 15 3.77 -22.33 -9.65
CG MSE B 15 4.13 -21.50 -10.78
SE MSE B 15 6.04 -20.84 -10.76
CE MSE B 15 5.86 -19.11 -11.76
N PRO B 16 0.90 -22.11 -11.62
CA PRO B 16 0.30 -22.28 -12.96
C PRO B 16 1.33 -21.77 -13.94
N ALA B 17 1.15 -22.24 -15.16
CA ALA B 17 1.95 -21.68 -16.24
C ALA B 17 1.61 -20.13 -16.34
N GLU B 18 2.57 -19.36 -16.92
CA GLU B 18 2.33 -17.89 -17.06
C GLU B 18 1.23 -17.47 -18.06
N TRP B 19 0.86 -18.41 -18.99
CA TRP B 19 -0.24 -18.13 -19.91
C TRP B 19 -1.66 -18.40 -19.38
N ASP B 20 -1.72 -18.94 -18.17
CA ASP B 20 -3.05 -19.07 -17.54
C ASP B 20 -3.53 -17.67 -17.09
N SER B 21 -4.82 -17.61 -16.63
CA SER B 21 -5.37 -16.33 -16.42
C SER B 21 -4.87 -15.60 -15.20
N HIS B 22 -4.64 -14.29 -15.35
CA HIS B 22 -4.19 -13.48 -14.21
C HIS B 22 -5.32 -12.63 -13.63
N ALA B 23 -5.13 -12.23 -12.38
CA ALA B 23 -5.99 -11.27 -11.70
C ALA B 23 -5.37 -9.92 -11.94
N GLN B 24 -4.04 -9.83 -11.92
CA GLN B 24 -3.38 -8.52 -12.18
C GLN B 24 -1.85 -8.81 -12.33
N THR B 25 -1.13 -7.73 -12.63
CA THR B 25 0.34 -7.82 -12.71
C THR B 25 0.94 -6.78 -11.71
N TRP B 26 2.08 -7.07 -11.08
CA TRP B 26 2.76 -6.16 -10.11
C TRP B 26 4.09 -5.78 -10.82
N ILE B 27 4.45 -4.53 -10.68
CA ILE B 27 5.71 -4.02 -11.23
C ILE B 27 6.42 -3.02 -10.26
N GLY B 28 7.78 -2.98 -10.16
CA GLY B 28 8.55 -2.06 -9.26
C GLY B 28 8.88 -0.76 -10.03
N TRP B 29 9.67 0.18 -9.49
CA TRP B 29 9.89 1.47 -10.20
C TRP B 29 11.40 1.81 -9.92
N PRO B 30 12.17 2.06 -11.02
CA PRO B 30 13.63 2.31 -11.04
C PRO B 30 14.05 3.61 -10.46
N GLU B 31 15.13 3.60 -9.70
CA GLU B 31 15.46 4.88 -9.02
C GLU B 31 16.99 4.94 -8.75
N ARG B 32 17.57 3.88 -8.27
CA ARG B 32 18.97 4.02 -7.86
C ARG B 32 20.01 4.50 -8.92
N GLN B 33 20.59 5.68 -8.63
CA GLN B 33 21.57 6.34 -9.50
C GLN B 33 22.86 5.57 -9.87
N ASP B 34 23.11 4.47 -9.18
CA ASP B 34 24.25 3.63 -9.55
C ASP B 34 23.76 2.54 -10.51
N ASN B 35 22.48 2.54 -10.87
CA ASN B 35 22.06 1.48 -11.80
C ASN B 35 21.22 1.93 -12.98
N TRP B 36 20.61 3.10 -12.87
CA TRP B 36 19.74 3.65 -13.90
C TRP B 36 20.35 5.02 -14.30
N ARG B 37 20.41 5.25 -15.63
CA ARG B 37 21.00 6.47 -16.14
C ARG B 37 20.10 7.64 -15.99
N HIS B 38 20.72 8.82 -15.77
CA HIS B 38 19.97 10.03 -15.63
C HIS B 38 18.83 9.96 -14.61
N ASN B 39 19.23 9.63 -13.38
CA ASN B 39 18.32 9.51 -12.24
C ASN B 39 17.18 8.72 -12.74
N ALA B 40 17.53 7.67 -13.46
CA ALA B 40 16.54 6.75 -13.99
C ALA B 40 15.43 7.38 -14.81
N LEU B 41 15.59 8.54 -15.43
CA LEU B 41 14.44 9.00 -16.17
C LEU B 41 14.12 8.14 -17.42
N PRO B 42 15.14 7.75 -18.19
CA PRO B 42 14.88 6.92 -19.38
C PRO B 42 14.25 5.56 -18.98
N ALA B 43 14.46 5.16 -17.74
CA ALA B 43 13.87 3.88 -17.29
C ALA B 43 12.39 4.06 -16.93
N GLN B 44 12.03 5.17 -16.27
CA GLN B 44 10.55 5.37 -15.96
C GLN B 44 9.69 5.29 -17.16
N ARG B 45 10.00 6.12 -18.16
CA ARG B 45 9.16 6.08 -19.34
C ARG B 45 9.14 4.66 -19.88
N VAL B 46 10.26 3.93 -19.83
CA VAL B 46 10.19 2.54 -20.28
C VAL B 46 9.25 1.67 -19.39
N PHE B 47 9.50 1.78 -18.10
CA PHE B 47 8.65 0.98 -17.21
C PHE B 47 7.27 1.58 -17.30
N ALA B 48 7.19 2.90 -17.40
CA ALA B 48 5.87 3.38 -17.62
C ALA B 48 5.20 2.83 -18.87
N GLY B 49 5.99 2.74 -19.95
CA GLY B 49 5.61 2.16 -21.26
C GLY B 49 5.08 0.74 -21.12
N VAL B 50 5.85 -0.03 -20.38
CA VAL B 50 5.51 -1.40 -20.14
C VAL B 50 4.23 -1.51 -19.34
N ALA B 51 4.10 -0.72 -18.23
CA ALA B 51 2.85 -0.81 -17.44
C ALA B 51 1.64 -0.40 -18.22
N LYS B 52 1.80 0.60 -19.10
CA LYS B 52 0.59 0.90 -19.84
C LYS B 52 0.27 -0.22 -20.85
N ALA B 53 1.30 -0.78 -21.50
CA ALA B 53 0.99 -1.81 -22.44
C ALA B 53 0.28 -2.97 -21.73
N ILE B 54 0.79 -3.35 -20.53
CA ILE B 54 0.14 -4.49 -20.00
C ILE B 54 -1.24 -4.25 -19.59
N SER B 55 -1.51 -3.03 -19.04
CA SER B 55 -2.88 -2.60 -18.56
C SER B 55 -4.02 -2.62 -19.64
N LYS B 56 -3.62 -2.75 -20.93
CA LYS B 56 -4.65 -2.91 -21.92
C LYS B 56 -5.28 -4.29 -21.79
N PHE B 57 -4.49 -5.27 -21.26
CA PHE B 57 -4.97 -6.63 -21.11
C PHE B 57 -5.49 -6.94 -19.74
N GLU B 58 -4.86 -6.34 -18.72
CA GLU B 58 -5.23 -6.72 -17.31
C GLU B 58 -4.86 -5.64 -16.29
N PRO B 59 -5.39 -5.72 -15.05
CA PRO B 59 -5.02 -4.63 -14.15
C PRO B 59 -3.47 -4.70 -13.77
N VAL B 60 -2.87 -3.54 -13.51
CA VAL B 60 -1.45 -3.41 -13.09
C VAL B 60 -1.25 -2.57 -11.83
N THR B 61 -0.39 -3.12 -10.93
CA THR B 61 -0.05 -2.30 -9.70
C THR B 61 1.45 -1.93 -9.74
N VAL B 62 1.82 -0.67 -9.94
CA VAL B 62 3.24 -0.30 -9.81
C VAL B 62 3.42 0.20 -8.35
N CYS B 63 4.45 -0.37 -7.82
CA CYS B 63 4.81 -0.11 -6.45
C CYS B 63 5.79 1.07 -6.40
N ALA B 64 5.41 2.22 -5.78
CA ALA B 64 6.33 3.32 -5.77
C ALA B 64 6.93 3.77 -4.52
N SER B 65 8.26 3.98 -4.53
CA SER B 65 8.88 4.45 -3.27
C SER B 65 8.27 5.73 -2.85
N PRO B 66 8.39 6.00 -1.57
CA PRO B 66 7.84 7.28 -1.11
C PRO B 66 8.30 8.46 -1.95
N ALA B 67 9.58 8.55 -2.23
CA ALA B 67 10.05 9.71 -2.99
C ALA B 67 9.54 9.80 -4.42
N GLN B 68 9.35 8.64 -5.00
CA GLN B 68 8.96 8.52 -6.39
C GLN B 68 7.53 8.28 -6.59
N TRP B 69 6.70 8.24 -5.51
CA TRP B 69 5.32 7.84 -5.66
C TRP B 69 4.49 8.90 -6.47
N GLU B 70 4.61 10.21 -6.13
CA GLU B 70 3.80 11.17 -6.89
C GLU B 70 4.16 11.17 -8.36
N ASN B 71 5.43 11.03 -8.68
CA ASN B 71 5.87 10.98 -10.12
C ASN B 71 5.13 9.91 -10.86
N ALA B 72 5.22 8.68 -10.32
CA ALA B 72 4.55 7.54 -10.85
C ALA B 72 3.03 7.78 -10.95
N ARG B 73 2.34 8.36 -9.96
CA ARG B 73 0.87 8.46 -10.17
C ARG B 73 0.66 9.34 -11.44
N LYS B 74 1.43 10.37 -11.51
CA LYS B 74 1.32 11.31 -12.66
C LYS B 74 1.64 10.61 -13.98
N GLN B 75 2.81 9.94 -14.05
CA GLN B 75 3.16 9.33 -15.30
C GLN B 75 2.16 8.30 -15.71
N LEU B 76 1.43 7.76 -14.70
CA LEU B 76 0.62 6.60 -15.03
C LEU B 76 -0.89 6.86 -15.00
N PRO B 77 -1.62 6.26 -15.99
CA PRO B 77 -3.10 6.50 -15.94
C PRO B 77 -3.78 5.94 -14.66
N GLU B 78 -4.92 6.54 -14.27
CA GLU B 78 -5.67 6.19 -13.12
C GLU B 78 -6.20 4.72 -13.19
N ASP B 79 -6.18 4.09 -14.39
CA ASP B 79 -6.62 2.79 -14.39
C ASP B 79 -5.58 1.85 -13.73
N ILE B 80 -4.36 2.35 -13.58
CA ILE B 80 -3.32 1.55 -12.88
C ILE B 80 -3.17 2.16 -11.46
N ARG B 81 -2.95 1.22 -10.54
CA ARG B 81 -2.85 1.50 -9.15
C ARG B 81 -1.38 1.78 -8.85
N VAL B 82 -1.12 2.78 -8.04
CA VAL B 82 0.23 3.04 -7.65
C VAL B 82 0.15 3.09 -6.11
N VAL B 83 0.74 2.04 -5.54
CA VAL B 83 0.78 1.91 -4.07
C VAL B 83 2.18 2.27 -3.60
N GLU B 84 2.26 2.77 -2.38
CA GLU B 84 3.56 3.03 -1.82
C GLU B 84 4.36 1.77 -1.33
N MSE B 85 5.61 1.59 -1.80
CA MSE B 85 6.43 0.48 -1.30
C MSE B 85 7.90 0.82 -1.40
O MSE B 85 8.40 1.10 -2.54
CB MSE B 85 6.14 -0.77 -2.11
CG MSE B 85 6.76 -2.00 -1.36
SE MSE B 85 6.14 -3.59 -2.32
CE MSE B 85 4.19 -3.44 -1.96
N SER B 86 8.67 0.80 -0.28
CA SER B 86 10.13 1.00 -0.42
C SER B 86 10.79 -0.26 -1.00
N MSE B 87 11.77 0.01 -1.87
CA MSE B 87 12.50 -1.11 -2.47
C MSE B 87 13.93 -0.66 -2.73
O MSE B 87 14.18 0.59 -2.93
CB MSE B 87 11.74 -1.59 -3.75
CG MSE B 87 11.69 -0.59 -4.80
SE MSE B 87 10.19 -0.71 -6.12
CE MSE B 87 9.62 1.11 -5.49
N ASN B 88 14.83 -1.64 -2.82
CA ASN B 88 16.22 -1.25 -3.14
C ASN B 88 16.32 -1.11 -4.63
N ASP B 89 15.60 -1.93 -5.39
CA ASP B 89 15.57 -1.72 -6.84
C ASP B 89 14.16 -2.22 -7.38
N SER B 90 14.06 -2.34 -8.73
CA SER B 90 12.76 -2.64 -9.30
C SER B 90 12.69 -3.92 -10.14
N TRP B 91 13.12 -5.03 -9.51
CA TRP B 91 13.05 -6.32 -10.20
C TRP B 91 12.02 -7.14 -9.41
N PHE B 92 10.74 -7.03 -9.77
CA PHE B 92 9.76 -7.70 -8.94
C PHE B 92 9.62 -9.08 -9.46
N ARG B 93 10.26 -9.46 -10.61
CA ARG B 93 10.18 -10.86 -10.97
C ARG B 93 10.91 -11.68 -9.95
N ASP B 94 11.96 -11.08 -9.43
CA ASP B 94 12.90 -11.77 -8.52
C ASP B 94 12.77 -11.49 -7.08
N SER B 95 12.37 -10.27 -6.72
CA SER B 95 12.28 -10.02 -5.29
C SER B 95 10.79 -10.20 -4.81
N GLY B 96 9.82 -10.34 -5.74
CA GLY B 96 8.44 -10.47 -5.34
C GLY B 96 8.04 -11.95 -5.03
N PRO B 97 6.70 -12.11 -4.98
CA PRO B 97 6.29 -13.50 -4.60
C PRO B 97 5.97 -14.41 -5.74
N THR B 98 6.21 -15.74 -5.63
CA THR B 98 5.74 -16.65 -6.69
C THR B 98 4.32 -17.13 -6.25
N PHE B 99 3.33 -16.72 -7.04
CA PHE B 99 1.92 -17.10 -6.67
C PHE B 99 1.58 -18.50 -7.11
N ILE B 100 0.82 -19.17 -6.21
CA ILE B 100 0.47 -20.63 -6.44
C ILE B 100 -1.03 -20.67 -6.14
N VAL B 101 -1.59 -21.86 -6.31
CA VAL B 101 -3.07 -21.98 -6.15
C VAL B 101 -3.37 -23.44 -5.98
N ARG B 102 -4.64 -23.66 -5.57
CA ARG B 102 -5.21 -25.02 -5.42
C ARG B 102 -6.74 -24.99 -5.75
N LYS B 103 -7.42 -26.15 -5.78
CA LYS B 103 -8.92 -26.27 -6.01
C LYS B 103 -9.54 -26.58 -4.68
N ARG B 104 -10.33 -25.64 -4.21
CA ARG B 104 -10.97 -25.84 -2.92
C ARG B 104 -11.97 -26.82 -3.30
N ASN B 112 -9.97 -20.39 4.60
CA ASN B 112 -10.29 -21.09 3.35
C ASN B 112 -9.92 -20.31 2.05
N ARG B 113 -8.69 -20.42 1.53
CA ARG B 113 -8.34 -19.66 0.30
C ARG B 113 -7.64 -20.62 -0.62
N ASN B 114 -7.80 -20.39 -1.93
CA ASN B 114 -7.21 -21.27 -2.90
C ASN B 114 -5.98 -20.57 -3.50
N ILE B 115 -5.31 -19.71 -2.68
CA ILE B 115 -4.04 -18.99 -3.17
C ILE B 115 -3.16 -18.61 -2.01
N ALA B 116 -1.82 -18.58 -2.21
CA ALA B 116 -0.88 -18.11 -1.20
C ALA B 116 0.29 -17.48 -1.93
N GLY B 117 1.25 -16.94 -1.17
CA GLY B 117 2.47 -16.44 -1.84
C GLY B 117 3.63 -17.00 -1.02
N ILE B 118 4.53 -17.72 -1.66
CA ILE B 118 5.64 -18.19 -1.03
C ILE B 118 6.62 -16.99 -1.04
N ASP B 119 7.16 -16.84 0.14
CA ASP B 119 8.18 -15.83 0.39
C ASP B 119 9.54 -16.49 0.63
N TRP B 120 10.25 -16.54 -0.52
CA TRP B 120 11.57 -17.12 -0.61
C TRP B 120 12.58 -16.15 -0.14
N ASN B 121 13.68 -16.75 0.36
CA ASN B 121 14.85 -15.91 0.71
C ASN B 121 15.51 -15.20 -0.50
N PHE B 122 16.31 -14.19 -0.25
CA PHE B 122 16.82 -13.40 -1.39
C PHE B 122 18.11 -12.77 -0.90
N ASN B 123 19.05 -12.58 -1.83
CA ASN B 123 20.35 -11.96 -1.40
C ASN B 123 21.04 -11.15 -2.46
N ALA B 124 20.19 -10.39 -3.16
CA ALA B 124 20.60 -9.52 -4.24
C ALA B 124 21.44 -10.30 -5.26
N TRP B 125 20.95 -11.51 -5.58
CA TRP B 125 21.56 -12.26 -6.69
C TRP B 125 22.97 -12.63 -6.45
N GLY B 126 23.22 -13.17 -5.27
CA GLY B 126 24.54 -13.76 -4.98
C GLY B 126 25.34 -13.12 -3.84
N GLY B 127 24.88 -12.00 -3.33
CA GLY B 127 25.60 -11.41 -2.21
C GLY B 127 25.73 -9.96 -2.45
N ALA B 128 26.03 -9.31 -1.37
CA ALA B 128 26.18 -7.86 -1.38
C ALA B 128 27.07 -7.40 -2.54
N ASN B 129 28.39 -7.42 -2.42
CA ASN B 129 29.27 -7.00 -3.53
C ASN B 129 29.24 -8.04 -4.64
N ASP B 130 28.87 -9.27 -4.30
CA ASP B 130 28.90 -10.35 -5.28
C ASP B 130 27.62 -10.38 -6.15
N GLY B 131 27.18 -9.14 -6.48
CA GLY B 131 25.97 -8.86 -7.26
C GLY B 131 25.88 -7.57 -8.07
N CYS B 132 24.81 -6.79 -7.83
CA CYS B 132 24.43 -5.49 -8.45
C CYS B 132 24.51 -4.40 -7.34
N TYR B 133 24.17 -4.77 -6.12
CA TYR B 133 24.22 -3.80 -5.02
C TYR B 133 24.45 -4.40 -3.67
N ASN B 134 24.73 -3.54 -2.66
CA ASN B 134 25.10 -4.04 -1.29
C ASN B 134 24.00 -3.95 -0.18
N ASP B 135 22.88 -3.27 -0.42
CA ASP B 135 21.84 -3.24 0.68
C ASP B 135 20.58 -3.89 0.09
N TRP B 136 20.10 -5.01 0.67
CA TRP B 136 18.88 -5.72 0.15
C TRP B 136 17.81 -5.83 1.23
N SER B 137 17.91 -4.92 2.22
CA SER B 137 16.94 -4.96 3.32
C SER B 137 15.47 -4.62 2.93
N HIS B 138 15.27 -3.62 2.04
CA HIS B 138 13.90 -3.31 1.59
C HIS B 138 13.37 -4.44 0.68
N ASP B 139 14.21 -4.95 -0.23
CA ASP B 139 13.74 -6.04 -1.15
C ASP B 139 13.34 -7.27 -0.32
N LEU B 140 13.95 -7.51 0.88
CA LEU B 140 13.54 -8.65 1.71
C LEU B 140 12.05 -8.60 2.16
N LEU B 141 11.45 -7.38 2.28
CA LEU B 141 10.04 -7.23 2.68
C LEU B 141 9.08 -7.09 1.55
N VAL B 142 9.60 -6.87 0.32
CA VAL B 142 8.66 -6.65 -0.83
C VAL B 142 7.66 -7.81 -0.97
N SER B 143 8.17 -9.06 -0.80
CA SER B 143 7.22 -10.14 -1.05
C SER B 143 6.13 -10.15 0.04
N ARG B 144 6.57 -10.05 1.29
CA ARG B 144 5.57 -10.16 2.33
C ARG B 144 4.73 -8.86 2.34
N LYS B 145 5.32 -7.71 1.94
CA LYS B 145 4.48 -6.51 1.91
C LYS B 145 3.37 -6.52 0.84
N ILE B 146 3.64 -7.13 -0.34
CA ILE B 146 2.63 -7.33 -1.40
C ILE B 146 1.51 -8.28 -0.94
N LEU B 147 1.91 -9.43 -0.34
CA LEU B 147 0.82 -10.40 0.02
C LEU B 147 -0.05 -9.76 1.10
N ALA B 148 0.48 -8.75 1.82
CA ALA B 148 -0.36 -8.20 2.94
C ALA B 148 -1.41 -7.36 2.30
N LEU B 149 -1.09 -6.66 1.20
CA LEU B 149 -2.06 -5.74 0.55
C LEU B 149 -3.26 -6.49 -0.02
N GLU B 150 -3.01 -7.73 -0.48
CA GLU B 150 -4.00 -8.48 -1.12
C GLU B 150 -4.62 -9.49 -0.09
N ARG B 151 -4.17 -9.47 1.15
CA ARG B 151 -4.57 -10.37 2.21
C ARG B 151 -4.47 -11.80 1.67
N ILE B 152 -3.28 -12.15 1.10
CA ILE B 152 -2.99 -13.52 0.54
C ILE B 152 -2.01 -14.20 1.53
N PRO B 153 -2.35 -15.39 1.99
CA PRO B 153 -1.49 -16.07 2.96
C PRO B 153 -0.06 -16.28 2.48
N ARG B 154 0.84 -16.09 3.40
CA ARG B 154 2.24 -16.17 2.99
C ARG B 154 2.92 -17.47 3.48
N PHE B 155 3.50 -18.23 2.55
CA PHE B 155 4.28 -19.41 2.86
C PHE B 155 5.73 -18.92 2.65
N GLN B 156 6.47 -18.70 3.76
CA GLN B 156 7.88 -18.28 3.62
C GLN B 156 8.78 -19.49 3.43
N HIS B 157 9.97 -19.30 2.83
CA HIS B 157 10.94 -20.40 2.61
C HIS B 157 12.38 -19.85 2.72
N SER B 158 13.23 -20.47 3.59
CA SER B 158 14.66 -20.08 3.72
C SER B 158 15.56 -20.38 2.52
N MSE B 159 15.05 -21.14 1.52
CA MSE B 159 15.90 -21.30 0.32
C MSE B 159 15.94 -19.95 -0.43
O MSE B 159 14.90 -19.25 -0.54
CB MSE B 159 15.36 -22.37 -0.62
CG MSE B 159 16.28 -22.61 -1.81
SE MSE B 159 15.71 -24.30 -2.54
CE MSE B 159 13.90 -23.71 -3.43
N ILE B 160 17.13 -19.55 -0.92
CA ILE B 160 17.31 -18.33 -1.74
C ILE B 160 16.92 -18.74 -3.14
N LEU B 161 15.86 -18.12 -3.67
CA LEU B 161 15.52 -18.42 -5.06
C LEU B 161 14.93 -17.13 -5.66
N GLU B 162 14.91 -17.07 -6.99
CA GLU B 162 14.39 -15.92 -7.80
C GLU B 162 13.35 -16.37 -8.80
N GLY B 163 12.34 -15.50 -9.05
CA GLY B 163 11.28 -15.94 -10.05
C GLY B 163 11.78 -16.24 -11.47
N GLY B 164 12.67 -15.36 -11.94
CA GLY B 164 13.24 -15.53 -13.27
C GLY B 164 14.26 -16.68 -13.48
N SER B 165 14.47 -17.46 -12.46
CA SER B 165 15.49 -18.47 -12.52
C SER B 165 14.80 -19.85 -12.77
N ILE B 166 13.48 -19.92 -12.61
CA ILE B 166 12.63 -21.10 -12.91
C ILE B 166 11.59 -20.54 -13.99
N HIS B 167 11.02 -21.54 -14.67
CA HIS B 167 9.89 -21.33 -15.62
C HIS B 167 9.11 -22.68 -15.68
N VAL B 168 7.78 -22.68 -15.35
CA VAL B 168 6.96 -23.98 -15.35
C VAL B 168 5.94 -23.91 -16.48
N ASP B 169 5.41 -25.08 -16.83
CA ASP B 169 4.45 -25.19 -17.92
C ASP B 169 3.00 -25.41 -17.41
N GLY B 170 2.90 -25.59 -16.08
CA GLY B 170 1.61 -25.91 -15.45
C GLY B 170 1.18 -27.40 -15.62
N GLU B 171 2.06 -28.19 -16.22
CA GLU B 171 1.87 -29.64 -16.46
C GLU B 171 3.02 -30.49 -15.88
N GLY B 172 3.47 -30.03 -14.70
CA GLY B 172 4.42 -30.74 -13.88
C GLY B 172 5.86 -30.48 -14.25
N THR B 173 6.10 -29.57 -15.22
CA THR B 173 7.54 -29.37 -15.58
C THR B 173 8.10 -28.08 -14.95
N CYS B 174 9.44 -28.17 -14.72
CA CYS B 174 10.31 -27.11 -14.20
C CYS B 174 11.38 -26.97 -15.23
N LEU B 175 11.81 -25.76 -15.50
CA LEU B 175 12.85 -25.42 -16.51
C LEU B 175 13.63 -24.20 -15.81
N VAL B 176 14.90 -24.47 -15.48
CA VAL B 176 15.84 -23.54 -14.66
C VAL B 176 17.22 -23.72 -15.26
N THR B 177 18.16 -22.94 -14.71
CA THR B 177 19.60 -23.13 -15.10
C THR B 177 20.38 -23.55 -13.86
N GLU B 178 21.46 -24.33 -14.10
CA GLU B 178 22.40 -24.76 -13.04
C GLU B 178 23.28 -23.52 -12.67
N GLU B 179 23.57 -22.61 -13.61
CA GLU B 179 24.39 -21.49 -13.36
C GLU B 179 23.81 -20.70 -12.16
N CYS B 180 22.48 -20.56 -12.16
CA CYS B 180 21.82 -19.85 -11.11
C CYS B 180 21.59 -20.85 -9.92
N LEU B 181 20.81 -21.88 -10.16
CA LEU B 181 20.38 -22.65 -8.97
C LEU B 181 21.43 -23.46 -8.31
N LEU B 182 22.43 -23.93 -9.08
CA LEU B 182 23.52 -24.61 -8.36
C LEU B 182 24.71 -23.78 -8.08
N ASN B 183 24.68 -22.48 -8.31
CA ASN B 183 25.84 -21.66 -8.11
C ASN B 183 26.18 -21.70 -6.62
N LYS B 184 27.48 -21.30 -6.41
CA LYS B 184 27.99 -21.25 -5.01
C LYS B 184 27.46 -20.10 -4.16
N ASN B 185 26.88 -19.08 -4.82
CA ASN B 185 26.33 -17.92 -4.08
C ASN B 185 24.77 -18.15 -3.83
N ARG B 186 24.26 -19.35 -4.12
CA ARG B 186 22.86 -19.41 -3.80
C ARG B 186 22.67 -20.20 -2.49
N ASN B 187 22.47 -21.50 -2.64
CA ASN B 187 22.21 -22.43 -1.53
C ASN B 187 23.20 -23.61 -1.69
N PRO B 188 24.52 -23.32 -1.61
CA PRO B 188 25.53 -24.37 -1.79
C PRO B 188 25.42 -25.55 -0.83
N HIS B 189 24.70 -25.32 0.30
CA HIS B 189 24.62 -26.44 1.22
C HIS B 189 23.60 -27.49 0.76
N MSE B 190 22.78 -27.20 -0.31
CA MSE B 190 21.78 -28.16 -0.76
C MSE B 190 22.13 -28.71 -2.16
O MSE B 190 22.55 -27.94 -3.10
CB MSE B 190 20.39 -27.54 -0.97
CG MSE B 190 19.68 -27.36 0.40
SE MSE B 190 18.14 -26.41 0.48
CE MSE B 190 17.00 -27.65 -0.01
N SER B 191 21.99 -30.05 -2.31
CA SER B 191 22.21 -30.75 -3.58
C SER B 191 21.07 -30.51 -4.64
N LYS B 192 21.43 -30.83 -5.86
CA LYS B 192 20.42 -30.79 -6.93
C LYS B 192 19.17 -31.55 -6.44
N GLU B 193 19.36 -32.67 -5.69
CA GLU B 193 18.22 -33.45 -5.20
C GLU B 193 17.35 -32.69 -4.19
N GLN B 194 18.02 -32.04 -3.21
CA GLN B 194 17.24 -31.28 -2.19
C GLN B 194 16.59 -30.07 -2.84
N ILE B 195 17.24 -29.42 -3.81
CA ILE B 195 16.58 -28.29 -4.48
C ILE B 195 15.29 -28.70 -5.25
N GLU B 196 15.40 -29.80 -6.03
CA GLU B 196 14.24 -30.33 -6.76
C GLU B 196 13.12 -30.68 -5.72
N GLU B 197 13.51 -31.22 -4.53
CA GLU B 197 12.46 -31.62 -3.57
C GLU B 197 11.69 -30.45 -2.97
N GLU B 198 12.45 -29.44 -2.48
CA GLU B 198 11.81 -28.23 -1.98
C GLU B 198 10.98 -27.59 -3.07
N LEU B 199 11.38 -27.77 -4.33
CA LEU B 199 10.62 -27.18 -5.48
C LEU B 199 9.37 -28.08 -5.77
N LYS B 200 9.57 -29.41 -6.01
CA LYS B 200 8.31 -30.21 -6.26
C LYS B 200 7.23 -29.87 -5.24
N LYS B 201 7.59 -29.67 -3.95
CA LYS B 201 6.54 -29.44 -2.92
C LYS B 201 5.97 -28.00 -3.11
N TYR B 202 6.84 -27.03 -3.38
CA TYR B 202 6.36 -25.64 -3.38
C TYR B 202 5.70 -25.16 -4.67
N LEU B 203 6.09 -25.69 -5.83
CA LEU B 203 5.49 -25.24 -7.14
C LEU B 203 4.54 -26.30 -7.72
N GLY B 204 4.47 -27.45 -7.03
CA GLY B 204 3.60 -28.53 -7.52
C GLY B 204 4.10 -29.15 -8.77
N VAL B 205 5.41 -29.38 -8.82
CA VAL B 205 6.04 -29.93 -10.02
C VAL B 205 6.55 -31.36 -9.86
N GLN B 206 6.69 -32.09 -10.99
CA GLN B 206 7.15 -33.49 -10.92
C GLN B 206 8.40 -33.79 -11.73
N SER B 207 8.75 -32.88 -12.66
CA SER B 207 9.98 -33.22 -13.43
C SER B 207 10.72 -31.88 -13.78
N PHE B 208 11.99 -32.06 -14.08
CA PHE B 208 12.90 -30.97 -14.22
C PHE B 208 13.59 -31.02 -15.58
N ILE B 209 13.83 -29.80 -16.11
CA ILE B 209 14.71 -29.65 -17.26
C ILE B 209 15.86 -28.71 -16.79
N TRP B 210 17.07 -29.30 -16.70
CA TRP B 210 18.23 -28.54 -16.29
C TRP B 210 19.09 -28.06 -17.42
N LEU B 211 19.01 -26.76 -17.76
CA LEU B 211 20.01 -26.26 -18.75
C LEU B 211 21.28 -25.88 -17.93
N PRO B 212 22.49 -25.99 -18.50
CA PRO B 212 23.64 -25.61 -17.64
C PRO B 212 23.81 -24.19 -17.29
N ARG B 213 23.51 -23.36 -18.28
CA ARG B 213 23.89 -21.96 -18.12
C ARG B 213 22.82 -20.98 -18.59
N GLY B 214 22.95 -19.73 -18.13
CA GLY B 214 21.98 -18.67 -18.69
C GLY B 214 22.52 -17.86 -19.94
N LEU B 215 22.07 -16.61 -20.11
CA LEU B 215 22.48 -15.90 -21.35
C LEU B 215 23.86 -15.35 -21.10
N TYR B 216 24.58 -15.21 -22.22
CA TYR B 216 25.88 -14.61 -22.14
C TYR B 216 25.65 -13.13 -21.77
N GLY B 217 26.35 -12.64 -20.78
CA GLY B 217 26.11 -11.26 -20.47
C GLY B 217 25.31 -11.15 -19.18
N ASP B 218 24.77 -12.32 -18.74
CA ASP B 218 24.02 -12.41 -17.49
C ASP B 218 24.83 -12.93 -16.31
N GLU B 219 26.16 -12.98 -16.49
CA GLU B 219 27.03 -13.45 -15.45
C GLU B 219 26.75 -12.81 -14.08
N ASP B 220 26.32 -11.55 -13.98
CA ASP B 220 26.09 -10.85 -12.73
C ASP B 220 24.94 -11.34 -11.93
N THR B 221 23.88 -11.81 -12.58
CA THR B 221 22.77 -12.23 -11.85
C THR B 221 22.67 -13.78 -11.65
N ASN B 222 23.63 -14.51 -12.30
CA ASN B 222 23.73 -15.97 -12.24
C ASN B 222 23.07 -16.68 -13.39
N GLY B 223 22.67 -15.97 -14.44
CA GLY B 223 22.27 -16.78 -15.53
C GLY B 223 20.89 -17.36 -15.19
N HIS B 224 19.98 -16.53 -14.71
CA HIS B 224 18.57 -17.08 -14.42
C HIS B 224 17.88 -17.69 -15.64
N ILE B 225 17.13 -18.78 -15.42
CA ILE B 225 16.43 -19.21 -16.65
C ILE B 225 15.57 -18.21 -17.58
N ASP B 226 15.00 -17.10 -17.06
CA ASP B 226 14.14 -16.24 -17.94
C ASP B 226 14.77 -15.42 -19.05
N ASN B 227 16.10 -15.43 -19.10
CA ASN B 227 16.70 -14.81 -20.28
C ASN B 227 17.12 -15.93 -21.23
N MSE B 228 17.06 -17.21 -20.76
CA MSE B 228 17.58 -18.25 -21.66
C MSE B 228 16.51 -18.92 -22.61
O MSE B 228 16.60 -18.78 -23.83
CB MSE B 228 18.38 -19.27 -20.78
CG MSE B 228 19.31 -20.35 -21.57
SE MSE B 228 20.32 -19.92 -23.26
CE MSE B 228 18.96 -20.35 -24.56
N CYS B 229 15.61 -19.73 -22.07
CA CYS B 229 14.55 -20.39 -22.83
C CYS B 229 13.38 -20.33 -21.83
N CYS B 230 12.19 -20.48 -22.42
CA CYS B 230 10.93 -20.47 -21.63
C CYS B 230 9.97 -21.25 -22.41
N PHE B 231 8.93 -21.70 -21.70
CA PHE B 231 7.85 -22.38 -22.45
C PHE B 231 6.97 -21.40 -23.21
N ALA B 232 6.61 -21.88 -24.38
CA ALA B 232 5.58 -21.24 -25.18
C ALA B 232 4.17 -21.84 -24.93
N ARG B 233 4.09 -23.13 -24.62
CA ARG B 233 2.85 -23.85 -24.30
C ARG B 233 3.50 -25.21 -23.94
N PRO B 234 2.73 -26.23 -23.51
CA PRO B 234 3.28 -27.52 -23.15
C PRO B 234 3.98 -28.25 -24.33
N GLY B 235 5.16 -28.83 -24.02
CA GLY B 235 6.00 -29.50 -25.02
C GLY B 235 6.71 -28.56 -26.03
N VAL B 236 6.72 -27.25 -25.75
CA VAL B 236 7.24 -26.31 -26.77
C VAL B 236 7.98 -25.17 -26.03
N VAL B 237 9.28 -25.03 -26.34
CA VAL B 237 10.07 -23.91 -25.71
C VAL B 237 10.62 -23.03 -26.80
N LEU B 238 10.65 -21.74 -26.46
CA LEU B 238 11.36 -20.79 -27.33
C LEU B 238 12.78 -20.85 -26.75
N LEU B 239 13.81 -20.70 -27.59
CA LEU B 239 15.22 -20.77 -27.05
C LEU B 239 16.04 -19.65 -27.73
N SER B 240 16.76 -18.86 -26.91
CA SER B 240 17.64 -17.78 -27.44
C SER B 240 18.65 -18.50 -28.35
N TRP B 241 18.77 -17.95 -29.59
CA TRP B 241 19.60 -18.69 -30.57
C TRP B 241 20.43 -17.79 -31.43
N THR B 242 21.61 -18.28 -31.88
CA THR B 242 22.34 -17.50 -32.97
C THR B 242 23.02 -18.62 -33.79
N ASP B 243 23.34 -18.22 -35.01
CA ASP B 243 24.16 -19.06 -35.90
C ASP B 243 25.52 -18.34 -36.16
N ASP B 244 26.16 -17.83 -35.11
CA ASP B 244 27.51 -17.16 -35.23
C ASP B 244 28.45 -17.78 -34.19
N GLU B 245 29.41 -18.49 -34.72
CA GLU B 245 30.37 -19.19 -33.92
C GLU B 245 31.30 -18.19 -33.34
N THR B 246 31.35 -16.95 -33.82
CA THR B 246 32.25 -16.03 -33.18
C THR B 246 31.68 -15.45 -31.88
N ASP B 247 30.33 -15.49 -31.72
CA ASP B 247 29.73 -14.98 -30.44
C ASP B 247 29.73 -16.18 -29.42
N PRO B 248 30.25 -16.01 -28.17
CA PRO B 248 30.29 -17.02 -27.13
C PRO B 248 28.84 -17.52 -26.83
N GLN B 249 27.83 -16.72 -27.18
CA GLN B 249 26.45 -17.20 -26.95
C GLN B 249 26.19 -18.41 -27.81
N TYR B 250 26.86 -18.48 -29.00
CA TYR B 250 26.59 -19.59 -29.90
C TYR B 250 26.77 -20.96 -29.25
N GLU B 251 27.92 -21.24 -28.58
CA GLU B 251 28.13 -22.52 -27.90
C GLU B 251 27.11 -22.79 -26.79
N ARG B 252 26.62 -21.74 -26.09
CA ARG B 252 25.59 -21.86 -25.02
C ARG B 252 24.30 -22.26 -25.75
N SER B 253 23.93 -21.59 -26.85
CA SER B 253 22.69 -22.06 -27.48
C SER B 253 22.74 -23.50 -28.00
N VAL B 254 23.84 -23.93 -28.65
CA VAL B 254 23.91 -25.32 -29.19
C VAL B 254 23.89 -26.30 -28.03
N GLU B 255 24.55 -25.92 -26.93
CA GLU B 255 24.54 -26.81 -25.76
C GLU B 255 23.11 -26.85 -25.25
N ALA B 256 22.49 -25.69 -25.00
CA ALA B 256 21.11 -25.93 -24.47
C ALA B 256 20.23 -26.85 -25.27
N LEU B 257 20.32 -26.76 -26.61
CA LEU B 257 19.54 -27.60 -27.57
C LEU B 257 19.93 -29.09 -27.28
N SER B 258 21.21 -29.37 -27.09
CA SER B 258 21.54 -30.78 -26.81
C SER B 258 20.83 -31.36 -25.55
N VAL B 259 20.84 -30.56 -24.48
CA VAL B 259 20.14 -31.00 -23.30
C VAL B 259 18.65 -31.10 -23.57
N LEU B 260 18.06 -30.15 -24.33
CA LEU B 260 16.62 -30.22 -24.64
C LEU B 260 16.37 -31.48 -25.48
N SER B 261 17.22 -31.72 -26.50
CA SER B 261 17.02 -32.92 -27.39
C SER B 261 17.11 -34.24 -26.63
N ASN B 262 17.62 -34.15 -25.41
CA ASN B 262 17.73 -35.30 -24.58
C ASN B 262 16.85 -35.21 -23.38
N SER B 263 15.82 -34.37 -23.48
CA SER B 263 14.92 -34.24 -22.29
C SER B 263 13.47 -34.70 -22.56
N ILE B 264 12.82 -35.14 -21.50
CA ILE B 264 11.37 -35.50 -21.58
C ILE B 264 10.72 -34.70 -20.41
N ASP B 265 9.58 -34.08 -20.75
CA ASP B 265 8.84 -33.31 -19.75
C ASP B 265 8.04 -34.26 -18.80
N ALA B 266 7.33 -33.68 -17.84
CA ALA B 266 6.66 -34.43 -16.76
C ALA B 266 5.52 -35.31 -17.21
N ARG B 267 4.92 -35.00 -18.35
CA ARG B 267 3.83 -35.85 -18.84
C ARG B 267 4.30 -36.97 -19.72
N GLY B 268 5.52 -36.88 -20.30
CA GLY B 268 6.09 -37.89 -21.18
C GLY B 268 6.43 -37.37 -22.55
N ARG B 269 6.40 -36.06 -22.82
CA ARG B 269 6.79 -35.65 -24.19
C ARG B 269 8.23 -35.27 -24.26
N LYS B 270 8.66 -35.24 -25.52
CA LYS B 270 9.93 -34.71 -26.05
C LYS B 270 9.63 -33.23 -26.25
N ILE B 271 10.69 -32.43 -26.35
CA ILE B 271 10.55 -30.99 -26.46
C ILE B 271 10.75 -30.43 -27.88
N GLN B 272 9.80 -29.64 -28.36
CA GLN B 272 9.93 -28.96 -29.63
C GLN B 272 10.63 -27.60 -29.31
N VAL B 273 11.72 -27.25 -30.01
CA VAL B 273 12.45 -26.05 -29.72
C VAL B 273 12.33 -25.00 -30.85
N ILE B 274 11.82 -23.82 -30.46
CA ILE B 274 11.68 -22.78 -31.46
C ILE B 274 12.98 -21.86 -31.31
N LYS B 275 13.47 -21.23 -32.39
CA LYS B 275 14.65 -20.41 -32.19
C LYS B 275 14.31 -18.90 -32.09
N LEU B 276 14.89 -18.17 -31.10
CA LEU B 276 14.54 -16.70 -30.97
C LEU B 276 15.89 -16.02 -31.04
N TYR B 277 16.16 -15.39 -32.17
CA TYR B 277 17.51 -14.85 -32.31
C TYR B 277 17.81 -13.60 -31.49
N ILE B 278 18.94 -13.62 -30.75
CA ILE B 278 19.38 -12.48 -29.94
C ILE B 278 19.86 -11.35 -30.82
N PRO B 279 19.30 -10.12 -30.60
CA PRO B 279 19.71 -8.89 -31.39
C PRO B 279 21.27 -8.86 -31.57
N GLU B 280 21.77 -8.20 -32.65
CA GLU B 280 23.24 -8.27 -32.79
C GLU B 280 23.82 -7.62 -31.52
N PRO B 281 25.08 -7.88 -31.20
CA PRO B 281 25.68 -7.32 -29.97
C PRO B 281 25.41 -5.84 -29.80
N LEU B 282 24.90 -5.59 -28.62
CA LEU B 282 24.56 -4.29 -28.18
C LEU B 282 25.69 -3.82 -27.25
N TYR B 283 26.06 -2.53 -27.33
CA TYR B 283 27.12 -2.03 -26.47
C TYR B 283 26.77 -0.73 -25.82
N MSE B 284 27.00 -0.71 -24.51
CA MSE B 284 26.71 0.44 -23.69
C MSE B 284 27.62 1.57 -24.07
O MSE B 284 28.78 1.52 -23.77
CB MSE B 284 26.89 0.11 -22.23
CG MSE B 284 26.68 1.33 -21.35
SE MSE B 284 26.85 0.99 -19.46
CE MSE B 284 24.99 0.53 -19.02
N THR B 285 27.03 2.57 -24.74
CA THR B 285 27.66 3.78 -25.25
C THR B 285 28.14 4.65 -24.13
N GLU B 286 28.97 5.62 -24.51
CA GLU B 286 29.56 6.52 -23.52
C GLU B 286 28.54 7.39 -22.83
N GLU B 287 27.62 7.93 -23.63
CA GLU B 287 26.58 8.78 -23.13
C GLU B 287 25.77 7.94 -22.14
N GLU B 288 25.63 6.63 -22.43
CA GLU B 288 24.85 5.73 -21.56
C GLU B 288 25.58 5.52 -20.25
N SER B 289 26.85 5.12 -20.29
CA SER B 289 27.60 4.89 -19.07
C SER B 289 27.85 6.18 -18.27
N SER B 290 27.99 7.29 -18.95
CA SER B 290 28.25 8.54 -18.25
C SER B 290 27.02 9.02 -17.43
N GLY B 291 25.83 8.55 -17.80
CA GLY B 291 24.63 8.98 -17.12
C GLY B 291 24.33 8.27 -15.80
N ILE B 292 25.20 7.33 -15.42
CA ILE B 292 25.09 6.51 -14.21
C ILE B 292 26.11 6.94 -13.16
N THR B 293 25.63 7.27 -11.96
CA THR B 293 26.48 7.70 -10.85
C THR B 293 27.48 6.66 -10.38
N GLN B 294 28.69 7.13 -10.10
CA GLN B 294 29.78 6.29 -9.64
C GLN B 294 29.96 6.45 -8.13
N ASP B 295 29.75 5.36 -7.41
CA ASP B 295 29.83 5.28 -5.95
C ASP B 295 30.25 3.86 -5.54
N GLY B 296 29.74 3.40 -4.41
CA GLY B 296 30.10 2.07 -3.98
C GLY B 296 28.96 1.15 -3.60
N GLU B 297 27.72 1.64 -3.62
CA GLU B 297 26.58 0.81 -3.23
C GLU B 297 26.34 -0.32 -4.24
N ALA B 298 26.70 -0.05 -5.49
CA ALA B 298 26.56 -1.01 -6.55
C ALA B 298 27.88 -1.12 -7.31
N ILE B 299 27.82 -1.84 -8.41
CA ILE B 299 28.96 -2.09 -9.23
C ILE B 299 28.93 -1.23 -10.50
N PRO B 300 30.05 -0.50 -10.79
CA PRO B 300 30.18 0.38 -11.97
C PRO B 300 29.96 -0.37 -13.28
N ARG B 301 28.97 0.07 -14.04
CA ARG B 301 28.63 -0.50 -15.35
C ARG B 301 29.61 0.11 -16.38
N LEU B 302 30.50 -0.72 -16.90
CA LEU B 302 31.55 -0.27 -17.81
C LEU B 302 31.14 -0.07 -19.24
N ALA B 303 31.46 1.11 -19.78
CA ALA B 303 31.13 1.41 -21.17
C ALA B 303 31.71 0.30 -22.02
N GLY B 304 31.01 0.01 -23.12
CA GLY B 304 31.41 -1.01 -24.05
C GLY B 304 31.14 -2.45 -23.72
N THR B 305 30.54 -2.80 -22.53
CA THR B 305 30.25 -4.21 -22.06
C THR B 305 29.17 -4.88 -22.91
N ARG B 306 29.18 -6.21 -23.05
CA ARG B 306 28.14 -6.89 -23.86
C ARG B 306 26.83 -6.87 -23.11
N LEU B 307 25.74 -6.35 -23.71
CA LEU B 307 24.48 -6.33 -22.97
C LEU B 307 23.84 -7.71 -23.06
N ALA B 308 23.16 -8.08 -21.98
CA ALA B 308 22.48 -9.39 -21.98
C ALA B 308 21.04 -9.23 -22.54
N ALA B 309 20.95 -9.23 -23.86
CA ALA B 309 19.73 -8.98 -24.48
C ALA B 309 19.16 -10.16 -25.16
N SER B 310 17.92 -10.51 -24.75
CA SER B 310 17.27 -11.58 -25.46
C SER B 310 15.76 -11.36 -25.57
N TYR B 311 15.15 -11.64 -26.73
CA TYR B 311 13.68 -11.52 -26.87
C TYR B 311 12.95 -12.58 -26.05
N VAL B 312 13.74 -13.50 -25.43
CA VAL B 312 13.11 -14.49 -24.53
C VAL B 312 12.61 -13.73 -23.34
N ASN B 313 13.21 -12.60 -22.96
CA ASN B 313 12.56 -11.91 -21.74
C ASN B 313 11.24 -11.09 -22.00
N PHE B 314 10.27 -11.80 -22.56
CA PHE B 314 8.92 -11.24 -22.78
C PHE B 314 8.02 -11.71 -21.66
N TYR B 315 6.89 -10.98 -21.47
CA TYR B 315 5.92 -11.35 -20.44
C TYR B 315 4.61 -11.71 -21.11
N ILE B 316 3.96 -12.78 -20.61
CA ILE B 316 2.63 -13.16 -21.12
C ILE B 316 1.58 -12.62 -20.16
N ALA B 317 0.59 -11.91 -20.74
CA ALA B 317 -0.57 -11.33 -19.92
C ALA B 317 -1.80 -12.03 -20.52
N ASN B 318 -3.00 -11.82 -19.94
CA ASN B 318 -4.21 -12.48 -20.44
C ASN B 318 -4.49 -12.11 -21.89
N GLY B 319 -4.17 -13.03 -22.84
CA GLY B 319 -4.32 -12.70 -24.24
C GLY B 319 -3.27 -11.79 -24.88
N GLY B 320 -2.19 -11.48 -24.16
CA GLY B 320 -1.21 -10.53 -24.70
C GLY B 320 0.25 -11.03 -24.54
N ILE B 321 1.14 -10.59 -25.43
CA ILE B 321 2.58 -10.93 -25.28
C ILE B 321 3.23 -9.57 -25.29
N ILE B 322 4.10 -9.24 -24.28
CA ILE B 322 4.71 -7.91 -24.17
C ILE B 322 6.19 -8.18 -24.36
N ALA B 323 6.76 -7.77 -25.52
CA ALA B 323 8.11 -8.26 -25.86
C ALA B 323 9.00 -7.10 -26.25
N PRO B 324 10.29 -7.18 -25.85
CA PRO B 324 11.28 -6.15 -26.09
C PRO B 324 11.66 -5.92 -27.57
N GLN B 325 12.29 -4.75 -27.71
CA GLN B 325 12.82 -4.38 -29.05
C GLN B 325 14.03 -3.60 -28.63
N PHE B 326 15.13 -3.95 -29.22
CA PHE B 326 16.32 -3.36 -28.72
C PHE B 326 16.91 -2.35 -29.67
N GLY B 327 16.35 -2.25 -30.88
CA GLY B 327 16.89 -1.30 -31.87
C GLY B 327 17.71 -2.00 -32.93
N ASP B 328 17.56 -3.34 -33.12
CA ASP B 328 18.29 -4.15 -34.19
C ASP B 328 17.12 -4.41 -35.09
N PRO B 329 16.97 -3.60 -36.21
CA PRO B 329 15.85 -3.70 -37.13
C PRO B 329 15.40 -5.04 -37.57
N ILE B 330 16.32 -5.82 -38.10
CA ILE B 330 15.98 -7.10 -38.65
C ILE B 330 15.61 -8.03 -37.51
N ARG B 331 16.44 -8.07 -36.43
CA ARG B 331 16.06 -9.06 -35.36
C ARG B 331 14.88 -8.58 -34.54
N ASP B 332 14.67 -7.28 -34.39
CA ASP B 332 13.46 -6.82 -33.67
C ASP B 332 12.20 -7.22 -34.40
N LYS B 333 12.17 -7.15 -35.74
CA LYS B 333 10.93 -7.48 -36.46
C LYS B 333 10.81 -9.00 -36.60
N GLU B 334 11.93 -9.68 -36.71
CA GLU B 334 11.82 -11.13 -36.81
C GLU B 334 11.39 -11.74 -35.51
N ALA B 335 11.71 -11.11 -34.38
CA ALA B 335 11.23 -11.73 -33.07
C ALA B 335 9.74 -11.41 -32.90
N ILE B 336 9.25 -10.23 -33.40
CA ILE B 336 7.80 -10.04 -33.29
C ILE B 336 7.08 -11.04 -34.21
N ARG B 337 7.68 -11.35 -35.39
CA ARG B 337 7.01 -12.36 -36.22
C ARG B 337 7.00 -13.76 -35.59
N VAL B 338 8.16 -14.22 -35.02
CA VAL B 338 8.16 -15.57 -34.42
C VAL B 338 7.22 -15.66 -33.23
N LEU B 339 7.21 -14.61 -32.41
CA LEU B 339 6.29 -14.68 -31.28
C LEU B 339 4.79 -14.65 -31.68
N SER B 340 4.44 -13.87 -32.72
CA SER B 340 3.01 -13.85 -33.15
C SER B 340 2.64 -15.25 -33.72
N ASP B 341 3.59 -15.91 -34.42
CA ASP B 341 3.34 -17.24 -34.94
C ASP B 341 3.26 -18.28 -33.84
N THR B 342 4.13 -18.17 -32.81
CA THR B 342 4.16 -19.21 -31.81
C THR B 342 3.05 -19.08 -30.77
N PHE B 343 2.39 -17.92 -30.69
CA PHE B 343 1.30 -17.65 -29.74
C PHE B 343 0.09 -17.17 -30.60
N PRO B 344 -0.62 -18.15 -31.27
CA PRO B 344 -1.72 -17.63 -32.08
C PRO B 344 -2.82 -16.86 -31.42
N HIS B 345 -3.19 -17.32 -30.26
CA HIS B 345 -4.31 -16.54 -29.71
C HIS B 345 -3.94 -15.39 -28.84
N HIS B 346 -2.74 -14.78 -29.08
CA HIS B 346 -2.35 -13.67 -28.28
C HIS B 346 -1.99 -12.56 -29.20
N SER B 347 -2.23 -11.35 -28.75
CA SER B 347 -1.86 -10.15 -29.44
C SER B 347 -0.51 -9.78 -28.96
N VAL B 348 0.48 -9.82 -29.85
CA VAL B 348 1.87 -9.47 -29.49
C VAL B 348 2.08 -7.98 -29.62
N VAL B 349 2.60 -7.33 -28.52
CA VAL B 349 2.84 -5.90 -28.48
C VAL B 349 4.31 -5.63 -28.31
N GLY B 350 4.89 -4.77 -29.17
CA GLY B 350 6.31 -4.52 -28.99
C GLY B 350 6.63 -3.30 -28.11
N ILE B 351 7.64 -3.43 -27.27
CA ILE B 351 8.07 -2.34 -26.39
C ILE B 351 9.33 -1.68 -26.86
N GLU B 352 9.21 -0.48 -27.47
CA GLU B 352 10.45 0.15 -27.94
C GLU B 352 11.24 0.71 -26.71
N ASN B 353 12.55 0.91 -26.87
CA ASN B 353 13.43 1.40 -25.81
C ASN B 353 13.60 0.36 -24.71
N ALA B 354 13.25 -0.89 -25.02
CA ALA B 354 13.53 -1.93 -24.02
C ALA B 354 15.04 -1.97 -23.77
N ARG B 355 15.88 -1.55 -24.75
CA ARG B 355 17.29 -1.50 -24.47
C ARG B 355 17.63 -0.70 -23.17
N GLU B 356 16.79 0.27 -22.74
CA GLU B 356 17.08 0.99 -21.45
C GLU B 356 16.92 0.07 -20.18
N ILE B 357 16.18 -1.03 -20.33
CA ILE B 357 16.08 -1.90 -19.15
C ILE B 357 17.36 -2.80 -19.07
N VAL B 358 17.79 -3.29 -20.25
CA VAL B 358 18.94 -4.18 -20.30
C VAL B 358 20.24 -3.48 -19.75
N LEU B 359 20.32 -2.17 -20.01
CA LEU B 359 21.44 -1.34 -19.55
C LEU B 359 21.51 -1.48 -18.05
N ALA B 360 20.30 -1.58 -17.42
CA ALA B 360 20.23 -1.72 -15.98
C ALA B 360 20.24 -3.13 -15.45
N GLY B 361 20.28 -4.13 -16.34
CA GLY B 361 20.47 -5.50 -15.94
C GLY B 361 19.31 -6.50 -16.14
N GLY B 362 18.36 -6.24 -17.06
CA GLY B 362 17.28 -7.22 -17.28
C GLY B 362 16.27 -6.79 -18.38
N ASN B 363 15.07 -7.37 -18.45
CA ASN B 363 14.06 -6.97 -19.47
C ASN B 363 12.64 -6.94 -18.91
N ILE B 364 11.61 -7.09 -19.75
CA ILE B 364 10.20 -6.88 -19.39
C ILE B 364 9.77 -7.98 -18.43
N HIS B 365 10.20 -9.22 -18.70
CA HIS B 365 9.82 -10.33 -17.84
C HIS B 365 10.30 -10.06 -16.42
N CYS B 366 11.54 -9.58 -16.25
CA CYS B 366 12.14 -9.27 -14.99
C CYS B 366 11.34 -8.25 -14.20
N ILE B 367 10.61 -7.36 -14.90
CA ILE B 367 9.92 -6.31 -14.10
C ILE B 367 8.53 -6.59 -13.64
N THR B 368 7.99 -7.71 -14.13
CA THR B 368 6.58 -8.07 -13.79
C THR B 368 6.59 -9.25 -12.84
N GLN B 369 5.40 -9.40 -12.23
CA GLN B 369 5.15 -10.67 -11.41
C GLN B 369 3.63 -10.98 -11.51
N GLN B 370 3.27 -12.13 -12.10
CA GLN B 370 1.80 -12.36 -12.18
C GLN B 370 1.20 -12.78 -10.90
N GLN B 371 -0.03 -12.28 -10.74
CA GLN B 371 -0.84 -12.73 -9.63
C GLN B 371 -1.98 -13.52 -10.37
N PRO B 372 -1.94 -14.88 -10.38
CA PRO B 372 -3.02 -15.70 -11.05
C PRO B 372 -4.32 -15.42 -10.32
N ALA B 373 -5.40 -15.62 -11.07
CA ALA B 373 -6.70 -15.57 -10.43
C ALA B 373 -6.83 -16.65 -9.35
N GLU B 374 -7.74 -16.48 -8.37
CA GLU B 374 -7.93 -17.53 -7.35
C GLU B 374 -9.02 -18.57 -7.78
N PRO B 375 -8.71 -19.86 -7.70
CA PRO B 375 -9.74 -20.86 -8.10
C PRO B 375 -10.99 -20.62 -7.28
N THR B 376 -12.12 -20.82 -7.96
CA THR B 376 -13.38 -20.64 -7.28
C THR B 376 -14.04 -22.03 -7.29
MG MG C . -6.41 15.75 2.37
C1 EDO D . -2.43 17.38 16.76
O1 EDO D . -2.94 17.23 18.13
C2 EDO D . -0.94 17.05 16.68
O2 EDO D . -0.60 16.15 17.72
C1 EDO E . -28.06 7.54 30.46
O1 EDO E . -28.66 6.81 31.55
C2 EDO E . -28.04 9.09 30.80
O2 EDO E . -27.23 9.50 31.97
C1 EDO F . -7.13 15.44 16.03
O1 EDO F . -5.72 15.46 15.91
C2 EDO F . -7.42 16.16 17.35
O2 EDO F . -6.21 16.15 18.15
C1 EDO G . -4.06 30.52 7.65
O1 EDO G . -3.28 29.32 7.95
C2 EDO G . -4.69 30.42 6.27
O2 EDO G . -4.91 29.05 5.93
C1 EDO H . -7.46 25.98 26.19
O1 EDO H . -6.95 24.83 25.42
C2 EDO H . -8.70 26.50 25.40
O2 EDO H . -9.51 25.38 25.10
C1 EDO I . 1.15 -0.38 -0.32
O1 EDO I . 0.53 -1.47 0.49
C2 EDO I . 1.34 0.87 0.52
O2 EDO I . 0.10 1.54 0.99
C1 EDO J . -10.24 24.25 38.16
O1 EDO J . -10.08 23.55 36.89
C2 EDO J . -11.24 23.48 39.00
O2 EDO J . -11.77 22.42 38.22
S1 MPO K . -28.53 12.78 3.15
O1 MPO K . -27.75 13.22 4.42
O2 MPO K . -28.51 13.50 1.77
O4 MPO K . -31.33 5.59 1.69
N1 MPO K . -31.19 8.46 1.87
C1 MPO K . -30.10 11.81 3.24
O3 MPO K . -29.63 13.84 3.70
C2 MPO K . -29.94 10.44 2.58
C3 MPO K . -31.30 9.72 2.64
C4 MPO K . -32.48 7.76 1.92
C5 MPO K . -32.37 6.45 1.11
C6 MPO K . -30.06 6.30 1.54
C7 MPO K . -30.12 7.57 2.43
MG MG L . 11.01 -13.27 -1.49
C1 EDO M . 17.76 -8.54 -13.01
O1 EDO M . 17.87 -9.19 -14.30
C2 EDO M . 16.53 -9.04 -12.37
O2 EDO M . 16.08 -10.17 -13.06
C1 EDO N . -0.20 -20.67 -24.75
O1 EDO N . -1.52 -20.19 -25.05
C2 EDO N . -0.37 -21.91 -23.97
O2 EDO N . -1.14 -22.85 -24.71
C1 EDO O . -8.34 -4.95 -19.15
O1 EDO O . -8.81 -3.67 -19.61
C2 EDO O . -8.11 -4.81 -17.67
O2 EDO O . -8.84 -5.80 -17.03
C1 EDO P . 25.75 -12.71 -8.90
O1 EDO P . 25.31 -11.32 -8.60
C2 EDO P . 27.09 -12.70 -9.81
O2 EDO P . 28.08 -13.71 -9.45
C1 EDO Q . 4.85 -21.19 6.82
O1 EDO Q . 4.84 -22.40 5.93
C2 EDO Q . 5.77 -20.21 6.19
O2 EDO Q . 5.21 -18.94 6.27
C1 EDO R . -4.40 -22.14 -12.40
O1 EDO R . -3.93 -23.09 -13.40
C2 EDO R . -4.42 -20.67 -12.90
O2 EDO R . -5.30 -19.96 -12.01
N ARG A 5 -13.03 18.78 -11.67
CA ARG A 5 -13.43 19.35 -10.35
C ARG A 5 -14.97 19.38 -10.28
N GLU A 6 -15.58 18.19 -10.39
CA GLU A 6 -17.04 17.95 -10.34
C GLU A 6 -17.48 17.88 -8.85
N SER A 7 -18.77 18.07 -8.56
CA SER A 7 -19.24 18.00 -7.16
C SER A 7 -19.93 16.70 -6.79
N PRO A 8 -19.76 16.26 -5.53
CA PRO A 8 -20.43 15.03 -5.11
C PRO A 8 -21.99 15.20 -5.24
N ALA A 9 -22.43 16.45 -5.16
CA ALA A 9 -23.86 16.72 -5.30
C ALA A 9 -24.29 16.19 -6.67
N GLU A 10 -23.46 16.41 -7.68
CA GLU A 10 -23.86 15.94 -9.06
C GLU A 10 -24.46 14.52 -9.15
N HIS A 11 -23.88 13.57 -8.44
CA HIS A 11 -24.40 12.23 -8.49
C HIS A 11 -25.27 11.85 -7.26
N GLY A 12 -25.78 12.76 -6.41
CA GLY A 12 -26.56 12.27 -5.28
C GLY A 12 -25.78 11.65 -4.09
N TYR A 13 -24.57 12.12 -3.92
CA TYR A 13 -23.75 11.53 -2.81
C TYR A 13 -24.06 12.22 -1.51
N TYR A 14 -23.85 11.51 -0.40
CA TYR A 14 -23.98 12.24 0.89
C TYR A 14 -23.03 11.51 1.86
N MSE A 15 -22.61 12.18 2.93
CA MSE A 15 -21.75 11.40 3.87
C MSE A 15 -22.68 10.47 4.67
O MSE A 15 -23.57 10.95 5.33
CB MSE A 15 -20.87 12.43 4.68
CG MSE A 15 -19.51 11.81 4.95
SE MSE A 15 -20.14 11.35 6.27
CE MSE A 15 -18.59 11.40 7.82
N PRO A 16 -22.46 9.12 4.67
CA PRO A 16 -23.39 8.31 5.47
C PRO A 16 -22.79 8.39 6.91
N ALA A 17 -23.66 8.21 7.93
CA ALA A 17 -23.28 8.33 9.35
C ALA A 17 -22.23 7.26 9.60
N GLU A 18 -21.48 7.47 10.67
CA GLU A 18 -20.40 6.56 11.10
C GLU A 18 -20.91 5.16 11.55
N TRP A 19 -22.20 5.09 11.99
CA TRP A 19 -22.81 3.84 12.54
C TRP A 19 -23.41 3.05 11.37
N ASP A 20 -23.55 3.66 10.20
CA ASP A 20 -24.01 2.85 9.05
C ASP A 20 -22.88 1.87 8.73
N SER A 21 -23.17 0.83 7.91
CA SER A 21 -22.14 -0.21 7.71
C SER A 21 -20.79 0.20 7.09
N HIS A 22 -19.70 -0.30 7.65
CA HIS A 22 -18.38 -0.05 7.04
C HIS A 22 -17.79 -1.31 6.31
N ALA A 23 -16.93 -1.04 5.30
CA ALA A 23 -16.01 -2.10 4.77
C ALA A 23 -14.83 -2.41 5.74
N GLN A 24 -14.25 -1.36 6.37
CA GLN A 24 -13.11 -1.57 7.28
C GLN A 24 -12.75 -0.25 7.96
N THR A 25 -11.92 -0.30 8.97
CA THR A 25 -11.42 0.99 9.57
C THR A 25 -9.94 1.21 9.09
N TRP A 26 -9.43 2.46 9.12
CA TRP A 26 -8.08 2.85 8.69
C TRP A 26 -7.44 3.59 9.87
N ILE A 27 -6.20 3.19 10.20
CA ILE A 27 -5.46 3.82 11.34
C ILE A 27 -4.03 3.92 10.95
N GLY A 28 -3.37 5.05 11.16
CA GLY A 28 -1.94 5.10 10.87
C GLY A 28 -1.18 4.82 12.21
N TRP A 29 0.11 4.64 12.01
CA TRP A 29 1.06 4.26 13.10
C TRP A 29 1.89 5.45 13.66
N PRO A 30 1.83 5.66 15.00
CA PRO A 30 2.53 6.79 15.65
C PRO A 30 3.93 6.36 15.90
N GLU A 31 4.79 7.37 15.81
CA GLU A 31 6.26 7.20 15.95
C GLU A 31 7.06 8.45 16.33
N ARG A 32 6.61 9.67 16.01
CA ARG A 32 7.51 10.86 16.14
C ARG A 32 7.81 11.24 17.58
N GLN A 33 9.07 11.03 17.92
CA GLN A 33 9.52 11.24 19.32
C GLN A 33 9.32 12.58 19.89
N ASP A 34 9.25 13.54 18.98
CA ASP A 34 9.04 14.89 19.38
C ASP A 34 7.61 15.17 19.64
N ASN A 35 6.70 14.12 19.59
CA ASN A 35 5.26 14.36 19.85
C ASN A 35 4.71 13.25 20.69
N TRP A 36 5.39 12.11 20.74
CA TRP A 36 4.95 10.89 21.45
C TRP A 36 6.07 10.41 22.42
N ARG A 37 5.72 10.25 23.71
CA ARG A 37 6.80 9.94 24.72
C ARG A 37 7.30 8.51 24.68
N HIS A 38 8.51 8.31 25.27
CA HIS A 38 9.12 7.03 25.43
C HIS A 38 9.23 6.28 24.14
N ASN A 39 9.71 6.99 23.11
CA ASN A 39 9.96 6.46 21.77
C ASN A 39 8.66 5.98 21.07
N ALA A 40 7.50 6.52 21.47
CA ALA A 40 6.22 6.10 20.90
C ALA A 40 5.85 4.69 21.30
N LEU A 41 6.53 4.05 22.26
CA LEU A 41 6.10 2.67 22.51
C LEU A 41 4.76 2.57 23.32
N PRO A 42 4.52 3.48 24.31
CA PRO A 42 3.25 3.30 25.00
C PRO A 42 2.00 3.51 24.12
N ALA A 43 2.09 4.59 23.34
CA ALA A 43 0.94 4.95 22.45
C ALA A 43 0.70 3.79 21.46
N GLN A 44 1.77 3.25 20.94
CA GLN A 44 1.75 2.19 19.89
C GLN A 44 0.91 1.01 20.45
N ARG A 45 1.07 0.69 21.79
CA ARG A 45 0.33 -0.43 22.34
C ARG A 45 -1.16 -0.06 22.44
N VAL A 46 -1.51 1.23 22.70
CA VAL A 46 -2.93 1.58 22.73
C VAL A 46 -3.54 1.65 21.28
N PHE A 47 -2.77 2.19 20.34
CA PHE A 47 -3.26 2.13 18.93
C PHE A 47 -3.53 0.64 18.59
N ALA A 48 -2.65 -0.28 19.00
CA ALA A 48 -2.77 -1.74 18.75
C ALA A 48 -4.10 -2.30 19.31
N GLY A 49 -4.38 -1.81 20.53
CA GLY A 49 -5.54 -2.17 21.27
C GLY A 49 -6.83 -1.68 20.66
N VAL A 50 -6.88 -0.43 20.20
CA VAL A 50 -8.08 0.04 19.54
C VAL A 50 -8.31 -0.84 18.17
N ALA A 51 -7.23 -1.03 17.34
CA ALA A 51 -7.29 -1.80 16.08
C ALA A 51 -7.83 -3.23 16.39
N LYS A 52 -7.26 -3.87 17.41
CA LYS A 52 -7.72 -5.23 17.73
C LYS A 52 -9.27 -5.28 18.03
N ALA A 53 -9.74 -4.31 18.88
CA ALA A 53 -11.13 -4.17 19.34
C ALA A 53 -12.04 -3.92 18.18
N ILE A 54 -11.75 -2.89 17.37
CA ILE A 54 -12.61 -2.74 16.20
C ILE A 54 -12.55 -4.00 15.30
N SER A 55 -11.42 -4.76 15.21
CA SER A 55 -11.25 -5.93 14.27
C SER A 55 -12.23 -7.06 14.61
N LYS A 56 -12.75 -7.03 15.83
CA LYS A 56 -13.76 -7.97 16.35
C LYS A 56 -15.14 -7.61 15.74
N PHE A 57 -15.25 -6.38 15.20
CA PHE A 57 -16.49 -5.92 14.56
C PHE A 57 -16.46 -5.78 13.04
N GLU A 58 -15.25 -5.48 12.46
CA GLU A 58 -15.05 -5.23 11.02
C GLU A 58 -13.54 -5.25 10.78
N PRO A 59 -13.12 -5.36 9.50
CA PRO A 59 -11.72 -5.37 9.12
C PRO A 59 -11.02 -4.05 9.46
N VAL A 60 -9.73 -4.17 9.76
CA VAL A 60 -8.87 -3.03 10.01
C VAL A 60 -7.61 -3.05 9.22
N THR A 61 -7.20 -1.85 8.71
CA THR A 61 -5.88 -1.73 8.11
C THR A 61 -5.12 -0.62 8.86
N VAL A 62 -3.87 -0.94 9.19
CA VAL A 62 -2.93 0.04 9.75
C VAL A 62 -1.89 0.48 8.72
N CYS A 63 -1.80 1.80 8.53
CA CYS A 63 -0.78 2.31 7.67
C CYS A 63 0.42 2.63 8.59
N ALA A 64 1.64 2.20 8.19
CA ALA A 64 2.86 2.47 9.01
C ALA A 64 3.94 2.97 8.07
N SER A 65 4.74 3.89 8.59
CA SER A 65 5.78 4.45 7.75
C SER A 65 6.76 3.41 7.39
N PRO A 66 7.56 3.70 6.36
CA PRO A 66 8.57 2.69 5.99
C PRO A 66 9.44 2.23 7.15
N ALA A 67 9.92 3.16 7.98
CA ALA A 67 10.80 2.75 9.08
C ALA A 67 10.05 2.00 10.15
N GLN A 68 8.80 2.43 10.37
CA GLN A 68 7.99 1.79 11.33
C GLN A 68 7.32 0.57 10.90
N TRP A 69 7.32 0.30 9.60
CA TRP A 69 6.45 -0.82 9.14
C TRP A 69 6.71 -2.17 9.86
N GLU A 70 7.96 -2.57 9.95
CA GLU A 70 8.28 -3.85 10.59
C GLU A 70 7.92 -3.76 12.08
N ASN A 71 8.25 -2.61 12.71
CA ASN A 71 7.93 -2.45 14.19
C ASN A 71 6.42 -2.62 14.29
N ALA A 72 5.64 -1.88 13.44
CA ALA A 72 4.23 -2.05 13.52
C ALA A 72 3.80 -3.49 13.12
N ARG A 73 4.34 -4.09 11.99
CA ARG A 73 3.96 -5.47 11.66
C ARG A 73 4.25 -6.51 12.82
N LYS A 74 5.37 -6.36 13.48
CA LYS A 74 5.62 -7.30 14.64
C LYS A 74 4.64 -7.10 15.82
N GLN A 75 4.23 -5.88 16.07
CA GLN A 75 3.28 -5.66 17.24
C GLN A 75 1.87 -6.15 17.00
N LEU A 76 1.31 -5.98 15.78
CA LEU A 76 -0.11 -6.28 15.55
C LEU A 76 -0.35 -7.69 15.12
N PRO A 77 -1.44 -8.32 15.61
CA PRO A 77 -1.74 -9.67 15.22
C PRO A 77 -1.87 -9.67 13.74
N GLU A 78 -1.79 -10.86 13.13
CA GLU A 78 -1.90 -11.09 11.63
C GLU A 78 -3.17 -10.83 10.94
N ASP A 79 -4.32 -10.89 11.65
CA ASP A 79 -5.56 -10.55 10.95
C ASP A 79 -5.80 -8.99 10.82
N ILE A 80 -4.84 -8.20 11.34
CA ILE A 80 -4.88 -6.70 11.15
C ILE A 80 -3.90 -6.52 10.05
N ARG A 81 -4.29 -5.81 8.99
CA ARG A 81 -3.49 -5.60 7.85
C ARG A 81 -2.57 -4.44 8.06
N VAL A 82 -1.30 -4.56 7.73
CA VAL A 82 -0.37 -3.47 7.86
C VAL A 82 0.16 -3.10 6.48
N VAL A 83 0.04 -1.80 6.20
CA VAL A 83 0.48 -1.24 4.89
C VAL A 83 1.46 -0.09 5.07
N GLU A 84 2.46 0.00 4.23
CA GLU A 84 3.45 1.06 4.32
C GLU A 84 2.93 2.29 3.66
N MSE A 85 3.04 3.40 4.42
CA MSE A 85 2.56 4.68 3.91
C MSE A 85 3.28 5.71 4.76
O MSE A 85 3.29 5.64 5.96
CB MSE A 85 1.08 4.77 4.19
CG MSE A 85 0.51 6.08 3.53
SE MSE A 85 -1.47 6.19 3.66
CE MSE A 85 -1.74 4.50 2.63
N SER A 86 3.88 6.70 4.08
CA SER A 86 4.51 7.83 4.82
C SER A 86 3.44 8.76 5.47
N MSE A 87 3.87 9.39 6.57
CA MSE A 87 3.01 10.34 7.21
C MSE A 87 3.85 11.11 8.22
O MSE A 87 4.88 10.58 8.76
CB MSE A 87 1.79 9.68 7.92
CG MSE A 87 2.22 8.70 9.02
SE MSE A 87 0.65 7.64 9.63
CE MSE A 87 0.62 6.39 7.92
N ASN A 88 3.43 12.38 8.40
CA ASN A 88 4.11 13.17 9.48
C ASN A 88 3.53 12.79 10.81
N ASP A 89 2.21 12.69 10.91
CA ASP A 89 1.71 12.18 12.22
C ASP A 89 0.65 11.14 11.93
N SER A 90 0.03 10.62 12.99
CA SER A 90 -0.86 9.48 12.78
C SER A 90 -2.24 9.79 13.23
N TRP A 91 -2.83 10.76 12.53
CA TRP A 91 -4.21 11.19 12.94
C TRP A 91 -5.12 11.07 11.71
N PHE A 92 -5.49 9.81 11.42
CA PHE A 92 -6.23 9.55 10.17
C PHE A 92 -7.62 10.16 10.04
N ARG A 93 -8.30 10.44 11.17
CA ARG A 93 -9.57 11.18 11.06
C ARG A 93 -9.19 12.54 10.34
N ASP A 94 -7.92 12.98 10.50
CA ASP A 94 -7.59 14.32 9.92
C ASP A 94 -6.97 14.23 8.55
N SER A 95 -6.03 13.34 8.47
CA SER A 95 -5.43 13.27 7.14
C SER A 95 -6.01 12.25 6.16
N GLY A 96 -6.85 11.34 6.66
CA GLY A 96 -7.55 10.38 5.79
C GLY A 96 -8.73 11.08 5.09
N PRO A 97 -9.31 10.33 4.16
CA PRO A 97 -10.42 10.90 3.37
C PRO A 97 -11.76 10.85 4.06
N THR A 98 -12.62 11.80 3.69
CA THR A 98 -14.02 11.68 4.17
C THR A 98 -14.74 10.89 3.05
N PHE A 99 -15.49 9.88 3.47
CA PHE A 99 -16.17 8.99 2.47
C PHE A 99 -17.66 9.26 2.34
N ILE A 100 -18.13 9.29 1.08
CA ILE A 100 -19.54 9.56 0.81
C ILE A 100 -20.06 8.47 -0.13
N VAL A 101 -21.33 8.13 0.02
CA VAL A 101 -21.88 6.98 -0.75
C VAL A 101 -23.04 7.40 -1.50
N ARG A 102 -23.59 6.42 -2.28
CA ARG A 102 -24.85 6.74 -3.03
C ARG A 102 -25.64 5.48 -3.20
N LYS A 103 -26.89 5.68 -3.64
CA LYS A 103 -27.86 4.58 -3.90
C LYS A 103 -27.54 3.60 -5.07
N ARG A 104 -27.06 4.17 -6.18
CA ARG A 104 -26.71 3.42 -7.40
C ARG A 104 -26.23 4.49 -8.43
N ASN A 112 -19.95 3.42 -12.72
CA ASN A 112 -19.14 4.16 -11.77
C ASN A 112 -19.55 3.70 -10.36
N ARG A 113 -18.57 3.55 -9.45
CA ARG A 113 -18.87 3.04 -8.12
C ARG A 113 -19.94 3.82 -7.31
N ASN A 114 -20.34 3.26 -6.18
CA ASN A 114 -21.38 3.95 -5.44
C ASN A 114 -20.69 4.54 -4.18
N ILE A 115 -19.37 4.48 -4.18
CA ILE A 115 -18.56 5.11 -3.07
C ILE A 115 -17.43 5.96 -3.68
N ALA A 116 -17.11 7.07 -3.02
CA ALA A 116 -16.00 7.92 -3.44
C ALA A 116 -15.41 8.49 -2.16
N GLY A 117 -14.27 9.19 -2.27
CA GLY A 117 -13.68 9.87 -1.07
C GLY A 117 -13.34 11.33 -1.29
N ILE A 118 -13.58 12.14 -0.23
CA ILE A 118 -13.22 13.58 -0.34
C ILE A 118 -11.83 13.78 0.25
N ASP A 119 -10.89 14.34 -0.54
CA ASP A 119 -9.52 14.60 -0.11
C ASP A 119 -9.52 16.07 0.04
N TRP A 120 -9.66 16.52 1.28
CA TRP A 120 -9.66 17.91 1.61
C TRP A 120 -8.22 18.40 1.64
N ASN A 121 -8.06 19.72 1.47
CA ASN A 121 -6.74 20.25 1.71
C ASN A 121 -6.52 20.20 3.27
N PHE A 122 -5.25 20.35 3.71
CA PHE A 122 -4.86 20.20 5.09
C PHE A 122 -3.67 21.16 5.35
N ASN A 123 -3.53 21.59 6.63
CA ASN A 123 -2.39 22.44 7.00
C ASN A 123 -1.93 22.29 8.41
N ALA A 124 -2.03 21.00 8.89
CA ALA A 124 -1.61 20.69 10.28
C ALA A 124 -2.25 21.64 11.32
N TRP A 125 -3.55 21.76 11.12
CA TRP A 125 -4.43 22.41 12.03
C TRP A 125 -4.13 23.89 12.23
N GLY A 126 -3.70 24.52 11.13
CA GLY A 126 -3.60 25.99 11.18
C GLY A 126 -2.37 26.60 10.52
N GLY A 127 -1.77 25.79 9.65
CA GLY A 127 -0.61 26.20 8.83
C GLY A 127 0.59 26.68 9.60
N ALA A 128 1.42 27.45 8.87
CA ALA A 128 2.72 27.90 9.47
C ALA A 128 2.48 28.79 10.64
N ASN A 129 1.49 29.67 10.56
CA ASN A 129 1.26 30.52 11.72
C ASN A 129 0.93 29.75 12.98
N ASP A 130 -0.05 28.84 12.97
CA ASP A 130 -0.31 28.20 14.26
C ASP A 130 -1.02 26.84 14.17
N GLY A 131 -0.31 26.01 13.38
CA GLY A 131 -0.71 24.60 13.12
C GLY A 131 -0.28 23.76 14.31
N CYS A 132 0.41 22.62 14.19
CA CYS A 132 0.80 21.93 15.45
C CYS A 132 2.20 21.26 15.36
N TYR A 133 2.73 21.23 14.15
CA TYR A 133 4.13 20.73 13.87
C TYR A 133 4.65 21.14 12.50
N ASN A 134 5.92 20.86 12.19
CA ASN A 134 6.46 21.20 10.87
C ASN A 134 5.76 20.42 9.75
N ASP A 135 6.25 20.63 8.51
CA ASP A 135 5.85 20.18 7.20
C ASP A 135 4.94 18.97 7.12
N TRP A 136 3.84 19.25 6.42
CA TRP A 136 2.75 18.23 6.28
C TRP A 136 2.77 17.59 4.90
N SER A 137 3.91 17.60 4.22
CA SER A 137 3.89 17.02 2.86
C SER A 137 3.45 15.56 2.69
N HIS A 138 3.77 14.75 3.68
CA HIS A 138 3.31 13.36 3.58
C HIS A 138 1.79 13.36 3.92
N ASP A 139 1.31 14.19 4.88
CA ASP A 139 -0.14 14.18 5.22
C ASP A 139 -1.03 14.52 4.02
N LEU A 140 -0.75 15.64 3.33
CA LEU A 140 -1.45 16.04 2.12
C LEU A 140 -1.50 14.87 1.15
N LEU A 141 -0.72 13.79 1.30
CA LEU A 141 -0.76 12.68 0.33
C LEU A 141 -1.49 11.43 0.87
N VAL A 142 -1.86 11.46 2.15
CA VAL A 142 -2.46 10.22 2.74
C VAL A 142 -3.83 9.93 2.09
N SER A 143 -4.65 10.95 1.86
CA SER A 143 -5.94 10.64 1.33
C SER A 143 -5.88 10.01 -0.10
N ARG A 144 -5.06 10.56 -0.98
CA ARG A 144 -4.97 9.98 -2.26
C ARG A 144 -4.39 8.57 -2.27
N LYS A 145 -3.56 8.22 -1.26
CA LYS A 145 -2.93 6.91 -1.28
C LYS A 145 -3.98 5.90 -0.79
N ILE A 146 -4.76 6.27 0.23
CA ILE A 146 -5.77 5.35 0.72
C ILE A 146 -6.86 5.01 -0.39
N LEU A 147 -7.43 6.04 -1.00
CA LEU A 147 -8.44 5.82 -2.04
C LEU A 147 -7.73 5.11 -3.23
N ALA A 148 -6.50 5.47 -3.59
CA ALA A 148 -5.86 4.76 -4.68
C ALA A 148 -5.56 3.27 -4.38
N LEU A 149 -5.12 2.97 -3.15
CA LEU A 149 -4.79 1.61 -2.84
C LEU A 149 -6.10 0.71 -2.78
N GLU A 150 -7.27 1.35 -2.47
CA GLU A 150 -8.55 0.63 -2.36
C GLU A 150 -9.35 0.51 -3.71
N ARG A 151 -8.92 1.30 -4.72
CA ARG A 151 -9.61 1.40 -6.01
C ARG A 151 -10.93 2.10 -5.84
N ILE A 152 -10.90 3.28 -5.17
CA ILE A 152 -12.08 4.04 -4.94
C ILE A 152 -11.77 5.45 -5.48
N PRO A 153 -12.65 6.01 -6.31
CA PRO A 153 -12.65 7.31 -6.98
C PRO A 153 -12.55 8.43 -5.98
N ARG A 154 -11.74 9.43 -6.37
CA ARG A 154 -11.43 10.57 -5.49
C ARG A 154 -12.06 11.87 -6.02
N PHE A 155 -12.72 12.63 -5.12
CA PHE A 155 -13.17 14.05 -5.43
C PHE A 155 -12.19 14.91 -4.69
N GLN A 156 -11.24 15.64 -5.34
CA GLN A 156 -10.34 16.50 -4.56
C GLN A 156 -11.06 17.88 -4.28
N HIS A 157 -10.85 18.47 -3.08
CA HIS A 157 -11.39 19.77 -2.64
C HIS A 157 -10.34 20.77 -2.17
N SER A 158 -10.11 21.80 -2.98
CA SER A 158 -9.12 22.75 -2.54
C SER A 158 -9.38 23.38 -1.18
N MSE A 159 -10.59 23.41 -0.59
CA MSE A 159 -10.76 24.01 0.80
C MSE A 159 -10.10 23.07 1.85
O MSE A 159 -10.22 21.85 1.68
CB MSE A 159 -12.28 24.18 1.14
CG MSE A 159 -12.77 24.65 2.67
SE MSE A 159 -14.79 24.67 3.41
CE MSE A 159 -14.68 25.95 4.66
N ILE A 160 -9.34 23.63 2.78
CA ILE A 160 -8.70 22.80 3.91
C ILE A 160 -9.82 22.38 4.77
N LEU A 161 -9.95 21.03 4.86
CA LEU A 161 -10.91 20.42 5.81
C LEU A 161 -10.41 19.10 6.42
N GLU A 162 -10.63 18.92 7.70
CA GLU A 162 -10.19 17.59 8.26
C GLU A 162 -11.47 16.86 8.68
N GLY A 163 -11.47 15.51 8.54
CA GLY A 163 -12.67 14.75 9.02
C GLY A 163 -12.94 14.95 10.49
N GLY A 164 -11.94 15.28 11.29
CA GLY A 164 -12.19 15.44 12.71
C GLY A 164 -13.01 16.67 13.01
N SER A 165 -13.20 17.44 11.91
CA SER A 165 -13.88 18.75 12.07
C SER A 165 -15.31 18.82 11.71
N ILE A 166 -15.82 17.65 11.17
CA ILE A 166 -17.25 17.56 10.85
C ILE A 166 -17.88 16.31 11.45
N HIS A 167 -19.18 16.39 11.75
CA HIS A 167 -19.98 15.24 12.27
C HIS A 167 -21.42 15.39 11.63
N VAL A 168 -22.10 14.29 11.26
CA VAL A 168 -23.45 14.39 10.56
C VAL A 168 -24.36 13.33 11.09
N ASP A 169 -25.64 13.51 10.70
CA ASP A 169 -26.45 12.33 11.04
C ASP A 169 -26.72 11.52 9.74
N GLY A 170 -26.08 11.90 8.60
CA GLY A 170 -26.44 11.21 7.30
C GLY A 170 -27.91 11.53 6.83
N GLU A 171 -28.69 12.15 7.72
CA GLU A 171 -30.11 12.46 7.40
C GLU A 171 -30.24 14.00 7.28
N GLY A 172 -29.18 14.68 6.81
CA GLY A 172 -29.19 16.11 6.57
C GLY A 172 -28.66 17.05 7.63
N THR A 173 -28.52 16.54 8.88
CA THR A 173 -28.02 17.44 9.93
C THR A 173 -26.56 17.20 10.06
N CYS A 174 -25.84 18.29 10.30
CA CYS A 174 -24.38 18.08 10.56
C CYS A 174 -24.25 18.98 11.77
N LEU A 175 -23.13 18.82 12.51
CA LEU A 175 -22.72 19.57 13.78
C LEU A 175 -21.32 19.97 13.44
N VAL A 176 -20.95 21.16 13.95
CA VAL A 176 -19.65 21.68 13.58
C VAL A 176 -19.39 22.84 14.52
N THR A 177 -18.15 23.04 15.09
CA THR A 177 -17.81 24.33 15.91
C THR A 177 -17.28 25.46 14.92
N GLU A 178 -17.58 26.69 15.31
CA GLU A 178 -17.07 27.85 14.54
C GLU A 178 -15.54 28.11 14.87
N GLU A 179 -15.02 27.71 16.09
CA GLU A 179 -13.66 27.88 16.59
C GLU A 179 -12.74 27.19 15.61
N CYS A 180 -13.32 26.15 14.97
CA CYS A 180 -12.51 25.50 13.98
C CYS A 180 -12.55 26.09 12.56
N LEU A 181 -13.71 25.86 11.91
CA LEU A 181 -14.01 26.00 10.52
C LEU A 181 -13.98 27.48 10.11
N LEU A 182 -14.53 28.32 10.94
CA LEU A 182 -14.53 29.78 10.55
C LEU A 182 -13.22 30.48 10.97
N ASN A 183 -12.23 29.76 11.50
CA ASN A 183 -10.91 30.28 11.97
C ASN A 183 -10.20 30.81 10.73
N LYS A 184 -9.46 31.96 10.89
CA LYS A 184 -8.61 32.54 9.85
C LYS A 184 -7.39 31.68 9.47
N ASN A 185 -7.13 30.59 10.22
CA ASN A 185 -5.99 29.78 9.86
C ASN A 185 -6.47 28.60 9.00
N ARG A 186 -7.77 28.53 8.71
CA ARG A 186 -8.28 27.43 7.89
C ARG A 186 -8.55 28.04 6.47
N ASN A 187 -9.69 28.73 6.29
CA ASN A 187 -9.98 29.18 4.91
C ASN A 187 -10.44 30.62 4.92
N PRO A 188 -9.55 31.52 5.43
CA PRO A 188 -9.78 32.97 5.59
C PRO A 188 -10.38 33.53 4.37
N HIS A 189 -10.06 32.96 3.24
CA HIS A 189 -10.65 33.60 2.08
C HIS A 189 -12.07 33.12 1.91
N MSE A 190 -12.62 32.41 2.91
CA MSE A 190 -13.96 32.00 2.69
C MSE A 190 -14.94 32.47 3.72
O MSE A 190 -14.47 32.69 4.84
CB MSE A 190 -13.99 30.43 2.69
CG MSE A 190 -13.13 29.91 1.60
SE MSE A 190 -13.02 27.95 1.75
CE MSE A 190 -14.87 27.33 1.40
N SER A 191 -16.24 32.64 3.38
CA SER A 191 -17.36 32.97 4.26
C SER A 191 -18.10 31.67 4.83
N LYS A 192 -18.82 31.83 5.93
CA LYS A 192 -19.57 30.76 6.55
C LYS A 192 -20.56 30.24 5.56
N GLU A 193 -20.99 31.16 4.71
CA GLU A 193 -22.04 30.76 3.82
C GLU A 193 -21.59 29.80 2.67
N GLN A 194 -20.41 30.09 2.14
CA GLN A 194 -19.70 29.41 1.08
C GLN A 194 -19.16 28.19 1.76
N ILE A 195 -19.18 28.16 3.07
CA ILE A 195 -18.70 26.89 3.81
C ILE A 195 -19.80 25.82 3.69
N GLU A 196 -21.00 26.25 4.10
CA GLU A 196 -22.20 25.45 4.03
C GLU A 196 -22.36 24.99 2.61
N GLU A 197 -22.45 25.96 1.70
CA GLU A 197 -22.56 25.54 0.32
C GLU A 197 -21.58 24.36 -0.18
N GLU A 198 -20.30 24.34 0.19
CA GLU A 198 -19.40 23.26 -0.25
C GLU A 198 -19.77 22.05 0.58
N LEU A 199 -19.90 22.28 1.86
CA LEU A 199 -20.29 21.07 2.63
C LEU A 199 -21.58 20.43 2.12
N LYS A 200 -22.60 21.25 1.68
CA LYS A 200 -23.83 20.74 1.17
C LYS A 200 -23.58 19.86 -0.12
N LYS A 201 -22.83 20.46 -1.04
CA LYS A 201 -22.43 19.85 -2.27
C LYS A 201 -21.65 18.54 -2.08
N TYR A 202 -20.75 18.54 -1.05
CA TYR A 202 -19.90 17.36 -0.97
C TYR A 202 -20.33 16.27 0.10
N LEU A 203 -21.08 16.70 1.13
CA LEU A 203 -21.49 15.77 2.22
C LEU A 203 -22.99 15.40 2.07
N GLY A 204 -23.65 16.00 1.07
CA GLY A 204 -25.09 15.67 0.98
C GLY A 204 -25.95 16.14 2.13
N VAL A 205 -25.64 17.31 2.73
CA VAL A 205 -26.33 17.90 3.84
C VAL A 205 -27.06 19.16 3.40
N GLN A 206 -27.91 19.68 4.29
CA GLN A 206 -28.77 20.93 4.03
C GLN A 206 -29.09 21.68 5.37
N SER A 207 -28.53 21.24 6.52
CA SER A 207 -28.84 21.85 7.84
C SER A 207 -27.70 21.82 8.87
N PHE A 208 -27.21 22.98 9.17
CA PHE A 208 -26.04 23.06 10.00
C PHE A 208 -26.29 23.48 11.39
N ILE A 209 -25.89 22.59 12.32
CA ILE A 209 -25.94 23.05 13.69
C ILE A 209 -24.46 23.45 13.87
N TRP A 210 -24.23 24.76 14.24
CA TRP A 210 -22.99 25.42 14.52
C TRP A 210 -22.87 25.61 16.05
N LEU A 211 -21.88 24.95 16.71
CA LEU A 211 -21.64 25.19 18.16
C LEU A 211 -20.53 26.27 18.20
N PRO A 212 -20.60 27.26 19.13
CA PRO A 212 -19.51 28.25 19.11
C PRO A 212 -18.09 27.75 19.26
N ARG A 213 -17.91 26.94 20.29
CA ARG A 213 -16.58 26.45 20.72
C ARG A 213 -16.53 24.93 20.90
N GLY A 214 -15.33 24.37 20.66
CA GLY A 214 -15.08 22.96 20.96
C GLY A 214 -14.76 22.80 22.48
N LEU A 215 -14.11 21.66 22.84
CA LEU A 215 -13.80 21.31 24.23
C LEU A 215 -12.66 22.14 24.87
N TYR A 216 -12.86 22.60 26.13
CA TYR A 216 -11.70 23.23 26.79
C TYR A 216 -10.43 22.32 26.77
N GLY A 217 -9.32 22.90 26.33
CA GLY A 217 -8.07 22.20 26.20
C GLY A 217 -7.68 21.98 24.72
N ASP A 218 -8.65 22.04 23.80
CA ASP A 218 -8.27 21.84 22.37
C ASP A 218 -7.73 23.03 21.66
N GLU A 219 -7.17 24.00 22.44
CA GLU A 219 -6.68 25.21 21.78
C GLU A 219 -5.81 24.95 20.56
N ASP A 220 -4.91 23.96 20.69
CA ASP A 220 -3.91 23.73 19.61
C ASP A 220 -4.52 23.28 18.29
N THR A 221 -5.56 22.43 18.41
CA THR A 221 -6.36 21.88 17.38
C THR A 221 -7.54 22.84 16.98
N ASN A 222 -7.83 23.80 17.87
CA ASN A 222 -8.86 24.78 17.56
C ASN A 222 -10.30 24.26 17.65
N GLY A 223 -10.53 23.29 18.57
CA GLY A 223 -11.95 23.00 18.82
C GLY A 223 -12.82 22.12 17.89
N HIS A 224 -12.17 21.15 17.24
CA HIS A 224 -12.91 20.15 16.46
C HIS A 224 -14.08 19.65 17.29
N ILE A 225 -15.17 19.52 16.54
CA ILE A 225 -16.43 18.99 17.07
C ILE A 225 -16.34 17.58 17.69
N ASP A 226 -15.45 16.72 17.16
CA ASP A 226 -15.49 15.31 17.75
C ASP A 226 -14.90 15.14 19.11
N ASN A 227 -14.60 16.27 19.74
CA ASN A 227 -14.09 16.24 21.12
C ASN A 227 -15.14 16.86 22.07
N MSE A 228 -16.22 17.39 21.46
CA MSE A 228 -17.26 18.14 22.16
C MSE A 228 -18.55 17.31 22.33
O MSE A 228 -19.05 17.15 23.44
CB MSE A 228 -17.49 19.50 21.41
CG MSE A 228 -18.48 20.53 22.09
SE MSE A 228 -17.64 21.22 23.66
CE MSE A 228 -17.96 19.78 25.05
N CYS A 229 -19.13 16.82 21.23
CA CYS A 229 -20.35 16.02 21.36
C CYS A 229 -20.61 15.65 19.87
N CYS A 230 -21.35 14.57 19.68
CA CYS A 230 -21.67 14.13 18.29
C CYS A 230 -23.03 13.51 18.31
N PHE A 231 -23.56 13.06 17.16
CA PHE A 231 -24.88 12.35 17.40
C PHE A 231 -24.73 11.00 18.04
N ALA A 232 -25.76 10.70 18.82
CA ALA A 232 -25.93 9.30 19.30
C ALA A 232 -26.65 8.48 18.14
N ARG A 233 -27.65 9.16 17.53
CA ARG A 233 -28.54 8.72 16.40
C ARG A 233 -29.12 9.98 15.70
N PRO A 234 -29.97 9.84 14.69
CA PRO A 234 -30.44 11.13 14.08
C PRO A 234 -31.35 12.03 15.00
N GLY A 235 -30.98 13.29 15.14
CA GLY A 235 -31.78 14.07 16.06
C GLY A 235 -31.35 13.90 17.52
N VAL A 236 -30.27 13.14 17.85
CA VAL A 236 -29.94 12.94 19.30
C VAL A 236 -28.44 13.09 19.50
N VAL A 237 -28.05 13.80 20.57
CA VAL A 237 -26.58 14.01 20.76
C VAL A 237 -26.12 13.65 22.17
N LEU A 238 -24.79 13.48 22.26
CA LEU A 238 -24.08 13.21 23.54
C LEU A 238 -23.17 14.42 23.76
N LEU A 239 -23.42 15.08 24.90
CA LEU A 239 -22.65 16.24 25.23
C LEU A 239 -21.66 15.95 26.37
N SER A 240 -20.49 16.57 26.24
CA SER A 240 -19.38 16.29 27.17
C SER A 240 -19.82 17.28 28.29
N TRP A 241 -19.78 16.73 29.52
CA TRP A 241 -20.40 17.51 30.58
C TRP A 241 -19.78 17.42 31.95
N THR A 242 -20.09 18.46 32.70
CA THR A 242 -19.67 18.51 34.04
C THR A 242 -20.48 19.56 34.73
N ASP A 243 -20.76 19.17 35.98
CA ASP A 243 -21.48 20.19 36.79
C ASP A 243 -20.56 21.02 37.69
N ASP A 244 -19.29 21.29 37.34
CA ASP A 244 -18.37 22.10 38.20
C ASP A 244 -18.02 23.47 37.54
N GLU A 245 -18.59 24.56 38.10
CA GLU A 245 -18.37 25.92 37.61
C GLU A 245 -16.90 26.42 37.86
N THR A 246 -16.07 25.74 38.64
CA THR A 246 -14.70 26.29 38.70
C THR A 246 -13.94 25.89 37.40
N ASP A 247 -14.24 24.68 36.91
CA ASP A 247 -13.61 24.19 35.69
C ASP A 247 -14.16 25.04 34.52
N PRO A 248 -13.30 25.60 33.66
CA PRO A 248 -13.58 26.41 32.48
C PRO A 248 -14.54 25.57 31.58
N GLN A 249 -14.20 24.31 31.34
CA GLN A 249 -15.21 23.63 30.49
C GLN A 249 -16.67 24.01 30.67
N TYR A 250 -17.11 24.30 31.91
CA TYR A 250 -18.49 24.57 32.14
C TYR A 250 -19.16 25.57 31.24
N GLU A 251 -18.53 26.73 31.02
CA GLU A 251 -19.25 27.73 30.22
C GLU A 251 -19.46 27.34 28.76
N ARG A 252 -18.50 26.52 28.23
CA ARG A 252 -18.58 26.00 26.83
C ARG A 252 -19.70 25.00 26.73
N SER A 253 -19.80 24.10 27.69
CA SER A 253 -20.87 23.12 27.70
C SER A 253 -22.24 23.79 27.83
N VAL A 254 -22.38 24.71 28.81
CA VAL A 254 -23.67 25.41 28.98
C VAL A 254 -24.04 26.18 27.64
N GLU A 255 -23.07 26.84 27.00
CA GLU A 255 -23.36 27.53 25.74
C GLU A 255 -23.78 26.58 24.59
N ALA A 256 -23.05 25.45 24.46
CA ALA A 256 -23.48 24.48 23.43
C ALA A 256 -24.85 23.93 23.72
N LEU A 257 -25.17 23.65 24.99
CA LEU A 257 -26.49 23.12 25.31
C LEU A 257 -27.57 24.14 24.90
N SER A 258 -27.27 25.43 25.07
CA SER A 258 -28.24 26.47 24.62
C SER A 258 -28.46 26.44 23.09
N VAL A 259 -27.40 26.48 22.29
CA VAL A 259 -27.58 26.33 20.83
C VAL A 259 -28.35 25.06 20.40
N LEU A 260 -27.96 23.90 21.01
CA LEU A 260 -28.65 22.57 20.77
C LEU A 260 -30.17 22.63 21.17
N SER A 261 -30.50 23.32 22.27
CA SER A 261 -31.89 23.46 22.79
C SER A 261 -32.76 24.28 21.85
N ASN A 262 -32.13 24.99 20.98
CA ASN A 262 -32.86 25.81 20.04
C ASN A 262 -32.69 25.22 18.68
N SER A 263 -32.14 24.00 18.61
CA SER A 263 -31.89 23.33 17.33
C SER A 263 -32.96 22.31 16.89
N ILE A 264 -33.29 22.36 15.61
CA ILE A 264 -34.23 21.48 14.88
C ILE A 264 -33.34 20.91 13.78
N ASP A 265 -33.32 19.56 13.72
CA ASP A 265 -32.45 18.87 12.76
C ASP A 265 -33.16 18.96 11.41
N ALA A 266 -32.51 18.63 10.32
CA ALA A 266 -33.09 18.84 8.92
C ALA A 266 -34.43 18.13 8.66
N ARG A 267 -34.50 16.88 9.02
CA ARG A 267 -35.78 16.22 8.75
C ARG A 267 -36.87 16.95 9.61
N GLY A 268 -36.56 18.09 10.30
CA GLY A 268 -37.49 18.83 11.15
C GLY A 268 -37.59 18.39 12.64
N ARG A 269 -36.50 17.85 13.25
CA ARG A 269 -36.59 17.36 14.63
C ARG A 269 -35.86 18.04 15.74
N LYS A 270 -36.57 18.64 16.68
CA LYS A 270 -35.86 19.12 17.93
C LYS A 270 -34.90 17.99 18.50
N ILE A 271 -33.77 18.48 18.94
CA ILE A 271 -32.63 17.63 19.39
C ILE A 271 -32.77 17.12 20.82
N GLN A 272 -32.42 15.84 21.01
CA GLN A 272 -32.38 15.15 22.34
C GLN A 272 -30.89 15.22 22.83
N VAL A 273 -30.66 15.59 24.09
CA VAL A 273 -29.30 15.73 24.67
C VAL A 273 -29.13 14.77 25.80
N ILE A 274 -28.00 14.08 25.71
CA ILE A 274 -27.64 13.09 26.73
C ILE A 274 -26.32 13.60 27.29
N LYS A 275 -26.34 14.00 28.57
CA LYS A 275 -24.99 14.42 29.04
C LYS A 275 -24.03 13.26 29.28
N LEU A 276 -22.85 13.31 28.61
CA LEU A 276 -21.76 12.33 28.79
C LEU A 276 -20.64 13.08 29.66
N TYR A 277 -20.50 12.67 30.94
CA TYR A 277 -19.65 13.51 31.83
C TYR A 277 -18.16 13.35 31.61
N ILE A 278 -17.43 14.46 31.41
CA ILE A 278 -15.97 14.42 31.24
C ILE A 278 -15.18 13.95 32.52
N PRO A 279 -13.90 13.49 32.38
CA PRO A 279 -13.22 13.08 33.60
C PRO A 279 -12.81 14.32 34.45
N GLU A 280 -12.84 14.11 35.77
CA GLU A 280 -12.24 15.19 36.60
C GLU A 280 -10.91 15.60 35.84
N PRO A 281 -10.58 16.91 35.82
CA PRO A 281 -9.44 17.52 35.15
C PRO A 281 -8.14 16.72 35.32
N LEU A 282 -7.53 16.42 34.16
CA LEU A 282 -6.22 15.70 34.00
C LEU A 282 -5.18 16.64 33.38
N TYR A 283 -3.93 16.58 33.86
CA TYR A 283 -2.81 17.45 33.43
C TYR A 283 -1.61 16.61 33.18
N MSE A 284 -0.87 16.96 32.15
CA MSE A 284 0.36 16.23 31.80
C MSE A 284 1.33 16.27 33.04
O MSE A 284 1.48 17.32 33.71
CB MSE A 284 1.05 16.91 30.61
CG MSE A 284 2.48 16.32 30.36
SE MSE A 284 2.92 16.80 28.51
CE MSE A 284 3.20 15.01 27.59
N THR A 285 1.94 15.09 33.31
CA THR A 285 2.93 15.06 34.42
C THR A 285 4.32 15.50 33.93
N GLU A 286 5.22 15.64 34.91
CA GLU A 286 6.56 15.91 34.60
C GLU A 286 7.27 14.76 33.91
N GLU A 287 6.97 13.51 34.28
CA GLU A 287 7.60 12.33 33.69
C GLU A 287 7.23 12.24 32.19
N GLU A 288 5.95 12.49 31.86
CA GLU A 288 5.52 12.44 30.39
C GLU A 288 6.14 13.71 29.65
N SER A 289 6.08 14.86 30.30
CA SER A 289 6.76 15.98 29.63
C SER A 289 8.19 15.63 29.20
N SER A 290 8.92 15.10 30.16
CA SER A 290 10.31 14.89 29.91
C SER A 290 10.58 13.57 29.15
N GLY A 291 9.52 12.79 28.84
CA GLY A 291 9.69 11.52 28.10
C GLY A 291 9.65 11.84 26.60
N ILE A 292 9.44 13.11 26.24
CA ILE A 292 9.40 13.54 24.82
C ILE A 292 10.70 14.21 24.55
N THR A 293 11.13 14.09 23.29
CA THR A 293 12.40 14.65 22.80
C THR A 293 12.19 16.07 22.49
N GLN A 294 13.05 16.91 23.04
CA GLN A 294 12.99 18.35 22.84
C GLN A 294 13.61 18.77 21.52
N ASP A 295 13.67 17.88 20.53
CA ASP A 295 14.27 18.26 19.24
C ASP A 295 13.77 19.61 18.70
N GLY A 296 12.45 19.81 18.73
CA GLY A 296 11.83 21.03 18.21
C GLY A 296 11.31 20.95 16.76
N GLU A 297 10.29 20.11 16.52
CA GLU A 297 9.68 19.94 15.19
C GLU A 297 8.14 20.05 15.35
N ALA A 298 7.75 20.39 16.54
CA ALA A 298 6.32 20.44 16.86
C ALA A 298 6.12 21.40 18.08
N ILE A 299 4.89 21.48 18.56
CA ILE A 299 4.58 22.39 19.70
C ILE A 299 4.96 21.75 21.05
N PRO A 300 5.18 22.60 22.08
CA PRO A 300 5.57 21.97 23.35
C PRO A 300 4.50 21.10 23.97
N ARG A 301 4.95 20.07 24.72
CA ARG A 301 4.03 19.20 25.47
C ARG A 301 4.57 19.46 26.89
N LEU A 302 3.86 20.35 27.65
CA LEU A 302 4.45 20.75 28.96
C LEU A 302 3.75 20.13 30.18
N ALA A 303 4.51 19.71 31.19
CA ALA A 303 3.89 19.25 32.39
C ALA A 303 2.95 20.37 32.87
N GLY A 304 1.80 19.95 33.38
CA GLY A 304 0.79 20.89 33.82
C GLY A 304 -0.28 21.28 32.79
N THR A 305 -0.03 20.99 31.51
CA THR A 305 -0.99 21.42 30.48
C THR A 305 -2.36 20.69 30.63
N ARG A 306 -3.49 21.38 30.43
CA ARG A 306 -4.78 20.67 30.45
C ARG A 306 -4.79 19.75 29.26
N LEU A 307 -5.17 18.50 29.47
CA LEU A 307 -5.27 17.46 28.43
C LEU A 307 -6.72 17.64 28.01
N ALA A 308 -6.89 17.53 26.70
CA ALA A 308 -8.27 17.71 26.09
C ALA A 308 -8.90 16.29 25.97
N ALA A 309 -9.39 15.77 27.09
CA ALA A 309 -9.84 14.37 27.18
C ALA A 309 -11.44 14.34 27.44
N SER A 310 -12.11 13.73 26.44
CA SER A 310 -13.58 13.59 26.59
C SER A 310 -13.98 12.18 26.10
N TYR A 311 -15.00 11.61 26.75
CA TYR A 311 -15.46 10.27 26.33
C TYR A 311 -16.35 10.28 25.07
N VAL A 312 -16.47 11.46 24.42
CA VAL A 312 -17.23 11.63 23.15
C VAL A 312 -16.40 11.22 21.90
N ASN A 313 -15.06 11.24 22.08
CA ASN A 313 -14.09 10.90 21.03
C ASN A 313 -13.89 9.41 21.02
N PHE A 314 -15.00 8.67 21.03
CA PHE A 314 -15.04 7.17 20.91
C PHE A 314 -15.35 7.02 19.42
N TYR A 315 -15.33 5.76 18.93
CA TYR A 315 -15.65 5.41 17.53
C TYR A 315 -16.80 4.43 17.38
N ILE A 316 -17.59 4.61 16.31
CA ILE A 316 -18.65 3.61 16.03
C ILE A 316 -18.13 2.58 15.02
N ALA A 317 -18.20 1.25 15.38
CA ALA A 317 -17.75 0.16 14.46
C ALA A 317 -18.97 -0.71 14.14
N ASN A 318 -18.76 -1.74 13.37
CA ASN A 318 -19.95 -2.56 13.01
C ASN A 318 -20.35 -3.36 14.24
N GLY A 319 -21.36 -2.90 14.97
CA GLY A 319 -21.76 -3.67 16.19
C GLY A 319 -21.03 -3.28 17.49
N GLY A 320 -20.13 -2.28 17.45
CA GLY A 320 -19.40 -1.95 18.68
C GLY A 320 -19.05 -0.46 18.90
N ILE A 321 -19.14 0.01 20.14
CA ILE A 321 -18.74 1.40 20.53
C ILE A 321 -17.28 1.15 21.09
N ILE A 322 -16.24 1.95 20.77
CA ILE A 322 -14.83 1.67 21.21
C ILE A 322 -14.46 3.05 21.78
N ALA A 323 -14.16 3.05 23.10
CA ALA A 323 -14.13 4.30 23.91
C ALA A 323 -12.99 4.51 24.96
N PRO A 324 -12.42 5.69 25.09
CA PRO A 324 -11.37 5.76 26.12
C PRO A 324 -11.96 5.37 27.49
N GLN A 325 -10.97 5.25 28.37
CA GLN A 325 -11.07 5.01 29.80
C GLN A 325 -9.76 5.59 30.34
N PHE A 326 -9.88 6.85 30.79
CA PHE A 326 -8.81 7.66 31.26
C PHE A 326 -8.30 7.08 32.58
N GLY A 327 -9.09 6.29 33.30
CA GLY A 327 -8.43 5.82 34.53
C GLY A 327 -9.21 6.51 35.60
N ASP A 328 -10.08 7.52 35.27
CA ASP A 328 -10.96 8.25 36.32
C ASP A 328 -11.83 7.12 36.75
N PRO A 329 -11.84 6.82 38.05
CA PRO A 329 -12.65 5.67 38.36
C PRO A 329 -14.06 5.82 38.09
N ILE A 330 -14.54 6.86 38.68
CA ILE A 330 -15.95 7.05 38.65
C ILE A 330 -16.52 7.50 37.32
N ARG A 331 -15.87 8.46 36.68
CA ARG A 331 -16.39 8.90 35.39
C ARG A 331 -16.15 7.87 34.28
N ASP A 332 -15.01 7.16 34.28
CA ASP A 332 -14.64 6.10 33.32
C ASP A 332 -15.84 5.17 33.46
N LYS A 333 -16.10 4.74 34.72
CA LYS A 333 -17.24 3.81 34.82
C LYS A 333 -18.47 4.38 34.27
N GLU A 334 -18.83 5.58 34.71
CA GLU A 334 -20.05 6.21 34.25
C GLU A 334 -20.04 6.37 32.71
N ALA A 335 -18.84 6.71 32.17
CA ALA A 335 -18.82 6.88 30.68
C ALA A 335 -19.30 5.60 30.02
N ILE A 336 -18.75 4.43 30.49
CA ILE A 336 -19.25 3.18 29.92
C ILE A 336 -20.71 2.96 30.22
N ARG A 337 -21.20 3.33 31.42
CA ARG A 337 -22.66 3.19 31.64
C ARG A 337 -23.53 4.01 30.67
N VAL A 338 -23.15 5.27 30.46
CA VAL A 338 -23.95 6.09 29.56
C VAL A 338 -23.86 5.57 28.14
N LEU A 339 -22.66 5.31 27.70
CA LEU A 339 -22.56 4.73 26.34
C LEU A 339 -23.31 3.42 26.14
N SER A 340 -23.18 2.50 27.09
CA SER A 340 -23.88 1.26 26.96
C SER A 340 -25.38 1.50 26.93
N ASP A 341 -25.94 2.46 27.69
CA ASP A 341 -27.39 2.74 27.62
C ASP A 341 -27.88 3.42 26.35
N THR A 342 -27.03 4.34 25.84
CA THR A 342 -27.39 5.13 24.70
C THR A 342 -27.31 4.37 23.41
N PHE A 343 -26.51 3.27 23.39
CA PHE A 343 -26.26 2.36 22.18
C PHE A 343 -26.65 0.89 22.54
N PRO A 344 -27.96 0.57 22.54
CA PRO A 344 -28.32 -0.83 22.94
C PRO A 344 -27.81 -2.07 22.26
N HIS A 345 -27.76 -1.92 20.93
CA HIS A 345 -27.34 -3.04 20.06
C HIS A 345 -25.90 -2.97 19.60
N HIS A 346 -25.10 -2.32 20.49
CA HIS A 346 -23.63 -2.27 20.37
C HIS A 346 -22.82 -2.77 21.59
N SER A 347 -21.71 -3.52 21.40
CA SER A 347 -20.87 -3.90 22.54
C SER A 347 -20.12 -2.64 22.74
N VAL A 348 -19.92 -2.21 23.98
CA VAL A 348 -19.14 -1.02 24.29
C VAL A 348 -17.80 -1.39 24.97
N VAL A 349 -16.74 -1.26 24.21
CA VAL A 349 -15.52 -1.62 24.82
C VAL A 349 -14.77 -0.38 25.36
N GLY A 350 -14.08 -0.59 26.46
CA GLY A 350 -13.29 0.50 27.04
C GLY A 350 -11.80 0.25 26.84
N ILE A 351 -11.21 1.00 25.87
CA ILE A 351 -9.79 0.79 25.60
C ILE A 351 -9.08 1.42 26.81
N GLU A 352 -8.27 0.52 27.49
CA GLU A 352 -7.53 1.02 28.59
C GLU A 352 -6.32 1.83 28.07
N ASN A 353 -5.83 2.73 28.95
CA ASN A 353 -4.67 3.59 28.72
C ASN A 353 -4.81 4.52 27.55
N ALA A 354 -6.08 4.93 27.29
CA ALA A 354 -6.31 5.91 26.23
C ALA A 354 -5.60 7.24 26.53
N ARG A 355 -5.24 7.55 27.84
CA ARG A 355 -4.47 8.74 28.17
C ARG A 355 -3.27 8.77 27.27
N GLU A 356 -2.81 7.60 26.86
CA GLU A 356 -1.63 7.58 25.98
C GLU A 356 -1.82 8.38 24.66
N ILE A 357 -3.05 8.39 24.12
CA ILE A 357 -3.32 9.22 22.95
C ILE A 357 -3.49 10.69 23.32
N VAL A 358 -4.34 10.99 24.32
CA VAL A 358 -4.68 12.36 24.74
C VAL A 358 -3.43 13.20 25.07
N LEU A 359 -2.37 12.53 25.56
CA LEU A 359 -1.11 13.30 25.81
C LEU A 359 -0.54 13.91 24.53
N ALA A 360 -1.01 13.46 23.33
CA ALA A 360 -0.59 13.98 22.03
C ALA A 360 -1.58 14.78 21.24
N GLY A 361 -2.72 15.05 21.86
CA GLY A 361 -3.66 15.99 21.24
C GLY A 361 -4.89 15.35 20.69
N GLY A 362 -5.11 14.05 20.90
CA GLY A 362 -6.32 13.47 20.33
C GLY A 362 -6.68 12.18 21.07
N ASN A 363 -7.69 11.47 20.57
CA ASN A 363 -8.16 10.25 21.25
C ASN A 363 -8.70 9.30 20.18
N ILE A 364 -9.44 8.24 20.57
CA ILE A 364 -9.78 7.17 19.58
C ILE A 364 -10.40 7.67 18.29
N HIS A 365 -11.33 8.62 18.43
CA HIS A 365 -11.97 9.03 17.21
C HIS A 365 -10.98 9.72 16.24
N CYS A 366 -9.94 10.37 16.77
CA CYS A 366 -8.99 11.06 15.93
C CYS A 366 -7.97 10.22 15.17
N ILE A 367 -7.79 8.95 15.60
CA ILE A 367 -6.83 8.12 14.91
C ILE A 367 -7.51 7.18 13.88
N THR A 368 -8.85 7.22 13.77
CA THR A 368 -9.60 6.32 12.94
C THR A 368 -10.30 7.03 11.79
N GLN A 369 -10.49 6.26 10.72
CA GLN A 369 -11.29 6.81 9.57
C GLN A 369 -12.05 5.64 9.01
N GLN A 370 -13.38 5.69 9.18
CA GLN A 370 -14.23 4.57 8.69
C GLN A 370 -14.35 4.55 7.14
N GLN A 371 -14.29 3.33 6.56
CA GLN A 371 -14.63 3.16 5.14
C GLN A 371 -16.06 2.60 4.98
N PRO A 372 -17.02 3.38 4.47
CA PRO A 372 -18.39 2.84 4.30
C PRO A 372 -18.38 1.64 3.39
N ALA A 373 -19.45 0.87 3.60
CA ALA A 373 -19.70 -0.26 2.70
C ALA A 373 -20.19 0.37 1.39
N GLU A 374 -19.78 -0.22 0.26
CA GLU A 374 -20.24 0.31 -1.02
C GLU A 374 -21.75 -0.14 -1.28
N PRO A 375 -22.71 0.79 -1.44
CA PRO A 375 -24.08 0.27 -1.65
C PRO A 375 -24.15 -0.35 -3.05
N THR A 376 -24.85 -1.49 -3.10
CA THR A 376 -24.93 -2.25 -4.33
C THR A 376 -25.72 -1.49 -5.37
N SER B 7 4.84 -29.33 1.05
CA SER B 7 3.99 -28.92 2.08
C SER B 7 2.82 -28.40 1.22
N PRO B 8 3.02 -27.23 0.53
CA PRO B 8 1.93 -26.69 -0.30
C PRO B 8 1.37 -27.74 -1.23
N ALA B 9 2.27 -28.54 -1.73
CA ALA B 9 1.95 -29.69 -2.51
C ALA B 9 0.82 -30.47 -1.80
N GLU B 10 0.87 -30.59 -0.46
CA GLU B 10 -0.10 -31.32 0.46
C GLU B 10 -1.51 -30.75 0.54
N HIS B 11 -1.61 -29.53 0.08
CA HIS B 11 -2.84 -28.88 0.16
C HIS B 11 -3.30 -28.70 -1.26
N GLY B 12 -2.62 -29.26 -2.26
CA GLY B 12 -3.16 -29.10 -3.62
C GLY B 12 -2.70 -27.91 -4.45
N TYR B 13 -1.94 -27.03 -3.83
CA TYR B 13 -1.38 -25.88 -4.59
C TYR B 13 -0.30 -26.25 -5.65
N TYR B 14 -0.29 -25.50 -6.76
CA TYR B 14 0.76 -25.70 -7.80
C TYR B 14 1.00 -24.36 -8.49
N MSE B 15 1.98 -24.34 -9.42
CA MSE B 15 2.29 -23.08 -10.14
C MSE B 15 1.69 -23.04 -11.49
O MSE B 15 1.97 -23.84 -12.41
CB MSE B 15 3.80 -23.16 -10.29
CG MSE B 15 4.59 -22.06 -9.63
SE MSE B 15 4.02 -20.66 -10.74
CE MSE B 15 5.63 -19.53 -11.68
N PRO B 16 0.85 -22.01 -11.68
CA PRO B 16 0.24 -21.90 -13.00
C PRO B 16 1.21 -21.45 -14.06
N ALA B 17 0.99 -22.02 -15.23
CA ALA B 17 1.82 -21.51 -16.31
C ALA B 17 1.48 -20.03 -16.48
N GLU B 18 2.52 -19.29 -16.97
CA GLU B 18 2.42 -17.83 -17.23
C GLU B 18 1.27 -17.40 -18.15
N TRP B 19 0.95 -18.25 -19.14
CA TRP B 19 -0.25 -17.94 -19.95
C TRP B 19 -1.65 -18.16 -19.35
N ASP B 20 -1.77 -19.02 -18.32
CA ASP B 20 -3.09 -19.21 -17.65
C ASP B 20 -3.58 -17.97 -16.94
N SER B 21 -4.87 -17.96 -16.49
CA SER B 21 -5.41 -16.69 -16.11
C SER B 21 -4.86 -15.99 -14.87
N HIS B 22 -4.65 -14.64 -14.99
CA HIS B 22 -4.14 -13.70 -13.97
C HIS B 22 -5.34 -12.90 -13.36
N ALA B 23 -4.99 -11.99 -12.47
CA ALA B 23 -5.81 -11.04 -11.66
C ALA B 23 -5.06 -9.66 -11.82
N GLN B 24 -3.78 -9.60 -11.54
CA GLN B 24 -3.16 -8.38 -11.92
C GLN B 24 -1.68 -8.67 -12.08
N THR B 25 -1.04 -7.70 -12.74
CA THR B 25 0.43 -7.72 -12.87
C THR B 25 1.15 -6.76 -11.85
N TRP B 26 2.21 -7.16 -11.14
CA TRP B 26 2.93 -6.29 -10.17
C TRP B 26 4.35 -5.85 -10.68
N ILE B 27 4.44 -4.56 -10.79
CA ILE B 27 5.67 -3.90 -11.19
C ILE B 27 6.13 -2.88 -10.13
N GLY B 28 7.45 -2.66 -9.92
CA GLY B 28 8.03 -1.70 -8.96
C GLY B 28 8.38 -0.51 -9.90
N TRP B 29 9.10 0.48 -9.42
CA TRP B 29 9.31 1.66 -10.22
C TRP B 29 10.75 2.01 -9.94
N PRO B 30 11.61 2.08 -11.03
CA PRO B 30 13.03 2.33 -11.01
C PRO B 30 13.43 3.72 -10.71
N GLU B 31 14.59 3.81 -10.04
CA GLU B 31 15.06 5.15 -9.69
C GLU B 31 16.49 5.21 -9.14
N ARG B 32 17.13 4.13 -8.71
CA ARG B 32 18.47 4.35 -8.08
C ARG B 32 19.50 4.85 -9.13
N GLN B 33 20.34 5.82 -8.67
CA GLN B 33 21.30 6.48 -9.57
C GLN B 33 22.62 5.75 -9.83
N ASP B 34 22.90 4.69 -9.09
CA ASP B 34 24.11 3.93 -9.32
C ASP B 34 23.82 2.70 -10.14
N ASN B 35 22.58 2.63 -10.68
CA ASN B 35 22.20 1.52 -11.54
C ASN B 35 21.39 1.96 -12.75
N TRP B 36 20.73 3.11 -12.67
CA TRP B 36 19.88 3.63 -13.71
C TRP B 36 20.40 5.05 -14.08
N ARG B 37 21.14 5.09 -15.18
CA ARG B 37 21.69 6.38 -15.62
C ARG B 37 20.62 7.51 -15.80
N HIS B 38 21.07 8.77 -15.87
CA HIS B 38 20.15 9.92 -16.07
C HIS B 38 19.02 10.01 -15.08
N ASN B 39 19.37 9.70 -13.83
CA ASN B 39 18.45 9.78 -12.71
C ASN B 39 17.28 8.91 -12.95
N ALA B 40 17.61 7.79 -13.58
CA ALA B 40 16.64 6.81 -13.96
C ALA B 40 15.46 7.38 -14.77
N LEU B 41 15.56 8.55 -15.40
CA LEU B 41 14.39 9.01 -16.14
C LEU B 41 14.04 8.16 -17.39
N PRO B 42 15.04 7.77 -18.17
CA PRO B 42 14.76 6.96 -19.35
C PRO B 42 14.26 5.53 -18.98
N ALA B 43 14.68 5.05 -17.82
CA ALA B 43 14.22 3.71 -17.36
C ALA B 43 12.77 3.86 -16.93
N GLN B 44 12.54 4.97 -16.20
CA GLN B 44 11.17 5.24 -15.72
C GLN B 44 10.30 5.38 -16.95
N ARG B 45 10.84 5.97 -18.06
CA ARG B 45 9.90 6.08 -19.21
C ARG B 45 9.47 4.76 -19.76
N VAL B 46 10.36 3.81 -19.86
CA VAL B 46 9.96 2.50 -20.37
C VAL B 46 9.05 1.68 -19.44
N PHE B 47 9.34 1.80 -18.15
CA PHE B 47 8.53 1.06 -17.20
C PHE B 47 7.12 1.55 -17.30
N ALA B 48 6.95 2.87 -17.43
CA ALA B 48 5.60 3.33 -17.61
C ALA B 48 4.93 2.80 -18.87
N GLY B 49 5.72 2.70 -19.94
CA GLY B 49 5.22 2.14 -21.23
C GLY B 49 4.83 0.68 -21.11
N VAL B 50 5.66 -0.05 -20.38
CA VAL B 50 5.40 -1.45 -20.16
C VAL B 50 4.14 -1.56 -19.35
N ALA B 51 4.03 -0.78 -18.24
CA ALA B 51 2.80 -0.87 -17.42
C ALA B 51 1.53 -0.62 -18.18
N LYS B 52 1.57 0.46 -19.01
CA LYS B 52 0.36 0.79 -19.80
C LYS B 52 0.11 -0.31 -20.86
N ALA B 53 1.16 -0.83 -21.49
CA ALA B 53 0.85 -1.85 -22.47
C ALA B 53 0.13 -3.01 -21.72
N ILE B 54 0.69 -3.44 -20.56
CA ILE B 54 0.01 -4.54 -19.97
C ILE B 54 -1.33 -4.16 -19.47
N SER B 55 -1.52 -2.91 -19.02
CA SER B 55 -2.90 -2.55 -18.54
C SER B 55 -4.07 -2.62 -19.61
N LYS B 56 -3.71 -2.80 -20.90
CA LYS B 56 -4.71 -3.02 -21.92
C LYS B 56 -5.26 -4.41 -21.88
N PHE B 57 -4.51 -5.35 -21.22
CA PHE B 57 -4.94 -6.72 -21.19
C PHE B 57 -5.48 -7.22 -19.92
N GLU B 58 -5.13 -6.57 -18.81
CA GLU B 58 -5.55 -7.14 -17.49
C GLU B 58 -5.02 -6.03 -16.54
N PRO B 59 -5.53 -6.00 -15.26
CA PRO B 59 -5.17 -5.04 -14.22
C PRO B 59 -3.68 -5.02 -13.82
N VAL B 60 -3.25 -3.82 -13.52
CA VAL B 60 -1.89 -3.66 -13.07
C VAL B 60 -1.82 -2.88 -11.79
N THR B 61 -0.92 -3.28 -10.86
CA THR B 61 -0.58 -2.42 -9.72
C THR B 61 0.89 -2.15 -9.86
N VAL B 62 1.23 -0.86 -9.78
CA VAL B 62 2.61 -0.40 -9.75
C VAL B 62 2.89 0.00 -8.29
N CYS B 63 4.13 -0.27 -7.85
CA CYS B 63 4.63 0.07 -6.53
C CYS B 63 5.88 0.89 -6.75
N ALA B 64 5.97 2.00 -5.99
CA ALA B 64 7.08 2.96 -6.17
C ALA B 64 7.57 3.49 -4.82
N SER B 65 8.86 3.79 -4.70
CA SER B 65 9.30 4.29 -3.41
C SER B 65 8.54 5.53 -2.98
N PRO B 66 8.60 5.81 -1.67
CA PRO B 66 7.95 7.04 -1.17
C PRO B 66 8.32 8.27 -1.98
N ALA B 67 9.61 8.47 -2.27
CA ALA B 67 9.98 9.65 -3.06
C ALA B 67 9.43 9.67 -4.50
N GLN B 68 9.16 8.52 -5.08
CA GLN B 68 8.66 8.43 -6.45
C GLN B 68 7.17 8.36 -6.57
N TRP B 69 6.42 8.32 -5.46
CA TRP B 69 5.00 8.06 -5.58
C TRP B 69 4.25 8.94 -6.54
N GLU B 70 4.31 10.25 -6.25
CA GLU B 70 3.62 11.21 -7.05
C GLU B 70 4.11 11.16 -8.49
N ASN B 71 5.41 11.02 -8.71
CA ASN B 71 5.92 10.92 -10.14
C ASN B 71 5.23 9.84 -10.89
N ALA B 72 5.28 8.63 -10.30
CA ALA B 72 4.61 7.52 -10.86
C ALA B 72 3.09 7.78 -10.95
N ARG B 73 2.41 8.37 -9.96
CA ARG B 73 0.94 8.48 -10.14
C ARG B 73 0.74 9.40 -11.39
N LYS B 74 1.54 10.43 -11.45
CA LYS B 74 1.41 11.40 -12.56
C LYS B 74 1.60 10.83 -13.92
N GLN B 75 2.51 9.84 -14.07
CA GLN B 75 2.78 9.29 -15.39
C GLN B 75 1.81 8.24 -15.82
N LEU B 76 1.51 7.34 -14.90
CA LEU B 76 0.70 6.20 -15.23
C LEU B 76 -0.74 6.55 -15.34
N PRO B 77 -1.39 6.02 -16.38
CA PRO B 77 -2.83 6.21 -16.61
C PRO B 77 -3.49 6.08 -15.21
N GLU B 78 -4.75 6.58 -15.08
CA GLU B 78 -5.47 6.51 -13.83
C GLU B 78 -5.90 5.11 -13.39
N ASP B 79 -6.20 4.16 -14.38
CA ASP B 79 -6.61 2.81 -14.09
C ASP B 79 -5.34 1.96 -13.66
N ILE B 80 -4.13 2.56 -13.61
CA ILE B 80 -2.95 1.77 -13.06
C ILE B 80 -2.81 2.17 -11.53
N ARG B 81 -2.99 1.20 -10.59
CA ARG B 81 -2.94 1.51 -9.17
C ARG B 81 -1.45 1.75 -8.86
N VAL B 82 -1.16 2.76 -8.06
CA VAL B 82 0.21 3.00 -7.68
C VAL B 82 0.16 3.09 -6.16
N VAL B 83 1.04 2.30 -5.54
CA VAL B 83 1.03 2.24 -4.08
C VAL B 83 2.51 2.47 -3.68
N GLU B 84 2.67 3.07 -2.53
CA GLU B 84 3.96 3.39 -2.03
C GLU B 84 4.46 2.07 -1.37
N MSE B 85 5.78 1.84 -1.62
CA MSE B 85 6.51 0.72 -1.10
C MSE B 85 7.95 1.11 -1.20
O MSE B 85 8.40 1.65 -2.22
CB MSE B 85 6.32 -0.49 -2.01
CG MSE B 85 7.24 -1.67 -1.51
SE MSE B 85 6.49 -3.41 -1.73
CE MSE B 85 4.57 -2.98 -1.40
N SER B 86 8.75 0.72 -0.20
CA SER B 86 10.21 0.89 -0.29
C SER B 86 10.81 -0.33 -1.09
N MSE B 87 11.78 -0.05 -1.99
CA MSE B 87 12.44 -1.19 -2.73
C MSE B 87 13.87 -0.93 -3.28
O MSE B 87 14.10 -0.10 -4.15
CB MSE B 87 11.52 -1.78 -3.89
CG MSE B 87 10.12 -1.53 -3.84
SE MSE B 87 9.19 -0.78 -5.40
CE MSE B 87 7.80 -1.82 -4.95
N ASN B 88 14.85 -1.67 -2.91
CA ASN B 88 16.11 -1.17 -3.48
C ASN B 88 16.17 -1.18 -4.99
N ASP B 89 15.62 -2.30 -5.49
CA ASP B 89 15.56 -2.61 -6.95
C ASP B 89 14.16 -2.78 -7.47
N SER B 90 14.03 -2.59 -8.79
CA SER B 90 12.68 -2.56 -9.31
C SER B 90 12.44 -3.76 -10.17
N TRP B 91 12.78 -4.94 -9.65
CA TRP B 91 12.68 -6.16 -10.48
C TRP B 91 11.58 -7.04 -9.78
N PHE B 92 10.29 -6.65 -10.01
CA PHE B 92 9.33 -7.46 -9.29
C PHE B 92 9.41 -8.98 -9.59
N ARG B 93 9.99 -9.44 -10.76
CA ARG B 93 10.17 -10.91 -10.87
C ARG B 93 10.91 -11.54 -9.70
N ASP B 94 11.93 -10.84 -9.24
CA ASP B 94 12.83 -11.34 -8.14
C ASP B 94 12.37 -10.98 -6.71
N SER B 95 12.03 -9.73 -6.54
CA SER B 95 11.60 -9.46 -5.14
C SER B 95 10.13 -9.89 -4.84
N GLY B 96 9.26 -9.76 -5.85
CA GLY B 96 7.83 -10.21 -5.77
C GLY B 96 7.87 -11.70 -5.31
N PRO B 97 6.81 -12.13 -4.65
CA PRO B 97 6.59 -13.51 -4.07
C PRO B 97 6.10 -14.37 -5.26
N THR B 98 6.40 -15.69 -5.30
CA THR B 98 5.83 -16.53 -6.39
C THR B 98 4.41 -16.99 -5.94
N PHE B 99 3.46 -16.95 -6.89
CA PHE B 99 2.04 -17.29 -6.50
C PHE B 99 1.73 -18.75 -6.84
N ILE B 100 0.89 -19.30 -5.94
CA ILE B 100 0.51 -20.72 -6.08
C ILE B 100 -1.03 -20.87 -5.91
N VAL B 101 -1.64 -21.77 -6.69
CA VAL B 101 -3.14 -21.92 -6.60
C VAL B 101 -3.52 -23.33 -6.42
N ARG B 102 -4.76 -23.52 -5.88
CA ARG B 102 -5.30 -24.85 -5.80
C ARG B 102 -6.80 -24.80 -6.24
N LYS B 103 -7.39 -25.97 -6.46
CA LYS B 103 -8.85 -26.12 -6.76
C LYS B 103 -9.51 -26.55 -5.43
N ARG B 104 -10.31 -25.67 -4.87
CA ARG B 104 -10.95 -26.02 -3.61
C ARG B 104 -12.09 -26.89 -3.89
N ASN B 112 -10.20 -20.64 4.49
CA ASN B 112 -9.72 -21.56 3.44
C ASN B 112 -9.58 -20.84 2.12
N ARG B 113 -8.33 -20.72 1.65
CA ARG B 113 -8.07 -19.95 0.43
C ARG B 113 -7.58 -20.82 -0.71
N ASN B 114 -7.76 -20.31 -1.96
CA ASN B 114 -7.35 -21.05 -3.15
C ASN B 114 -6.12 -20.44 -3.86
N ILE B 115 -5.50 -19.49 -3.13
CA ILE B 115 -4.21 -18.90 -3.64
C ILE B 115 -3.37 -18.64 -2.47
N ALA B 116 -2.06 -18.56 -2.68
CA ALA B 116 -1.09 -18.16 -1.61
C ALA B 116 0.15 -17.60 -2.36
N GLY B 117 1.06 -16.99 -1.58
CA GLY B 117 2.35 -16.53 -2.13
C GLY B 117 3.57 -17.17 -1.42
N ILE B 118 4.67 -17.34 -2.16
CA ILE B 118 5.85 -17.84 -1.60
C ILE B 118 6.82 -16.64 -1.49
N ASP B 119 7.40 -16.56 -0.34
CA ASP B 119 8.35 -15.48 -0.05
C ASP B 119 9.72 -16.16 0.02
N TRP B 120 10.38 -16.16 -1.14
CA TRP B 120 11.68 -16.79 -1.11
C TRP B 120 12.69 -15.97 -0.39
N ASN B 121 13.75 -16.65 0.13
CA ASN B 121 14.84 -15.85 0.70
C ASN B 121 15.55 -15.18 -0.50
N PHE B 122 16.39 -14.22 -0.25
CA PHE B 122 16.93 -13.46 -1.41
C PHE B 122 18.25 -12.97 -0.90
N ASN B 123 19.12 -12.56 -1.86
CA ASN B 123 20.49 -12.03 -1.48
C ASN B 123 21.32 -11.34 -2.56
N ALA B 124 20.55 -10.70 -3.44
CA ALA B 124 21.14 -9.92 -4.56
C ALA B 124 22.01 -10.63 -5.54
N TRP B 125 21.42 -11.77 -5.93
CA TRP B 125 21.92 -12.73 -6.94
C TRP B 125 23.30 -13.14 -6.45
N GLY B 126 23.45 -13.07 -5.17
CA GLY B 126 24.72 -13.63 -4.75
C GLY B 126 25.29 -13.13 -3.43
N GLY B 127 24.60 -12.21 -2.78
CA GLY B 127 25.06 -11.83 -1.42
C GLY B 127 26.16 -10.79 -1.33
N ALA B 128 26.73 -10.77 -0.14
CA ALA B 128 27.73 -9.79 0.25
C ALA B 128 28.93 -9.89 -0.63
N ASN B 129 29.39 -11.11 -0.86
CA ASN B 129 30.56 -11.24 -1.71
C ASN B 129 30.40 -11.32 -3.25
N ASP B 130 29.18 -11.52 -3.80
CA ASP B 130 28.91 -11.60 -5.25
C ASP B 130 27.53 -11.24 -5.76
N GLY B 131 26.88 -10.33 -5.04
CA GLY B 131 25.57 -9.86 -5.42
C GLY B 131 25.66 -8.55 -6.20
N CYS B 132 24.52 -7.99 -6.57
CA CYS B 132 24.54 -6.79 -7.41
C CYS B 132 24.53 -5.44 -6.74
N TYR B 133 24.25 -5.44 -5.44
CA TYR B 133 24.25 -4.17 -4.68
C TYR B 133 24.40 -4.47 -3.22
N ASN B 134 24.80 -3.42 -2.45
CA ASN B 134 25.17 -3.62 -1.01
C ASN B 134 24.09 -3.93 0.00
N ASP B 135 22.93 -3.36 -0.18
CA ASP B 135 21.93 -3.57 0.87
C ASP B 135 20.62 -3.91 0.18
N TRP B 136 20.02 -4.98 0.66
CA TRP B 136 18.77 -5.44 0.02
C TRP B 136 17.74 -5.63 1.15
N SER B 137 17.85 -4.81 2.22
CA SER B 137 16.86 -4.98 3.31
C SER B 137 15.34 -4.79 2.96
N HIS B 138 15.05 -3.74 2.18
CA HIS B 138 13.64 -3.53 1.79
C HIS B 138 13.44 -4.54 0.68
N ASP B 139 14.41 -4.75 -0.20
CA ASP B 139 13.99 -5.75 -1.16
C ASP B 139 13.58 -6.99 -0.37
N LEU B 140 14.19 -7.35 0.84
CA LEU B 140 13.72 -8.56 1.55
C LEU B 140 12.21 -8.63 1.91
N LEU B 141 11.60 -7.46 2.19
CA LEU B 141 10.18 -7.32 2.60
C LEU B 141 9.14 -7.18 1.48
N VAL B 142 9.59 -7.14 0.18
CA VAL B 142 8.59 -6.84 -0.87
C VAL B 142 7.47 -7.90 -1.03
N SER B 143 7.85 -9.18 -0.86
CA SER B 143 6.88 -10.24 -1.10
C SER B 143 5.78 -10.23 0.00
N ARG B 144 6.13 -10.05 1.28
CA ARG B 144 5.15 -10.05 2.35
C ARG B 144 4.31 -8.77 2.27
N LYS B 145 4.89 -7.65 1.81
CA LYS B 145 4.06 -6.43 1.70
C LYS B 145 2.99 -6.53 0.58
N ILE B 146 3.33 -7.27 -0.47
CA ILE B 146 2.36 -7.43 -1.57
C ILE B 146 1.26 -8.38 -1.05
N LEU B 147 1.71 -9.53 -0.49
CA LEU B 147 0.69 -10.51 -0.07
C LEU B 147 -0.16 -9.87 1.03
N ALA B 148 0.39 -8.97 1.87
CA ALA B 148 -0.48 -8.39 2.98
C ALA B 148 -1.43 -7.43 2.31
N LEU B 149 -0.94 -6.63 1.36
CA LEU B 149 -1.79 -5.63 0.73
C LEU B 149 -2.94 -6.32 0.04
N GLU B 150 -2.71 -7.49 -0.59
CA GLU B 150 -3.70 -8.10 -1.43
C GLU B 150 -4.49 -9.22 -0.60
N ARG B 151 -4.14 -9.31 0.67
CA ARG B 151 -4.75 -10.21 1.62
C ARG B 151 -4.71 -11.66 1.08
N ILE B 152 -3.48 -12.07 0.74
CA ILE B 152 -3.22 -13.43 0.27
C ILE B 152 -2.23 -14.11 1.26
N PRO B 153 -2.53 -15.32 1.70
CA PRO B 153 -1.69 -16.05 2.66
C PRO B 153 -0.29 -16.28 2.08
N ARG B 154 0.71 -16.28 2.98
CA ARG B 154 2.12 -16.37 2.62
C ARG B 154 2.67 -17.72 3.06
N PHE B 155 3.61 -18.27 2.27
CA PHE B 155 4.42 -19.43 2.55
C PHE B 155 5.86 -18.94 2.47
N GLN B 156 6.50 -18.75 3.64
CA GLN B 156 7.91 -18.34 3.63
C GLN B 156 8.73 -19.53 3.33
N HIS B 157 9.81 -19.34 2.56
CA HIS B 157 10.67 -20.47 2.36
C HIS B 157 12.07 -20.09 2.76
N SER B 158 12.78 -21.03 3.41
CA SER B 158 14.17 -20.71 3.73
C SER B 158 15.25 -20.77 2.60
N MSE B 159 14.98 -21.48 1.48
CA MSE B 159 16.07 -21.42 0.46
C MSE B 159 15.96 -20.13 -0.35
O MSE B 159 14.87 -19.60 -0.49
CB MSE B 159 16.10 -22.63 -0.52
CG MSE B 159 15.18 -22.55 -1.63
SE MSE B 159 15.47 -24.12 -3.06
CE MSE B 159 16.81 -23.21 -3.89
N ILE B 160 17.09 -19.60 -0.82
CA ILE B 160 17.10 -18.45 -1.73
C ILE B 160 16.44 -18.90 -3.04
N LEU B 161 15.78 -17.96 -3.72
CA LEU B 161 15.24 -18.30 -5.04
C LEU B 161 14.49 -17.21 -5.89
N GLU B 162 15.10 -16.85 -6.98
CA GLU B 162 14.45 -15.80 -7.75
C GLU B 162 13.34 -16.31 -8.64
N GLY B 163 12.19 -15.57 -8.68
CA GLY B 163 11.09 -16.00 -9.59
C GLY B 163 11.52 -16.12 -11.03
N GLY B 164 12.50 -15.31 -11.49
CA GLY B 164 12.91 -15.44 -12.88
C GLY B 164 13.83 -16.67 -13.05
N SER B 165 14.28 -17.28 -11.94
CA SER B 165 15.18 -18.45 -11.99
C SER B 165 14.51 -19.80 -12.31
N ILE B 166 13.18 -19.77 -12.37
CA ILE B 166 12.36 -20.95 -12.68
C ILE B 166 11.31 -20.61 -13.76
N HIS B 167 11.03 -21.63 -14.57
CA HIS B 167 9.95 -21.51 -15.59
C HIS B 167 9.10 -22.76 -15.40
N VAL B 168 7.75 -22.63 -15.59
CA VAL B 168 6.86 -23.85 -15.40
C VAL B 168 5.95 -23.87 -16.62
N ASP B 169 5.35 -25.02 -16.90
CA ASP B 169 4.53 -25.14 -18.12
C ASP B 169 3.10 -25.48 -17.73
N GLY B 170 2.75 -25.34 -16.46
CA GLY B 170 1.40 -25.71 -16.09
C GLY B 170 1.01 -27.17 -16.25
N GLU B 171 1.96 -28.02 -16.60
CA GLU B 171 1.66 -29.44 -16.74
C GLU B 171 2.69 -30.28 -16.08
N GLY B 172 3.30 -29.75 -15.02
CA GLY B 172 4.20 -30.58 -14.27
C GLY B 172 5.68 -30.33 -14.42
N THR B 173 6.09 -29.65 -15.49
CA THR B 173 7.58 -29.46 -15.81
C THR B 173 8.04 -28.09 -15.36
N CYS B 174 9.30 -28.01 -14.84
CA CYS B 174 9.81 -26.69 -14.48
C CYS B 174 11.25 -26.61 -15.08
N LEU B 175 11.44 -25.51 -15.82
CA LEU B 175 12.68 -25.30 -16.55
C LEU B 175 13.61 -24.46 -15.68
N VAL B 176 14.90 -24.85 -15.68
CA VAL B 176 15.85 -24.16 -14.73
C VAL B 176 17.29 -24.21 -15.13
N THR B 177 18.07 -23.13 -14.95
CA THR B 177 19.53 -23.35 -15.23
C THR B 177 20.35 -23.76 -13.97
N GLU B 178 21.40 -24.60 -14.20
CA GLU B 178 22.32 -24.98 -13.12
C GLU B 178 23.23 -23.76 -12.81
N GLU B 179 23.58 -22.96 -13.82
CA GLU B 179 24.46 -21.85 -13.62
C GLU B 179 23.85 -21.05 -12.51
N CYS B 180 22.49 -21.00 -12.44
CA CYS B 180 21.83 -20.22 -11.42
C CYS B 180 21.65 -21.00 -10.16
N LEU B 181 20.79 -21.98 -10.23
CA LEU B 181 20.37 -22.59 -8.95
C LEU B 181 21.45 -23.30 -8.16
N LEU B 182 22.49 -23.76 -8.86
CA LEU B 182 23.58 -24.43 -8.12
C LEU B 182 24.73 -23.46 -7.79
N ASN B 183 24.53 -22.16 -7.99
CA ASN B 183 25.68 -21.26 -7.67
C ASN B 183 26.04 -21.29 -6.21
N LYS B 184 27.35 -21.13 -5.96
CA LYS B 184 27.81 -21.05 -4.57
C LYS B 184 27.19 -19.89 -3.68
N ASN B 185 26.78 -18.85 -4.40
CA ASN B 185 26.30 -17.62 -3.81
C ASN B 185 24.75 -17.70 -3.53
N ARG B 186 24.10 -18.87 -3.72
CA ARG B 186 22.67 -19.04 -3.50
C ARG B 186 22.34 -20.09 -2.35
N ASN B 187 22.59 -21.37 -2.68
CA ASN B 187 22.28 -22.47 -1.74
C ASN B 187 23.38 -23.53 -1.89
N PRO B 188 24.64 -23.17 -1.62
CA PRO B 188 25.69 -24.18 -1.82
C PRO B 188 25.65 -25.43 -0.97
N HIS B 189 24.84 -25.41 0.11
CA HIS B 189 24.76 -26.59 1.01
C HIS B 189 23.68 -27.58 0.57
N MSE B 190 22.81 -27.19 -0.40
CA MSE B 190 21.72 -28.06 -0.80
C MSE B 190 22.10 -28.90 -2.04
O MSE B 190 22.62 -28.37 -3.07
CB MSE B 190 20.52 -27.24 -1.27
CG MSE B 190 19.98 -26.45 -0.04
SE MSE B 190 18.29 -25.46 -0.36
CE MSE B 190 17.17 -26.95 -0.81
N SER B 191 21.82 -30.21 -1.98
CA SER B 191 22.14 -30.98 -3.20
C SER B 191 21.18 -30.56 -4.31
N LYS B 192 21.44 -31.04 -5.52
CA LYS B 192 20.56 -30.84 -6.69
C LYS B 192 19.28 -31.59 -6.27
N GLU B 193 19.43 -32.68 -5.49
CA GLU B 193 18.26 -33.43 -5.09
C GLU B 193 17.36 -32.66 -4.11
N GLN B 194 18.01 -31.99 -3.12
CA GLN B 194 17.21 -31.22 -2.13
C GLN B 194 16.55 -30.01 -2.80
N ILE B 195 17.20 -29.37 -3.76
CA ILE B 195 16.57 -28.23 -4.49
C ILE B 195 15.35 -28.77 -5.29
N GLU B 196 15.54 -29.88 -6.00
CA GLU B 196 14.36 -30.44 -6.71
C GLU B 196 13.30 -30.83 -5.63
N GLU B 197 13.74 -31.40 -4.47
CA GLU B 197 12.75 -31.75 -3.44
C GLU B 197 11.92 -30.54 -3.08
N GLU B 198 12.63 -29.41 -2.81
CA GLU B 198 11.87 -28.19 -2.47
C GLU B 198 10.98 -27.70 -3.54
N LEU B 199 11.43 -27.68 -4.80
CA LEU B 199 10.59 -27.09 -5.83
C LEU B 199 9.37 -28.01 -6.06
N LYS B 200 9.52 -29.36 -5.86
CA LYS B 200 8.29 -30.20 -5.98
C LYS B 200 7.30 -29.80 -4.93
N LYS B 201 7.74 -29.66 -3.67
CA LYS B 201 6.81 -29.37 -2.58
C LYS B 201 6.17 -28.01 -2.74
N TYR B 202 6.93 -27.03 -3.27
CA TYR B 202 6.39 -25.66 -3.32
C TYR B 202 5.76 -25.30 -4.68
N LEU B 203 6.29 -25.83 -5.78
CA LEU B 203 5.74 -25.48 -7.11
C LEU B 203 4.75 -26.54 -7.60
N GLY B 204 4.67 -27.69 -6.92
CA GLY B 204 3.72 -28.67 -7.46
C GLY B 204 4.24 -29.38 -8.66
N VAL B 205 5.45 -29.07 -9.07
CA VAL B 205 5.99 -29.81 -10.22
C VAL B 205 6.42 -31.22 -9.78
N GLN B 206 6.67 -32.07 -10.78
CA GLN B 206 7.09 -33.45 -10.52
C GLN B 206 8.49 -33.77 -11.10
N SER B 207 8.91 -32.95 -12.14
CA SER B 207 10.20 -33.17 -12.77
C SER B 207 10.68 -31.81 -13.21
N PHE B 208 11.87 -31.87 -13.80
CA PHE B 208 12.68 -30.74 -14.07
C PHE B 208 13.49 -30.99 -15.35
N ILE B 209 13.67 -29.88 -16.10
CA ILE B 209 14.62 -29.87 -17.25
C ILE B 209 15.75 -29.09 -16.67
N TRP B 210 17.02 -29.52 -16.81
CA TRP B 210 18.16 -28.72 -16.34
C TRP B 210 19.04 -28.15 -17.43
N LEU B 211 18.95 -26.83 -17.69
CA LEU B 211 19.92 -26.20 -18.65
C LEU B 211 21.24 -25.89 -17.88
N PRO B 212 22.42 -26.16 -18.47
CA PRO B 212 23.60 -25.82 -17.65
C PRO B 212 23.82 -24.37 -17.45
N ARG B 213 23.61 -23.64 -18.55
CA ARG B 213 23.93 -22.22 -18.52
C ARG B 213 22.80 -21.35 -19.07
N GLY B 214 22.78 -20.12 -18.55
CA GLY B 214 21.85 -19.11 -19.08
C GLY B 214 22.56 -18.39 -20.22
N LEU B 215 22.04 -17.21 -20.50
CA LEU B 215 22.51 -16.34 -21.67
C LEU B 215 24.00 -16.01 -21.43
N TYR B 216 24.80 -16.12 -22.53
CA TYR B 216 26.19 -15.78 -22.42
C TYR B 216 26.24 -14.37 -21.82
N GLY B 217 27.19 -14.00 -20.94
CA GLY B 217 27.07 -12.63 -20.40
C GLY B 217 26.02 -12.19 -19.42
N ASP B 218 25.29 -13.12 -18.77
CA ASP B 218 24.24 -12.64 -17.76
C ASP B 218 24.81 -12.97 -16.44
N GLU B 219 26.10 -12.63 -16.24
CA GLU B 219 26.81 -12.88 -14.93
C GLU B 219 26.14 -12.17 -13.72
N ASP B 220 25.37 -11.06 -13.87
CA ASP B 220 24.76 -10.53 -12.64
C ASP B 220 23.68 -11.43 -11.99
N THR B 221 22.86 -12.07 -12.77
CA THR B 221 21.90 -13.01 -12.17
C THR B 221 22.44 -14.42 -12.16
N ASN B 222 23.66 -14.68 -12.70
CA ASN B 222 24.17 -16.04 -12.87
C ASN B 222 23.27 -17.02 -13.82
N GLY B 223 22.88 -16.54 -15.00
CA GLY B 223 22.28 -17.42 -15.98
C GLY B 223 20.77 -17.82 -15.79
N HIS B 224 19.99 -16.83 -15.29
CA HIS B 224 18.50 -16.83 -15.09
C HIS B 224 17.88 -17.34 -16.37
N ILE B 225 17.06 -18.35 -16.16
CA ILE B 225 16.44 -18.99 -17.29
C ILE B 225 15.64 -17.87 -17.96
N ASP B 226 14.97 -17.05 -17.19
CA ASP B 226 14.09 -16.13 -17.97
C ASP B 226 14.73 -15.29 -19.02
N ASN B 227 16.06 -15.23 -18.99
CA ASN B 227 16.64 -14.53 -20.10
C ASN B 227 17.31 -15.52 -21.01
N MSE B 228 17.02 -16.86 -20.92
CA MSE B 228 17.69 -17.86 -21.74
C MSE B 228 16.66 -18.45 -22.76
O MSE B 228 16.93 -18.34 -24.01
CB MSE B 228 18.38 -18.97 -20.79
CG MSE B 228 19.32 -20.08 -21.53
SE MSE B 228 20.84 -19.44 -22.69
CE MSE B 228 21.43 -21.11 -23.21
N CYS B 229 15.57 -19.05 -22.24
CA CYS B 229 14.44 -19.67 -23.04
C CYS B 229 13.25 -19.93 -22.00
N CYS B 230 12.12 -20.33 -22.57
CA CYS B 230 10.88 -20.53 -21.73
C CYS B 230 9.96 -21.45 -22.43
N PHE B 231 8.96 -21.91 -21.70
CA PHE B 231 7.96 -22.76 -22.43
C PHE B 231 7.03 -21.90 -23.37
N ALA B 232 6.69 -22.51 -24.52
CA ALA B 232 5.69 -21.90 -25.45
C ALA B 232 4.28 -22.33 -25.05
N ARG B 233 4.25 -23.59 -24.63
CA ARG B 233 3.06 -24.40 -24.23
C ARG B 233 3.60 -25.73 -23.58
N PRO B 234 2.84 -26.69 -23.23
CA PRO B 234 3.66 -27.77 -22.61
C PRO B 234 4.42 -28.68 -23.68
N GLY B 235 5.68 -28.87 -23.41
CA GLY B 235 6.54 -29.78 -24.24
C GLY B 235 7.02 -28.98 -25.47
N VAL B 236 7.01 -27.63 -25.43
CA VAL B 236 7.47 -26.75 -26.54
C VAL B 236 8.05 -25.49 -25.83
N VAL B 237 9.35 -25.28 -26.08
CA VAL B 237 10.13 -24.07 -25.57
C VAL B 237 10.58 -23.23 -26.78
N LEU B 238 10.88 -21.98 -26.43
CA LEU B 238 11.47 -21.02 -27.35
C LEU B 238 12.86 -20.91 -26.68
N LEU B 239 13.93 -21.05 -27.47
CA LEU B 239 15.29 -21.07 -26.97
C LEU B 239 16.11 -20.02 -27.72
N SER B 240 16.59 -18.95 -27.03
CA SER B 240 17.45 -17.88 -27.59
C SER B 240 18.38 -18.50 -28.60
N TRP B 241 18.69 -17.78 -29.70
CA TRP B 241 19.52 -18.52 -30.64
C TRP B 241 20.32 -17.66 -31.55
N THR B 242 21.51 -18.19 -31.93
CA THR B 242 22.29 -17.50 -33.02
C THR B 242 22.98 -18.65 -33.79
N ASP B 243 23.05 -18.44 -35.10
CA ASP B 243 23.83 -19.36 -35.96
C ASP B 243 25.21 -18.70 -36.21
N ASP B 244 25.57 -17.58 -35.58
CA ASP B 244 26.89 -16.91 -35.81
C ASP B 244 27.87 -17.55 -34.92
N GLU B 245 28.61 -18.58 -35.42
CA GLU B 245 29.52 -19.23 -34.53
C GLU B 245 30.60 -18.31 -34.01
N THR B 246 30.73 -17.03 -34.40
CA THR B 246 31.76 -16.32 -33.73
C THR B 246 31.25 -15.67 -32.52
N ASP B 247 29.96 -15.91 -32.25
CA ASP B 247 29.31 -15.39 -31.03
C ASP B 247 29.38 -16.48 -29.92
N PRO B 248 30.00 -16.15 -28.75
CA PRO B 248 30.10 -17.06 -27.64
C PRO B 248 28.73 -17.70 -27.21
N GLN B 249 27.64 -17.10 -27.71
CA GLN B 249 26.26 -17.54 -27.46
C GLN B 249 25.93 -18.82 -28.24
N TYR B 250 26.77 -19.11 -29.22
CA TYR B 250 26.48 -20.19 -30.09
C TYR B 250 26.64 -21.54 -29.40
N GLU B 251 27.87 -21.84 -28.97
CA GLU B 251 28.11 -23.00 -28.20
C GLU B 251 27.09 -23.13 -27.05
N ARG B 252 26.59 -22.03 -26.44
CA ARG B 252 25.57 -22.05 -25.28
C ARG B 252 24.24 -22.55 -25.83
N SER B 253 23.86 -22.06 -27.01
CA SER B 253 22.61 -22.53 -27.63
C SER B 253 22.60 -23.87 -28.26
N VAL B 254 23.66 -24.29 -28.97
CA VAL B 254 23.69 -25.63 -29.53
C VAL B 254 23.69 -26.63 -28.39
N GLU B 255 24.32 -26.27 -27.26
CA GLU B 255 24.41 -27.15 -26.06
C GLU B 255 22.99 -27.23 -25.48
N ALA B 256 22.29 -26.10 -25.54
CA ALA B 256 20.99 -26.13 -24.84
C ALA B 256 20.08 -26.90 -25.66
N LEU B 257 20.33 -26.78 -26.96
CA LEU B 257 19.51 -27.48 -27.94
C LEU B 257 19.74 -29.00 -27.75
N SER B 258 20.98 -29.44 -27.44
CA SER B 258 21.29 -30.88 -27.24
C SER B 258 20.69 -31.33 -25.90
N VAL B 259 20.81 -30.51 -24.85
CA VAL B 259 20.18 -30.93 -23.61
C VAL B 259 18.68 -31.00 -23.75
N LEU B 260 18.05 -30.01 -24.41
CA LEU B 260 16.57 -30.05 -24.58
C LEU B 260 16.24 -31.23 -25.50
N SER B 261 17.12 -31.58 -26.49
CA SER B 261 16.78 -32.73 -27.39
C SER B 261 16.96 -34.09 -26.70
N ASN B 262 17.51 -34.07 -25.48
CA ASN B 262 17.64 -35.30 -24.69
C ASN B 262 16.81 -35.35 -23.37
N SER B 263 15.89 -34.44 -23.13
CA SER B 263 15.22 -34.63 -21.79
C SER B 263 13.76 -34.91 -21.92
N ILE B 264 13.12 -35.50 -20.93
CA ILE B 264 11.62 -35.83 -21.12
C ILE B 264 10.87 -35.08 -20.01
N ASP B 265 9.66 -34.61 -20.30
CA ASP B 265 8.99 -33.84 -19.30
C ASP B 265 8.14 -34.67 -18.35
N ALA B 266 7.40 -33.97 -17.53
CA ALA B 266 6.64 -34.59 -16.49
C ALA B 266 5.49 -35.40 -17.05
N ARG B 267 5.02 -35.09 -18.27
CA ARG B 267 3.93 -35.91 -18.84
C ARG B 267 4.44 -36.86 -19.90
N GLY B 268 5.76 -36.96 -20.17
CA GLY B 268 6.26 -37.91 -21.17
C GLY B 268 6.47 -37.39 -22.57
N ARG B 269 6.47 -36.07 -22.77
CA ARG B 269 6.71 -35.56 -24.13
C ARG B 269 8.12 -35.17 -24.36
N LYS B 270 8.55 -35.30 -25.61
CA LYS B 270 9.84 -34.74 -26.09
C LYS B 270 9.56 -33.24 -26.28
N ILE B 271 10.64 -32.45 -26.28
CA ILE B 271 10.51 -31.01 -26.35
C ILE B 271 10.78 -30.45 -27.77
N GLN B 272 9.85 -29.70 -28.33
CA GLN B 272 10.03 -29.02 -29.61
C GLN B 272 10.69 -27.68 -29.26
N VAL B 273 11.77 -27.29 -29.95
CA VAL B 273 12.45 -26.05 -29.66
C VAL B 273 12.19 -25.14 -30.86
N ILE B 274 11.59 -23.95 -30.58
CA ILE B 274 11.29 -22.97 -31.66
C ILE B 274 12.47 -22.14 -31.28
N LYS B 275 13.27 -21.80 -32.31
CA LYS B 275 14.39 -20.95 -32.10
C LYS B 275 13.95 -19.49 -32.17
N LEU B 276 14.36 -18.68 -31.16
CA LEU B 276 14.10 -17.22 -31.18
C LEU B 276 15.50 -16.48 -31.21
N TYR B 277 15.80 -15.71 -32.29
CA TYR B 277 17.13 -15.16 -32.45
C TYR B 277 17.47 -13.89 -31.70
N ILE B 278 18.56 -13.89 -30.94
CA ILE B 278 18.98 -12.70 -30.25
C ILE B 278 19.38 -11.49 -31.20
N PRO B 279 19.15 -10.27 -30.72
CA PRO B 279 19.62 -9.14 -31.60
C PRO B 279 21.16 -9.38 -31.91
N GLU B 280 21.67 -8.69 -32.97
CA GLU B 280 23.16 -8.67 -33.18
C GLU B 280 23.78 -8.17 -31.87
N PRO B 281 25.02 -8.58 -31.54
CA PRO B 281 25.68 -8.15 -30.26
C PRO B 281 25.61 -6.62 -29.94
N LEU B 282 25.10 -6.27 -28.75
CA LEU B 282 24.93 -4.94 -28.20
C LEU B 282 26.00 -4.75 -27.04
N TYR B 283 26.62 -3.58 -27.00
CA TYR B 283 27.66 -3.23 -26.01
C TYR B 283 27.38 -1.87 -25.36
N MSE B 284 27.62 -1.82 -24.04
CA MSE B 284 27.38 -0.56 -23.30
C MSE B 284 28.27 0.54 -23.91
O MSE B 284 29.46 0.32 -24.08
CB MSE B 284 27.73 -0.78 -21.81
CG MSE B 284 27.66 0.49 -20.90
SE MSE B 284 27.58 0.13 -18.97
CE MSE B 284 26.00 -1.16 -18.89
N THR B 285 27.71 1.70 -24.22
CA THR B 285 28.51 2.77 -24.83
C THR B 285 29.25 3.53 -23.73
N GLU B 286 30.09 4.50 -24.14
CA GLU B 286 30.80 5.33 -23.18
C GLU B 286 29.88 6.24 -22.38
N GLU B 287 28.94 6.87 -23.07
CA GLU B 287 28.04 7.79 -22.39
C GLU B 287 27.14 7.01 -21.42
N GLU B 288 26.61 5.87 -21.87
CA GLU B 288 25.75 5.11 -20.99
C GLU B 288 26.46 4.84 -19.66
N SER B 289 27.71 4.40 -19.71
CA SER B 289 28.43 4.07 -18.50
C SER B 289 28.65 5.33 -17.67
N SER B 290 28.98 6.44 -18.34
CA SER B 290 29.25 7.71 -17.64
C SER B 290 28.01 8.37 -17.06
N GLY B 291 26.84 7.87 -17.42
CA GLY B 291 25.61 8.51 -16.94
C GLY B 291 25.13 7.90 -15.64
N ILE B 292 25.94 6.99 -15.12
CA ILE B 292 25.66 6.27 -13.91
C ILE B 292 26.66 6.64 -12.80
N THR B 293 26.14 6.97 -11.63
CA THR B 293 26.97 7.31 -10.48
C THR B 293 27.96 6.21 -10.15
N GLN B 294 29.22 6.61 -9.93
CA GLN B 294 30.33 5.70 -9.61
C GLN B 294 30.55 5.62 -8.10
N ASP B 295 30.32 4.42 -7.55
CA ASP B 295 30.44 4.13 -6.12
C ASP B 295 30.70 2.65 -5.85
N GLY B 296 30.25 2.20 -4.69
CA GLY B 296 30.42 0.82 -4.34
C GLY B 296 29.17 0.24 -3.71
N GLU B 297 28.01 0.86 -3.97
CA GLU B 297 26.80 0.32 -3.41
C GLU B 297 26.22 -0.75 -4.33
N ALA B 298 26.64 -0.70 -5.60
CA ALA B 298 26.19 -1.64 -6.63
C ALA B 298 27.34 -2.06 -7.53
N ILE B 299 27.03 -2.91 -8.50
CA ILE B 299 28.02 -3.38 -9.46
C ILE B 299 28.50 -2.27 -10.41
N PRO B 300 29.84 -2.12 -10.58
CA PRO B 300 30.38 -1.08 -11.47
C PRO B 300 30.03 -1.26 -12.96
N ARG B 301 29.11 -0.46 -13.49
CA ARG B 301 28.74 -0.56 -14.90
C ARG B 301 29.90 0.07 -15.70
N LEU B 302 30.18 -0.49 -16.88
CA LEU B 302 31.34 -0.02 -17.64
C LEU B 302 31.23 -0.13 -19.14
N ALA B 303 31.64 0.95 -19.80
CA ALA B 303 31.63 1.02 -21.25
C ALA B 303 32.26 -0.22 -21.84
N GLY B 304 31.72 -0.68 -22.98
CA GLY B 304 32.17 -1.90 -23.68
C GLY B 304 31.65 -3.29 -23.21
N THR B 305 30.98 -3.30 -22.06
CA THR B 305 30.44 -4.56 -21.51
C THR B 305 29.34 -5.11 -22.47
N ARG B 306 29.23 -6.42 -22.68
CA ARG B 306 28.17 -6.90 -23.58
C ARG B 306 26.81 -6.76 -22.95
N LEU B 307 25.75 -6.49 -23.73
CA LEU B 307 24.44 -6.41 -23.11
C LEU B 307 23.76 -7.77 -23.17
N ALA B 308 23.20 -8.21 -22.04
CA ALA B 308 22.53 -9.53 -22.07
C ALA B 308 21.08 -9.40 -22.60
N ALA B 309 20.99 -9.34 -23.92
CA ALA B 309 19.76 -9.14 -24.56
C ALA B 309 19.14 -10.32 -25.24
N SER B 310 17.91 -10.64 -24.83
CA SER B 310 17.19 -11.69 -25.54
C SER B 310 15.69 -11.36 -25.60
N TYR B 311 15.04 -11.65 -26.73
CA TYR B 311 13.57 -11.44 -26.89
C TYR B 311 12.80 -12.48 -26.13
N VAL B 312 13.54 -13.37 -25.44
CA VAL B 312 12.86 -14.43 -24.69
C VAL B 312 12.29 -13.83 -23.44
N ASN B 313 12.80 -12.67 -23.00
CA ASN B 313 12.30 -12.03 -21.79
C ASN B 313 11.01 -11.27 -22.12
N PHE B 314 10.09 -12.06 -22.67
CA PHE B 314 8.71 -11.61 -22.98
C PHE B 314 7.74 -11.96 -21.81
N TYR B 315 6.80 -11.03 -21.53
CA TYR B 315 5.85 -11.36 -20.46
C TYR B 315 4.55 -11.73 -21.11
N ILE B 316 3.93 -12.80 -20.61
CA ILE B 316 2.61 -13.18 -21.11
C ILE B 316 1.52 -12.67 -20.17
N ALA B 317 0.62 -11.80 -20.69
CA ALA B 317 -0.56 -11.34 -19.82
C ALA B 317 -1.79 -11.99 -20.46
N ASN B 318 -3.00 -11.80 -19.90
CA ASN B 318 -4.21 -12.44 -20.47
C ASN B 318 -4.47 -12.06 -21.92
N GLY B 319 -4.14 -12.96 -22.87
CA GLY B 319 -4.28 -12.65 -24.29
C GLY B 319 -3.24 -11.70 -24.91
N GLY B 320 -2.15 -11.43 -24.19
CA GLY B 320 -1.16 -10.47 -24.70
C GLY B 320 0.32 -10.94 -24.53
N ILE B 321 1.20 -10.47 -25.44
CA ILE B 321 2.63 -10.80 -25.30
C ILE B 321 3.28 -9.43 -25.27
N ILE B 322 4.20 -9.15 -24.29
CA ILE B 322 4.82 -7.81 -24.15
C ILE B 322 6.32 -7.95 -24.23
N ALA B 323 6.90 -7.65 -25.43
CA ALA B 323 8.29 -8.01 -25.83
C ALA B 323 9.37 -6.86 -26.06
N PRO B 324 10.66 -7.23 -25.88
CA PRO B 324 11.74 -6.23 -26.02
C PRO B 324 12.18 -5.94 -27.46
N GLN B 325 12.72 -4.74 -27.54
CA GLN B 325 13.12 -4.18 -28.83
C GLN B 325 14.50 -3.62 -28.58
N PHE B 326 15.40 -4.08 -29.37
CA PHE B 326 16.74 -3.75 -29.05
C PHE B 326 17.41 -2.73 -29.91
N GLY B 327 16.57 -2.19 -30.80
CA GLY B 327 16.99 -1.13 -31.76
C GLY B 327 17.81 -1.79 -32.81
N ASP B 328 17.51 -3.09 -33.06
CA ASP B 328 18.18 -3.96 -34.09
C ASP B 328 17.04 -4.25 -35.06
N PRO B 329 16.94 -3.44 -36.15
CA PRO B 329 15.92 -3.54 -37.16
C PRO B 329 15.45 -4.91 -37.53
N ILE B 330 16.37 -5.71 -38.03
CA ILE B 330 16.07 -7.02 -38.56
C ILE B 330 15.69 -7.96 -37.43
N ARG B 331 16.52 -8.01 -36.36
CA ARG B 331 16.12 -9.00 -35.29
C ARG B 331 14.93 -8.54 -34.51
N ASP B 332 14.70 -7.24 -34.38
CA ASP B 332 13.46 -6.81 -33.68
C ASP B 332 12.22 -7.24 -34.43
N LYS B 333 12.20 -7.15 -35.76
CA LYS B 333 10.98 -7.50 -36.49
C LYS B 333 10.80 -9.02 -36.61
N GLU B 334 11.88 -9.76 -36.73
CA GLU B 334 11.72 -11.21 -36.78
C GLU B 334 11.23 -11.67 -35.40
N ALA B 335 11.65 -11.00 -34.28
CA ALA B 335 11.11 -11.49 -32.88
C ALA B 335 9.62 -11.33 -32.85
N ILE B 336 9.11 -10.19 -33.34
CA ILE B 336 7.65 -10.09 -33.32
C ILE B 336 6.98 -11.14 -34.23
N ARG B 337 7.58 -11.47 -35.41
CA ARG B 337 6.96 -12.51 -36.24
C ARG B 337 7.08 -13.89 -35.56
N VAL B 338 8.26 -14.19 -34.98
CA VAL B 338 8.36 -15.51 -34.34
C VAL B 338 7.35 -15.65 -33.25
N LEU B 339 7.26 -14.61 -32.39
CA LEU B 339 6.29 -14.67 -31.30
C LEU B 339 4.81 -14.60 -31.70
N SER B 340 4.49 -13.79 -32.74
CA SER B 340 3.07 -13.75 -33.18
C SER B 340 2.71 -15.15 -33.74
N ASP B 341 3.64 -15.82 -34.43
CA ASP B 341 3.35 -17.16 -34.91
C ASP B 341 3.28 -18.18 -33.81
N THR B 342 4.12 -18.05 -32.77
CA THR B 342 4.13 -19.02 -31.69
C THR B 342 2.98 -18.84 -30.71
N PHE B 343 2.43 -17.63 -30.64
CA PHE B 343 1.27 -17.30 -29.76
C PHE B 343 0.16 -16.75 -30.65
N PRO B 344 -0.47 -17.65 -31.46
CA PRO B 344 -1.51 -17.20 -32.38
C PRO B 344 -2.80 -16.69 -31.80
N HIS B 345 -3.06 -16.99 -30.53
CA HIS B 345 -4.27 -16.50 -29.88
C HIS B 345 -3.94 -15.38 -28.94
N HIS B 346 -2.74 -14.75 -29.10
CA HIS B 346 -2.40 -13.65 -28.25
C HIS B 346 -2.05 -12.56 -29.17
N SER B 347 -2.24 -11.33 -28.72
CA SER B 347 -1.85 -10.16 -29.44
C SER B 347 -0.49 -9.76 -29.00
N VAL B 348 0.47 -9.75 -29.93
CA VAL B 348 1.84 -9.30 -29.58
C VAL B 348 1.99 -7.78 -29.57
N VAL B 349 2.74 -7.24 -28.54
CA VAL B 349 2.95 -5.81 -28.43
C VAL B 349 4.38 -5.50 -28.20
N GLY B 350 5.02 -4.81 -29.15
CA GLY B 350 6.43 -4.51 -29.00
C GLY B 350 6.72 -3.29 -28.12
N ILE B 351 7.71 -3.41 -27.24
CA ILE B 351 8.11 -2.31 -26.36
C ILE B 351 9.37 -1.65 -26.84
N GLU B 352 9.26 -0.46 -27.45
CA GLU B 352 10.48 0.17 -27.92
C GLU B 352 11.30 0.71 -26.70
N ASN B 353 12.61 0.87 -26.88
CA ASN B 353 13.52 1.33 -25.83
C ASN B 353 13.68 0.30 -24.71
N ALA B 354 13.51 -0.99 -25.05
CA ALA B 354 13.79 -2.00 -24.01
C ALA B 354 15.29 -1.99 -23.71
N ARG B 355 16.12 -1.58 -24.68
CA ARG B 355 17.51 -1.48 -24.36
C ARG B 355 17.72 -0.68 -23.04
N GLU B 356 16.82 0.25 -22.73
CA GLU B 356 16.93 1.02 -21.46
C GLU B 356 16.86 0.10 -20.18
N ILE B 357 16.20 -1.05 -20.31
CA ILE B 357 16.15 -1.93 -19.14
C ILE B 357 17.42 -2.85 -19.08
N VAL B 358 17.83 -3.33 -20.28
CA VAL B 358 18.97 -4.21 -20.33
C VAL B 358 20.27 -3.54 -19.77
N LEU B 359 20.36 -2.22 -19.97
CA LEU B 359 21.50 -1.44 -19.48
C LEU B 359 21.61 -1.70 -18.01
N ALA B 360 20.44 -1.92 -17.34
CA ALA B 360 20.49 -2.21 -15.91
C ALA B 360 20.42 -3.73 -15.65
N GLY B 361 20.52 -4.49 -16.75
CA GLY B 361 20.60 -5.89 -16.68
C GLY B 361 19.24 -6.47 -16.33
N GLY B 362 18.46 -6.74 -17.37
CA GLY B 362 17.17 -7.40 -17.30
C GLY B 362 16.17 -6.89 -18.35
N ASN B 363 15.04 -7.61 -18.61
CA ASN B 363 13.97 -7.05 -19.55
C ASN B 363 12.44 -7.08 -19.13
N ILE B 364 11.44 -7.41 -19.96
CA ILE B 364 10.06 -7.15 -19.50
C ILE B 364 9.59 -8.35 -18.58
N HIS B 365 10.26 -9.49 -18.68
CA HIS B 365 9.83 -10.50 -17.73
C HIS B 365 10.57 -10.17 -16.39
N CYS B 366 11.87 -9.86 -16.42
CA CYS B 366 12.50 -9.50 -15.11
C CYS B 366 11.82 -8.44 -14.27
N ILE B 367 11.05 -7.53 -14.90
CA ILE B 367 10.51 -6.42 -14.11
C ILE B 367 9.06 -6.56 -13.61
N THR B 368 8.52 -7.77 -13.89
CA THR B 368 7.11 -8.21 -13.63
C THR B 368 6.79 -9.39 -12.65
N GLN B 369 5.64 -9.29 -11.92
CA GLN B 369 5.19 -10.53 -11.11
C GLN B 369 3.76 -10.75 -11.54
N GLN B 370 3.36 -11.95 -12.04
CA GLN B 370 1.93 -12.13 -12.39
C GLN B 370 1.27 -12.63 -11.11
N GLN B 371 0.07 -12.09 -10.77
CA GLN B 371 -0.63 -12.69 -9.60
C GLN B 371 -1.81 -13.36 -10.30
N PRO B 372 -1.92 -14.73 -10.35
CA PRO B 372 -3.03 -15.52 -10.98
C PRO B 372 -4.43 -15.13 -10.47
N ALA B 373 -5.40 -15.62 -11.26
CA ALA B 373 -6.81 -15.57 -10.86
C ALA B 373 -6.96 -16.64 -9.79
N GLU B 374 -7.72 -16.37 -8.70
CA GLU B 374 -7.90 -17.40 -7.65
C GLU B 374 -9.07 -18.33 -8.07
N PRO B 375 -8.78 -19.61 -8.30
CA PRO B 375 -9.85 -20.56 -8.70
C PRO B 375 -11.02 -20.58 -7.68
N THR B 376 -12.13 -21.09 -8.18
CA THR B 376 -13.35 -21.23 -7.39
C THR B 376 -13.28 -22.44 -6.45
MG MG C . -7.30 14.94 2.62
C1 EDO D . -2.41 17.35 16.76
O1 EDO D . -2.94 17.23 18.13
C2 EDO D . -0.92 17.05 16.70
O2 EDO D . -0.59 16.13 17.73
C1 EDO E . -28.06 7.54 30.46
O1 EDO E . -28.66 6.81 31.55
C2 EDO E . -28.04 9.09 30.80
O2 EDO E . -27.23 9.50 31.97
C1 EDO F . -7.26 15.42 15.78
O1 EDO F . -5.86 15.26 15.68
C2 EDO F . -7.43 16.21 17.07
O2 EDO F . -6.21 16.02 17.84
C1 EDO G . -3.88 30.58 7.50
O1 EDO G . -3.25 29.32 7.86
C2 EDO G . -4.73 30.44 6.26
O2 EDO G . -4.95 29.05 5.96
C1 EDO H . -7.48 25.96 26.21
O1 EDO H . -6.95 24.79 25.50
C2 EDO H . -8.69 26.48 25.35
O2 EDO H . -9.57 25.39 25.14
C1 EDO I . 1.03 -0.32 -0.31
O1 EDO I . 0.53 -1.46 0.50
C2 EDO I . 1.31 0.88 0.57
O2 EDO I . 0.12 1.64 1.03
C1 EDO J . -10.20 24.25 38.12
O1 EDO J . -10.07 23.60 36.83
C2 EDO J . -11.02 23.34 39.01
O2 EDO J . -11.76 22.43 38.19
S1 MPO K . -29.03 12.75 3.19
O1 MPO K . -28.21 13.16 4.41
O2 MPO K . -29.11 13.46 1.82
O4 MPO K . -31.31 5.55 1.67
N1 MPO K . -31.24 8.40 1.85
C1 MPO K . -30.51 11.73 3.30
O3 MPO K . -30.11 13.79 3.77
C2 MPO K . -30.19 10.43 2.61
C3 MPO K . -31.45 9.62 2.64
C4 MPO K . -32.51 7.67 1.90
C5 MPO K . -32.36 6.37 1.08
C6 MPO K . -30.05 6.29 1.52
C7 MPO K . -30.16 7.55 2.43
MG MG L . 11.19 -12.93 -0.66
C1 EDO M . 17.83 -8.46 -13.05
O1 EDO M . 17.99 -9.11 -14.34
C2 EDO M . 16.50 -8.84 -12.52
O2 EDO M . 16.17 -10.10 -12.98
C1 EDO N . -0.19 -20.65 -24.76
O1 EDO N . -1.53 -20.20 -24.96
C2 EDO N . -0.29 -21.93 -24.02
O2 EDO N . -1.15 -22.82 -24.71
C1 EDO O . -8.34 -4.94 -19.15
O1 EDO O . -8.82 -3.68 -19.62
C2 EDO O . -8.11 -4.80 -17.66
O2 EDO O . -8.84 -5.80 -17.03
C1 EDO P . 25.55 -12.45 -9.15
O1 EDO P . 25.34 -10.96 -8.81
C2 EDO P . 26.94 -12.57 -9.87
O2 EDO P . 27.81 -13.46 -9.18
C1 EDO Q . 4.85 -21.20 6.82
O1 EDO Q . 4.83 -22.41 5.93
C2 EDO Q . 5.76 -20.22 6.18
O2 EDO Q . 5.20 -18.97 6.22
C1 EDO R . -4.36 -22.08 -12.62
O1 EDO R . -3.89 -22.89 -13.75
C2 EDO R . -4.38 -20.59 -12.98
O2 EDO R . -5.22 -19.92 -12.00
N ARG A 5 -14.38 20.89 -11.98
CA ARG A 5 -14.65 20.57 -10.54
C ARG A 5 -16.08 20.08 -10.21
N GLU A 6 -16.38 18.86 -10.63
CA GLU A 6 -17.68 18.23 -10.38
C GLU A 6 -17.88 17.91 -8.90
N SER A 7 -18.94 18.46 -8.30
CA SER A 7 -19.16 18.18 -6.88
C SER A 7 -19.80 16.82 -6.66
N PRO A 8 -19.65 16.31 -5.45
CA PRO A 8 -20.25 15.02 -5.11
C PRO A 8 -21.78 15.00 -5.33
N ALA A 9 -22.46 16.07 -4.95
CA ALA A 9 -23.91 16.22 -5.10
C ALA A 9 -24.28 16.00 -6.58
N GLU A 10 -23.44 16.45 -7.52
CA GLU A 10 -23.80 16.21 -8.96
C GLU A 10 -23.92 14.72 -9.25
N HIS A 11 -23.29 13.90 -8.43
CA HIS A 11 -23.33 12.47 -8.60
C HIS A 11 -24.31 11.74 -7.61
N GLY A 12 -24.97 12.50 -6.72
CA GLY A 12 -25.94 11.90 -5.78
C GLY A 12 -25.33 11.34 -4.44
N TYR A 13 -24.12 11.74 -4.22
CA TYR A 13 -23.35 11.22 -3.02
C TYR A 13 -23.73 11.93 -1.69
N TYR A 14 -23.55 11.25 -0.57
CA TYR A 14 -23.75 11.98 0.73
C TYR A 14 -22.86 11.30 1.82
N MSE A 15 -22.43 12.11 2.83
CA MSE A 15 -21.59 11.60 4.02
C MSE A 15 -22.59 10.83 4.81
O MSE A 15 -23.57 11.43 5.34
CB MSE A 15 -20.96 12.75 4.91
CG MSE A 15 -19.86 13.50 4.12
SE MSE A 15 -18.84 14.52 5.48
CE MSE A 15 -19.15 13.17 6.82
N PRO A 16 -22.42 9.49 4.88
CA PRO A 16 -23.35 8.71 5.61
C PRO A 16 -23.01 8.65 7.18
N ALA A 17 -23.97 8.15 7.98
CA ALA A 17 -23.66 8.14 9.44
C ALA A 17 -22.43 7.24 9.80
N GLU A 18 -21.81 7.50 10.95
CA GLU A 18 -20.65 6.68 11.31
C GLU A 18 -21.14 5.36 11.89
N TRP A 19 -22.44 5.27 12.27
CA TRP A 19 -22.99 3.98 12.80
C TRP A 19 -23.56 3.03 11.71
N ASP A 20 -23.25 3.33 10.42
CA ASP A 20 -23.69 2.51 9.27
C ASP A 20 -22.54 1.55 8.91
N SER A 21 -22.88 0.33 8.42
CA SER A 21 -21.93 -0.66 8.10
C SER A 21 -20.68 -0.26 7.42
N HIS A 22 -19.60 -0.73 8.01
CA HIS A 22 -18.26 -0.47 7.42
C HIS A 22 -17.50 -1.61 6.66
N ALA A 23 -16.96 -1.33 5.47
CA ALA A 23 -15.97 -2.25 4.82
C ALA A 23 -14.73 -2.50 5.71
N GLN A 24 -14.09 -1.40 6.14
CA GLN A 24 -12.99 -1.48 7.06
C GLN A 24 -12.86 -0.11 7.68
N THR A 25 -11.78 0.03 8.41
CA THR A 25 -11.30 1.26 9.18
C THR A 25 -9.77 1.32 8.90
N TRP A 26 -9.23 2.55 8.88
CA TRP A 26 -7.80 2.87 8.53
C TRP A 26 -7.30 3.60 9.75
N ILE A 27 -6.09 3.19 10.15
CA ILE A 27 -5.44 3.79 11.33
C ILE A 27 -4.04 4.00 10.96
N GLY A 28 -3.50 5.15 11.34
CA GLY A 28 -2.07 5.43 11.15
C GLY A 28 -1.27 5.01 12.41
N TRP A 29 -0.08 4.54 12.11
CA TRP A 29 0.85 4.03 13.16
C TRP A 29 1.78 5.17 13.67
N PRO A 30 1.78 5.47 14.99
CA PRO A 30 2.54 6.55 15.62
C PRO A 30 3.97 6.26 15.87
N GLU A 31 4.75 7.34 15.86
CA GLU A 31 6.23 7.23 16.04
C GLU A 31 7.03 8.51 16.34
N ARG A 32 6.57 9.73 16.04
CA ARG A 32 7.45 10.96 16.14
C ARG A 32 7.74 11.43 17.56
N GLN A 33 9.01 11.37 17.88
CA GLN A 33 9.53 11.67 19.26
C GLN A 33 9.30 13.04 19.89
N ASP A 34 8.78 13.98 19.14
CA ASP A 34 8.42 15.29 19.69
C ASP A 34 6.93 15.31 20.04
N ASN A 35 6.15 14.21 19.78
CA ASN A 35 4.72 14.25 20.16
C ASN A 35 4.25 12.96 20.86
N TRP A 36 5.10 11.97 21.03
CA TRP A 36 4.66 10.72 21.59
C TRP A 36 5.80 10.32 22.45
N ARG A 37 5.72 10.77 23.66
CA ARG A 37 6.79 10.58 24.69
C ARG A 37 7.43 9.15 24.55
N HIS A 38 8.70 9.04 24.97
CA HIS A 38 9.37 7.73 24.95
C HIS A 38 9.47 7.01 23.62
N ASN A 39 9.86 7.72 22.57
CA ASN A 39 9.94 7.11 21.25
C ASN A 39 8.66 6.48 20.78
N ALA A 40 7.55 7.08 21.22
CA ALA A 40 6.17 6.64 20.90
C ALA A 40 5.92 5.21 21.32
N LEU A 41 6.66 4.62 22.26
CA LEU A 41 6.32 3.24 22.63
C LEU A 41 4.98 3.02 23.33
N PRO A 42 4.62 3.86 24.33
CA PRO A 42 3.35 3.68 25.00
C PRO A 42 2.18 3.85 24.05
N ALA A 43 2.35 4.80 23.18
CA ALA A 43 1.27 5.06 22.19
C ALA A 43 1.13 3.95 21.15
N GLN A 44 2.20 3.33 20.68
CA GLN A 44 1.98 2.24 19.70
C GLN A 44 1.23 1.12 20.39
N ARG A 45 1.45 0.96 21.73
CA ARG A 45 0.74 -0.13 22.38
C ARG A 45 -0.75 0.17 22.39
N VAL A 46 -1.14 1.44 22.70
CA VAL A 46 -2.58 1.82 22.71
C VAL A 46 -3.21 1.83 21.30
N PHE A 47 -2.42 2.30 20.32
CA PHE A 47 -2.89 2.21 18.92
C PHE A 47 -3.07 0.77 18.54
N ALA A 48 -2.13 -0.09 18.95
CA ALA A 48 -2.29 -1.50 18.63
C ALA A 48 -3.52 -2.03 19.40
N GLY A 49 -3.75 -1.59 20.66
CA GLY A 49 -4.97 -2.06 21.30
C GLY A 49 -6.29 -1.58 20.69
N VAL A 50 -6.28 -0.34 20.13
CA VAL A 50 -7.44 0.13 19.45
C VAL A 50 -7.63 -0.65 18.19
N ALA A 51 -6.58 -0.91 17.41
CA ALA A 51 -6.79 -1.70 16.18
C ALA A 51 -7.29 -3.11 16.54
N LYS A 52 -6.70 -3.73 17.60
CA LYS A 52 -7.19 -5.08 17.89
C LYS A 52 -8.64 -5.09 18.25
N ALA A 53 -9.09 -4.15 19.11
CA ALA A 53 -10.46 -4.08 19.51
C ALA A 53 -11.29 -3.87 18.23
N ILE A 54 -10.93 -2.89 17.38
CA ILE A 54 -11.85 -2.75 16.26
C ILE A 54 -11.97 -4.00 15.37
N SER A 55 -10.85 -4.68 15.17
CA SER A 55 -10.79 -5.92 14.35
C SER A 55 -11.77 -7.01 14.94
N LYS A 56 -12.16 -6.96 16.21
CA LYS A 56 -13.14 -7.96 16.66
C LYS A 56 -14.56 -7.67 16.09
N PHE A 57 -14.73 -6.48 15.43
CA PHE A 57 -15.97 -6.04 14.89
C PHE A 57 -15.89 -5.97 13.40
N GLU A 58 -14.72 -5.53 12.85
CA GLU A 58 -14.65 -5.36 11.38
C GLU A 58 -13.19 -5.34 10.89
N PRO A 59 -13.02 -5.39 9.54
CA PRO A 59 -11.66 -5.34 9.04
C PRO A 59 -10.96 -4.02 9.37
N VAL A 60 -9.71 -4.15 9.75
CA VAL A 60 -8.86 -3.03 9.99
C VAL A 60 -7.60 -3.03 9.18
N THR A 61 -7.28 -1.86 8.58
CA THR A 61 -5.97 -1.71 7.99
C THR A 61 -5.26 -0.62 8.79
N VAL A 62 -4.05 -0.94 9.27
CA VAL A 62 -3.12 -0.01 9.92
C VAL A 62 -2.03 0.36 8.90
N CYS A 63 -1.69 1.65 8.83
CA CYS A 63 -0.67 2.17 7.94
C CYS A 63 0.49 2.68 8.75
N ALA A 64 1.71 2.33 8.33
CA ALA A 64 2.89 2.80 9.11
C ALA A 64 3.95 3.38 8.17
N SER A 65 4.63 4.38 8.70
CA SER A 65 5.70 5.05 7.88
C SER A 65 6.76 3.98 7.45
N PRO A 66 7.57 4.21 6.40
CA PRO A 66 8.57 3.18 6.01
C PRO A 66 9.50 2.76 7.10
N ALA A 67 9.82 3.69 7.98
CA ALA A 67 10.74 3.37 9.13
C ALA A 67 10.14 2.42 10.25
N GLN A 68 8.79 2.37 10.31
CA GLN A 68 8.01 1.59 11.25
C GLN A 68 7.34 0.35 10.77
N TRP A 69 7.27 0.13 9.48
CA TRP A 69 6.40 -0.99 9.05
C TRP A 69 6.77 -2.38 9.72
N GLU A 70 8.04 -2.63 9.91
CA GLU A 70 8.32 -3.92 10.49
C GLU A 70 7.82 -4.01 11.93
N ASN A 71 7.97 -2.89 12.67
CA ASN A 71 7.56 -2.82 14.15
C ASN A 71 6.07 -2.99 14.23
N ALA A 72 5.32 -2.19 13.42
CA ALA A 72 3.87 -2.38 13.49
C ALA A 72 3.49 -3.78 13.02
N ARG A 73 4.14 -4.33 11.95
CA ARG A 73 3.74 -5.70 11.56
C ARG A 73 4.00 -6.79 12.69
N LYS A 74 5.05 -6.59 13.43
CA LYS A 74 5.28 -7.57 14.54
C LYS A 74 4.40 -7.28 15.74
N GLN A 75 4.04 -6.04 15.96
CA GLN A 75 3.13 -5.80 17.15
C GLN A 75 1.75 -6.25 16.89
N LEU A 76 1.24 -6.15 15.66
CA LEU A 76 -0.16 -6.46 15.41
C LEU A 76 -0.49 -7.86 14.94
N PRO A 77 -1.56 -8.44 15.50
CA PRO A 77 -1.96 -9.76 15.08
C PRO A 77 -2.16 -9.77 13.57
N GLU A 78 -2.02 -10.96 12.97
CA GLU A 78 -2.15 -11.10 11.50
C GLU A 78 -3.53 -10.92 10.93
N ASP A 79 -4.61 -10.84 11.73
CA ASP A 79 -5.88 -10.58 11.00
C ASP A 79 -6.24 -9.10 10.69
N ILE A 80 -5.18 -8.33 10.79
CA ILE A 80 -5.16 -6.85 10.45
C ILE A 80 -4.10 -6.63 9.31
N ARG A 81 -4.42 -5.78 8.33
CA ARG A 81 -3.57 -5.55 7.18
C ARG A 81 -2.65 -4.37 7.52
N VAL A 82 -1.33 -4.51 7.31
CA VAL A 82 -0.45 -3.41 7.67
C VAL A 82 0.27 -2.90 6.47
N VAL A 83 -0.16 -1.72 6.06
CA VAL A 83 0.38 -1.14 4.81
C VAL A 83 1.42 -0.04 5.04
N GLU A 84 2.46 0.02 4.24
CA GLU A 84 3.48 1.05 4.37
C GLU A 84 2.99 2.32 3.69
N MSE A 85 3.06 3.42 4.46
CA MSE A 85 2.62 4.72 3.96
C MSE A 85 3.53 5.77 4.59
O MSE A 85 4.18 5.56 5.64
CB MSE A 85 1.18 4.93 4.40
CG MSE A 85 0.50 6.10 3.57
SE MSE A 85 -1.53 6.19 3.76
CE MSE A 85 -1.97 4.56 2.70
N SER A 86 3.52 6.94 3.92
CA SER A 86 4.31 8.21 4.29
C SER A 86 3.27 8.98 5.11
N MSE A 87 3.66 9.48 6.28
CA MSE A 87 2.78 10.31 7.07
C MSE A 87 3.69 11.27 7.91
O MSE A 87 4.89 11.00 8.01
CB MSE A 87 1.86 9.43 7.99
CG MSE A 87 2.70 8.43 8.92
SE MSE A 87 1.85 6.84 9.59
CE MSE A 87 1.21 6.12 7.96
N ASN A 88 3.09 12.40 8.40
CA ASN A 88 3.96 13.18 9.38
C ASN A 88 3.56 12.98 10.76
N ASP A 89 2.38 12.40 10.95
CA ASP A 89 1.90 12.03 12.29
C ASP A 89 0.58 11.25 12.07
N SER A 90 0.13 10.58 13.17
CA SER A 90 -0.96 9.59 13.15
C SER A 90 -2.36 10.02 13.46
N TRP A 91 -2.92 10.87 12.60
CA TRP A 91 -4.32 11.26 12.97
C TRP A 91 -5.23 11.09 11.74
N PHE A 92 -5.57 9.83 11.47
CA PHE A 92 -6.29 9.58 10.21
C PHE A 92 -7.71 10.14 10.18
N ARG A 93 -8.28 10.45 11.34
CA ARG A 93 -9.60 11.13 11.31
C ARG A 93 -9.51 12.46 10.50
N ASP A 94 -8.35 13.11 10.57
CA ASP A 94 -8.18 14.43 9.97
C ASP A 94 -7.39 14.45 8.66
N SER A 95 -6.33 13.63 8.53
CA SER A 95 -5.59 13.63 7.27
C SER A 95 -6.08 12.67 6.23
N GLY A 96 -6.79 11.60 6.63
CA GLY A 96 -7.36 10.66 5.66
C GLY A 96 -8.56 11.34 5.02
N PRO A 97 -9.06 10.61 4.03
CA PRO A 97 -10.18 11.10 3.26
C PRO A 97 -11.58 10.90 3.96
N THR A 98 -12.51 11.78 3.58
CA THR A 98 -13.90 11.60 4.07
C THR A 98 -14.67 10.76 3.00
N PHE A 99 -15.20 9.60 3.42
CA PHE A 99 -15.90 8.81 2.36
C PHE A 99 -17.38 9.24 2.26
N ILE A 100 -17.86 9.08 1.00
CA ILE A 100 -19.21 9.47 0.63
C ILE A 100 -19.81 8.31 -0.18
N VAL A 101 -21.13 8.11 -0.10
CA VAL A 101 -21.79 6.97 -0.81
C VAL A 101 -23.03 7.33 -1.50
N ARG A 102 -23.49 6.40 -2.38
CA ARG A 102 -24.79 6.70 -3.05
C ARG A 102 -25.50 5.41 -3.19
N LYS A 103 -26.82 5.51 -3.32
CA LYS A 103 -27.65 4.29 -3.47
C LYS A 103 -27.66 3.55 -4.84
N ARG A 104 -27.21 4.26 -5.90
CA ARG A 104 -27.08 3.75 -7.29
C ARG A 104 -26.59 4.88 -8.23
N ASN A 112 -18.89 3.75 -13.38
CA ASN A 112 -18.82 4.48 -12.12
C ASN A 112 -19.37 3.67 -10.92
N ARG A 113 -18.98 4.09 -9.73
CA ARG A 113 -19.31 3.37 -8.51
C ARG A 113 -20.33 4.10 -7.54
N ASN A 114 -20.51 3.61 -6.32
CA ASN A 114 -21.53 4.28 -5.52
C ASN A 114 -20.90 4.93 -4.25
N ILE A 115 -19.57 5.09 -4.31
CA ILE A 115 -18.73 5.61 -3.18
C ILE A 115 -17.54 6.33 -3.82
N ALA A 116 -16.99 7.33 -3.14
CA ALA A 116 -15.80 8.00 -3.58
C ALA A 116 -15.16 8.49 -2.25
N GLY A 117 -14.05 9.24 -2.35
CA GLY A 117 -13.45 9.86 -1.14
C GLY A 117 -13.13 11.35 -1.33
N ILE A 118 -13.49 12.17 -0.32
CA ILE A 118 -13.11 13.62 -0.42
C ILE A 118 -11.67 13.79 0.10
N ASP A 119 -10.77 14.38 -0.72
CA ASP A 119 -9.36 14.69 -0.35
C ASP A 119 -9.33 16.18 -0.02
N TRP A 120 -9.75 16.55 1.18
CA TRP A 120 -9.75 17.93 1.64
C TRP A 120 -8.32 18.43 1.64
N ASN A 121 -8.17 19.77 1.67
CA ASN A 121 -6.86 20.36 1.86
C ASN A 121 -6.44 20.34 3.42
N PHE A 122 -5.12 20.33 3.70
CA PHE A 122 -4.67 20.16 5.06
C PHE A 122 -3.53 21.16 5.35
N ASN A 123 -3.38 21.53 6.64
CA ASN A 123 -2.30 22.44 7.06
C ASN A 123 -1.90 22.28 8.47
N ALA A 124 -2.09 21.02 8.96
CA ALA A 124 -1.70 20.75 10.35
C ALA A 124 -2.31 21.69 11.43
N TRP A 125 -3.61 21.77 11.34
CA TRP A 125 -4.46 22.42 12.34
C TRP A 125 -4.08 23.85 12.65
N GLY A 126 -3.84 24.55 11.56
CA GLY A 126 -3.63 25.95 11.84
C GLY A 126 -2.44 26.56 11.12
N GLY A 127 -1.56 25.80 10.48
CA GLY A 127 -0.57 26.61 9.79
C GLY A 127 0.72 26.70 10.47
N ALA A 128 1.61 27.30 9.65
CA ALA A 128 3.01 27.53 9.91
C ALA A 128 2.99 28.41 11.10
N ASN A 129 1.95 29.26 11.22
CA ASN A 129 1.80 30.18 12.36
C ASN A 129 0.86 29.75 13.48
N ASP A 130 0.01 28.73 13.30
CA ASP A 130 -0.87 28.38 14.45
C ASP A 130 -1.21 26.90 14.39
N GLY A 131 -0.29 26.14 13.76
CA GLY A 131 -0.47 24.67 13.59
C GLY A 131 0.31 23.83 14.62
N CYS A 132 0.24 22.51 14.43
CA CYS A 132 0.84 21.57 15.38
C CYS A 132 2.29 21.21 15.04
N TYR A 133 2.64 21.25 13.76
CA TYR A 133 4.02 20.97 13.33
C TYR A 133 4.34 21.66 12.05
N ASN A 134 5.63 21.66 11.69
CA ASN A 134 6.02 22.54 10.58
C ASN A 134 6.12 21.89 9.23
N ASP A 135 5.97 20.56 9.16
CA ASP A 135 6.07 19.90 7.86
C ASP A 135 5.00 18.83 7.73
N TRP A 136 4.05 19.09 6.87
CA TRP A 136 2.90 18.14 6.63
C TRP A 136 2.98 17.60 5.20
N SER A 137 4.19 17.62 4.62
CA SER A 137 4.42 17.05 3.26
C SER A 137 3.66 15.76 2.97
N HIS A 138 3.99 14.71 3.72
CA HIS A 138 3.34 13.38 3.55
C HIS A 138 1.86 13.49 4.08
N ASP A 139 1.61 14.26 5.14
CA ASP A 139 0.22 14.20 5.56
C ASP A 139 -0.70 14.58 4.39
N LEU A 140 -0.28 15.56 3.56
CA LEU A 140 -1.07 16.04 2.40
C LEU A 140 -1.49 14.91 1.48
N LEU A 141 -0.56 13.96 1.30
CA LEU A 141 -0.81 12.83 0.48
C LEU A 141 -1.50 11.68 1.24
N VAL A 142 -1.77 11.78 2.58
CA VAL A 142 -2.31 10.55 3.22
C VAL A 142 -3.49 10.16 2.37
N SER A 143 -4.43 11.09 2.08
CA SER A 143 -5.64 10.74 1.33
C SER A 143 -5.53 10.26 -0.15
N ARG A 144 -4.62 10.86 -0.91
CA ARG A 144 -4.34 10.34 -2.27
C ARG A 144 -3.86 8.83 -2.21
N LYS A 145 -3.27 8.39 -1.15
CA LYS A 145 -2.82 7.01 -1.22
C LYS A 145 -3.90 6.10 -0.71
N ILE A 146 -4.62 6.49 0.35
CA ILE A 146 -5.68 5.56 0.71
C ILE A 146 -6.63 5.25 -0.52
N LEU A 147 -7.23 6.31 -1.08
CA LEU A 147 -8.17 6.02 -2.20
C LEU A 147 -7.35 5.35 -3.36
N ALA A 148 -6.17 5.82 -3.69
CA ALA A 148 -5.42 5.04 -4.67
C ALA A 148 -5.28 3.51 -4.37
N LEU A 149 -4.97 3.17 -3.09
CA LEU A 149 -4.85 1.78 -2.74
C LEU A 149 -6.21 1.01 -2.93
N GLU A 150 -7.34 1.62 -2.49
CA GLU A 150 -8.66 0.98 -2.56
C GLU A 150 -9.40 1.02 -3.91
N ARG A 151 -8.78 1.72 -4.88
CA ARG A 151 -9.45 1.97 -6.22
C ARG A 151 -10.79 2.65 -6.09
N ILE A 152 -10.83 3.69 -5.23
CA ILE A 152 -12.03 4.47 -5.01
C ILE A 152 -11.87 5.87 -5.58
N PRO A 153 -12.87 6.40 -6.33
CA PRO A 153 -12.70 7.72 -6.91
C PRO A 153 -12.50 8.84 -5.87
N ARG A 154 -11.74 9.83 -6.32
CA ARG A 154 -11.35 10.92 -5.44
C ARG A 154 -11.91 12.31 -5.84
N PHE A 155 -12.51 13.03 -4.85
CA PHE A 155 -12.92 14.46 -5.06
C PHE A 155 -12.02 15.30 -4.28
N GLN A 156 -11.14 16.05 -4.95
CA GLN A 156 -10.25 16.92 -4.23
C GLN A 156 -10.92 18.27 -3.90
N HIS A 157 -10.62 18.84 -2.73
CA HIS A 157 -11.11 20.17 -2.39
C HIS A 157 -9.94 21.10 -2.05
N SER A 158 -10.07 22.43 -2.29
CA SER A 158 -8.97 23.28 -1.91
C SER A 158 -9.22 23.88 -0.52
N MSE A 159 -10.42 23.79 0.06
CA MSE A 159 -10.64 24.39 1.42
C MSE A 159 -9.94 23.50 2.47
O MSE A 159 -9.74 22.30 2.27
CB MSE A 159 -12.10 24.47 1.80
CG MSE A 159 -12.73 23.31 2.51
SE MSE A 159 -14.57 23.67 2.53
CE MSE A 159 -14.85 24.30 4.41
N ILE A 160 -9.47 24.16 3.50
CA ILE A 160 -8.83 23.40 4.56
C ILE A 160 -9.89 22.83 5.46
N LEU A 161 -9.79 21.49 5.72
CA LEU A 161 -10.75 20.95 6.62
C LEU A 161 -10.09 19.57 7.10
N GLU A 162 -10.54 19.17 8.27
CA GLU A 162 -10.21 17.88 8.88
C GLU A 162 -11.51 17.18 9.15
N GLY A 163 -11.47 15.83 8.93
CA GLY A 163 -12.71 15.03 9.26
C GLY A 163 -13.10 15.12 10.75
N GLY A 164 -12.16 15.40 11.65
CA GLY A 164 -12.57 15.52 13.07
C GLY A 164 -13.39 16.78 13.36
N SER A 165 -13.43 17.70 12.36
CA SER A 165 -14.20 18.97 12.52
C SER A 165 -15.62 18.93 12.07
N ILE A 166 -16.01 17.77 11.43
CA ILE A 166 -17.37 17.62 10.95
C ILE A 166 -18.00 16.36 11.45
N HIS A 167 -19.33 16.40 11.54
CA HIS A 167 -20.07 15.19 11.98
C HIS A 167 -21.44 15.26 11.28
N VAL A 168 -21.85 14.12 10.69
CA VAL A 168 -23.22 14.02 10.11
C VAL A 168 -24.08 12.97 10.69
N ASP A 169 -25.41 13.22 10.61
CA ASP A 169 -26.35 12.17 11.10
C ASP A 169 -26.82 11.27 9.93
N GLY A 170 -26.29 11.53 8.72
CA GLY A 170 -26.68 10.73 7.55
C GLY A 170 -28.10 11.06 7.02
N GLU A 171 -28.73 12.05 7.68
CA GLU A 171 -30.10 12.44 7.34
C GLU A 171 -30.20 13.94 7.13
N GLY A 172 -29.11 14.58 6.69
CA GLY A 172 -29.12 15.98 6.35
C GLY A 172 -28.69 17.00 7.31
N THR A 173 -28.25 16.59 8.51
CA THR A 173 -27.84 17.58 9.53
C THR A 173 -26.33 17.38 9.73
N CYS A 174 -25.67 18.53 9.85
CA CYS A 174 -24.19 18.57 10.01
C CYS A 174 -23.98 19.39 11.26
N LEU A 175 -23.25 18.79 12.20
CA LEU A 175 -23.04 19.38 13.54
C LEU A 175 -21.60 19.91 13.58
N VAL A 176 -21.38 21.20 13.95
CA VAL A 176 -20.00 21.67 13.88
C VAL A 176 -19.84 22.69 15.00
N THR A 177 -18.67 23.30 15.11
CA THR A 177 -18.41 24.41 16.05
C THR A 177 -17.86 25.57 15.19
N GLU A 178 -18.01 26.78 15.74
CA GLU A 178 -17.42 28.00 15.10
C GLU A 178 -15.95 28.12 15.40
N GLU A 179 -15.54 27.69 16.58
CA GLU A 179 -14.14 27.74 16.98
C GLU A 179 -13.09 27.21 15.94
N CYS A 180 -13.49 26.13 15.22
CA CYS A 180 -12.63 25.56 14.20
C CYS A 180 -13.10 26.01 12.77
N LEU A 181 -14.37 25.96 12.52
CA LEU A 181 -14.80 26.14 11.07
C LEU A 181 -14.65 27.57 10.58
N LEU A 182 -14.56 28.48 11.52
CA LEU A 182 -14.37 29.88 11.02
C LEU A 182 -13.12 30.51 11.56
N ASN A 183 -12.13 29.70 11.96
CA ASN A 183 -10.85 30.28 12.47
C ASN A 183 -9.97 30.90 11.33
N LYS A 184 -9.31 32.04 11.65
CA LYS A 184 -8.47 32.60 10.60
C LYS A 184 -7.30 31.76 10.17
N ASN A 185 -6.99 30.68 10.92
CA ASN A 185 -5.85 29.81 10.61
C ASN A 185 -6.17 28.61 9.67
N ARG A 186 -7.38 28.60 9.09
CA ARG A 186 -7.93 27.49 8.22
C ARG A 186 -8.36 28.11 6.85
N ASN A 187 -9.56 28.71 6.70
CA ASN A 187 -10.03 29.27 5.39
C ASN A 187 -10.49 30.80 5.56
N PRO A 188 -9.52 31.65 5.93
CA PRO A 188 -9.81 33.08 6.19
C PRO A 188 -10.51 33.83 5.09
N HIS A 189 -10.44 33.33 3.86
CA HIS A 189 -11.13 34.09 2.79
C HIS A 189 -12.45 33.48 2.37
N MSE A 190 -13.02 32.62 3.24
CA MSE A 190 -14.33 32.07 3.00
C MSE A 190 -15.31 32.52 4.06
O MSE A 190 -14.96 32.58 5.21
CB MSE A 190 -14.24 30.50 3.02
CG MSE A 190 -13.39 30.01 1.86
SE MSE A 190 -13.58 28.04 1.85
CE MSE A 190 -15.56 27.87 1.38
N SER A 191 -16.56 32.84 3.73
CA SER A 191 -17.44 33.21 4.77
C SER A 191 -18.14 31.99 5.41
N LYS A 192 -18.76 32.21 6.55
CA LYS A 192 -19.58 31.15 7.13
C LYS A 192 -20.60 30.56 6.12
N GLU A 193 -21.38 31.44 5.42
CA GLU A 193 -22.37 31.01 4.49
C GLU A 193 -21.66 30.26 3.38
N GLN A 194 -20.45 30.67 2.96
CA GLN A 194 -19.77 29.90 1.86
C GLN A 194 -19.39 28.49 2.32
N ILE A 195 -18.68 28.43 3.43
CA ILE A 195 -18.34 27.10 4.02
C ILE A 195 -19.62 26.24 4.08
N GLU A 196 -20.79 26.71 4.56
CA GLU A 196 -21.98 25.85 4.51
C GLU A 196 -22.24 25.37 3.06
N GLU A 197 -22.12 26.27 2.03
CA GLU A 197 -22.33 25.76 0.68
C GLU A 197 -21.14 24.83 0.23
N GLU A 198 -19.97 25.02 0.78
CA GLU A 198 -18.99 24.00 0.44
C GLU A 198 -19.37 22.63 1.09
N LEU A 199 -19.97 22.61 2.28
CA LEU A 199 -20.34 21.35 2.88
C LEU A 199 -21.76 20.83 2.52
N LYS A 200 -22.77 21.68 2.19
CA LYS A 200 -24.05 21.03 1.81
C LYS A 200 -23.82 20.16 0.56
N LYS A 201 -23.03 20.67 -0.43
CA LYS A 201 -22.77 19.95 -1.67
C LYS A 201 -21.94 18.70 -1.52
N TYR A 202 -20.90 18.88 -0.65
CA TYR A 202 -19.87 17.82 -0.50
C TYR A 202 -20.44 16.83 0.52
N LEU A 203 -21.01 17.27 1.65
CA LEU A 203 -21.54 16.22 2.60
C LEU A 203 -23.01 15.80 2.33
N GLY A 204 -23.74 16.65 1.59
CA GLY A 204 -25.11 16.26 1.30
C GLY A 204 -26.07 16.46 2.45
N VAL A 205 -25.81 17.56 3.14
CA VAL A 205 -26.63 18.02 4.25
C VAL A 205 -27.29 19.31 3.90
N GLN A 206 -28.28 19.60 4.73
CA GLN A 206 -29.12 20.82 4.52
C GLN A 206 -29.11 21.78 5.69
N SER A 207 -29.03 21.17 6.86
CA SER A 207 -29.10 21.91 8.08
C SER A 207 -27.82 21.78 8.91
N PHE A 208 -27.46 22.85 9.57
CA PHE A 208 -26.23 23.00 10.33
C PHE A 208 -26.50 23.42 11.72
N ILE A 209 -26.06 22.56 12.63
CA ILE A 209 -26.13 22.95 14.05
C ILE A 209 -24.74 23.48 14.31
N TRP A 210 -24.65 24.72 14.85
CA TRP A 210 -23.37 25.46 15.02
C TRP A 210 -22.97 25.71 16.50
N LEU A 211 -22.40 24.71 17.21
CA LEU A 211 -21.92 25.15 18.58
C LEU A 211 -20.77 26.22 18.30
N PRO A 212 -20.56 27.24 19.21
CA PRO A 212 -19.50 28.26 19.01
C PRO A 212 -18.10 27.78 19.38
N ARG A 213 -18.07 26.92 20.40
CA ARG A 213 -16.79 26.45 20.96
C ARG A 213 -16.74 24.95 21.14
N GLY A 214 -15.51 24.44 21.11
CA GLY A 214 -15.29 23.01 21.42
C GLY A 214 -14.85 22.76 22.89
N LEU A 215 -14.20 21.61 23.14
CA LEU A 215 -13.80 21.20 24.49
C LEU A 215 -12.69 22.10 25.01
N TYR A 216 -12.76 22.42 26.32
CA TYR A 216 -11.61 23.10 26.88
C TYR A 216 -10.33 22.18 26.84
N GLY A 217 -9.24 22.82 26.46
CA GLY A 217 -7.99 22.13 26.31
C GLY A 217 -7.62 21.86 24.83
N ASP A 218 -8.54 22.07 23.88
CA ASP A 218 -8.27 21.84 22.44
C ASP A 218 -7.86 23.05 21.67
N GLU A 219 -7.23 24.03 22.39
CA GLU A 219 -6.87 25.24 21.64
C GLU A 219 -5.86 24.95 20.54
N ASP A 220 -4.98 23.94 20.69
CA ASP A 220 -3.95 23.71 19.64
C ASP A 220 -4.54 23.31 18.29
N THR A 221 -5.61 22.48 18.29
CA THR A 221 -6.32 22.11 17.10
C THR A 221 -7.63 22.94 16.87
N ASN A 222 -7.88 23.87 17.81
CA ASN A 222 -9.02 24.79 17.74
C ASN A 222 -10.41 24.20 17.93
N GLY A 223 -10.49 23.22 18.82
CA GLY A 223 -11.80 22.73 19.30
C GLY A 223 -12.66 21.98 18.24
N HIS A 224 -12.07 20.99 17.58
CA HIS A 224 -12.91 20.21 16.62
C HIS A 224 -14.31 19.77 17.12
N ILE A 225 -15.35 19.77 16.29
CA ILE A 225 -16.53 19.15 16.89
C ILE A 225 -16.36 17.68 17.46
N ASP A 226 -15.37 16.86 16.98
CA ASP A 226 -15.40 15.46 17.50
C ASP A 226 -14.93 15.15 18.89
N ASN A 227 -14.41 16.18 19.57
CA ASN A 227 -14.04 15.98 20.98
C ASN A 227 -15.02 16.77 21.87
N MSE A 228 -16.08 17.34 21.25
CA MSE A 228 -17.02 18.16 21.97
C MSE A 228 -18.42 17.55 22.05
O MSE A 228 -18.82 17.16 23.14
CB MSE A 228 -17.04 19.59 21.34
CG MSE A 228 -18.14 20.49 22.09
SE MSE A 228 -17.73 20.74 24.03
CE MSE A 228 -18.86 22.27 24.28
N CYS A 229 -19.14 17.31 20.93
CA CYS A 229 -20.52 16.76 21.05
C CYS A 229 -20.75 15.86 19.83
N CYS A 230 -21.50 14.73 20.02
CA CYS A 230 -21.64 13.81 18.84
C CYS A 230 -23.00 13.31 18.63
N PHE A 231 -23.33 13.06 17.35
CA PHE A 231 -24.69 12.47 17.22
C PHE A 231 -24.65 11.10 17.81
N ALA A 232 -25.65 10.80 18.68
CA ALA A 232 -25.72 9.40 19.10
C ALA A 232 -26.54 8.51 18.10
N ARG A 233 -27.49 9.20 17.41
CA ARG A 233 -28.43 8.57 16.46
C ARG A 233 -29.13 9.79 15.89
N PRO A 234 -29.85 9.59 14.80
CA PRO A 234 -30.49 10.82 14.30
C PRO A 234 -31.40 11.51 15.36
N GLY A 235 -31.26 12.83 15.46
CA GLY A 235 -32.04 13.61 16.43
C GLY A 235 -31.52 13.67 17.87
N VAL A 236 -30.42 12.96 18.15
CA VAL A 236 -30.00 12.87 19.57
C VAL A 236 -28.50 13.05 19.58
N VAL A 237 -28.05 13.78 20.61
CA VAL A 237 -26.58 14.02 20.67
C VAL A 237 -26.09 13.64 22.06
N LEU A 238 -24.77 13.49 22.06
CA LEU A 238 -23.98 13.25 23.24
C LEU A 238 -23.09 14.48 23.38
N LEU A 239 -23.16 15.13 24.56
CA LEU A 239 -22.47 16.39 24.79
C LEU A 239 -21.50 16.29 25.95
N SER A 240 -20.27 16.75 25.72
CA SER A 240 -19.24 16.81 26.83
C SER A 240 -19.77 17.71 27.95
N TRP A 241 -19.69 17.26 29.20
CA TRP A 241 -20.39 18.03 30.29
C TRP A 241 -19.68 17.97 31.60
N THR A 242 -19.68 19.11 32.31
CA THR A 242 -19.30 19.11 33.76
C THR A 242 -20.35 19.97 34.42
N ASP A 243 -20.58 19.69 35.69
CA ASP A 243 -21.50 20.60 36.48
C ASP A 243 -20.60 21.55 37.32
N ASP A 244 -19.29 21.27 37.41
CA ASP A 244 -18.38 22.07 38.25
C ASP A 244 -18.32 23.38 37.55
N GLU A 245 -19.02 24.39 38.12
CA GLU A 245 -19.02 25.70 37.49
C GLU A 245 -17.73 26.45 37.59
N THR A 246 -16.71 25.91 38.29
CA THR A 246 -15.36 26.51 38.32
C THR A 246 -14.27 25.92 37.35
N ASP A 247 -14.72 25.09 36.38
CA ASP A 247 -13.72 24.58 35.42
C ASP A 247 -14.06 25.38 34.08
N PRO A 248 -13.07 25.86 33.29
CA PRO A 248 -13.29 26.62 32.03
C PRO A 248 -14.31 25.79 31.11
N GLN A 249 -14.27 24.45 31.26
CA GLN A 249 -15.23 23.63 30.46
C GLN A 249 -16.69 24.00 30.65
N TYR A 250 -17.10 24.31 31.89
CA TYR A 250 -18.47 24.57 32.15
C TYR A 250 -19.14 25.57 31.25
N GLU A 251 -18.52 26.73 31.02
CA GLU A 251 -19.25 27.72 30.22
C GLU A 251 -19.47 27.32 28.78
N ARG A 252 -18.52 26.49 28.26
CA ARG A 252 -18.60 25.95 26.86
C ARG A 252 -19.72 24.96 26.79
N SER A 253 -19.80 24.06 27.76
CA SER A 253 -20.89 23.10 27.80
C SER A 253 -22.22 23.80 27.89
N VAL A 254 -22.33 24.73 28.87
CA VAL A 254 -23.57 25.49 29.01
C VAL A 254 -23.83 26.24 27.65
N GLU A 255 -22.82 26.86 27.04
CA GLU A 255 -23.02 27.52 25.71
C GLU A 255 -23.62 26.62 24.60
N ALA A 256 -22.87 25.56 24.33
CA ALA A 256 -23.34 24.54 23.34
C ALA A 256 -24.70 24.04 23.73
N LEU A 257 -24.99 23.76 24.99
CA LEU A 257 -26.34 23.30 25.26
C LEU A 257 -27.30 24.43 24.83
N SER A 258 -26.99 25.69 25.19
CA SER A 258 -27.94 26.86 24.82
C SER A 258 -28.39 26.79 23.37
N VAL A 259 -27.45 26.41 22.53
CA VAL A 259 -27.76 26.18 21.12
C VAL A 259 -28.53 24.87 20.88
N LEU A 260 -28.18 23.82 21.61
CA LEU A 260 -28.86 22.53 21.31
C LEU A 260 -30.34 22.55 21.78
N SER A 261 -30.58 23.40 22.74
CA SER A 261 -31.91 23.58 23.31
C SER A 261 -32.93 24.11 22.37
N ASN A 262 -32.43 24.67 21.30
CA ASN A 262 -33.25 25.30 20.32
C ASN A 262 -33.01 24.74 19.01
N SER A 263 -32.33 23.56 18.95
CA SER A 263 -32.03 23.01 17.64
C SER A 263 -33.07 22.04 17.10
N ILE A 264 -33.43 22.24 15.85
CA ILE A 264 -34.36 21.40 15.04
C ILE A 264 -33.52 20.89 13.86
N ASP A 265 -33.51 19.54 13.70
CA ASP A 265 -32.64 18.97 12.65
C ASP A 265 -33.24 19.07 11.25
N ALA A 266 -32.55 18.49 10.29
CA ALA A 266 -32.99 18.65 8.84
C ALA A 266 -34.28 17.96 8.52
N ARG A 267 -34.66 17.00 9.35
CA ARG A 267 -35.93 16.30 9.08
C ARG A 267 -37.01 16.89 9.94
N GLY A 268 -36.71 17.99 10.65
CA GLY A 268 -37.75 18.59 11.49
C GLY A 268 -37.79 18.22 12.97
N ARG A 269 -36.86 17.38 13.46
CA ARG A 269 -36.90 17.04 14.87
C ARG A 269 -36.17 18.07 15.74
N LYS A 270 -36.72 18.36 16.92
CA LYS A 270 -35.93 19.19 17.90
C LYS A 270 -34.85 18.21 18.47
N ILE A 271 -33.61 18.71 18.54
CA ILE A 271 -32.48 17.85 19.00
C ILE A 271 -32.64 17.50 20.47
N GLN A 272 -32.34 16.24 20.76
CA GLN A 272 -32.30 15.77 22.17
C GLN A 272 -30.83 15.68 22.58
N VAL A 273 -30.53 15.95 23.85
CA VAL A 273 -29.15 15.91 24.37
C VAL A 273 -28.98 14.93 25.52
N ILE A 274 -27.90 14.13 25.37
CA ILE A 274 -27.50 13.20 26.45
C ILE A 274 -26.17 13.74 27.00
N LYS A 275 -26.12 13.94 28.34
CA LYS A 275 -24.86 14.47 28.92
C LYS A 275 -23.87 13.33 29.07
N LEU A 276 -22.62 13.61 28.66
CA LEU A 276 -21.57 12.58 28.77
C LEU A 276 -20.42 13.41 29.48
N TYR A 277 -20.17 13.00 30.74
CA TYR A 277 -19.32 13.84 31.65
C TYR A 277 -17.86 13.60 31.43
N ILE A 278 -17.11 14.69 31.34
CA ILE A 278 -15.69 14.53 31.20
C ILE A 278 -15.06 14.05 32.51
N PRO A 279 -13.87 13.40 32.45
CA PRO A 279 -13.30 12.98 33.72
C PRO A 279 -12.96 14.26 34.53
N GLU A 280 -12.63 14.02 35.79
CA GLU A 280 -12.08 15.17 36.56
C GLU A 280 -10.86 15.73 35.71
N PRO A 281 -10.49 17.01 35.90
CA PRO A 281 -9.41 17.61 35.11
C PRO A 281 -8.14 16.77 35.27
N LEU A 282 -7.55 16.43 34.11
CA LEU A 282 -6.29 15.63 34.00
C LEU A 282 -5.15 16.44 33.53
N TYR A 283 -3.99 16.16 34.12
CA TYR A 283 -2.77 16.94 33.83
C TYR A 283 -1.54 16.25 33.38
N MSE A 284 -0.85 16.80 32.43
CA MSE A 284 0.37 16.11 31.90
C MSE A 284 1.44 16.06 33.08
O MSE A 284 1.62 17.06 33.79
CB MSE A 284 0.95 16.89 30.71
CG MSE A 284 2.25 16.23 30.26
SE MSE A 284 2.88 16.89 28.51
CE MSE A 284 1.36 17.76 27.70
N THR A 285 2.11 14.90 33.23
CA THR A 285 3.16 14.84 34.31
C THR A 285 4.55 15.20 33.80
N GLU A 286 5.41 15.70 34.73
CA GLU A 286 6.75 16.02 34.31
C GLU A 286 7.48 14.86 33.63
N GLU A 287 7.16 13.64 34.09
CA GLU A 287 7.74 12.43 33.59
C GLU A 287 7.29 12.29 32.15
N GLU A 288 5.99 12.55 31.90
CA GLU A 288 5.41 12.47 30.49
C GLU A 288 6.10 13.54 29.59
N SER A 289 6.15 14.78 30.09
CA SER A 289 6.73 15.86 29.29
C SER A 289 8.24 15.66 28.96
N SER A 290 8.93 15.06 29.95
CA SER A 290 10.38 14.88 29.84
C SER A 290 10.75 13.85 28.78
N GLY A 291 9.75 12.98 28.45
CA GLY A 291 9.99 11.88 27.50
C GLY A 291 9.77 12.31 26.07
N ILE A 292 9.42 13.58 25.94
CA ILE A 292 9.15 14.17 24.61
C ILE A 292 10.35 14.99 24.23
N THR A 293 10.83 14.76 23.00
CA THR A 293 11.98 15.47 22.45
C THR A 293 11.46 16.72 21.72
N GLN A 294 11.27 17.80 22.47
CA GLN A 294 10.74 19.01 21.88
C GLN A 294 11.71 19.68 20.89
N ASP A 295 12.01 18.96 19.80
CA ASP A 295 12.91 19.42 18.73
C ASP A 295 12.55 20.74 17.99
N GLY A 296 11.50 21.42 18.46
CA GLY A 296 11.09 22.66 17.83
C GLY A 296 10.44 22.57 16.44
N GLU A 297 10.19 21.35 15.95
CA GLU A 297 9.49 21.17 14.65
C GLU A 297 7.99 21.03 14.95
N ALA A 298 7.65 20.95 16.22
CA ALA A 298 6.24 20.78 16.58
C ALA A 298 5.92 21.77 17.69
N ILE A 299 4.87 21.53 18.47
CA ILE A 299 4.50 22.47 19.59
C ILE A 299 4.84 21.84 20.94
N PRO A 300 4.86 22.66 22.00
CA PRO A 300 5.22 22.10 23.31
C PRO A 300 4.25 21.10 23.97
N ARG A 301 4.85 20.22 24.79
CA ARG A 301 4.04 19.28 25.57
C ARG A 301 4.68 19.40 26.96
N LEU A 302 4.08 20.34 27.74
CA LEU A 302 4.66 20.69 29.05
C LEU A 302 3.86 20.09 30.22
N ALA A 303 4.57 19.55 31.23
CA ALA A 303 3.89 19.10 32.41
C ALA A 303 3.11 20.31 32.85
N GLY A 304 1.92 20.01 33.35
CA GLY A 304 0.99 21.02 33.78
C GLY A 304 -0.20 21.28 32.84
N THR A 305 0.01 21.02 31.54
CA THR A 305 -1.06 21.30 30.57
C THR A 305 -2.22 20.35 30.97
N ARG A 306 -3.43 20.86 31.14
CA ARG A 306 -4.67 20.03 31.43
C ARG A 306 -5.02 19.23 30.14
N LEU A 307 -5.44 17.98 30.31
CA LEU A 307 -5.70 17.26 29.02
C LEU A 307 -7.18 17.39 28.65
N ALA A 308 -7.46 17.78 27.40
CA ALA A 308 -8.87 17.94 26.88
C ALA A 308 -9.45 16.54 26.66
N ALA A 309 -10.05 16.06 27.70
CA ALA A 309 -10.55 14.60 27.69
C ALA A 309 -12.07 14.43 27.72
N SER A 310 -12.65 13.78 26.73
CA SER A 310 -14.08 13.65 26.88
C SER A 310 -14.43 12.33 26.29
N TYR A 311 -15.36 11.67 26.97
CA TYR A 311 -15.79 10.36 26.40
C TYR A 311 -16.44 10.45 25.06
N VAL A 312 -16.75 11.69 24.65
CA VAL A 312 -17.32 11.86 23.30
C VAL A 312 -16.40 11.44 22.19
N ASN A 313 -15.05 11.47 22.39
CA ASN A 313 -14.19 11.05 21.28
C ASN A 313 -14.09 9.52 21.14
N PHE A 314 -15.28 8.85 21.10
CA PHE A 314 -15.36 7.37 20.83
C PHE A 314 -15.52 7.10 19.35
N TYR A 315 -15.29 5.85 18.92
CA TYR A 315 -15.52 5.47 17.55
C TYR A 315 -16.57 4.40 17.54
N ILE A 316 -17.47 4.49 16.56
CA ILE A 316 -18.49 3.46 16.33
C ILE A 316 -18.03 2.60 15.14
N ALA A 317 -17.93 1.26 15.40
CA ALA A 317 -17.65 0.25 14.33
C ALA A 317 -18.97 -0.57 14.26
N ASN A 318 -19.05 -1.43 13.27
CA ASN A 318 -20.22 -2.31 12.98
C ASN A 318 -20.55 -3.18 14.15
N GLY A 319 -21.46 -2.76 15.02
CA GLY A 319 -21.82 -3.63 16.16
C GLY A 319 -21.13 -3.23 17.47
N GLY A 320 -20.17 -2.30 17.45
CA GLY A 320 -19.50 -1.96 18.70
C GLY A 320 -19.31 -0.45 18.87
N ILE A 321 -19.11 0.00 20.10
CA ILE A 321 -18.78 1.43 20.37
C ILE A 321 -17.34 1.25 20.97
N ILE A 322 -16.30 1.95 20.46
CA ILE A 322 -14.91 1.75 20.99
C ILE A 322 -14.63 3.08 21.74
N ALA A 323 -14.63 3.05 23.09
CA ALA A 323 -14.60 4.29 23.88
C ALA A 323 -13.40 4.39 24.75
N PRO A 324 -12.98 5.60 25.15
CA PRO A 324 -11.81 5.76 26.03
C PRO A 324 -12.05 5.48 27.51
N GLN A 325 -10.97 5.06 28.18
CA GLN A 325 -10.93 5.12 29.69
C GLN A 325 -9.68 5.96 29.98
N PHE A 326 -9.82 6.92 30.90
CA PHE A 326 -8.75 7.88 31.11
C PHE A 326 -8.04 7.69 32.43
N GLY A 327 -8.51 6.76 33.22
CA GLY A 327 -7.82 6.59 34.53
C GLY A 327 -8.59 7.31 35.64
N ASP A 328 -9.73 8.02 35.38
CA ASP A 328 -10.53 8.59 36.50
C ASP A 328 -11.59 7.49 36.66
N PRO A 329 -11.33 6.50 37.52
CA PRO A 329 -12.15 5.37 37.75
C PRO A 329 -13.63 5.70 37.82
N ILE A 330 -13.94 6.83 38.45
CA ILE A 330 -15.37 7.23 38.64
C ILE A 330 -15.98 7.63 37.28
N ARG A 331 -15.37 8.64 36.65
CA ARG A 331 -15.96 8.99 35.34
C ARG A 331 -15.65 7.96 34.28
N ASP A 332 -14.60 7.15 34.50
CA ASP A 332 -14.39 6.14 33.42
C ASP A 332 -15.51 5.09 33.35
N LYS A 333 -16.09 4.67 34.56
CA LYS A 333 -17.19 3.62 34.53
C LYS A 333 -18.53 4.31 34.20
N GLU A 334 -18.71 5.57 34.58
CA GLU A 334 -19.98 6.24 34.26
C GLU A 334 -20.31 6.43 32.74
N ALA A 335 -19.24 6.68 31.99
CA ALA A 335 -19.42 6.95 30.52
C ALA A 335 -19.77 5.59 29.86
N ILE A 336 -19.13 4.47 30.31
CA ILE A 336 -19.47 3.14 29.75
C ILE A 336 -20.96 2.89 30.02
N ARG A 337 -21.39 3.24 31.24
CA ARG A 337 -22.81 3.07 31.57
C ARG A 337 -23.65 3.93 30.60
N VAL A 338 -23.24 5.18 30.40
CA VAL A 338 -24.07 5.99 29.52
C VAL A 338 -24.06 5.50 28.06
N LEU A 339 -22.89 5.25 27.58
CA LEU A 339 -22.77 4.74 26.20
C LEU A 339 -23.46 3.40 26.05
N SER A 340 -23.48 2.62 27.12
CA SER A 340 -24.10 1.31 27.07
C SER A 340 -25.56 1.39 26.87
N ASP A 341 -26.16 2.40 27.49
CA ASP A 341 -27.58 2.61 27.38
C ASP A 341 -28.00 3.22 26.03
N THR A 342 -27.16 4.23 25.61
CA THR A 342 -27.34 5.01 24.41
C THR A 342 -27.16 4.06 23.23
N PHE A 343 -26.25 3.08 23.31
CA PHE A 343 -26.14 2.18 22.12
C PHE A 343 -26.45 0.73 22.55
N PRO A 344 -27.68 0.51 22.99
CA PRO A 344 -28.09 -0.82 23.49
C PRO A 344 -27.83 -1.99 22.54
N HIS A 345 -27.84 -1.71 21.23
CA HIS A 345 -27.56 -2.76 20.25
C HIS A 345 -26.11 -2.85 19.82
N HIS A 346 -25.24 -2.17 20.60
CA HIS A 346 -23.78 -2.23 20.37
C HIS A 346 -22.96 -2.78 21.54
N SER A 347 -21.81 -3.45 21.32
CA SER A 347 -20.96 -3.87 22.44
C SER A 347 -20.15 -2.64 22.68
N VAL A 348 -20.05 -2.19 23.92
CA VAL A 348 -19.25 -1.01 24.25
C VAL A 348 -17.99 -1.50 24.94
N VAL A 349 -16.84 -1.26 24.27
CA VAL A 349 -15.55 -1.68 24.78
C VAL A 349 -14.78 -0.45 25.31
N GLY A 350 -14.18 -0.58 26.48
CA GLY A 350 -13.40 0.54 26.98
C GLY A 350 -11.94 0.22 26.77
N ILE A 351 -11.29 0.95 25.80
CA ILE A 351 -9.86 0.69 25.60
C ILE A 351 -9.27 1.43 26.85
N GLU A 352 -8.30 0.61 27.47
CA GLU A 352 -7.53 1.06 28.57
C GLU A 352 -6.29 1.83 28.01
N ASN A 353 -5.78 2.73 28.88
CA ASN A 353 -4.61 3.59 28.66
C ASN A 353 -4.74 4.58 27.51
N ALA A 354 -5.99 5.02 27.25
CA ALA A 354 -6.20 6.05 26.21
C ALA A 354 -5.50 7.39 26.57
N ARG A 355 -5.08 7.66 27.86
CA ARG A 355 -4.34 8.90 28.16
C ARG A 355 -3.13 9.13 27.26
N GLU A 356 -2.39 8.06 26.94
CA GLU A 356 -1.21 8.25 26.05
C GLU A 356 -1.68 8.96 24.76
N ILE A 357 -2.80 8.58 24.13
CA ILE A 357 -3.20 9.32 22.92
C ILE A 357 -3.58 10.76 23.33
N VAL A 358 -4.30 10.95 24.46
CA VAL A 358 -4.74 12.27 24.97
C VAL A 358 -3.53 13.19 25.20
N LEU A 359 -2.36 12.61 25.56
CA LEU A 359 -1.12 13.46 25.74
C LEU A 359 -0.61 14.10 24.44
N ALA A 360 -1.06 13.56 23.28
CA ALA A 360 -0.70 14.05 21.98
C ALA A 360 -1.72 14.85 21.27
N GLY A 361 -2.83 15.11 21.94
CA GLY A 361 -3.80 16.04 21.39
C GLY A 361 -5.04 15.38 20.87
N GLY A 362 -5.17 14.05 20.91
CA GLY A 362 -6.40 13.49 20.36
C GLY A 362 -6.71 12.18 21.06
N ASN A 363 -7.79 11.49 20.63
CA ASN A 363 -8.24 10.23 21.25
C ASN A 363 -8.67 9.28 20.14
N ILE A 364 -9.43 8.25 20.51
CA ILE A 364 -9.77 7.15 19.56
C ILE A 364 -10.40 7.66 18.28
N HIS A 365 -11.31 8.63 18.42
CA HIS A 365 -11.97 9.03 17.20
C HIS A 365 -10.97 9.72 16.24
N CYS A 366 -9.92 10.37 16.76
CA CYS A 366 -8.95 11.04 15.92
C CYS A 366 -7.95 10.16 15.18
N ILE A 367 -7.81 8.91 15.66
CA ILE A 367 -6.89 8.05 14.97
C ILE A 367 -7.61 7.13 13.97
N THR A 368 -8.94 7.22 13.87
CA THR A 368 -9.70 6.33 13.03
C THR A 368 -10.38 7.07 11.89
N GLN A 369 -10.66 6.31 10.84
CA GLN A 369 -11.42 6.88 9.68
C GLN A 369 -12.12 5.69 9.11
N GLN A 370 -13.44 5.72 9.20
CA GLN A 370 -14.24 4.57 8.69
C GLN A 370 -14.32 4.53 7.14
N GLN A 371 -14.13 3.34 6.56
CA GLN A 371 -14.46 3.19 5.15
C GLN A 371 -15.83 2.51 4.99
N PRO A 372 -16.87 3.18 4.47
CA PRO A 372 -18.24 2.56 4.25
C PRO A 372 -18.13 1.18 3.53
N ALA A 373 -19.07 0.28 3.89
CA ALA A 373 -19.29 -1.01 3.23
C ALA A 373 -19.95 -0.36 1.95
N GLU A 374 -19.51 -0.71 0.72
CA GLU A 374 -20.07 -0.04 -0.54
C GLU A 374 -21.53 -0.61 -0.88
N PRO A 375 -22.56 0.29 -1.18
CA PRO A 375 -23.93 -0.17 -1.53
C PRO A 375 -23.82 -0.93 -2.91
N THR A 376 -24.68 -1.90 -3.04
CA THR A 376 -24.64 -2.72 -4.26
C THR A 376 -25.00 -1.98 -5.59
N SER B 7 5.33 -26.29 2.27
CA SER B 7 4.03 -26.52 2.88
C SER B 7 2.95 -26.65 1.86
N PRO B 8 3.12 -26.03 0.70
CA PRO B 8 2.12 -26.07 -0.35
C PRO B 8 1.73 -27.48 -0.73
N ALA B 9 2.62 -28.43 -0.46
CA ALA B 9 2.36 -29.84 -0.77
C ALA B 9 1.04 -30.21 -0.04
N GLU B 10 1.09 -30.05 1.29
CA GLU B 10 0.01 -30.40 2.29
C GLU B 10 -1.24 -29.52 2.14
N HIS B 11 -1.66 -29.18 0.91
CA HIS B 11 -2.73 -28.27 0.74
C HIS B 11 -3.20 -28.29 -0.68
N GLY B 12 -2.41 -28.87 -1.57
CA GLY B 12 -2.82 -28.98 -2.94
C GLY B 12 -2.53 -27.72 -3.77
N TYR B 13 -1.39 -27.06 -3.51
CA TYR B 13 -1.01 -25.89 -4.33
C TYR B 13 0.15 -26.28 -5.23
N TYR B 14 0.11 -25.72 -6.45
CA TYR B 14 1.07 -25.80 -7.57
C TYR B 14 1.17 -24.35 -8.15
N MSE B 15 2.28 -24.08 -8.88
CA MSE B 15 2.37 -22.79 -9.64
C MSE B 15 1.74 -23.05 -10.99
O MSE B 15 2.21 -23.95 -11.74
CB MSE B 15 3.84 -22.52 -9.83
CG MSE B 15 4.13 -21.09 -10.06
SE MSE B 15 6.03 -20.82 -10.77
CE MSE B 15 5.60 -19.55 -12.48
N PRO B 16 0.74 -22.21 -11.44
CA PRO B 16 0.17 -22.44 -12.78
C PRO B 16 1.16 -21.79 -13.77
N ALA B 17 1.13 -22.29 -15.01
CA ALA B 17 1.89 -21.68 -16.12
C ALA B 17 1.47 -20.15 -16.15
N GLU B 18 2.32 -19.34 -16.86
CA GLU B 18 2.17 -17.87 -16.99
C GLU B 18 1.11 -17.45 -18.01
N TRP B 19 0.70 -18.40 -18.90
CA TRP B 19 -0.36 -18.09 -19.87
C TRP B 19 -1.77 -18.38 -19.40
N ASP B 20 -1.83 -18.66 -18.12
CA ASP B 20 -3.11 -18.87 -17.47
C ASP B 20 -3.59 -17.51 -16.90
N SER B 21 -4.92 -17.37 -16.69
CA SER B 21 -5.46 -16.12 -16.31
C SER B 21 -4.87 -15.30 -15.13
N HIS B 22 -4.65 -14.04 -15.43
CA HIS B 22 -4.15 -13.25 -14.30
C HIS B 22 -5.23 -12.38 -13.63
N ALA B 23 -5.13 -12.19 -12.32
CA ALA B 23 -5.98 -11.22 -11.62
C ALA B 23 -5.31 -9.88 -11.83
N GLN B 24 -3.98 -9.83 -11.87
CA GLN B 24 -3.33 -8.52 -12.11
C GLN B 24 -1.81 -8.80 -12.30
N THR B 25 -1.09 -7.69 -12.52
CA THR B 25 0.39 -7.76 -12.63
C THR B 25 1.02 -6.71 -11.65
N TRP B 26 2.20 -7.00 -11.09
CA TRP B 26 2.91 -6.10 -10.12
C TRP B 26 4.28 -5.79 -10.83
N ILE B 27 4.62 -4.54 -10.84
CA ILE B 27 5.88 -4.10 -11.35
C ILE B 27 6.52 -2.99 -10.42
N GLY B 28 7.82 -3.01 -10.18
CA GLY B 28 8.35 -1.95 -9.28
C GLY B 28 8.82 -0.77 -10.13
N TRP B 29 8.90 0.42 -9.52
CA TRP B 29 9.35 1.68 -10.11
C TRP B 29 10.92 1.88 -9.99
N PRO B 30 11.67 2.18 -11.09
CA PRO B 30 13.14 2.33 -11.01
C PRO B 30 13.70 3.67 -10.44
N GLU B 31 14.85 3.63 -9.77
CA GLU B 31 15.29 4.90 -9.10
C GLU B 31 16.83 4.98 -8.88
N ARG B 32 17.43 3.96 -8.28
CA ARG B 32 18.82 4.13 -7.87
C ARG B 32 19.79 4.62 -8.98
N GLN B 33 20.36 5.82 -8.73
CA GLN B 33 21.22 6.50 -9.71
C GLN B 33 22.63 5.88 -9.79
N ASP B 34 22.84 4.83 -9.00
CA ASP B 34 24.12 4.18 -8.92
C ASP B 34 24.03 2.83 -9.61
N ASN B 35 22.83 2.54 -10.14
CA ASN B 35 22.65 1.32 -10.88
C ASN B 35 22.12 1.65 -12.25
N TRP B 36 21.32 2.70 -12.32
CA TRP B 36 20.68 3.19 -13.51
C TRP B 36 21.37 4.52 -13.93
N ARG B 37 21.46 4.77 -15.23
CA ARG B 37 22.07 6.01 -15.69
C ARG B 37 21.08 7.20 -15.69
N HIS B 38 21.62 8.42 -15.56
CA HIS B 38 20.78 9.62 -15.59
C HIS B 38 19.58 9.74 -14.71
N ASN B 39 19.77 9.56 -13.41
CA ASN B 39 18.70 9.68 -12.43
C ASN B 39 17.64 8.74 -12.79
N ALA B 40 18.08 7.66 -13.40
CA ALA B 40 17.17 6.64 -13.79
C ALA B 40 15.98 7.21 -14.66
N LEU B 41 16.06 8.40 -15.28
CA LEU B 41 14.87 8.79 -16.05
C LEU B 41 14.71 7.96 -17.34
N PRO B 42 15.82 7.48 -17.98
CA PRO B 42 15.52 6.73 -19.21
C PRO B 42 14.76 5.44 -18.90
N ALA B 43 15.13 4.83 -17.81
CA ALA B 43 14.47 3.59 -17.39
C ALA B 43 13.04 3.80 -16.87
N GLN B 44 12.82 4.95 -16.19
CA GLN B 44 11.48 5.22 -15.66
C GLN B 44 10.63 5.38 -16.86
N ARG B 45 11.16 5.91 -17.98
CA ARG B 45 10.24 6.02 -19.13
C ARG B 45 9.89 4.71 -19.71
N VAL B 46 10.81 3.80 -19.69
CA VAL B 46 10.58 2.44 -20.17
C VAL B 46 9.68 1.67 -19.21
N PHE B 47 9.90 1.81 -17.92
CA PHE B 47 8.93 0.98 -17.16
C PHE B 47 7.55 1.58 -17.27
N ALA B 48 7.49 2.90 -17.34
CA ALA B 48 6.17 3.42 -17.54
C ALA B 48 5.50 2.90 -18.83
N GLY B 49 6.29 2.80 -19.92
CA GLY B 49 5.87 2.22 -21.21
C GLY B 49 5.40 0.79 -21.05
N VAL B 50 6.17 0.03 -20.31
CA VAL B 50 5.82 -1.37 -20.07
C VAL B 50 4.55 -1.48 -19.25
N ALA B 51 4.43 -0.67 -18.13
CA ALA B 51 3.23 -0.68 -17.29
C ALA B 51 2.06 -0.27 -18.09
N LYS B 52 2.26 0.72 -18.95
CA LYS B 52 1.11 0.98 -19.75
C LYS B 52 0.67 -0.07 -20.70
N ALA B 53 1.62 -0.73 -21.39
CA ALA B 53 1.25 -1.74 -22.32
C ALA B 53 0.49 -2.87 -21.64
N ILE B 54 0.92 -3.30 -20.44
CA ILE B 54 0.19 -4.43 -19.94
C ILE B 54 -1.15 -4.00 -19.50
N SER B 55 -1.25 -2.71 -19.10
CA SER B 55 -2.61 -2.35 -18.62
C SER B 55 -3.73 -2.30 -19.67
N LYS B 56 -3.39 -2.58 -20.97
CA LYS B 56 -4.40 -2.66 -22.01
C LYS B 56 -4.99 -4.06 -22.02
N PHE B 57 -4.23 -5.04 -21.42
CA PHE B 57 -4.69 -6.39 -21.28
C PHE B 57 -5.18 -6.70 -19.88
N GLU B 58 -4.56 -6.06 -18.86
CA GLU B 58 -4.95 -6.50 -17.50
C GLU B 58 -4.68 -5.57 -16.40
N PRO B 59 -5.29 -5.76 -15.22
CA PRO B 59 -5.02 -4.83 -14.13
C PRO B 59 -3.48 -4.83 -13.78
N VAL B 60 -2.98 -3.62 -13.50
CA VAL B 60 -1.61 -3.41 -13.01
C VAL B 60 -1.63 -2.51 -11.77
N THR B 61 -1.02 -3.02 -10.71
CA THR B 61 -0.90 -2.24 -9.48
C THR B 61 0.51 -1.92 -9.25
N VAL B 62 1.24 -1.22 -10.16
CA VAL B 62 2.63 -0.75 -10.02
C VAL B 62 2.82 -0.34 -8.48
N CYS B 63 3.98 -0.71 -7.90
CA CYS B 63 4.31 -0.21 -6.54
C CYS B 63 5.52 0.78 -6.73
N ALA B 64 5.53 1.97 -6.03
CA ALA B 64 6.65 2.95 -6.19
C ALA B 64 7.25 3.37 -4.83
N SER B 65 8.61 3.50 -4.75
CA SER B 65 9.28 3.86 -3.50
C SER B 65 8.77 5.22 -2.96
N PRO B 66 8.85 5.52 -1.66
CA PRO B 66 8.38 6.87 -1.22
C PRO B 66 8.88 8.14 -1.98
N ALA B 67 10.16 8.14 -2.29
CA ALA B 67 10.74 9.26 -3.02
C ALA B 67 10.20 9.46 -4.43
N GLN B 68 9.50 8.44 -4.95
CA GLN B 68 8.93 8.38 -6.31
C GLN B 68 7.45 8.48 -6.47
N TRP B 69 6.64 7.97 -5.50
CA TRP B 69 5.18 7.90 -5.63
C TRP B 69 4.54 9.09 -6.38
N GLU B 70 4.93 10.34 -6.10
CA GLU B 70 4.12 11.30 -6.88
C GLU B 70 4.46 11.20 -8.33
N ASN B 71 5.70 10.96 -8.65
CA ASN B 71 6.14 10.87 -10.08
C ASN B 71 5.54 9.77 -10.88
N ALA B 72 5.64 8.62 -10.22
CA ALA B 72 5.10 7.53 -10.83
C ALA B 72 3.63 7.81 -11.00
N ARG B 73 3.00 8.38 -9.95
CA ARG B 73 1.58 8.55 -10.09
C ARG B 73 1.30 9.56 -11.24
N LYS B 74 2.04 10.62 -11.40
CA LYS B 74 1.58 11.51 -12.53
C LYS B 74 2.13 11.10 -13.92
N GLN B 75 2.39 9.80 -14.09
CA GLN B 75 2.93 9.24 -15.34
C GLN B 75 2.16 8.07 -15.83
N LEU B 76 1.27 7.57 -14.95
CA LEU B 76 0.60 6.32 -15.29
C LEU B 76 -0.94 6.46 -15.37
N PRO B 77 -1.57 5.78 -16.34
CA PRO B 77 -3.05 5.79 -16.49
C PRO B 77 -3.79 5.58 -15.13
N GLU B 78 -4.99 6.21 -14.97
CA GLU B 78 -5.76 6.14 -13.76
C GLU B 78 -6.25 4.72 -13.33
N ASP B 79 -6.46 3.83 -14.35
CA ASP B 79 -6.98 2.55 -13.99
C ASP B 79 -5.93 1.52 -13.67
N ILE B 80 -4.69 1.96 -13.55
CA ILE B 80 -3.56 1.11 -13.06
C ILE B 80 -3.54 1.66 -11.63
N ARG B 81 -3.62 0.69 -10.63
CA ARG B 81 -3.59 1.19 -9.27
C ARG B 81 -2.07 1.40 -8.95
N VAL B 82 -1.79 2.43 -8.12
CA VAL B 82 -0.41 2.80 -7.66
C VAL B 82 -0.39 2.90 -6.14
N VAL B 83 0.37 2.00 -5.48
CA VAL B 83 0.59 2.05 -4.02
C VAL B 83 2.07 2.32 -3.62
N GLU B 84 2.30 2.94 -2.45
CA GLU B 84 3.64 3.19 -1.98
C GLU B 84 4.24 1.85 -1.43
N MSE B 85 5.54 1.60 -1.72
CA MSE B 85 6.34 0.45 -1.24
C MSE B 85 7.84 0.73 -1.41
O MSE B 85 8.30 0.96 -2.57
CB MSE B 85 5.97 -0.82 -2.03
CG MSE B 85 6.26 -2.06 -1.08
SE MSE B 85 5.72 -3.67 -2.00
CE MSE B 85 3.82 -3.47 -1.93
N SER B 86 8.66 0.72 -0.31
CA SER B 86 10.13 0.89 -0.47
C SER B 86 10.77 -0.42 -1.12
N MSE B 87 11.91 -0.22 -1.80
CA MSE B 87 12.61 -1.37 -2.46
C MSE B 87 14.05 -0.96 -2.69
O MSE B 87 14.33 0.21 -2.55
CB MSE B 87 11.89 -1.68 -3.79
CG MSE B 87 11.83 -0.55 -4.70
SE MSE B 87 10.56 -0.87 -6.16
CE MSE B 87 9.50 0.83 -5.78
N ASN B 88 14.91 -1.90 -3.13
CA ASN B 88 16.34 -1.51 -3.38
C ASN B 88 16.58 -1.63 -4.84
N ASP B 89 15.88 -2.56 -5.53
CA ASP B 89 15.89 -2.47 -7.07
C ASP B 89 14.44 -2.64 -7.49
N SER B 90 14.22 -2.66 -8.82
CA SER B 90 12.88 -2.62 -9.41
C SER B 90 12.41 -3.94 -10.12
N TRP B 91 13.14 -5.02 -9.84
CA TRP B 91 12.80 -6.29 -10.53
C TRP B 91 11.86 -7.16 -9.68
N PHE B 92 10.55 -6.91 -9.82
CA PHE B 92 9.59 -7.62 -8.97
C PHE B 92 9.28 -9.09 -9.26
N ARG B 93 9.68 -9.64 -10.44
CA ARG B 93 9.61 -11.07 -10.84
C ARG B 93 10.63 -11.76 -9.84
N ASP B 94 11.60 -11.02 -9.30
CA ASP B 94 12.68 -11.60 -8.41
C ASP B 94 12.42 -11.33 -6.91
N SER B 95 12.06 -10.10 -6.61
CA SER B 95 11.75 -9.86 -5.20
C SER B 95 10.28 -10.14 -4.85
N GLY B 96 9.43 -10.21 -5.89
CA GLY B 96 7.95 -10.43 -5.70
C GLY B 96 7.63 -11.89 -5.32
N PRO B 97 6.39 -12.14 -5.01
CA PRO B 97 6.07 -13.53 -4.58
C PRO B 97 5.90 -14.46 -5.76
N THR B 98 6.16 -15.79 -5.64
CA THR B 98 5.80 -16.70 -6.75
C THR B 98 4.45 -17.30 -6.25
N PHE B 99 3.35 -16.78 -6.81
CA PHE B 99 2.00 -17.20 -6.35
C PHE B 99 1.70 -18.65 -6.84
N ILE B 100 0.90 -19.35 -5.99
CA ILE B 100 0.50 -20.77 -6.32
C ILE B 100 -1.02 -20.87 -6.05
N VAL B 101 -1.68 -21.76 -6.81
CA VAL B 101 -3.17 -21.90 -6.64
C VAL B 101 -3.53 -23.30 -6.46
N ARG B 102 -4.77 -23.51 -5.90
CA ARG B 102 -5.26 -24.87 -5.90
C ARG B 102 -6.69 -24.82 -6.49
N LYS B 103 -7.17 -25.99 -6.85
CA LYS B 103 -8.58 -26.17 -7.28
C LYS B 103 -9.41 -26.78 -6.05
N ARG B 104 -10.26 -25.96 -5.41
CA ARG B 104 -11.08 -26.43 -4.27
C ARG B 104 -12.50 -26.53 -4.79
N ASN B 112 -11.33 -21.05 3.72
CA ASN B 112 -9.98 -21.30 3.25
C ASN B 112 -9.81 -20.59 1.91
N ARG B 113 -8.55 -20.41 1.46
CA ARG B 113 -8.32 -19.65 0.20
C ARG B 113 -7.71 -20.62 -0.78
N ASN B 114 -7.85 -20.30 -2.09
CA ASN B 114 -7.35 -21.17 -3.17
C ASN B 114 -6.08 -20.54 -3.82
N ILE B 115 -5.49 -19.58 -3.10
CA ILE B 115 -4.20 -18.97 -3.61
C ILE B 115 -3.35 -18.62 -2.46
N ALA B 116 -2.04 -18.61 -2.66
CA ALA B 116 -1.09 -18.15 -1.61
C ALA B 116 0.13 -17.58 -2.38
N GLY B 117 1.02 -16.91 -1.64
CA GLY B 117 2.28 -16.46 -2.25
C GLY B 117 3.53 -17.08 -1.55
N ILE B 118 4.58 -17.39 -2.34
CA ILE B 118 5.79 -17.89 -1.79
C ILE B 118 6.78 -16.72 -1.57
N ASP B 119 7.19 -16.60 -0.34
CA ASP B 119 8.16 -15.53 -0.05
C ASP B 119 9.53 -16.24 0.13
N TRP B 120 10.31 -16.18 -0.98
CA TRP B 120 11.63 -16.80 -0.97
C TRP B 120 12.66 -15.96 -0.23
N ASN B 121 13.76 -16.65 0.14
CA ASN B 121 14.88 -15.88 0.69
C ASN B 121 15.54 -15.12 -0.48
N PHE B 122 16.23 -14.04 -0.18
CA PHE B 122 16.75 -13.20 -1.27
C PHE B 122 18.08 -12.66 -0.81
N ASN B 123 18.96 -12.44 -1.79
CA ASN B 123 20.30 -11.85 -1.46
C ASN B 123 20.85 -10.96 -2.56
N ALA B 124 19.93 -10.33 -3.31
CA ALA B 124 20.35 -9.45 -4.38
C ALA B 124 21.32 -10.24 -5.32
N TRP B 125 20.87 -11.46 -5.71
CA TRP B 125 21.55 -12.25 -6.73
C TRP B 125 22.98 -12.54 -6.43
N GLY B 126 23.22 -12.88 -5.18
CA GLY B 126 24.56 -13.34 -4.82
C GLY B 126 25.10 -12.91 -3.45
N GLY B 127 24.40 -12.00 -2.76
CA GLY B 127 24.85 -11.70 -1.38
C GLY B 127 26.12 -10.89 -1.19
N ALA B 128 26.80 -11.13 -0.07
CA ALA B 128 27.97 -10.33 0.33
C ALA B 128 29.00 -10.10 -0.74
N ASN B 129 29.41 -11.17 -1.40
CA ASN B 129 30.44 -11.03 -2.43
C ASN B 129 30.03 -10.82 -3.92
N ASP B 130 29.05 -11.58 -4.39
CA ASP B 130 28.56 -11.55 -5.80
C ASP B 130 27.35 -10.67 -6.02
N GLY B 131 26.67 -10.35 -4.94
CA GLY B 131 25.45 -9.58 -5.03
C GLY B 131 25.57 -8.30 -5.81
N CYS B 132 24.50 -7.94 -6.51
CA CYS B 132 24.48 -6.73 -7.34
C CYS B 132 24.58 -5.44 -6.53
N TYR B 133 24.32 -5.56 -5.22
CA TYR B 133 24.44 -4.42 -4.27
C TYR B 133 24.52 -4.98 -2.84
N ASN B 134 25.09 -4.16 -1.92
CA ASN B 134 25.34 -4.49 -0.54
C ASN B 134 24.13 -4.35 0.42
N ASP B 135 23.06 -3.70 -0.06
CA ASP B 135 21.87 -3.49 0.83
C ASP B 135 20.60 -3.98 0.13
N TRP B 136 20.05 -5.07 0.66
CA TRP B 136 18.80 -5.70 0.12
C TRP B 136 17.84 -5.99 1.27
N SER B 137 18.01 -5.22 2.37
CA SER B 137 17.19 -5.41 3.54
C SER B 137 15.75 -4.93 3.17
N HIS B 138 15.58 -4.02 2.18
CA HIS B 138 14.22 -3.61 1.78
C HIS B 138 13.46 -4.55 0.83
N ASP B 139 14.21 -5.17 -0.09
CA ASP B 139 13.69 -6.17 -1.09
C ASP B 139 13.34 -7.48 -0.29
N LEU B 140 13.99 -7.79 0.87
CA LEU B 140 13.59 -9.02 1.60
C LEU B 140 12.19 -8.70 2.13
N LEU B 141 11.64 -7.48 1.98
CA LEU B 141 10.30 -7.18 2.54
C LEU B 141 9.19 -6.91 1.52
N VAL B 142 9.51 -7.18 0.20
CA VAL B 142 8.50 -6.87 -0.85
C VAL B 142 7.37 -7.99 -0.92
N SER B 143 7.79 -9.28 -1.06
CA SER B 143 6.76 -10.30 -1.20
C SER B 143 5.84 -10.20 0.06
N ARG B 144 6.39 -9.87 1.23
CA ARG B 144 5.50 -9.76 2.38
C ARG B 144 4.41 -8.75 2.24
N LYS B 145 4.79 -7.49 1.93
CA LYS B 145 3.84 -6.42 1.72
C LYS B 145 2.86 -6.65 0.59
N ILE B 146 3.38 -7.19 -0.51
CA ILE B 146 2.50 -7.43 -1.66
C ILE B 146 1.37 -8.32 -1.28
N LEU B 147 1.70 -9.39 -0.50
CA LEU B 147 0.72 -10.42 -0.07
C LEU B 147 -0.09 -9.81 1.08
N ALA B 148 0.49 -8.91 1.90
CA ALA B 148 -0.32 -8.34 3.05
C ALA B 148 -1.31 -7.38 2.41
N LEU B 149 -0.88 -6.60 1.42
CA LEU B 149 -1.74 -5.62 0.77
C LEU B 149 -2.93 -6.37 0.16
N GLU B 150 -2.73 -7.59 -0.40
CA GLU B 150 -3.77 -8.32 -1.08
C GLU B 150 -4.51 -9.36 -0.16
N ARG B 151 -4.13 -9.47 1.10
CA ARG B 151 -4.69 -10.44 2.01
C ARG B 151 -4.77 -11.85 1.35
N ILE B 152 -3.61 -12.23 0.82
CA ILE B 152 -3.41 -13.52 0.23
C ILE B 152 -2.47 -14.28 1.15
N PRO B 153 -2.74 -15.56 1.48
CA PRO B 153 -1.90 -16.34 2.38
C PRO B 153 -0.39 -16.37 1.92
N ARG B 154 0.55 -16.49 2.88
CA ARG B 154 2.00 -16.44 2.61
C ARG B 154 2.76 -17.61 3.23
N PHE B 155 3.53 -18.33 2.39
CA PHE B 155 4.47 -19.35 2.83
C PHE B 155 5.85 -18.76 2.79
N GLN B 156 6.66 -19.06 3.77
CA GLN B 156 8.05 -18.55 3.76
C GLN B 156 9.06 -19.68 3.67
N HIS B 157 9.83 -19.72 2.56
CA HIS B 157 10.83 -20.76 2.42
C HIS B 157 12.11 -20.08 2.72
N SER B 158 12.92 -20.79 3.52
CA SER B 158 14.26 -20.32 3.84
C SER B 158 15.28 -20.30 2.69
N MSE B 159 15.06 -21.13 1.63
CA MSE B 159 16.01 -21.13 0.48
C MSE B 159 15.98 -19.79 -0.25
O MSE B 159 14.89 -19.17 -0.43
CB MSE B 159 15.73 -22.28 -0.51
CG MSE B 159 14.78 -21.97 -1.60
SE MSE B 159 14.36 -23.66 -2.57
CE MSE B 159 15.81 -23.59 -3.95
N ILE B 160 17.15 -19.29 -0.66
CA ILE B 160 17.18 -17.99 -1.43
C ILE B 160 16.73 -18.39 -2.82
N LEU B 161 15.79 -17.61 -3.39
CA LEU B 161 15.37 -17.93 -4.77
C LEU B 161 14.78 -16.60 -5.25
N GLU B 162 14.76 -16.47 -6.57
CA GLU B 162 14.11 -15.27 -7.18
C GLU B 162 13.16 -15.89 -8.20
N GLY B 163 12.07 -15.23 -8.60
CA GLY B 163 11.12 -15.79 -9.63
C GLY B 163 11.84 -16.06 -10.94
N GLY B 164 12.69 -15.10 -11.38
CA GLY B 164 13.45 -15.25 -12.65
C GLY B 164 14.19 -16.52 -13.00
N SER B 165 14.48 -17.33 -11.97
CA SER B 165 15.22 -18.60 -12.17
C SER B 165 14.28 -19.80 -12.38
N ILE B 166 12.97 -19.51 -12.37
CA ILE B 166 12.14 -20.68 -12.57
C ILE B 166 11.13 -20.54 -13.71
N HIS B 167 10.95 -21.63 -14.50
CA HIS B 167 9.89 -21.58 -15.54
C HIS B 167 9.09 -22.87 -15.57
N VAL B 168 7.74 -22.71 -15.76
CA VAL B 168 6.87 -23.94 -15.71
C VAL B 168 5.91 -23.95 -16.86
N ASP B 169 5.50 -25.15 -17.27
CA ASP B 169 4.49 -25.21 -18.35
C ASP B 169 3.03 -25.43 -17.76
N GLY B 170 2.88 -25.56 -16.44
CA GLY B 170 1.55 -25.81 -15.91
C GLY B 170 1.07 -27.23 -16.06
N GLU B 171 1.97 -28.10 -16.47
CA GLU B 171 1.68 -29.53 -16.64
C GLU B 171 2.77 -30.35 -16.04
N GLY B 172 3.34 -29.82 -14.95
CA GLY B 172 4.27 -30.61 -14.21
C GLY B 172 5.74 -30.35 -14.46
N THR B 173 6.04 -29.52 -15.47
CA THR B 173 7.51 -29.28 -15.87
C THR B 173 8.11 -27.98 -15.38
N CYS B 174 9.38 -28.06 -14.92
CA CYS B 174 9.99 -26.82 -14.46
C CYS B 174 11.38 -26.83 -15.13
N LEU B 175 11.56 -25.82 -15.97
CA LEU B 175 12.76 -25.62 -16.76
C LEU B 175 13.68 -24.64 -15.99
N VAL B 176 14.96 -25.05 -15.83
CA VAL B 176 15.86 -24.23 -14.97
C VAL B 176 17.25 -24.36 -15.59
N THR B 177 18.21 -23.64 -15.03
CA THR B 177 19.64 -23.84 -15.45
C THR B 177 20.49 -24.14 -14.15
N GLU B 178 21.56 -24.97 -14.24
CA GLU B 178 22.40 -25.06 -13.06
C GLU B 178 23.21 -23.70 -12.74
N GLU B 179 23.57 -22.86 -13.71
CA GLU B 179 24.38 -21.68 -13.46
C GLU B 179 23.81 -20.83 -12.32
N CYS B 180 22.47 -20.62 -12.28
CA CYS B 180 21.87 -19.82 -11.24
C CYS B 180 21.68 -20.60 -9.96
N LEU B 181 20.87 -21.66 -10.01
CA LEU B 181 20.41 -22.39 -8.82
C LEU B 181 21.52 -23.16 -8.10
N LEU B 182 22.49 -23.68 -8.84
CA LEU B 182 23.57 -24.44 -8.19
C LEU B 182 24.74 -23.52 -7.84
N ASN B 183 24.57 -22.24 -8.09
CA ASN B 183 25.72 -21.36 -7.82
C ASN B 183 26.08 -21.37 -6.36
N LYS B 184 27.43 -21.29 -6.16
CA LYS B 184 27.91 -21.21 -4.77
C LYS B 184 27.35 -20.01 -3.96
N ASN B 185 26.85 -19.00 -4.68
CA ASN B 185 26.39 -17.77 -4.05
C ASN B 185 24.88 -17.74 -3.72
N ARG B 186 24.17 -18.90 -3.80
CA ARG B 186 22.77 -19.04 -3.51
C ARG B 186 22.56 -19.97 -2.25
N ASN B 187 22.41 -21.30 -2.43
CA ASN B 187 22.13 -22.31 -1.40
C ASN B 187 23.08 -23.52 -1.57
N PRO B 188 24.36 -23.27 -1.33
CA PRO B 188 25.36 -24.33 -1.50
C PRO B 188 25.20 -25.48 -0.53
N HIS B 189 24.55 -25.18 0.59
CA HIS B 189 24.41 -26.22 1.59
C HIS B 189 23.33 -27.21 1.17
N MSE B 190 22.64 -26.94 0.03
CA MSE B 190 21.58 -27.80 -0.40
C MSE B 190 21.95 -28.58 -1.70
O MSE B 190 22.49 -27.99 -2.69
CB MSE B 190 20.36 -26.85 -0.62
CG MSE B 190 19.59 -26.60 0.66
SE MSE B 190 18.42 -25.23 0.36
CE MSE B 190 16.84 -26.14 -0.72
N SER B 191 21.80 -29.91 -1.71
CA SER B 191 22.15 -30.57 -2.97
C SER B 191 21.14 -30.34 -4.08
N LYS B 192 21.48 -30.75 -5.35
CA LYS B 192 20.61 -30.69 -6.54
C LYS B 192 19.27 -31.44 -6.28
N GLU B 193 19.33 -32.69 -5.76
CA GLU B 193 18.07 -33.45 -5.54
C GLU B 193 17.27 -32.75 -4.44
N GLN B 194 18.00 -32.18 -3.45
CA GLN B 194 17.30 -31.46 -2.37
C GLN B 194 16.64 -30.22 -2.96
N ILE B 195 17.29 -29.52 -3.88
CA ILE B 195 16.62 -28.37 -4.52
C ILE B 195 15.34 -28.81 -5.30
N GLU B 196 15.47 -29.89 -6.06
CA GLU B 196 14.28 -30.39 -6.78
C GLU B 196 13.14 -30.74 -5.76
N GLU B 197 13.50 -31.34 -4.60
CA GLU B 197 12.45 -31.72 -3.64
C GLU B 197 11.69 -30.49 -3.14
N GLU B 198 12.44 -29.40 -2.86
CA GLU B 198 11.76 -28.16 -2.46
C GLU B 198 10.90 -27.61 -3.55
N LEU B 199 11.37 -27.66 -4.80
CA LEU B 199 10.56 -27.06 -5.87
C LEU B 199 9.34 -27.95 -6.17
N LYS B 200 9.51 -29.31 -6.19
CA LYS B 200 8.30 -30.20 -6.39
C LYS B 200 7.21 -29.84 -5.42
N LYS B 201 7.53 -29.70 -4.11
CA LYS B 201 6.45 -29.45 -3.08
C LYS B 201 5.93 -27.98 -3.20
N TYR B 202 6.83 -27.02 -3.42
CA TYR B 202 6.42 -25.62 -3.39
C TYR B 202 5.74 -25.13 -4.67
N LEU B 203 6.15 -25.63 -5.84
CA LEU B 203 5.56 -25.14 -7.14
C LEU B 203 4.48 -26.03 -7.74
N GLY B 204 4.34 -27.22 -7.15
CA GLY B 204 3.40 -28.21 -7.67
C GLY B 204 4.01 -29.04 -8.82
N VAL B 205 5.33 -29.29 -8.85
CA VAL B 205 5.90 -30.08 -9.95
C VAL B 205 6.47 -31.43 -9.51
N GLN B 206 6.67 -32.28 -10.54
CA GLN B 206 7.25 -33.59 -10.41
C GLN B 206 8.44 -33.79 -11.46
N SER B 207 8.75 -32.81 -12.38
CA SER B 207 9.90 -33.15 -13.27
C SER B 207 10.61 -31.84 -13.67
N PHE B 208 11.84 -31.98 -14.10
CA PHE B 208 12.75 -30.90 -14.29
C PHE B 208 13.50 -31.05 -15.58
N ILE B 209 13.96 -29.86 -16.02
CA ILE B 209 14.89 -29.68 -17.13
C ILE B 209 15.95 -28.65 -16.61
N TRP B 210 17.17 -29.13 -16.36
CA TRP B 210 18.25 -28.22 -15.88
C TRP B 210 19.16 -27.91 -17.05
N LEU B 211 18.90 -26.82 -17.83
CA LEU B 211 19.93 -26.46 -18.87
C LEU B 211 21.15 -26.12 -18.02
N PRO B 212 22.36 -26.17 -18.60
CA PRO B 212 23.54 -25.85 -17.78
C PRO B 212 23.76 -24.38 -17.56
N ARG B 213 23.62 -23.63 -18.65
CA ARG B 213 23.94 -22.20 -18.53
C ARG B 213 22.80 -21.30 -19.03
N GLY B 214 22.85 -20.04 -18.57
CA GLY B 214 21.93 -19.01 -19.12
C GLY B 214 22.56 -18.09 -20.20
N LEU B 215 22.09 -16.85 -20.25
CA LEU B 215 22.55 -15.94 -21.35
C LEU B 215 23.99 -15.55 -21.08
N TYR B 216 24.77 -15.51 -22.17
CA TYR B 216 26.09 -15.01 -22.09
C TYR B 216 26.01 -13.52 -21.63
N GLY B 217 26.83 -13.22 -20.68
CA GLY B 217 26.77 -11.91 -20.17
C GLY B 217 25.84 -11.67 -19.05
N ASP B 218 25.08 -12.71 -18.67
CA ASP B 218 24.14 -12.52 -17.57
C ASP B 218 24.85 -12.92 -16.32
N GLU B 219 26.06 -12.41 -16.15
CA GLU B 219 26.79 -12.75 -14.89
C GLU B 219 26.11 -12.02 -13.69
N ASP B 220 25.30 -10.96 -13.89
CA ASP B 220 24.70 -10.39 -12.67
C ASP B 220 23.71 -11.35 -11.95
N THR B 221 22.71 -11.83 -12.66
CA THR B 221 21.78 -12.78 -12.06
C THR B 221 22.37 -14.11 -12.04
N ASN B 222 23.52 -14.31 -12.71
CA ASN B 222 24.07 -15.62 -12.76
C ASN B 222 23.19 -16.56 -13.59
N GLY B 223 22.82 -16.11 -14.79
CA GLY B 223 22.28 -17.08 -15.72
C GLY B 223 20.80 -17.55 -15.51
N HIS B 224 19.95 -16.59 -15.15
CA HIS B 224 18.49 -16.87 -15.04
C HIS B 224 17.90 -17.48 -16.34
N ILE B 225 17.10 -18.53 -16.11
CA ILE B 225 16.46 -19.24 -17.22
C ILE B 225 15.59 -18.19 -17.97
N ASP B 226 14.96 -17.26 -17.27
CA ASP B 226 14.03 -16.37 -18.00
C ASP B 226 14.61 -15.46 -19.07
N ASN B 227 15.94 -15.36 -19.10
CA ASN B 227 16.54 -14.62 -20.22
C ASN B 227 17.21 -15.59 -21.17
N MSE B 228 16.90 -16.91 -21.10
CA MSE B 228 17.57 -17.93 -21.90
C MSE B 228 16.53 -18.82 -22.63
O MSE B 228 16.60 -19.03 -23.88
CB MSE B 228 18.51 -18.81 -20.93
CG MSE B 228 19.20 -20.03 -21.73
SE MSE B 228 20.35 -19.34 -23.24
CE MSE B 228 21.35 -20.96 -23.73
N CYS B 229 15.58 -19.41 -21.87
CA CYS B 229 14.68 -20.35 -22.51
C CYS B 229 13.38 -20.48 -21.69
N CYS B 230 12.24 -20.37 -22.35
CA CYS B 230 10.89 -20.46 -21.63
C CYS B 230 9.95 -21.31 -22.40
N PHE B 231 8.88 -21.68 -21.72
CA PHE B 231 7.84 -22.38 -22.48
C PHE B 231 6.96 -21.45 -23.30
N ALA B 232 6.58 -22.02 -24.45
CA ALA B 232 5.52 -21.37 -25.22
C ALA B 232 4.14 -22.01 -24.96
N ARG B 233 4.15 -23.30 -24.66
CA ARG B 233 2.97 -24.15 -24.36
C ARG B 233 3.58 -25.49 -23.88
N PRO B 234 2.83 -26.39 -23.30
CA PRO B 234 3.39 -27.63 -22.85
C PRO B 234 4.06 -28.38 -24.03
N GLY B 235 5.26 -28.89 -23.74
CA GLY B 235 6.11 -29.60 -24.72
C GLY B 235 6.84 -28.69 -25.74
N VAL B 236 6.81 -27.36 -25.60
CA VAL B 236 7.43 -26.53 -26.64
C VAL B 236 8.14 -25.35 -25.91
N VAL B 237 9.39 -25.09 -26.32
CA VAL B 237 10.13 -23.91 -25.72
C VAL B 237 10.67 -23.01 -26.80
N LEU B 238 10.75 -21.73 -26.42
CA LEU B 238 11.46 -20.73 -27.23
C LEU B 238 12.90 -20.67 -26.66
N LEU B 239 13.90 -20.70 -27.55
CA LEU B 239 15.34 -20.73 -27.07
C LEU B 239 16.19 -19.61 -27.68
N SER B 240 17.01 -19.00 -26.80
CA SER B 240 17.96 -17.94 -27.22
C SER B 240 18.89 -18.52 -28.25
N TRP B 241 19.11 -17.78 -29.37
CA TRP B 241 19.89 -18.45 -30.44
C TRP B 241 20.69 -17.49 -31.24
N THR B 242 21.79 -18.03 -31.77
CA THR B 242 22.55 -17.27 -32.84
C THR B 242 23.12 -18.40 -33.73
N ASP B 243 23.18 -18.17 -35.05
CA ASP B 243 23.92 -19.11 -35.95
C ASP B 243 25.39 -18.54 -36.05
N ASP B 244 25.81 -17.51 -35.31
CA ASP B 244 27.22 -17.00 -35.45
C ASP B 244 28.15 -17.64 -34.48
N GLU B 245 29.01 -18.57 -34.98
CA GLU B 245 29.96 -19.28 -34.09
C GLU B 245 31.06 -18.50 -33.46
N THR B 246 31.27 -17.26 -33.87
CA THR B 246 32.24 -16.46 -33.24
C THR B 246 31.58 -15.72 -32.08
N ASP B 247 30.25 -15.86 -31.89
CA ASP B 247 29.64 -15.19 -30.72
C ASP B 247 29.68 -16.19 -29.54
N PRO B 248 30.15 -15.77 -28.33
CA PRO B 248 30.18 -16.68 -27.22
C PRO B 248 28.79 -17.27 -26.86
N GLN B 249 27.72 -16.69 -27.41
CA GLN B 249 26.38 -17.25 -27.18
C GLN B 249 26.16 -18.54 -27.92
N TYR B 250 26.71 -18.59 -29.16
CA TYR B 250 26.51 -19.74 -30.00
C TYR B 250 26.73 -21.05 -29.28
N GLU B 251 27.89 -21.21 -28.64
CA GLU B 251 28.23 -22.38 -27.84
C GLU B 251 27.17 -22.71 -26.78
N ARG B 252 26.67 -21.70 -26.03
CA ARG B 252 25.60 -21.83 -25.01
C ARG B 252 24.32 -22.20 -25.77
N SER B 253 23.97 -21.46 -26.82
CA SER B 253 22.74 -21.88 -27.50
C SER B 253 22.78 -23.36 -27.99
N VAL B 254 23.89 -23.82 -28.60
CA VAL B 254 23.96 -25.22 -29.12
C VAL B 254 23.91 -26.24 -27.99
N GLU B 255 24.56 -25.92 -26.87
CA GLU B 255 24.54 -26.84 -25.71
C GLU B 255 23.09 -26.93 -25.21
N ALA B 256 22.44 -25.77 -25.02
CA ALA B 256 21.04 -26.01 -24.52
C ALA B 256 20.22 -26.72 -25.54
N LEU B 257 20.43 -26.41 -26.83
CA LEU B 257 19.65 -27.19 -27.84
C LEU B 257 19.89 -28.71 -27.71
N SER B 258 21.16 -29.11 -27.53
CA SER B 258 21.48 -30.52 -27.41
C SER B 258 20.83 -31.01 -26.15
N VAL B 259 20.85 -30.26 -25.03
CA VAL B 259 20.17 -30.81 -23.84
C VAL B 259 18.64 -30.90 -23.97
N LEU B 260 17.99 -29.87 -24.51
CA LEU B 260 16.50 -29.89 -24.65
C LEU B 260 16.06 -30.96 -25.64
N SER B 261 16.68 -31.04 -26.85
CA SER B 261 16.33 -32.09 -27.86
C SER B 261 16.45 -33.55 -27.29
N ASN B 262 17.07 -33.65 -26.13
CA ASN B 262 17.13 -34.92 -25.43
C ASN B 262 16.29 -34.76 -24.15
N SER B 263 15.40 -33.85 -24.14
CA SER B 263 14.67 -33.72 -22.87
C SER B 263 13.20 -34.33 -22.91
N ILE B 264 12.67 -34.86 -21.81
CA ILE B 264 11.25 -35.30 -21.79
C ILE B 264 10.73 -34.43 -20.66
N ASP B 265 9.45 -34.04 -20.85
CA ASP B 265 8.66 -33.18 -19.93
C ASP B 265 7.83 -34.00 -18.89
N ALA B 266 7.04 -33.37 -17.99
CA ALA B 266 6.35 -34.25 -16.96
C ALA B 266 5.34 -35.14 -17.60
N ARG B 267 4.72 -34.66 -18.67
CA ARG B 267 3.85 -35.62 -19.34
C ARG B 267 4.52 -36.65 -20.32
N GLY B 268 5.86 -36.86 -20.27
CA GLY B 268 6.46 -37.87 -21.15
C GLY B 268 6.56 -37.41 -22.58
N ARG B 269 6.57 -36.09 -22.79
CA ARG B 269 6.72 -35.55 -24.13
C ARG B 269 8.13 -35.15 -24.40
N LYS B 270 8.52 -35.29 -25.66
CA LYS B 270 9.79 -34.69 -26.12
C LYS B 270 9.52 -33.20 -26.27
N ILE B 271 10.62 -32.43 -26.30
CA ILE B 271 10.50 -31.00 -26.35
C ILE B 271 10.78 -30.45 -27.76
N GLN B 272 9.85 -29.67 -28.32
CA GLN B 272 10.05 -29.00 -29.59
C GLN B 272 10.74 -27.65 -29.25
N VAL B 273 11.80 -27.28 -29.97
CA VAL B 273 12.52 -26.05 -29.66
C VAL B 273 12.37 -25.04 -30.81
N ILE B 274 11.80 -23.87 -30.48
CA ILE B 274 11.61 -22.89 -31.52
C ILE B 274 12.77 -21.90 -31.26
N LYS B 275 13.68 -21.66 -32.23
CA LYS B 275 14.81 -20.73 -32.03
C LYS B 275 14.27 -19.28 -32.18
N LEU B 276 14.62 -18.45 -31.18
CA LEU B 276 14.20 -17.06 -31.16
C LEU B 276 15.58 -16.41 -31.19
N TYR B 277 15.87 -15.74 -32.30
CA TYR B 277 17.20 -15.24 -32.54
C TYR B 277 17.53 -13.98 -31.77
N ILE B 278 18.61 -14.01 -30.99
CA ILE B 278 19.02 -12.80 -30.29
C ILE B 278 19.43 -11.71 -31.32
N PRO B 279 19.56 -10.49 -30.83
CA PRO B 279 19.99 -9.39 -31.73
C PRO B 279 21.45 -9.62 -32.01
N GLU B 280 21.92 -8.84 -33.01
CA GLU B 280 23.35 -8.74 -33.16
C GLU B 280 23.89 -8.21 -31.84
N PRO B 281 25.10 -8.61 -31.46
CA PRO B 281 25.74 -8.21 -30.18
C PRO B 281 25.66 -6.68 -29.87
N LEU B 282 25.16 -6.34 -28.69
CA LEU B 282 24.99 -5.01 -28.14
C LEU B 282 26.06 -4.83 -27.00
N TYR B 283 26.66 -3.64 -26.96
CA TYR B 283 27.71 -3.28 -26.00
C TYR B 283 27.42 -1.93 -25.35
N MSE B 284 27.67 -1.88 -24.04
CA MSE B 284 27.41 -0.63 -23.29
C MSE B 284 28.31 0.48 -23.86
O MSE B 284 29.44 0.20 -24.22
CB MSE B 284 27.72 -0.84 -21.79
CG MSE B 284 27.68 0.44 -20.91
SE MSE B 284 27.60 0.10 -18.98
CE MSE B 284 26.03 -1.20 -18.89
N THR B 285 27.83 1.71 -23.95
CA THR B 285 28.68 2.76 -24.53
C THR B 285 29.21 3.64 -23.42
N GLU B 286 30.10 4.61 -23.74
CA GLU B 286 30.59 5.53 -22.70
C GLU B 286 29.53 6.54 -22.26
N GLU B 287 28.71 6.98 -23.21
CA GLU B 287 27.64 7.95 -22.97
C GLU B 287 26.55 7.36 -22.04
N GLU B 288 26.28 6.06 -22.21
CA GLU B 288 25.30 5.40 -21.35
C GLU B 288 26.00 5.10 -20.01
N SER B 289 27.28 4.74 -20.03
CA SER B 289 28.02 4.41 -18.81
C SER B 289 28.31 5.64 -17.94
N SER B 290 28.57 6.77 -18.57
CA SER B 290 28.88 7.99 -17.81
C SER B 290 27.66 8.58 -17.13
N GLY B 291 26.46 8.10 -17.49
CA GLY B 291 25.25 8.65 -16.91
C GLY B 291 24.89 8.00 -15.59
N ILE B 292 25.69 7.05 -15.17
CA ILE B 292 25.51 6.30 -13.94
C ILE B 292 26.50 6.72 -12.84
N THR B 293 25.99 7.02 -11.66
CA THR B 293 26.80 7.42 -10.52
C THR B 293 27.64 6.29 -9.93
N GLN B 294 28.83 6.62 -9.44
CA GLN B 294 29.72 5.66 -8.81
C GLN B 294 29.56 5.68 -7.27
N ASP B 295 29.59 4.48 -6.68
CA ASP B 295 29.43 4.27 -5.25
C ASP B 295 29.99 2.90 -4.81
N GLY B 296 29.33 2.29 -3.82
CA GLY B 296 29.78 1.00 -3.33
C GLY B 296 28.71 -0.07 -3.23
N GLU B 297 27.44 0.30 -3.43
CA GLU B 297 26.36 -0.70 -3.38
C GLU B 297 26.45 -1.52 -4.65
N ALA B 298 26.18 -0.89 -5.78
CA ALA B 298 26.22 -1.60 -7.05
C ALA B 298 27.64 -1.84 -7.57
N ILE B 299 27.88 -3.07 -8.01
CA ILE B 299 29.19 -3.45 -8.52
C ILE B 299 29.66 -2.55 -9.66
N PRO B 300 31.00 -2.43 -9.87
CA PRO B 300 31.62 -1.61 -10.92
C PRO B 300 31.31 -2.09 -12.33
N ARG B 301 30.99 -1.12 -13.20
CA ARG B 301 30.63 -1.40 -14.59
C ARG B 301 31.65 -0.89 -15.59
N LEU B 302 31.41 -1.20 -16.86
CA LEU B 302 32.29 -0.77 -17.94
C LEU B 302 31.67 -0.52 -19.30
N ALA B 303 32.12 0.58 -19.90
CA ALA B 303 31.68 1.03 -21.22
C ALA B 303 32.15 0.17 -22.40
N GLY B 304 31.32 -0.81 -22.79
CA GLY B 304 31.63 -1.76 -23.84
C GLY B 304 31.38 -3.19 -23.31
N THR B 305 30.76 -3.33 -22.12
CA THR B 305 30.54 -4.73 -21.66
C THR B 305 29.50 -5.32 -22.65
N ARG B 306 29.27 -6.64 -22.68
CA ARG B 306 28.27 -7.19 -23.62
C ARG B 306 26.91 -7.18 -22.95
N LEU B 307 25.87 -6.61 -23.62
CA LEU B 307 24.52 -6.53 -23.05
C LEU B 307 23.87 -7.88 -23.14
N ALA B 308 23.18 -8.26 -22.07
CA ALA B 308 22.50 -9.57 -22.08
C ALA B 308 21.06 -9.47 -22.63
N ALA B 309 20.99 -9.41 -23.95
CA ALA B 309 19.76 -9.30 -24.63
C ALA B 309 19.19 -10.56 -25.31
N SER B 310 17.91 -10.83 -25.02
CA SER B 310 17.22 -11.89 -25.72
C SER B 310 15.73 -11.56 -25.74
N TYR B 311 15.11 -11.89 -26.88
CA TYR B 311 13.66 -11.76 -27.04
C TYR B 311 12.90 -12.75 -26.17
N VAL B 312 13.65 -13.69 -25.53
CA VAL B 312 12.94 -14.63 -24.62
C VAL B 312 12.44 -13.90 -23.36
N ASN B 313 12.95 -12.70 -22.99
CA ASN B 313 12.45 -12.00 -21.75
C ASN B 313 11.19 -11.13 -22.01
N PHE B 314 10.21 -11.81 -22.58
CA PHE B 314 8.90 -11.20 -22.79
C PHE B 314 8.02 -11.61 -21.63
N TYR B 315 6.94 -10.83 -21.44
CA TYR B 315 6.01 -11.18 -20.39
C TYR B 315 4.70 -11.58 -21.05
N ILE B 316 4.02 -12.61 -20.53
CA ILE B 316 2.71 -13.00 -21.09
C ILE B 316 1.63 -12.38 -20.19
N ALA B 317 0.79 -11.51 -20.80
CA ALA B 317 -0.38 -10.84 -20.10
C ALA B 317 -1.66 -11.30 -20.85
N ASN B 318 -2.81 -11.32 -20.16
CA ASN B 318 -4.13 -11.77 -20.67
C ASN B 318 -4.35 -11.34 -22.19
N GLY B 319 -4.17 -12.35 -23.09
CA GLY B 319 -4.22 -12.22 -24.55
C GLY B 319 -3.13 -11.24 -25.09
N GLY B 320 -2.04 -11.02 -24.34
CA GLY B 320 -0.99 -10.06 -24.74
C GLY B 320 0.52 -10.47 -24.47
N ILE B 321 1.39 -10.23 -25.50
CA ILE B 321 2.82 -10.50 -25.37
C ILE B 321 3.69 -9.22 -25.38
N ILE B 322 4.44 -8.93 -24.27
CA ILE B 322 5.29 -7.75 -24.09
C ILE B 322 6.72 -8.02 -24.37
N ALA B 323 7.11 -7.63 -25.57
CA ALA B 323 8.42 -8.02 -25.98
C ALA B 323 9.46 -6.89 -26.09
N PRO B 324 10.69 -7.31 -25.96
CA PRO B 324 11.52 -6.13 -26.03
C PRO B 324 11.71 -5.84 -27.50
N GLN B 325 11.66 -4.56 -27.81
CA GLN B 325 12.13 -4.32 -29.16
C GLN B 325 13.39 -3.58 -28.76
N PHE B 326 14.51 -4.10 -29.34
CA PHE B 326 15.91 -3.70 -29.15
C PHE B 326 16.33 -2.84 -30.33
N GLY B 327 17.58 -2.83 -30.57
CA GLY B 327 17.90 -1.87 -31.66
C GLY B 327 18.48 -2.46 -32.92
N ASP B 328 18.41 -3.77 -33.12
CA ASP B 328 18.87 -4.48 -34.36
C ASP B 328 17.55 -4.58 -35.09
N PRO B 329 17.27 -3.66 -36.08
CA PRO B 329 16.03 -3.62 -36.80
C PRO B 329 15.56 -4.87 -37.38
N ILE B 330 16.47 -5.67 -37.88
CA ILE B 330 16.03 -6.90 -38.52
C ILE B 330 15.70 -7.91 -37.43
N ARG B 331 16.54 -8.03 -36.38
CA ARG B 331 16.16 -9.09 -35.39
C ARG B 331 15.01 -8.70 -34.54
N ASP B 332 14.77 -7.41 -34.43
CA ASP B 332 13.63 -6.86 -33.69
C ASP B 332 12.29 -7.15 -34.34
N LYS B 333 12.26 -7.15 -35.68
CA LYS B 333 11.03 -7.42 -36.42
C LYS B 333 10.86 -8.95 -36.57
N GLU B 334 11.93 -9.70 -36.72
CA GLU B 334 11.74 -11.16 -36.77
C GLU B 334 11.24 -11.65 -35.41
N ALA B 335 11.63 -11.01 -34.28
CA ALA B 335 11.09 -11.52 -32.90
C ALA B 335 9.59 -11.42 -32.88
N ILE B 336 9.02 -10.32 -33.38
CA ILE B 336 7.58 -10.29 -33.38
C ILE B 336 6.90 -11.36 -34.27
N ARG B 337 7.46 -11.66 -35.45
CA ARG B 337 6.84 -12.68 -36.29
C ARG B 337 7.01 -14.04 -35.61
N VAL B 338 8.20 -14.30 -35.04
CA VAL B 338 8.30 -15.61 -34.42
C VAL B 338 7.33 -15.84 -33.34
N LEU B 339 7.15 -14.76 -32.52
CA LEU B 339 6.26 -14.76 -31.37
C LEU B 339 4.79 -14.93 -31.68
N SER B 340 4.30 -14.28 -32.75
CA SER B 340 2.87 -14.36 -33.13
C SER B 340 2.65 -15.77 -33.74
N ASP B 341 3.62 -16.28 -34.51
CA ASP B 341 3.60 -17.61 -35.14
C ASP B 341 3.47 -18.52 -33.90
N THR B 342 4.20 -18.21 -32.81
CA THR B 342 4.11 -19.16 -31.71
C THR B 342 2.97 -18.92 -30.71
N PHE B 343 2.44 -17.69 -30.66
CA PHE B 343 1.31 -17.31 -29.77
C PHE B 343 0.29 -16.71 -30.71
N PRO B 344 -0.48 -17.57 -31.45
CA PRO B 344 -1.44 -16.99 -32.42
C PRO B 344 -2.72 -16.34 -31.89
N HIS B 345 -3.08 -16.72 -30.67
CA HIS B 345 -4.26 -16.19 -30.07
C HIS B 345 -3.92 -15.06 -29.11
N HIS B 346 -2.65 -14.55 -29.19
CA HIS B 346 -2.27 -13.43 -28.37
C HIS B 346 -1.84 -12.22 -29.22
N SER B 347 -2.11 -11.03 -28.75
CA SER B 347 -1.64 -9.80 -29.38
C SER B 347 -0.24 -9.54 -28.94
N VAL B 348 0.68 -9.44 -29.87
CA VAL B 348 2.08 -9.21 -29.54
C VAL B 348 2.53 -7.76 -29.67
N VAL B 349 3.09 -7.16 -28.59
CA VAL B 349 3.49 -5.76 -28.58
C VAL B 349 4.98 -5.68 -28.39
N GLY B 350 5.64 -4.72 -29.00
CA GLY B 350 7.06 -4.52 -28.83
C GLY B 350 7.35 -3.29 -27.92
N ILE B 351 8.42 -3.33 -27.14
CA ILE B 351 8.66 -2.21 -26.27
C ILE B 351 9.99 -1.57 -26.67
N GLU B 352 9.93 -0.29 -27.16
CA GLU B 352 11.20 0.34 -27.53
C GLU B 352 12.02 0.82 -26.32
N ASN B 353 13.30 0.97 -26.59
CA ASN B 353 14.28 1.36 -25.62
C ASN B 353 14.53 0.20 -24.60
N ALA B 354 14.21 -1.05 -25.00
CA ALA B 354 14.43 -2.14 -24.04
C ALA B 354 15.92 -2.27 -23.72
N ARG B 355 16.74 -1.59 -24.49
CA ARG B 355 18.15 -1.69 -24.21
C ARG B 355 18.38 -1.00 -22.84
N GLU B 356 17.56 -0.01 -22.53
CA GLU B 356 17.73 0.72 -21.26
C GLU B 356 17.62 -0.11 -19.93
N ILE B 357 16.82 -1.16 -19.98
CA ILE B 357 16.66 -2.10 -18.87
C ILE B 357 17.84 -3.13 -18.81
N VAL B 358 18.20 -3.57 -20.02
CA VAL B 358 19.26 -4.53 -20.16
C VAL B 358 20.62 -3.94 -19.68
N LEU B 359 20.70 -2.61 -19.60
CA LEU B 359 21.94 -1.94 -19.12
C LEU B 359 22.08 -2.13 -17.60
N ALA B 360 20.92 -2.33 -16.91
CA ALA B 360 20.97 -2.56 -15.50
C ALA B 360 20.96 -4.08 -15.22
N GLY B 361 20.84 -4.87 -16.29
CA GLY B 361 20.96 -6.27 -16.18
C GLY B 361 19.75 -7.08 -16.64
N GLY B 362 18.57 -6.50 -16.90
CA GLY B 362 17.47 -7.42 -17.23
C GLY B 362 16.51 -6.99 -18.32
N ASN B 363 15.27 -7.45 -18.30
CA ASN B 363 14.43 -6.99 -19.35
C ASN B 363 13.00 -7.16 -18.98
N ILE B 364 12.08 -6.93 -19.89
CA ILE B 364 10.64 -6.97 -19.52
C ILE B 364 10.17 -8.02 -18.50
N HIS B 365 10.51 -9.30 -18.75
CA HIS B 365 10.00 -10.35 -17.89
C HIS B 365 10.43 -10.12 -16.46
N CYS B 366 11.63 -9.59 -16.27
CA CYS B 366 12.19 -9.30 -14.99
C CYS B 366 11.39 -8.26 -14.24
N ILE B 367 10.64 -7.41 -14.97
CA ILE B 367 9.97 -6.35 -14.17
C ILE B 367 8.56 -6.60 -13.70
N THR B 368 8.05 -7.76 -14.12
CA THR B 368 6.64 -8.14 -13.79
C THR B 368 6.59 -9.34 -12.89
N GLN B 369 5.40 -9.46 -12.27
CA GLN B 369 5.10 -10.74 -11.48
C GLN B 369 3.61 -11.03 -11.72
N GLN B 370 3.26 -12.23 -12.17
CA GLN B 370 1.78 -12.42 -12.38
C GLN B 370 1.04 -12.88 -11.19
N GLN B 371 -0.08 -12.19 -10.87
CA GLN B 371 -0.89 -12.75 -9.79
C GLN B 371 -1.98 -13.62 -10.47
N PRO B 372 -1.95 -14.95 -10.26
CA PRO B 372 -2.99 -15.81 -10.89
C PRO B 372 -4.41 -15.47 -10.40
N ALA B 373 -5.37 -15.51 -11.34
CA ALA B 373 -6.78 -15.40 -10.93
C ALA B 373 -6.98 -16.55 -9.95
N GLU B 374 -7.70 -16.27 -8.84
CA GLU B 374 -7.91 -17.30 -7.83
C GLU B 374 -9.06 -18.22 -8.31
N PRO B 375 -8.82 -19.54 -8.42
CA PRO B 375 -9.88 -20.49 -8.88
C PRO B 375 -11.00 -20.39 -7.85
N THR B 376 -12.14 -19.97 -8.36
CA THR B 376 -13.37 -19.77 -7.62
C THR B 376 -13.72 -21.03 -6.80
MG MG C . -6.34 15.75 2.33
C1 EDO D . -2.41 17.06 16.76
O1 EDO D . -2.92 17.17 18.14
C2 EDO D . -0.90 17.00 16.74
O2 EDO D . -0.51 16.08 17.74
C1 EDO E . -28.04 7.64 30.58
O1 EDO E . -28.67 6.97 31.71
C2 EDO E . -28.02 9.19 30.85
O2 EDO E . -27.24 9.66 32.04
C1 EDO F . -7.15 15.45 15.95
O1 EDO F . -5.75 15.40 15.82
C2 EDO F . -7.39 16.20 17.27
O2 EDO F . -6.16 16.14 18.03
C1 EDO G . -4.08 30.53 7.65
O1 EDO G . -3.29 29.32 7.94
C2 EDO G . -4.73 30.42 6.29
O2 EDO G . -4.94 29.05 5.94
C1 EDO H . -7.43 26.01 26.15
O1 EDO H . -6.92 24.87 25.36
C2 EDO H . -8.70 26.50 25.41
O2 EDO H . -9.38 25.34 25.00
C1 EDO I . 0.93 -0.24 -0.26
O1 EDO I . 0.57 -1.43 0.56
C2 EDO I . 1.29 0.92 0.62
O2 EDO I . 0.13 1.77 1.09
C1 EDO J . -10.24 24.25 38.16
O1 EDO J . -10.08 23.55 36.89
C2 EDO J . -11.25 23.49 39.00
O2 EDO J . -11.78 22.42 38.22
S1 MPO K . -28.29 12.23 3.35
O1 MPO K . -27.47 12.46 4.56
O2 MPO K . -28.22 12.89 1.98
O4 MPO K . -31.37 5.60 1.54
N1 MPO K . -31.24 8.47 1.86
C1 MPO K . -30.04 11.69 3.55
O3 MPO K . -28.75 13.58 3.96
C2 MPO K . -30.07 10.36 2.79
C3 MPO K . -31.43 9.69 2.71
C4 MPO K . -32.53 7.77 1.73
C5 MPO K . -32.34 6.48 0.87
C6 MPO K . -30.08 6.29 1.55
C7 MPO K . -30.22 7.54 2.49
MG MG L . 11.10 -13.17 -0.93
C1 EDO M . 17.83 -8.40 -13.03
O1 EDO M . 18.02 -8.99 -14.35
C2 EDO M . 16.63 -9.04 -12.41
O2 EDO M . 16.29 -10.18 -13.13
C1 EDO N . -0.20 -20.66 -24.75
O1 EDO N . -1.53 -20.20 -24.98
C2 EDO N . -0.31 -21.92 -23.98
O2 EDO N . -1.13 -22.84 -24.69
C1 EDO O . -8.35 -4.96 -19.14
O1 EDO O . -8.80 -3.68 -19.60
C2 EDO O . -8.09 -4.82 -17.66
O2 EDO O . -8.85 -5.79 -17.02
C1 EDO P . 25.80 -12.48 -9.03
O1 EDO P . 25.55 -10.94 -8.88
C2 EDO P . 27.22 -12.61 -9.81
O2 EDO P . 27.97 -13.84 -9.52
C1 EDO Q . 4.83 -21.21 6.86
O1 EDO Q . 4.86 -22.38 5.92
C2 EDO Q . 5.82 -20.22 6.36
O2 EDO Q . 5.18 -19.02 6.14
C1 EDO R . -4.59 -22.08 -12.65
O1 EDO R . -3.94 -22.92 -13.66
C2 EDO R . -4.41 -20.58 -12.95
O2 EDO R . -5.27 -19.86 -12.01
N ARG A 5 -14.11 22.20 -10.46
CA ARG A 5 -14.24 20.71 -10.32
C ARG A 5 -15.67 20.30 -9.98
N GLU A 6 -16.11 19.17 -10.54
CA GLU A 6 -17.44 18.66 -10.27
C GLU A 6 -17.59 18.27 -8.77
N SER A 7 -18.76 18.55 -8.19
CA SER A 7 -18.95 18.22 -6.79
C SER A 7 -19.65 16.86 -6.65
N PRO A 8 -19.67 16.36 -5.41
CA PRO A 8 -20.33 15.09 -5.10
C PRO A 8 -21.87 15.33 -5.25
N ALA A 9 -22.26 16.60 -5.20
CA ALA A 9 -23.70 16.91 -5.34
C ALA A 9 -24.14 16.38 -6.69
N GLU A 10 -23.31 16.64 -7.69
CA GLU A 10 -23.62 16.25 -9.10
C GLU A 10 -23.65 14.76 -9.36
N HIS A 11 -22.88 14.00 -8.59
CA HIS A 11 -22.85 12.57 -8.79
C HIS A 11 -23.73 11.74 -7.86
N GLY A 12 -24.48 12.41 -6.98
CA GLY A 12 -25.38 11.62 -6.15
C GLY A 12 -24.82 11.19 -4.77
N TYR A 13 -23.57 11.55 -4.52
CA TYR A 13 -22.95 11.10 -3.23
C TYR A 13 -23.22 12.01 -2.05
N TYR A 14 -23.26 11.40 -0.85
CA TYR A 14 -23.43 12.17 0.44
C TYR A 14 -22.58 11.39 1.49
N MSE A 15 -22.43 12.00 2.66
CA MSE A 15 -21.68 11.29 3.72
C MSE A 15 -22.62 10.44 4.56
O MSE A 15 -23.53 10.94 5.16
CB MSE A 15 -21.00 12.32 4.64
CG MSE A 15 -20.02 11.61 5.55
SE MSE A 15 -19.09 12.93 6.69
CE MSE A 15 -18.45 11.80 8.17
N PRO A 16 -22.33 9.13 4.68
CA PRO A 16 -23.25 8.43 5.54
C PRO A 16 -22.63 8.75 6.95
N ALA A 17 -23.44 8.59 8.00
CA ALA A 17 -23.16 8.82 9.46
C ALA A 17 -22.36 7.54 9.86
N GLU A 18 -21.64 7.75 10.94
CA GLU A 18 -20.76 6.68 11.44
C GLU A 18 -21.33 5.32 11.78
N TRP A 19 -22.56 5.30 12.28
CA TRP A 19 -23.15 3.99 12.62
C TRP A 19 -23.51 3.12 11.41
N ASP A 20 -23.60 3.68 10.21
CA ASP A 20 -23.90 2.77 9.08
C ASP A 20 -22.80 1.68 8.93
N SER A 21 -23.12 0.56 8.23
CA SER A 21 -22.21 -0.56 8.19
C SER A 21 -20.96 -0.11 7.42
N HIS A 22 -19.78 -0.49 7.91
CA HIS A 22 -18.52 -0.11 7.23
C HIS A 22 -17.95 -1.22 6.39
N ALA A 23 -17.23 -0.85 5.32
CA ALA A 23 -16.50 -1.96 4.77
C ALA A 23 -15.17 -2.23 5.54
N GLN A 24 -14.55 -1.15 6.13
CA GLN A 24 -13.25 -1.27 6.84
C GLN A 24 -12.77 0.00 7.57
N THR A 25 -12.18 -0.16 8.75
CA THR A 25 -11.69 1.11 9.34
C THR A 25 -10.23 1.25 9.01
N TRP A 26 -9.79 2.50 8.89
CA TRP A 26 -8.37 2.84 8.62
C TRP A 26 -7.75 3.53 9.87
N ILE A 27 -6.50 3.19 10.22
CA ILE A 27 -5.80 3.76 11.40
C ILE A 27 -4.35 4.04 11.10
N GLY A 28 -3.78 5.21 11.56
CA GLY A 28 -2.31 5.45 11.36
C GLY A 28 -1.40 4.77 12.44
N TRP A 29 -0.18 5.26 12.61
CA TRP A 29 0.81 4.61 13.55
C TRP A 29 1.71 5.74 13.97
N PRO A 30 1.78 5.92 15.30
CA PRO A 30 2.60 7.05 15.83
C PRO A 30 4.10 6.77 15.85
N GLU A 31 4.80 7.87 15.67
CA GLU A 31 6.24 7.73 15.57
C GLU A 31 6.99 8.86 16.19
N ARG A 32 6.67 10.08 15.74
CA ARG A 32 7.50 11.24 16.03
C ARG A 32 7.79 11.38 17.51
N GLN A 33 9.04 11.65 17.81
CA GLN A 33 9.49 11.71 19.23
C GLN A 33 9.22 13.05 19.94
N ASP A 34 8.92 14.05 19.12
CA ASP A 34 8.57 15.38 19.62
C ASP A 34 7.08 15.52 19.90
N ASN A 35 6.26 14.43 19.70
CA ASN A 35 4.84 14.52 20.06
C ASN A 35 4.42 13.24 20.80
N TRP A 36 5.25 12.21 20.87
CA TRP A 36 4.88 10.95 21.51
C TRP A 36 6.03 10.47 22.45
N ARG A 37 5.69 10.37 23.74
CA ARG A 37 6.76 10.10 24.77
C ARG A 37 7.32 8.69 24.67
N HIS A 38 8.54 8.50 25.23
CA HIS A 38 9.19 7.22 25.34
C HIS A 38 9.31 6.55 23.98
N ASN A 39 9.69 7.40 22.99
CA ASN A 39 9.90 7.07 21.60
C ASN A 39 8.69 6.46 20.95
N ALA A 40 7.54 6.95 21.36
CA ALA A 40 6.24 6.50 20.87
C ALA A 40 5.96 5.07 21.29
N LEU A 41 6.69 4.50 22.23
CA LEU A 41 6.37 3.09 22.54
C LEU A 41 5.03 2.85 23.22
N PRO A 42 4.68 3.68 24.24
CA PRO A 42 3.40 3.49 24.90
C PRO A 42 2.25 3.77 23.96
N ALA A 43 2.52 4.70 23.07
CA ALA A 43 1.53 5.10 22.01
C ALA A 43 1.30 3.93 21.07
N GLN A 44 2.33 3.22 20.62
CA GLN A 44 1.99 2.13 19.70
C GLN A 44 1.17 1.03 20.39
N ARG A 45 1.35 0.79 21.74
CA ARG A 45 0.56 -0.29 22.33
C ARG A 45 -0.88 0.16 22.47
N VAL A 46 -1.14 1.50 22.61
CA VAL A 46 -2.54 1.93 22.74
C VAL A 46 -3.24 1.87 21.36
N PHE A 47 -2.51 2.25 20.31
CA PHE A 47 -3.06 2.09 18.93
C PHE A 47 -3.33 0.65 18.61
N ALA A 48 -2.45 -0.28 19.01
CA ALA A 48 -2.67 -1.69 18.74
C ALA A 48 -3.88 -2.06 19.60
N GLY A 49 -3.98 -1.46 20.81
CA GLY A 49 -5.16 -1.73 21.65
C GLY A 49 -6.49 -1.48 20.92
N VAL A 50 -6.56 -0.29 20.29
CA VAL A 50 -7.69 0.13 19.47
C VAL A 50 -7.84 -0.70 18.18
N ALA A 51 -6.75 -0.95 17.45
CA ALA A 51 -6.80 -1.75 16.22
C ALA A 51 -7.41 -3.14 16.55
N LYS A 52 -6.83 -3.75 17.61
CA LYS A 52 -7.36 -5.09 17.95
C LYS A 52 -8.81 -5.04 18.37
N ALA A 53 -9.22 -4.07 19.18
CA ALA A 53 -10.60 -4.03 19.51
C ALA A 53 -11.47 -3.88 18.21
N ILE A 54 -11.09 -2.99 17.27
CA ILE A 54 -11.98 -2.87 16.09
C ILE A 54 -11.80 -4.10 15.19
N SER A 55 -10.69 -4.76 15.41
CA SER A 55 -10.48 -5.88 14.50
C SER A 55 -11.47 -7.09 14.75
N LYS A 56 -12.31 -6.99 15.77
CA LYS A 56 -13.38 -7.97 16.09
C LYS A 56 -14.75 -7.67 15.41
N PHE A 57 -15.02 -6.38 15.08
CA PHE A 57 -16.31 -5.97 14.46
C PHE A 57 -16.31 -5.83 12.95
N GLU A 58 -15.10 -5.51 12.39
CA GLU A 58 -14.98 -5.23 10.94
C GLU A 58 -13.56 -5.24 10.37
N PRO A 59 -13.47 -5.44 9.03
CA PRO A 59 -12.05 -5.36 8.69
C PRO A 59 -11.37 -4.13 9.29
N VAL A 60 -10.03 -4.12 9.23
CA VAL A 60 -9.18 -3.03 9.65
C VAL A 60 -7.90 -3.12 8.87
N THR A 61 -7.37 -1.92 8.44
CA THR A 61 -5.98 -1.75 7.91
C THR A 61 -5.33 -0.70 8.76
N VAL A 62 -4.10 -0.98 9.24
CA VAL A 62 -3.26 0.02 9.91
C VAL A 62 -2.13 0.32 8.91
N CYS A 63 -1.92 1.64 8.55
CA CYS A 63 -0.87 2.06 7.67
C CYS A 63 0.24 2.49 8.62
N ALA A 64 1.49 2.24 8.19
CA ALA A 64 2.65 2.54 9.04
C ALA A 64 3.88 2.83 8.10
N SER A 65 4.80 3.65 8.60
CA SER A 65 5.96 4.06 7.80
C SER A 65 6.91 2.98 7.38
N PRO A 66 7.68 3.27 6.31
CA PRO A 66 8.59 2.17 6.00
C PRO A 66 9.49 1.77 7.26
N ALA A 67 9.92 2.73 8.09
CA ALA A 67 10.76 2.37 9.22
C ALA A 67 9.95 1.55 10.26
N GLN A 68 8.61 1.74 10.30
CA GLN A 68 7.80 1.02 11.31
C GLN A 68 6.95 -0.17 10.82
N TRP A 69 7.00 -0.46 9.54
CA TRP A 69 6.12 -1.44 8.97
C TRP A 69 6.32 -2.79 9.72
N GLU A 70 7.57 -3.26 9.80
CA GLU A 70 7.80 -4.56 10.47
C GLU A 70 7.34 -4.61 11.95
N ASN A 71 7.71 -3.57 12.69
CA ASN A 71 7.30 -3.50 14.13
C ASN A 71 5.74 -3.45 14.21
N ALA A 72 5.12 -2.87 13.26
CA ALA A 72 3.65 -2.82 13.30
C ALA A 72 3.05 -4.17 12.92
N ARG A 73 3.60 -4.79 11.86
CA ARG A 73 3.12 -6.05 11.42
C ARG A 73 3.41 -7.17 12.47
N LYS A 74 4.49 -6.96 13.23
CA LYS A 74 4.92 -7.97 14.26
C LYS A 74 3.99 -7.81 15.43
N GLN A 75 3.60 -6.60 15.76
CA GLN A 75 2.70 -6.30 16.93
C GLN A 75 1.27 -6.70 16.68
N LEU A 76 0.78 -6.54 15.48
CA LEU A 76 -0.64 -6.74 15.25
C LEU A 76 -1.09 -8.11 14.77
N PRO A 77 -2.18 -8.57 15.33
CA PRO A 77 -2.76 -9.85 14.94
C PRO A 77 -2.77 -9.92 13.41
N GLU A 78 -2.58 -11.11 12.85
CA GLU A 78 -2.48 -11.25 11.39
C GLU A 78 -3.63 -10.85 10.57
N ASP A 79 -4.80 -10.87 11.21
CA ASP A 79 -6.00 -10.49 10.45
C ASP A 79 -6.00 -8.97 10.22
N ILE A 80 -5.29 -8.26 11.07
CA ILE A 80 -5.21 -6.79 10.83
C ILE A 80 -4.26 -6.61 9.69
N ARG A 81 -4.78 -6.05 8.59
CA ARG A 81 -3.93 -5.78 7.43
C ARG A 81 -2.97 -4.64 7.78
N VAL A 82 -1.71 -4.69 7.35
CA VAL A 82 -0.71 -3.63 7.54
C VAL A 82 -0.11 -3.27 6.20
N VAL A 83 -0.12 -1.98 5.83
CA VAL A 83 0.62 -1.53 4.56
C VAL A 83 1.50 -0.34 4.86
N GLU A 84 2.41 -0.10 3.94
CA GLU A 84 3.30 1.05 4.05
C GLU A 84 2.60 2.37 3.69
N MSE A 85 2.86 3.40 4.53
CA MSE A 85 2.41 4.78 4.22
C MSE A 85 3.31 5.84 4.89
O MSE A 85 3.45 5.89 6.13
CB MSE A 85 1.03 5.09 4.71
CG MSE A 85 0.80 6.62 4.49
SE MSE A 85 -0.11 7.00 3.10
CE MSE A 85 -0.86 5.16 2.36
N SER A 86 3.88 6.73 4.08
CA SER A 86 4.64 7.90 4.65
C SER A 86 3.65 8.80 5.39
N MSE A 87 4.10 9.37 6.54
CA MSE A 87 3.17 10.19 7.27
C MSE A 87 4.07 11.18 8.00
O MSE A 87 5.28 10.81 8.17
CB MSE A 87 2.35 9.35 8.28
CG MSE A 87 1.11 8.59 7.71
SE MSE A 87 0.63 6.76 8.68
CE MSE A 87 2.36 5.73 9.17
N ASN A 88 3.52 12.41 8.24
CA ASN A 88 4.19 13.38 9.18
C ASN A 88 3.73 13.03 10.61
N ASP A 89 2.50 12.50 10.85
CA ASP A 89 2.03 12.03 12.23
C ASP A 89 0.81 11.07 11.97
N SER A 90 0.20 10.55 13.07
CA SER A 90 -0.82 9.49 12.90
C SER A 90 -2.22 9.85 13.27
N TRP A 91 -2.79 10.78 12.51
CA TRP A 91 -4.17 11.22 12.90
C TRP A 91 -5.08 11.10 11.68
N PHE A 92 -5.50 9.86 11.40
CA PHE A 92 -6.26 9.62 10.17
C PHE A 92 -7.69 10.17 10.18
N ARG A 93 -8.26 10.45 11.34
CA ARG A 93 -9.59 11.11 11.31
C ARG A 93 -9.50 12.46 10.51
N ASP A 94 -8.33 13.10 10.58
CA ASP A 94 -8.16 14.43 9.98
C ASP A 94 -7.38 14.47 8.66
N SER A 95 -6.34 13.63 8.50
CA SER A 95 -5.61 13.64 7.24
C SER A 95 -6.09 12.66 6.20
N GLY A 96 -6.87 11.63 6.60
CA GLY A 96 -7.43 10.66 5.66
C GLY A 96 -8.65 11.29 5.00
N PRO A 97 -9.21 10.50 4.08
CA PRO A 97 -10.37 11.00 3.33
C PRO A 97 -11.71 10.90 4.06
N THR A 98 -12.63 11.77 3.63
CA THR A 98 -14.02 11.65 4.14
C THR A 98 -14.82 10.86 3.07
N PHE A 99 -15.15 9.59 3.35
CA PHE A 99 -15.83 8.84 2.25
C PHE A 99 -17.32 9.26 2.12
N ILE A 100 -17.78 9.33 0.83
CA ILE A 100 -19.18 9.60 0.58
C ILE A 100 -19.65 8.49 -0.37
N VAL A 101 -20.96 8.27 -0.38
CA VAL A 101 -21.57 7.14 -1.17
C VAL A 101 -22.92 7.49 -1.71
N ARG A 102 -23.33 6.73 -2.72
CA ARG A 102 -24.72 7.03 -3.17
C ARG A 102 -25.66 5.85 -2.96
N LYS A 103 -26.94 6.16 -2.83
CA LYS A 103 -28.03 5.14 -2.75
C LYS A 103 -27.87 4.01 -3.81
N ARG A 104 -27.74 4.34 -5.11
CA ARG A 104 -27.51 3.24 -6.06
C ARG A 104 -26.91 3.58 -7.41
N ASN A 112 -20.19 5.93 -12.56
CA ASN A 112 -19.03 5.55 -11.81
C ASN A 112 -19.50 4.33 -10.99
N ARG A 113 -19.44 4.50 -9.70
CA ARG A 113 -19.77 3.50 -8.72
C ARG A 113 -20.63 4.14 -7.58
N ASN A 114 -20.56 3.54 -6.39
CA ASN A 114 -21.44 3.98 -5.32
C ASN A 114 -20.67 4.37 -4.00
N ILE A 115 -19.43 4.75 -4.20
CA ILE A 115 -18.64 5.27 -3.04
C ILE A 115 -17.56 6.07 -3.69
N ALA A 116 -17.09 7.10 -3.00
CA ALA A 116 -15.99 7.93 -3.45
C ALA A 116 -15.40 8.47 -2.14
N GLY A 117 -14.35 9.29 -2.22
CA GLY A 117 -13.77 9.91 -1.02
C GLY A 117 -13.52 11.38 -1.26
N ILE A 118 -13.60 12.15 -0.15
CA ILE A 118 -13.25 13.60 -0.28
C ILE A 118 -11.83 13.79 0.26
N ASP A 119 -10.89 14.29 -0.59
CA ASP A 119 -9.51 14.52 -0.21
C ASP A 119 -9.37 16.00 -0.02
N TRP A 120 -9.51 16.43 1.22
CA TRP A 120 -9.38 17.80 1.55
C TRP A 120 -7.85 18.22 1.51
N ASN A 121 -7.72 19.54 1.35
CA ASN A 121 -6.46 20.15 1.55
C ASN A 121 -6.27 20.10 3.11
N PHE A 122 -4.98 20.13 3.52
CA PHE A 122 -4.70 20.02 4.92
C PHE A 122 -3.49 20.92 5.17
N ASN A 123 -3.39 21.45 6.39
CA ASN A 123 -2.29 22.30 6.68
C ASN A 123 -1.94 22.17 8.08
N ALA A 124 -2.06 20.88 8.55
CA ALA A 124 -1.74 20.70 9.98
C ALA A 124 -2.44 21.65 10.97
N TRP A 125 -3.75 21.69 10.82
CA TRP A 125 -4.52 22.40 11.82
C TRP A 125 -4.00 23.79 12.15
N GLY A 126 -3.56 24.49 11.12
CA GLY A 126 -3.26 25.91 11.40
C GLY A 126 -2.11 26.45 10.54
N GLY A 127 -1.43 25.52 9.91
CA GLY A 127 -0.45 25.98 8.91
C GLY A 127 0.75 26.60 9.56
N ALA A 128 1.14 27.78 9.06
CA ALA A 128 2.36 28.40 9.64
C ALA A 128 2.24 29.03 10.99
N ASN A 129 1.34 29.97 11.16
CA ASN A 129 1.29 30.60 12.48
C ASN A 129 0.70 29.77 13.61
N ASP A 130 -0.15 28.77 13.30
CA ASP A 130 -0.85 28.07 14.41
C ASP A 130 -0.72 26.52 14.28
N GLY A 131 -0.03 26.06 13.22
CA GLY A 131 0.04 24.60 12.98
C GLY A 131 0.75 23.75 14.05
N CYS A 132 0.25 22.56 14.34
CA CYS A 132 0.84 21.79 15.43
C CYS A 132 2.26 21.23 15.15
N TYR A 133 2.66 21.25 13.89
CA TYR A 133 4.04 20.87 13.50
C TYR A 133 4.41 21.54 12.20
N ASN A 134 5.71 21.55 11.86
CA ASN A 134 6.16 22.42 10.74
C ASN A 134 5.99 21.93 9.33
N ASP A 135 5.85 20.60 9.18
CA ASP A 135 5.73 20.03 7.84
C ASP A 135 4.51 19.11 7.78
N TRP A 136 3.69 19.33 6.78
CA TRP A 136 2.49 18.44 6.60
C TRP A 136 2.40 17.94 5.17
N SER A 137 3.63 17.71 4.60
CA SER A 137 3.83 17.25 3.18
C SER A 137 3.54 15.79 2.99
N HIS A 138 3.89 14.97 3.97
CA HIS A 138 3.57 13.55 3.69
C HIS A 138 2.05 13.38 3.89
N ASP A 139 1.50 14.13 4.89
CA ASP A 139 0.05 14.08 5.24
C ASP A 139 -0.78 14.53 4.05
N LEU A 140 -0.20 15.40 3.19
CA LEU A 140 -0.98 15.83 2.03
C LEU A 140 -1.34 14.73 1.07
N LEU A 141 -0.56 13.63 1.02
CA LEU A 141 -0.79 12.52 0.07
C LEU A 141 -1.55 11.32 0.71
N VAL A 142 -1.90 11.41 2.00
CA VAL A 142 -2.50 10.18 2.65
C VAL A 142 -3.76 9.69 1.90
N SER A 143 -4.70 10.65 1.64
CA SER A 143 -5.98 10.26 1.08
C SER A 143 -5.83 9.76 -0.43
N ARG A 144 -4.95 10.38 -1.18
CA ARG A 144 -4.70 10.01 -2.52
C ARG A 144 -4.21 8.54 -2.48
N LYS A 145 -3.13 8.24 -1.74
CA LYS A 145 -2.66 6.84 -1.63
C LYS A 145 -3.73 5.87 -1.09
N ILE A 146 -4.46 6.25 -0.01
CA ILE A 146 -5.50 5.40 0.59
C ILE A 146 -6.60 5.12 -0.51
N LEU A 147 -6.90 6.20 -1.23
CA LEU A 147 -7.95 6.14 -2.25
C LEU A 147 -7.52 5.28 -3.41
N ALA A 148 -6.24 5.24 -3.73
CA ALA A 148 -5.72 4.40 -4.82
C ALA A 148 -5.60 2.92 -4.33
N LEU A 149 -5.49 2.83 -3.03
CA LEU A 149 -5.38 1.55 -2.48
C LEU A 149 -6.61 0.68 -2.75
N GLU A 150 -7.81 1.23 -2.47
CA GLU A 150 -8.99 0.45 -2.60
C GLU A 150 -9.54 0.70 -4.00
N ARG A 151 -8.82 1.48 -4.83
CA ARG A 151 -9.37 1.91 -6.15
C ARG A 151 -10.65 2.66 -5.95
N ILE A 152 -10.58 3.83 -5.27
CA ILE A 152 -11.75 4.72 -5.07
C ILE A 152 -11.56 6.08 -5.71
N PRO A 153 -12.57 6.51 -6.49
CA PRO A 153 -12.38 7.81 -7.14
C PRO A 153 -12.33 8.84 -6.02
N ARG A 154 -11.61 9.93 -6.31
CA ARG A 154 -11.37 11.01 -5.33
C ARG A 154 -12.13 12.31 -5.75
N PHE A 155 -12.52 13.12 -4.74
CA PHE A 155 -13.04 14.52 -4.96
C PHE A 155 -12.08 15.36 -4.22
N GLN A 156 -11.16 15.95 -4.97
CA GLN A 156 -10.16 16.76 -4.37
C GLN A 156 -10.72 18.19 -4.13
N HIS A 157 -11.09 18.50 -2.90
CA HIS A 157 -11.59 19.83 -2.66
C HIS A 157 -10.44 20.81 -2.52
N SER A 158 -10.72 22.12 -2.66
CA SER A 158 -9.65 22.96 -2.35
C SER A 158 -9.68 23.55 -0.94
N MSE A 159 -10.82 23.61 -0.22
CA MSE A 159 -10.69 24.21 1.16
C MSE A 159 -10.01 23.24 2.12
O MSE A 159 -10.09 22.01 1.89
CB MSE A 159 -12.02 24.56 1.81
CG MSE A 159 -13.12 23.53 1.89
SE MSE A 159 -14.81 24.32 2.74
CE MSE A 159 -13.91 24.50 4.41
N ILE A 160 -9.22 23.82 3.01
CA ILE A 160 -8.58 22.97 4.11
C ILE A 160 -9.74 22.44 4.90
N LEU A 161 -9.58 21.17 5.35
CA LEU A 161 -10.62 20.65 6.20
C LEU A 161 -10.02 19.35 6.85
N GLU A 162 -10.31 19.16 8.12
CA GLU A 162 -10.01 17.88 8.82
C GLU A 162 -11.36 17.26 9.11
N GLY A 163 -11.39 15.90 8.91
CA GLY A 163 -12.67 15.14 9.24
C GLY A 163 -13.09 15.17 10.71
N GLY A 164 -12.20 15.41 11.66
CA GLY A 164 -12.65 15.48 13.06
C GLY A 164 -13.43 16.75 13.37
N SER A 165 -13.50 17.68 12.38
CA SER A 165 -14.23 18.97 12.57
C SER A 165 -15.65 18.95 12.15
N ILE A 166 -16.09 17.81 11.53
CA ILE A 166 -17.45 17.67 11.05
C ILE A 166 -18.10 16.41 11.55
N HIS A 167 -19.41 16.51 11.82
CA HIS A 167 -20.17 15.29 12.20
C HIS A 167 -21.48 15.33 11.42
N VAL A 168 -21.99 14.14 11.04
CA VAL A 168 -23.27 14.07 10.32
C VAL A 168 -24.20 13.05 10.85
N ASP A 169 -25.52 13.32 10.69
CA ASP A 169 -26.43 12.24 11.12
C ASP A 169 -26.85 11.32 9.94
N GLY A 170 -26.31 11.58 8.74
CA GLY A 170 -26.66 10.76 7.56
C GLY A 170 -28.08 11.07 7.02
N GLU A 171 -28.74 12.01 7.70
CA GLU A 171 -30.11 12.35 7.35
C GLU A 171 -30.29 13.83 7.07
N GLY A 172 -29.21 14.54 6.76
CA GLY A 172 -29.31 15.92 6.37
C GLY A 172 -28.75 16.91 7.29
N THR A 173 -28.30 16.48 8.47
CA THR A 173 -27.80 17.49 9.41
C THR A 173 -26.25 17.27 9.53
N CYS A 174 -25.52 18.39 9.41
CA CYS A 174 -24.05 18.46 9.63
C CYS A 174 -23.81 19.34 10.94
N LEU A 175 -23.02 18.79 11.91
CA LEU A 175 -22.63 19.38 13.22
C LEU A 175 -21.16 19.81 13.14
N VAL A 176 -20.90 21.09 13.42
CA VAL A 176 -19.59 21.68 13.38
C VAL A 176 -19.23 22.71 14.47
N THR A 177 -17.98 23.16 14.55
CA THR A 177 -17.66 24.22 15.57
C THR A 177 -17.29 25.36 14.63
N GLU A 178 -17.63 26.57 15.09
CA GLU A 178 -17.30 27.85 14.39
C GLU A 178 -15.82 28.07 14.68
N GLU A 179 -15.38 27.75 15.94
CA GLU A 179 -14.03 27.88 16.47
C GLU A 179 -13.05 27.31 15.44
N CYS A 180 -13.43 26.14 14.88
CA CYS A 180 -12.57 25.54 13.91
C CYS A 180 -12.66 26.06 12.45
N LEU A 181 -13.84 25.87 11.90
CA LEU A 181 -14.09 25.99 10.51
C LEU A 181 -14.07 27.46 10.12
N LEU A 182 -14.07 28.37 11.07
CA LEU A 182 -14.24 29.84 10.68
C LEU A 182 -13.01 30.51 11.11
N ASN A 183 -12.07 29.74 11.62
CA ASN A 183 -10.80 30.28 12.09
C ASN A 183 -10.08 30.83 10.85
N LYS A 184 -9.26 31.91 11.05
CA LYS A 184 -8.43 32.47 10.00
C LYS A 184 -7.17 31.63 9.59
N ASN A 185 -6.86 30.53 10.33
CA ASN A 185 -5.66 29.68 10.01
C ASN A 185 -6.12 28.46 9.13
N ARG A 186 -7.38 28.47 8.74
CA ARG A 186 -8.02 27.40 7.89
C ARG A 186 -8.54 28.06 6.53
N ASN A 187 -9.65 28.79 6.56
CA ASN A 187 -10.17 29.34 5.30
C ASN A 187 -10.71 30.80 5.45
N PRO A 188 -9.72 31.67 5.85
CA PRO A 188 -10.00 33.08 6.12
C PRO A 188 -10.57 33.78 4.90
N HIS A 189 -10.60 33.14 3.75
CA HIS A 189 -11.22 33.77 2.52
C HIS A 189 -12.75 33.50 2.42
N MSE A 190 -13.25 32.38 2.96
CA MSE A 190 -14.71 32.07 2.95
C MSE A 190 -15.32 32.60 4.25
O MSE A 190 -14.58 32.72 5.27
CB MSE A 190 -14.96 30.49 2.89
CG MSE A 190 -14.43 29.73 1.53
SE MSE A 190 -15.13 27.68 1.24
CE MSE A 190 -16.59 27.95 2.17
N SER A 191 -16.61 33.00 4.18
CA SER A 191 -17.45 33.41 5.31
C SER A 191 -18.12 32.09 5.69
N LYS A 192 -19.12 32.14 6.58
CA LYS A 192 -19.92 30.98 6.97
C LYS A 192 -20.86 30.41 5.88
N GLU A 193 -21.73 31.23 5.21
CA GLU A 193 -22.57 30.62 4.19
C GLU A 193 -21.62 30.04 3.14
N GLN A 194 -20.44 30.63 2.95
CA GLN A 194 -19.53 30.04 1.93
C GLN A 194 -19.12 28.60 2.38
N ILE A 195 -18.62 28.52 3.59
CA ILE A 195 -18.31 27.16 4.12
C ILE A 195 -19.61 26.32 4.21
N GLU A 196 -20.75 26.82 4.70
CA GLU A 196 -21.95 25.96 4.71
C GLU A 196 -22.39 25.48 3.29
N GLU A 197 -22.37 26.38 2.26
CA GLU A 197 -22.75 25.91 0.94
C GLU A 197 -21.79 24.84 0.45
N GLU A 198 -20.48 24.92 0.77
CA GLU A 198 -19.54 23.86 0.38
C GLU A 198 -19.87 22.56 1.14
N LEU A 199 -20.13 22.62 2.46
CA LEU A 199 -20.45 21.41 3.16
C LEU A 199 -21.78 20.85 2.62
N LYS A 200 -22.83 21.67 2.28
CA LYS A 200 -24.04 20.95 1.79
C LYS A 200 -23.71 20.19 0.48
N LYS A 201 -22.89 20.76 -0.43
CA LYS A 201 -22.52 20.15 -1.71
C LYS A 201 -21.60 18.96 -1.63
N TYR A 202 -20.73 18.98 -0.62
CA TYR A 202 -19.69 17.91 -0.59
C TYR A 202 -20.11 16.77 0.32
N LEU A 203 -20.90 17.03 1.37
CA LEU A 203 -21.39 15.95 2.30
C LEU A 203 -22.86 15.49 1.99
N GLY A 204 -23.66 16.45 1.46
CA GLY A 204 -25.08 16.11 1.20
C GLY A 204 -26.00 16.69 2.24
N VAL A 205 -25.45 17.54 3.07
CA VAL A 205 -26.26 18.07 4.12
C VAL A 205 -27.07 19.22 3.58
N GLN A 206 -28.00 19.64 4.41
CA GLN A 206 -28.93 20.78 4.08
C GLN A 206 -29.06 21.70 5.26
N SER A 207 -28.45 21.37 6.41
CA SER A 207 -28.56 22.27 7.54
C SER A 207 -27.56 22.01 8.70
N PHE A 208 -27.41 23.01 9.56
CA PHE A 208 -26.39 23.04 10.65
C PHE A 208 -26.73 23.34 12.05
N ILE A 209 -25.77 22.99 12.88
CA ILE A 209 -25.85 23.32 14.24
C ILE A 209 -24.43 23.67 14.55
N TRP A 210 -24.05 24.96 14.27
CA TRP A 210 -22.74 25.53 14.50
C TRP A 210 -22.43 25.83 15.96
N LEU A 211 -21.76 24.86 16.60
CA LEU A 211 -21.43 25.14 17.97
C LEU A 211 -20.34 26.21 18.05
N PRO A 212 -20.55 27.27 18.88
CA PRO A 212 -19.48 28.28 18.91
C PRO A 212 -18.10 27.79 19.35
N ARG A 213 -18.10 26.90 20.35
CA ARG A 213 -16.83 26.46 20.95
C ARG A 213 -16.78 24.94 21.11
N GLY A 214 -15.57 24.40 20.93
CA GLY A 214 -15.41 22.97 21.23
C GLY A 214 -14.82 22.77 22.65
N LEU A 215 -14.09 21.64 22.82
CA LEU A 215 -13.55 21.35 24.12
C LEU A 215 -12.47 22.42 24.48
N TYR A 216 -12.64 22.96 25.68
CA TYR A 216 -11.63 23.80 26.39
C TYR A 216 -10.39 22.93 26.40
N GLY A 217 -9.24 23.46 26.03
CA GLY A 217 -8.01 22.63 25.96
C GLY A 217 -7.54 22.06 24.62
N ASP A 218 -8.39 22.18 23.61
CA ASP A 218 -8.13 21.74 22.23
C ASP A 218 -7.76 22.90 21.41
N GLU A 219 -6.89 23.75 22.01
CA GLU A 219 -6.47 24.94 21.36
C GLU A 219 -5.72 24.47 20.07
N ASP A 220 -5.00 23.32 20.15
CA ASP A 220 -4.29 22.86 18.91
C ASP A 220 -5.14 22.52 17.63
N THR A 221 -6.32 21.96 17.79
CA THR A 221 -7.18 21.69 16.59
C THR A 221 -8.22 22.84 16.52
N ASN A 222 -8.12 23.81 17.41
CA ASN A 222 -9.11 24.89 17.56
C ASN A 222 -10.55 24.35 17.76
N GLY A 223 -10.66 23.36 18.69
CA GLY A 223 -11.99 22.95 19.17
C GLY A 223 -12.87 22.09 18.21
N HIS A 224 -12.23 21.05 17.69
CA HIS A 224 -12.97 20.09 16.86
C HIS A 224 -14.28 19.64 17.48
N ILE A 225 -15.28 19.54 16.63
CA ILE A 225 -16.56 19.03 17.08
C ILE A 225 -16.33 17.59 17.59
N ASP A 226 -15.42 16.84 16.93
CA ASP A 226 -15.35 15.43 17.35
C ASP A 226 -14.81 15.21 18.72
N ASN A 227 -14.17 16.25 19.29
CA ASN A 227 -13.87 15.98 20.69
C ASN A 227 -14.77 16.86 21.57
N MSE A 228 -15.95 17.25 21.00
CA MSE A 228 -16.87 18.03 21.81
C MSE A 228 -18.34 17.51 21.78
O MSE A 228 -18.89 17.20 22.86
CB MSE A 228 -16.77 19.50 21.36
CG MSE A 228 -17.90 20.19 22.16
SE MSE A 228 -17.72 20.74 24.04
CE MSE A 228 -18.61 22.50 23.91
N CYS A 229 -18.92 17.19 20.59
CA CYS A 229 -20.35 16.74 20.65
C CYS A 229 -20.69 15.89 19.41
N CYS A 230 -21.17 14.66 19.61
CA CYS A 230 -21.45 13.81 18.44
C CYS A 230 -22.87 13.33 18.41
N PHE A 231 -23.25 12.79 17.25
CA PHE A 231 -24.62 12.21 17.19
C PHE A 231 -24.56 10.79 17.68
N ALA A 232 -25.59 10.40 18.46
CA ALA A 232 -25.76 9.02 18.81
C ALA A 232 -26.61 8.31 17.77
N ARG A 233 -27.30 9.08 16.90
CA ARG A 233 -28.27 8.50 15.85
C ARG A 233 -28.90 9.83 15.36
N PRO A 234 -29.65 9.84 14.25
CA PRO A 234 -30.23 11.16 13.87
C PRO A 234 -31.26 11.54 15.02
N GLY A 235 -31.30 12.82 15.34
CA GLY A 235 -32.18 13.31 16.42
C GLY A 235 -31.61 13.70 17.81
N VAL A 236 -30.50 13.08 18.23
CA VAL A 236 -30.08 13.27 19.66
C VAL A 236 -28.50 13.38 19.65
N VAL A 237 -27.99 14.25 20.54
CA VAL A 237 -26.49 14.42 20.60
C VAL A 237 -26.06 14.18 21.98
N LEU A 238 -24.99 13.38 22.09
CA LEU A 238 -24.24 13.21 23.38
C LEU A 238 -23.39 14.46 23.40
N LEU A 239 -23.28 15.09 24.61
CA LEU A 239 -22.60 16.37 24.81
C LEU A 239 -21.64 16.38 26.02
N SER A 240 -20.36 16.71 25.74
CA SER A 240 -19.31 16.80 26.84
C SER A 240 -19.67 17.83 27.89
N TRP A 241 -20.12 17.26 29.04
CA TRP A 241 -20.64 17.97 30.27
C TRP A 241 -19.55 18.21 31.35
N THR A 242 -19.79 19.31 32.06
CA THR A 242 -19.03 19.75 33.17
C THR A 242 -20.06 20.47 34.09
N ASP A 243 -20.59 19.94 35.22
CA ASP A 243 -21.47 20.81 36.10
C ASP A 243 -20.55 21.77 36.91
N ASP A 244 -19.22 21.50 37.08
CA ASP A 244 -18.28 22.41 37.88
C ASP A 244 -18.05 23.79 37.29
N GLU A 245 -18.61 24.85 37.94
CA GLU A 245 -18.42 26.18 37.36
C GLU A 245 -16.99 26.78 37.50
N THR A 246 -16.12 26.13 38.28
CA THR A 246 -14.73 26.58 38.33
C THR A 246 -13.86 26.00 37.17
N ASP A 247 -14.48 25.15 36.28
CA ASP A 247 -13.76 24.61 35.13
C ASP A 247 -14.02 25.48 33.85
N PRO A 248 -12.98 25.92 33.15
CA PRO A 248 -13.21 26.75 31.94
C PRO A 248 -14.10 25.96 30.90
N GLN A 249 -14.27 24.65 31.11
CA GLN A 249 -15.14 23.92 30.13
C GLN A 249 -16.67 24.23 30.27
N TYR A 250 -17.07 24.67 31.45
CA TYR A 250 -18.46 24.92 31.81
C TYR A 250 -19.11 25.92 30.84
N GLU A 251 -18.48 27.04 30.68
CA GLU A 251 -19.20 27.96 29.78
C GLU A 251 -19.24 27.51 28.35
N ARG A 252 -18.37 26.58 27.98
CA ARG A 252 -18.41 26.03 26.59
C ARG A 252 -19.54 25.05 26.51
N SER A 253 -19.67 24.19 27.49
CA SER A 253 -20.73 23.22 27.48
C SER A 253 -22.12 23.85 27.57
N VAL A 254 -22.29 24.82 28.49
CA VAL A 254 -23.57 25.52 28.69
C VAL A 254 -24.02 26.28 27.41
N GLU A 255 -23.05 26.92 26.76
CA GLU A 255 -23.26 27.65 25.52
C GLU A 255 -23.70 26.67 24.41
N ALA A 256 -23.01 25.53 24.35
CA ALA A 256 -23.46 24.49 23.39
C ALA A 256 -24.85 23.93 23.71
N LEU A 257 -25.18 23.65 24.98
CA LEU A 257 -26.52 23.11 25.29
C LEU A 257 -27.58 24.13 24.82
N SER A 258 -27.24 25.42 24.93
CA SER A 258 -28.13 26.51 24.42
C SER A 258 -28.46 26.38 22.93
N VAL A 259 -27.43 26.45 22.11
CA VAL A 259 -27.63 26.29 20.67
C VAL A 259 -28.37 24.98 20.29
N LEU A 260 -28.06 23.89 21.06
CA LEU A 260 -28.72 22.55 20.88
C LEU A 260 -30.24 22.58 21.31
N SER A 261 -30.54 23.34 22.36
CA SER A 261 -31.92 23.49 22.88
C SER A 261 -32.80 24.29 21.92
N ASN A 262 -32.16 24.93 20.99
CA ASN A 262 -32.85 25.73 20.01
C ASN A 262 -32.65 25.24 18.63
N SER A 263 -32.08 24.05 18.46
CA SER A 263 -31.89 23.57 17.09
C SER A 263 -32.89 22.52 16.55
N ILE A 264 -33.13 22.58 15.24
CA ILE A 264 -34.08 21.69 14.54
C ILE A 264 -33.28 21.19 13.36
N ASP A 265 -33.17 19.87 13.24
CA ASP A 265 -32.38 19.20 12.25
C ASP A 265 -33.07 19.16 10.91
N ALA A 266 -32.46 18.43 10.00
CA ALA A 266 -33.00 18.44 8.59
C ALA A 266 -34.26 17.66 8.44
N ARG A 267 -34.73 17.06 9.53
CA ARG A 267 -35.99 16.29 9.48
C ARG A 267 -37.11 16.74 10.38
N GLY A 268 -36.86 17.85 11.05
CA GLY A 268 -37.88 18.47 11.89
C GLY A 268 -37.95 17.98 13.32
N ARG A 269 -36.96 17.18 13.74
CA ARG A 269 -36.99 16.77 15.12
C ARG A 269 -36.25 17.85 15.93
N LYS A 270 -36.83 18.16 17.12
CA LYS A 270 -36.01 19.04 18.02
C LYS A 270 -34.89 18.13 18.57
N ILE A 271 -33.66 18.67 18.64
CA ILE A 271 -32.52 17.84 19.08
C ILE A 271 -32.67 17.51 20.53
N GLN A 272 -32.38 16.25 20.84
CA GLN A 272 -32.30 15.79 22.23
C GLN A 272 -30.84 15.71 22.63
N VAL A 273 -30.51 16.11 23.85
CA VAL A 273 -29.12 16.04 24.34
C VAL A 273 -28.96 15.14 25.53
N ILE A 274 -27.99 14.18 25.39
CA ILE A 274 -27.63 13.28 26.54
C ILE A 274 -26.29 13.79 27.09
N LYS A 275 -26.26 14.03 28.42
CA LYS A 275 -24.93 14.46 28.90
C LYS A 275 -23.97 13.23 28.94
N LEU A 276 -22.66 13.47 28.73
CA LEU A 276 -21.67 12.39 28.84
C LEU A 276 -20.51 13.07 29.69
N TYR A 277 -20.49 12.79 31.01
CA TYR A 277 -19.58 13.62 31.84
C TYR A 277 -18.14 13.36 31.59
N ILE A 278 -17.39 14.45 31.42
CA ILE A 278 -15.94 14.42 31.22
C ILE A 278 -15.19 13.94 32.50
N PRO A 279 -13.94 13.40 32.37
CA PRO A 279 -13.28 12.99 33.62
C PRO A 279 -12.92 14.24 34.48
N GLU A 280 -12.86 13.97 35.79
CA GLU A 280 -12.32 15.06 36.61
C GLU A 280 -10.94 15.47 35.93
N PRO A 281 -10.65 16.80 35.90
CA PRO A 281 -9.49 17.46 35.31
C PRO A 281 -8.28 16.65 35.59
N LEU A 282 -7.64 16.32 34.46
CA LEU A 282 -6.38 15.55 34.26
C LEU A 282 -5.34 16.46 33.72
N TYR A 283 -4.10 16.25 34.17
CA TYR A 283 -2.94 17.09 33.80
C TYR A 283 -1.73 16.33 33.41
N MSE A 284 -0.95 16.80 32.47
CA MSE A 284 0.28 16.09 31.97
C MSE A 284 1.33 16.07 33.15
O MSE A 284 1.56 17.11 33.79
CB MSE A 284 0.91 16.83 30.75
CG MSE A 284 2.24 16.17 30.31
SE MSE A 284 2.83 16.82 28.55
CE MSE A 284 3.16 15.09 27.53
N THR A 285 1.93 14.89 33.35
CA THR A 285 2.97 14.84 34.43
C THR A 285 4.38 15.19 33.93
N GLU A 286 5.22 15.73 34.84
CA GLU A 286 6.58 16.00 34.48
C GLU A 286 7.27 14.80 33.87
N GLU A 287 6.92 13.59 34.33
CA GLU A 287 7.51 12.36 33.81
C GLU A 287 7.06 12.19 32.34
N GLU A 288 5.77 12.44 32.10
CA GLU A 288 5.26 12.25 30.71
C GLU A 288 5.98 13.20 29.77
N SER A 289 6.07 14.46 30.25
CA SER A 289 6.70 15.54 29.49
C SER A 289 8.17 15.25 29.28
N SER A 290 8.84 14.74 30.29
CA SER A 290 10.27 14.57 30.08
C SER A 290 10.57 13.48 29.09
N GLY A 291 9.55 12.67 28.74
CA GLY A 291 9.77 11.53 27.82
C GLY A 291 9.65 11.99 26.36
N ILE A 292 9.45 13.28 26.10
CA ILE A 292 9.29 13.82 24.72
C ILE A 292 10.52 14.62 24.37
N THR A 293 10.91 14.55 23.10
CA THR A 293 12.08 15.28 22.62
C THR A 293 11.72 16.70 22.19
N GLN A 294 12.51 17.68 22.57
CA GLN A 294 12.14 19.01 22.09
C GLN A 294 13.02 19.33 20.91
N ASP A 295 12.52 19.09 19.68
CA ASP A 295 13.30 19.42 18.48
C ASP A 295 12.87 20.69 17.70
N GLY A 296 11.80 21.36 18.15
CA GLY A 296 11.36 22.56 17.49
C GLY A 296 10.64 22.38 16.16
N GLU A 297 10.24 21.14 15.83
CA GLU A 297 9.46 20.86 14.59
C GLU A 297 7.97 20.77 15.00
N ALA A 298 7.72 20.44 16.26
CA ALA A 298 6.34 20.29 16.82
C ALA A 298 6.20 21.28 18.02
N ILE A 299 4.97 21.61 18.37
CA ILE A 299 4.67 22.54 19.50
C ILE A 299 5.04 21.88 20.82
N PRO A 300 5.20 22.70 21.88
CA PRO A 300 5.57 22.18 23.20
C PRO A 300 4.56 21.30 23.87
N ARG A 301 5.08 20.27 24.62
CA ARG A 301 4.22 19.43 25.43
C ARG A 301 4.77 19.65 26.83
N LEU A 302 4.00 20.45 27.63
CA LEU A 302 4.57 20.84 28.93
C LEU A 302 3.83 20.22 30.09
N ALA A 303 4.59 19.81 31.12
CA ALA A 303 3.98 19.31 32.30
C ALA A 303 3.02 20.40 32.87
N GLY A 304 1.90 19.96 33.43
CA GLY A 304 0.89 20.89 33.97
C GLY A 304 -0.37 21.12 33.10
N THR A 305 -0.21 20.72 31.82
CA THR A 305 -1.26 20.98 30.84
C THR A 305 -2.55 20.26 31.11
N ARG A 306 -3.64 20.99 30.98
CA ARG A 306 -4.96 20.36 31.08
C ARG A 306 -5.24 19.45 29.85
N LEU A 307 -5.48 18.16 30.15
CA LEU A 307 -5.76 17.29 28.99
C LEU A 307 -7.19 17.50 28.39
N ALA A 308 -7.26 17.39 27.06
CA ALA A 308 -8.56 17.60 26.41
C ALA A 308 -9.20 16.20 26.32
N ALA A 309 -9.61 15.76 27.48
CA ALA A 309 -10.17 14.37 27.58
C ALA A 309 -11.71 14.48 27.62
N SER A 310 -12.32 13.72 26.69
CA SER A 310 -13.78 13.62 26.70
C SER A 310 -14.18 12.26 26.17
N TYR A 311 -15.17 11.68 26.86
CA TYR A 311 -15.68 10.36 26.39
C TYR A 311 -16.38 10.46 25.06
N VAL A 312 -16.70 11.70 24.66
CA VAL A 312 -17.32 11.88 23.34
C VAL A 312 -16.43 11.48 22.22
N ASN A 313 -15.08 11.51 22.40
CA ASN A 313 -14.24 11.10 21.29
C ASN A 313 -14.15 9.56 21.13
N PHE A 314 -15.35 8.89 21.09
CA PHE A 314 -15.45 7.40 20.84
C PHE A 314 -15.60 7.10 19.37
N TYR A 315 -15.45 5.83 18.96
CA TYR A 315 -15.65 5.46 17.56
C TYR A 315 -16.70 4.43 17.54
N ILE A 316 -17.55 4.52 16.53
CA ILE A 316 -18.59 3.50 16.30
C ILE A 316 -18.12 2.61 15.12
N ALA A 317 -18.04 1.26 15.37
CA ALA A 317 -17.73 0.24 14.31
C ALA A 317 -19.05 -0.57 14.24
N ASN A 318 -19.20 -1.38 13.22
CA ASN A 318 -20.38 -2.22 12.95
C ASN A 318 -20.83 -2.98 14.23
N GLY A 319 -21.67 -2.34 15.09
CA GLY A 319 -22.24 -2.89 16.40
C GLY A 319 -21.17 -2.95 17.47
N GLY A 320 -20.14 -2.09 17.30
CA GLY A 320 -19.02 -1.98 18.26
C GLY A 320 -18.80 -0.52 18.74
N ILE A 321 -18.65 -0.27 20.05
CA ILE A 321 -18.23 1.09 20.44
C ILE A 321 -16.89 0.89 21.13
N ILE A 322 -16.03 1.86 20.92
CA ILE A 322 -14.66 1.74 21.36
C ILE A 322 -14.42 3.12 22.09
N ALA A 323 -14.43 2.96 23.39
CA ALA A 323 -14.46 4.04 24.36
C ALA A 323 -13.08 4.41 24.96
N PRO A 324 -12.76 5.66 25.15
CA PRO A 324 -11.41 5.73 25.76
C PRO A 324 -11.44 5.69 27.35
N GLN A 325 -10.42 5.01 27.95
CA GLN A 325 -10.46 5.20 29.46
C GLN A 325 -9.31 6.06 29.89
N PHE A 326 -9.64 7.06 30.71
CA PHE A 326 -8.62 8.03 31.02
C PHE A 326 -7.97 7.84 32.40
N GLY A 327 -8.44 6.89 33.20
CA GLY A 327 -7.78 6.77 34.53
C GLY A 327 -8.65 7.32 35.68
N ASP A 328 -9.79 8.04 35.41
CA ASP A 328 -10.71 8.47 36.53
C ASP A 328 -11.64 7.25 36.59
N PRO A 329 -11.51 6.37 37.59
CA PRO A 329 -12.30 5.18 37.66
C PRO A 329 -13.83 5.29 37.75
N ILE A 330 -14.28 6.44 38.28
CA ILE A 330 -15.74 6.69 38.50
C ILE A 330 -16.40 7.12 37.20
N ARG A 331 -15.83 8.16 36.60
CA ARG A 331 -16.37 8.67 35.33
C ARG A 331 -16.09 7.66 34.13
N ASP A 332 -15.09 6.79 34.24
CA ASP A 332 -14.75 5.84 33.18
C ASP A 332 -15.86 4.78 33.09
N LYS A 333 -16.33 4.36 34.29
CA LYS A 333 -17.35 3.32 34.40
C LYS A 333 -18.74 3.94 34.03
N GLU A 334 -18.94 5.20 34.46
CA GLU A 334 -20.22 5.90 34.16
C GLU A 334 -20.38 6.14 32.60
N ALA A 335 -19.25 6.31 31.90
CA ALA A 335 -19.35 6.64 30.44
C ALA A 335 -19.63 5.34 29.73
N ILE A 336 -19.01 4.23 30.21
CA ILE A 336 -19.32 2.96 29.52
C ILE A 336 -20.83 2.66 29.74
N ARG A 337 -21.38 2.95 30.95
CA ARG A 337 -22.79 2.72 31.27
C ARG A 337 -23.68 3.58 30.35
N VAL A 338 -23.35 4.88 30.25
CA VAL A 338 -24.13 5.78 29.43
C VAL A 338 -24.11 5.33 27.93
N LEU A 339 -22.94 5.05 27.42
CA LEU A 339 -22.78 4.64 26.03
C LEU A 339 -23.57 3.34 25.78
N SER A 340 -23.57 2.42 26.76
CA SER A 340 -24.28 1.15 26.52
C SER A 340 -25.83 1.37 26.42
N ASP A 341 -26.28 2.25 27.29
CA ASP A 341 -27.65 2.60 27.32
C ASP A 341 -28.05 3.41 26.08
N THR A 342 -27.06 4.16 25.54
CA THR A 342 -27.34 5.03 24.41
C THR A 342 -27.33 4.27 23.09
N PHE A 343 -26.57 3.16 23.09
CA PHE A 343 -26.37 2.26 21.91
C PHE A 343 -26.69 0.83 22.30
N PRO A 344 -27.97 0.57 22.54
CA PRO A 344 -28.34 -0.79 22.98
C PRO A 344 -28.12 -1.90 22.01
N HIS A 345 -27.91 -1.53 20.75
CA HIS A 345 -27.60 -2.58 19.72
C HIS A 345 -26.12 -2.74 19.38
N HIS A 346 -25.29 -2.14 20.24
CA HIS A 346 -23.85 -2.22 20.08
C HIS A 346 -23.22 -2.69 21.34
N SER A 347 -22.05 -3.29 21.19
CA SER A 347 -21.22 -3.70 22.32
C SER A 347 -20.17 -2.63 22.64
N VAL A 348 -20.25 -2.07 23.82
CA VAL A 348 -19.32 -1.00 24.24
C VAL A 348 -18.11 -1.62 24.88
N VAL A 349 -16.93 -1.16 24.43
CA VAL A 349 -15.62 -1.67 24.87
C VAL A 349 -14.70 -0.51 25.28
N GLY A 350 -14.22 -0.52 26.51
CA GLY A 350 -13.33 0.55 26.89
C GLY A 350 -11.92 0.19 26.49
N ILE A 351 -11.13 1.29 26.14
CA ILE A 351 -9.71 1.14 25.75
C ILE A 351 -8.77 1.63 26.87
N GLU A 352 -8.01 0.64 27.46
CA GLU A 352 -7.09 1.13 28.44
C GLU A 352 -5.93 1.94 27.91
N ASN A 353 -5.46 2.81 28.80
CA ASN A 353 -4.35 3.66 28.57
C ASN A 353 -4.61 4.65 27.42
N ALA A 354 -5.89 5.01 27.17
CA ALA A 354 -6.18 6.04 26.17
C ALA A 354 -5.48 7.36 26.56
N ARG A 355 -5.15 7.61 27.88
CA ARG A 355 -4.43 8.83 28.20
C ARG A 355 -3.22 8.95 27.30
N GLU A 356 -2.66 7.83 26.90
CA GLU A 356 -1.48 7.98 26.02
C GLU A 356 -1.84 8.68 24.71
N ILE A 357 -3.14 8.68 24.30
CA ILE A 357 -3.50 9.43 23.11
C ILE A 357 -3.74 10.89 23.46
N VAL A 358 -4.46 11.14 24.56
CA VAL A 358 -4.80 12.52 24.91
C VAL A 358 -3.57 13.35 25.21
N LEU A 359 -2.48 12.72 25.66
CA LEU A 359 -1.24 13.54 25.91
C LEU A 359 -0.83 14.24 24.64
N ALA A 360 -1.05 13.59 23.46
CA ALA A 360 -0.76 14.08 22.11
C ALA A 360 -1.82 14.88 21.43
N GLY A 361 -2.86 15.22 22.17
CA GLY A 361 -3.83 16.14 21.62
C GLY A 361 -4.82 15.38 20.79
N GLY A 362 -5.05 14.08 21.04
CA GLY A 362 -6.06 13.35 20.28
C GLY A 362 -6.60 12.15 21.06
N ASN A 363 -7.53 11.43 20.46
CA ASN A 363 -8.16 10.33 21.17
C ASN A 363 -8.76 9.36 20.19
N ILE A 364 -9.50 8.33 20.66
CA ILE A 364 -9.91 7.28 19.71
C ILE A 364 -10.46 7.72 18.39
N HIS A 365 -11.46 8.61 18.47
CA HIS A 365 -12.07 9.01 17.21
C HIS A 365 -11.03 9.72 16.28
N CYS A 366 -10.04 10.40 16.83
CA CYS A 366 -9.10 11.09 16.00
C CYS A 366 -8.12 10.18 15.25
N ILE A 367 -8.03 8.91 15.74
CA ILE A 367 -7.14 7.95 15.09
C ILE A 367 -7.83 7.06 14.09
N THR A 368 -9.16 7.02 14.09
CA THR A 368 -9.89 6.11 13.19
C THR A 368 -10.25 6.89 11.96
N GLN A 369 -11.12 6.26 11.10
CA GLN A 369 -11.69 6.88 9.86
C GLN A 369 -12.40 5.66 9.29
N GLN A 370 -13.73 5.73 9.28
CA GLN A 370 -14.43 4.50 8.76
C GLN A 370 -14.33 4.49 7.23
N GLN A 371 -14.59 3.36 6.56
CA GLN A 371 -14.71 3.28 5.09
C GLN A 371 -16.04 2.60 4.87
N PRO A 372 -17.06 3.38 4.55
CA PRO A 372 -18.40 2.80 4.29
C PRO A 372 -18.34 1.62 3.35
N ALA A 373 -19.32 0.75 3.55
CA ALA A 373 -19.52 -0.30 2.56
C ALA A 373 -20.12 0.39 1.30
N GLU A 374 -19.73 -0.04 0.09
CA GLU A 374 -20.24 0.54 -1.12
C GLU A 374 -21.62 -0.13 -1.44
N PRO A 375 -22.72 0.67 -1.39
CA PRO A 375 -24.10 0.19 -1.64
C PRO A 375 -24.26 -0.32 -3.07
N THR A 376 -25.25 -1.20 -3.17
CA THR A 376 -25.62 -1.81 -4.41
C THR A 376 -26.28 -0.71 -5.30
N SER B 7 5.56 -26.83 2.29
CA SER B 7 4.33 -27.51 2.77
C SER B 7 3.13 -27.25 1.83
N PRO B 8 3.34 -26.52 0.72
CA PRO B 8 2.16 -26.31 -0.14
C PRO B 8 1.62 -27.58 -0.77
N ALA B 9 2.41 -28.63 -0.85
CA ALA B 9 1.97 -29.94 -1.36
C ALA B 9 0.88 -30.50 -0.45
N GLU B 10 0.84 -30.06 0.80
CA GLU B 10 -0.18 -30.66 1.72
C GLU B 10 -1.65 -30.34 1.32
N HIS B 11 -1.83 -29.21 0.63
CA HIS B 11 -3.12 -28.82 0.21
C HIS B 11 -3.28 -28.82 -1.33
N GLY B 12 -2.32 -29.38 -2.08
CA GLY B 12 -2.44 -29.50 -3.52
C GLY B 12 -2.17 -28.21 -4.32
N TYR B 13 -1.28 -27.37 -3.80
CA TYR B 13 -1.00 -26.12 -4.53
C TYR B 13 -0.03 -26.39 -5.65
N TYR B 14 -0.06 -25.51 -6.65
CA TYR B 14 0.88 -25.59 -7.76
C TYR B 14 1.03 -24.19 -8.41
N MSE B 15 2.21 -23.98 -9.03
CA MSE B 15 2.38 -22.68 -9.83
C MSE B 15 1.81 -22.83 -11.19
O MSE B 15 2.24 -23.67 -11.96
CB MSE B 15 3.88 -22.38 -9.96
CG MSE B 15 4.13 -21.16 -10.73
SE MSE B 15 6.09 -20.90 -10.72
CE MSE B 15 6.82 -19.56 -11.98
N PRO B 16 0.88 -21.95 -11.59
CA PRO B 16 0.34 -22.05 -12.95
C PRO B 16 1.36 -21.54 -13.96
N ALA B 17 1.15 -22.02 -15.16
CA ALA B 17 1.92 -21.56 -16.27
C ALA B 17 1.60 -20.06 -16.42
N GLU B 18 2.63 -19.27 -16.87
CA GLU B 18 2.32 -17.82 -17.06
C GLU B 18 1.01 -17.68 -17.76
N TRP B 19 0.96 -18.08 -19.07
CA TRP B 19 -0.31 -17.99 -19.83
C TRP B 19 -1.62 -18.44 -19.14
N ASP B 20 -1.57 -19.05 -17.95
CA ASP B 20 -2.88 -19.20 -17.28
C ASP B 20 -3.53 -17.95 -16.79
N SER B 21 -4.84 -18.01 -16.35
CA SER B 21 -5.46 -16.78 -16.11
C SER B 21 -4.89 -15.97 -14.96
N HIS B 22 -4.65 -14.68 -15.22
CA HIS B 22 -4.18 -13.75 -14.19
C HIS B 22 -5.36 -12.94 -13.75
N ALA B 23 -5.42 -12.73 -12.44
CA ALA B 23 -6.38 -11.78 -11.86
C ALA B 23 -5.66 -10.39 -11.78
N GLN B 24 -4.28 -10.33 -11.84
CA GLN B 24 -3.52 -9.04 -11.67
C GLN B 24 -2.06 -9.30 -11.94
N THR B 25 -1.36 -8.29 -12.47
CA THR B 25 0.11 -8.32 -12.59
C THR B 25 0.60 -7.24 -11.64
N TRP B 26 1.76 -7.50 -11.02
CA TRP B 26 2.42 -6.57 -10.12
C TRP B 26 3.69 -6.30 -10.93
N ILE B 27 4.10 -5.00 -10.83
CA ILE B 27 5.24 -4.38 -11.48
C ILE B 27 5.86 -3.30 -10.56
N GLY B 28 7.19 -3.29 -10.32
CA GLY B 28 7.79 -2.14 -9.56
C GLY B 28 7.95 -0.76 -10.31
N TRP B 29 8.75 0.16 -9.78
CA TRP B 29 8.96 1.48 -10.42
C TRP B 29 10.46 1.78 -10.19
N PRO B 30 11.20 2.14 -11.23
CA PRO B 30 12.65 2.41 -11.16
C PRO B 30 13.11 3.83 -10.63
N GLU B 31 14.29 3.89 -9.97
CA GLU B 31 14.79 5.17 -9.40
C GLU B 31 16.28 5.28 -9.07
N ARG B 32 16.99 4.20 -8.69
CA ARG B 32 18.38 4.44 -8.18
C ARG B 32 19.37 4.95 -9.23
N GLN B 33 20.30 5.81 -8.76
CA GLN B 33 21.23 6.44 -9.68
C GLN B 33 22.43 5.67 -10.17
N ASP B 34 22.88 4.66 -9.44
CA ASP B 34 23.98 3.83 -9.93
C ASP B 34 23.49 2.76 -10.96
N ASN B 35 22.19 2.72 -11.19
CA ASN B 35 21.70 1.76 -12.16
C ASN B 35 20.86 2.34 -13.31
N TRP B 36 20.06 3.35 -13.05
CA TRP B 36 19.15 3.90 -14.08
C TRP B 36 19.71 5.28 -14.51
N ARG B 37 20.13 5.38 -15.79
CA ARG B 37 20.72 6.61 -16.26
C ARG B 37 19.80 7.79 -16.22
N HIS B 38 20.40 9.00 -16.04
CA HIS B 38 19.59 10.21 -16.07
C HIS B 38 18.39 10.22 -15.12
N ASN B 39 18.70 9.95 -13.85
CA ASN B 39 17.72 9.93 -12.76
C ASN B 39 16.56 9.00 -13.06
N ALA B 40 16.84 7.94 -13.79
CA ALA B 40 15.84 6.95 -14.26
C ALA B 40 14.68 7.53 -15.08
N LEU B 41 14.85 8.70 -15.67
CA LEU B 41 13.70 9.18 -16.41
C LEU B 41 13.44 8.32 -17.67
N PRO B 42 14.51 7.94 -18.37
CA PRO B 42 14.17 7.14 -19.56
C PRO B 42 13.62 5.78 -19.21
N ALA B 43 14.16 5.20 -18.13
CA ALA B 43 13.60 3.88 -17.75
C ALA B 43 12.21 4.07 -17.14
N GLN B 44 12.04 5.13 -16.38
CA GLN B 44 10.66 5.33 -15.90
C GLN B 44 9.66 5.43 -17.06
N ARG B 45 10.05 6.07 -18.17
CA ARG B 45 9.13 6.11 -19.32
C ARG B 45 8.84 4.72 -19.88
N VAL B 46 9.86 3.85 -19.98
CA VAL B 46 9.59 2.51 -20.49
C VAL B 46 8.78 1.62 -19.53
N PHE B 47 9.11 1.67 -18.24
CA PHE B 47 8.32 0.84 -17.33
C PHE B 47 6.83 1.28 -17.39
N ALA B 48 6.57 2.59 -17.54
CA ALA B 48 5.22 3.18 -17.65
C ALA B 48 4.52 2.70 -18.89
N GLY B 49 5.30 2.58 -19.96
CA GLY B 49 4.69 2.07 -21.19
C GLY B 49 4.40 0.58 -21.13
N VAL B 50 5.27 -0.17 -20.40
CA VAL B 50 5.07 -1.62 -20.18
C VAL B 50 3.79 -1.79 -19.37
N ALA B 51 3.70 -1.07 -18.25
CA ALA B 51 2.47 -1.13 -17.44
C ALA B 51 1.18 -0.87 -18.22
N LYS B 52 1.17 0.25 -18.98
CA LYS B 52 -0.03 0.65 -19.78
C LYS B 52 -0.34 -0.44 -20.79
N ALA B 53 0.68 -0.99 -21.46
CA ALA B 53 0.41 -2.01 -22.47
C ALA B 53 -0.26 -3.20 -21.72
N ILE B 54 0.33 -3.72 -20.59
CA ILE B 54 -0.30 -4.82 -19.91
C ILE B 54 -1.67 -4.45 -19.42
N SER B 55 -1.93 -3.20 -19.02
CA SER B 55 -3.25 -2.82 -18.49
C SER B 55 -4.44 -2.95 -19.50
N LYS B 56 -4.14 -3.19 -20.78
CA LYS B 56 -5.18 -3.42 -21.73
C LYS B 56 -5.72 -4.84 -21.61
N PHE B 57 -4.94 -5.79 -20.98
CA PHE B 57 -5.32 -7.23 -20.84
C PHE B 57 -5.79 -7.69 -19.42
N GLU B 58 -5.18 -7.04 -18.46
CA GLU B 58 -5.56 -7.23 -17.06
C GLU B 58 -5.09 -6.00 -16.25
N PRO B 59 -5.59 -5.93 -15.00
CA PRO B 59 -5.22 -4.79 -14.14
C PRO B 59 -3.78 -4.94 -13.71
N VAL B 60 -3.12 -3.79 -13.55
CA VAL B 60 -1.74 -3.69 -13.12
C VAL B 60 -1.60 -2.94 -11.82
N THR B 61 -0.53 -3.32 -11.01
CA THR B 61 -0.22 -2.45 -9.83
C THR B 61 1.30 -2.08 -9.93
N VAL B 62 1.61 -0.78 -9.79
CA VAL B 62 3.01 -0.27 -9.72
C VAL B 62 3.37 0.23 -8.27
N CYS B 63 4.53 -0.22 -7.83
CA CYS B 63 5.04 0.12 -6.52
C CYS B 63 6.16 1.03 -6.60
N ALA B 64 6.03 2.19 -5.93
CA ALA B 64 7.14 3.14 -6.00
C ALA B 64 7.38 3.65 -4.63
N SER B 65 8.56 4.16 -4.47
CA SER B 65 8.91 4.73 -3.14
C SER B 65 8.12 5.98 -2.79
N PRO B 66 8.12 6.38 -1.50
CA PRO B 66 7.37 7.61 -1.21
C PRO B 66 7.91 8.76 -2.04
N ALA B 67 9.23 8.80 -2.30
CA ALA B 67 9.69 9.94 -3.08
C ALA B 67 9.11 10.03 -4.51
N GLN B 68 8.88 8.86 -5.10
CA GLN B 68 8.33 8.69 -6.50
C GLN B 68 6.87 8.47 -6.63
N TRP B 69 6.11 8.33 -5.53
CA TRP B 69 4.70 7.99 -5.70
C TRP B 69 3.94 9.02 -6.56
N GLU B 70 4.10 10.33 -6.32
CA GLU B 70 3.35 11.27 -7.07
C GLU B 70 3.68 11.25 -8.50
N ASN B 71 4.98 11.13 -8.81
CA ASN B 71 5.40 11.08 -10.22
C ASN B 71 4.91 9.74 -10.93
N ALA B 72 4.86 8.63 -10.22
CA ALA B 72 4.36 7.40 -10.87
C ALA B 72 2.85 7.51 -11.15
N ARG B 73 2.14 8.06 -10.16
CA ARG B 73 0.70 8.27 -10.22
C ARG B 73 0.41 9.26 -11.37
N LYS B 74 1.27 10.21 -11.58
CA LYS B 74 1.02 11.21 -12.66
C LYS B 74 1.25 10.52 -14.04
N GLN B 75 2.32 9.74 -14.18
CA GLN B 75 2.59 9.11 -15.49
C GLN B 75 1.69 7.97 -15.84
N LEU B 76 0.99 7.44 -14.85
CA LEU B 76 0.21 6.24 -15.21
C LEU B 76 -1.28 6.39 -15.35
N PRO B 77 -1.83 5.76 -16.35
CA PRO B 77 -3.31 5.84 -16.50
C PRO B 77 -4.07 5.50 -15.15
N GLU B 78 -5.28 6.12 -14.99
CA GLU B 78 -6.06 6.00 -13.76
C GLU B 78 -6.50 4.54 -13.40
N ASP B 79 -6.53 3.67 -14.41
CA ASP B 79 -7.01 2.36 -14.10
C ASP B 79 -5.91 1.47 -13.54
N ILE B 80 -4.66 1.88 -13.66
CA ILE B 80 -3.51 1.13 -13.06
C ILE B 80 -3.54 1.63 -11.62
N ARG B 81 -3.48 0.65 -10.65
CA ARG B 81 -3.44 1.12 -9.24
C ARG B 81 -1.98 1.48 -8.84
N VAL B 82 -1.79 2.55 -8.07
CA VAL B 82 -0.42 2.94 -7.60
C VAL B 82 -0.42 2.89 -6.07
N VAL B 83 0.41 2.02 -5.50
CA VAL B 83 0.60 1.97 -4.04
C VAL B 83 2.05 2.26 -3.61
N GLU B 84 2.22 2.82 -2.40
CA GLU B 84 3.57 3.05 -1.88
C GLU B 84 4.36 1.78 -1.38
N MSE B 85 5.64 1.62 -1.81
CA MSE B 85 6.46 0.51 -1.32
C MSE B 85 7.94 0.80 -1.40
O MSE B 85 8.46 1.14 -2.50
CB MSE B 85 6.14 -0.76 -2.10
CG MSE B 85 6.68 -2.01 -1.32
SE MSE B 85 6.12 -3.58 -2.33
CE MSE B 85 4.16 -3.48 -1.97
N SER B 86 8.68 0.67 -0.27
CA SER B 86 10.16 0.81 -0.26
C SER B 86 10.80 -0.42 -1.00
N MSE B 87 11.91 -0.17 -1.70
CA MSE B 87 12.61 -1.29 -2.41
C MSE B 87 14.05 -0.89 -2.65
O MSE B 87 14.29 0.30 -2.94
CB MSE B 87 11.89 -1.61 -3.73
CG MSE B 87 11.91 -0.55 -4.74
SE MSE B 87 10.50 -0.83 -6.08
CE MSE B 87 9.28 0.45 -5.01
N ASN B 88 14.99 -1.83 -2.50
CA ASN B 88 16.40 -1.47 -2.89
C ASN B 88 16.56 -1.33 -4.40
N ASP B 89 15.72 -1.96 -5.28
CA ASP B 89 15.75 -1.73 -6.77
C ASP B 89 14.42 -2.41 -7.20
N SER B 90 13.96 -2.13 -8.43
CA SER B 90 12.66 -2.61 -8.83
C SER B 90 12.58 -3.68 -9.89
N TRP B 91 12.84 -4.93 -9.42
CA TRP B 91 12.91 -6.19 -10.23
C TRP B 91 11.96 -7.19 -9.58
N PHE B 92 10.66 -6.91 -9.69
CA PHE B 92 9.69 -7.72 -8.98
C PHE B 92 9.62 -9.12 -9.51
N ARG B 93 10.28 -9.45 -10.66
CA ARG B 93 10.30 -10.86 -11.02
C ARG B 93 10.95 -11.66 -9.95
N ASP B 94 12.00 -11.07 -9.43
CA ASP B 94 12.92 -11.73 -8.45
C ASP B 94 12.73 -11.39 -7.00
N SER B 95 12.15 -10.24 -6.68
CA SER B 95 11.93 -9.97 -5.26
C SER B 95 10.46 -10.17 -4.84
N GLY B 96 9.54 -10.15 -5.80
CA GLY B 96 8.11 -10.33 -5.46
C GLY B 96 7.80 -11.82 -5.17
N PRO B 97 6.53 -12.08 -4.87
CA PRO B 97 6.19 -13.49 -4.52
C PRO B 97 5.93 -14.42 -5.68
N THR B 98 6.22 -15.73 -5.56
CA THR B 98 5.83 -16.71 -6.60
C THR B 98 4.41 -17.19 -6.18
N PHE B 99 3.40 -16.88 -7.00
CA PHE B 99 2.01 -17.25 -6.57
C PHE B 99 1.68 -18.65 -7.03
N ILE B 100 0.84 -19.30 -6.19
CA ILE B 100 0.43 -20.70 -6.52
C ILE B 100 -1.07 -20.77 -6.14
N VAL B 101 -1.77 -21.59 -6.93
CA VAL B 101 -3.26 -21.69 -6.73
C VAL B 101 -3.55 -23.09 -6.38
N ARG B 102 -4.87 -23.48 -6.49
CA ARG B 102 -5.21 -24.89 -6.42
C ARG B 102 -6.64 -24.96 -6.89
N LYS B 103 -7.12 -26.16 -7.04
CA LYS B 103 -8.53 -26.42 -7.38
C LYS B 103 -9.31 -26.99 -6.10
N ARG B 104 -10.13 -26.15 -5.45
CA ARG B 104 -10.84 -26.59 -4.23
C ARG B 104 -11.97 -27.50 -4.58
N ASN B 112 -10.18 -20.54 4.66
CA ASN B 112 -9.14 -21.18 3.88
C ASN B 112 -9.26 -20.74 2.41
N ARG B 113 -8.14 -20.34 1.78
CA ARG B 113 -8.20 -19.79 0.41
C ARG B 113 -7.53 -20.75 -0.54
N ASN B 114 -7.74 -20.43 -1.84
CA ASN B 114 -7.23 -21.25 -2.90
C ASN B 114 -5.95 -20.79 -3.55
N ILE B 115 -5.69 -19.50 -3.59
CA ILE B 115 -4.34 -19.08 -4.14
C ILE B 115 -3.45 -18.88 -2.90
N ALA B 116 -2.10 -18.75 -3.11
CA ALA B 116 -1.12 -18.49 -1.98
C ALA B 116 0.04 -17.85 -2.66
N GLY B 117 1.05 -17.52 -1.84
CA GLY B 117 2.19 -16.94 -2.50
C GLY B 117 3.35 -17.38 -1.65
N ILE B 118 4.47 -17.68 -2.34
CA ILE B 118 5.65 -18.06 -1.66
C ILE B 118 6.50 -16.81 -1.62
N ASP B 119 7.15 -16.61 -0.48
CA ASP B 119 8.06 -15.45 -0.22
C ASP B 119 9.43 -16.15 0.02
N TRP B 120 10.28 -16.10 -1.03
CA TRP B 120 11.60 -16.74 -0.95
C TRP B 120 12.58 -15.84 -0.22
N ASN B 121 13.65 -16.43 0.34
CA ASN B 121 14.70 -15.56 0.91
C ASN B 121 15.49 -15.04 -0.33
N PHE B 122 15.82 -13.77 -0.23
CA PHE B 122 16.52 -12.98 -1.22
C PHE B 122 17.92 -12.48 -0.78
N ASN B 123 18.83 -12.41 -1.74
CA ASN B 123 20.20 -11.84 -1.41
C ASN B 123 20.72 -10.89 -2.48
N ALA B 124 19.79 -10.34 -3.28
CA ALA B 124 20.23 -9.43 -4.30
C ALA B 124 21.25 -10.19 -5.24
N TRP B 125 20.82 -11.41 -5.62
CA TRP B 125 21.51 -12.16 -6.68
C TRP B 125 22.92 -12.50 -6.42
N GLY B 126 23.18 -12.88 -5.18
CA GLY B 126 24.52 -13.39 -4.87
C GLY B 126 25.12 -12.93 -3.53
N GLY B 127 24.44 -12.01 -2.85
CA GLY B 127 24.93 -11.63 -1.51
C GLY B 127 26.09 -10.66 -1.46
N ALA B 128 26.65 -10.59 -0.27
CA ALA B 128 27.67 -9.62 0.07
C ALA B 128 28.98 -9.95 -0.57
N ASN B 129 29.09 -11.10 -1.23
CA ASN B 129 30.32 -11.43 -1.94
C ASN B 129 30.24 -11.20 -3.44
N ASP B 130 29.10 -11.58 -4.04
CA ASP B 130 28.84 -11.52 -5.47
C ASP B 130 27.44 -11.09 -5.88
N GLY B 131 26.81 -10.26 -5.07
CA GLY B 131 25.49 -9.75 -5.40
C GLY B 131 25.54 -8.47 -6.23
N CYS B 132 24.38 -7.94 -6.60
CA CYS B 132 24.33 -6.74 -7.47
C CYS B 132 24.49 -5.42 -6.75
N TYR B 133 24.15 -5.41 -5.47
CA TYR B 133 24.26 -4.19 -4.66
C TYR B 133 24.44 -4.59 -3.23
N ASN B 134 24.89 -3.62 -2.40
CA ASN B 134 25.30 -3.94 -1.01
C ASN B 134 24.22 -4.14 0.04
N ASP B 135 23.04 -3.65 -0.23
CA ASP B 135 22.00 -3.78 0.81
C ASP B 135 20.67 -4.08 0.13
N TRP B 136 20.08 -5.17 0.58
CA TRP B 136 18.80 -5.61 0.01
C TRP B 136 17.80 -5.71 1.16
N SER B 137 17.96 -4.84 2.18
CA SER B 137 17.03 -4.96 3.29
C SER B 137 15.56 -4.53 2.94
N HIS B 138 15.37 -3.57 2.02
CA HIS B 138 13.97 -3.23 1.62
C HIS B 138 13.46 -4.35 0.72
N ASP B 139 14.30 -4.80 -0.22
CA ASP B 139 13.83 -5.85 -1.17
C ASP B 139 13.37 -7.04 -0.38
N LEU B 140 14.04 -7.42 0.78
CA LEU B 140 13.63 -8.56 1.63
C LEU B 140 12.18 -8.56 2.02
N LEU B 141 11.62 -7.36 2.22
CA LEU B 141 10.25 -7.22 2.64
C LEU B 141 9.29 -7.14 1.50
N VAL B 142 9.80 -7.04 0.24
CA VAL B 142 8.87 -6.87 -0.90
C VAL B 142 7.75 -7.89 -0.84
N SER B 143 8.16 -9.19 -0.75
CA SER B 143 7.11 -10.22 -0.73
C SER B 143 6.21 -9.99 0.51
N ARG B 144 6.80 -9.78 1.68
CA ARG B 144 5.78 -9.61 2.77
C ARG B 144 4.79 -8.50 2.61
N LYS B 145 5.23 -7.43 1.94
CA LYS B 145 4.27 -6.32 1.70
C LYS B 145 3.20 -6.51 0.62
N ILE B 146 3.59 -7.10 -0.51
CA ILE B 146 2.54 -7.39 -1.54
C ILE B 146 1.45 -8.32 -0.97
N LEU B 147 1.90 -9.43 -0.34
CA LEU B 147 0.88 -10.43 0.11
C LEU B 147 0.04 -9.79 1.21
N ALA B 148 0.66 -9.03 2.13
CA ALA B 148 -0.10 -8.35 3.22
C ALA B 148 -1.00 -7.31 2.54
N LEU B 149 -0.44 -6.45 1.69
CA LEU B 149 -1.28 -5.47 1.03
C LEU B 149 -2.50 -6.18 0.26
N GLU B 150 -2.28 -7.25 -0.54
CA GLU B 150 -3.35 -7.90 -1.36
C GLU B 150 -4.23 -9.00 -0.61
N ARG B 151 -3.92 -9.23 0.65
CA ARG B 151 -4.65 -10.11 1.56
C ARG B 151 -4.63 -11.52 1.00
N ILE B 152 -3.40 -12.01 0.78
CA ILE B 152 -3.17 -13.40 0.30
C ILE B 152 -2.20 -14.13 1.27
N PRO B 153 -2.53 -15.33 1.71
CA PRO B 153 -1.70 -16.09 2.66
C PRO B 153 -0.29 -16.29 2.10
N ARG B 154 0.68 -16.31 3.02
CA ARG B 154 2.09 -16.38 2.67
C ARG B 154 2.77 -17.68 3.10
N PHE B 155 3.43 -18.36 2.16
CA PHE B 155 4.33 -19.42 2.56
C PHE B 155 5.78 -18.88 2.50
N GLN B 156 6.54 -18.98 3.62
CA GLN B 156 7.96 -18.54 3.64
C GLN B 156 8.91 -19.67 3.36
N HIS B 157 10.02 -19.35 2.67
CA HIS B 157 11.11 -20.33 2.45
C HIS B 157 12.44 -19.63 2.84
N SER B 158 13.31 -20.37 3.55
CA SER B 158 14.65 -19.88 3.86
C SER B 158 15.58 -20.11 2.67
N MSE B 159 15.22 -20.94 1.68
CA MSE B 159 16.19 -21.13 0.56
C MSE B 159 16.26 -19.86 -0.25
O MSE B 159 15.25 -19.15 -0.34
CB MSE B 159 15.77 -22.27 -0.36
CG MSE B 159 14.70 -21.97 -1.32
SE MSE B 159 14.38 -23.67 -2.33
CE MSE B 159 16.21 -23.63 -3.22
N ILE B 160 17.45 -19.54 -0.83
CA ILE B 160 17.51 -18.37 -1.75
C ILE B 160 16.89 -18.69 -3.10
N LEU B 161 15.92 -17.88 -3.56
CA LEU B 161 15.42 -18.14 -4.91
C LEU B 161 14.76 -16.86 -5.45
N GLU B 162 14.96 -16.56 -6.73
CA GLU B 162 14.21 -15.39 -7.33
C GLU B 162 13.26 -16.02 -8.34
N GLY B 163 12.11 -15.37 -8.65
CA GLY B 163 11.18 -15.94 -9.68
C GLY B 163 11.79 -15.89 -11.07
N GLY B 164 12.79 -14.99 -11.30
CA GLY B 164 13.48 -14.95 -12.63
C GLY B 164 14.21 -16.24 -12.87
N SER B 165 14.53 -17.00 -11.78
CA SER B 165 15.21 -18.32 -11.85
C SER B 165 14.44 -19.66 -12.15
N ILE B 166 13.10 -19.59 -12.22
CA ILE B 166 12.27 -20.78 -12.42
C ILE B 166 11.20 -20.55 -13.48
N HIS B 167 10.66 -21.65 -13.99
CA HIS B 167 9.58 -21.52 -15.01
C HIS B 167 8.84 -22.88 -14.91
N VAL B 168 7.51 -22.76 -15.06
CA VAL B 168 6.58 -23.98 -15.17
C VAL B 168 5.66 -23.88 -16.37
N ASP B 169 5.31 -25.08 -16.84
CA ASP B 169 4.44 -25.26 -17.99
C ASP B 169 3.01 -25.53 -17.51
N GLY B 170 2.88 -25.57 -16.17
CA GLY B 170 1.58 -25.86 -15.55
C GLY B 170 1.11 -27.29 -15.70
N GLU B 171 1.98 -28.15 -16.21
CA GLU B 171 1.74 -29.58 -16.41
C GLU B 171 2.82 -30.43 -15.74
N GLY B 172 3.38 -29.87 -14.64
CA GLY B 172 4.31 -30.65 -13.83
C GLY B 172 5.81 -30.48 -14.09
N THR B 173 6.17 -29.79 -15.17
CA THR B 173 7.67 -29.65 -15.47
C THR B 173 8.09 -28.24 -14.96
N CYS B 174 9.38 -28.24 -14.52
CA CYS B 174 10.10 -27.02 -14.09
C CYS B 174 11.41 -27.00 -14.87
N LEU B 175 11.65 -25.98 -15.67
CA LEU B 175 12.80 -25.78 -16.56
C LEU B 175 13.62 -24.72 -15.79
N VAL B 176 14.95 -25.01 -15.70
CA VAL B 176 15.84 -24.17 -14.83
C VAL B 176 17.24 -24.22 -15.41
N THR B 177 18.09 -23.29 -14.93
CA THR B 177 19.54 -23.40 -15.28
C THR B 177 20.35 -23.73 -14.00
N GLU B 178 21.42 -24.55 -14.19
CA GLU B 178 22.36 -24.92 -13.11
C GLU B 178 23.30 -23.74 -12.76
N GLU B 179 23.54 -22.82 -13.70
CA GLU B 179 24.45 -21.73 -13.52
C GLU B 179 23.89 -20.90 -12.38
N CYS B 180 22.54 -20.77 -12.28
CA CYS B 180 21.94 -19.97 -11.23
C CYS B 180 21.66 -20.86 -10.01
N LEU B 181 20.84 -21.88 -10.19
CA LEU B 181 20.34 -22.57 -8.99
C LEU B 181 21.37 -23.20 -8.09
N LEU B 182 22.44 -23.68 -8.70
CA LEU B 182 23.47 -24.34 -7.91
C LEU B 182 24.52 -23.25 -7.55
N ASN B 183 24.33 -21.99 -7.98
CA ASN B 183 25.46 -20.99 -7.66
C ASN B 183 25.95 -21.00 -6.27
N LYS B 184 27.26 -20.74 -6.17
CA LYS B 184 27.86 -20.78 -4.81
C LYS B 184 27.39 -19.59 -4.02
N ASN B 185 26.82 -18.63 -4.73
CA ASN B 185 26.37 -17.49 -3.97
C ASN B 185 24.86 -17.59 -3.62
N ARG B 186 24.18 -18.74 -3.82
CA ARG B 186 22.76 -18.98 -3.56
C ARG B 186 22.55 -20.06 -2.44
N ASN B 187 22.57 -21.34 -2.77
CA ASN B 187 22.28 -22.33 -1.69
C ASN B 187 23.32 -23.46 -1.80
N PRO B 188 24.61 -23.14 -1.64
CA PRO B 188 25.64 -24.19 -1.78
C PRO B 188 25.58 -25.42 -0.91
N HIS B 189 24.79 -25.34 0.19
CA HIS B 189 24.74 -26.51 1.09
C HIS B 189 23.66 -27.51 0.67
N MSE B 190 22.76 -27.11 -0.28
CA MSE B 190 21.67 -27.98 -0.68
C MSE B 190 22.09 -28.68 -1.96
O MSE B 190 22.58 -28.03 -2.92
CB MSE B 190 20.46 -27.15 -1.14
CG MSE B 190 19.92 -26.37 0.07
SE MSE B 190 18.31 -25.16 -0.40
CE MSE B 190 17.10 -26.74 -0.52
N SER B 191 21.98 -30.00 -1.98
CA SER B 191 22.31 -30.70 -3.23
C SER B 191 21.24 -30.41 -4.27
N LYS B 192 21.52 -30.81 -5.52
CA LYS B 192 20.57 -30.72 -6.65
C LYS B 192 19.28 -31.49 -6.27
N GLU B 193 19.39 -32.66 -5.60
CA GLU B 193 18.17 -33.41 -5.28
C GLU B 193 17.31 -32.67 -4.22
N GLN B 194 18.00 -32.04 -3.24
CA GLN B 194 17.24 -31.28 -2.20
C GLN B 194 16.58 -30.07 -2.85
N ILE B 195 17.22 -29.44 -3.82
CA ILE B 195 16.57 -28.32 -4.49
C ILE B 195 15.29 -28.75 -5.26
N GLU B 196 15.40 -29.83 -6.03
CA GLU B 196 14.24 -30.36 -6.77
C GLU B 196 13.12 -30.72 -5.73
N GLU B 197 13.52 -31.31 -4.58
CA GLU B 197 12.49 -31.69 -3.60
C GLU B 197 11.74 -30.47 -3.10
N GLU B 198 12.51 -29.39 -2.82
CA GLU B 198 11.82 -28.15 -2.42
C GLU B 198 10.94 -27.62 -3.51
N LEU B 199 11.39 -27.66 -4.77
CA LEU B 199 10.58 -27.07 -5.82
C LEU B 199 9.34 -27.97 -6.08
N LYS B 200 9.48 -29.33 -5.97
CA LYS B 200 8.25 -30.18 -6.13
C LYS B 200 7.25 -29.80 -5.08
N LYS B 201 7.67 -29.66 -3.81
CA LYS B 201 6.69 -29.39 -2.74
C LYS B 201 6.10 -28.00 -2.91
N TYR B 202 6.91 -27.02 -3.32
CA TYR B 202 6.41 -25.64 -3.35
C TYR B 202 5.76 -25.25 -4.69
N LEU B 203 6.26 -25.79 -5.80
CA LEU B 203 5.70 -25.42 -7.12
C LEU B 203 4.72 -26.48 -7.60
N GLY B 204 4.68 -27.63 -6.89
CA GLY B 204 3.73 -28.64 -7.37
C GLY B 204 4.13 -29.27 -8.64
N VAL B 205 5.44 -29.25 -8.95
CA VAL B 205 5.98 -29.90 -10.20
C VAL B 205 6.47 -31.30 -9.88
N GLN B 206 6.67 -32.09 -10.96
CA GLN B 206 7.12 -33.46 -10.73
C GLN B 206 8.51 -33.81 -11.28
N SER B 207 8.98 -33.01 -12.29
CA SER B 207 10.27 -33.31 -12.93
C SER B 207 10.75 -31.95 -13.44
N PHE B 208 12.01 -31.98 -13.78
CA PHE B 208 12.76 -30.82 -14.09
C PHE B 208 13.55 -31.02 -15.37
N ILE B 209 13.87 -29.86 -15.97
CA ILE B 209 14.88 -29.78 -17.04
C ILE B 209 15.92 -28.70 -16.58
N TRP B 210 17.15 -29.14 -16.33
CA TRP B 210 18.23 -28.22 -15.93
C TRP B 210 19.10 -27.91 -17.12
N LEU B 211 18.86 -26.78 -17.83
CA LEU B 211 19.87 -26.43 -18.89
C LEU B 211 21.13 -26.13 -18.10
N PRO B 212 22.29 -26.28 -18.73
CA PRO B 212 23.49 -25.99 -17.97
C PRO B 212 23.75 -24.51 -17.73
N ARG B 213 23.55 -23.73 -18.81
CA ARG B 213 23.93 -22.31 -18.64
C ARG B 213 22.81 -21.35 -19.13
N GLY B 214 22.77 -20.16 -18.51
CA GLY B 214 21.81 -19.14 -18.99
C GLY B 214 22.57 -18.44 -20.06
N LEU B 215 22.01 -17.34 -20.55
CA LEU B 215 22.46 -16.42 -21.70
C LEU B 215 23.84 -15.80 -21.47
N TYR B 216 24.74 -15.92 -22.47
CA TYR B 216 26.00 -15.22 -22.25
C TYR B 216 25.70 -13.69 -22.04
N GLY B 217 26.39 -13.10 -21.07
CA GLY B 217 26.27 -11.74 -20.63
C GLY B 217 25.60 -11.50 -19.29
N ASP B 218 24.84 -12.53 -18.84
CA ASP B 218 24.13 -12.48 -17.57
C ASP B 218 24.89 -12.94 -16.39
N GLU B 219 26.05 -12.34 -16.15
CA GLU B 219 26.83 -12.75 -14.94
C GLU B 219 26.17 -12.12 -13.70
N ASP B 220 25.39 -11.06 -13.83
CA ASP B 220 24.85 -10.58 -12.55
C ASP B 220 23.67 -11.40 -11.97
N THR B 221 22.82 -11.94 -12.79
CA THR B 221 21.80 -12.81 -12.21
C THR B 221 22.36 -14.20 -12.11
N ASN B 222 23.52 -14.47 -12.75
CA ASN B 222 24.04 -15.83 -12.81
C ASN B 222 23.20 -16.82 -13.74
N GLY B 223 22.79 -16.27 -14.89
CA GLY B 223 22.29 -17.17 -15.91
C GLY B 223 20.84 -17.69 -15.71
N HIS B 224 19.99 -16.80 -15.23
CA HIS B 224 18.58 -17.15 -15.11
C HIS B 224 18.00 -17.82 -16.40
N ILE B 225 17.21 -18.85 -16.16
CA ILE B 225 16.57 -19.53 -17.29
C ILE B 225 15.72 -18.53 -18.15
N ASP B 226 15.14 -17.45 -17.60
CA ASP B 226 14.13 -16.58 -18.36
C ASP B 226 14.90 -15.73 -19.41
N ASN B 227 16.24 -15.75 -19.34
CA ASN B 227 16.98 -15.02 -20.46
C ASN B 227 17.45 -16.09 -21.55
N MSE B 228 17.19 -17.34 -21.24
CA MSE B 228 17.69 -18.36 -22.19
C MSE B 228 16.56 -19.17 -22.86
O MSE B 228 16.60 -19.43 -24.09
CB MSE B 228 18.63 -19.40 -21.51
CG MSE B 228 19.03 -20.59 -22.39
SE MSE B 228 20.23 -19.50 -23.46
CE MSE B 228 21.79 -20.59 -22.92
N CYS B 229 15.59 -19.60 -22.05
CA CYS B 229 14.53 -20.44 -22.55
C CYS B 229 13.24 -20.25 -21.74
N CYS B 230 12.11 -20.24 -22.45
CA CYS B 230 10.69 -20.08 -21.85
C CYS B 230 9.88 -21.16 -22.44
N PHE B 231 8.82 -21.52 -21.68
CA PHE B 231 7.80 -22.36 -22.30
C PHE B 231 6.85 -21.40 -22.98
N ALA B 232 6.27 -21.96 -24.06
CA ALA B 232 5.15 -21.38 -24.84
C ALA B 232 3.94 -22.32 -24.66
N ARG B 233 4.18 -23.59 -24.56
CA ARG B 233 3.02 -24.50 -24.33
C ARG B 233 3.64 -25.76 -23.76
N PRO B 234 2.91 -26.60 -23.11
CA PRO B 234 3.65 -27.75 -22.58
C PRO B 234 4.24 -28.53 -23.82
N GLY B 235 5.51 -28.83 -23.70
CA GLY B 235 6.28 -29.57 -24.75
C GLY B 235 6.95 -28.67 -25.82
N VAL B 236 6.92 -27.34 -25.67
CA VAL B 236 7.48 -26.48 -26.74
C VAL B 236 8.19 -25.32 -25.97
N VAL B 237 9.43 -25.00 -26.42
CA VAL B 237 10.16 -23.82 -25.76
C VAL B 237 10.51 -22.74 -26.80
N LEU B 238 11.24 -21.78 -26.29
CA LEU B 238 11.73 -20.62 -27.07
C LEU B 238 13.13 -20.39 -26.49
N LEU B 239 14.10 -20.64 -27.34
CA LEU B 239 15.51 -20.60 -26.90
C LEU B 239 16.29 -19.45 -27.53
N SER B 240 16.99 -18.74 -26.65
CA SER B 240 17.87 -17.62 -27.17
C SER B 240 18.92 -18.25 -28.13
N TRP B 241 19.07 -17.65 -29.36
CA TRP B 241 19.90 -18.30 -30.41
C TRP B 241 20.68 -17.32 -31.18
N THR B 242 21.79 -17.83 -31.71
CA THR B 242 22.53 -17.04 -32.78
C THR B 242 23.14 -18.08 -33.72
N ASP B 243 23.37 -17.69 -35.00
CA ASP B 243 24.12 -18.63 -35.90
C ASP B 243 25.51 -17.95 -36.07
N ASP B 244 25.87 -17.02 -35.18
CA ASP B 244 27.23 -16.42 -35.40
C ASP B 244 28.15 -17.19 -34.49
N GLU B 245 28.94 -18.17 -35.03
CA GLU B 245 29.86 -18.95 -34.19
C GLU B 245 30.98 -18.18 -33.62
N THR B 246 31.16 -16.91 -33.96
CA THR B 246 32.20 -16.23 -33.26
C THR B 246 31.62 -15.54 -32.04
N ASP B 247 30.35 -15.80 -31.72
CA ASP B 247 29.73 -15.16 -30.52
C ASP B 247 29.80 -16.11 -29.28
N PRO B 248 30.23 -15.61 -28.07
CA PRO B 248 30.26 -16.52 -26.97
C PRO B 248 28.88 -17.05 -26.60
N GLN B 249 27.83 -16.43 -27.11
CA GLN B 249 26.51 -17.03 -26.85
C GLN B 249 26.29 -18.35 -27.57
N TYR B 250 27.03 -18.66 -28.67
CA TYR B 250 26.78 -19.87 -29.45
C TYR B 250 26.96 -21.19 -28.69
N GLU B 251 28.08 -21.32 -28.00
CA GLU B 251 28.20 -22.64 -27.37
C GLU B 251 27.17 -22.86 -26.28
N ARG B 252 26.69 -21.79 -25.64
CA ARG B 252 25.64 -21.93 -24.64
C ARG B 252 24.37 -22.34 -25.36
N SER B 253 24.06 -21.61 -26.45
CA SER B 253 22.85 -21.97 -27.19
C SER B 253 22.90 -23.38 -27.76
N VAL B 254 24.05 -23.77 -28.35
CA VAL B 254 24.15 -25.16 -28.86
C VAL B 254 24.07 -26.15 -27.69
N GLU B 255 24.69 -25.88 -26.54
CA GLU B 255 24.60 -26.86 -25.40
C GLU B 255 23.15 -27.19 -24.90
N ALA B 256 22.46 -26.04 -24.74
CA ALA B 256 21.04 -26.12 -24.35
C ALA B 256 20.26 -26.74 -25.49
N LEU B 257 20.48 -26.31 -26.74
CA LEU B 257 19.69 -27.09 -27.79
C LEU B 257 19.93 -28.62 -27.68
N SER B 258 21.21 -28.99 -27.50
CA SER B 258 21.54 -30.38 -27.42
C SER B 258 20.89 -30.91 -26.17
N VAL B 259 20.88 -30.18 -25.05
CA VAL B 259 20.23 -30.77 -23.85
C VAL B 259 18.71 -30.97 -23.93
N LEU B 260 18.04 -30.08 -24.68
CA LEU B 260 16.59 -30.05 -24.93
C LEU B 260 16.26 -31.22 -25.84
N SER B 261 17.22 -31.60 -26.69
CA SER B 261 16.87 -32.82 -27.53
C SER B 261 16.99 -34.13 -26.76
N ASN B 262 17.55 -34.10 -25.54
CA ASN B 262 17.70 -35.29 -24.74
C ASN B 262 16.69 -35.32 -23.56
N SER B 263 15.85 -34.29 -23.52
CA SER B 263 14.90 -34.20 -22.36
C SER B 263 13.45 -34.68 -22.61
N ILE B 264 12.79 -35.12 -21.56
CA ILE B 264 11.33 -35.49 -21.61
C ILE B 264 10.71 -34.74 -20.40
N ASP B 265 9.51 -34.18 -20.64
CA ASP B 265 8.81 -33.43 -19.56
C ASP B 265 8.04 -34.38 -18.57
N ALA B 266 7.50 -33.89 -17.44
CA ALA B 266 6.87 -34.79 -16.46
C ALA B 266 5.65 -35.49 -17.05
N ARG B 267 5.26 -35.27 -18.32
CA ARG B 267 4.09 -36.08 -18.80
C ARG B 267 4.59 -36.91 -19.97
N GLY B 268 5.92 -37.06 -20.09
CA GLY B 268 6.47 -37.93 -21.13
C GLY B 268 6.51 -37.43 -22.56
N ARG B 269 6.58 -36.11 -22.75
CA ARG B 269 6.67 -35.52 -24.08
C ARG B 269 8.07 -35.12 -24.44
N LYS B 270 8.47 -35.31 -25.70
CA LYS B 270 9.75 -34.67 -26.16
C LYS B 270 9.48 -33.18 -26.26
N ILE B 271 10.56 -32.42 -26.30
CA ILE B 271 10.46 -30.99 -26.32
C ILE B 271 10.75 -30.42 -27.72
N GLN B 272 9.79 -29.72 -28.33
CA GLN B 272 10.00 -29.04 -29.61
C GLN B 272 10.69 -27.70 -29.25
N VAL B 273 11.74 -27.31 -29.96
CA VAL B 273 12.47 -26.08 -29.67
C VAL B 273 12.35 -25.07 -30.81
N ILE B 274 11.79 -23.89 -30.47
CA ILE B 274 11.63 -22.90 -31.51
C ILE B 274 12.80 -21.92 -31.22
N LYS B 275 13.77 -21.74 -32.14
CA LYS B 275 14.93 -20.83 -31.95
C LYS B 275 14.48 -19.34 -32.14
N LEU B 276 14.63 -18.56 -31.07
CA LEU B 276 14.22 -17.18 -31.13
C LEU B 276 15.56 -16.40 -31.09
N TYR B 277 16.03 -16.14 -32.30
CA TYR B 277 17.29 -15.49 -32.63
C TYR B 277 17.42 -14.19 -31.85
N ILE B 278 18.51 -14.09 -31.08
CA ILE B 278 18.86 -12.90 -30.35
C ILE B 278 19.25 -11.83 -31.41
N PRO B 279 19.36 -10.58 -30.93
CA PRO B 279 19.81 -9.49 -31.83
C PRO B 279 21.33 -9.64 -32.05
N GLU B 280 21.84 -8.87 -33.04
CA GLU B 280 23.32 -8.76 -33.12
C GLU B 280 23.80 -8.15 -31.84
N PRO B 281 25.07 -8.37 -31.45
CA PRO B 281 25.64 -7.84 -30.18
C PRO B 281 25.52 -6.32 -29.92
N LEU B 282 25.05 -6.05 -28.71
CA LEU B 282 24.83 -4.75 -28.13
C LEU B 282 25.89 -4.51 -27.04
N TYR B 283 26.43 -3.29 -27.04
CA TYR B 283 27.46 -2.82 -26.10
C TYR B 283 27.10 -1.40 -25.54
N MSE B 284 27.21 -1.28 -24.22
CA MSE B 284 26.93 0.00 -23.58
C MSE B 284 27.85 1.06 -24.14
O MSE B 284 28.99 0.73 -24.42
CB MSE B 284 27.14 -0.11 -22.07
CG MSE B 284 26.77 1.21 -21.37
SE MSE B 284 26.80 1.16 -19.43
CE MSE B 284 24.97 0.55 -19.07
N THR B 285 27.33 2.28 -24.31
CA THR B 285 27.98 3.48 -24.90
C THR B 285 28.21 4.60 -23.87
N GLU B 286 29.10 5.56 -24.18
CA GLU B 286 29.39 6.64 -23.20
C GLU B 286 28.25 7.64 -22.97
N GLU B 287 27.41 7.79 -23.97
CA GLU B 287 26.23 8.64 -23.98
C GLU B 287 25.20 8.02 -23.02
N GLU B 288 25.42 6.74 -22.68
CA GLU B 288 24.50 6.01 -21.75
C GLU B 288 25.16 5.96 -20.41
N SER B 289 26.31 5.32 -20.39
CA SER B 289 27.05 5.21 -19.17
C SER B 289 27.38 6.57 -18.53
N SER B 290 27.36 7.64 -19.31
CA SER B 290 27.65 8.95 -18.74
C SER B 290 26.59 9.36 -17.69
N GLY B 291 25.35 8.94 -17.88
CA GLY B 291 24.30 9.33 -16.96
C GLY B 291 24.07 8.45 -15.74
N ILE B 292 25.02 7.57 -15.43
CA ILE B 292 24.96 6.62 -14.30
C ILE B 292 26.02 6.97 -13.23
N THR B 293 25.56 7.28 -12.02
CA THR B 293 26.44 7.63 -10.90
C THR B 293 27.33 6.49 -10.45
N GLN B 294 28.55 6.84 -10.06
CA GLN B 294 29.51 5.86 -9.60
C GLN B 294 29.85 6.06 -8.11
N ASP B 295 28.80 6.04 -7.28
CA ASP B 295 28.91 6.17 -5.84
C ASP B 295 29.55 4.92 -5.20
N GLY B 296 28.92 3.77 -5.37
CA GLY B 296 29.49 2.54 -4.82
C GLY B 296 28.53 1.55 -4.17
N GLU B 297 27.23 1.77 -4.29
CA GLU B 297 26.23 0.87 -3.70
C GLU B 297 25.98 -0.41 -4.51
N ALA B 298 26.06 -0.28 -5.83
CA ALA B 298 25.81 -1.38 -6.78
C ALA B 298 27.00 -1.69 -7.66
N ILE B 299 26.80 -2.65 -8.56
CA ILE B 299 27.86 -3.04 -9.48
C ILE B 299 28.14 -1.91 -10.51
N PRO B 300 29.43 -1.65 -10.81
CA PRO B 300 29.78 -0.59 -11.78
C PRO B 300 29.22 -0.85 -13.20
N ARG B 301 28.67 0.17 -13.88
CA ARG B 301 28.13 0.02 -15.25
C ARG B 301 29.17 0.69 -16.20
N LEU B 302 29.95 -0.11 -16.92
CA LEU B 302 31.00 0.44 -17.79
C LEU B 302 30.72 0.37 -19.29
N ALA B 303 31.10 1.41 -20.04
CA ALA B 303 30.86 1.40 -21.50
C ALA B 303 31.60 0.21 -22.12
N GLY B 304 31.06 -0.34 -23.22
CA GLY B 304 31.63 -1.49 -23.93
C GLY B 304 31.19 -2.84 -23.37
N THR B 305 30.42 -2.86 -22.26
CA THR B 305 30.00 -4.17 -21.71
C THR B 305 28.98 -4.81 -22.67
N ARG B 306 29.10 -6.11 -22.94
CA ARG B 306 28.12 -6.79 -23.83
C ARG B 306 26.83 -6.91 -23.08
N LEU B 307 25.75 -6.33 -23.65
CA LEU B 307 24.45 -6.38 -22.98
C LEU B 307 23.79 -7.78 -23.24
N ALA B 308 23.59 -8.51 -22.16
CA ALA B 308 23.06 -9.90 -22.33
C ALA B 308 21.61 -9.78 -22.74
N ALA B 309 21.34 -9.50 -24.01
CA ALA B 309 19.96 -9.28 -24.36
C ALA B 309 19.26 -10.35 -25.17
N SER B 310 18.04 -10.72 -24.77
CA SER B 310 17.27 -11.69 -25.56
C SER B 310 15.80 -11.31 -25.57
N TYR B 311 15.12 -11.61 -26.69
CA TYR B 311 13.67 -11.38 -26.83
C TYR B 311 12.81 -12.25 -25.94
N VAL B 312 13.37 -13.40 -25.52
CA VAL B 312 12.65 -14.38 -24.71
C VAL B 312 12.26 -13.66 -23.46
N ASN B 313 12.92 -12.57 -23.04
CA ASN B 313 12.56 -11.83 -21.78
C ASN B 313 11.32 -10.93 -21.90
N PHE B 314 10.35 -11.52 -22.52
CA PHE B 314 9.02 -10.95 -22.70
C PHE B 314 8.08 -11.41 -21.56
N TYR B 315 6.94 -10.70 -21.38
CA TYR B 315 6.01 -11.13 -20.36
C TYR B 315 4.70 -11.55 -21.04
N ILE B 316 4.03 -12.60 -20.54
CA ILE B 316 2.72 -12.96 -21.14
C ILE B 316 1.70 -12.32 -20.19
N ALA B 317 0.77 -11.58 -20.84
CA ALA B 317 -0.40 -10.89 -20.17
C ALA B 317 -1.60 -11.76 -20.52
N ASN B 318 -2.81 -11.23 -20.43
CA ASN B 318 -4.05 -12.06 -20.58
C ASN B 318 -4.51 -11.71 -22.01
N GLY B 319 -4.30 -12.63 -22.97
CA GLY B 319 -4.60 -12.34 -24.34
C GLY B 319 -3.46 -11.54 -25.02
N GLY B 320 -2.27 -11.44 -24.39
CA GLY B 320 -1.21 -10.62 -24.99
C GLY B 320 0.25 -11.09 -24.69
N ILE B 321 1.18 -10.64 -25.54
CA ILE B 321 2.62 -10.95 -25.34
C ILE B 321 3.28 -9.58 -25.31
N ILE B 322 4.10 -9.25 -24.26
CA ILE B 322 4.75 -7.94 -24.05
C ILE B 322 6.18 -8.21 -24.41
N ALA B 323 6.63 -7.75 -25.60
CA ALA B 323 7.94 -8.23 -26.08
C ALA B 323 8.88 -7.09 -26.30
N PRO B 324 10.15 -7.24 -25.91
CA PRO B 324 11.07 -6.13 -26.10
C PRO B 324 11.43 -5.87 -27.58
N GLN B 325 11.89 -4.61 -27.73
CA GLN B 325 12.53 -4.23 -29.01
C GLN B 325 13.85 -3.58 -28.64
N PHE B 326 14.88 -4.02 -29.34
CA PHE B 326 16.24 -3.63 -28.98
C PHE B 326 16.93 -2.66 -29.91
N GLY B 327 16.23 -2.27 -30.98
CA GLY B 327 16.85 -1.33 -31.95
C GLY B 327 17.53 -2.14 -33.05
N ASP B 328 17.30 -3.46 -33.18
CA ASP B 328 17.93 -4.28 -34.29
C ASP B 328 16.78 -4.36 -35.26
N PRO B 329 16.97 -3.88 -36.51
CA PRO B 329 15.76 -3.96 -37.30
C PRO B 329 15.21 -5.27 -37.75
N ILE B 330 16.07 -6.11 -38.33
CA ILE B 330 15.57 -7.33 -38.83
C ILE B 330 15.22 -8.30 -37.67
N ARG B 331 16.04 -8.35 -36.60
CA ARG B 331 15.75 -9.30 -35.50
C ARG B 331 14.47 -8.91 -34.66
N ASP B 332 14.26 -7.60 -34.51
CA ASP B 332 13.04 -7.09 -33.81
C ASP B 332 11.83 -7.55 -34.59
N LYS B 333 11.82 -7.33 -35.93
CA LYS B 333 10.60 -7.74 -36.65
C LYS B 333 10.38 -9.24 -36.76
N GLU B 334 11.47 -10.01 -36.79
CA GLU B 334 11.47 -11.41 -36.88
C GLU B 334 11.02 -11.97 -35.54
N ALA B 335 11.48 -11.39 -34.41
CA ALA B 335 10.97 -11.90 -33.07
C ALA B 335 9.46 -11.66 -32.93
N ILE B 336 8.95 -10.51 -33.43
CA ILE B 336 7.57 -10.22 -33.35
C ILE B 336 6.82 -11.20 -34.26
N ARG B 337 7.42 -11.58 -35.40
CA ARG B 337 6.77 -12.51 -36.30
C ARG B 337 6.80 -13.90 -35.64
N VAL B 338 7.96 -14.34 -35.11
CA VAL B 338 8.00 -15.66 -34.44
C VAL B 338 7.10 -15.71 -33.21
N LEU B 339 7.11 -14.65 -32.42
CA LEU B 339 6.22 -14.70 -31.27
C LEU B 339 4.74 -14.63 -31.68
N SER B 340 4.42 -13.86 -32.73
CA SER B 340 3.00 -13.82 -33.16
C SER B 340 2.60 -15.23 -33.71
N ASP B 341 3.52 -15.92 -34.42
CA ASP B 341 3.22 -17.24 -34.89
C ASP B 341 3.10 -18.28 -33.78
N THR B 342 3.95 -18.12 -32.74
CA THR B 342 3.99 -19.05 -31.65
C THR B 342 2.83 -18.90 -30.67
N PHE B 343 2.26 -17.69 -30.63
CA PHE B 343 1.13 -17.39 -29.75
C PHE B 343 0.08 -16.75 -30.61
N PRO B 344 -0.54 -17.59 -31.46
CA PRO B 344 -1.54 -17.07 -32.39
C PRO B 344 -2.87 -16.69 -31.78
N HIS B 345 -3.10 -17.06 -30.51
CA HIS B 345 -4.39 -16.69 -29.86
C HIS B 345 -4.15 -15.35 -29.19
N HIS B 346 -2.99 -15.20 -28.56
CA HIS B 346 -2.68 -13.97 -27.90
C HIS B 346 -2.31 -12.91 -28.91
N SER B 347 -2.42 -11.68 -28.50
CA SER B 347 -2.03 -10.60 -29.36
C SER B 347 -0.60 -10.29 -28.85
N VAL B 348 0.35 -9.99 -29.79
CA VAL B 348 1.77 -9.64 -29.41
C VAL B 348 1.99 -8.18 -29.63
N VAL B 349 2.32 -7.46 -28.50
CA VAL B 349 2.62 -6.04 -28.51
C VAL B 349 4.12 -5.93 -28.43
N GLY B 350 4.71 -4.98 -29.18
CA GLY B 350 6.14 -4.81 -29.08
C GLY B 350 6.37 -3.53 -28.29
N ILE B 351 7.29 -3.56 -27.30
CA ILE B 351 7.63 -2.45 -26.43
C ILE B 351 8.85 -1.75 -26.93
N GLU B 352 8.65 -0.52 -27.44
CA GLU B 352 9.79 0.22 -27.87
C GLU B 352 10.68 0.65 -26.67
N ASN B 353 11.97 0.89 -26.92
CA ASN B 353 12.92 1.33 -25.94
C ASN B 353 13.21 0.32 -24.84
N ALA B 354 12.97 -0.95 -25.14
CA ALA B 354 13.34 -1.96 -24.13
C ALA B 354 14.84 -1.90 -23.82
N ARG B 355 15.65 -1.27 -24.70
CA ARG B 355 17.07 -1.06 -24.40
C ARG B 355 17.29 -0.36 -23.04
N GLU B 356 16.41 0.54 -22.66
CA GLU B 356 16.68 1.23 -21.37
C GLU B 356 16.59 0.28 -20.16
N ILE B 357 15.91 -0.85 -20.34
CA ILE B 357 15.83 -1.76 -19.20
C ILE B 357 17.07 -2.64 -19.21
N VAL B 358 17.51 -3.12 -20.41
CA VAL B 358 18.67 -3.99 -20.46
C VAL B 358 19.92 -3.22 -20.04
N LEU B 359 19.97 -1.91 -20.25
CA LEU B 359 21.18 -1.19 -19.80
C LEU B 359 21.36 -1.51 -18.28
N ALA B 360 20.25 -1.83 -17.54
CA ALA B 360 20.37 -2.18 -16.10
C ALA B 360 20.39 -3.71 -15.79
N GLY B 361 20.54 -4.53 -16.83
CA GLY B 361 20.75 -5.93 -16.66
C GLY B 361 19.47 -6.72 -16.54
N GLY B 362 18.35 -6.08 -16.94
CA GLY B 362 17.06 -6.76 -16.87
C GLY B 362 16.28 -6.60 -18.16
N ASN B 363 14.99 -6.72 -18.05
CA ASN B 363 14.11 -6.62 -19.20
C ASN B 363 12.68 -6.80 -18.70
N ILE B 364 11.69 -6.80 -19.61
CA ILE B 364 10.23 -6.79 -19.35
C ILE B 364 9.88 -7.90 -18.38
N HIS B 365 10.52 -9.07 -18.56
CA HIS B 365 10.19 -10.19 -17.68
C HIS B 365 10.59 -9.90 -16.23
N CYS B 366 11.72 -9.22 -16.04
CA CYS B 366 12.24 -8.93 -14.73
C CYS B 366 11.48 -7.93 -13.91
N ILE B 367 10.63 -7.12 -14.52
CA ILE B 367 9.87 -6.14 -13.70
C ILE B 367 8.47 -6.55 -13.44
N THR B 368 8.07 -7.72 -13.95
CA THR B 368 6.65 -8.13 -13.74
C THR B 368 6.56 -9.32 -12.82
N GLN B 369 5.41 -9.33 -12.12
CA GLN B 369 5.10 -10.62 -11.34
C GLN B 369 3.59 -10.85 -11.44
N GLN B 370 3.24 -11.90 -12.17
CA GLN B 370 1.80 -12.15 -12.35
C GLN B 370 1.17 -12.59 -11.04
N GLN B 371 -0.07 -12.13 -10.86
CA GLN B 371 -0.84 -12.71 -9.75
C GLN B 371 -1.98 -13.51 -10.47
N PRO B 372 -1.97 -14.87 -10.40
CA PRO B 372 -3.03 -15.70 -11.04
C PRO B 372 -4.39 -15.37 -10.42
N ALA B 373 -5.40 -15.64 -11.24
CA ALA B 373 -6.76 -15.56 -10.72
C ALA B 373 -6.93 -16.65 -9.67
N GLU B 374 -7.69 -16.39 -8.56
CA GLU B 374 -7.90 -17.44 -7.53
C GLU B 374 -9.08 -18.34 -7.99
N PRO B 375 -8.81 -19.63 -8.16
CA PRO B 375 -9.84 -20.61 -8.60
C PRO B 375 -11.00 -20.63 -7.58
N THR B 376 -12.16 -20.95 -8.12
CA THR B 376 -13.34 -21.01 -7.28
C THR B 376 -13.68 -22.50 -7.09
MG MG C . -6.80 15.76 2.49
C1 EDO D . -2.43 17.43 16.76
O1 EDO D . -2.98 17.27 18.11
C2 EDO D . -0.96 17.03 16.70
O2 EDO D . -0.67 16.16 17.79
C1 EDO E . -28.06 7.54 30.46
O1 EDO E . -28.66 6.81 31.55
C2 EDO E . -28.04 9.09 30.80
O2 EDO E . -27.23 9.50 31.97
C1 EDO F . -7.21 15.32 15.87
O1 EDO F . -5.80 15.39 15.69
C2 EDO F . -7.43 15.91 17.26
O2 EDO F . -6.12 16.00 17.87
C1 EDO G . -3.85 30.59 7.47
O1 EDO G . -3.23 29.32 7.84
C2 EDO G . -4.76 30.44 6.26
O2 EDO G . -4.95 29.05 5.96
C1 EDO H . -7.41 26.14 25.88
O1 EDO H . -6.90 25.21 24.86
C2 EDO H . -8.78 26.63 25.38
O2 EDO H . -9.59 25.49 25.12
C1 EDO I . 1.15 -0.25 -0.24
O1 EDO I . 1.03 -1.35 0.71
C2 EDO I . 1.38 1.01 0.53
O2 EDO I . 0.16 1.70 0.99
C1 EDO J . -10.24 24.24 38.16
O1 EDO J . -10.09 23.55 36.89
C2 EDO J . -11.22 23.46 39.01
O2 EDO J . -11.77 22.41 38.22
S1 MPO K . -28.22 13.50 2.44
O1 MPO K . -27.46 13.88 3.78
O2 MPO K . -28.38 14.20 1.12
O4 MPO K . -31.32 5.65 1.88
N1 MPO K . -31.04 8.58 1.78
C1 MPO K . -29.77 12.29 2.68
O3 MPO K . -29.19 14.65 3.02
C2 MPO K . -29.68 10.76 2.16
C3 MPO K . -31.05 9.97 2.43
C4 MPO K . -32.35 7.90 2.01
C5 MPO K . -32.35 6.49 1.31
C6 MPO K . -30.03 6.30 1.60
C7 MPO K . -29.99 7.69 2.36
MG MG L . 11.21 -12.79 -0.47
C1 EDO M . 17.76 -8.45 -13.04
O1 EDO M . 17.85 -9.14 -14.32
C2 EDO M . 16.50 -8.87 -12.37
O2 EDO M . 16.03 -10.03 -12.95
C1 EDO N . -0.20 -20.65 -24.77
O1 EDO N . -1.54 -20.22 -24.98
C2 EDO N . -0.26 -21.95 -24.07
O2 EDO N . -1.15 -22.82 -24.76
C1 EDO O . -8.34 -4.95 -19.15
O1 EDO O . -8.82 -3.68 -19.61
C2 EDO O . -8.10 -4.81 -17.66
O2 EDO O . -8.84 -5.79 -17.03
C1 EDO P . 25.68 -12.49 -9.11
O1 EDO P . 25.44 -10.98 -8.90
C2 EDO P . 27.13 -12.63 -9.79
O2 EDO P . 27.88 -13.78 -9.31
C1 EDO Q . 4.83 -21.20 6.84
O1 EDO Q . 4.83 -22.41 5.93
C2 EDO Q . 5.80 -20.23 6.26
O2 EDO Q . 5.18 -19.00 6.18
C1 EDO R . -4.36 -22.08 -12.60
O1 EDO R . -3.89 -22.86 -13.75
C2 EDO R . -4.41 -20.57 -12.90
O2 EDO R . -5.39 -20.00 -11.96
#